data_6RUO
#
_entry.id   6RUO
#
_cell.length_a   1.00
_cell.length_b   1.00
_cell.length_c   1.00
_cell.angle_alpha   90.00
_cell.angle_beta   90.00
_cell.angle_gamma   90.00
#
_symmetry.space_group_name_H-M   'P 1'
#
loop_
_entity.id
_entity.type
_entity.pdbx_description
1 polymer 'RNA polymerase I-specific transcription initiation factor RRN7'
2 polymer 'DNA-directed RNA polymerase I subunit RPA49'
3 polymer 'DNA-directed RNA polymerase I subunit RPA190'
4 polymer 'DNA-directed RNA polymerase I subunit RPA135'
5 polymer 'DNA-directed RNA polymerases I and III subunit RPAC1'
6 polymer 'DNA-directed RNA polymerase I subunit RPA14'
7 polymer 'DNA-directed RNA polymerases I, II, and III subunit RPABC1'
8 polymer 'DNA-directed RNA polymerases I, II, and III subunit RPABC2'
9 polymer 'DNA-directed RNA polymerase I subunit RPA43'
10 polymer 'DNA-directed RNA polymerases I, II, and III subunit RPABC3'
11 polymer 'DNA-directed RNA polymerase I subunit RPA12'
12 polymer 'DNA-directed RNA polymerases I, II, and III subunit RPABC5'
13 polymer 'DNA-directed RNA polymerases I and III subunit RPAC2'
14 polymer 'DNA-directed RNA polymerases I, II, and III subunit RPABC4'
15 polymer 'DNA-directed RNA polymerase I subunit RPA34'
16 polymer 'RNA polymerase I-specific transcription initiation factor RRN3'
17 polymer 'RNA polymerase I-specific transcription initiation factor RRN6'
18 polymer 'RNA polymerase I-specific transcription initiation factor RRN11'
19 polymer 'Template strand'
20 polymer 'Nontemplate strand'
21 non-polymer 'ZINC ION'
#
loop_
_entity_poly.entity_id
_entity_poly.type
_entity_poly.pdbx_seq_one_letter_code
_entity_poly.pdbx_strand_id
1 'polypeptide(L)'
;MSTFIRGPICGTDNCPSRLWRIIDGRRTCQYGHVMEGDVEFNDDEDDLNGLGAGVITRRLNLTTNATGSFQSSQLTNSQL
LQQQQRQSHKKFKKLIGHEAKLLFLKSFQFILKRQIRWLITEMRFPKEFEHVAKIIWLKILKTINDQPQEELKLQLHMTS
TISILYLASTHLSLPVYTCDYIKWICTAKMPYFQASEILPKSWRIQLPNYYVSILEGSISPFNGQLYNKIALTCGMIHFK
EFFNSEISCQGLLLKLVMQCALPPEFYFYTKQVIEFEETDIRNLTLWERTDERHTGRVSNHAELRVLSYFMLTINWMLSF
DRDRQYPLKWILSLTESLTQRTTTSESIGRNIVKVVYPDKPTSSDYFQWSEEETLEFLKWMEKQFLPTQTKSLHNENGSM
EMTIDQKIARRKLYKIFPLDREANHDGEFNDSTHQLTFIEDLQERYAKQTPFFESNKIRDSLNYQEANPPARKEAIGRLL
THIASQLLVDFAISKEQLKDCISRIKNACLHRMN
;
Q
2 'polypeptide(L)'
;MSVKRSVSEIEIESVQDQPSVAVGSFFKGFRAPSDTTFDLYKKKKSEKDEFVLHGENERLEYEGYTDSSSQASNQYVVGL
FNPEKKSIQLYKAPVLVSKVVSKSSKNLRGPKIKSKSDTRPSALRNALGEAFGTKKAKKAIADLERNRIDSDKLTDSAID
IVDSVRTASKDLPTRAQLDEITSNDRPTPLANIDATDVEQIYPIESIIPKKELQFIRVSSILKEADKEKKLELFPYQNNS
KYVAKKLDSLTQPSQMTKLQLLYYLSLLLGVYENRRVNNKTKLLERLNSPPEILVDGILSRFTVIKPGQFGRSKDRSYFI
DPQNEDKILCYILAIIMHLDNFIVEITPLAHELNLKPSKVVSLFRVLGAIVKGATVAQAEAFGIPKSTAASYKIATMKVP
FKLPEMTRRGRGPRR
;
M
3 'polypeptide(L)'
;MDISKPVGSEITSVDFGILTAKEIRNLSAKQITNPTVLDNLGHPVSGGLYDLALGAFLRNLCSTCGLDEKFCPGHQGHIE
LPVPCYNPLFFNQLYIYLRASCLFCHHFRLKSVEVHRYACKLRLLQYGLIDESYKLDEITLGSLNSSMYTDDEAIEDNED
EMDGEGSKQSKDISSTLLNELKSKRSEYVDMAIAKALSDGRTTERGSFTATVNDERKKLVHEFHKKLLSRGKCDNCGMFS
PKFRKDGFTKIFETALNEKQITNNRVKGFIRQDMIKKQKQAKKLDGSNEASANDEESFDVGRNPTTRPKTGSTYILSTEV
KNILDTVFRKEQCVLQYVFHSRPNLSRKLVKADSFFMDVLVVPPTRFRLPSKLGEEVHENSQNQLLSKVLTTSLLIRDLN
DDLSKLQKDKVSLEDRRVIFSRLMNAFVTIQNDVNAFIDSTKAQGRTSGKVPIPGVKQALEKKEGLFRKHMMGKRVNYAA
RSVISPDPNIETNEIGVPPVFAVKLTYPEPVTAYNIAELRQAVINGPDKWPGATQIQNEDGSLVSLIGMSVEQRKALANQ
LLTPSSNVSTHTLNKKVYRHIKNRDVVLMNRQPTLHKASMMGHKVRVLPNEKTLRLHYANTGAYNADFDGDEMNMHFPQN
ENARAEALNLANTDSQYLTPTSGSPVRGLIQDHISAGVWLTSKDSFFTREQYQQYIYGCIRPEDGHTTRSKIVTLPPTIF
KPYPLWTGKQIITTVLLNVTPPDMPGINLISKNKIKNEYWGKGSLENEVLFKDGALLCGILDKSQYGASKYGIVHSLHEV
YGPEVAAKVLSVLGRLFTNYITATAFTCGMDDLRLTAEGNKWRTDILKTSVDTGREAAAEVTNLDKDTPADDPELLKRLQ
EILRDNNKSGILDAVTSSKVNAITSQVVSKCVPDGTMKKFPCNSMQAMALSGAKGSNVNVSQIMCLLGQQALEGRRVPVM
VSGKTLPSFKPYETDAMAGGYVKGRFYSGIKPQEYYFHCMAGREGLIDTAVKTSRSGYLQRCLTKQLEGVHVSYDNSIRD
ADGTLVQFMYGGDAIDITKESHMTQFEFCLDNYYALLKKYNPSALIEHLDVESALKYSKKTLKYRKKHSKEPHYKQSVKY
DPVLAKYNPAKYLGSVSENFQDKLESFLDKNSKLFKSSDGVNEKKFRALMQLKYMRSLINPGEAVGIIASQSVGEPSTQM
TLNTFHFAGHGAANVTLGIPRLREIVMTASAAIKTPQMTLPIWNDVSDEQADTFCKSISKVLLSEVIDKVIVTETTGTSN
TAGGNAARSYVIHMRFFDNNEYSEEYDVSKEELQNVISNQFIHLLEAAIVKEIKKQKRTTGPDIGVAVPRLQTDVANSSS
NSKRLEEDNDEEQSHKKTKQAVSYDEPDEDEIETMREAEKSSDEEGIDSDKESDSDSEDEDVDMNEQINKSIVEANNNMN
KVQRDRQSAIISHHRFITKYNFDDESGKWCEFKLELAADTEKLLMVNIVEEICRKSIIRQIPHIDRCVHPEPENGKRVLV
TEGVNFQAMWDQEAFIDVDGITSNDVAAVLKTYGVEAARNTIVNEINNVFSRYAISVSFRHLDLIADMMTRQGTYLAFNR
QGMETSTSSFMKMSYETTCQFLTKAVLDNEREQLDSPSARIVVGKLNNVGTGSFDVLAKVPNAA
;
A
4 'polypeptide(L)'
;MSKVIKPPGQARTADFRTLERESRFINPPKDKSAFPLLQEAVQPHIGSFNALTEGPDGGLLNLGVKDIGEKVIFDGKPLN
SEDEISNSGYLGNKLSVSVEQVSIAKPMSNDGVSSAVERKVYPSESRQRLTSYRGKLLLKLKWSVNNGEENLFEVRDCGG
LPVMLQSNRCHLNKMSPYELVQHKEESDEIGGYFIVNGIEKLIRMLIVQRRNHPMAIIRPSFANRGASYSHYGIQIRSVR
PDQTSQTNVLHYLNDGQVTFRFSWRKNEYLVPVVMILKALCHTSDREIFDGIIGNDVKDSFLTDRLELLLRGFKKRYPHL
QNRTQVLQYLGDKFRVVFQASPDQSDLEVGQEVLDRIVLVHLGKDGSQDKFRMLLFMIRKLYSLVAGECSPDNPDATQHQ
EVLLGGFLYGMILKEKIDEYLQNIIAQVRMDINRGMAINFKDKRYMSRVLMRVNENIGSKMQYFLSTGNLVSQSGLDLQQ
VSGYTVVAEKINFYRFISHFRMVHRGSFFAQLKTTTVRKLLPESWGFLCPVHTPDGSPCGLLNHFAHKCRISTQQSDVSR
IPSILYSLGVAPASHTFAAGPSLCCVQIDGKIIGWVSHEQGKIIADTLRYWKVEGKTPGLPIDLEIGYVPPSTRGQYPGL
YLFGGHSRMLRPVRYLPLDKEDIVGPFEQVYMNIAVTPQEIQNNVHTHVEFTPTNILSILANLTPFSDFNQSPRNMYQCQ
MGKQTMGTPGVALCHRSDNKLYRLQTGQTPIVKANLYDDYGMDNFPNGFNAVVAVISYTGYDMDDAMIINKSADERGFGY
GTMYKTEKVDLALNRNRGDPITQHFGFGNDEWPKEWLEKLDEDGLPYIGTYVEEGDPICAYFDDTLNKTKIKTYHSSEPA
YIEEVNLIGDESNKFQELQTVSIKYRIRRTPQIGDKFSSRHGQKGVCSRKWPTIDMPFSETGIQPDIIINPHAFPSRMTI
GMFVESLAGKAGALHGIAQDSTPWIFNEDDTPADYFGEQLAKAGYNYHGNEPMYSGATGEELRADIYVGVVYYQRLRHMV
NDKFQVRSTGPVNSLTMQPVKGRKRHGGIRVGEMERDALIGHGTSFLLQDRLLNSSDYTQASVCRECGSILTTQQSVPRI
GSISTVCCRRCSMRFEDAKKLLTKSEDGEKIFIDDSQIWEDGQGNKFVGGNETTTVAIPFVLKYLDSELSAMGIRLRYNV
EPK
;
B
5 'polypeptide(L)'
;MSNIVGIEYNRVTNTTSTDFPGFSKDAENEWNVEKFKKDFEVNISSLDAREANFDLINIDTSIANAFRRIMISEVPSVAA
EYVYFFNNTSVIQDEVLAHRIGLVPLKVDPDMLTWVDSNLPDDEKFTDENTIVLSLNVKCTRNPDAPKGSTDPKELYNNA
HVYARDLKFEPQGRQSTTFADCPVVPADPDILLAKLRPGQEISLKAHCILGIGGDHAKFSPVSTASYRLLPQINILQPIK
GESARRFQKCFPPGVIGIDEGSDEAYVKDARKDTVSREVLRYEEFADKVKLGRVRNHFIFNVESAGAMTPEEIFFKSVRI
LKNKAEYLKNCPITQ
;
C
6 'polypeptide(L)'
;MMKGSRRTGNNTATTLNTPVVIHATQLPQHVSTDEVLQFLESFIDEKENIIDSTTMNTISGNAADADAAAVANTSLNIDT
NLSSSISQLKRIQRDFKGLPPAQDFSAAPIQVSTTEKKETSIGVSATGGKKTTFADE
;
D
7 'polypeptide(L)'
;MDQENERNISRLWRAFRTVKEMVKDRGYFITQEEVELPLEDFKAKYCDSMGRPQRKMMSFQANPTEESISKFPDMGSLWV
EFCDEPSVGVKTMKTFVIHIQEKNFQTGIFVYQNNITPSAMKLVPSIPPATIETFNEAALVVNITHHELVPKHIRLSSDE
KRELLKRYRLKESQLPRIQRADPVALYLGLKRGEVVKIIRKSETSGRYASYRICM
;
E
8 'polypeptide(L)'
;MSDYEEAFNDGNENFEDFDVEHFSDEETYEEKPQFKDGETTDANGKTIVTGGNGPEDFQQHEQIRRKTLKEKAIPKDQRA
TTPYMTKYERARILGTRALQISMNAPVFVDLEGETDPLRIAMKELAEKKIPLVIRRYLPDGSFEDWSVEELIVDL
;
F
9 'polypeptide(L)'
;MSQVKRANENRETARFIKKHKKQVTNPIDEKNGTSNCIVRVPIALYVSLAPMYLENPLQGVMKQHLNPLVMKYNNKVGGV
VLGYEGLKILDADPLSKEDTSEKLIKITPDTPFGFTWCHVNLYVWQPQVGDVLEGYIFIQSASHIGLLIHDAFNASIKKN
NIPVDWTFVHNDVEEDADVINTDENNGNNNNEDNKDSNGGSNSLGKFSFGNRSLGHWVDSNGEPIDGKLRFTVRNVHTTG
RVVSVDGTLISDADEEGNGYNSSRSQAESLPIVSNKKIVFDDEVSIENKESHKELDLPEVKEDNGSEIVYEENTSESNDG
ESSDSD
;
G
10 'polypeptide(L)'
;MSNTLFDDIFQVSEVDPGRYNKVCRIEAASTTQDQCKLTLDINVELFPVAAQDSLTVTIASSLNLEDTPANDSSATRSWR
PPQAGDRSLADDYDYVMYGTAYKFEEVSKDLIAVYYSFGGLLMRLEGNYRNLNNLKQENAYLLIRR
;
H
11 'polypeptide(L)'
;MSVVGSLIFCLDCGDLLENPNAVLGSNVECSQCKAIYPKSQFSNLKVVTTTADDAFPSSLRAKKSVVKTSLKKNELKDGA
TIKEKCPQCGNEEMNYHTLQLRSADEGATVFYTCTSCGYKFRTNN
;
I
12 'polypeptide(L)' MIVPVRCFSCGKVVGDKWESYLNLLQEDELDEGTALSRLGLKRYCCRRMILTHVDLIEKFLRYNPLEKRD J
13 'polypeptide(L)'
;MTEDIEQKKTATEVTPQEPKHIQEEEEQDVDMTGDEEQEEEPDREKIKLLTQATSEDGTSASFQIVEEDHTLGNALRYVI
MKNPDVEFCGYSIPHPSENLLNIRIQTYGETTAVDALQKGLKDLMDLCDVVESKFTEKIKSM
;
K
14 'polypeptide(L)' MSREGFQIPTNLDAAAAGTSQARTATLKYICAECSSKLSLSRTDAVRCKDCGHRILLKARTKRLVQFEAR L
15 'polypeptide(L)'
;MSKLSKDYVSDSDSDDEVISNEFSIPDGFKKCKHLKNFPLNGDNKKKAKQQQVWLIKFPSNVDISKLKSLPVDFESSTTM
TIDKHDYKIMDDTDIESSLTQDNLSNMTLLVPSESKESLKIASTAKDNAPLQFDKVFSVSETAKIPAIDYSKVRVPRKDV
PKVEGLKLEHFATGYDAEDFHVAEEVKENKKEPKKRSHHDDEEESSEKKKKKKEKREKREKKDKKDKKKKHRD
;
N
16 'polypeptide(L)'
;MMAFENTSKRPPQDFVAPIDQKKRKVQFSDSTGLVTLQPEEIKDEVFSAAMYSRFVKSALDDLDKNDSTQIGIIANQVAL
PSKNPERINDKNLNILLDILSSNINRIESSRGTFLIQSIINFEKWWELPPHTLSKYIYFIKILCSSIPKWWQDVSMILVS
CFILPIKQTVCHHDMLKYFLRMIPSSMGFIDTYLAKFFPNKNDTRRKLVNYTSNLLKLRGYCSELGFQIWSLLIEKIISI
DVELQNELDELDDDVDDDDLEEVDLEDDDDLDDDSGDDDDENCGNSNEELRSGAADGSQSDSEDMDIIEGMDGTEEYNVE
LTQGIKELSTKLDSILTLVSTHVEEQVTPESLESGEGVGVFNTLTTLFKTHVLPTYYTRSIQYIMFHVSQQQLELMDSFL
VTLIDISFAVNEAAEKKIKSLQYLGSYIARAKKLSRTQIIFVASYLTSWLNRYVIEREEEVDQRGGMERFKHFYAAFQAL
CYIFCFRHNIFRDTDGNWECELDKFFQRMVISKFNPLKFCNENVMLMFARIAQQESVAYCFSIIENNNNERLRGIIGKAD
SDKKENSAQANTTSSSWSLATRQQFIDLQSYFPYDPLFLKNYKILMKEYYIEWSEASGEYESDGSDD
;
O
17 'polypeptide(L)'
;MSEGQIPSSDVLGSQLGVGVQGASLYCPQENYTTKKQEKPQWLRPVDDTLAEDALDLHIVVKSLLCDTAIRYISDDKVLQ
ESDADDDLITSDIDEDTDNQGDTSIVVNPVIPVVPKDVHFFKKVDVGNDSMFGVNCDTPVSFQDYIPSDLLRNLDDTLQE
STNSSRPMQDAFFWDPTVANRLDSQYIQTASDLRNYRDGTEIIAYASGKTGSVLNIAVLTRQNTLHLNRHNNVTSIELHS
PIKSIKIPGASESIGRRSNLVGIITENSFQIFRIESVHSRSCDVMVSSSEPLYFVEIDDLQVVDFAFNPWDLQQFAIIDI
KGNWSIGRIPKNFNNNNKRKLQLIDNLHGTIFDPEELSSWKRIEWFSHFQKILVFDRSKMIEIDFMNNWQTEVVQAKAWS
NIRDYKRIDDKNGILLTSREIIIVGASESNDPVRRISWKHDLDPDDTTLRITVQKVKKPDHILLVAFVYSMRHKRIYMHV
FSHRKANLFQSLGCSTVLEIPGGTPTGIETILTLDHIDDESRREEDADENFELVVDFLVKLRNSSEVYYYALSNTQNSEP
NKQETPIIVDHPEWASLFNNADEREKESIGALVSQIKLKERERISRVQNLIEHENSHDEDKYLQDLGYRLSIATNELLES
WQKTKDESILSGSLSHSKLKNLLENSDSFASIPEFSSLLDQFFQYYQDQDVTFIGFEKLLHLFLHEDVPGLDIFYNKLLQ
CWVLVSPQAELLTKEIVKDIIWSLARLEKPSLFEPIQNEISRSLSGPYQDIISSWDMDDINEEDESNEFNFDSQFSAPFN
GRPPFNLNSQSQIPTIKSSQSSGLARRKRILKTQSQKATPLSQSTQNLSVLPDSMTPAFTLMQPPSSQISFVNDSQPRNS
QKAKKKKKRIRGFG
;
S
18 'polypeptide(L)'
;MFEVPITLTNRKFAQRRKLKYQYINYISRRFDRISKKSTTTDSLPTPENSAAENNDEEEGQNSEAGTYRRSVLQQKKRRR
ERHWRSVVGEIYSTTESETDSQEEETEEGGEHDTGIDKEDSDEERKFWKKYEKPEKSFEIWRTVSSQNKQPINKQKMTYH
NFKKIEKIPLRKMEIPLLHCTKENKLYFQSISRGLEPLKTSTSEVRNYRTRHIVTLTDLLHLNVSRHNWSLAYKIFATLI
RIPGVQIKSLWGIGVEILDNLSNSSSGLDFLQWMCQIYSSKSRFVQNINYRSIVPPFQTGSRTHTAKFAITYLWSSLINC
QKSMEPSSNIIDKPFDTENDLLQELIDKISEWVLTPPFMEDAEVWFIYASCHLLKADTLSRQFVNDNKNNDLIGLDRDIK
INQVIKHIHYVRTFLKICLDKGGFAVPSRLIENQLKSFESRLYGEAQDIQERDVANVYDSIDNSSVENSFGDVYETNAEF
LDTQLMDLSPEDNGLDEMHYSDEDSSE
;
R
19 'polydeoxyribonucleotide'
;(DG)(DT)(DC)(DT)(DT)(DC)(DA)(DA)(DC)(DT)(DG)(DC)(DT)(DT)(DT)(DC)(DG)(DC)(DA)(DT)
(DG)(DA)(DA)(DG)(DT)(DA)(DC)(DC)(DT)(DC)(DC)(DC)(DA)(DA)(DC)(DT)(DA)(DC)(DT)(DT)
(DT)(DT)(DC)(DC)(DT)(DC)(DA)(DC)(DA)(DC)(DT)(DT)(DG)(DT)(DA)(DC)(DT)(DC)(DC)(DA)
(DT)(DG)(DA)(DC)(DT)(DA)(DA)(DA)(DC)(DC)
;
T
20 'polydeoxyribonucleotide'
;(DG)(DG)(DT)(DT)(DT)(DA)(DG)(DT)(DC)(DA)(DT)(DG)(DG)(DA)(DG)(DT)(DA)(DC)(DA)(DA)
(DG)(DT)(DG)(DT)(DG)(DA)(DG)(DG)(DA)(DA)(DA)(DA)(DG)(DT)(DA)(DG)(DT)(DT)(DG)(DG)
(DC)(DG)(DT)(DA)(DG)(DC)(DA)(DG)(DG)(DA)(DG)(DA)(DA)(DG)(DT)(DA)(DA)(DA)(DG)(DC)
(DA)(DG)(DT)(DT)(DG)(DA)(DA)(DG)(DA)(DC)
;
U
#
loop_
_chem_comp.id
_chem_comp.type
_chem_comp.name
_chem_comp.formula
DA DNA linking 2'-DEOXYADENOSINE-5'-MONOPHOSPHATE 'C10 H14 N5 O6 P'
DC DNA linking 2'-DEOXYCYTIDINE-5'-MONOPHOSPHATE 'C9 H14 N3 O7 P'
DG DNA linking 2'-DEOXYGUANOSINE-5'-MONOPHOSPHATE 'C10 H14 N5 O7 P'
DT DNA linking THYMIDINE-5'-MONOPHOSPHATE 'C10 H15 N2 O8 P'
ZN non-polymer 'ZINC ION' 'Zn 2'
#
# COMPACT_ATOMS: atom_id res chain seq x y z
N THR A 3 -4.22 7.01 -31.40
CA THR A 3 -4.81 7.01 -30.05
C THR A 3 -6.23 6.49 -30.09
N PHE A 4 -6.85 6.52 -31.26
CA PHE A 4 -8.19 5.99 -31.44
C PHE A 4 -8.16 4.48 -31.59
N ILE A 5 -9.28 3.85 -31.26
CA ILE A 5 -9.34 2.41 -31.15
C ILE A 5 -10.13 1.83 -32.32
N ARG A 6 -10.01 0.51 -32.48
CA ARG A 6 -10.91 -0.27 -33.31
C ARG A 6 -12.10 -0.69 -32.46
N GLY A 7 -13.30 -0.23 -32.84
CA GLY A 7 -14.45 -0.40 -31.99
C GLY A 7 -15.77 -0.06 -32.65
N PRO A 8 -16.62 0.68 -31.93
CA PRO A 8 -17.99 0.95 -32.42
C PRO A 8 -18.11 2.20 -33.28
N ILE A 9 -19.26 2.28 -33.95
CA ILE A 9 -19.73 3.53 -34.54
C ILE A 9 -20.89 4.04 -33.69
N CYS A 10 -21.08 5.36 -33.67
CA CYS A 10 -22.09 5.96 -32.81
C CYS A 10 -22.90 6.99 -33.56
N GLY A 11 -23.66 7.80 -32.84
CA GLY A 11 -24.51 8.83 -33.39
C GLY A 11 -23.80 10.16 -33.57
N THR A 12 -24.55 11.24 -33.27
CA THR A 12 -24.24 12.68 -33.44
C THR A 12 -24.15 13.09 -34.91
N ASP A 13 -24.30 12.13 -35.83
CA ASP A 13 -24.39 12.33 -37.28
C ASP A 13 -23.20 13.10 -37.85
N ASN A 14 -22.00 12.71 -37.42
CA ASN A 14 -20.79 13.13 -38.10
C ASN A 14 -20.52 12.24 -39.30
N CYS A 15 -20.30 10.95 -39.05
CA CYS A 15 -19.97 9.92 -40.03
C CYS A 15 -20.03 8.58 -39.29
N PRO A 16 -19.84 7.43 -39.97
CA PRO A 16 -19.38 6.24 -39.23
C PRO A 16 -18.04 6.54 -38.57
N SER A 17 -18.05 6.61 -37.25
CA SER A 17 -16.98 7.25 -36.50
C SER A 17 -16.30 6.25 -35.57
N ARG A 18 -15.34 6.78 -34.81
CA ARG A 18 -14.56 6.01 -33.85
C ARG A 18 -14.48 6.82 -32.58
N LEU A 19 -13.98 6.21 -31.51
CA LEU A 19 -13.98 6.86 -30.21
C LEU A 19 -12.62 6.76 -29.52
N TRP A 20 -12.52 7.52 -28.43
CA TRP A 20 -11.47 7.51 -27.43
C TRP A 20 -12.00 8.35 -26.26
N ARG A 21 -11.61 7.97 -25.04
CA ARG A 21 -12.12 8.61 -23.85
C ARG A 21 -11.29 9.84 -23.50
N ILE A 22 -11.98 10.94 -23.19
CA ILE A 22 -11.34 12.21 -22.85
C ILE A 22 -11.48 12.54 -21.36
N ILE A 23 -12.67 12.36 -20.79
CA ILE A 23 -12.91 12.62 -19.38
C ILE A 23 -13.29 11.28 -18.75
N ASP A 24 -12.69 10.21 -19.29
CA ASP A 24 -12.62 8.87 -18.70
C ASP A 24 -13.97 8.17 -18.57
N GLY A 25 -14.90 8.36 -19.51
CA GLY A 25 -16.21 7.75 -19.37
C GLY A 25 -17.38 8.51 -19.95
N ARG A 26 -17.27 9.82 -20.08
CA ARG A 26 -18.11 10.56 -21.03
C ARG A 26 -17.28 10.76 -22.28
N ARG A 27 -17.25 9.71 -23.10
CA ARG A 27 -16.45 9.69 -24.33
C ARG A 27 -17.12 10.57 -25.37
N THR A 28 -16.32 11.05 -26.32
CA THR A 28 -16.82 11.93 -27.36
C THR A 28 -16.34 11.44 -28.73
N CYS A 29 -16.88 12.07 -29.77
CA CYS A 29 -16.40 11.91 -31.13
C CYS A 29 -15.19 12.81 -31.37
N GLN A 30 -14.86 13.05 -32.64
CA GLN A 30 -13.75 13.94 -32.98
C GLN A 30 -13.97 15.35 -32.42
N TYR A 31 -15.19 15.87 -32.55
CA TYR A 31 -15.46 17.27 -32.28
C TYR A 31 -16.01 17.52 -30.88
N GLY A 32 -15.82 16.60 -29.94
CA GLY A 32 -16.21 16.83 -28.57
C GLY A 32 -17.69 16.73 -28.29
N HIS A 33 -18.44 16.00 -29.11
CA HIS A 33 -19.88 15.83 -28.90
C HIS A 33 -20.13 14.67 -27.94
N VAL A 34 -20.98 14.92 -26.95
CA VAL A 34 -21.13 14.00 -25.83
C VAL A 34 -21.91 12.77 -26.26
N MET A 35 -21.29 11.60 -26.10
CA MET A 35 -21.97 10.32 -26.31
C MET A 35 -23.05 10.14 -25.24
N GLU A 36 -24.28 10.01 -25.69
CA GLU A 36 -25.44 10.12 -24.81
C GLU A 36 -25.57 8.82 -24.02
N GLY A 37 -25.18 8.86 -22.74
CA GLY A 37 -25.47 7.76 -21.83
C GLY A 37 -24.57 6.54 -21.86
N ASP A 38 -23.32 6.69 -21.45
CA ASP A 38 -22.45 5.55 -21.18
C ASP A 38 -22.61 5.12 -19.72
N VAL A 39 -22.06 3.96 -19.36
CA VAL A 39 -22.23 3.47 -17.99
C VAL A 39 -20.93 3.33 -17.22
N GLU A 40 -19.82 3.01 -17.89
CA GLU A 40 -18.46 3.09 -17.32
C GLU A 40 -18.28 2.19 -16.09
N PHE A 41 -18.24 0.89 -16.33
CA PHE A 41 -18.03 -0.07 -15.25
C PHE A 41 -16.66 0.05 -14.62
N ASN A 42 -16.64 0.08 -13.29
CA ASN A 42 -15.41 0.16 -12.50
C ASN A 42 -15.62 -0.63 -11.20
N ASP A 43 -14.61 -0.58 -10.33
CA ASP A 43 -14.72 -1.07 -8.96
C ASP A 43 -13.63 -0.45 -8.09
N ASP A 44 -13.96 -0.23 -6.82
CA ASP A 44 -13.03 0.31 -5.83
C ASP A 44 -12.35 -0.82 -5.06
N GLU A 45 -11.06 -0.63 -4.76
CA GLU A 45 -10.23 -1.63 -4.10
C GLU A 45 -10.07 -1.26 -2.63
N ASP A 46 -10.63 -2.11 -1.75
CA ASP A 46 -10.63 -1.96 -0.29
C ASP A 46 -11.19 -0.62 0.19
N HIS A 98 18.42 -36.84 -53.43
CA HIS A 98 17.83 -36.18 -54.59
C HIS A 98 17.98 -34.67 -54.45
N GLU A 99 17.77 -34.18 -53.23
CA GLU A 99 17.96 -32.78 -52.90
C GLU A 99 19.03 -32.66 -51.81
N ALA A 100 19.73 -31.52 -51.85
CA ALA A 100 20.89 -31.06 -51.07
C ALA A 100 22.16 -31.75 -51.56
N LYS A 101 22.07 -32.62 -52.56
CA LYS A 101 23.26 -33.11 -53.24
C LYS A 101 23.89 -32.03 -54.09
N LEU A 102 23.09 -31.04 -54.51
CA LEU A 102 23.64 -29.85 -55.15
C LEU A 102 24.20 -28.89 -54.10
N LEU A 103 23.61 -28.89 -52.90
CA LEU A 103 24.14 -28.10 -51.79
C LEU A 103 25.55 -28.54 -51.44
N PHE A 104 25.84 -29.83 -51.55
CA PHE A 104 27.20 -30.31 -51.49
C PHE A 104 28.03 -29.71 -52.61
N LEU A 105 27.47 -29.72 -53.84
CA LEU A 105 28.21 -29.28 -55.02
C LEU A 105 28.48 -27.78 -55.01
N LYS A 106 27.66 -27.01 -54.30
CA LYS A 106 27.87 -25.56 -54.26
C LYS A 106 29.11 -25.19 -53.47
N SER A 107 29.52 -26.04 -52.53
CA SER A 107 30.71 -25.75 -51.73
C SER A 107 31.86 -26.71 -51.96
N PHE A 108 31.62 -27.87 -52.58
CA PHE A 108 32.71 -28.79 -52.90
C PHE A 108 33.63 -28.21 -53.98
N GLN A 109 33.14 -27.26 -54.76
CA GLN A 109 34.01 -26.42 -55.56
C GLN A 109 34.60 -25.29 -54.74
N PHE A 110 33.82 -24.75 -53.79
CA PHE A 110 34.29 -23.62 -52.98
C PHE A 110 35.40 -24.03 -52.03
N ILE A 111 35.40 -25.28 -51.57
CA ILE A 111 36.56 -25.78 -50.84
C ILE A 111 37.72 -26.02 -51.80
N LEU A 112 37.42 -26.56 -52.97
CA LEU A 112 38.44 -26.73 -54.00
C LEU A 112 38.90 -25.38 -54.55
N LYS A 113 38.06 -24.35 -54.45
CA LYS A 113 38.52 -22.98 -54.67
C LYS A 113 39.60 -22.60 -53.67
N ARG A 114 39.46 -23.04 -52.43
CA ARG A 114 40.42 -22.72 -51.39
C ARG A 114 41.63 -23.64 -51.39
N GLN A 115 41.50 -24.86 -51.91
CA GLN A 115 42.66 -25.74 -52.05
C GLN A 115 43.65 -25.17 -53.05
N ILE A 116 43.14 -24.60 -54.12
CA ILE A 116 43.97 -24.16 -55.23
C ILE A 116 44.47 -22.75 -55.04
N ARG A 117 43.62 -21.85 -54.51
CA ARG A 117 44.06 -20.48 -54.25
C ARG A 117 45.12 -20.44 -53.16
N TRP A 118 45.14 -21.44 -52.28
CA TRP A 118 46.29 -21.64 -51.41
C TRP A 118 47.54 -21.95 -52.21
N LEU A 119 47.43 -22.86 -53.19
CA LEU A 119 48.57 -23.26 -54.01
C LEU A 119 49.05 -22.11 -54.87
N ILE A 120 48.14 -21.24 -55.31
CA ILE A 120 48.50 -20.13 -56.20
C ILE A 120 49.19 -19.02 -55.42
N THR A 121 48.55 -18.56 -54.34
CA THR A 121 49.01 -17.38 -53.63
C THR A 121 50.29 -17.64 -52.86
N GLU A 122 50.51 -18.86 -52.38
CA GLU A 122 51.63 -19.15 -51.51
C GLU A 122 52.70 -20.00 -52.18
N MET A 123 52.34 -21.15 -52.74
CA MET A 123 53.30 -22.07 -53.33
C MET A 123 53.60 -21.77 -54.80
N ARG A 124 53.33 -20.55 -55.25
CA ARG A 124 53.75 -20.01 -56.55
C ARG A 124 53.19 -20.79 -57.74
N PHE A 125 52.13 -21.56 -57.54
CA PHE A 125 51.52 -22.28 -58.65
C PHE A 125 50.82 -21.29 -59.59
N PRO A 126 50.88 -21.51 -60.90
CA PRO A 126 50.46 -20.48 -61.85
C PRO A 126 48.94 -20.31 -61.91
N LYS A 127 48.54 -19.18 -62.46
CA LYS A 127 47.13 -18.86 -62.62
C LYS A 127 46.43 -19.78 -63.61
N GLU A 128 47.19 -20.42 -64.51
CA GLU A 128 46.65 -21.38 -65.46
C GLU A 128 46.21 -22.66 -64.78
N PHE A 129 46.75 -22.96 -63.60
CA PHE A 129 46.38 -24.16 -62.85
C PHE A 129 44.93 -24.08 -62.40
N GLU A 130 44.41 -22.87 -62.20
CA GLU A 130 42.98 -22.68 -61.96
C GLU A 130 42.16 -23.15 -63.15
N HIS A 131 42.59 -22.82 -64.35
CA HIS A 131 41.77 -23.06 -65.52
C HIS A 131 41.92 -24.47 -66.05
N VAL A 132 43.08 -25.10 -65.84
CA VAL A 132 43.27 -26.50 -66.20
C VAL A 132 42.33 -27.39 -65.40
N ALA A 133 42.12 -27.06 -64.13
CA ALA A 133 41.24 -27.87 -63.31
C ALA A 133 39.77 -27.63 -63.62
N LYS A 134 39.43 -26.47 -64.20
CA LYS A 134 38.01 -26.17 -64.40
C LYS A 134 37.42 -27.00 -65.53
N ILE A 135 38.22 -27.32 -66.55
CA ILE A 135 37.81 -28.35 -67.51
C ILE A 135 37.66 -29.69 -66.79
N ILE A 136 38.60 -30.01 -65.90
CA ILE A 136 38.53 -31.23 -65.13
C ILE A 136 37.36 -31.17 -64.16
N TRP A 137 37.02 -29.98 -63.65
CA TRP A 137 35.93 -29.87 -62.70
C TRP A 137 34.55 -29.99 -63.36
N LEU A 138 34.35 -29.33 -64.49
CA LEU A 138 32.99 -29.21 -65.00
C LEU A 138 32.53 -30.46 -65.72
N LYS A 139 33.47 -31.30 -66.18
CA LYS A 139 33.07 -32.48 -66.93
C LYS A 139 32.41 -33.54 -66.06
N ILE A 140 32.78 -33.62 -64.79
CA ILE A 140 32.14 -34.61 -63.93
C ILE A 140 30.74 -34.14 -63.54
N LEU A 141 30.45 -32.85 -63.62
CA LEU A 141 29.10 -32.38 -63.39
C LEU A 141 28.17 -32.82 -64.50
N LYS A 142 28.68 -32.94 -65.72
CA LYS A 142 27.89 -33.51 -66.81
C LYS A 142 27.69 -35.00 -66.59
N THR A 143 28.67 -35.67 -65.99
CA THR A 143 28.51 -37.08 -65.66
C THR A 143 27.44 -37.25 -64.58
N ILE A 144 27.37 -36.30 -63.65
CA ILE A 144 26.24 -36.27 -62.72
C ILE A 144 24.96 -35.88 -63.45
N ASN A 145 25.08 -34.99 -64.44
CA ASN A 145 23.91 -34.66 -65.26
C ASN A 145 23.56 -35.82 -66.18
N ASP A 146 24.56 -36.64 -66.56
CA ASP A 146 24.28 -37.88 -67.26
C ASP A 146 23.54 -38.87 -66.37
N GLN A 147 23.82 -38.84 -65.07
CA GLN A 147 23.04 -39.63 -64.14
C GLN A 147 21.63 -39.06 -64.03
N PRO A 148 20.61 -39.91 -64.04
CA PRO A 148 19.23 -39.43 -63.84
C PRO A 148 19.07 -38.86 -62.45
N GLN A 149 18.29 -37.77 -62.35
CA GLN A 149 18.05 -37.15 -61.04
C GLN A 149 17.24 -38.06 -60.13
N GLU A 150 16.47 -38.98 -60.69
CA GLU A 150 15.81 -40.03 -59.91
C GLU A 150 16.86 -41.02 -59.42
N GLU A 151 17.18 -40.95 -58.12
CA GLU A 151 18.16 -41.80 -57.44
C GLU A 151 19.54 -41.70 -58.10
N LEU A 152 20.11 -40.49 -58.11
CA LEU A 152 21.45 -40.27 -58.72
C LEU A 152 22.60 -40.86 -57.89
N LYS A 153 22.63 -40.61 -56.58
CA LYS A 153 23.67 -41.15 -55.67
C LYS A 153 25.07 -40.78 -56.17
N LEU A 154 25.35 -39.48 -56.19
CA LEU A 154 26.59 -38.97 -56.76
C LEU A 154 27.78 -39.41 -55.91
N GLN A 155 28.89 -39.71 -56.57
CA GLN A 155 30.03 -40.34 -55.90
C GLN A 155 31.14 -39.31 -55.73
N LEU A 156 31.04 -38.52 -54.67
CA LEU A 156 32.07 -37.54 -54.33
C LEU A 156 32.55 -37.72 -52.92
N HIS A 157 33.86 -37.71 -52.75
CA HIS A 157 34.50 -37.94 -51.47
C HIS A 157 35.70 -37.00 -51.41
N MET A 158 36.32 -36.91 -50.25
CA MET A 158 37.53 -36.10 -50.15
C MET A 158 38.71 -36.74 -50.88
N THR A 159 38.63 -38.05 -51.17
CA THR A 159 39.61 -38.66 -52.07
C THR A 159 39.43 -38.19 -53.50
N SER A 160 38.25 -37.67 -53.84
CA SER A 160 38.04 -37.15 -55.19
C SER A 160 38.74 -35.83 -55.39
N THR A 161 38.60 -34.90 -54.43
CA THR A 161 39.14 -33.55 -54.59
C THR A 161 40.66 -33.49 -54.52
N ILE A 162 41.32 -34.57 -54.11
CA ILE A 162 42.77 -34.64 -54.28
C ILE A 162 43.11 -35.27 -55.62
N SER A 163 42.31 -36.27 -56.03
CA SER A 163 42.59 -37.02 -57.26
C SER A 163 42.42 -36.14 -58.49
N ILE A 164 41.41 -35.27 -58.48
CA ILE A 164 41.23 -34.31 -59.56
C ILE A 164 42.18 -33.12 -59.44
N LEU A 165 42.88 -33.01 -58.32
CA LEU A 165 43.91 -32.01 -58.15
C LEU A 165 45.28 -32.58 -58.49
N TYR A 166 45.40 -33.90 -58.54
CA TYR A 166 46.62 -34.55 -59.01
C TYR A 166 46.69 -34.63 -60.52
N LEU A 167 45.55 -34.78 -61.18
CA LEU A 167 45.55 -34.88 -62.64
C LEU A 167 45.83 -33.55 -63.30
N ALA A 168 45.47 -32.45 -62.64
CA ALA A 168 45.84 -31.14 -63.16
C ALA A 168 47.33 -30.87 -63.03
N SER A 169 48.03 -31.62 -62.19
CA SER A 169 49.47 -31.47 -62.04
C SER A 169 50.26 -32.23 -63.09
N THR A 170 49.71 -33.30 -63.66
CA THR A 170 50.42 -34.04 -64.70
C THR A 170 50.09 -33.55 -66.10
N HIS A 171 48.94 -32.91 -66.31
CA HIS A 171 48.71 -32.24 -67.58
C HIS A 171 49.57 -30.98 -67.70
N LEU A 172 49.79 -30.29 -66.59
CA LEU A 172 50.72 -29.17 -66.55
C LEU A 172 52.17 -29.66 -66.44
N SER A 173 52.37 -30.96 -66.21
CA SER A 173 53.69 -31.60 -66.09
C SER A 173 54.52 -30.98 -64.96
N LEU A 174 54.00 -31.14 -63.73
CA LEU A 174 54.54 -30.57 -62.52
C LEU A 174 55.31 -31.62 -61.72
N PRO A 175 56.34 -31.21 -60.96
CA PRO A 175 57.04 -32.17 -60.09
C PRO A 175 56.40 -32.35 -58.72
N VAL A 176 55.13 -31.98 -58.58
CA VAL A 176 54.36 -32.21 -57.37
C VAL A 176 53.60 -33.54 -57.52
N TYR A 177 53.58 -34.34 -56.45
CA TYR A 177 53.03 -35.69 -56.55
C TYR A 177 52.15 -36.05 -55.36
N THR A 178 51.77 -37.32 -55.23
CA THR A 178 51.01 -37.70 -54.04
C THR A 178 51.86 -37.84 -52.79
N CYS A 179 53.18 -37.91 -52.93
CA CYS A 179 54.04 -37.65 -51.78
C CYS A 179 54.16 -36.17 -51.51
N ASP A 180 54.04 -35.33 -52.54
CA ASP A 180 53.98 -33.89 -52.35
C ASP A 180 52.56 -33.37 -52.29
N TYR A 181 51.60 -34.24 -51.99
CA TYR A 181 50.26 -33.85 -51.56
C TYR A 181 49.94 -34.31 -50.15
N ILE A 182 50.30 -35.56 -49.82
CA ILE A 182 50.07 -36.07 -48.48
C ILE A 182 51.00 -35.40 -47.48
N LYS A 183 52.08 -34.76 -47.96
CA LYS A 183 52.95 -33.93 -47.15
C LYS A 183 52.48 -32.49 -47.11
N TRP A 184 51.54 -32.10 -47.96
CA TRP A 184 50.93 -30.78 -47.86
C TRP A 184 49.49 -30.82 -47.36
N ILE A 185 48.97 -31.98 -46.95
CA ILE A 185 47.66 -32.05 -46.32
C ILE A 185 47.75 -32.54 -44.88
N CYS A 186 48.55 -33.56 -44.60
CA CYS A 186 48.69 -34.04 -43.24
C CYS A 186 49.55 -33.12 -42.40
N THR A 187 50.30 -32.23 -43.03
CA THR A 187 51.00 -31.15 -42.35
C THR A 187 50.17 -29.88 -42.26
N ALA A 188 48.86 -29.99 -42.53
CA ALA A 188 47.87 -28.93 -42.35
C ALA A 188 48.21 -27.68 -43.15
N LYS A 189 48.40 -27.88 -44.44
CA LYS A 189 48.81 -26.80 -45.33
C LYS A 189 47.73 -26.48 -46.38
N MET A 190 47.31 -27.47 -47.19
CA MET A 190 46.11 -27.07 -47.91
C MET A 190 44.89 -27.71 -47.27
N PRO A 191 43.76 -26.99 -47.27
CA PRO A 191 42.61 -27.46 -46.49
C PRO A 191 41.95 -28.72 -47.02
N TYR A 192 42.60 -29.85 -46.77
CA TYR A 192 41.98 -31.15 -46.90
C TYR A 192 41.27 -31.56 -45.61
N PHE A 193 41.94 -31.40 -44.48
CA PHE A 193 41.42 -31.80 -43.19
C PHE A 193 40.62 -30.67 -42.55
N GLN A 194 39.50 -31.05 -41.92
CA GLN A 194 38.55 -30.13 -41.28
C GLN A 194 38.07 -29.07 -42.26
N ALA A 195 37.38 -29.54 -43.30
CA ALA A 195 36.89 -28.67 -44.35
C ALA A 195 35.43 -28.31 -44.17
N SER A 196 34.63 -29.20 -43.58
CA SER A 196 33.22 -28.92 -43.35
C SER A 196 33.04 -27.78 -42.38
N GLU A 197 33.89 -27.70 -41.37
CA GLU A 197 33.56 -26.97 -40.17
C GLU A 197 33.89 -25.49 -40.28
N ILE A 198 34.92 -25.12 -41.04
CA ILE A 198 35.39 -23.74 -41.07
C ILE A 198 35.29 -23.09 -42.43
N LEU A 199 35.08 -23.83 -43.50
CA LEU A 199 35.10 -23.17 -44.80
C LEU A 199 33.81 -22.43 -45.17
N PRO A 200 32.55 -23.05 -45.14
CA PRO A 200 31.38 -22.30 -45.65
C PRO A 200 30.99 -21.06 -44.88
N LYS A 201 30.70 -21.23 -43.57
CA LYS A 201 30.37 -20.21 -42.57
C LYS A 201 29.03 -19.54 -42.77
N SER A 202 28.35 -19.83 -43.86
CA SER A 202 26.98 -19.44 -44.07
C SER A 202 26.15 -20.54 -44.72
N TRP A 203 26.79 -21.46 -45.43
CA TRP A 203 26.11 -22.51 -46.16
C TRP A 203 26.09 -23.81 -45.36
N ARG A 204 26.52 -23.74 -44.11
CA ARG A 204 26.76 -24.94 -43.32
C ARG A 204 25.46 -25.60 -42.87
N ILE A 205 24.54 -24.80 -42.35
CA ILE A 205 23.57 -25.30 -41.38
C ILE A 205 22.50 -26.20 -42.01
N GLN A 206 22.07 -25.94 -43.24
CA GLN A 206 21.02 -26.77 -43.82
C GLN A 206 21.54 -28.09 -44.37
N LEU A 207 22.85 -28.30 -44.39
CA LEU A 207 23.40 -29.55 -44.89
C LEU A 207 23.13 -30.66 -43.87
N PRO A 208 22.68 -31.85 -44.31
CA PRO A 208 22.38 -32.93 -43.37
C PRO A 208 23.60 -33.53 -42.69
N ASN A 209 23.37 -34.47 -41.76
CA ASN A 209 24.42 -34.91 -40.85
C ASN A 209 25.43 -35.84 -41.51
N TYR A 210 24.98 -36.73 -42.39
CA TYR A 210 25.94 -37.64 -43.00
C TYR A 210 26.65 -36.98 -44.17
N TYR A 211 26.05 -35.94 -44.77
CA TYR A 211 26.77 -35.21 -45.81
C TYR A 211 27.87 -34.32 -45.25
N VAL A 212 27.63 -33.69 -44.11
CA VAL A 212 28.65 -32.81 -43.55
C VAL A 212 29.78 -33.63 -42.94
N SER A 213 29.51 -34.90 -42.63
CA SER A 213 30.52 -35.83 -42.15
C SER A 213 31.57 -36.13 -43.21
N ILE A 214 31.13 -36.31 -44.46
CA ILE A 214 32.03 -36.71 -45.53
C ILE A 214 32.91 -35.55 -45.98
N LEU A 215 32.42 -34.32 -45.90
CA LEU A 215 33.10 -33.20 -46.52
C LEU A 215 34.31 -32.72 -45.71
N GLU A 216 34.33 -32.91 -44.40
CA GLU A 216 35.55 -32.61 -43.66
C GLU A 216 36.59 -33.71 -43.88
N GLY A 217 37.81 -33.44 -43.43
CA GLY A 217 38.88 -34.41 -43.58
C GLY A 217 38.82 -35.49 -42.55
N SER A 218 37.92 -36.46 -42.76
CA SER A 218 37.63 -37.49 -41.77
C SER A 218 38.85 -38.37 -41.49
N ILE A 219 39.33 -39.09 -42.50
CA ILE A 219 40.52 -39.91 -42.36
C ILE A 219 41.57 -39.39 -43.34
N SER A 220 42.69 -40.06 -43.37
CA SER A 220 43.55 -39.84 -44.52
C SER A 220 43.47 -41.04 -45.45
N PRO A 221 43.67 -40.86 -46.77
CA PRO A 221 43.53 -42.00 -47.70
C PRO A 221 44.65 -43.03 -47.55
N PHE A 222 44.29 -44.30 -47.76
CA PHE A 222 45.17 -45.42 -47.43
C PHE A 222 45.08 -46.51 -48.50
N ASN A 223 46.26 -47.08 -48.83
CA ASN A 223 46.39 -48.32 -49.59
C ASN A 223 45.76 -48.23 -50.97
N GLY A 224 46.14 -47.20 -51.72
CA GLY A 224 45.61 -47.02 -53.05
C GLY A 224 44.23 -46.42 -53.11
N GLN A 225 43.69 -45.97 -51.97
CA GLN A 225 42.46 -45.20 -52.01
C GLN A 225 42.67 -43.86 -52.70
N LEU A 226 43.86 -43.28 -52.56
CA LEU A 226 44.19 -42.13 -53.38
C LEU A 226 44.46 -42.57 -54.81
N TYR A 227 44.91 -43.82 -55.01
CA TYR A 227 45.22 -44.25 -56.37
C TYR A 227 43.99 -44.78 -57.11
N ASN A 228 43.13 -45.55 -56.44
CA ASN A 228 41.96 -46.10 -57.12
C ASN A 228 40.96 -45.02 -57.51
N LYS A 229 40.92 -43.91 -56.78
CA LYS A 229 40.08 -42.79 -57.19
C LYS A 229 40.63 -42.13 -58.45
N ILE A 230 41.96 -42.02 -58.55
CA ILE A 230 42.60 -41.56 -59.78
C ILE A 230 42.27 -42.51 -60.93
N ALA A 231 42.27 -43.81 -60.66
CA ALA A 231 41.82 -44.79 -61.65
C ALA A 231 40.35 -44.58 -61.98
N LEU A 232 39.53 -44.25 -60.97
CA LEU A 232 38.15 -43.89 -61.25
C LEU A 232 38.02 -42.47 -61.81
N THR A 233 39.03 -41.61 -61.64
CA THR A 233 38.89 -40.26 -62.17
C THR A 233 39.25 -40.20 -63.64
N CYS A 234 40.37 -40.83 -64.04
CA CYS A 234 40.75 -40.86 -65.45
C CYS A 234 39.76 -41.63 -66.31
N GLY A 235 38.99 -42.53 -65.72
CA GLY A 235 38.01 -43.29 -66.45
C GLY A 235 36.67 -42.59 -66.63
N MET A 236 36.11 -42.01 -65.53
CA MET A 236 34.78 -41.34 -65.55
C MET A 236 34.78 -40.08 -66.43
N ILE A 237 35.75 -39.19 -66.21
CA ILE A 237 36.03 -38.07 -67.10
C ILE A 237 37.34 -38.37 -67.81
N HIS A 238 37.34 -38.22 -69.12
CA HIS A 238 38.43 -38.76 -69.93
C HIS A 238 39.58 -37.75 -69.94
N PHE A 239 40.39 -37.83 -68.88
CA PHE A 239 41.71 -37.22 -68.91
C PHE A 239 42.58 -37.87 -69.96
N LYS A 240 42.37 -39.16 -70.19
CA LYS A 240 42.92 -39.82 -71.35
C LYS A 240 42.27 -39.29 -72.62
N GLU A 241 43.02 -39.36 -73.73
CA GLU A 241 42.68 -39.11 -75.13
C GLU A 241 42.28 -37.66 -75.43
N PHE A 242 42.24 -36.78 -74.43
CA PHE A 242 42.08 -35.33 -74.59
C PHE A 242 43.28 -34.56 -74.08
N PHE A 243 43.81 -34.96 -72.93
CA PHE A 243 44.96 -34.38 -72.28
C PHE A 243 46.18 -35.24 -72.55
N ASN A 244 47.27 -34.92 -71.84
CA ASN A 244 48.50 -35.70 -71.86
C ASN A 244 48.67 -36.39 -70.50
N SER A 245 48.54 -37.70 -70.49
CA SER A 245 48.75 -38.50 -69.27
C SER A 245 50.20 -38.96 -69.20
N GLU A 246 51.10 -37.98 -69.28
CA GLU A 246 52.54 -38.22 -69.36
C GLU A 246 53.16 -37.92 -68.00
N ILE A 247 53.44 -38.98 -67.25
CA ILE A 247 54.11 -38.82 -65.96
C ILE A 247 55.57 -38.49 -66.21
N SER A 248 55.97 -37.27 -65.87
CA SER A 248 57.35 -36.82 -66.03
C SER A 248 58.17 -37.45 -64.92
N CYS A 249 58.63 -38.68 -65.19
CA CYS A 249 59.37 -39.49 -64.22
C CYS A 249 60.74 -38.90 -63.88
N GLN A 250 61.27 -38.01 -64.73
CA GLN A 250 62.48 -37.28 -64.37
C GLN A 250 62.22 -36.27 -63.27
N GLY A 251 61.01 -35.70 -63.23
CA GLY A 251 60.62 -34.82 -62.16
C GLY A 251 60.19 -35.53 -60.90
N LEU A 252 60.21 -36.86 -60.90
CA LEU A 252 59.85 -37.67 -59.74
C LEU A 252 61.07 -38.26 -59.04
N LEU A 253 62.03 -38.78 -59.81
CA LEU A 253 63.16 -39.47 -59.21
C LEU A 253 64.35 -38.54 -58.95
N LEU A 254 64.26 -37.26 -59.30
CA LEU A 254 65.21 -36.31 -58.72
C LEU A 254 64.96 -36.16 -57.23
N LYS A 255 63.70 -36.27 -56.81
CA LYS A 255 63.36 -36.32 -55.40
C LYS A 255 63.97 -37.55 -54.73
N LEU A 256 63.71 -38.74 -55.30
CA LEU A 256 64.08 -40.01 -54.67
C LEU A 256 65.57 -40.23 -54.58
N VAL A 257 66.38 -39.48 -55.34
CA VAL A 257 67.82 -39.47 -55.08
C VAL A 257 68.12 -38.79 -53.75
N MET A 258 67.52 -37.62 -53.53
CA MET A 258 67.83 -36.78 -52.39
C MET A 258 67.02 -37.12 -51.15
N GLN A 259 66.05 -38.03 -51.25
CA GLN A 259 65.32 -38.50 -50.08
C GLN A 259 66.24 -39.25 -49.13
N CYS A 260 67.10 -40.11 -49.69
CA CYS A 260 67.95 -40.98 -48.91
C CYS A 260 69.42 -40.79 -49.20
N ALA A 261 69.78 -39.75 -49.96
CA ALA A 261 71.15 -39.32 -50.24
C ALA A 261 71.98 -40.44 -50.89
N LEU A 262 71.57 -40.80 -52.10
CA LEU A 262 72.35 -41.74 -52.88
C LEU A 262 73.09 -41.03 -54.00
N PRO A 263 74.21 -41.60 -54.50
CA PRO A 263 74.93 -40.95 -55.60
C PRO A 263 74.09 -40.95 -56.87
N PRO A 264 74.30 -39.96 -57.74
CA PRO A 264 73.36 -39.76 -58.86
C PRO A 264 73.50 -40.75 -60.00
N GLU A 265 74.35 -41.78 -59.86
CA GLU A 265 74.43 -42.84 -60.86
C GLU A 265 73.16 -43.66 -60.90
N PHE A 266 72.48 -43.81 -59.76
CA PHE A 266 71.24 -44.58 -59.69
C PHE A 266 70.08 -43.87 -60.38
N TYR A 267 70.20 -42.56 -60.61
CA TYR A 267 69.24 -41.84 -61.43
C TYR A 267 69.23 -42.34 -62.86
N PHE A 268 70.40 -42.75 -63.36
CA PHE A 268 70.51 -43.30 -64.70
C PHE A 268 70.63 -44.82 -64.72
N TYR A 269 71.11 -45.42 -63.63
CA TYR A 269 71.07 -46.87 -63.48
C TYR A 269 69.64 -47.38 -63.53
N THR A 270 68.73 -46.68 -62.84
CA THR A 270 67.32 -47.02 -62.91
C THR A 270 66.77 -46.77 -64.31
N LYS A 271 67.23 -45.70 -64.95
CA LYS A 271 66.67 -45.23 -66.21
C LYS A 271 66.85 -46.26 -67.33
N GLN A 272 67.99 -46.94 -67.35
CA GLN A 272 68.17 -47.98 -68.35
C GLN A 272 67.50 -49.29 -67.96
N VAL A 273 67.24 -49.52 -66.66
CA VAL A 273 66.34 -50.59 -66.26
C VAL A 273 64.91 -50.25 -66.67
N ILE A 274 64.56 -48.97 -66.63
CA ILE A 274 63.28 -48.52 -67.16
C ILE A 274 63.23 -48.70 -68.68
N GLU A 275 64.23 -48.18 -69.38
CA GLU A 275 64.25 -48.19 -70.84
C GLU A 275 64.52 -49.57 -71.44
N PHE A 276 64.96 -50.54 -70.63
CA PHE A 276 64.98 -51.93 -71.10
C PHE A 276 63.59 -52.54 -71.06
N GLU A 277 62.96 -52.52 -69.89
CA GLU A 277 61.66 -53.14 -69.67
C GLU A 277 60.62 -52.02 -69.75
N GLU A 278 60.16 -51.75 -70.97
CA GLU A 278 59.14 -50.74 -71.21
C GLU A 278 58.53 -50.98 -72.57
N THR A 279 57.20 -51.05 -72.61
CA THR A 279 56.48 -50.89 -73.86
C THR A 279 56.47 -49.41 -74.20
N ASP A 280 56.84 -49.08 -75.45
CA ASP A 280 56.89 -47.63 -75.80
C ASP A 280 57.86 -47.04 -74.79
N ILE A 281 59.07 -46.70 -75.22
CA ILE A 281 60.06 -46.33 -74.19
C ILE A 281 59.68 -45.22 -73.23
N ARG A 282 59.07 -44.15 -73.72
CA ARG A 282 58.69 -43.04 -72.87
C ARG A 282 57.40 -43.38 -72.11
N ASN A 283 56.91 -42.43 -71.31
CA ASN A 283 55.50 -42.33 -70.94
C ASN A 283 54.92 -43.53 -70.17
N LEU A 284 55.34 -43.70 -68.92
CA LEU A 284 54.66 -44.63 -68.00
C LEU A 284 53.20 -44.24 -67.88
N THR A 285 52.34 -45.16 -68.29
CA THR A 285 50.97 -44.82 -68.63
C THR A 285 50.10 -44.64 -67.40
N LEU A 286 49.45 -43.48 -67.34
CA LEU A 286 48.41 -43.23 -66.35
C LEU A 286 47.14 -43.96 -66.75
N TRP A 287 46.52 -44.63 -65.79
CA TRP A 287 45.50 -45.62 -66.07
C TRP A 287 44.11 -45.07 -65.81
N GLU A 288 43.15 -45.53 -66.60
CA GLU A 288 41.77 -45.07 -66.55
C GLU A 288 40.85 -46.25 -66.31
N ARG A 289 39.81 -46.03 -65.52
CA ARG A 289 38.90 -47.10 -65.15
C ARG A 289 37.55 -46.49 -64.80
N THR A 290 36.62 -46.56 -65.75
CA THR A 290 35.19 -46.43 -65.46
C THR A 290 34.48 -47.76 -65.61
N ASP A 291 35.23 -48.86 -65.71
CA ASP A 291 34.72 -50.15 -66.14
C ASP A 291 33.86 -50.76 -65.05
N GLU A 292 34.45 -51.07 -63.89
CA GLU A 292 33.67 -51.44 -62.72
C GLU A 292 34.46 -51.09 -61.46
N ARG A 293 33.92 -51.51 -60.31
CA ARG A 293 34.41 -51.17 -58.99
C ARG A 293 35.54 -52.07 -58.50
N HIS A 294 36.09 -52.92 -59.35
CA HIS A 294 37.03 -53.93 -58.93
C HIS A 294 38.46 -53.46 -59.20
N THR A 295 39.30 -53.52 -58.17
CA THR A 295 40.72 -53.23 -58.32
C THR A 295 41.39 -54.33 -59.12
N GLY A 296 41.73 -54.03 -60.37
CA GLY A 296 42.49 -54.97 -61.19
C GLY A 296 43.90 -55.10 -60.67
N ARG A 297 44.33 -56.32 -60.40
CA ARG A 297 45.62 -56.57 -59.75
C ARG A 297 46.76 -56.63 -60.76
N VAL A 298 46.79 -55.61 -61.61
CA VAL A 298 47.85 -55.43 -62.60
C VAL A 298 48.82 -54.35 -62.17
N SER A 299 48.44 -53.51 -61.20
CA SER A 299 49.19 -52.35 -60.71
C SER A 299 49.51 -51.40 -61.87
N ASN A 300 48.45 -51.00 -62.56
CA ASN A 300 48.56 -50.15 -63.74
C ASN A 300 48.77 -48.69 -63.43
N HIS A 301 48.84 -48.31 -62.16
CA HIS A 301 49.12 -46.93 -61.81
C HIS A 301 50.55 -46.59 -62.19
N ALA A 302 50.73 -45.41 -62.79
CA ALA A 302 52.03 -45.06 -63.34
C ALA A 302 53.03 -44.73 -62.25
N GLU A 303 52.63 -43.92 -61.27
CA GLU A 303 53.52 -43.53 -60.18
C GLU A 303 53.83 -44.70 -59.27
N LEU A 304 52.93 -45.67 -59.19
CA LEU A 304 53.17 -46.90 -58.45
C LEU A 304 54.35 -47.68 -59.03
N ARG A 305 54.43 -47.77 -60.34
CA ARG A 305 55.42 -48.62 -60.97
C ARG A 305 56.81 -47.98 -61.05
N VAL A 306 56.90 -46.65 -60.90
CA VAL A 306 58.21 -45.99 -60.88
C VAL A 306 59.00 -46.45 -59.66
N LEU A 307 58.30 -46.72 -58.57
CA LEU A 307 58.96 -47.04 -57.31
C LEU A 307 59.59 -48.42 -57.34
N SER A 308 58.94 -49.36 -58.03
CA SER A 308 59.50 -50.70 -58.19
C SER A 308 60.76 -50.68 -59.05
N TYR A 309 60.80 -49.77 -60.04
CA TYR A 309 62.03 -49.54 -60.79
C TYR A 309 63.12 -48.96 -59.89
N PHE A 310 62.74 -48.16 -58.88
CA PHE A 310 63.66 -47.65 -57.90
C PHE A 310 63.99 -48.66 -56.81
N MET A 311 63.18 -49.73 -56.69
CA MET A 311 63.45 -50.82 -55.76
C MET A 311 64.37 -51.88 -56.35
N LEU A 312 64.12 -52.29 -57.59
CA LEU A 312 64.90 -53.36 -58.19
C LEU A 312 66.28 -52.89 -58.65
N THR A 313 66.43 -51.60 -58.92
CA THR A 313 67.73 -51.09 -59.34
C THR A 313 68.71 -51.06 -58.17
N ILE A 314 68.23 -50.59 -57.01
CA ILE A 314 69.11 -50.39 -55.87
C ILE A 314 69.59 -51.70 -55.26
N ASN A 315 68.95 -52.83 -55.59
CA ASN A 315 69.50 -54.12 -55.21
C ASN A 315 70.49 -54.63 -56.25
N TRP A 316 70.16 -54.46 -57.53
CA TRP A 316 70.98 -55.00 -58.61
C TRP A 316 72.31 -54.28 -58.74
N MET A 317 72.34 -52.98 -58.48
CA MET A 317 73.57 -52.20 -58.58
C MET A 317 74.48 -52.36 -57.36
N LEU A 318 74.08 -53.18 -56.40
CA LEU A 318 74.82 -53.39 -55.16
C LEU A 318 75.11 -54.85 -54.87
N SER A 319 74.19 -55.76 -55.23
CA SER A 319 74.43 -57.18 -55.01
C SER A 319 75.36 -57.76 -56.07
N PHE A 320 75.14 -57.43 -57.33
CA PHE A 320 76.02 -57.84 -58.42
C PHE A 320 76.97 -56.70 -58.73
N ASP A 321 77.98 -56.52 -57.89
CA ASP A 321 79.01 -55.52 -58.13
C ASP A 321 80.37 -56.21 -58.12
N ARG A 322 80.75 -56.74 -59.29
CA ARG A 322 82.09 -57.24 -59.51
C ARG A 322 83.10 -56.10 -59.62
N ASP A 323 82.63 -54.90 -59.95
CA ASP A 323 83.48 -53.74 -60.22
C ASP A 323 84.15 -53.18 -58.96
N ARG A 324 83.78 -53.66 -57.77
CA ARG A 324 84.16 -53.22 -56.42
C ARG A 324 84.21 -51.70 -56.27
N GLN A 325 83.24 -51.02 -56.89
CA GLN A 325 83.12 -49.58 -56.80
C GLN A 325 82.22 -49.17 -55.64
N TYR A 326 81.29 -50.04 -55.24
CA TYR A 326 80.39 -49.82 -54.12
C TYR A 326 80.77 -50.76 -53.00
N PRO A 327 81.66 -50.35 -52.10
CA PRO A 327 82.18 -51.27 -51.09
C PRO A 327 81.16 -51.49 -49.98
N LEU A 328 81.40 -52.55 -49.21
CA LEU A 328 80.47 -52.91 -48.14
C LEU A 328 80.54 -51.92 -46.99
N LYS A 329 81.73 -51.42 -46.69
CA LYS A 329 81.90 -50.46 -45.60
C LYS A 329 81.24 -49.13 -45.89
N TRP A 330 81.03 -48.79 -47.16
CA TRP A 330 80.24 -47.62 -47.49
C TRP A 330 78.76 -47.86 -47.29
N ILE A 331 78.30 -49.09 -47.52
CA ILE A 331 76.93 -49.46 -47.19
C ILE A 331 76.73 -49.41 -45.68
N LEU A 332 77.76 -49.84 -44.94
CA LEU A 332 77.82 -49.66 -43.49
C LEU A 332 77.92 -48.21 -43.07
N SER A 333 78.24 -47.29 -43.98
CA SER A 333 78.20 -45.86 -43.68
C SER A 333 77.02 -45.17 -44.37
N LEU A 334 76.17 -45.93 -45.08
CA LEU A 334 74.94 -45.38 -45.65
C LEU A 334 73.76 -45.54 -44.70
N THR A 335 73.41 -46.78 -44.38
CA THR A 335 72.24 -47.06 -43.56
C THR A 335 72.44 -46.57 -42.13
N GLU A 336 73.70 -46.54 -41.67
CA GLU A 336 73.99 -45.91 -40.38
C GLU A 336 73.89 -44.40 -40.44
N SER A 337 74.09 -43.80 -41.60
CA SER A 337 73.89 -42.36 -41.73
C SER A 337 72.49 -42.01 -42.21
N LEU A 338 71.76 -42.97 -42.76
CA LEU A 338 70.38 -42.73 -43.20
C LEU A 338 69.39 -42.96 -42.07
N THR A 339 69.56 -44.01 -41.27
CA THR A 339 68.73 -44.23 -40.10
C THR A 339 69.25 -43.31 -38.99
N GLN A 340 68.87 -42.05 -39.10
CA GLN A 340 69.40 -40.98 -38.27
C GLN A 340 68.45 -39.80 -38.35
N ARG A 341 67.88 -39.40 -37.22
CA ARG A 341 66.84 -38.38 -37.23
C ARG A 341 67.47 -37.00 -37.40
N THR A 342 66.68 -36.07 -37.92
CA THR A 342 67.10 -34.68 -38.04
C THR A 342 65.86 -33.79 -37.98
N THR A 343 66.09 -32.49 -37.83
CA THR A 343 64.99 -31.58 -37.55
C THR A 343 64.77 -30.57 -38.68
N THR A 344 64.99 -30.97 -39.92
CA THR A 344 64.59 -30.10 -41.01
C THR A 344 63.07 -30.20 -41.19
N SER A 345 62.52 -29.20 -41.90
CA SER A 345 61.06 -29.11 -42.00
C SER A 345 60.49 -30.21 -42.89
N GLU A 346 61.29 -30.72 -43.82
CA GLU A 346 60.92 -31.93 -44.53
C GLU A 346 60.87 -33.11 -43.58
N SER A 347 61.86 -33.22 -42.69
CA SER A 347 61.89 -34.32 -41.73
C SER A 347 60.79 -34.15 -40.69
N ILE A 348 60.61 -32.92 -40.19
CA ILE A 348 59.53 -32.62 -39.25
C ILE A 348 58.18 -32.89 -39.90
N GLY A 349 58.02 -32.48 -41.17
CA GLY A 349 56.82 -32.82 -41.91
C GLY A 349 56.69 -34.30 -42.17
N ARG A 350 57.82 -35.00 -42.34
CA ARG A 350 57.76 -36.45 -42.48
C ARG A 350 57.37 -37.11 -41.17
N ASN A 351 57.73 -36.48 -40.05
CA ASN A 351 57.37 -37.02 -38.74
C ASN A 351 55.87 -36.98 -38.51
N ILE A 352 55.19 -36.01 -39.12
CA ILE A 352 53.73 -35.94 -39.02
C ILE A 352 53.11 -37.09 -39.78
N VAL A 353 53.75 -37.51 -40.87
CA VAL A 353 53.17 -38.52 -41.74
C VAL A 353 53.22 -39.89 -41.09
N LYS A 354 54.25 -40.16 -40.29
CA LYS A 354 54.29 -41.39 -39.51
C LYS A 354 53.17 -41.43 -38.49
N VAL A 355 52.75 -40.26 -38.01
CA VAL A 355 51.73 -40.18 -36.96
C VAL A 355 50.37 -40.61 -37.47
N VAL A 356 49.98 -40.12 -38.66
CA VAL A 356 48.59 -40.18 -39.08
C VAL A 356 48.15 -41.61 -39.44
N TYR A 357 49.08 -42.48 -39.86
CA TYR A 357 48.71 -43.80 -40.32
C TYR A 357 48.73 -44.80 -39.16
N PRO A 358 47.59 -45.38 -38.77
CA PRO A 358 47.53 -46.22 -37.57
C PRO A 358 47.64 -47.70 -37.81
N ASP A 359 47.61 -48.15 -39.07
CA ASP A 359 47.47 -49.57 -39.35
C ASP A 359 48.79 -50.32 -39.14
N LYS A 360 49.87 -49.78 -39.68
CA LYS A 360 51.16 -50.44 -39.81
C LYS A 360 52.04 -50.18 -38.60
N PRO A 361 53.04 -51.03 -38.35
CA PRO A 361 54.12 -50.65 -37.43
C PRO A 361 55.06 -49.66 -38.07
N THR A 362 56.08 -49.23 -37.30
CA THR A 362 56.82 -47.99 -37.52
C THR A 362 55.84 -46.83 -37.70
N SER A 363 54.82 -46.83 -36.84
CA SER A 363 53.90 -45.73 -36.64
C SER A 363 53.88 -45.28 -35.20
N SER A 364 54.17 -46.18 -34.27
CA SER A 364 54.50 -45.85 -32.89
C SER A 364 55.99 -45.58 -32.74
N ASP A 365 56.48 -44.71 -33.61
CA ASP A 365 57.88 -44.30 -33.69
C ASP A 365 58.12 -43.04 -32.87
N TYR A 366 57.07 -42.49 -32.28
CA TYR A 366 57.19 -41.25 -31.54
C TYR A 366 57.94 -41.38 -30.22
N PHE A 367 58.17 -42.60 -29.74
CA PHE A 367 58.89 -42.77 -28.48
C PHE A 367 60.34 -42.34 -28.62
N GLN A 368 60.90 -42.46 -29.82
CA GLN A 368 62.29 -42.12 -30.07
C GLN A 368 62.47 -40.66 -30.43
N TRP A 369 61.55 -39.79 -30.03
CA TRP A 369 61.72 -38.40 -30.42
C TRP A 369 62.72 -37.72 -29.50
N SER A 370 63.17 -36.56 -29.93
CA SER A 370 64.38 -35.96 -29.41
C SER A 370 64.08 -34.66 -28.70
N GLU A 371 65.17 -33.95 -28.34
CA GLU A 371 65.07 -32.70 -27.63
C GLU A 371 64.44 -31.61 -28.49
N GLU A 372 64.96 -31.42 -29.69
CA GLU A 372 64.50 -30.32 -30.53
C GLU A 372 63.20 -30.66 -31.25
N GLU A 373 62.95 -31.94 -31.47
CA GLU A 373 61.81 -32.42 -32.26
C GLU A 373 60.47 -32.09 -31.64
N THR A 374 60.37 -32.05 -30.32
CA THR A 374 59.09 -31.85 -29.66
C THR A 374 58.74 -30.36 -29.53
N LEU A 375 59.69 -29.46 -29.80
CA LEU A 375 59.35 -28.04 -29.81
C LEU A 375 58.52 -27.68 -31.03
N GLU A 376 59.04 -27.93 -32.22
CA GLU A 376 58.38 -27.50 -33.44
C GLU A 376 57.17 -28.36 -33.78
N PHE A 377 57.13 -29.60 -33.28
CA PHE A 377 55.92 -30.42 -33.41
C PHE A 377 54.73 -29.76 -32.75
N LEU A 378 54.95 -29.08 -31.64
CA LEU A 378 53.90 -28.32 -30.99
C LEU A 378 53.69 -26.95 -31.63
N LYS A 379 54.73 -26.37 -32.22
CA LYS A 379 54.54 -25.19 -33.03
C LYS A 379 53.82 -25.51 -34.33
N TRP A 380 53.88 -26.77 -34.78
CA TRP A 380 52.96 -27.23 -35.81
C TRP A 380 51.55 -27.38 -35.27
N MET A 381 51.41 -27.85 -34.03
CA MET A 381 50.09 -28.04 -33.42
C MET A 381 49.35 -26.73 -33.23
N GLU A 382 50.06 -25.60 -33.21
CA GLU A 382 49.48 -24.28 -33.39
C GLU A 382 48.72 -24.14 -34.70
N LYS A 383 49.08 -24.90 -35.72
CA LYS A 383 48.46 -24.80 -37.03
C LYS A 383 47.51 -25.97 -37.23
N GLN A 384 47.04 -26.54 -36.13
CA GLN A 384 45.86 -27.40 -36.17
C GLN A 384 44.61 -26.71 -35.61
N PHE A 385 44.78 -25.85 -34.59
CA PHE A 385 43.61 -25.23 -33.98
C PHE A 385 43.06 -24.12 -34.87
N LEU A 386 43.88 -23.57 -35.74
CA LEU A 386 43.32 -22.62 -36.70
C LEU A 386 42.51 -23.37 -37.76
N PRO A 387 42.91 -24.60 -38.21
CA PRO A 387 41.90 -25.47 -38.82
C PRO A 387 40.83 -25.98 -37.87
N THR A 388 41.21 -26.49 -36.70
CA THR A 388 40.21 -27.05 -35.80
C THR A 388 39.86 -26.09 -34.68
N ASP A 405 27.81 -18.91 -20.95
CA ASP A 405 27.06 -20.14 -21.20
C ASP A 405 27.98 -21.32 -21.41
N GLN A 406 28.70 -21.70 -20.33
CA GLN A 406 29.76 -22.72 -20.35
C GLN A 406 30.84 -22.42 -21.40
N LYS A 407 31.16 -21.14 -21.54
CA LYS A 407 32.20 -20.71 -22.47
C LYS A 407 33.17 -19.71 -21.87
N ILE A 408 32.77 -18.91 -20.89
CA ILE A 408 33.73 -18.10 -20.15
C ILE A 408 34.51 -18.94 -19.15
N ALA A 409 34.03 -20.13 -18.82
CA ALA A 409 34.83 -21.09 -18.06
C ALA A 409 36.02 -21.54 -18.88
N ARG A 410 35.80 -21.82 -20.16
CA ARG A 410 36.91 -22.14 -21.05
C ARG A 410 37.83 -20.95 -21.24
N ARG A 411 37.30 -19.74 -21.23
CA ARG A 411 38.15 -18.55 -21.23
C ARG A 411 38.96 -18.46 -19.96
N LYS A 412 38.40 -18.91 -18.84
CA LYS A 412 39.09 -18.89 -17.57
C LYS A 412 40.17 -19.96 -17.52
N LEU A 413 39.99 -21.02 -18.32
CA LEU A 413 40.96 -22.11 -18.38
C LEU A 413 42.27 -21.64 -19.00
N TYR A 414 42.20 -20.85 -20.06
CA TYR A 414 43.41 -20.46 -20.78
C TYR A 414 44.02 -19.18 -20.23
N LYS A 415 43.52 -18.67 -19.12
CA LYS A 415 44.24 -17.64 -18.41
C LYS A 415 45.35 -18.22 -17.56
N ILE A 416 45.24 -19.51 -17.21
CA ILE A 416 46.29 -20.19 -16.47
C ILE A 416 47.15 -21.08 -17.36
N PHE A 417 46.71 -21.38 -18.58
CA PHE A 417 47.56 -22.01 -19.60
C PHE A 417 47.72 -21.08 -20.80
N PRO A 418 48.53 -20.03 -20.70
CA PRO A 418 48.83 -19.26 -21.90
C PRO A 418 49.66 -20.10 -22.84
N LEU A 419 49.34 -20.01 -24.13
CA LEU A 419 49.94 -20.93 -25.10
C LEU A 419 51.41 -20.64 -25.29
N ASP A 420 51.82 -19.39 -25.18
CA ASP A 420 53.24 -19.06 -25.20
C ASP A 420 53.89 -19.49 -23.88
N ARG A 421 55.21 -19.48 -23.86
CA ARG A 421 55.91 -19.76 -22.63
C ARG A 421 55.78 -18.55 -21.70
N GLU A 422 55.78 -18.82 -20.39
CA GLU A 422 55.56 -17.79 -19.40
C GLU A 422 56.66 -16.74 -19.40
N ALA A 423 57.87 -17.11 -19.78
CA ALA A 423 58.99 -16.20 -20.00
C ALA A 423 60.03 -16.93 -20.82
N ASN A 424 60.91 -16.16 -21.47
CA ASN A 424 61.96 -16.64 -22.36
C ASN A 424 61.38 -17.50 -23.49
N HIS A 425 60.54 -16.87 -24.30
CA HIS A 425 60.04 -17.50 -25.51
C HIS A 425 60.91 -17.09 -26.70
N ASP A 426 60.62 -17.70 -27.85
CA ASP A 426 61.48 -17.58 -29.03
C ASP A 426 61.01 -16.47 -29.97
N GLY A 427 60.52 -15.38 -29.42
CA GLY A 427 59.85 -14.39 -30.24
C GLY A 427 60.73 -13.45 -31.04
N GLU A 428 61.47 -12.57 -30.37
CA GLU A 428 62.15 -11.49 -31.08
C GLU A 428 63.66 -11.51 -30.98
N PHE A 429 64.23 -11.49 -29.76
CA PHE A 429 65.67 -11.65 -29.59
C PHE A 429 65.90 -13.15 -29.41
N ASN A 430 66.10 -13.85 -30.51
CA ASN A 430 65.90 -15.30 -30.50
C ASN A 430 67.18 -16.09 -30.72
N ASP A 431 67.85 -15.93 -31.85
CA ASP A 431 68.87 -16.89 -32.26
C ASP A 431 69.73 -16.34 -33.39
N SER A 432 70.61 -17.20 -33.91
CA SER A 432 71.11 -17.08 -35.27
C SER A 432 70.25 -17.90 -36.21
N THR A 433 70.28 -19.23 -36.05
CA THR A 433 69.41 -20.17 -36.75
C THR A 433 69.07 -21.31 -35.79
N HIS A 434 67.79 -21.47 -35.48
CA HIS A 434 67.36 -22.69 -34.81
C HIS A 434 67.42 -23.88 -35.75
N GLN A 435 66.81 -23.75 -36.92
CA GLN A 435 66.55 -24.85 -37.82
C GLN A 435 67.21 -24.58 -39.15
N LEU A 436 67.91 -25.59 -39.66
CA LEU A 436 68.66 -25.49 -40.90
C LEU A 436 67.85 -26.06 -42.07
N THR A 437 68.28 -25.71 -43.27
CA THR A 437 67.50 -25.95 -44.47
C THR A 437 67.87 -27.27 -45.13
N PHE A 438 67.06 -27.66 -46.11
CA PHE A 438 67.16 -28.98 -46.73
C PHE A 438 68.37 -29.10 -47.65
N ILE A 439 68.99 -27.98 -48.02
CA ILE A 439 70.27 -28.03 -48.73
C ILE A 439 71.46 -28.09 -47.80
N GLU A 440 71.23 -28.14 -46.49
CA GLU A 440 72.33 -28.07 -45.53
C GLU A 440 72.45 -29.29 -44.65
N ASP A 441 71.35 -30.05 -44.44
CA ASP A 441 71.47 -31.33 -43.76
C ASP A 441 72.19 -32.34 -44.63
N LEU A 442 71.97 -32.26 -45.95
CA LEU A 442 72.67 -33.13 -46.89
C LEU A 442 74.16 -32.81 -46.94
N GLN A 443 74.53 -31.55 -46.68
CA GLN A 443 75.92 -31.17 -46.53
C GLN A 443 76.55 -31.72 -45.25
N GLU A 444 75.74 -32.28 -44.34
CA GLU A 444 76.23 -33.12 -43.26
C GLU A 444 76.06 -34.60 -43.55
N ARG A 445 75.11 -34.96 -44.40
CA ARG A 445 74.94 -36.36 -44.78
C ARG A 445 75.96 -36.79 -45.82
N TYR A 446 76.12 -35.99 -46.88
CA TYR A 446 77.09 -36.33 -47.92
C TYR A 446 78.52 -36.14 -47.44
N ALA A 447 78.75 -35.23 -46.49
CA ALA A 447 80.07 -35.05 -45.88
C ALA A 447 80.28 -35.95 -44.67
N LYS A 448 79.58 -37.08 -44.61
CA LYS A 448 79.74 -38.06 -43.54
C LYS A 448 80.22 -39.41 -44.04
N GLN A 449 79.62 -39.91 -45.11
CA GLN A 449 79.93 -41.23 -45.65
C GLN A 449 81.01 -41.20 -46.73
N THR A 450 82.14 -40.60 -46.37
CA THR A 450 83.31 -40.47 -47.25
C THR A 450 84.07 -41.73 -47.71
N PRO A 451 84.07 -42.90 -47.05
CA PRO A 451 84.82 -44.03 -47.64
C PRO A 451 84.09 -44.58 -48.86
N PHE A 452 84.74 -44.46 -50.02
CA PHE A 452 84.17 -44.85 -51.30
C PHE A 452 85.04 -45.84 -52.06
N PHE A 453 86.36 -45.73 -51.98
CA PHE A 453 87.25 -46.62 -52.69
C PHE A 453 87.70 -47.76 -51.78
N PRO A 469 78.95 -63.53 -51.04
CA PRO A 469 79.15 -63.11 -49.65
C PRO A 469 77.86 -63.13 -48.84
N PRO A 470 77.89 -63.78 -47.68
CA PRO A 470 76.66 -63.87 -46.87
C PRO A 470 76.34 -62.59 -46.12
N ALA A 471 77.35 -61.86 -45.65
CA ALA A 471 77.15 -60.68 -44.82
C ALA A 471 77.19 -59.39 -45.62
N ARG A 472 77.52 -59.44 -46.91
CA ARG A 472 77.36 -58.26 -47.74
C ARG A 472 75.90 -58.01 -48.04
N LYS A 473 75.20 -59.04 -48.54
CA LYS A 473 73.79 -58.94 -48.88
C LYS A 473 72.89 -58.71 -47.68
N GLU A 474 73.36 -59.05 -46.47
CA GLU A 474 72.58 -58.74 -45.28
C GLU A 474 72.65 -57.26 -44.95
N ALA A 475 73.83 -56.65 -45.12
CA ALA A 475 73.95 -55.20 -45.01
C ALA A 475 73.26 -54.48 -46.14
N ILE A 476 73.01 -55.16 -47.26
CA ILE A 476 72.08 -54.63 -48.25
C ILE A 476 70.65 -54.80 -47.76
N GLY A 477 70.37 -55.90 -47.05
CA GLY A 477 69.05 -56.15 -46.51
C GLY A 477 68.63 -55.20 -45.41
N ARG A 478 69.61 -54.56 -44.75
CA ARG A 478 69.31 -53.46 -43.83
C ARG A 478 68.57 -52.35 -44.56
N LEU A 479 69.04 -51.99 -45.75
CA LEU A 479 68.38 -50.98 -46.55
C LEU A 479 67.07 -51.50 -47.13
N LEU A 480 66.96 -52.83 -47.32
CA LEU A 480 65.77 -53.40 -47.96
C LEU A 480 64.52 -53.23 -47.12
N THR A 481 64.63 -53.36 -45.81
CA THR A 481 63.51 -52.98 -44.95
C THR A 481 63.40 -51.48 -44.87
N HIS A 482 64.54 -50.80 -44.74
CA HIS A 482 64.55 -49.39 -44.36
C HIS A 482 64.06 -48.49 -45.49
N ILE A 483 64.57 -48.66 -46.70
CA ILE A 483 64.17 -47.74 -47.75
C ILE A 483 62.81 -48.14 -48.32
N ALA A 484 62.39 -49.39 -48.18
CA ALA A 484 61.09 -49.80 -48.69
C ALA A 484 59.98 -49.66 -47.68
N SER A 485 60.30 -49.27 -46.44
CA SER A 485 59.26 -48.84 -45.51
C SER A 485 59.17 -47.32 -45.47
N GLN A 486 60.31 -46.64 -45.59
CA GLN A 486 60.32 -45.20 -45.79
C GLN A 486 59.59 -44.81 -47.06
N LEU A 487 59.75 -45.60 -48.13
CA LEU A 487 58.92 -45.46 -49.31
C LEU A 487 57.46 -45.72 -48.99
N LEU A 488 57.21 -46.71 -48.13
CA LEU A 488 55.86 -47.22 -47.91
C LEU A 488 54.99 -46.23 -47.18
N VAL A 489 55.59 -45.34 -46.38
CA VAL A 489 54.84 -44.31 -45.69
C VAL A 489 54.65 -43.07 -46.57
N ASP A 490 55.49 -42.87 -47.58
CA ASP A 490 55.46 -41.63 -48.34
C ASP A 490 54.33 -41.59 -49.36
N PHE A 491 53.68 -42.73 -49.63
CA PHE A 491 52.74 -42.83 -50.73
C PHE A 491 51.43 -43.55 -50.37
N ALA A 492 51.24 -43.87 -49.09
CA ALA A 492 49.97 -44.37 -48.53
C ALA A 492 49.53 -45.68 -49.18
N ILE A 493 50.39 -46.70 -49.09
CA ILE A 493 50.09 -48.06 -49.50
C ILE A 493 50.63 -49.02 -48.45
N SER A 494 50.10 -50.24 -48.45
CA SER A 494 50.54 -51.27 -47.52
C SER A 494 51.68 -52.07 -48.14
N LYS A 495 52.25 -52.99 -47.35
CA LYS A 495 53.33 -53.83 -47.85
C LYS A 495 52.81 -54.83 -48.88
N GLU A 496 51.55 -55.27 -48.75
CA GLU A 496 50.97 -56.12 -49.77
C GLU A 496 50.74 -55.38 -51.08
N GLN A 497 50.52 -54.07 -51.01
CA GLN A 497 50.37 -53.26 -52.21
C GLN A 497 51.70 -53.08 -52.94
N LEU A 498 52.82 -53.09 -52.21
CA LEU A 498 54.14 -53.12 -52.84
C LEU A 498 54.59 -54.55 -53.12
N LYS A 499 53.94 -55.54 -52.49
CA LYS A 499 54.19 -56.93 -52.86
C LYS A 499 53.69 -57.23 -54.27
N ASP A 500 52.58 -56.60 -54.68
CA ASP A 500 52.10 -56.76 -56.04
C ASP A 500 53.02 -56.05 -57.03
N CYS A 501 53.64 -54.95 -56.59
CA CYS A 501 54.40 -54.10 -57.49
C CYS A 501 55.82 -54.62 -57.73
N ILE A 502 56.30 -55.53 -56.90
CA ILE A 502 57.58 -56.16 -57.20
C ILE A 502 57.38 -57.49 -57.94
N SER A 503 56.33 -58.24 -57.60
CA SER A 503 56.05 -59.53 -58.24
C SER A 503 55.43 -59.40 -59.63
N ARG A 504 55.15 -58.19 -60.09
CA ARG A 504 54.67 -57.97 -61.44
C ARG A 504 55.60 -57.08 -62.25
N ILE A 505 56.71 -56.65 -61.66
CA ILE A 505 57.79 -56.01 -62.39
C ILE A 505 58.96 -56.97 -62.57
N LYS A 506 59.34 -57.67 -61.50
CA LYS A 506 60.44 -58.62 -61.59
C LYS A 506 60.04 -59.85 -62.40
N ASN A 507 58.82 -60.34 -62.22
CA ASN A 507 58.33 -61.46 -63.01
C ASN A 507 57.90 -61.06 -64.41
N ALA A 508 57.86 -59.77 -64.71
CA ALA A 508 57.63 -59.30 -66.08
C ALA A 508 58.89 -58.81 -66.76
N CYS A 509 59.92 -58.42 -66.00
CA CYS A 509 61.21 -58.14 -66.61
C CYS A 509 61.92 -59.42 -67.03
N LEU A 510 61.69 -60.52 -66.30
CA LEU A 510 62.30 -61.78 -66.66
C LEU A 510 61.64 -62.39 -67.90
N HIS A 511 60.30 -62.34 -67.97
CA HIS A 511 59.59 -62.99 -69.07
C HIS A 511 59.86 -62.33 -70.41
N ARG A 512 60.14 -61.02 -70.41
CA ARG A 512 60.46 -60.35 -71.67
C ARG A 512 61.81 -60.80 -72.21
N MET A 513 62.83 -60.85 -71.35
CA MET A 513 64.13 -61.29 -71.79
C MET A 513 64.26 -62.80 -71.83
N ASN A 514 63.50 -63.52 -71.01
CA ASN A 514 63.50 -64.98 -71.05
C ASN A 514 62.14 -65.50 -71.54
N SER B 8 33.31 -20.06 73.41
CA SER B 8 32.73 -21.26 74.00
C SER B 8 33.12 -22.48 73.18
N GLU B 9 34.41 -22.57 72.86
CA GLU B 9 34.90 -23.53 71.88
C GLU B 9 34.82 -24.96 72.40
N ILE B 10 34.63 -25.89 71.47
CA ILE B 10 34.47 -27.32 71.76
C ILE B 10 35.37 -28.09 70.82
N GLU B 11 36.15 -29.01 71.35
CA GLU B 11 37.27 -29.59 70.61
C GLU B 11 36.92 -30.95 70.03
N ILE B 12 37.95 -31.65 69.53
CA ILE B 12 37.81 -32.84 68.72
C ILE B 12 38.41 -34.02 69.48
N GLU B 13 37.63 -35.08 69.64
CA GLU B 13 38.12 -36.32 70.25
C GLU B 13 38.54 -37.36 69.21
N SER B 14 37.82 -37.48 68.09
CA SER B 14 38.24 -38.37 67.02
C SER B 14 37.65 -37.86 65.70
N VAL B 15 38.36 -38.15 64.62
CA VAL B 15 37.93 -37.80 63.26
C VAL B 15 37.72 -39.11 62.51
N GLN B 16 36.47 -39.49 62.29
CA GLN B 16 36.12 -40.68 61.53
C GLN B 16 36.02 -40.33 60.06
N ASP B 17 36.38 -41.29 59.21
CA ASP B 17 36.10 -41.17 57.78
C ASP B 17 35.41 -42.40 57.22
N GLN B 18 35.49 -43.54 57.89
CA GLN B 18 34.89 -44.77 57.42
C GLN B 18 33.39 -44.73 57.64
N PRO B 19 32.63 -45.62 56.97
CA PRO B 19 31.19 -45.70 57.26
C PRO B 19 30.90 -46.19 58.67
N SER B 20 30.42 -45.27 59.51
CA SER B 20 30.00 -45.55 60.88
C SER B 20 28.54 -45.25 61.10
N VAL B 21 28.12 -44.03 60.78
CA VAL B 21 26.74 -43.57 60.90
C VAL B 21 26.29 -43.08 59.53
N ALA B 22 25.08 -43.47 59.13
CA ALA B 22 24.42 -42.91 57.97
C ALA B 22 23.11 -42.28 58.41
N VAL B 23 22.62 -41.33 57.63
CA VAL B 23 21.45 -40.55 58.01
C VAL B 23 20.31 -40.93 57.08
N GLY B 24 19.35 -41.69 57.62
CA GLY B 24 18.12 -41.91 56.90
C GLY B 24 17.20 -40.70 57.01
N SER B 25 16.35 -40.52 56.00
CA SER B 25 15.50 -39.34 55.95
C SER B 25 14.21 -39.73 55.23
N PHE B 26 13.14 -39.87 56.01
CA PHE B 26 11.83 -40.22 55.51
C PHE B 26 10.87 -39.05 55.68
N PHE B 27 9.60 -39.29 55.41
CA PHE B 27 8.55 -38.34 55.76
C PHE B 27 8.49 -38.17 57.28
N LYS B 28 8.03 -36.99 57.70
CA LYS B 28 8.03 -36.62 59.10
C LYS B 28 7.03 -37.47 59.87
N GLY B 29 7.44 -37.97 61.03
CA GLY B 29 6.58 -38.84 61.80
C GLY B 29 6.68 -40.29 61.33
N PHE B 30 7.91 -40.81 61.33
CA PHE B 30 8.18 -42.15 60.85
C PHE B 30 8.65 -43.03 62.00
N ARG B 31 8.09 -44.24 62.10
CA ARG B 31 8.40 -45.12 63.22
C ARG B 31 9.81 -45.64 63.15
N ALA B 32 10.20 -46.18 61.97
CA ALA B 32 11.38 -47.01 61.74
C ALA B 32 11.41 -48.17 62.74
N PRO B 33 10.57 -49.21 62.54
CA PRO B 33 10.54 -50.34 63.47
C PRO B 33 11.87 -51.09 63.49
N SER B 34 12.56 -51.06 64.63
CA SER B 34 13.97 -51.47 64.71
C SER B 34 14.18 -52.97 64.52
N ASP B 35 13.12 -53.78 64.58
CA ASP B 35 13.23 -55.20 64.27
C ASP B 35 13.40 -55.37 62.76
N THR B 36 14.61 -55.08 62.26
CA THR B 36 14.78 -54.88 60.82
C THR B 36 16.25 -54.95 60.45
N THR B 37 16.51 -54.96 59.14
CA THR B 37 17.85 -54.92 58.56
C THR B 37 17.85 -53.97 57.37
N PHE B 38 18.81 -53.05 57.34
CA PHE B 38 18.93 -52.04 56.28
C PHE B 38 20.30 -52.16 55.63
N ASP B 39 20.34 -52.46 54.32
CA ASP B 39 21.61 -52.49 53.61
C ASP B 39 22.14 -51.07 53.44
N LEU B 40 23.43 -50.96 53.11
CA LEU B 40 23.99 -49.65 52.79
C LEU B 40 25.02 -49.85 51.68
N TYR B 41 24.63 -49.52 50.45
CA TYR B 41 25.47 -49.73 49.28
C TYR B 41 26.31 -48.48 49.04
N LYS B 42 27.25 -48.60 48.11
CA LYS B 42 28.30 -47.59 47.99
C LYS B 42 28.98 -47.73 46.64
N LYS B 43 28.94 -46.70 45.81
CA LYS B 43 29.66 -46.76 44.55
C LYS B 43 31.13 -46.47 44.80
N LYS B 44 31.98 -47.44 44.46
CA LYS B 44 33.41 -47.36 44.74
C LYS B 44 34.12 -46.45 43.75
N LYS B 45 34.11 -45.14 43.98
CA LYS B 45 34.80 -44.24 43.07
C LYS B 45 35.55 -43.11 43.74
N SER B 46 35.60 -43.06 45.08
CA SER B 46 36.52 -42.23 45.86
C SER B 46 36.29 -40.72 45.66
N GLU B 47 35.02 -40.34 45.67
CA GLU B 47 34.61 -38.96 45.95
C GLU B 47 33.40 -39.14 46.87
N LYS B 48 32.55 -38.11 46.97
CA LYS B 48 31.39 -38.21 47.85
C LYS B 48 30.47 -39.35 47.43
N ASP B 49 30.48 -40.40 48.25
CA ASP B 49 30.06 -41.72 47.82
C ASP B 49 28.54 -41.80 47.75
N GLU B 50 28.04 -42.26 46.61
CA GLU B 50 26.61 -42.33 46.35
C GLU B 50 26.07 -43.52 47.12
N PHE B 51 25.75 -43.29 48.39
CA PHE B 51 25.19 -44.35 49.22
C PHE B 51 23.76 -44.64 48.80
N VAL B 52 23.45 -45.93 48.63
CA VAL B 52 22.12 -46.36 48.23
C VAL B 52 21.57 -47.24 49.35
N LEU B 53 20.69 -46.68 50.16
CA LEU B 53 20.05 -47.42 51.23
C LEU B 53 19.04 -48.41 50.67
N HIS B 54 18.94 -49.57 51.31
CA HIS B 54 17.88 -50.52 51.02
C HIS B 54 17.53 -51.28 52.28
N GLY B 55 16.24 -51.54 52.46
CA GLY B 55 15.78 -52.33 53.59
C GLY B 55 14.46 -52.98 53.22
N GLU B 56 14.20 -54.12 53.85
CA GLU B 56 13.01 -54.88 53.52
C GLU B 56 12.67 -55.80 54.67
N ASN B 57 11.38 -55.85 55.01
CA ASN B 57 10.86 -56.91 55.86
C ASN B 57 9.69 -57.58 55.15
N GLU B 58 8.90 -58.35 55.89
CA GLU B 58 7.80 -59.11 55.30
C GLU B 58 6.71 -58.21 54.72
N ARG B 59 6.61 -56.96 55.17
CA ARG B 59 5.56 -56.05 54.74
C ARG B 59 6.07 -54.81 54.05
N LEU B 60 7.18 -54.23 54.51
CA LEU B 60 7.80 -53.07 53.89
C LEU B 60 8.97 -53.51 53.03
N GLU B 61 9.36 -52.61 52.14
CA GLU B 61 10.46 -52.81 51.20
C GLU B 61 10.76 -51.47 50.59
N TYR B 62 12.00 -50.98 50.65
CA TYR B 62 12.26 -49.68 50.04
C TYR B 62 13.71 -49.48 49.67
N GLU B 63 13.91 -48.71 48.62
CA GLU B 63 15.21 -48.19 48.22
C GLU B 63 15.46 -46.86 48.92
N GLY B 64 16.46 -46.13 48.44
CA GLY B 64 16.73 -44.79 48.90
C GLY B 64 18.18 -44.46 48.62
N TYR B 65 18.47 -43.25 48.15
CA TYR B 65 19.83 -42.96 47.76
C TYR B 65 20.10 -41.48 47.90
N THR B 66 21.37 -41.17 48.19
CA THR B 66 21.79 -39.78 48.28
C THR B 66 21.71 -39.13 46.91
N ASP B 67 21.37 -37.86 46.89
CA ASP B 67 21.22 -37.14 45.64
C ASP B 67 22.60 -36.74 45.10
N SER B 68 22.85 -37.11 43.85
CA SER B 68 24.13 -36.86 43.20
C SER B 68 24.32 -35.42 42.78
N SER B 69 23.26 -34.60 42.77
CA SER B 69 23.43 -33.17 42.55
C SER B 69 23.62 -32.41 43.85
N SER B 70 23.40 -33.07 44.98
CA SER B 70 23.42 -32.45 46.29
C SER B 70 24.79 -32.53 46.95
N GLN B 71 25.35 -33.74 47.04
CA GLN B 71 26.56 -34.02 47.81
C GLN B 71 27.81 -33.45 47.21
N ALA B 72 27.76 -32.77 46.07
CA ALA B 72 28.97 -32.20 45.49
C ALA B 72 29.50 -31.00 46.28
N SER B 73 28.70 -30.43 47.18
CA SER B 73 29.15 -29.25 47.90
C SER B 73 28.85 -29.27 49.39
N ASN B 74 28.07 -30.21 49.90
CA ASN B 74 27.58 -30.14 51.27
C ASN B 74 27.90 -31.45 51.98
N GLN B 75 28.98 -31.46 52.76
CA GLN B 75 29.35 -32.61 53.56
C GLN B 75 28.85 -32.42 54.99
N TYR B 76 28.34 -33.49 55.57
CA TYR B 76 27.85 -33.44 56.94
C TYR B 76 28.72 -34.33 57.82
N VAL B 77 28.77 -33.98 59.10
CA VAL B 77 29.46 -34.76 60.11
C VAL B 77 28.57 -34.86 61.33
N VAL B 78 28.19 -36.09 61.70
CA VAL B 78 27.49 -36.31 62.96
C VAL B 78 28.51 -36.22 64.09
N GLY B 79 28.23 -35.38 65.07
CA GLY B 79 29.09 -35.25 66.23
C GLY B 79 28.52 -35.93 67.46
N LEU B 80 29.37 -36.05 68.49
CA LEU B 80 28.98 -36.71 69.73
C LEU B 80 29.59 -35.92 70.89
N PHE B 81 28.78 -35.09 71.54
CA PHE B 81 29.24 -34.18 72.58
C PHE B 81 29.03 -34.80 73.95
N ASN B 82 30.12 -34.95 74.70
CA ASN B 82 30.04 -35.27 76.11
C ASN B 82 29.92 -33.97 76.90
N PRO B 83 28.87 -33.79 77.70
CA PRO B 83 28.80 -32.59 78.55
C PRO B 83 29.80 -32.58 79.69
N GLU B 84 30.50 -33.68 79.95
CA GLU B 84 31.54 -33.71 80.97
C GLU B 84 32.85 -33.17 80.42
N LYS B 85 33.26 -33.66 79.24
CA LYS B 85 34.60 -33.39 78.73
C LYS B 85 34.72 -32.08 77.99
N LYS B 86 33.60 -31.55 77.47
CA LYS B 86 33.53 -30.34 76.64
C LYS B 86 34.40 -30.51 75.38
N SER B 87 34.10 -31.58 74.63
CA SER B 87 34.77 -31.93 73.39
C SER B 87 33.94 -32.99 72.67
N ILE B 88 33.90 -32.92 71.34
CA ILE B 88 33.13 -33.87 70.54
C ILE B 88 34.08 -34.79 69.78
N GLN B 89 33.50 -35.79 69.12
CA GLN B 89 34.21 -36.65 68.21
C GLN B 89 33.42 -36.78 66.91
N LEU B 90 34.12 -36.71 65.79
CA LEU B 90 33.51 -36.51 64.49
C LEU B 90 33.18 -37.86 63.84
N TYR B 91 32.05 -37.91 63.13
CA TYR B 91 31.63 -39.11 62.41
C TYR B 91 30.93 -38.66 61.13
N LYS B 92 31.50 -38.99 59.98
CA LYS B 92 30.95 -38.50 58.72
C LYS B 92 29.72 -39.29 58.31
N ALA B 93 28.74 -38.59 57.72
CA ALA B 93 27.47 -39.15 57.27
C ALA B 93 26.87 -38.29 56.16
N PRO B 94 26.79 -38.80 54.93
CA PRO B 94 25.95 -38.12 53.93
C PRO B 94 24.53 -38.67 53.96
N VAL B 95 23.54 -37.84 53.65
CA VAL B 95 22.16 -38.10 54.05
C VAL B 95 21.43 -38.85 52.96
N LEU B 96 20.84 -39.99 53.36
CA LEU B 96 20.05 -40.86 52.50
C LEU B 96 18.63 -40.34 52.43
N VAL B 97 18.30 -39.61 51.37
CA VAL B 97 16.93 -39.15 51.15
C VAL B 97 16.16 -40.35 50.59
N SER B 98 15.44 -41.03 51.45
CA SER B 98 14.78 -42.27 51.07
C SER B 98 13.28 -42.09 51.11
N LYS B 99 12.57 -43.14 50.71
CA LYS B 99 11.11 -43.14 50.72
C LYS B 99 10.62 -44.58 50.76
N VAL B 100 9.64 -44.84 51.61
CA VAL B 100 9.13 -46.19 51.77
C VAL B 100 8.14 -46.47 50.65
N VAL B 101 8.24 -47.64 50.02
CA VAL B 101 7.16 -48.13 49.19
C VAL B 101 6.61 -49.37 49.89
N SER B 102 5.41 -49.77 49.49
CA SER B 102 4.79 -50.92 50.11
C SER B 102 5.09 -52.17 49.29
N LYS B 103 4.77 -53.32 49.87
CA LYS B 103 4.81 -54.58 49.14
C LYS B 103 3.45 -54.98 48.62
N SER B 104 2.41 -54.21 48.91
CA SER B 104 1.09 -54.52 48.40
C SER B 104 0.71 -53.68 47.18
N SER B 105 1.38 -52.55 46.96
CA SER B 105 1.08 -51.70 45.81
C SER B 105 2.23 -51.81 44.81
N LYS B 106 2.15 -52.84 43.96
CA LYS B 106 2.95 -53.00 42.75
C LYS B 106 2.08 -53.55 41.63
N ASN B 107 0.77 -53.28 41.70
CA ASN B 107 -0.23 -53.85 40.80
C ASN B 107 -0.25 -53.06 39.49
N LEU B 108 -0.91 -53.64 38.48
CA LEU B 108 -0.86 -53.15 37.12
C LEU B 108 -2.13 -53.57 36.39
N ARG B 109 -2.41 -52.88 35.28
CA ARG B 109 -3.49 -53.25 34.37
C ARG B 109 -2.89 -53.38 32.97
N GLY B 110 -3.73 -53.67 31.97
CA GLY B 110 -3.31 -53.87 30.60
C GLY B 110 -2.64 -52.66 29.99
N PRO B 111 -1.80 -52.86 28.97
CA PRO B 111 -0.92 -51.78 28.52
C PRO B 111 -1.66 -50.67 27.78
N LYS B 112 -2.64 -51.02 26.96
CA LYS B 112 -3.36 -49.99 26.22
C LYS B 112 -4.86 -50.12 26.39
N ILE B 113 -5.61 -49.39 25.56
CA ILE B 113 -7.06 -49.31 25.71
C ILE B 113 -7.74 -50.64 25.37
N LYS B 114 -7.15 -51.40 24.44
CA LYS B 114 -7.56 -52.76 24.04
C LYS B 114 -9.02 -52.88 23.63
N ILE C 3 -32.63 23.61 -16.92
CA ILE C 3 -33.89 24.30 -16.67
C ILE C 3 -34.62 24.56 -17.97
N SER C 4 -33.93 24.37 -19.08
CA SER C 4 -34.57 24.36 -20.39
C SER C 4 -35.02 22.97 -20.80
N LYS C 5 -34.86 21.98 -19.93
CA LYS C 5 -35.48 20.68 -20.10
C LYS C 5 -36.48 20.48 -18.97
N PRO C 6 -37.66 21.08 -19.06
CA PRO C 6 -38.57 21.08 -17.92
C PRO C 6 -39.26 19.74 -17.74
N VAL C 7 -39.87 19.59 -16.59
CA VAL C 7 -40.50 18.34 -16.16
C VAL C 7 -41.99 18.61 -16.05
N GLY C 8 -42.79 17.71 -16.58
CA GLY C 8 -44.21 17.94 -16.64
C GLY C 8 -44.88 17.43 -15.38
N SER C 9 -45.47 16.25 -15.48
CA SER C 9 -46.11 15.61 -14.33
C SER C 9 -45.07 15.24 -13.26
N GLU C 10 -45.57 14.89 -12.08
CA GLU C 10 -44.70 14.59 -10.95
C GLU C 10 -45.32 13.54 -10.05
N ILE C 11 -44.49 12.96 -9.18
CA ILE C 11 -44.88 11.87 -8.30
C ILE C 11 -45.17 12.43 -6.93
N THR C 12 -46.20 11.91 -6.25
CA THR C 12 -46.49 12.32 -4.88
C THR C 12 -46.55 11.20 -3.87
N SER C 13 -46.93 9.98 -4.25
CA SER C 13 -47.10 8.93 -3.26
C SER C 13 -46.68 7.60 -3.85
N VAL C 14 -46.38 6.66 -2.97
CA VAL C 14 -45.91 5.33 -3.31
C VAL C 14 -46.89 4.32 -2.70
N ASP C 15 -47.19 3.26 -3.43
CA ASP C 15 -47.91 2.16 -2.82
C ASP C 15 -46.99 0.97 -2.65
N PHE C 16 -47.45 -0.01 -1.90
CA PHE C 16 -46.77 -1.29 -1.79
C PHE C 16 -47.74 -2.42 -2.06
N GLY C 17 -47.31 -3.64 -1.80
CA GLY C 17 -48.03 -4.83 -2.20
C GLY C 17 -47.17 -5.74 -3.07
N ILE C 18 -47.67 -6.95 -3.24
CA ILE C 18 -46.91 -8.02 -3.88
C ILE C 18 -47.51 -8.29 -5.25
N LEU C 19 -46.63 -8.40 -6.25
CA LEU C 19 -47.04 -8.71 -7.61
C LEU C 19 -47.67 -10.10 -7.70
N THR C 20 -48.59 -10.25 -8.64
CA THR C 20 -49.24 -11.53 -8.85
C THR C 20 -48.29 -12.49 -9.55
N ALA C 21 -48.68 -13.76 -9.58
CA ALA C 21 -48.05 -14.70 -10.49
C ALA C 21 -48.44 -14.38 -11.92
N LYS C 22 -49.64 -13.85 -12.12
CA LYS C 22 -50.11 -13.53 -13.47
C LYS C 22 -49.37 -12.34 -14.05
N GLU C 23 -49.42 -11.19 -13.38
CA GLU C 23 -48.73 -10.03 -13.93
C GLU C 23 -47.31 -10.03 -13.41
N ILE C 24 -46.50 -10.95 -13.94
CA ILE C 24 -45.06 -10.81 -14.12
C ILE C 24 -44.89 -11.27 -15.56
N ARG C 25 -45.84 -12.10 -15.99
CA ARG C 25 -45.91 -12.67 -17.32
C ARG C 25 -46.53 -11.68 -18.30
N ASN C 26 -47.51 -10.92 -17.83
CA ASN C 26 -48.12 -9.87 -18.64
C ASN C 26 -47.09 -8.79 -18.96
N LEU C 27 -46.20 -8.49 -18.02
CA LEU C 27 -45.15 -7.52 -18.30
C LEU C 27 -43.95 -8.11 -19.00
N SER C 28 -43.65 -9.40 -18.81
CA SER C 28 -42.43 -9.93 -19.42
C SER C 28 -42.51 -11.39 -19.78
N ALA C 29 -42.74 -11.68 -21.06
CA ALA C 29 -42.70 -13.04 -21.59
C ALA C 29 -41.38 -13.28 -22.35
N LYS C 30 -40.28 -13.22 -21.62
CA LYS C 30 -38.96 -13.46 -22.18
C LYS C 30 -38.23 -14.26 -21.13
N GLN C 31 -38.71 -15.47 -20.88
CA GLN C 31 -38.12 -16.30 -19.84
C GLN C 31 -36.84 -16.98 -20.33
N ILE C 32 -36.07 -17.45 -19.35
CA ILE C 32 -34.67 -17.80 -19.54
C ILE C 32 -34.49 -19.26 -19.15
N THR C 33 -33.84 -20.05 -20.03
CA THR C 33 -33.57 -21.45 -19.77
C THR C 33 -32.11 -21.84 -19.86
N ASN C 34 -31.25 -21.02 -20.44
CA ASN C 34 -29.84 -21.37 -20.59
C ASN C 34 -29.04 -20.76 -19.46
N PRO C 35 -28.41 -21.55 -18.60
CA PRO C 35 -27.56 -20.97 -17.55
C PRO C 35 -26.17 -20.61 -18.04
N THR C 36 -25.72 -21.28 -19.10
CA THR C 36 -24.39 -21.03 -19.65
C THR C 36 -24.40 -19.71 -20.39
N VAL C 37 -23.78 -18.70 -19.79
CA VAL C 37 -23.97 -17.33 -20.28
C VAL C 37 -23.07 -17.02 -21.47
N LEU C 38 -21.77 -17.30 -21.36
CA LEU C 38 -20.84 -16.99 -22.43
C LEU C 38 -19.93 -18.16 -22.75
N ASP C 39 -19.78 -18.43 -24.05
CA ASP C 39 -18.98 -19.50 -24.62
C ASP C 39 -17.87 -18.89 -25.48
N ASN C 40 -17.24 -19.70 -26.34
CA ASN C 40 -16.31 -19.18 -27.34
C ASN C 40 -16.96 -18.11 -28.22
N LEU C 41 -16.13 -17.14 -28.62
CA LEU C 41 -16.52 -15.85 -29.22
C LEU C 41 -17.40 -15.00 -28.30
N GLY C 42 -17.38 -15.29 -26.99
CA GLY C 42 -18.05 -14.53 -25.95
C GLY C 42 -19.52 -14.29 -26.15
N HIS C 43 -20.30 -15.35 -26.40
CA HIS C 43 -21.53 -14.90 -27.05
C HIS C 43 -22.68 -14.76 -26.06
N PRO C 44 -23.44 -13.68 -26.17
CA PRO C 44 -24.70 -13.58 -25.41
C PRO C 44 -25.82 -14.39 -26.05
N VAL C 45 -26.12 -15.54 -25.47
CA VAL C 45 -27.11 -16.45 -26.04
C VAL C 45 -28.52 -15.92 -25.77
N SER C 46 -29.39 -16.06 -26.76
CA SER C 46 -30.80 -15.75 -26.56
C SER C 46 -31.48 -16.90 -25.82
N GLY C 47 -32.15 -16.57 -24.71
CA GLY C 47 -32.61 -17.57 -23.77
C GLY C 47 -31.68 -17.77 -22.60
N GLY C 48 -30.59 -17.01 -22.53
CA GLY C 48 -29.69 -17.01 -21.41
C GLY C 48 -29.79 -15.70 -20.65
N LEU C 49 -29.01 -15.61 -19.57
CA LEU C 49 -29.14 -14.51 -18.62
C LEU C 49 -28.71 -13.17 -19.24
N TYR C 50 -27.82 -13.20 -20.22
CA TYR C 50 -27.34 -11.99 -20.88
C TYR C 50 -27.96 -11.83 -22.26
N ASP C 51 -29.24 -12.16 -22.36
CA ASP C 51 -30.01 -12.07 -23.60
C ASP C 51 -30.08 -10.61 -24.08
N LEU C 52 -30.32 -10.45 -25.38
CA LEU C 52 -30.63 -9.15 -25.95
C LEU C 52 -32.08 -8.76 -25.75
N ALA C 53 -32.92 -9.66 -25.26
CA ALA C 53 -34.31 -9.36 -24.93
C ALA C 53 -34.46 -8.71 -23.57
N LEU C 54 -33.36 -8.52 -22.85
CA LEU C 54 -33.34 -7.82 -21.57
C LEU C 54 -32.47 -6.59 -21.67
N GLY C 55 -32.63 -5.84 -22.76
CA GLY C 55 -31.73 -4.75 -23.08
C GLY C 55 -30.63 -5.19 -24.00
N ALA C 56 -29.95 -4.21 -24.58
CA ALA C 56 -28.83 -4.52 -25.44
C ALA C 56 -27.57 -4.71 -24.62
N PHE C 57 -26.58 -5.35 -25.23
CA PHE C 57 -25.39 -5.80 -24.53
C PHE C 57 -24.28 -6.04 -25.55
N LEU C 58 -23.05 -5.66 -25.16
CA LEU C 58 -21.84 -5.73 -26.01
C LEU C 58 -22.03 -4.93 -27.30
N ARG C 59 -22.49 -3.69 -27.14
CA ARG C 59 -22.64 -2.69 -28.21
C ARG C 59 -23.57 -3.16 -29.32
N ASN C 60 -24.53 -4.00 -28.98
CA ASN C 60 -25.51 -4.49 -29.93
C ASN C 60 -26.72 -3.57 -29.93
N LEU C 61 -27.80 -4.01 -30.55
CA LEU C 61 -29.09 -3.34 -30.49
C LEU C 61 -30.04 -4.21 -29.69
N CYS C 62 -30.94 -3.58 -28.94
CA CYS C 62 -31.82 -4.39 -28.11
C CYS C 62 -32.90 -5.06 -28.94
N SER C 63 -33.38 -6.18 -28.41
CA SER C 63 -34.46 -6.91 -29.07
C SER C 63 -35.74 -6.11 -28.94
N THR C 64 -36.17 -5.90 -27.70
CA THR C 64 -37.48 -5.31 -27.44
C THR C 64 -37.44 -3.78 -27.42
N CYS C 65 -36.37 -3.18 -26.87
CA CYS C 65 -36.22 -1.73 -26.98
C CYS C 65 -35.94 -1.30 -28.41
N GLY C 66 -35.27 -2.15 -29.19
CA GLY C 66 -34.85 -1.77 -30.51
C GLY C 66 -33.74 -0.75 -30.55
N LEU C 67 -33.07 -0.51 -29.43
CA LEU C 67 -32.07 0.54 -29.29
C LEU C 67 -30.75 -0.07 -28.85
N ASP C 68 -29.72 0.77 -28.79
CA ASP C 68 -28.37 0.35 -28.45
C ASP C 68 -28.24 0.12 -26.94
N GLU C 69 -27.03 -0.28 -26.53
CA GLU C 69 -26.70 -0.53 -25.13
C GLU C 69 -26.67 0.77 -24.31
N LYS C 70 -26.64 1.92 -24.97
CA LYS C 70 -26.59 3.21 -24.31
C LYS C 70 -27.96 3.82 -24.05
N PHE C 71 -29.00 3.37 -24.76
CA PHE C 71 -30.35 3.88 -24.59
C PHE C 71 -31.33 2.84 -24.09
N CYS C 72 -30.96 1.57 -24.11
CA CYS C 72 -31.92 0.64 -23.52
C CYS C 72 -31.77 0.64 -22.00
N PRO C 73 -32.88 0.62 -21.26
CA PRO C 73 -32.77 0.46 -19.81
C PRO C 73 -32.49 -0.97 -19.41
N GLY C 74 -32.67 -1.91 -20.31
CA GLY C 74 -32.81 -3.29 -19.93
C GLY C 74 -34.25 -3.55 -19.56
N HIS C 75 -34.54 -4.81 -19.25
CA HIS C 75 -35.92 -5.15 -18.97
C HIS C 75 -35.95 -6.22 -17.88
N GLN C 76 -37.09 -6.88 -17.76
CA GLN C 76 -37.29 -7.91 -16.76
C GLN C 76 -37.61 -9.21 -17.49
N GLY C 77 -37.41 -10.32 -16.79
CA GLY C 77 -37.69 -11.61 -17.38
C GLY C 77 -38.02 -12.64 -16.33
N HIS C 78 -39.09 -13.40 -16.53
CA HIS C 78 -39.50 -14.30 -15.48
C HIS C 78 -38.74 -15.61 -15.60
N ILE C 79 -38.89 -16.45 -14.59
CA ILE C 79 -38.32 -17.79 -14.55
C ILE C 79 -39.38 -18.71 -14.01
N GLU C 80 -39.77 -19.70 -14.81
CA GLU C 80 -40.82 -20.61 -14.38
C GLU C 80 -40.32 -21.54 -13.28
N LEU C 81 -40.80 -21.32 -12.07
CA LEU C 81 -40.49 -22.20 -10.95
C LEU C 81 -41.64 -23.18 -10.79
N PRO C 82 -41.44 -24.47 -11.05
CA PRO C 82 -42.53 -25.44 -10.85
C PRO C 82 -42.85 -25.70 -9.39
N VAL C 83 -42.05 -25.21 -8.45
CA VAL C 83 -42.33 -25.38 -7.02
C VAL C 83 -42.65 -24.02 -6.42
N PRO C 84 -43.46 -23.95 -5.36
CA PRO C 84 -43.70 -22.67 -4.70
C PRO C 84 -42.57 -22.25 -3.77
N CYS C 85 -41.54 -21.61 -4.32
CA CYS C 85 -40.48 -21.04 -3.51
C CYS C 85 -41.00 -19.80 -2.81
N TYR C 86 -41.22 -19.89 -1.50
CA TYR C 86 -41.68 -18.73 -0.76
C TYR C 86 -40.58 -17.69 -0.61
N ASN C 87 -40.99 -16.43 -0.62
CA ASN C 87 -40.08 -15.32 -0.41
C ASN C 87 -39.58 -15.40 1.03
N PRO C 88 -38.25 -15.49 1.25
CA PRO C 88 -37.75 -15.70 2.62
C PRO C 88 -37.97 -14.55 3.58
N LEU C 89 -38.43 -13.40 3.09
CA LEU C 89 -38.87 -12.30 3.93
C LEU C 89 -40.32 -12.45 4.36
N PHE C 90 -40.96 -13.59 4.08
CA PHE C 90 -42.35 -13.81 4.47
C PHE C 90 -42.56 -15.17 5.12
N PHE C 91 -41.48 -15.89 5.43
CA PHE C 91 -41.63 -17.11 6.20
C PHE C 91 -41.95 -16.82 7.66
N ASN C 92 -41.69 -15.59 8.12
CA ASN C 92 -42.14 -15.17 9.44
C ASN C 92 -43.65 -15.21 9.56
N GLN C 93 -44.34 -14.69 8.55
CA GLN C 93 -45.78 -14.49 8.64
C GLN C 93 -46.55 -15.77 8.44
N LEU C 94 -46.30 -16.45 7.31
CA LEU C 94 -47.10 -17.60 6.90
C LEU C 94 -46.96 -18.76 7.88
N TYR C 95 -45.82 -18.86 8.54
CA TYR C 95 -45.66 -19.84 9.61
C TYR C 95 -46.59 -19.54 10.77
N ILE C 96 -46.77 -18.26 11.09
CA ILE C 96 -47.64 -17.89 12.21
C ILE C 96 -49.11 -18.07 11.83
N TYR C 97 -49.46 -17.75 10.58
CA TYR C 97 -50.82 -18.03 10.11
C TYR C 97 -51.05 -19.52 9.92
N LEU C 98 -50.00 -20.32 9.85
CA LEU C 98 -50.14 -21.77 9.79
C LEU C 98 -50.43 -22.36 11.16
N ARG C 99 -49.71 -21.90 12.20
CA ARG C 99 -49.75 -22.44 13.57
C ARG C 99 -51.08 -22.18 14.28
N ALA C 100 -52.03 -21.50 13.68
CA ALA C 100 -53.39 -21.45 14.17
C ALA C 100 -54.41 -22.04 13.22
N SER C 101 -54.09 -22.11 11.94
CA SER C 101 -54.98 -22.67 10.94
C SER C 101 -55.11 -24.17 11.17
N CYS C 102 -56.30 -24.59 11.61
CA CYS C 102 -56.52 -25.98 11.94
C CYS C 102 -56.57 -26.82 10.67
N LEU C 103 -55.75 -27.86 10.63
CA LEU C 103 -55.58 -28.67 9.43
C LEU C 103 -56.71 -29.66 9.23
N PHE C 104 -57.68 -29.73 10.15
CA PHE C 104 -58.83 -30.62 10.01
C PHE C 104 -60.11 -29.87 9.68
N CYS C 105 -60.46 -28.85 10.47
CA CYS C 105 -61.74 -28.19 10.27
C CYS C 105 -61.70 -27.11 9.21
N HIS C 106 -60.56 -26.94 8.53
CA HIS C 106 -60.37 -25.95 7.45
C HIS C 106 -60.61 -24.52 7.92
N HIS C 107 -60.34 -24.24 9.19
CA HIS C 107 -60.52 -22.93 9.78
C HIS C 107 -59.35 -22.68 10.71
N PHE C 108 -59.48 -21.68 11.58
CA PHE C 108 -58.56 -21.51 12.68
C PHE C 108 -58.93 -22.46 13.82
N ARG C 109 -58.18 -22.38 14.91
CA ARG C 109 -58.64 -22.96 16.17
C ARG C 109 -59.50 -22.00 16.97
N LEU C 110 -59.55 -20.75 16.55
CA LEU C 110 -60.16 -19.68 17.34
C LEU C 110 -61.68 -19.72 17.20
N LYS C 111 -62.31 -18.68 17.74
CA LYS C 111 -63.75 -18.59 17.73
C LYS C 111 -64.25 -17.84 16.51
N SER C 112 -65.56 -17.84 16.32
CA SER C 112 -66.15 -17.08 15.23
C SER C 112 -66.12 -15.60 15.54
N VAL C 113 -66.38 -15.24 16.79
CA VAL C 113 -66.50 -13.85 17.19
C VAL C 113 -65.20 -13.28 17.77
N GLU C 114 -64.31 -14.15 18.26
CA GLU C 114 -63.00 -13.68 18.72
C GLU C 114 -62.18 -13.17 17.54
N VAL C 115 -62.28 -13.86 16.40
CA VAL C 115 -61.66 -13.36 15.19
C VAL C 115 -62.39 -12.13 14.70
N HIS C 116 -63.72 -12.11 14.82
CA HIS C 116 -64.52 -11.00 14.32
C HIS C 116 -64.27 -9.71 15.09
N ARG C 117 -63.88 -9.82 16.36
CA ARG C 117 -63.58 -8.63 17.15
C ARG C 117 -62.36 -7.90 16.62
N TYR C 118 -61.24 -8.62 16.47
CA TYR C 118 -60.07 -8.03 15.85
C TYR C 118 -60.30 -7.70 14.38
N ALA C 119 -61.24 -8.39 13.74
CA ALA C 119 -61.62 -8.01 12.39
C ALA C 119 -62.34 -6.68 12.38
N CYS C 120 -63.24 -6.47 13.33
CA CYS C 120 -64.07 -5.29 13.29
C CYS C 120 -63.36 -4.09 13.88
N LYS C 121 -62.40 -4.31 14.78
CA LYS C 121 -61.69 -3.20 15.40
C LYS C 121 -60.66 -2.59 14.48
N LEU C 122 -60.02 -3.39 13.64
CA LEU C 122 -59.13 -2.82 12.63
C LEU C 122 -59.89 -2.10 11.54
N ARG C 123 -61.16 -2.42 11.35
CA ARG C 123 -62.01 -1.64 10.47
C ARG C 123 -62.24 -0.25 11.05
N LEU C 124 -62.22 -0.14 12.37
CA LEU C 124 -62.33 1.15 13.02
C LEU C 124 -61.00 1.86 13.14
N LEU C 125 -59.89 1.12 13.17
CA LEU C 125 -58.58 1.73 13.27
C LEU C 125 -57.95 2.05 11.93
N GLN C 126 -58.69 1.94 10.83
CA GLN C 126 -58.20 2.43 9.56
C GLN C 126 -58.78 3.78 9.23
N TYR C 127 -59.53 4.37 10.16
CA TYR C 127 -60.03 5.73 10.06
C TYR C 127 -59.55 6.51 11.28
N GLY C 128 -59.95 7.78 11.35
CA GLY C 128 -59.48 8.63 12.43
C GLY C 128 -60.24 8.49 13.73
N LEU C 129 -60.38 7.25 14.19
CA LEU C 129 -61.18 6.99 15.37
C LEU C 129 -60.60 5.78 16.10
N ILE C 130 -60.37 5.95 17.40
CA ILE C 130 -59.74 4.93 18.24
C ILE C 130 -60.71 4.57 19.34
N ASP C 131 -61.43 5.58 19.84
CA ASP C 131 -62.29 5.40 21.01
C ASP C 131 -63.45 4.45 20.71
N GLU C 132 -63.96 4.47 19.49
CA GLU C 132 -65.02 3.55 19.12
C GLU C 132 -64.50 2.12 18.97
N SER C 133 -63.20 1.94 18.75
CA SER C 133 -62.66 0.60 18.74
C SER C 133 -62.62 0.00 20.13
N TYR C 134 -62.49 0.83 21.17
CA TYR C 134 -62.58 0.35 22.54
C TYR C 134 -64.01 0.15 22.99
N LYS C 135 -64.91 1.05 22.59
CA LYS C 135 -66.30 0.93 22.97
C LYS C 135 -67.00 -0.16 22.19
N LEU C 136 -66.42 -0.61 21.08
CA LEU C 136 -66.88 -1.81 20.41
C LEU C 136 -66.72 -3.03 21.30
N ASP C 137 -65.64 -3.08 22.08
CA ASP C 137 -65.47 -4.14 23.06
C ASP C 137 -66.47 -4.03 24.20
N GLU C 138 -67.02 -2.83 24.42
CA GLU C 138 -67.97 -2.63 25.50
C GLU C 138 -69.37 -3.09 25.11
N ILE C 139 -69.75 -2.88 23.86
CA ILE C 139 -71.10 -3.21 23.39
C ILE C 139 -71.11 -4.70 23.07
N THR C 140 -71.48 -5.50 24.08
CA THR C 140 -71.54 -6.96 23.97
C THR C 140 -72.84 -7.46 24.60
N LEU C 141 -72.96 -8.77 24.65
CA LEU C 141 -73.92 -9.45 25.51
C LEU C 141 -73.26 -10.69 26.11
N ASP C 172 -73.43 -22.33 28.43
CA ASP C 172 -74.63 -22.06 27.63
C ASP C 172 -74.29 -21.39 26.30
N ILE C 173 -73.31 -21.95 25.59
CA ILE C 173 -72.86 -21.37 24.32
C ILE C 173 -73.85 -21.80 23.24
N SER C 174 -74.84 -20.95 22.98
CA SER C 174 -75.81 -21.19 21.92
C SER C 174 -75.56 -20.22 20.78
N SER C 175 -75.07 -20.73 19.65
CA SER C 175 -74.80 -19.91 18.48
C SER C 175 -76.05 -19.43 17.76
N THR C 176 -77.21 -19.97 18.11
CA THR C 176 -78.46 -19.49 17.52
C THR C 176 -78.79 -18.08 18.02
N LEU C 177 -78.42 -17.78 19.27
CA LEU C 177 -78.64 -16.44 19.81
C LEU C 177 -77.51 -15.49 19.46
N LEU C 178 -76.27 -15.99 19.43
CA LEU C 178 -75.09 -15.15 19.33
C LEU C 178 -74.87 -14.59 17.93
N ASN C 179 -75.68 -14.98 16.94
CA ASN C 179 -75.69 -14.29 15.66
C ASN C 179 -76.24 -12.88 15.80
N GLU C 180 -77.04 -12.62 16.83
CA GLU C 180 -77.45 -11.27 17.14
C GLU C 180 -76.27 -10.43 17.62
N LEU C 181 -75.33 -11.04 18.34
CA LEU C 181 -74.09 -10.34 18.69
C LEU C 181 -73.27 -10.03 17.45
N LYS C 182 -73.28 -10.94 16.48
CA LYS C 182 -72.73 -10.64 15.16
C LYS C 182 -73.54 -9.56 14.46
N SER C 183 -74.84 -9.50 14.74
CA SER C 183 -75.70 -8.51 14.11
C SER C 183 -75.68 -7.17 14.82
N LYS C 184 -74.92 -7.04 15.91
CA LYS C 184 -74.95 -5.88 16.79
C LYS C 184 -73.69 -5.05 16.73
N ARG C 185 -72.51 -5.69 16.71
CA ARG C 185 -71.26 -4.96 16.77
C ARG C 185 -71.01 -4.20 15.48
N SER C 186 -70.94 -4.93 14.35
CA SER C 186 -70.64 -4.30 13.08
C SER C 186 -71.76 -3.42 12.57
N GLU C 187 -72.99 -3.65 13.02
CA GLU C 187 -74.10 -2.78 12.65
C GLU C 187 -73.90 -1.38 13.22
N TYR C 188 -73.38 -1.30 14.44
CA TYR C 188 -72.88 -0.03 14.96
C TYR C 188 -71.73 0.50 14.11
N VAL C 189 -70.81 -0.38 13.74
CA VAL C 189 -69.65 -0.02 12.95
C VAL C 189 -70.03 0.33 11.51
N ASP C 190 -71.16 -0.21 11.04
CA ASP C 190 -71.77 0.29 9.80
C ASP C 190 -72.13 1.76 9.92
N MET C 191 -72.51 2.19 11.13
CA MET C 191 -72.97 3.55 11.34
C MET C 191 -72.00 4.40 12.13
N ALA C 192 -71.06 3.79 12.86
CA ALA C 192 -70.04 4.58 13.54
C ALA C 192 -69.12 5.25 12.55
N ILE C 193 -68.79 4.57 11.45
CA ILE C 193 -68.05 5.20 10.37
C ILE C 193 -68.95 6.21 9.66
N ALA C 194 -70.20 5.83 9.42
CA ALA C 194 -71.16 6.74 8.82
C ALA C 194 -71.45 7.94 9.72
N LYS C 195 -71.33 7.77 11.04
CA LYS C 195 -71.30 8.94 11.91
C LYS C 195 -70.02 9.73 11.71
N ALA C 196 -68.90 9.04 11.56
CA ALA C 196 -67.61 9.72 11.42
C ALA C 196 -67.44 10.35 10.05
N LEU C 197 -67.97 9.71 9.01
CA LEU C 197 -67.92 10.29 7.68
C LEU C 197 -68.86 11.47 7.55
N SER C 198 -69.92 11.51 8.35
CA SER C 198 -70.76 12.69 8.46
C SER C 198 -70.00 13.89 9.00
N ASP C 199 -68.99 13.67 9.83
CA ASP C 199 -68.12 14.74 10.28
C ASP C 199 -66.99 14.94 9.27
N GLY C 200 -66.10 15.87 9.60
CA GLY C 200 -64.88 16.05 8.85
C GLY C 200 -63.75 15.32 9.54
N ARG C 201 -64.11 14.34 10.37
CA ARG C 201 -63.12 13.55 11.09
C ARG C 201 -62.31 12.68 10.13
N THR C 202 -62.97 11.76 9.44
CA THR C 202 -62.30 10.84 8.53
C THR C 202 -63.01 10.81 7.19
N THR C 203 -62.26 10.42 6.17
CA THR C 203 -62.81 10.12 4.85
C THR C 203 -62.64 8.64 4.59
N GLU C 204 -63.17 8.18 3.46
CA GLU C 204 -63.08 6.77 3.11
C GLU C 204 -61.67 6.38 2.64
N ARG C 205 -60.83 7.37 2.34
CA ARG C 205 -59.39 7.13 2.24
C ARG C 205 -58.80 6.72 3.59
N GLY C 206 -59.42 7.15 4.68
CA GLY C 206 -58.98 6.79 6.02
C GLY C 206 -58.20 7.91 6.67
N SER C 207 -57.67 7.58 7.85
CA SER C 207 -56.75 8.49 8.53
C SER C 207 -55.66 7.69 9.22
N PHE C 208 -54.41 8.06 8.94
CA PHE C 208 -53.25 7.31 9.41
C PHE C 208 -52.37 8.26 10.20
N THR C 209 -52.53 8.21 11.51
CA THR C 209 -51.75 8.98 12.47
C THR C 209 -50.88 7.99 13.23
N ALA C 210 -49.75 8.49 13.77
CA ALA C 210 -48.89 7.67 14.60
C ALA C 210 -49.64 7.07 15.77
N THR C 211 -50.49 7.86 16.43
CA THR C 211 -51.31 7.35 17.51
C THR C 211 -52.37 6.37 17.03
N VAL C 212 -52.78 6.47 15.77
CA VAL C 212 -53.55 5.39 15.16
C VAL C 212 -52.65 4.21 14.87
N ASN C 213 -51.44 4.48 14.37
CA ASN C 213 -50.47 3.45 14.05
C ASN C 213 -49.91 2.78 15.30
N ASP C 214 -49.87 3.48 16.43
CA ASP C 214 -49.37 2.87 17.65
C ASP C 214 -50.33 1.82 18.17
N GLU C 215 -51.62 2.12 18.18
CA GLU C 215 -52.60 1.17 18.68
C GLU C 215 -52.90 0.06 17.69
N ARG C 216 -52.57 0.24 16.42
CA ARG C 216 -52.73 -0.85 15.46
C ARG C 216 -51.72 -1.96 15.74
N LYS C 217 -50.56 -1.61 16.27
CA LYS C 217 -49.56 -2.58 16.68
C LYS C 217 -49.80 -3.12 18.07
N LYS C 218 -51.00 -2.93 18.62
CA LYS C 218 -51.37 -3.53 19.88
C LYS C 218 -52.47 -4.56 19.75
N LEU C 219 -53.39 -4.38 18.79
CA LEU C 219 -54.28 -5.47 18.44
C LEU C 219 -53.51 -6.63 17.83
N VAL C 220 -52.76 -6.33 16.76
CA VAL C 220 -52.22 -7.34 15.87
C VAL C 220 -51.16 -8.17 16.58
N HIS C 221 -50.30 -7.53 17.36
CA HIS C 221 -49.28 -8.26 18.09
C HIS C 221 -49.89 -9.11 19.20
N GLU C 222 -51.02 -8.67 19.77
CA GLU C 222 -51.79 -9.51 20.69
C GLU C 222 -52.65 -10.51 19.93
N PHE C 223 -53.11 -10.14 18.75
CA PHE C 223 -53.78 -11.08 17.87
C PHE C 223 -52.83 -12.17 17.41
N HIS C 224 -51.55 -11.83 17.28
CA HIS C 224 -50.51 -12.81 16.97
C HIS C 224 -49.88 -13.37 18.22
N LYS C 225 -50.64 -13.54 19.26
CA LYS C 225 -50.14 -14.32 20.38
C LYS C 225 -51.08 -15.43 20.79
N LYS C 226 -52.39 -15.18 20.81
CA LYS C 226 -53.33 -16.21 21.23
C LYS C 226 -53.63 -17.18 20.10
N LEU C 227 -53.54 -16.72 18.85
CA LEU C 227 -53.57 -17.64 17.73
C LEU C 227 -52.38 -18.57 17.76
N LEU C 228 -51.23 -18.07 18.21
CA LEU C 228 -50.01 -18.85 18.29
C LEU C 228 -50.06 -19.87 19.42
N SER C 229 -51.05 -19.78 20.31
CA SER C 229 -51.14 -20.68 21.47
C SER C 229 -52.61 -21.05 21.70
N ARG C 230 -53.04 -22.18 21.13
CA ARG C 230 -54.36 -22.74 21.39
C ARG C 230 -54.26 -24.24 21.62
N GLY C 231 -55.11 -24.74 22.50
CA GLY C 231 -55.12 -26.16 22.83
C GLY C 231 -55.73 -27.01 21.74
N LYS C 232 -57.04 -26.89 21.55
CA LYS C 232 -57.75 -27.56 20.47
C LYS C 232 -58.31 -26.49 19.53
N CYS C 233 -59.14 -26.94 18.59
CA CYS C 233 -60.00 -26.00 17.89
C CYS C 233 -61.22 -25.70 18.75
N ASP C 234 -62.06 -24.78 18.28
CA ASP C 234 -63.28 -24.42 18.98
C ASP C 234 -64.52 -24.94 18.26
N ASN C 235 -64.59 -24.78 16.95
CA ASN C 235 -65.71 -25.28 16.17
C ASN C 235 -65.57 -26.76 15.84
N CYS C 236 -64.47 -27.38 16.24
CA CYS C 236 -64.38 -28.83 16.37
C CYS C 236 -63.43 -29.12 17.52
N GLY C 237 -63.28 -30.40 17.85
CA GLY C 237 -62.30 -30.77 18.82
C GLY C 237 -60.99 -31.23 18.24
N MET C 238 -60.84 -31.17 16.92
CA MET C 238 -59.68 -31.72 16.24
C MET C 238 -58.66 -30.63 15.94
N PHE C 239 -57.40 -31.02 15.85
CA PHE C 239 -56.29 -30.08 15.82
C PHE C 239 -55.04 -30.81 15.33
N SER C 240 -53.94 -30.07 15.27
CA SER C 240 -52.67 -30.50 14.74
C SER C 240 -51.57 -30.39 15.78
N PRO C 241 -50.48 -31.15 15.65
CA PRO C 241 -49.34 -30.98 16.55
C PRO C 241 -48.52 -29.75 16.17
N LYS C 242 -47.47 -29.52 16.97
CA LYS C 242 -46.65 -28.33 16.83
C LYS C 242 -45.82 -28.40 15.56
N PHE C 243 -46.00 -27.42 14.67
CA PHE C 243 -45.08 -27.27 13.55
C PHE C 243 -43.72 -26.82 14.06
N ARG C 244 -42.69 -27.53 13.66
CA ARG C 244 -41.32 -27.16 14.00
C ARG C 244 -40.54 -26.91 12.71
N LYS C 245 -39.83 -25.79 12.67
CA LYS C 245 -39.15 -25.33 11.48
C LYS C 245 -37.69 -25.77 11.51
N ASP C 246 -36.91 -25.20 10.61
CA ASP C 246 -35.45 -25.18 10.71
C ASP C 246 -35.02 -23.78 10.27
N GLY C 247 -33.76 -23.63 9.87
CA GLY C 247 -33.31 -22.34 9.38
C GLY C 247 -33.89 -21.94 8.03
N PHE C 248 -35.20 -21.69 8.04
CA PHE C 248 -35.98 -21.12 6.93
C PHE C 248 -35.99 -22.00 5.69
N THR C 249 -35.94 -23.32 5.84
CA THR C 249 -36.24 -24.22 4.74
C THR C 249 -37.40 -25.18 5.05
N LYS C 250 -37.31 -25.98 6.11
CA LYS C 250 -38.20 -27.11 6.30
C LYS C 250 -39.33 -26.77 7.26
N ILE C 251 -40.43 -27.53 7.12
CA ILE C 251 -41.60 -27.43 7.97
C ILE C 251 -42.02 -28.84 8.34
N PHE C 252 -42.15 -29.12 9.63
CA PHE C 252 -42.41 -30.47 10.12
C PHE C 252 -43.76 -30.55 10.81
N GLU C 253 -44.44 -31.69 10.67
CA GLU C 253 -45.61 -32.01 11.48
C GLU C 253 -45.14 -33.05 12.49
N THR C 254 -44.85 -32.59 13.70
CA THR C 254 -44.10 -33.36 14.68
C THR C 254 -44.96 -34.47 15.27
N ALA C 255 -44.31 -35.30 16.09
CA ALA C 255 -44.98 -36.41 16.77
C ALA C 255 -45.85 -35.85 17.88
N LEU C 256 -47.16 -36.08 17.77
CA LEU C 256 -48.09 -35.65 18.79
C LEU C 256 -47.91 -36.51 20.04
N ASN C 257 -47.96 -35.88 21.21
CA ASN C 257 -47.83 -36.64 22.43
C ASN C 257 -49.12 -37.41 22.71
N GLU C 258 -48.95 -38.56 23.37
CA GLU C 258 -49.95 -39.62 23.40
C GLU C 258 -51.18 -39.29 24.26
N LYS C 259 -51.27 -38.09 24.83
CA LYS C 259 -52.50 -37.63 25.45
C LYS C 259 -53.46 -37.05 24.42
N GLN C 260 -52.93 -36.50 23.31
CA GLN C 260 -53.72 -35.67 22.41
C GLN C 260 -54.17 -36.39 21.14
N ILE C 261 -53.60 -37.56 20.81
CA ILE C 261 -54.08 -38.35 19.68
C ILE C 261 -55.52 -38.81 19.93
N THR C 262 -55.80 -39.25 21.16
CA THR C 262 -57.13 -39.68 21.53
C THR C 262 -58.12 -38.53 21.56
N ASN C 263 -57.63 -37.31 21.77
CA ASN C 263 -58.48 -36.14 21.92
C ASN C 263 -59.00 -35.58 20.59
N ASN C 264 -58.52 -36.10 19.46
CA ASN C 264 -59.11 -35.78 18.17
C ASN C 264 -60.29 -36.69 17.84
N ARG C 265 -60.26 -37.93 18.35
CA ARG C 265 -61.23 -38.94 17.98
C ARG C 265 -62.30 -39.18 19.04
N VAL C 266 -62.07 -38.79 20.30
CA VAL C 266 -63.18 -38.85 21.26
C VAL C 266 -64.21 -37.75 20.98
N LYS C 267 -63.82 -36.70 20.27
CA LYS C 267 -64.77 -35.72 19.74
C LYS C 267 -65.15 -36.03 18.30
N GLY C 268 -64.20 -36.53 17.50
CA GLY C 268 -64.42 -36.79 16.09
C GLY C 268 -65.30 -37.98 15.78
N PHE C 269 -65.68 -38.77 16.79
CA PHE C 269 -66.63 -39.85 16.56
C PHE C 269 -68.03 -39.33 16.24
N ILE C 270 -68.45 -38.26 16.91
CA ILE C 270 -69.77 -37.70 16.67
C ILE C 270 -69.65 -36.27 16.14
N LYS C 309 -47.18 -39.37 11.16
CA LYS C 309 -47.01 -40.80 11.02
C LYS C 309 -45.88 -41.28 11.92
N THR C 310 -44.73 -40.60 11.82
CA THR C 310 -43.60 -40.79 12.73
C THR C 310 -43.24 -39.44 13.35
N GLY C 311 -42.10 -39.41 14.03
CA GLY C 311 -41.62 -38.18 14.62
C GLY C 311 -41.12 -37.22 13.55
N SER C 312 -41.65 -35.98 13.58
CA SER C 312 -41.27 -34.86 12.71
C SER C 312 -41.45 -35.21 11.24
N THR C 313 -42.71 -35.44 10.87
CA THR C 313 -43.04 -35.69 9.47
C THR C 313 -42.94 -34.40 8.68
N TYR C 314 -42.12 -34.42 7.62
CA TYR C 314 -41.82 -33.23 6.85
C TYR C 314 -43.02 -32.77 6.03
N ILE C 315 -43.20 -31.46 5.97
CA ILE C 315 -44.25 -30.83 5.16
C ILE C 315 -43.54 -29.93 4.15
N LEU C 316 -44.08 -29.88 2.94
CA LEU C 316 -43.48 -29.10 1.87
C LEU C 316 -44.47 -28.05 1.39
N SER C 317 -43.93 -27.00 0.76
CA SER C 317 -44.67 -25.79 0.36
C SER C 317 -45.83 -26.05 -0.59
N THR C 318 -45.89 -27.21 -1.25
CA THR C 318 -47.10 -27.57 -1.97
C THR C 318 -48.21 -27.97 -1.01
N GLU C 319 -47.88 -28.82 -0.04
CA GLU C 319 -48.83 -29.18 1.02
C GLU C 319 -49.13 -28.00 1.93
N VAL C 320 -48.16 -27.10 2.10
CA VAL C 320 -48.39 -25.87 2.85
C VAL C 320 -49.38 -24.98 2.11
N LYS C 321 -49.23 -24.88 0.78
CA LYS C 321 -50.19 -24.16 -0.04
C LYS C 321 -51.56 -24.82 -0.03
N ASN C 322 -51.61 -26.15 0.18
CA ASN C 322 -52.89 -26.82 0.33
C ASN C 322 -53.62 -26.40 1.61
N ILE C 323 -52.88 -26.13 2.67
CA ILE C 323 -53.50 -25.64 3.90
C ILE C 323 -53.99 -24.21 3.70
N LEU C 324 -53.22 -23.41 2.96
CA LEU C 324 -53.46 -21.98 2.83
C LEU C 324 -54.43 -21.65 1.70
N ASP C 325 -55.38 -22.55 1.43
CA ASP C 325 -56.43 -22.29 0.45
C ASP C 325 -57.75 -21.92 1.11
N THR C 326 -58.27 -22.80 1.97
CA THR C 326 -59.52 -22.54 2.67
C THR C 326 -59.36 -21.67 3.90
N VAL C 327 -58.15 -21.18 4.16
CA VAL C 327 -57.90 -20.28 5.27
C VAL C 327 -58.01 -18.83 4.83
N PHE C 328 -57.31 -18.46 3.76
CA PHE C 328 -57.45 -17.12 3.23
C PHE C 328 -58.76 -16.92 2.46
N ARG C 329 -59.40 -18.01 2.02
CA ARG C 329 -60.71 -17.85 1.39
C ARG C 329 -61.79 -17.62 2.44
N LYS C 330 -61.84 -18.48 3.46
CA LYS C 330 -62.94 -18.41 4.42
C LYS C 330 -62.76 -17.27 5.41
N GLU C 331 -61.57 -17.13 5.97
CA GLU C 331 -61.29 -16.03 6.89
C GLU C 331 -60.63 -14.88 6.13
N GLN C 332 -61.41 -14.33 5.20
CA GLN C 332 -61.01 -13.22 4.37
C GLN C 332 -61.30 -11.88 5.01
N CYS C 333 -62.43 -11.78 5.72
CA CYS C 333 -62.89 -10.51 6.28
C CYS C 333 -61.95 -9.99 7.35
N VAL C 334 -61.34 -10.89 8.11
CA VAL C 334 -60.34 -10.47 9.08
C VAL C 334 -59.08 -9.99 8.36
N LEU C 335 -58.61 -10.74 7.38
CA LEU C 335 -57.33 -10.47 6.76
C LEU C 335 -57.41 -9.39 5.69
N GLN C 336 -58.61 -8.89 5.43
CA GLN C 336 -58.75 -7.72 4.59
C GLN C 336 -58.23 -6.47 5.28
N TYR C 337 -58.28 -6.43 6.61
CA TYR C 337 -57.89 -5.25 7.36
C TYR C 337 -56.57 -5.42 8.09
N VAL C 338 -56.13 -6.66 8.34
CA VAL C 338 -54.86 -6.88 9.00
C VAL C 338 -53.71 -6.43 8.11
N PHE C 339 -53.74 -6.86 6.85
CA PHE C 339 -52.71 -6.46 5.91
C PHE C 339 -52.90 -5.02 5.48
N HIS C 340 -54.06 -4.70 4.91
CA HIS C 340 -54.32 -3.35 4.44
C HIS C 340 -54.56 -2.43 5.62
N SER C 341 -53.52 -1.66 5.97
CA SER C 341 -53.65 -0.68 7.04
C SER C 341 -54.58 0.45 6.65
N ARG C 342 -54.41 0.99 5.44
CA ARG C 342 -55.36 1.93 4.92
C ARG C 342 -56.64 1.19 4.52
N PRO C 343 -57.77 1.90 4.40
CA PRO C 343 -58.97 1.28 3.84
C PRO C 343 -58.76 0.85 2.38
N ASN C 344 -59.52 -0.17 1.99
CA ASN C 344 -59.31 -0.87 0.73
C ASN C 344 -60.21 -0.24 -0.33
N LEU C 345 -59.61 0.58 -1.18
CA LEU C 345 -60.24 1.09 -2.39
C LEU C 345 -60.01 0.18 -3.59
N SER C 346 -59.73 -1.10 -3.36
CA SER C 346 -59.39 -2.02 -4.43
C SER C 346 -60.04 -3.39 -4.31
N ARG C 347 -60.43 -3.82 -3.10
CA ARG C 347 -61.09 -5.08 -2.73
C ARG C 347 -60.53 -6.34 -3.40
N LYS C 348 -59.24 -6.33 -3.72
CA LYS C 348 -58.60 -7.53 -4.21
C LYS C 348 -58.45 -8.50 -3.05
N LEU C 349 -58.71 -9.77 -3.32
CA LEU C 349 -58.74 -10.75 -2.24
C LEU C 349 -57.32 -11.09 -1.81
N VAL C 350 -57.20 -11.56 -0.57
CA VAL C 350 -55.92 -11.93 0.00
C VAL C 350 -55.76 -13.44 -0.17
N LYS C 351 -54.68 -13.85 -0.83
CA LYS C 351 -54.36 -15.26 -0.98
C LYS C 351 -52.87 -15.47 -0.70
N ALA C 352 -52.51 -16.74 -0.53
CA ALA C 352 -51.15 -17.10 -0.15
C ALA C 352 -50.16 -16.95 -1.29
N ASP C 353 -50.65 -16.70 -2.51
CA ASP C 353 -49.78 -16.53 -3.67
C ASP C 353 -48.88 -15.30 -3.56
N SER C 354 -49.22 -14.34 -2.71
CA SER C 354 -48.33 -13.22 -2.47
C SER C 354 -47.17 -13.60 -1.56
N PHE C 355 -47.36 -14.58 -0.68
CA PHE C 355 -46.23 -15.05 0.14
C PHE C 355 -45.20 -15.78 -0.71
N PHE C 356 -45.66 -16.62 -1.63
CA PHE C 356 -44.78 -17.44 -2.43
C PHE C 356 -44.34 -16.70 -3.67
N MET C 357 -43.13 -17.00 -4.14
CA MET C 357 -42.65 -16.45 -5.39
C MET C 357 -42.82 -17.54 -6.42
N ASP C 358 -43.90 -17.43 -7.20
CA ASP C 358 -44.30 -18.46 -8.15
C ASP C 358 -43.43 -18.44 -9.40
N VAL C 359 -43.14 -17.25 -9.91
CA VAL C 359 -42.09 -17.04 -10.90
C VAL C 359 -41.19 -15.93 -10.40
N LEU C 360 -39.90 -16.07 -10.65
CA LEU C 360 -38.94 -15.05 -10.23
C LEU C 360 -38.92 -13.92 -11.26
N VAL C 361 -38.00 -12.97 -11.10
CA VAL C 361 -37.72 -11.99 -12.13
C VAL C 361 -36.22 -11.99 -12.38
N VAL C 362 -35.83 -11.43 -13.51
CA VAL C 362 -34.43 -11.25 -13.86
C VAL C 362 -34.18 -9.75 -14.00
N PRO C 363 -33.15 -9.20 -13.35
CA PRO C 363 -32.83 -7.78 -13.49
C PRO C 363 -32.40 -7.44 -14.89
N PRO C 364 -32.34 -6.15 -15.24
CA PRO C 364 -31.83 -5.77 -16.56
C PRO C 364 -30.36 -6.14 -16.76
N THR C 365 -29.94 -6.05 -18.02
CA THR C 365 -28.56 -6.33 -18.37
C THR C 365 -27.62 -5.30 -17.78
N ARG C 366 -28.08 -4.04 -17.73
CA ARG C 366 -27.28 -2.95 -17.20
C ARG C 366 -27.04 -3.11 -15.70
N PHE C 367 -27.95 -3.78 -15.00
CA PHE C 367 -27.81 -4.02 -13.57
C PHE C 367 -27.19 -5.36 -13.27
N ARG C 368 -26.59 -6.01 -14.27
CA ARG C 368 -26.06 -7.36 -14.10
C ARG C 368 -24.71 -7.58 -14.77
N LEU C 369 -23.90 -6.50 -15.08
CA LEU C 369 -22.71 -6.96 -15.78
C LEU C 369 -21.55 -7.22 -14.82
N PRO C 370 -20.68 -8.16 -15.17
CA PRO C 370 -19.52 -8.46 -14.32
C PRO C 370 -18.56 -7.29 -14.24
N SER C 371 -17.95 -7.15 -13.07
CA SER C 371 -17.00 -6.09 -12.85
C SER C 371 -15.67 -6.42 -13.51
N LYS C 372 -14.79 -5.43 -13.56
CA LYS C 372 -13.46 -5.63 -14.14
C LYS C 372 -12.44 -4.75 -13.44
N LEU C 373 -11.20 -5.25 -13.36
CA LEU C 373 -10.10 -4.47 -12.83
C LEU C 373 -8.80 -4.97 -13.46
N GLY C 374 -7.78 -4.10 -13.43
CA GLY C 374 -6.43 -4.44 -13.85
C GLY C 374 -6.32 -4.85 -15.31
N GLU C 375 -6.13 -6.15 -15.52
CA GLU C 375 -6.25 -6.81 -16.81
C GLU C 375 -7.18 -8.01 -16.69
N GLU C 376 -8.28 -7.84 -15.94
CA GLU C 376 -9.16 -8.94 -15.59
C GLU C 376 -10.61 -8.49 -15.66
N VAL C 377 -11.52 -9.47 -15.51
CA VAL C 377 -12.96 -9.29 -15.38
C VAL C 377 -13.42 -10.16 -14.21
N HIS C 378 -14.29 -9.61 -13.37
CA HIS C 378 -14.75 -10.30 -12.17
C HIS C 378 -16.26 -10.47 -12.22
N GLU C 379 -16.73 -11.71 -12.03
CA GLU C 379 -18.12 -12.07 -12.25
C GLU C 379 -19.02 -11.46 -11.18
N ASN C 380 -20.22 -11.07 -11.59
CA ASN C 380 -21.26 -10.52 -10.73
C ASN C 380 -21.70 -11.55 -9.68
N SER C 381 -22.24 -11.03 -8.59
CA SER C 381 -22.93 -11.85 -7.60
C SER C 381 -24.21 -12.45 -8.17
N GLN C 382 -25.06 -11.62 -8.78
CA GLN C 382 -26.43 -12.00 -9.10
C GLN C 382 -26.56 -12.67 -10.46
N ASN C 383 -25.50 -13.29 -10.96
CA ASN C 383 -25.58 -14.21 -12.07
C ASN C 383 -25.04 -15.57 -11.72
N GLN C 384 -24.11 -15.63 -10.77
CA GLN C 384 -23.72 -16.90 -10.18
C GLN C 384 -24.90 -17.56 -9.48
N LEU C 385 -25.67 -16.79 -8.72
CA LEU C 385 -26.80 -17.31 -7.97
C LEU C 385 -28.12 -17.09 -8.70
N LEU C 386 -28.08 -16.65 -9.95
CA LEU C 386 -29.26 -16.70 -10.80
C LEU C 386 -29.23 -17.90 -11.73
N SER C 387 -28.05 -18.27 -12.24
CA SER C 387 -27.93 -19.49 -13.02
C SER C 387 -28.05 -20.73 -12.15
N LYS C 388 -27.60 -20.64 -10.90
CA LYS C 388 -27.67 -21.78 -9.99
C LYS C 388 -29.12 -22.11 -9.64
N VAL C 389 -30.00 -21.10 -9.67
CA VAL C 389 -31.43 -21.35 -9.75
C VAL C 389 -31.75 -22.14 -11.00
N LEU C 390 -31.25 -21.67 -12.14
CA LEU C 390 -31.68 -22.19 -13.43
C LEU C 390 -31.11 -23.57 -13.71
N THR C 391 -29.90 -23.86 -13.22
CA THR C 391 -29.39 -25.22 -13.28
C THR C 391 -30.22 -26.15 -12.42
N THR C 392 -30.70 -25.66 -11.29
CA THR C 392 -31.65 -26.44 -10.51
C THR C 392 -32.99 -26.50 -11.23
N SER C 393 -33.38 -25.39 -11.88
CA SER C 393 -34.55 -25.42 -12.75
C SER C 393 -34.36 -26.35 -13.93
N LEU C 394 -33.12 -26.49 -14.42
CA LEU C 394 -32.82 -27.51 -15.41
C LEU C 394 -33.00 -28.91 -14.81
N LEU C 395 -32.39 -29.14 -13.65
CA LEU C 395 -32.42 -30.45 -13.02
C LEU C 395 -33.80 -30.83 -12.52
N ILE C 396 -34.58 -29.86 -12.02
CA ILE C 396 -35.92 -30.19 -11.58
C ILE C 396 -36.86 -30.35 -12.77
N ARG C 397 -36.47 -29.85 -13.94
CA ARG C 397 -37.18 -30.21 -15.16
C ARG C 397 -36.70 -31.56 -15.68
N ASP C 398 -35.41 -31.87 -15.49
CA ASP C 398 -34.87 -33.13 -15.98
C ASP C 398 -35.37 -34.31 -15.16
N LEU C 399 -35.52 -34.12 -13.86
CA LEU C 399 -35.88 -35.23 -12.98
C LEU C 399 -37.40 -35.49 -12.97
N ASN C 400 -38.12 -34.84 -13.90
CA ASN C 400 -39.58 -34.98 -13.97
C ASN C 400 -39.99 -36.38 -14.44
N ASP C 401 -39.37 -36.88 -15.51
CA ASP C 401 -39.85 -38.11 -16.11
C ASP C 401 -39.43 -39.33 -15.30
N ASP C 402 -38.43 -39.18 -14.41
CA ASP C 402 -37.86 -40.33 -13.70
C ASP C 402 -38.86 -40.95 -12.74
N LEU C 403 -39.41 -40.14 -11.84
CA LEU C 403 -40.44 -40.66 -10.95
C LEU C 403 -41.79 -40.73 -11.67
N SER C 404 -41.91 -40.10 -12.83
CA SER C 404 -43.09 -40.28 -13.66
C SER C 404 -43.09 -41.62 -14.39
N LYS C 405 -41.97 -42.33 -14.44
CA LYS C 405 -41.89 -43.67 -15.01
C LYS C 405 -41.14 -44.61 -14.07
N LEU C 406 -41.34 -44.42 -12.77
CA LEU C 406 -40.87 -45.30 -11.68
C LEU C 406 -39.36 -45.50 -11.64
N ARG C 417 -39.80 -45.22 -2.86
CA ARG C 417 -38.48 -45.67 -2.45
C ARG C 417 -37.48 -44.51 -2.40
N VAL C 418 -36.20 -44.82 -2.65
CA VAL C 418 -35.12 -43.85 -2.62
C VAL C 418 -35.23 -42.80 -3.72
N ILE C 419 -36.06 -43.04 -4.76
CA ILE C 419 -36.36 -42.02 -5.78
C ILE C 419 -37.04 -40.80 -5.17
N PHE C 420 -37.79 -40.99 -4.08
CA PHE C 420 -38.33 -39.84 -3.37
C PHE C 420 -37.26 -39.15 -2.54
N SER C 421 -36.33 -39.92 -1.98
CA SER C 421 -35.17 -39.31 -1.32
C SER C 421 -34.27 -38.59 -2.31
N ARG C 422 -34.24 -39.03 -3.56
CA ARG C 422 -33.63 -38.23 -4.62
C ARG C 422 -34.51 -37.04 -4.97
N LEU C 423 -35.82 -37.17 -4.79
CA LEU C 423 -36.73 -36.08 -5.14
C LEU C 423 -36.80 -35.01 -4.06
N MET C 424 -36.91 -35.39 -2.78
CA MET C 424 -37.05 -34.42 -1.72
C MET C 424 -35.82 -33.54 -1.52
N ASN C 425 -34.65 -34.03 -1.92
CA ASN C 425 -33.45 -33.22 -1.85
C ASN C 425 -33.42 -32.17 -2.96
N ALA C 426 -34.24 -32.32 -4.00
CA ALA C 426 -34.35 -31.29 -5.00
C ALA C 426 -35.19 -30.10 -4.55
N PHE C 427 -35.89 -30.23 -3.42
CA PHE C 427 -36.68 -29.13 -2.88
C PHE C 427 -35.92 -28.36 -1.82
N VAL C 428 -34.61 -28.58 -1.72
CA VAL C 428 -33.75 -27.83 -0.82
C VAL C 428 -32.78 -26.96 -1.58
N THR C 429 -32.15 -27.49 -2.62
CA THR C 429 -31.31 -26.67 -3.48
C THR C 429 -32.10 -25.74 -4.37
N ILE C 430 -33.42 -25.96 -4.51
CA ILE C 430 -34.26 -24.91 -5.06
C ILE C 430 -34.75 -23.99 -3.94
N GLN C 431 -34.70 -24.45 -2.69
CA GLN C 431 -35.08 -23.59 -1.58
C GLN C 431 -33.92 -22.71 -1.17
N ASN C 432 -32.71 -23.25 -1.21
CA ASN C 432 -31.54 -22.49 -0.78
C ASN C 432 -31.07 -21.50 -1.84
N ASP C 433 -31.64 -21.53 -3.04
CA ASP C 433 -31.26 -20.58 -4.07
C ASP C 433 -32.26 -19.47 -4.28
N VAL C 434 -33.51 -19.61 -3.83
CA VAL C 434 -34.30 -18.41 -3.59
C VAL C 434 -33.85 -17.78 -2.29
N ASN C 435 -33.26 -18.57 -1.40
CA ASN C 435 -32.68 -18.06 -0.16
C ASN C 435 -31.38 -17.32 -0.43
N ALA C 436 -30.62 -17.74 -1.44
CA ALA C 436 -29.36 -17.09 -1.78
C ALA C 436 -29.52 -15.98 -2.81
N PHE C 437 -30.63 -15.96 -3.55
CA PHE C 437 -30.89 -14.84 -4.44
C PHE C 437 -31.24 -13.58 -3.65
N ILE C 438 -31.85 -13.74 -2.48
CA ILE C 438 -32.36 -12.62 -1.71
C ILE C 438 -31.51 -12.39 -0.47
N ASP C 439 -31.31 -13.41 0.34
CA ASP C 439 -30.49 -13.29 1.52
C ASP C 439 -29.11 -13.88 1.23
N SER C 440 -28.19 -13.65 2.17
CA SER C 440 -27.04 -14.55 2.26
C SER C 440 -26.72 -14.90 3.69
N THR C 441 -27.27 -14.20 4.68
CA THR C 441 -27.15 -14.58 6.08
C THR C 441 -28.21 -15.58 6.49
N LYS C 442 -29.10 -15.96 5.56
CA LYS C 442 -30.16 -16.92 5.85
C LYS C 442 -29.97 -18.20 5.08
N ALA C 443 -28.85 -18.35 4.39
CA ALA C 443 -28.53 -19.53 3.59
C ALA C 443 -27.57 -20.42 4.35
N GLN C 444 -27.80 -21.73 4.27
CA GLN C 444 -26.84 -22.68 4.86
C GLN C 444 -25.56 -22.72 4.04
N GLY C 445 -25.65 -23.16 2.80
CA GLY C 445 -24.47 -23.21 1.96
C GLY C 445 -23.53 -24.33 2.37
N ARG C 446 -22.24 -24.12 2.13
CA ARG C 446 -21.22 -25.11 2.41
C ARG C 446 -20.27 -24.66 3.52
N THR C 447 -19.61 -23.52 3.35
CA THR C 447 -18.60 -23.06 4.29
C THR C 447 -18.79 -21.57 4.52
N SER C 448 -17.86 -20.98 5.26
CA SER C 448 -17.82 -19.53 5.49
C SER C 448 -16.87 -18.93 4.48
N GLY C 449 -17.41 -18.47 3.35
CA GLY C 449 -16.59 -18.08 2.22
C GLY C 449 -16.24 -16.60 2.14
N LYS C 450 -15.48 -16.11 3.14
CA LYS C 450 -14.97 -14.75 3.30
C LYS C 450 -16.01 -13.65 3.02
N VAL C 451 -17.02 -13.55 3.87
CA VAL C 451 -18.23 -12.74 3.70
C VAL C 451 -18.87 -13.16 2.39
N PRO C 452 -19.62 -14.28 2.37
CA PRO C 452 -20.01 -14.95 1.13
C PRO C 452 -20.91 -14.10 0.23
N ILE C 453 -21.15 -14.65 -0.96
CA ILE C 453 -21.72 -13.96 -2.11
C ILE C 453 -23.17 -13.54 -1.82
N PRO C 454 -23.48 -12.25 -1.95
CA PRO C 454 -24.70 -11.71 -1.34
C PRO C 454 -25.96 -12.11 -2.10
N GLY C 455 -27.09 -11.91 -1.44
CA GLY C 455 -28.37 -11.94 -2.10
C GLY C 455 -28.75 -10.53 -2.48
N VAL C 456 -29.99 -10.13 -2.19
CA VAL C 456 -30.38 -8.73 -2.34
C VAL C 456 -30.80 -8.10 -1.02
N LYS C 457 -31.06 -8.87 0.02
CA LYS C 457 -31.21 -8.28 1.34
C LYS C 457 -29.87 -7.76 1.83
N GLN C 458 -28.80 -8.50 1.55
CA GLN C 458 -27.46 -8.08 1.95
C GLN C 458 -26.90 -6.95 1.11
N ALA C 459 -27.51 -6.64 -0.02
CA ALA C 459 -27.15 -5.45 -0.76
C ALA C 459 -27.77 -4.19 -0.16
N LEU C 460 -28.50 -4.30 0.94
CA LEU C 460 -29.27 -3.19 1.47
C LEU C 460 -29.11 -3.03 2.98
N GLU C 461 -28.24 -3.80 3.64
CA GLU C 461 -28.16 -3.80 5.10
C GLU C 461 -26.73 -3.63 5.61
N LYS C 462 -26.24 -2.39 5.66
CA LYS C 462 -25.05 -2.00 6.41
C LYS C 462 -24.98 -0.48 6.33
N LYS C 463 -23.89 0.10 6.84
CA LYS C 463 -23.55 1.48 6.50
C LYS C 463 -23.36 1.63 5.00
N GLU C 464 -22.75 0.63 4.39
CA GLU C 464 -22.70 0.47 2.95
C GLU C 464 -23.95 -0.27 2.49
N GLY C 465 -23.99 -0.65 1.23
CA GLY C 465 -25.24 -1.13 0.68
C GLY C 465 -25.76 -0.10 -0.30
N LEU C 466 -26.91 0.51 -0.02
CA LEU C 466 -27.49 1.41 -0.99
C LEU C 466 -28.02 2.71 -0.42
N PHE C 467 -28.56 2.72 0.79
CA PHE C 467 -29.32 3.87 1.27
C PHE C 467 -28.40 4.95 1.82
N ARG C 468 -27.56 4.61 2.79
CA ARG C 468 -26.56 5.54 3.26
C ARG C 468 -25.43 5.68 2.24
N LYS C 469 -25.23 4.64 1.42
CA LYS C 469 -24.05 4.58 0.57
C LYS C 469 -24.25 5.41 -0.68
N HIS C 470 -25.38 5.24 -1.38
CA HIS C 470 -25.62 6.02 -2.58
C HIS C 470 -27.04 6.58 -2.70
N MET C 471 -27.82 6.60 -1.62
CA MET C 471 -29.03 7.40 -1.61
C MET C 471 -28.95 8.57 -0.64
N MET C 472 -28.41 8.37 0.55
CA MET C 472 -28.13 9.51 1.41
C MET C 472 -26.82 10.19 1.02
N GLY C 473 -25.84 9.39 0.59
CA GLY C 473 -24.48 9.87 0.42
C GLY C 473 -24.05 9.99 -1.03
N LYS C 474 -24.91 10.59 -1.85
CA LYS C 474 -24.70 10.69 -3.29
C LYS C 474 -23.51 11.58 -3.60
N ARG C 475 -22.55 11.04 -4.35
CA ARG C 475 -21.41 11.84 -4.79
C ARG C 475 -21.83 12.80 -5.89
N VAL C 476 -21.17 13.96 -5.94
CA VAL C 476 -21.70 15.09 -6.68
C VAL C 476 -20.76 15.53 -7.78
N ASN C 477 -21.33 16.08 -8.85
CA ASN C 477 -20.58 16.77 -9.86
C ASN C 477 -20.21 18.16 -9.38
N TYR C 478 -19.32 18.81 -10.14
CA TYR C 478 -18.95 20.22 -9.98
C TYR C 478 -18.39 20.53 -8.59
N ALA C 479 -17.52 19.65 -8.09
CA ALA C 479 -17.10 19.75 -6.70
C ALA C 479 -15.64 19.39 -6.57
N ALA C 480 -14.94 20.09 -5.67
CA ALA C 480 -13.52 19.84 -5.47
C ALA C 480 -13.18 19.68 -3.98
N ARG C 481 -11.90 19.50 -3.69
CA ARG C 481 -11.38 19.51 -2.32
C ARG C 481 -9.93 19.91 -2.41
N SER C 482 -9.43 20.55 -1.36
CA SER C 482 -8.09 21.10 -1.45
C SER C 482 -7.52 21.22 -0.04
N VAL C 483 -6.41 21.94 0.06
CA VAL C 483 -5.75 22.18 1.33
C VAL C 483 -5.96 23.63 1.69
N ILE C 484 -6.59 23.88 2.84
CA ILE C 484 -6.90 25.21 3.25
C ILE C 484 -5.63 25.95 3.63
N SER C 485 -5.71 27.27 3.63
CA SER C 485 -4.54 28.08 3.89
C SER C 485 -5.00 29.41 4.46
N PRO C 486 -4.13 30.09 5.21
CA PRO C 486 -4.47 31.44 5.64
C PRO C 486 -4.29 32.47 4.54
N ASP C 487 -5.20 33.45 4.56
CA ASP C 487 -5.09 34.62 3.75
C ASP C 487 -5.88 35.70 4.48
N PRO C 488 -5.23 36.78 4.90
CA PRO C 488 -5.94 37.91 5.53
C PRO C 488 -6.28 39.06 4.59
N ASN C 489 -6.13 38.91 3.27
CA ASN C 489 -6.51 39.97 2.35
C ASN C 489 -7.79 39.68 1.59
N ILE C 490 -8.56 38.70 2.02
CA ILE C 490 -9.88 38.49 1.43
C ILE C 490 -10.92 38.80 2.49
N GLU C 491 -12.14 39.07 2.02
CA GLU C 491 -13.26 39.34 2.91
C GLU C 491 -13.62 38.11 3.73
N THR C 492 -14.28 38.35 4.86
CA THR C 492 -14.64 37.26 5.74
C THR C 492 -15.72 36.37 5.15
N ASN C 493 -16.55 36.90 4.25
CA ASN C 493 -17.51 36.09 3.49
C ASN C 493 -16.93 35.66 2.15
N GLU C 494 -15.71 35.15 2.12
CA GLU C 494 -15.08 34.84 0.85
C GLU C 494 -14.23 33.59 0.95
N ILE C 495 -13.66 33.23 -0.19
CA ILE C 495 -12.72 32.14 -0.33
C ILE C 495 -11.78 32.53 -1.46
N GLY C 496 -10.54 32.06 -1.37
CA GLY C 496 -9.54 32.29 -2.41
C GLY C 496 -9.46 31.06 -3.30
N VAL C 497 -9.46 31.30 -4.61
CA VAL C 497 -9.57 30.20 -5.58
C VAL C 497 -8.41 30.23 -6.56
N PRO C 498 -7.71 29.11 -6.75
CA PRO C 498 -6.59 29.07 -7.67
C PRO C 498 -7.10 29.07 -9.10
N PRO C 499 -6.26 29.39 -10.07
CA PRO C 499 -6.66 29.21 -11.48
C PRO C 499 -6.77 27.74 -11.90
N VAL C 500 -6.30 26.80 -11.09
CA VAL C 500 -6.54 25.38 -11.37
C VAL C 500 -8.00 25.05 -11.19
N PHE C 501 -8.61 25.53 -10.11
CA PHE C 501 -10.05 25.37 -9.96
C PHE C 501 -10.81 26.25 -10.95
N ALA C 502 -10.23 27.38 -11.33
CA ALA C 502 -10.98 28.42 -12.03
C ALA C 502 -11.15 28.16 -13.51
N VAL C 503 -10.68 27.03 -14.03
CA VAL C 503 -10.83 26.70 -15.43
C VAL C 503 -11.53 25.36 -15.61
N LYS C 504 -12.13 24.83 -14.54
CA LYS C 504 -12.79 23.53 -14.62
C LYS C 504 -14.27 23.62 -14.26
N LEU C 505 -14.61 24.45 -13.27
CA LEU C 505 -15.98 24.51 -12.77
C LEU C 505 -16.82 25.47 -13.60
N THR C 506 -17.94 24.97 -14.12
CA THR C 506 -18.71 25.74 -15.08
C THR C 506 -20.12 26.00 -14.58
N TYR C 507 -20.67 27.13 -15.02
CA TYR C 507 -22.03 27.51 -14.66
C TYR C 507 -22.86 27.65 -15.93
N PRO C 508 -23.96 26.90 -16.06
CA PRO C 508 -24.79 27.01 -17.27
C PRO C 508 -25.58 28.30 -17.37
N GLU C 509 -24.92 29.35 -17.85
CA GLU C 509 -25.50 30.69 -17.90
C GLU C 509 -26.32 30.88 -19.17
N PRO C 510 -27.63 31.09 -19.08
CA PRO C 510 -28.43 31.33 -20.28
C PRO C 510 -28.15 32.71 -20.87
N VAL C 511 -28.45 32.85 -22.15
CA VAL C 511 -28.12 34.10 -22.84
C VAL C 511 -29.38 34.94 -22.96
N THR C 512 -29.17 36.26 -22.87
CA THR C 512 -30.20 37.30 -22.93
C THR C 512 -29.59 38.50 -23.64
N ALA C 513 -30.21 39.67 -23.46
CA ALA C 513 -29.68 40.91 -24.01
C ALA C 513 -28.80 41.68 -23.04
N TYR C 514 -28.79 41.31 -21.76
CA TYR C 514 -27.94 42.00 -20.79
C TYR C 514 -26.65 41.26 -20.47
N ASN C 515 -26.61 39.94 -20.63
CA ASN C 515 -25.40 39.18 -20.42
C ASN C 515 -24.58 38.99 -21.68
N ILE C 516 -25.10 39.45 -22.83
CA ILE C 516 -24.44 39.22 -24.10
C ILE C 516 -23.17 40.05 -24.25
N ALA C 517 -23.03 41.11 -23.48
CA ALA C 517 -21.78 41.86 -23.48
C ALA C 517 -20.66 41.04 -22.84
N GLU C 518 -21.01 40.12 -21.95
CA GLU C 518 -20.01 39.28 -21.27
C GLU C 518 -19.88 37.90 -21.87
N LEU C 519 -20.98 37.27 -22.28
CA LEU C 519 -20.90 35.90 -22.76
C LEU C 519 -20.25 35.81 -24.14
N ARG C 520 -20.23 36.90 -24.90
CA ARG C 520 -19.42 36.90 -26.12
C ARG C 520 -17.94 36.91 -25.81
N GLN C 521 -17.52 37.65 -24.78
CA GLN C 521 -16.11 37.61 -24.40
C GLN C 521 -15.76 36.29 -23.72
N ALA C 522 -16.77 35.57 -23.22
CA ALA C 522 -16.53 34.26 -22.63
C ALA C 522 -16.17 33.23 -23.67
N VAL C 523 -16.74 33.32 -24.87
CA VAL C 523 -16.44 32.34 -25.92
C VAL C 523 -15.15 32.69 -26.64
N ILE C 524 -14.78 33.97 -26.70
CA ILE C 524 -13.51 34.40 -27.28
C ILE C 524 -12.34 33.83 -26.48
N ASN C 525 -12.44 33.87 -25.16
CA ASN C 525 -11.36 33.37 -24.32
C ASN C 525 -11.26 31.86 -24.36
N GLY C 526 -12.37 31.17 -24.16
CA GLY C 526 -12.34 29.74 -24.08
C GLY C 526 -11.74 29.31 -22.76
N PRO C 527 -11.45 28.01 -22.61
CA PRO C 527 -10.82 27.53 -21.37
C PRO C 527 -9.30 27.68 -21.33
N ASP C 528 -8.82 28.83 -21.79
CA ASP C 528 -7.40 29.14 -21.73
C ASP C 528 -7.14 30.33 -20.82
N LYS C 529 -7.74 31.48 -21.11
CA LYS C 529 -7.72 32.61 -20.21
C LYS C 529 -8.91 32.46 -19.27
N TRP C 530 -8.80 33.04 -18.07
CA TRP C 530 -9.79 32.75 -17.03
C TRP C 530 -11.18 33.32 -17.29
N PRO C 531 -11.39 34.63 -17.61
CA PRO C 531 -12.77 35.05 -17.84
C PRO C 531 -13.33 34.50 -19.14
N GLY C 532 -13.73 33.23 -19.14
CA GLY C 532 -14.10 32.53 -20.36
C GLY C 532 -15.20 31.53 -20.18
N ALA C 533 -15.22 30.53 -21.07
CA ALA C 533 -16.29 29.54 -21.13
C ALA C 533 -15.75 28.26 -21.75
N THR C 534 -16.35 27.14 -21.38
CA THR C 534 -15.85 25.85 -21.83
C THR C 534 -16.63 25.28 -23.01
N GLN C 535 -17.94 25.13 -22.88
CA GLN C 535 -18.75 24.61 -23.97
C GLN C 535 -20.08 25.35 -24.01
N ILE C 536 -20.72 25.32 -25.18
CA ILE C 536 -21.95 26.07 -25.40
C ILE C 536 -23.07 25.10 -25.68
N GLN C 537 -24.26 25.64 -25.91
CA GLN C 537 -25.47 24.82 -25.97
C GLN C 537 -26.48 25.53 -26.87
N ASN C 538 -26.76 24.95 -28.03
CA ASN C 538 -27.75 25.51 -28.94
C ASN C 538 -29.15 25.14 -28.44
N GLU C 539 -30.16 25.46 -29.24
CA GLU C 539 -31.54 25.22 -28.84
C GLU C 539 -31.96 23.76 -28.89
N ASP C 540 -31.10 22.88 -29.41
CA ASP C 540 -31.41 21.46 -29.48
C ASP C 540 -30.98 20.69 -28.24
N GLY C 541 -29.90 21.12 -27.60
CA GLY C 541 -29.34 20.37 -26.48
C GLY C 541 -27.96 19.85 -26.81
N SER C 542 -27.38 20.36 -27.89
CA SER C 542 -26.05 19.94 -28.31
C SER C 542 -24.99 20.58 -27.43
N LEU C 543 -24.03 19.77 -26.97
CA LEU C 543 -22.92 20.28 -26.19
C LEU C 543 -21.74 20.48 -27.13
N VAL C 544 -21.86 21.51 -27.96
CA VAL C 544 -20.80 21.89 -28.88
C VAL C 544 -19.67 22.50 -28.04
N SER C 545 -18.53 21.81 -27.99
CA SER C 545 -17.43 22.26 -27.16
C SER C 545 -16.72 23.45 -27.81
N LEU C 546 -15.77 24.03 -27.06
CA LEU C 546 -14.95 25.12 -27.56
C LEU C 546 -13.46 24.80 -27.48
N ILE C 547 -13.11 23.52 -27.36
CA ILE C 547 -11.71 23.14 -27.20
C ILE C 547 -10.98 23.21 -28.53
N GLY C 548 -11.51 22.55 -29.55
CA GLY C 548 -10.80 22.44 -30.81
C GLY C 548 -10.77 23.72 -31.62
N MET C 549 -11.59 24.70 -31.28
CA MET C 549 -11.70 25.92 -32.05
C MET C 549 -10.49 26.84 -31.79
N SER C 550 -10.51 28.00 -32.42
CA SER C 550 -9.56 29.07 -32.16
C SER C 550 -10.27 30.39 -32.43
N VAL C 551 -9.48 31.47 -32.55
CA VAL C 551 -10.03 32.81 -32.67
C VAL C 551 -10.83 33.05 -33.95
N GLU C 552 -10.74 32.17 -34.94
CA GLU C 552 -11.68 32.21 -36.05
C GLU C 552 -13.07 31.80 -35.61
N GLN C 553 -13.22 30.55 -35.17
CA GLN C 553 -14.55 30.04 -34.83
C GLN C 553 -15.06 30.60 -33.51
N ARG C 554 -14.18 31.03 -32.62
CA ARG C 554 -14.64 31.56 -31.34
C ARG C 554 -15.27 32.94 -31.51
N LYS C 555 -14.77 33.73 -32.45
CA LYS C 555 -15.43 35.00 -32.72
C LYS C 555 -16.71 34.80 -33.53
N ALA C 556 -16.81 33.70 -34.28
CA ALA C 556 -17.97 33.50 -35.13
C ALA C 556 -19.19 33.05 -34.34
N LEU C 557 -19.01 32.09 -33.44
CA LEU C 557 -20.12 31.48 -32.73
C LEU C 557 -20.70 32.38 -31.64
N ALA C 558 -19.94 33.40 -31.19
CA ALA C 558 -20.46 34.33 -30.19
C ALA C 558 -21.59 35.18 -30.76
N ASN C 559 -21.56 35.46 -32.05
CA ASN C 559 -22.66 36.13 -32.72
C ASN C 559 -23.68 35.14 -33.26
N GLN C 560 -23.45 33.84 -33.08
CA GLN C 560 -24.42 32.79 -33.32
C GLN C 560 -25.23 32.47 -32.07
N LEU C 561 -25.40 33.43 -31.17
CA LEU C 561 -26.17 33.25 -29.95
C LEU C 561 -27.55 33.89 -30.04
N LEU C 562 -27.63 35.10 -30.61
CA LEU C 562 -28.87 35.85 -30.74
C LEU C 562 -29.58 35.59 -32.06
N THR C 563 -29.37 34.41 -32.65
CA THR C 563 -30.04 34.02 -33.88
C THR C 563 -31.08 32.97 -33.55
N PRO C 564 -32.36 33.34 -33.47
CA PRO C 564 -33.37 32.40 -32.98
C PRO C 564 -33.62 31.24 -33.95
N SER C 565 -34.06 30.12 -33.37
CA SER C 565 -34.27 28.92 -34.13
C SER C 565 -35.63 28.96 -34.81
N SER C 566 -35.67 28.45 -36.03
CA SER C 566 -36.91 28.25 -36.75
C SER C 566 -37.56 26.92 -36.42
N ASN C 567 -36.94 26.13 -35.55
CA ASN C 567 -37.66 24.99 -34.99
C ASN C 567 -38.66 25.54 -34.00
N VAL C 568 -39.93 25.16 -34.18
CA VAL C 568 -41.03 25.87 -33.53
C VAL C 568 -41.08 25.58 -32.03
N SER C 569 -40.55 24.44 -31.59
CA SER C 569 -40.55 24.12 -30.16
C SER C 569 -39.50 24.90 -29.39
N THR C 570 -38.51 25.47 -30.07
CA THR C 570 -37.33 26.01 -29.43
C THR C 570 -37.20 27.52 -29.67
N HIS C 571 -38.32 28.24 -29.65
CA HIS C 571 -38.27 29.69 -29.82
C HIS C 571 -38.28 30.45 -28.51
N THR C 572 -38.63 29.78 -27.41
CA THR C 572 -38.49 30.38 -26.08
C THR C 572 -37.11 30.09 -25.50
N LEU C 573 -36.64 28.86 -25.66
CA LEU C 573 -35.41 28.39 -25.05
C LEU C 573 -34.22 29.12 -25.64
N ASN C 574 -33.50 29.87 -24.81
CA ASN C 574 -32.30 30.57 -25.23
C ASN C 574 -31.05 29.76 -24.88
N LYS C 575 -29.92 30.23 -25.37
CA LYS C 575 -28.69 29.43 -25.36
C LYS C 575 -27.95 29.57 -24.04
N LYS C 576 -27.33 28.47 -23.62
CA LYS C 576 -26.67 28.40 -22.32
C LYS C 576 -25.17 28.19 -22.52
N VAL C 577 -24.43 29.29 -22.56
CA VAL C 577 -22.98 29.23 -22.67
C VAL C 577 -22.42 28.91 -21.28
N TYR C 578 -21.82 27.74 -21.12
CA TYR C 578 -21.27 27.33 -19.83
C TYR C 578 -19.99 28.13 -19.57
N ARG C 579 -20.08 29.24 -18.84
CA ARG C 579 -18.92 30.04 -18.52
C ARG C 579 -18.06 29.35 -17.47
N HIS C 580 -16.96 29.98 -17.07
CA HIS C 580 -16.19 29.48 -15.93
C HIS C 580 -16.82 29.92 -14.61
N ILE C 581 -16.05 29.86 -13.54
CA ILE C 581 -16.46 30.47 -12.28
C ILE C 581 -15.85 31.86 -12.21
N LYS C 582 -16.66 32.84 -11.83
CA LYS C 582 -16.26 34.24 -11.84
C LYS C 582 -15.94 34.73 -10.43
N ASN C 583 -15.72 36.04 -10.33
CA ASN C 583 -15.53 36.73 -9.07
C ASN C 583 -16.83 36.96 -8.33
N ARG C 584 -17.97 36.56 -8.87
CA ARG C 584 -19.25 36.83 -8.24
C ARG C 584 -20.06 35.60 -7.91
N ASP C 585 -19.63 34.41 -8.30
CA ASP C 585 -20.34 33.19 -7.95
C ASP C 585 -20.13 32.90 -6.47
N VAL C 586 -21.12 32.29 -5.84
CA VAL C 586 -21.02 31.94 -4.43
C VAL C 586 -21.10 30.43 -4.29
N VAL C 587 -20.27 29.89 -3.41
CA VAL C 587 -19.88 28.49 -3.41
C VAL C 587 -19.95 27.98 -1.97
N LEU C 588 -20.56 26.80 -1.78
CA LEU C 588 -20.55 26.16 -0.48
C LEU C 588 -19.14 25.78 -0.06
N MET C 589 -18.99 25.49 1.23
CA MET C 589 -17.72 25.00 1.71
C MET C 589 -18.03 23.97 2.78
N ASN C 590 -17.09 23.07 3.03
CA ASN C 590 -17.43 21.87 3.79
C ASN C 590 -16.17 21.28 4.41
N ARG C 591 -16.12 21.28 5.74
CA ARG C 591 -15.22 20.44 6.50
C ARG C 591 -15.82 19.03 6.57
N GLN C 592 -14.96 18.06 6.71
CA GLN C 592 -15.45 16.69 6.61
C GLN C 592 -16.14 16.23 7.90
N PRO C 593 -15.64 16.53 9.14
CA PRO C 593 -16.55 16.40 10.28
C PRO C 593 -17.43 17.63 10.43
N THR C 594 -18.67 17.50 10.00
CA THR C 594 -19.64 18.58 10.11
C THR C 594 -20.54 18.21 11.28
N LEU C 595 -20.26 18.80 12.43
CA LEU C 595 -21.02 18.55 13.64
C LEU C 595 -22.06 19.64 13.87
N HIS C 596 -21.60 20.87 14.02
CA HIS C 596 -22.44 22.04 13.86
C HIS C 596 -22.65 22.31 12.38
N LYS C 597 -23.81 22.84 12.03
CA LYS C 597 -24.11 23.10 10.63
C LYS C 597 -23.36 24.31 10.08
N ALA C 598 -22.70 25.09 10.93
CA ALA C 598 -21.92 26.22 10.46
C ALA C 598 -20.55 25.82 9.94
N SER C 599 -20.27 24.51 9.84
CA SER C 599 -19.17 23.97 9.04
C SER C 599 -19.51 23.93 7.56
N MET C 600 -20.71 24.38 7.19
CA MET C 600 -21.24 24.30 5.83
C MET C 600 -21.83 25.66 5.51
N MET C 601 -21.00 26.55 4.99
CA MET C 601 -21.45 27.92 4.74
C MET C 601 -21.21 28.24 3.27
N GLY C 602 -21.36 29.49 2.88
CA GLY C 602 -21.18 29.87 1.49
C GLY C 602 -20.28 31.08 1.37
N HIS C 603 -19.54 31.19 0.28
CA HIS C 603 -18.52 32.22 0.16
C HIS C 603 -18.54 32.85 -1.23
N LYS C 604 -18.37 34.16 -1.27
CA LYS C 604 -18.10 34.83 -2.54
C LYS C 604 -16.74 34.38 -3.05
N VAL C 605 -16.70 33.97 -4.29
CA VAL C 605 -15.45 33.49 -4.86
C VAL C 605 -14.61 34.68 -5.28
N ARG C 606 -13.39 34.76 -4.77
CA ARG C 606 -12.36 35.61 -5.33
C ARG C 606 -11.30 34.69 -5.91
N VAL C 607 -11.12 34.75 -7.22
CA VAL C 607 -10.14 33.89 -7.89
C VAL C 607 -8.78 34.56 -7.81
N LEU C 608 -7.84 33.88 -7.16
CA LEU C 608 -6.53 34.42 -6.92
C LEU C 608 -5.56 33.80 -7.90
N PRO C 609 -4.83 34.58 -8.68
CA PRO C 609 -3.78 34.03 -9.53
C PRO C 609 -2.59 33.60 -8.68
N ASN C 610 -1.65 32.92 -9.35
CA ASN C 610 -0.36 32.51 -8.78
C ASN C 610 -0.51 31.59 -7.58
N GLU C 611 -1.54 30.74 -7.56
CA GLU C 611 -1.81 29.92 -6.39
C GLU C 611 -2.25 28.52 -6.79
N LYS C 612 -2.18 27.60 -5.83
CA LYS C 612 -2.58 26.22 -6.04
C LYS C 612 -3.40 25.65 -4.89
N THR C 613 -3.67 26.42 -3.84
CA THR C 613 -4.50 25.98 -2.71
C THR C 613 -5.63 26.97 -2.47
N LEU C 614 -6.61 26.52 -1.70
CA LEU C 614 -7.65 27.41 -1.22
C LEU C 614 -7.06 28.46 -0.29
N ARG C 615 -7.75 29.58 -0.17
CA ARG C 615 -7.31 30.64 0.73
C ARG C 615 -8.50 31.01 1.61
N LEU C 616 -8.30 30.92 2.92
CA LEU C 616 -9.36 31.15 3.88
C LEU C 616 -9.01 32.33 4.78
N HIS C 617 -10.01 32.99 5.34
CA HIS C 617 -9.78 34.04 6.32
C HIS C 617 -9.91 33.47 7.73
N TYR C 618 -9.32 34.19 8.69
CA TYR C 618 -9.27 33.70 10.07
C TYR C 618 -10.64 33.75 10.74
N ALA C 619 -11.53 34.58 10.20
CA ALA C 619 -12.90 34.65 10.68
C ALA C 619 -13.62 33.34 10.40
N ASN C 620 -13.23 32.67 9.33
CA ASN C 620 -13.88 31.41 8.97
C ASN C 620 -13.42 30.29 9.89
N THR C 621 -12.13 30.23 10.19
CA THR C 621 -11.55 29.06 10.83
C THR C 621 -11.89 28.97 12.31
N GLY C 622 -12.54 29.97 12.88
CA GLY C 622 -13.11 29.82 14.21
C GLY C 622 -14.49 29.19 14.14
N ALA C 623 -15.08 29.19 12.95
CA ALA C 623 -16.40 28.62 12.75
C ALA C 623 -16.35 27.18 12.24
N TYR C 624 -15.51 26.92 11.25
CA TYR C 624 -15.35 25.56 10.75
C TYR C 624 -14.58 24.68 11.71
N ASN C 625 -13.82 25.28 12.62
CA ASN C 625 -12.88 24.62 13.54
C ASN C 625 -11.90 23.75 12.75
N ALA C 626 -11.09 24.45 11.95
CA ALA C 626 -10.09 23.83 11.10
C ALA C 626 -8.82 24.67 11.18
N ASP C 627 -7.86 24.23 12.00
CA ASP C 627 -6.55 24.85 12.05
C ASP C 627 -5.78 24.57 10.77
N PHE C 628 -4.68 25.29 10.60
CA PHE C 628 -3.89 25.20 9.37
C PHE C 628 -2.76 24.19 9.52
N ASP C 629 -3.20 22.96 9.80
CA ASP C 629 -2.39 21.77 9.65
C ASP C 629 -2.63 21.08 8.32
N GLY C 630 -3.33 21.74 7.39
CA GLY C 630 -3.57 21.19 6.08
C GLY C 630 -4.71 20.20 6.03
N ASP C 631 -5.93 20.66 6.24
CA ASP C 631 -7.11 19.81 6.22
C ASP C 631 -7.78 19.84 4.86
N GLU C 632 -8.32 18.68 4.47
CA GLU C 632 -9.04 18.57 3.21
C GLU C 632 -10.47 19.03 3.44
N MET C 633 -10.76 20.26 3.04
CA MET C 633 -12.12 20.76 3.00
C MET C 633 -12.68 20.67 1.59
N ASN C 634 -13.90 20.16 1.46
CA ASN C 634 -14.51 20.07 0.16
C ASN C 634 -15.01 21.45 -0.28
N MET C 635 -15.58 21.50 -1.48
CA MET C 635 -15.99 22.76 -2.09
C MET C 635 -17.04 22.46 -3.14
N HIS C 636 -18.14 23.21 -3.14
CA HIS C 636 -19.29 22.86 -3.97
C HIS C 636 -19.88 24.09 -4.63
N PHE C 637 -19.75 24.16 -5.94
CA PHE C 637 -20.13 25.27 -6.80
C PHE C 637 -21.51 25.03 -7.39
N PRO C 638 -22.57 25.67 -6.87
CA PRO C 638 -23.94 25.32 -7.27
C PRO C 638 -24.28 25.81 -8.66
N GLN C 639 -25.37 25.23 -9.19
CA GLN C 639 -25.57 25.17 -10.64
C GLN C 639 -26.85 25.80 -11.17
N ASN C 640 -27.72 26.36 -10.33
CA ASN C 640 -28.86 27.12 -10.83
C ASN C 640 -29.13 28.30 -9.91
N GLU C 641 -30.16 29.06 -10.24
CA GLU C 641 -30.40 30.33 -9.56
C GLU C 641 -31.36 30.24 -8.37
N ASN C 642 -32.11 29.15 -8.24
CA ASN C 642 -32.78 28.91 -6.96
C ASN C 642 -31.79 28.55 -5.86
N ALA C 643 -30.61 28.08 -6.22
CA ALA C 643 -29.60 27.73 -5.23
C ALA C 643 -28.62 28.87 -4.95
N ARG C 644 -28.28 29.68 -5.96
CA ARG C 644 -27.34 30.78 -5.75
C ARG C 644 -27.91 31.84 -4.83
N ALA C 645 -29.22 32.02 -4.83
CA ALA C 645 -29.84 32.91 -3.85
C ALA C 645 -29.81 32.34 -2.46
N GLU C 646 -29.91 31.02 -2.31
CA GLU C 646 -29.87 30.40 -0.99
C GLU C 646 -28.48 30.49 -0.41
N ALA C 647 -27.46 30.30 -1.24
CA ALA C 647 -26.08 30.45 -0.77
C ALA C 647 -25.72 31.89 -0.47
N LEU C 648 -26.50 32.86 -0.93
CA LEU C 648 -26.29 34.24 -0.55
C LEU C 648 -27.22 34.74 0.55
N ASN C 649 -28.25 34.00 0.89
CA ASN C 649 -29.18 34.58 1.84
C ASN C 649 -29.45 33.70 3.04
N LEU C 650 -29.50 32.39 2.85
CA LEU C 650 -29.78 31.49 3.96
C LEU C 650 -28.52 30.96 4.63
N ALA C 651 -27.69 30.25 3.88
CA ALA C 651 -26.53 29.58 4.42
C ALA C 651 -25.26 30.35 4.16
N ASN C 652 -25.31 31.67 4.14
CA ASN C 652 -24.07 32.41 4.02
C ASN C 652 -23.41 32.53 5.38
N THR C 653 -22.22 33.13 5.39
CA THR C 653 -21.44 33.17 6.62
C THR C 653 -21.95 34.23 7.59
N ASP C 654 -22.41 35.37 7.05
CA ASP C 654 -22.73 36.51 7.89
C ASP C 654 -23.98 36.26 8.71
N SER C 655 -24.95 35.52 8.16
CA SER C 655 -26.10 35.10 8.94
C SER C 655 -25.73 34.04 9.95
N GLN C 656 -24.67 33.29 9.70
CA GLN C 656 -24.17 32.35 10.69
C GLN C 656 -23.12 33.00 11.59
N TYR C 657 -23.49 34.13 12.20
CA TYR C 657 -22.60 34.79 13.15
C TYR C 657 -22.73 34.17 14.53
N LEU C 658 -23.95 34.05 15.03
CA LEU C 658 -24.15 33.38 16.28
C LEU C 658 -24.31 31.90 16.02
N THR C 659 -23.87 31.10 16.97
CA THR C 659 -24.19 29.70 16.89
C THR C 659 -25.68 29.54 17.14
N PRO C 660 -26.29 28.56 16.57
CA PRO C 660 -27.66 28.25 16.94
C PRO C 660 -27.75 27.33 18.13
N THR C 661 -26.64 27.14 18.85
CA THR C 661 -26.65 26.31 20.04
C THR C 661 -27.16 27.08 21.26
N SER C 662 -26.45 28.12 21.63
CA SER C 662 -26.88 28.99 22.71
C SER C 662 -26.74 30.46 22.36
N GLY C 663 -26.50 30.79 21.09
CA GLY C 663 -26.43 32.16 20.69
C GLY C 663 -25.08 32.80 20.89
N SER C 664 -24.06 32.04 21.03
CA SER C 664 -22.72 32.60 21.14
C SER C 664 -22.13 32.80 19.75
N PRO C 665 -21.26 33.80 19.58
CA PRO C 665 -20.66 34.01 18.27
C PRO C 665 -19.59 32.99 17.93
N VAL C 666 -19.46 32.71 16.63
CA VAL C 666 -18.42 31.83 16.13
C VAL C 666 -17.48 32.51 15.16
N ARG C 667 -17.79 33.70 14.68
CA ARG C 667 -16.83 34.41 13.86
C ARG C 667 -15.84 35.11 14.77
N GLY C 668 -14.82 35.67 14.19
CA GLY C 668 -13.95 36.58 14.92
C GLY C 668 -12.49 36.37 14.58
N LEU C 669 -11.72 37.45 14.71
CA LEU C 669 -10.28 37.37 14.60
C LEU C 669 -9.72 36.50 15.73
N ILE C 670 -8.56 35.87 15.49
CA ILE C 670 -8.21 34.77 16.40
C ILE C 670 -6.88 34.93 17.14
N GLN C 671 -5.75 35.12 16.44
CA GLN C 671 -4.48 35.11 17.17
C GLN C 671 -3.61 36.33 16.89
N ASP C 672 -3.43 36.67 15.62
CA ASP C 672 -2.52 37.76 15.25
C ASP C 672 -3.05 39.09 15.75
N HIS C 673 -4.28 39.43 15.38
CA HIS C 673 -4.73 40.80 15.51
C HIS C 673 -5.18 41.09 16.93
N ILE C 674 -5.58 40.07 17.68
CA ILE C 674 -6.07 40.27 19.04
C ILE C 674 -4.96 40.80 19.93
N SER C 675 -3.80 40.15 19.90
CA SER C 675 -2.68 40.66 20.66
C SER C 675 -2.05 41.86 19.97
N ALA C 676 -2.32 42.04 18.68
CA ALA C 676 -1.89 43.26 18.00
C ALA C 676 -2.77 44.45 18.33
N GLY C 677 -4.04 44.23 18.68
CA GLY C 677 -4.96 45.33 18.83
C GLY C 677 -4.83 46.05 20.14
N VAL C 678 -4.11 45.48 21.09
CA VAL C 678 -3.98 46.07 22.41
C VAL C 678 -2.73 46.96 22.39
N TRP C 679 -2.11 47.05 21.22
CA TRP C 679 -1.06 48.02 20.97
C TRP C 679 -1.52 49.24 20.22
N LEU C 680 -2.47 49.08 19.31
CA LEU C 680 -2.98 50.27 18.63
C LEU C 680 -3.95 50.99 19.55
N THR C 681 -4.74 50.25 20.33
CA THR C 681 -5.65 50.89 21.27
C THR C 681 -4.96 51.33 22.55
N SER C 682 -3.70 50.99 22.74
CA SER C 682 -2.94 51.48 23.87
C SER C 682 -2.73 52.98 23.76
N LYS C 683 -2.40 53.58 24.90
CA LYS C 683 -2.37 55.02 24.98
C LYS C 683 -1.14 55.61 24.30
N ASP C 684 -0.09 54.82 24.13
CA ASP C 684 1.14 55.31 23.51
C ASP C 684 1.10 55.28 21.99
N SER C 685 -0.05 54.99 21.38
CA SER C 685 -0.14 55.01 19.92
C SER C 685 -0.29 56.46 19.48
N PHE C 686 0.75 57.00 18.85
CA PHE C 686 0.75 58.39 18.40
C PHE C 686 1.14 58.42 16.93
N PHE C 687 0.16 58.22 16.08
CA PHE C 687 0.40 58.21 14.65
C PHE C 687 0.63 59.63 14.18
N THR C 688 1.36 59.77 13.10
CA THR C 688 1.50 61.10 12.53
C THR C 688 0.45 61.26 11.46
N ARG C 689 0.53 62.37 10.71
CA ARG C 689 -0.50 62.68 9.74
C ARG C 689 -0.52 61.66 8.61
N GLU C 690 0.64 61.41 8.01
CA GLU C 690 0.74 60.60 6.81
C GLU C 690 0.42 59.13 7.09
N GLN C 691 0.77 58.66 8.27
CA GLN C 691 0.40 57.31 8.67
C GLN C 691 -1.10 57.18 8.83
N TYR C 692 -1.75 58.23 9.34
CA TYR C 692 -3.13 58.12 9.78
C TYR C 692 -4.06 57.82 8.63
N GLN C 693 -3.90 58.50 7.50
CA GLN C 693 -4.65 58.09 6.32
C GLN C 693 -4.20 56.72 5.83
N GLN C 694 -2.91 56.41 5.96
CA GLN C 694 -2.37 55.17 5.40
C GLN C 694 -2.87 53.97 6.16
N TYR C 695 -2.96 54.05 7.49
CA TYR C 695 -3.60 52.96 8.22
C TYR C 695 -5.08 52.91 7.93
N ILE C 696 -5.69 54.06 7.64
CA ILE C 696 -7.09 54.08 7.25
C ILE C 696 -7.26 53.56 5.83
N TYR C 697 -6.48 54.08 4.89
CA TYR C 697 -6.68 53.68 3.50
C TYR C 697 -6.19 52.26 3.25
N GLY C 698 -5.27 51.77 4.09
CA GLY C 698 -4.83 50.39 3.97
C GLY C 698 -5.88 49.39 4.36
N CYS C 699 -6.88 49.80 5.12
CA CYS C 699 -7.95 48.90 5.52
C CYS C 699 -9.30 49.28 4.92
N ILE C 700 -9.40 50.45 4.30
CA ILE C 700 -10.65 50.98 3.77
C ILE C 700 -10.38 51.46 2.34
N ARG C 701 -11.12 50.91 1.39
CA ARG C 701 -10.91 51.24 -0.01
C ARG C 701 -12.26 51.53 -0.66
N PRO C 702 -12.54 52.77 -1.06
CA PRO C 702 -13.76 53.01 -1.84
C PRO C 702 -13.67 52.45 -3.22
N GLU C 703 -12.44 52.26 -3.74
CA GLU C 703 -12.25 51.70 -5.07
C GLU C 703 -12.80 50.29 -5.15
N ASP C 704 -12.44 49.46 -4.18
CA ASP C 704 -13.06 48.16 -4.07
C ASP C 704 -14.46 48.26 -3.47
N GLY C 705 -14.79 49.41 -2.90
CA GLY C 705 -16.13 49.62 -2.42
C GLY C 705 -16.37 49.01 -1.07
N HIS C 706 -15.71 49.55 -0.05
CA HIS C 706 -16.00 49.20 1.33
C HIS C 706 -16.87 50.24 2.03
N THR C 707 -16.66 51.53 1.75
CA THR C 707 -17.32 52.62 2.45
C THR C 707 -18.82 52.71 2.16
N THR C 708 -19.45 53.71 2.79
CA THR C 708 -20.80 54.13 2.46
C THR C 708 -20.88 55.57 2.01
N ARG C 709 -20.00 56.44 2.51
CA ARG C 709 -20.05 57.86 2.19
C ARG C 709 -19.42 58.20 0.85
N SER C 710 -18.88 57.22 0.13
CA SER C 710 -18.23 57.36 -1.19
C SER C 710 -17.06 58.36 -1.18
N LYS C 711 -16.50 58.63 0.00
CA LYS C 711 -15.30 59.44 0.16
C LYS C 711 -14.80 59.21 1.57
N ILE C 712 -13.50 58.91 1.72
CA ILE C 712 -12.93 58.67 3.03
C ILE C 712 -12.81 60.00 3.76
N VAL C 713 -13.45 60.10 4.92
CA VAL C 713 -13.45 61.30 5.73
C VAL C 713 -12.54 61.10 6.93
N THR C 714 -11.83 62.15 7.32
CA THR C 714 -10.88 62.10 8.41
C THR C 714 -11.37 62.93 9.58
N LEU C 715 -10.72 62.74 10.71
CA LEU C 715 -11.01 63.39 11.97
C LEU C 715 -9.95 64.44 12.26
N PRO C 716 -10.21 65.36 13.17
CA PRO C 716 -9.14 66.23 13.63
C PRO C 716 -8.19 65.47 14.51
N PRO C 717 -6.91 65.83 14.54
CA PRO C 717 -5.95 65.11 15.40
C PRO C 717 -6.19 65.43 16.86
N THR C 718 -5.48 64.70 17.72
CA THR C 718 -5.64 64.91 19.14
C THR C 718 -4.56 65.78 19.75
N ILE C 719 -3.59 66.24 18.97
CA ILE C 719 -2.60 67.20 19.46
C ILE C 719 -2.51 68.29 18.41
N PHE C 720 -2.49 69.54 18.84
CA PHE C 720 -2.54 70.62 17.86
C PHE C 720 -1.28 71.47 17.83
N LYS C 721 -0.84 71.99 18.97
CA LYS C 721 0.17 73.04 18.93
C LYS C 721 1.60 72.58 18.64
N PRO C 722 2.22 71.59 19.37
CA PRO C 722 3.62 71.29 19.08
C PRO C 722 3.83 70.61 17.74
N TYR C 723 3.12 69.50 17.53
CA TYR C 723 3.28 68.65 16.37
C TYR C 723 2.04 67.76 16.25
N PRO C 724 1.30 67.84 15.16
CA PRO C 724 -0.05 67.24 15.14
C PRO C 724 -0.06 65.74 15.00
N LEU C 725 -0.44 65.03 16.07
CA LEU C 725 -0.40 63.58 16.09
C LEU C 725 -1.79 63.01 16.27
N TRP C 726 -2.05 61.89 15.62
CA TRP C 726 -3.30 61.16 15.78
C TRP C 726 -3.15 60.03 16.78
N THR C 727 -4.23 59.31 17.01
CA THR C 727 -4.26 58.34 18.09
C THR C 727 -4.93 57.09 17.55
N GLY C 728 -4.59 55.96 18.12
CA GLY C 728 -5.10 54.69 17.65
C GLY C 728 -6.53 54.41 18.05
N LYS C 729 -6.95 54.92 19.20
CA LYS C 729 -8.36 54.85 19.55
C LYS C 729 -9.19 55.69 18.59
N GLN C 730 -8.59 56.75 18.06
CA GLN C 730 -9.24 57.55 17.06
C GLN C 730 -9.19 56.89 15.68
N ILE C 731 -8.34 55.88 15.48
CA ILE C 731 -8.43 55.08 14.27
C ILE C 731 -9.66 54.17 14.33
N ILE C 732 -9.90 53.55 15.49
CA ILE C 732 -11.11 52.75 15.65
C ILE C 732 -12.35 53.63 15.62
N THR C 733 -12.22 54.90 15.99
CA THR C 733 -13.28 55.88 15.76
C THR C 733 -13.54 56.12 14.28
N THR C 734 -12.50 56.05 13.44
CA THR C 734 -12.65 56.31 12.02
C THR C 734 -13.20 55.10 11.28
N VAL C 735 -12.75 53.89 11.61
CA VAL C 735 -13.25 52.71 10.91
C VAL C 735 -14.60 52.24 11.42
N LEU C 736 -15.18 52.92 12.40
CA LEU C 736 -16.61 52.78 12.68
C LEU C 736 -17.41 53.87 12.02
N LEU C 737 -16.77 54.97 11.68
CA LEU C 737 -17.42 56.05 10.96
C LEU C 737 -17.68 55.68 9.51
N ASN C 738 -16.85 54.82 8.93
CA ASN C 738 -16.75 54.70 7.49
C ASN C 738 -17.18 53.37 6.90
N VAL C 739 -17.71 52.44 7.69
CA VAL C 739 -18.32 51.24 7.11
C VAL C 739 -19.69 51.02 7.73
N THR C 740 -20.21 52.04 8.40
CA THR C 740 -21.53 52.06 8.98
C THR C 740 -22.37 53.14 8.32
N PRO C 741 -23.67 52.92 8.12
CA PRO C 741 -24.47 53.82 7.29
C PRO C 741 -24.69 55.15 7.97
N PRO C 742 -24.80 56.24 7.21
CA PRO C 742 -24.91 57.57 7.82
C PRO C 742 -26.30 57.89 8.35
N ASP C 743 -27.31 57.14 7.92
CA ASP C 743 -28.68 57.42 8.36
C ASP C 743 -28.86 57.11 9.84
N MET C 744 -28.21 56.08 10.31
CA MET C 744 -28.20 55.80 11.72
C MET C 744 -27.13 56.63 12.41
N PRO C 745 -27.38 57.05 13.65
CA PRO C 745 -26.34 57.76 14.40
C PRO C 745 -25.31 56.83 15.00
N GLY C 746 -24.38 57.37 15.78
CA GLY C 746 -23.27 56.62 16.32
C GLY C 746 -23.66 55.56 17.33
N ILE C 747 -22.65 54.83 17.78
CA ILE C 747 -22.84 53.71 18.66
C ILE C 747 -22.60 54.19 20.09
N ASN C 748 -23.12 53.43 21.06
CA ASN C 748 -22.82 53.65 22.47
C ASN C 748 -22.65 52.29 23.12
N LEU C 749 -21.51 52.05 23.75
CA LEU C 749 -21.29 50.74 24.35
C LEU C 749 -20.44 50.84 25.60
N ILE C 750 -20.89 50.13 26.65
CA ILE C 750 -20.12 49.87 27.85
C ILE C 750 -19.65 48.42 27.80
N SER C 751 -18.36 48.18 28.02
CA SER C 751 -17.84 46.82 28.01
C SER C 751 -16.57 46.72 28.85
N LYS C 752 -16.31 45.53 29.36
CA LYS C 752 -15.11 45.24 30.14
C LYS C 752 -14.01 44.67 29.26
N ASN C 753 -12.94 44.19 29.89
CA ASN C 753 -11.85 43.51 29.19
C ASN C 753 -11.47 42.24 29.93
N LYS C 754 -10.32 41.66 29.56
CA LYS C 754 -9.64 40.69 30.39
C LYS C 754 -8.36 41.24 30.99
N ILE C 755 -7.90 42.40 30.52
CA ILE C 755 -6.85 43.13 31.21
C ILE C 755 -7.41 43.74 32.48
N LYS C 756 -6.81 43.40 33.61
CA LYS C 756 -7.13 44.02 34.89
C LYS C 756 -6.53 45.42 34.93
N ASN C 757 -7.14 46.32 35.71
CA ASN C 757 -6.81 47.75 35.60
C ASN C 757 -5.39 48.10 36.01
N GLU C 758 -4.76 47.32 36.86
CA GLU C 758 -3.49 47.75 37.44
C GLU C 758 -2.31 47.52 36.52
N TYR C 759 -2.50 46.91 35.36
CA TYR C 759 -1.36 46.65 34.48
C TYR C 759 -0.85 47.89 33.80
N TRP C 760 -1.62 48.97 33.81
CA TRP C 760 -1.21 50.16 33.10
C TRP C 760 -0.63 51.23 34.01
N GLY C 761 -0.45 50.95 35.28
CA GLY C 761 0.00 51.98 36.18
C GLY C 761 -0.96 52.20 37.33
N LYS C 762 -1.05 53.44 37.81
CA LYS C 762 -1.78 53.74 39.03
C LYS C 762 -3.28 53.72 38.76
N GLY C 763 -3.83 52.52 38.78
CA GLY C 763 -5.27 52.27 38.76
C GLY C 763 -6.06 52.87 37.62
N SER C 764 -5.42 53.04 36.46
CA SER C 764 -6.08 53.68 35.34
C SER C 764 -7.18 52.77 34.79
N LEU C 765 -8.06 53.37 33.99
CA LEU C 765 -9.38 52.81 33.71
C LEU C 765 -9.45 52.15 32.34
N GLU C 766 -8.40 51.46 31.92
CA GLU C 766 -8.39 50.84 30.61
C GLU C 766 -9.07 49.48 30.59
N ASN C 767 -9.78 49.10 31.64
CA ASN C 767 -10.62 47.92 31.61
C ASN C 767 -12.01 48.25 31.11
N GLU C 768 -12.50 49.46 31.38
CA GLU C 768 -13.87 49.84 31.03
C GLU C 768 -13.85 50.42 29.61
N VAL C 769 -14.18 49.59 28.63
CA VAL C 769 -14.17 50.00 27.24
C VAL C 769 -15.46 50.75 26.98
N LEU C 770 -15.35 52.06 26.75
CA LEU C 770 -16.53 52.90 26.69
C LEU C 770 -16.62 53.55 25.32
N PHE C 771 -17.59 53.10 24.54
CA PHE C 771 -17.95 53.70 23.27
C PHE C 771 -19.04 54.72 23.48
N LYS C 772 -18.83 55.91 22.94
CA LYS C 772 -19.86 56.94 22.96
C LYS C 772 -19.82 57.67 21.63
N ASP C 773 -20.98 57.77 20.98
CA ASP C 773 -21.21 58.50 19.74
C ASP C 773 -20.34 57.96 18.60
N GLY C 774 -20.09 56.65 18.62
CA GLY C 774 -19.21 56.06 17.63
C GLY C 774 -17.78 56.49 17.79
N ALA C 775 -17.24 56.36 19.00
CA ALA C 775 -15.86 56.70 19.27
C ALA C 775 -15.30 55.76 20.32
N LEU C 776 -14.00 55.48 20.23
CA LEU C 776 -13.31 54.69 21.24
C LEU C 776 -12.72 55.69 22.23
N LEU C 777 -13.53 56.08 23.21
CA LEU C 777 -13.13 57.14 24.13
C LEU C 777 -12.34 56.64 25.31
N CYS C 778 -12.45 55.35 25.65
CA CYS C 778 -11.74 54.78 26.76
C CYS C 778 -11.71 53.26 26.57
N GLY C 779 -10.60 52.66 26.91
CA GLY C 779 -10.59 51.21 26.86
C GLY C 779 -9.79 50.68 25.69
N ILE C 780 -9.20 49.50 25.89
CA ILE C 780 -8.40 48.80 24.88
C ILE C 780 -9.19 47.61 24.35
N LEU C 781 -8.94 47.28 23.08
CA LEU C 781 -9.73 46.29 22.35
C LEU C 781 -9.07 44.93 22.44
N ASP C 782 -9.85 43.91 22.80
CA ASP C 782 -9.31 42.61 23.18
C ASP C 782 -10.11 41.50 22.51
N LYS C 783 -9.90 40.27 22.98
CA LYS C 783 -10.75 39.15 22.55
C LYS C 783 -12.19 39.36 22.96
N SER C 784 -12.40 39.94 24.14
CA SER C 784 -13.75 40.26 24.61
C SER C 784 -14.44 41.30 23.75
N GLN C 785 -13.68 42.02 22.92
CA GLN C 785 -14.28 42.94 21.95
C GLN C 785 -14.55 42.21 20.64
N TYR C 786 -13.50 41.78 19.96
CA TYR C 786 -13.63 41.33 18.58
C TYR C 786 -13.03 39.94 18.40
N GLY C 787 -13.48 39.01 19.22
CA GLY C 787 -13.24 37.61 18.95
C GLY C 787 -14.55 36.90 18.74
N ALA C 788 -14.65 35.66 19.20
CA ALA C 788 -15.95 34.99 19.31
C ALA C 788 -16.53 35.21 20.69
N SER C 789 -16.62 36.48 21.11
CA SER C 789 -17.06 36.85 22.44
C SER C 789 -18.37 37.60 22.36
N LYS C 790 -19.23 37.36 23.33
CA LYS C 790 -20.59 37.86 23.34
C LYS C 790 -20.63 39.22 24.03
N TYR C 791 -21.52 40.09 23.54
CA TYR C 791 -21.72 41.46 24.02
C TYR C 791 -20.45 42.30 23.92
N GLY C 792 -19.65 42.06 22.88
CA GLY C 792 -18.55 42.94 22.54
C GLY C 792 -18.98 43.94 21.48
N ILE C 793 -18.01 44.76 21.05
CA ILE C 793 -18.35 45.82 20.11
C ILE C 793 -18.70 45.26 18.75
N VAL C 794 -18.07 44.18 18.33
CA VAL C 794 -18.46 43.56 17.07
C VAL C 794 -19.78 42.82 17.26
N HIS C 795 -20.08 42.39 18.48
CA HIS C 795 -21.43 41.91 18.73
C HIS C 795 -22.38 43.03 19.14
N SER C 796 -21.88 44.25 19.31
CA SER C 796 -22.77 45.39 19.43
C SER C 796 -22.88 46.17 18.13
N LEU C 797 -22.23 45.70 17.08
CA LEU C 797 -22.51 46.15 15.72
C LEU C 797 -23.36 45.15 14.95
N HIS C 798 -23.33 43.88 15.34
CA HIS C 798 -24.25 42.92 14.76
C HIS C 798 -25.70 43.24 15.07
N GLU C 799 -25.99 43.73 16.28
CA GLU C 799 -27.38 43.89 16.69
C GLU C 799 -27.93 45.28 16.39
N VAL C 800 -27.13 46.32 16.55
CA VAL C 800 -27.56 47.66 16.16
C VAL C 800 -27.64 47.77 14.64
N TYR C 801 -26.51 47.59 13.96
CA TYR C 801 -26.42 47.85 12.54
C TYR C 801 -26.73 46.63 11.68
N GLY C 802 -27.26 45.56 12.24
CA GLY C 802 -27.63 44.43 11.44
C GLY C 802 -26.44 43.59 11.01
N PRO C 803 -26.71 42.41 10.45
CA PRO C 803 -25.63 41.41 10.28
C PRO C 803 -24.55 41.80 9.29
N GLU C 804 -24.91 42.37 8.15
CA GLU C 804 -23.92 42.63 7.13
C GLU C 804 -23.18 43.92 7.31
N VAL C 805 -23.10 44.47 8.52
CA VAL C 805 -22.20 45.57 8.78
C VAL C 805 -21.06 45.17 9.70
N ALA C 806 -21.34 44.42 10.77
CA ALA C 806 -20.29 43.94 11.66
C ALA C 806 -19.38 42.94 10.95
N ALA C 807 -19.96 42.06 10.16
CA ALA C 807 -19.18 41.13 9.34
C ALA C 807 -18.49 41.81 8.16
N LYS C 808 -18.75 43.09 7.90
CA LYS C 808 -17.88 43.90 7.07
C LYS C 808 -16.83 44.64 7.87
N VAL C 809 -17.03 44.80 9.19
CA VAL C 809 -16.04 45.48 10.00
C VAL C 809 -14.80 44.61 10.18
N LEU C 810 -14.99 43.30 10.40
CA LEU C 810 -13.87 42.39 10.58
C LEU C 810 -13.02 42.25 9.33
N SER C 811 -13.59 42.47 8.14
CA SER C 811 -12.76 42.56 6.96
C SER C 811 -11.93 43.83 6.93
N VAL C 812 -12.38 44.89 7.59
CA VAL C 812 -11.57 46.09 7.70
C VAL C 812 -10.54 45.96 8.80
N LEU C 813 -10.96 45.42 9.95
CA LEU C 813 -10.04 45.16 11.05
C LEU C 813 -8.97 44.16 10.64
N GLY C 814 -9.40 43.09 9.97
CA GLY C 814 -8.50 42.12 9.38
C GLY C 814 -7.58 42.66 8.31
N ARG C 815 -7.87 43.84 7.77
CA ARG C 815 -6.88 44.58 7.00
C ARG C 815 -6.21 45.67 7.82
N LEU C 816 -6.74 45.99 9.00
CA LEU C 816 -6.20 47.14 9.72
C LEU C 816 -4.93 46.80 10.45
N PHE C 817 -4.96 45.76 11.29
CA PHE C 817 -3.78 45.47 12.08
C PHE C 817 -2.75 44.73 11.25
N THR C 818 -3.18 44.08 10.16
CA THR C 818 -2.24 43.42 9.27
C THR C 818 -1.32 44.43 8.59
N ASN C 819 -1.85 45.57 8.16
CA ASN C 819 -0.98 46.66 7.74
C ASN C 819 -0.27 47.34 8.90
N TYR C 820 -0.74 47.13 10.13
CA TYR C 820 -0.04 47.64 11.30
C TYR C 820 1.03 46.69 11.81
N ILE C 821 0.76 45.37 11.75
CA ILE C 821 1.76 44.37 12.07
C ILE C 821 2.94 44.47 11.10
N THR C 822 2.65 44.68 9.83
CA THR C 822 3.69 44.77 8.82
C THR C 822 4.53 46.04 8.97
N ALA C 823 3.98 47.13 9.48
CA ALA C 823 4.79 48.31 9.72
C ALA C 823 5.46 48.32 11.08
N THR C 824 4.97 47.53 12.02
CA THR C 824 5.52 47.42 13.36
C THR C 824 5.09 46.09 13.93
N ALA C 825 6.03 45.20 14.21
CA ALA C 825 5.69 43.81 14.45
C ALA C 825 5.88 43.44 15.92
N PHE C 826 5.62 42.18 16.21
CA PHE C 826 5.38 41.72 17.57
C PHE C 826 6.08 40.37 17.79
N THR C 827 7.25 40.41 18.40
CA THR C 827 8.09 39.25 18.60
C THR C 827 7.87 38.66 19.98
N CYS C 828 8.62 37.60 20.32
CA CYS C 828 8.55 37.00 21.65
C CYS C 828 9.91 36.34 21.93
N GLY C 829 10.78 37.07 22.64
CA GLY C 829 12.15 36.64 22.83
C GLY C 829 12.32 35.58 23.90
N MET C 830 13.55 35.48 24.40
CA MET C 830 13.87 34.64 25.53
C MET C 830 13.73 35.38 26.84
N ASP C 831 14.07 36.67 26.84
CA ASP C 831 14.00 37.51 28.02
C ASP C 831 12.58 37.81 28.48
N ASP C 832 11.56 37.40 27.72
CA ASP C 832 10.19 37.52 28.19
C ASP C 832 9.85 36.48 29.25
N LEU C 833 10.71 35.48 29.43
CA LEU C 833 10.43 34.36 30.30
C LEU C 833 11.23 34.39 31.58
N ARG C 834 12.07 35.40 31.76
CA ARG C 834 13.06 35.41 32.82
C ARG C 834 12.54 36.14 34.04
N LEU C 835 12.61 35.49 35.21
CA LEU C 835 12.35 36.17 36.46
C LEU C 835 13.61 36.92 36.88
N THR C 836 13.44 38.18 37.30
CA THR C 836 14.59 38.95 37.68
C THR C 836 15.09 38.51 39.05
N ALA C 837 16.30 38.97 39.40
CA ALA C 837 17.07 38.34 40.47
C ALA C 837 16.46 38.56 41.84
N GLU C 838 15.95 39.76 42.10
CA GLU C 838 15.29 40.03 43.37
C GLU C 838 13.93 39.37 43.47
N GLY C 839 13.32 39.00 42.34
CA GLY C 839 12.05 38.32 42.37
C GLY C 839 12.17 36.82 42.29
N ASN C 840 13.25 36.34 41.67
CA ASN C 840 13.44 34.90 41.54
C ASN C 840 13.81 34.27 42.87
N LYS C 841 14.32 35.09 43.79
CA LYS C 841 14.65 34.64 45.13
C LYS C 841 13.41 34.16 45.89
N TRP C 842 12.24 34.69 45.54
CA TRP C 842 11.02 34.37 46.26
C TRP C 842 10.61 32.92 46.03
N ARG C 843 10.70 32.44 44.79
CA ARG C 843 10.34 31.05 44.52
C ARG C 843 11.37 30.09 45.09
N THR C 844 12.60 30.55 45.33
CA THR C 844 13.54 29.74 46.08
C THR C 844 13.10 29.62 47.53
N ASP C 845 12.60 30.72 48.10
CA ASP C 845 12.25 30.73 49.51
C ASP C 845 10.95 29.98 49.77
N ILE C 846 9.99 30.07 48.85
CA ILE C 846 8.71 29.38 49.05
C ILE C 846 8.90 27.88 48.88
N LEU C 847 9.72 27.49 47.92
CA LEU C 847 10.02 26.07 47.72
C LEU C 847 10.92 25.51 48.81
N LYS C 848 11.62 26.36 49.56
CA LYS C 848 12.42 25.91 50.69
C LYS C 848 11.54 25.26 51.76
N THR C 849 10.33 25.77 51.95
CA THR C 849 9.39 25.22 52.91
C THR C 849 8.44 24.20 52.27
N SER C 850 8.84 23.60 51.16
CA SER C 850 8.00 22.63 50.47
C SER C 850 8.49 21.20 50.58
N VAL C 851 9.74 20.99 51.02
CA VAL C 851 10.26 19.64 51.11
C VAL C 851 9.72 18.90 52.31
N ASP C 852 9.18 19.62 53.29
CA ASP C 852 8.63 19.01 54.49
C ASP C 852 7.22 18.51 54.27
N THR C 853 6.64 18.81 53.12
CA THR C 853 5.20 18.74 52.92
C THR C 853 4.67 17.32 52.76
N GLY C 854 5.44 16.44 52.12
CA GLY C 854 4.98 15.09 51.90
C GLY C 854 4.91 14.25 53.17
N ARG C 855 5.65 14.63 54.21
CA ARG C 855 5.58 13.91 55.48
C ARG C 855 4.47 14.42 56.38
N GLU C 856 4.28 15.74 56.41
CA GLU C 856 3.24 16.34 57.24
C GLU C 856 1.85 15.89 56.79
N ALA C 857 1.69 15.66 55.48
CA ALA C 857 0.48 15.02 55.00
C ALA C 857 0.47 13.54 55.38
N ALA C 858 1.64 12.91 55.35
CA ALA C 858 1.71 11.47 55.61
C ALA C 858 1.35 11.16 57.04
N ALA C 859 1.81 12.00 57.98
CA ALA C 859 1.45 11.80 59.38
C ALA C 859 -0.02 12.06 59.62
N GLU C 860 -0.60 13.04 58.91
CA GLU C 860 -2.01 13.38 59.07
C GLU C 860 -2.91 12.26 58.56
N VAL C 861 -2.49 11.55 57.53
CA VAL C 861 -3.28 10.45 57.01
C VAL C 861 -3.29 9.29 57.99
N THR C 862 -2.14 8.97 58.57
CA THR C 862 -1.94 7.69 59.22
C THR C 862 -2.37 7.67 60.69
N ASN C 863 -3.07 8.71 61.16
CA ASN C 863 -3.46 8.91 62.56
C ASN C 863 -2.24 8.90 63.48
N LEU C 864 -1.14 9.45 63.01
CA LEU C 864 -0.04 9.84 63.86
C LEU C 864 0.06 11.35 63.79
N ASP C 865 1.08 11.90 64.43
CA ASP C 865 1.17 13.33 64.64
C ASP C 865 2.57 13.68 65.12
N LYS C 866 2.75 14.93 65.54
CA LYS C 866 3.91 15.40 66.32
C LYS C 866 5.22 15.29 65.56
N ASP C 867 5.12 15.26 64.24
CA ASP C 867 6.26 15.30 63.31
C ASP C 867 7.21 14.11 63.54
N THR C 868 6.67 12.91 63.31
CA THR C 868 7.45 11.69 63.37
C THR C 868 8.55 11.72 62.32
N PRO C 869 9.66 11.01 62.53
CA PRO C 869 10.67 10.92 61.48
C PRO C 869 10.16 10.13 60.30
N ALA C 870 10.76 10.41 59.13
CA ALA C 870 10.36 9.73 57.90
C ALA C 870 10.74 8.26 57.90
N ASP C 871 11.73 7.88 58.70
CA ASP C 871 12.20 6.51 58.79
C ASP C 871 11.74 5.84 60.08
N ASP C 872 10.57 6.20 60.56
CA ASP C 872 10.03 5.53 61.73
C ASP C 872 9.49 4.17 61.33
N PRO C 873 9.93 3.09 61.99
CA PRO C 873 9.55 1.74 61.54
C PRO C 873 8.10 1.37 61.82
N GLU C 874 7.43 2.11 62.69
CA GLU C 874 6.02 1.96 62.92
C GLU C 874 5.21 2.84 61.98
N LEU C 875 5.82 3.91 61.46
CA LEU C 875 5.24 4.68 60.37
C LEU C 875 5.30 3.93 59.05
N LEU C 876 6.44 3.32 58.76
CA LEU C 876 6.59 2.54 57.54
C LEU C 876 5.85 1.22 57.61
N LYS C 877 5.42 0.81 58.79
CA LYS C 877 4.47 -0.30 58.91
C LYS C 877 3.09 0.12 58.47
N ARG C 878 2.75 1.40 58.64
CA ARG C 878 1.43 1.89 58.30
C ARG C 878 1.26 2.12 56.82
N LEU C 879 2.33 2.52 56.12
CA LEU C 879 2.21 2.85 54.70
C LEU C 879 1.92 1.62 53.86
N GLN C 880 2.41 0.44 54.25
CA GLN C 880 2.06 -0.75 53.49
C GLN C 880 0.64 -1.19 53.79
N GLU C 881 0.06 -0.71 54.88
CA GLU C 881 -1.37 -0.83 55.06
C GLU C 881 -2.11 0.18 54.19
N ILE C 882 -1.50 1.34 53.92
CA ILE C 882 -2.04 2.25 52.93
C ILE C 882 -1.82 1.70 51.52
N LEU C 883 -0.64 1.14 51.27
CA LEU C 883 -0.22 0.81 49.92
C LEU C 883 -1.03 -0.35 49.35
N ARG C 884 -1.26 -1.38 50.15
CA ARG C 884 -1.89 -2.59 49.63
C ARG C 884 -3.40 -2.50 49.60
N ASP C 885 -3.97 -1.36 49.99
CA ASP C 885 -5.39 -1.06 49.84
C ASP C 885 -5.55 0.06 48.81
N ASN C 886 -6.58 -0.03 47.99
CA ASN C 886 -6.83 1.00 47.00
C ASN C 886 -7.56 2.20 47.59
N ASN C 887 -8.46 1.95 48.55
CA ASN C 887 -9.25 3.02 49.14
C ASN C 887 -8.37 3.95 49.97
N LYS C 888 -7.49 3.37 50.79
CA LYS C 888 -6.57 4.16 51.59
C LYS C 888 -5.54 4.87 50.73
N SER C 889 -5.30 4.38 49.53
CA SER C 889 -4.32 4.99 48.64
C SER C 889 -4.79 6.36 48.19
N GLY C 890 -6.03 6.44 47.71
CA GLY C 890 -6.56 7.68 47.18
C GLY C 890 -6.71 8.78 48.20
N ILE C 891 -6.73 8.43 49.49
CA ILE C 891 -6.78 9.43 50.54
C ILE C 891 -5.46 10.19 50.61
N LEU C 892 -4.36 9.45 50.81
CA LEU C 892 -3.02 10.04 50.81
C LEU C 892 -2.69 10.63 49.46
N ASP C 893 -3.23 10.06 48.39
CA ASP C 893 -3.10 10.64 47.07
C ASP C 893 -3.94 11.89 46.91
N ALA C 894 -4.87 12.16 47.82
CA ALA C 894 -5.62 13.42 47.75
C ALA C 894 -5.11 14.46 48.72
N VAL C 895 -4.72 14.04 49.93
CA VAL C 895 -4.34 15.00 50.96
C VAL C 895 -3.02 15.67 50.60
N THR C 896 -2.03 14.87 50.21
CA THR C 896 -0.73 15.42 49.80
C THR C 896 -0.86 16.22 48.52
N SER C 897 -1.82 15.84 47.67
CA SER C 897 -2.13 16.60 46.48
C SER C 897 -2.64 17.98 46.85
N SER C 898 -3.60 18.04 47.77
CA SER C 898 -4.15 19.32 48.20
C SER C 898 -3.15 20.11 49.01
N LYS C 899 -2.29 19.44 49.77
CA LYS C 899 -1.40 20.15 50.67
C LYS C 899 -0.24 20.80 49.94
N VAL C 900 0.25 20.19 48.86
CA VAL C 900 1.30 20.85 48.10
C VAL C 900 0.74 21.95 47.21
N ASN C 901 -0.56 21.92 46.91
CA ASN C 901 -1.12 22.86 45.95
C ASN C 901 -1.25 24.27 46.49
N ALA C 902 -1.12 24.47 47.80
CA ALA C 902 -0.90 25.82 48.32
C ALA C 902 0.41 26.37 47.79
N ILE C 903 1.49 25.59 47.94
CA ILE C 903 2.82 26.02 47.52
C ILE C 903 2.90 26.10 46.00
N THR C 904 2.08 25.31 45.30
CA THR C 904 1.93 25.47 43.86
C THR C 904 1.40 26.85 43.51
N SER C 905 0.52 27.39 44.36
CA SER C 905 -0.12 28.67 44.08
C SER C 905 0.55 29.85 44.75
N GLN C 906 1.26 29.64 45.87
CA GLN C 906 1.92 30.76 46.54
C GLN C 906 3.04 31.32 45.71
N VAL C 907 3.70 30.47 44.93
CA VAL C 907 4.73 30.96 44.01
C VAL C 907 4.10 31.76 42.89
N VAL C 908 2.98 31.25 42.35
CA VAL C 908 2.31 31.91 41.23
C VAL C 908 1.74 33.25 41.66
N SER C 909 1.08 33.26 42.83
CA SER C 909 0.42 34.47 43.30
C SER C 909 1.39 35.56 43.72
N LYS C 910 2.62 35.20 44.06
CA LYS C 910 3.58 36.18 44.52
C LYS C 910 4.47 36.72 43.41
N CYS C 911 4.75 35.93 42.38
CA CYS C 911 5.79 36.28 41.42
C CYS C 911 5.28 37.01 40.18
N VAL C 912 4.19 36.54 39.57
CA VAL C 912 3.87 36.86 38.18
C VAL C 912 3.61 38.33 37.83
N PRO C 913 3.24 39.27 38.75
CA PRO C 913 3.34 40.66 38.32
C PRO C 913 4.75 41.21 38.48
N ASP C 914 5.44 40.81 39.55
CA ASP C 914 6.60 41.55 40.04
C ASP C 914 7.92 40.86 39.81
N GLY C 915 7.97 39.53 39.93
CA GLY C 915 9.22 38.83 39.78
C GLY C 915 9.76 38.81 38.37
N THR C 916 8.91 39.06 37.38
CA THR C 916 9.31 38.99 35.98
C THR C 916 10.15 40.19 35.59
N MET C 917 11.10 39.95 34.69
CA MET C 917 12.06 40.99 34.32
C MET C 917 11.49 41.96 33.30
N LYS C 918 10.59 41.50 32.43
CA LYS C 918 9.93 42.38 31.48
C LYS C 918 8.46 42.54 31.83
N LYS C 919 7.97 43.77 31.73
CA LYS C 919 6.66 44.19 32.21
C LYS C 919 5.66 44.24 31.06
N PHE C 920 4.37 44.33 31.43
CA PHE C 920 3.27 43.91 30.56
C PHE C 920 3.17 44.56 29.18
N PRO C 921 3.41 45.87 28.97
CA PRO C 921 3.56 46.33 27.59
C PRO C 921 4.73 45.62 26.92
N CYS C 922 5.95 45.79 27.44
CA CYS C 922 7.12 45.22 26.77
C CYS C 922 7.14 43.70 26.82
N ASN C 923 6.55 43.10 27.85
CA ASN C 923 6.50 41.64 27.91
C ASN C 923 5.45 41.14 26.93
N SER C 924 5.87 40.26 26.04
CA SER C 924 4.96 39.71 25.06
C SER C 924 4.28 38.45 25.55
N MET C 925 4.95 37.69 26.42
CA MET C 925 4.39 36.43 26.88
C MET C 925 3.18 36.66 27.77
N GLN C 926 3.21 37.73 28.56
CA GLN C 926 2.03 38.14 29.31
C GLN C 926 1.04 38.94 28.47
N ALA C 927 1.45 39.38 27.28
CA ALA C 927 0.53 39.98 26.34
C ALA C 927 -0.21 38.93 25.51
N MET C 928 0.03 37.65 25.78
CA MET C 928 -0.63 36.56 25.09
C MET C 928 -1.43 35.67 26.02
N ALA C 929 -1.17 35.72 27.32
CA ALA C 929 -2.00 35.02 28.29
C ALA C 929 -3.12 35.88 28.83
N LEU C 930 -2.99 37.19 28.68
CA LEU C 930 -3.94 38.11 29.28
C LEU C 930 -4.94 38.60 28.26
N SER C 931 -4.51 38.78 27.01
CA SER C 931 -5.43 39.16 25.94
C SER C 931 -6.34 38.01 25.55
N GLY C 932 -5.98 36.79 25.93
CA GLY C 932 -6.70 35.63 25.46
C GLY C 932 -6.33 35.23 24.06
N ALA C 933 -5.33 35.88 23.46
CA ALA C 933 -4.99 35.64 22.07
C ALA C 933 -4.44 34.25 21.87
N LYS C 934 -3.38 33.90 22.60
CA LYS C 934 -2.87 32.54 22.55
C LYS C 934 -2.19 32.23 23.87
N GLY C 935 -2.86 31.42 24.70
CA GLY C 935 -2.27 31.01 25.95
C GLY C 935 -3.04 31.51 27.14
N SER C 936 -2.89 30.83 28.26
CA SER C 936 -3.53 31.22 29.50
C SER C 936 -2.44 31.40 30.56
N ASN C 937 -2.87 31.69 31.78
CA ASN C 937 -1.94 31.84 32.89
C ASN C 937 -1.63 30.53 33.57
N VAL C 938 -2.34 29.46 33.24
CA VAL C 938 -1.89 28.13 33.66
C VAL C 938 -0.63 27.75 32.89
N ASN C 939 -0.59 28.07 31.60
CA ASN C 939 0.52 27.67 30.75
C ASN C 939 1.63 28.70 30.71
N VAL C 940 1.66 29.62 31.66
CA VAL C 940 2.84 30.45 31.89
C VAL C 940 3.45 30.20 33.26
N SER C 941 2.64 29.85 34.25
CA SER C 941 3.16 29.40 35.53
C SER C 941 3.83 28.04 35.44
N GLN C 942 3.63 27.28 34.36
CA GLN C 942 4.45 26.12 34.09
C GLN C 942 5.69 26.47 33.30
N ILE C 943 5.93 27.75 33.05
CA ILE C 943 7.11 28.19 32.33
C ILE C 943 8.00 29.10 33.15
N MET C 944 7.46 30.04 33.89
CA MET C 944 8.27 30.90 34.74
C MET C 944 8.36 30.40 36.17
N CYS C 945 7.46 29.51 36.59
CA CYS C 945 7.43 29.00 37.96
C CYS C 945 7.21 27.50 37.87
N LEU C 946 6.92 26.84 38.98
CA LEU C 946 6.98 25.39 39.07
C LEU C 946 5.81 24.75 38.36
N LEU C 947 5.99 23.48 37.97
CA LEU C 947 4.92 22.76 37.28
C LEU C 947 3.87 22.27 38.25
N GLY C 948 4.30 21.76 39.38
CA GLY C 948 3.32 21.25 40.29
C GLY C 948 2.92 19.84 39.94
N GLN C 949 2.02 19.32 40.76
CA GLN C 949 1.76 17.88 40.88
C GLN C 949 1.25 17.29 39.59
N GLN C 950 1.93 16.27 39.10
CA GLN C 950 1.56 15.57 37.88
C GLN C 950 0.67 14.38 38.22
N ALA C 951 -0.45 14.67 38.86
CA ALA C 951 -1.30 13.60 39.36
C ALA C 951 -1.99 12.91 38.19
N LEU C 952 -1.93 11.58 38.20
CA LEU C 952 -2.41 10.76 37.11
C LEU C 952 -3.72 10.12 37.52
N GLU C 953 -4.58 9.90 36.51
CA GLU C 953 -5.95 9.38 36.58
C GLU C 953 -6.76 9.92 37.76
N GLY C 954 -6.53 11.18 38.10
CA GLY C 954 -7.14 11.79 39.27
C GLY C 954 -6.54 11.39 40.60
N ARG C 955 -5.74 10.33 40.69
CA ARG C 955 -5.35 9.89 42.01
C ARG C 955 -4.02 10.51 42.43
N ARG C 956 -2.92 10.01 41.87
CA ARG C 956 -1.55 10.50 41.98
C ARG C 956 -0.72 9.45 41.23
N VAL C 957 0.58 9.71 41.10
CA VAL C 957 1.55 8.85 40.43
C VAL C 957 1.54 7.46 41.08
N PRO C 958 1.44 6.38 40.32
CA PRO C 958 1.41 5.05 40.92
C PRO C 958 2.79 4.66 41.45
N VAL C 959 2.78 3.58 42.21
CA VAL C 959 3.88 3.19 43.09
C VAL C 959 3.93 1.67 43.12
N MET C 960 5.13 1.12 42.95
CA MET C 960 5.32 -0.30 42.66
C MET C 960 4.91 -1.17 43.84
N VAL C 961 4.91 -2.49 43.61
CA VAL C 961 4.60 -3.44 44.67
C VAL C 961 5.71 -3.44 45.72
N SER C 962 6.92 -3.03 45.34
CA SER C 962 7.97 -2.78 46.32
C SER C 962 7.63 -1.63 47.25
N GLY C 963 6.89 -0.65 46.76
CA GLY C 963 6.59 0.52 47.55
C GLY C 963 7.42 1.69 47.10
N LYS C 964 7.74 1.73 45.82
CA LYS C 964 8.60 2.75 45.27
C LYS C 964 7.92 3.39 44.08
N THR C 965 8.22 4.66 43.88
CA THR C 965 7.67 5.40 42.76
C THR C 965 8.63 5.50 41.59
N LEU C 966 9.91 5.45 41.84
CA LEU C 966 10.93 5.14 40.86
C LEU C 966 11.92 4.23 41.58
N PRO C 967 12.84 3.57 40.89
CA PRO C 967 13.96 2.98 41.61
C PRO C 967 14.95 4.00 42.14
N SER C 968 14.83 5.26 41.75
CA SER C 968 15.69 6.29 42.30
C SER C 968 15.32 6.69 43.73
N PHE C 969 14.15 6.31 44.21
CA PHE C 969 13.68 6.79 45.50
C PHE C 969 13.61 5.66 46.51
N LYS C 970 13.76 6.04 47.78
CA LYS C 970 13.64 5.13 48.91
C LYS C 970 12.25 4.48 48.91
N PRO C 971 12.13 3.21 49.30
CA PRO C 971 10.80 2.62 49.41
C PRO C 971 10.03 3.20 50.58
N TYR C 972 8.75 3.48 50.30
CA TYR C 972 7.86 4.25 51.15
C TYR C 972 8.51 5.58 51.52
N GLU C 973 8.86 6.34 50.49
CA GLU C 973 9.40 7.67 50.68
C GLU C 973 8.29 8.67 50.94
N THR C 974 8.42 9.42 52.03
CA THR C 974 7.43 10.44 52.38
C THR C 974 7.95 11.81 51.96
N ASP C 975 7.92 12.05 50.66
CA ASP C 975 8.38 13.30 50.10
C ASP C 975 7.36 13.78 49.08
N ALA C 976 7.33 15.10 48.90
CA ALA C 976 6.46 15.68 47.89
C ALA C 976 6.91 15.31 46.48
N MET C 977 8.22 15.46 46.22
CA MET C 977 8.78 15.18 44.89
C MET C 977 8.68 13.71 44.53
N ALA C 978 8.65 12.81 45.51
CA ALA C 978 8.51 11.39 45.21
C ALA C 978 7.10 11.00 44.81
N GLY C 979 6.15 11.92 44.88
CA GLY C 979 4.79 11.57 44.47
C GLY C 979 4.42 12.17 43.14
N GLY C 980 5.36 12.87 42.51
CA GLY C 980 5.13 13.52 41.24
C GLY C 980 5.23 15.02 41.28
N TYR C 981 5.36 15.63 42.45
CA TYR C 981 5.39 17.08 42.55
C TYR C 981 6.69 17.62 41.98
N VAL C 982 6.58 18.35 40.88
CA VAL C 982 7.74 18.85 40.15
C VAL C 982 8.01 20.28 40.58
N LYS C 983 9.20 20.54 41.09
CA LYS C 983 9.56 21.90 41.43
C LYS C 983 10.14 22.67 40.26
N GLY C 984 10.47 21.98 39.17
CA GLY C 984 11.26 22.59 38.12
C GLY C 984 10.43 23.38 37.12
N ARG C 985 10.98 24.49 36.68
CA ARG C 985 10.35 25.32 35.68
C ARG C 985 10.99 25.05 34.32
N PHE C 986 10.22 25.28 33.26
CA PHE C 986 10.69 25.02 31.90
C PHE C 986 11.52 26.14 31.34
N TYR C 987 11.98 27.08 32.15
CA TYR C 987 12.99 28.03 31.72
C TYR C 987 14.40 27.56 32.01
N SER C 988 14.60 26.94 33.17
CA SER C 988 15.88 26.33 33.54
C SER C 988 15.89 24.83 33.29
N GLY C 989 14.76 24.18 33.35
CA GLY C 989 14.64 22.80 32.94
C GLY C 989 14.43 21.88 34.11
N ILE C 990 14.02 20.66 33.80
CA ILE C 990 13.57 19.75 34.83
C ILE C 990 14.49 18.54 34.94
N LYS C 991 14.54 18.00 36.16
CA LYS C 991 15.41 16.92 36.59
C LYS C 991 14.96 15.59 35.99
N PRO C 992 15.85 14.59 35.92
CA PRO C 992 15.49 13.33 35.26
C PRO C 992 14.38 12.53 35.94
N GLN C 993 14.22 12.64 37.26
CA GLN C 993 13.09 11.96 37.88
C GLN C 993 11.80 12.63 37.48
N GLU C 994 11.73 13.95 37.64
CA GLU C 994 10.53 14.68 37.34
C GLU C 994 10.28 14.82 35.84
N TYR C 995 11.31 14.66 35.01
CA TYR C 995 11.02 14.51 33.60
C TYR C 995 10.38 13.18 33.29
N TYR C 996 10.65 12.15 34.07
CA TYR C 996 9.96 10.88 33.85
C TYR C 996 8.52 10.94 34.31
N PHE C 997 8.20 11.85 35.23
CA PHE C 997 6.82 11.98 35.66
C PHE C 997 6.03 12.84 34.68
N HIS C 998 6.64 13.90 34.16
CA HIS C 998 5.94 14.78 33.22
C HIS C 998 5.69 14.07 31.90
N CYS C 999 6.45 13.03 31.62
CA CYS C 999 6.16 12.11 30.52
C CYS C 999 5.12 11.07 30.88
N MET C 1000 4.73 10.95 32.14
CA MET C 1000 3.61 10.07 32.44
C MET C 1000 2.27 10.72 32.21
N ALA C 1001 2.18 12.03 32.44
CA ALA C 1001 0.94 12.75 32.19
C ALA C 1001 0.75 13.08 30.73
N GLY C 1002 1.78 12.93 29.90
CA GLY C 1002 1.58 13.05 28.47
C GLY C 1002 0.78 11.89 27.91
N ARG C 1003 1.18 10.66 28.25
CA ARG C 1003 0.52 9.48 27.72
C ARG C 1003 -0.78 9.12 28.41
N GLU C 1004 -1.26 9.94 29.36
CA GLU C 1004 -2.67 9.87 29.68
C GLU C 1004 -3.43 10.99 28.98
N GLY C 1005 -2.74 12.01 28.51
CA GLY C 1005 -3.34 12.97 27.61
C GLY C 1005 -3.35 12.53 26.17
N LEU C 1006 -2.81 11.35 25.89
CA LEU C 1006 -2.78 10.82 24.54
C LEU C 1006 -3.43 9.44 24.42
N ILE C 1007 -3.79 8.79 25.53
CA ILE C 1007 -4.81 7.74 25.47
C ILE C 1007 -6.20 8.32 25.60
N ASP C 1008 -6.30 9.62 25.86
CA ASP C 1008 -7.59 10.29 25.89
C ASP C 1008 -8.08 10.61 24.49
N THR C 1009 -7.18 11.08 23.63
CA THR C 1009 -7.57 11.48 22.28
C THR C 1009 -7.95 10.25 21.46
N ALA C 1010 -7.28 9.13 21.71
CA ALA C 1010 -7.55 7.88 21.02
C ALA C 1010 -8.78 7.16 21.54
N VAL C 1011 -9.56 7.77 22.42
CA VAL C 1011 -10.83 7.20 22.86
C VAL C 1011 -11.89 8.29 22.80
N LYS C 1012 -11.45 9.52 22.52
CA LYS C 1012 -12.40 10.63 22.44
C LYS C 1012 -13.23 10.59 21.17
N THR C 1013 -12.64 10.17 20.06
CA THR C 1013 -13.23 10.44 18.76
C THR C 1013 -14.41 9.53 18.42
N SER C 1014 -14.43 8.30 18.94
CA SER C 1014 -15.40 7.31 18.48
C SER C 1014 -16.74 7.37 19.22
N ARG C 1015 -16.87 8.21 20.25
CA ARG C 1015 -18.06 8.17 21.09
C ARG C 1015 -19.23 8.92 20.46
N SER C 1016 -19.01 10.19 20.12
CA SER C 1016 -20.08 11.17 19.94
C SER C 1016 -20.71 11.17 18.55
N GLY C 1017 -20.57 10.09 17.78
CA GLY C 1017 -21.10 10.10 16.43
C GLY C 1017 -22.39 9.36 16.25
N TYR C 1018 -22.64 8.34 17.09
CA TYR C 1018 -23.91 7.63 17.07
C TYR C 1018 -24.91 8.27 18.03
N LEU C 1019 -24.81 9.59 18.22
CA LEU C 1019 -25.79 10.37 18.93
C LEU C 1019 -26.32 11.51 18.07
N GLN C 1020 -25.44 12.20 17.33
CA GLN C 1020 -25.90 13.24 16.41
C GLN C 1020 -26.70 12.65 15.26
N ARG C 1021 -26.21 11.57 14.66
CA ARG C 1021 -27.02 10.91 13.64
C ARG C 1021 -28.21 10.19 14.26
N CYS C 1022 -28.10 9.78 15.53
CA CYS C 1022 -29.20 9.07 16.17
C CYS C 1022 -30.40 9.97 16.44
N LEU C 1023 -30.17 11.27 16.68
CA LEU C 1023 -31.28 12.18 16.85
C LEU C 1023 -31.90 12.57 15.52
N THR C 1024 -31.10 12.65 14.45
CA THR C 1024 -31.58 13.20 13.20
C THR C 1024 -32.25 12.17 12.32
N LYS C 1025 -32.82 11.13 12.92
CA LYS C 1025 -33.77 10.28 12.22
C LYS C 1025 -35.10 10.23 12.95
N GLN C 1026 -35.29 11.12 13.92
CA GLN C 1026 -36.60 11.48 14.46
C GLN C 1026 -36.82 12.98 14.50
N LEU C 1027 -35.78 13.75 14.78
CA LEU C 1027 -35.85 15.21 14.69
C LEU C 1027 -35.47 15.67 13.29
N GLU C 1028 -36.13 15.06 12.30
CA GLU C 1028 -35.64 15.03 10.94
C GLU C 1028 -36.48 15.85 9.98
N GLY C 1029 -37.77 16.02 10.29
CA GLY C 1029 -38.63 16.91 9.54
C GLY C 1029 -39.43 17.82 10.43
N VAL C 1030 -39.01 17.88 11.69
CA VAL C 1030 -39.67 18.72 12.68
C VAL C 1030 -39.38 20.18 12.36
N HIS C 1031 -40.44 20.96 12.16
CA HIS C 1031 -40.23 22.34 11.77
C HIS C 1031 -41.35 23.21 12.31
N VAL C 1032 -41.08 24.52 12.34
CA VAL C 1032 -42.02 25.51 12.82
C VAL C 1032 -42.98 25.84 11.68
N SER C 1033 -44.24 25.44 11.82
CA SER C 1033 -45.22 25.78 10.79
C SER C 1033 -45.61 27.25 10.89
N TYR C 1034 -46.37 27.71 9.89
CA TYR C 1034 -46.74 29.13 9.83
C TYR C 1034 -47.69 29.57 10.93
N ASP C 1035 -48.38 28.63 11.59
CA ASP C 1035 -49.13 28.94 12.80
C ASP C 1035 -48.30 28.73 14.06
N ASN C 1036 -46.98 28.81 13.94
CA ASN C 1036 -46.00 28.81 15.03
C ASN C 1036 -46.01 27.55 15.88
N SER C 1037 -46.68 26.49 15.44
CA SER C 1037 -46.63 25.27 16.22
C SER C 1037 -45.46 24.41 15.77
N ILE C 1038 -45.11 23.45 16.61
CA ILE C 1038 -44.00 22.53 16.34
C ILE C 1038 -44.63 21.25 15.83
N ARG C 1039 -44.68 21.11 14.52
CA ARG C 1039 -45.26 19.96 13.87
C ARG C 1039 -44.17 19.18 13.17
N ASP C 1040 -44.09 17.89 13.46
CA ASP C 1040 -43.42 16.94 12.60
C ASP C 1040 -44.10 16.99 11.23
N ALA C 1041 -43.33 16.77 10.18
CA ALA C 1041 -43.80 17.04 8.83
C ALA C 1041 -44.93 16.12 8.40
N ASP C 1042 -45.16 15.00 9.09
CA ASP C 1042 -46.31 14.14 8.81
C ASP C 1042 -47.61 14.64 9.46
N GLY C 1043 -47.65 15.90 9.87
CA GLY C 1043 -48.81 16.50 10.47
C GLY C 1043 -48.86 16.42 11.97
N THR C 1044 -48.17 15.43 12.55
CA THR C 1044 -48.22 15.21 13.99
C THR C 1044 -47.51 16.34 14.72
N LEU C 1045 -48.06 16.71 15.87
CA LEU C 1045 -47.64 17.90 16.59
C LEU C 1045 -47.01 17.52 17.92
N VAL C 1046 -46.02 18.32 18.32
CA VAL C 1046 -45.19 18.06 19.48
C VAL C 1046 -45.33 19.21 20.47
N GLN C 1047 -45.02 20.43 20.03
CA GLN C 1047 -45.17 21.62 20.86
C GLN C 1047 -46.00 22.65 20.13
N PHE C 1048 -46.46 23.63 20.90
CA PHE C 1048 -47.38 24.61 20.39
C PHE C 1048 -46.72 25.95 20.13
N MET C 1049 -45.55 26.19 20.71
CA MET C 1049 -44.62 27.20 20.22
C MET C 1049 -43.22 26.61 20.27
N TYR C 1050 -42.26 27.38 19.79
CA TYR C 1050 -40.88 26.90 19.79
C TYR C 1050 -40.33 27.06 21.20
N GLY C 1051 -40.51 26.02 22.01
CA GLY C 1051 -40.02 26.08 23.38
C GLY C 1051 -40.79 26.99 24.29
N GLY C 1052 -42.07 27.23 23.99
CA GLY C 1052 -42.89 28.10 24.81
C GLY C 1052 -42.99 29.52 24.31
N ASP C 1053 -41.88 30.24 24.31
CA ASP C 1053 -41.86 31.65 23.94
C ASP C 1053 -41.60 31.89 22.46
N ALA C 1054 -41.06 30.90 21.76
CA ALA C 1054 -40.85 30.88 20.31
C ALA C 1054 -39.98 32.07 19.85
N ILE C 1055 -38.74 32.06 20.34
CA ILE C 1055 -37.81 33.12 20.03
C ILE C 1055 -36.63 32.52 19.28
N ASP C 1056 -36.17 33.22 18.24
CA ASP C 1056 -35.02 32.79 17.47
C ASP C 1056 -33.78 32.97 18.32
N ILE C 1057 -33.01 31.89 18.48
CA ILE C 1057 -31.91 31.87 19.44
C ILE C 1057 -30.76 32.73 18.95
N THR C 1058 -30.60 32.87 17.64
CA THR C 1058 -29.62 33.78 17.08
C THR C 1058 -30.10 35.22 17.07
N LYS C 1059 -31.27 35.50 17.63
CA LYS C 1059 -31.78 36.85 17.75
C LYS C 1059 -31.92 37.32 19.19
N GLU C 1060 -32.10 36.41 20.16
CA GLU C 1060 -32.38 36.82 21.53
C GLU C 1060 -31.13 37.21 22.32
N SER C 1061 -30.27 38.04 21.73
CA SER C 1061 -29.08 38.42 22.45
C SER C 1061 -29.25 39.74 23.17
N HIS C 1062 -29.66 40.77 22.44
CA HIS C 1062 -30.01 42.01 23.08
C HIS C 1062 -31.51 42.13 23.30
N MET C 1063 -32.21 41.00 23.31
CA MET C 1063 -33.65 41.02 23.59
C MET C 1063 -33.91 41.41 25.03
N THR C 1064 -33.09 40.96 25.96
CA THR C 1064 -33.22 41.37 27.35
C THR C 1064 -32.09 42.28 27.79
N GLN C 1065 -31.23 42.74 26.89
CA GLN C 1065 -30.22 43.74 27.25
C GLN C 1065 -30.92 45.10 27.31
N PHE C 1066 -31.66 45.32 28.40
CA PHE C 1066 -32.54 46.47 28.46
C PHE C 1066 -31.77 47.77 28.64
N GLU C 1067 -30.62 47.70 29.30
CA GLU C 1067 -29.81 48.89 29.47
C GLU C 1067 -29.24 49.35 28.13
N PHE C 1068 -28.85 48.39 27.28
CA PHE C 1068 -28.21 48.73 26.03
C PHE C 1068 -29.20 49.34 25.03
N CYS C 1069 -30.40 48.78 24.95
CA CYS C 1069 -31.39 49.25 23.99
C CYS C 1069 -31.82 50.67 24.30
N LEU C 1070 -31.84 51.01 25.60
CA LEU C 1070 -32.08 52.38 26.02
C LEU C 1070 -30.95 53.30 25.57
N ASP C 1071 -29.72 52.79 25.53
CA ASP C 1071 -28.57 53.62 25.21
C ASP C 1071 -28.54 53.99 23.73
N ASN C 1072 -29.26 53.26 22.89
CA ASN C 1072 -29.18 53.40 21.45
C ASN C 1072 -30.57 53.42 20.83
N TYR C 1073 -31.47 54.24 21.36
CA TYR C 1073 -32.84 54.25 20.85
C TYR C 1073 -32.90 54.90 19.48
N TYR C 1074 -32.11 55.95 19.27
CA TYR C 1074 -32.20 56.70 18.02
C TYR C 1074 -31.55 56.01 16.84
N ALA C 1075 -30.81 54.92 17.06
CA ALA C 1075 -30.26 54.13 15.97
C ALA C 1075 -30.92 52.77 15.81
N LEU C 1076 -31.60 52.28 16.84
CA LEU C 1076 -32.27 50.99 16.78
C LEU C 1076 -33.75 51.11 16.48
N LEU C 1077 -34.32 52.32 16.57
CA LEU C 1077 -35.71 52.51 16.19
C LEU C 1077 -35.91 52.38 14.69
N LYS C 1078 -35.01 52.98 13.89
CA LYS C 1078 -35.23 53.03 12.45
C LYS C 1078 -34.91 51.71 11.77
N LYS C 1079 -34.24 50.80 12.48
CA LYS C 1079 -34.19 49.42 12.03
C LYS C 1079 -35.56 48.76 12.16
N TYR C 1080 -36.08 48.71 13.38
CA TYR C 1080 -37.40 48.14 13.63
C TYR C 1080 -38.44 49.17 13.22
N ASN C 1081 -38.56 49.38 11.91
CA ASN C 1081 -39.12 50.61 11.35
C ASN C 1081 -40.63 50.66 11.56
N PRO C 1082 -41.13 51.54 12.43
CA PRO C 1082 -42.55 51.49 12.79
C PRO C 1082 -43.45 52.40 11.96
N SER C 1083 -42.87 53.29 11.17
CA SER C 1083 -43.67 54.24 10.41
C SER C 1083 -44.39 53.57 9.26
N ALA C 1084 -43.82 52.53 8.69
CA ALA C 1084 -44.43 51.78 7.60
C ALA C 1084 -44.79 50.38 8.04
N LEU C 1085 -45.26 50.25 9.26
CA LEU C 1085 -45.48 48.94 9.84
C LEU C 1085 -46.83 48.77 10.50
N ILE C 1086 -47.32 49.80 11.20
CA ILE C 1086 -48.44 49.65 12.11
C ILE C 1086 -49.78 49.40 11.43
N GLU C 1087 -49.89 49.70 10.15
CA GLU C 1087 -51.15 49.51 9.44
C GLU C 1087 -51.40 48.06 9.07
N HIS C 1088 -50.43 47.18 9.27
CA HIS C 1088 -50.54 45.79 8.86
C HIS C 1088 -50.75 44.84 10.01
N LEU C 1089 -50.87 45.34 11.23
CA LEU C 1089 -50.90 44.46 12.38
C LEU C 1089 -51.67 45.10 13.53
N ASP C 1090 -52.28 44.24 14.35
CA ASP C 1090 -52.92 44.69 15.57
C ASP C 1090 -51.88 45.24 16.53
N VAL C 1091 -52.24 46.32 17.22
CA VAL C 1091 -51.33 47.05 18.08
C VAL C 1091 -51.80 47.04 19.52
N GLU C 1092 -53.06 47.36 19.77
CA GLU C 1092 -53.48 47.71 21.11
C GLU C 1092 -54.28 46.63 21.83
N SER C 1093 -54.79 45.62 21.12
CA SER C 1093 -55.71 44.68 21.75
C SER C 1093 -55.00 43.57 22.50
N ALA C 1094 -53.68 43.51 22.45
CA ALA C 1094 -52.91 42.59 23.26
C ALA C 1094 -52.18 43.28 24.39
N LEU C 1095 -51.84 44.56 24.22
CA LEU C 1095 -51.32 45.37 25.30
C LEU C 1095 -52.26 45.42 26.49
N LYS C 1096 -53.55 45.63 26.22
CA LYS C 1096 -54.53 45.62 27.28
C LYS C 1096 -54.69 44.24 27.89
N TYR C 1097 -54.62 43.19 27.06
CA TYR C 1097 -54.77 41.84 27.57
C TYR C 1097 -53.56 41.44 28.41
N SER C 1098 -52.37 41.89 28.02
CA SER C 1098 -51.18 41.61 28.81
C SER C 1098 -51.22 42.34 30.13
N LYS C 1099 -51.85 43.50 30.18
CA LYS C 1099 -51.97 44.26 31.41
C LYS C 1099 -53.12 43.78 32.28
N LYS C 1100 -53.80 42.71 31.92
CA LYS C 1100 -54.83 42.14 32.77
C LYS C 1100 -54.35 40.92 33.54
N THR C 1101 -53.76 39.95 32.85
CA THR C 1101 -53.26 38.75 33.51
C THR C 1101 -52.04 39.03 34.38
N LEU C 1102 -51.22 40.02 34.01
CA LEU C 1102 -50.13 40.48 34.86
C LEU C 1102 -50.67 40.99 36.18
N LYS C 1103 -51.71 41.82 36.11
CA LYS C 1103 -52.42 42.25 37.30
C LYS C 1103 -53.10 41.08 37.99
N TYR C 1104 -53.53 40.09 37.22
CA TYR C 1104 -54.17 38.92 37.80
C TYR C 1104 -53.18 37.96 38.43
N ARG C 1105 -51.97 37.86 37.87
CA ARG C 1105 -50.98 36.92 38.40
C ARG C 1105 -50.41 37.41 39.72
N LYS C 1106 -50.36 38.73 39.92
CA LYS C 1106 -49.93 39.29 41.20
C LYS C 1106 -50.91 38.95 42.32
N LYS C 1107 -52.18 38.74 41.98
CA LYS C 1107 -53.17 38.41 43.00
C LYS C 1107 -53.08 36.96 43.43
N HIS C 1108 -52.76 36.06 42.52
CA HIS C 1108 -52.54 34.66 42.84
C HIS C 1108 -51.07 34.38 42.61
N SER C 1109 -50.25 34.65 43.63
CA SER C 1109 -48.81 34.46 43.52
C SER C 1109 -48.29 33.65 44.70
N LYS C 1110 -48.97 33.75 45.84
CA LYS C 1110 -48.58 32.97 47.00
C LYS C 1110 -49.20 31.58 47.02
N GLU C 1111 -50.09 31.28 46.10
CA GLU C 1111 -50.69 29.96 46.09
C GLU C 1111 -49.71 28.95 45.50
N PRO C 1112 -49.66 27.73 46.05
CA PRO C 1112 -48.95 26.65 45.36
C PRO C 1112 -49.71 26.30 44.09
N HIS C 1113 -48.96 25.79 43.11
CA HIS C 1113 -49.44 25.73 41.74
C HIS C 1113 -50.36 24.56 41.45
N TYR C 1114 -50.97 23.97 42.47
CA TYR C 1114 -52.17 23.15 42.26
C TYR C 1114 -53.44 23.86 42.69
N LYS C 1115 -53.32 24.99 43.38
CA LYS C 1115 -54.45 25.82 43.77
C LYS C 1115 -54.53 27.11 42.97
N GLN C 1116 -53.79 27.22 41.87
CA GLN C 1116 -53.91 28.38 41.01
C GLN C 1116 -55.26 28.37 40.30
N SER C 1117 -55.86 29.55 40.20
CA SER C 1117 -57.05 29.71 39.37
C SER C 1117 -56.62 30.12 37.97
N VAL C 1118 -56.99 29.31 36.99
CA VAL C 1118 -56.40 29.36 35.67
C VAL C 1118 -57.35 30.02 34.69
N LYS C 1119 -58.21 30.89 35.20
CA LYS C 1119 -59.27 31.49 34.39
C LYS C 1119 -58.72 32.43 33.33
N TYR C 1120 -57.50 32.90 33.50
CA TYR C 1120 -56.82 33.68 32.47
C TYR C 1120 -55.75 32.83 31.81
N ASP C 1121 -56.04 32.40 30.60
CA ASP C 1121 -55.12 31.90 29.60
C ASP C 1121 -54.04 32.93 29.30
N PRO C 1122 -52.83 32.50 28.97
CA PRO C 1122 -51.77 33.47 28.66
C PRO C 1122 -51.94 34.09 27.29
N VAL C 1123 -51.29 35.25 27.12
CA VAL C 1123 -51.36 36.03 25.89
C VAL C 1123 -50.72 35.30 24.71
N LEU C 1124 -49.83 34.35 24.97
CA LEU C 1124 -49.21 33.59 23.89
C LEU C 1124 -50.18 32.61 23.28
N ALA C 1125 -50.91 31.87 24.10
CA ALA C 1125 -51.76 30.79 23.62
C ALA C 1125 -53.03 31.27 22.94
N LYS C 1126 -53.29 32.57 22.91
CA LYS C 1126 -54.37 33.13 22.10
C LYS C 1126 -53.84 34.04 21.01
N TYR C 1127 -53.01 35.01 21.36
CA TYR C 1127 -52.52 35.99 20.41
C TYR C 1127 -51.25 35.49 19.74
N ASN C 1128 -51.30 35.34 18.43
CA ASN C 1128 -50.15 35.07 17.59
C ASN C 1128 -49.13 36.20 17.74
N PRO C 1129 -47.90 35.93 18.16
CA PRO C 1129 -46.93 37.01 18.38
C PRO C 1129 -46.48 37.70 17.13
N ALA C 1130 -46.63 37.07 15.97
CA ALA C 1130 -46.23 37.69 14.73
C ALA C 1130 -47.31 38.59 14.15
N LYS C 1131 -48.49 38.62 14.75
CA LYS C 1131 -49.57 39.50 14.32
C LYS C 1131 -49.95 40.54 15.37
N TYR C 1132 -49.90 40.18 16.65
CA TYR C 1132 -50.40 41.00 17.75
C TYR C 1132 -49.23 41.64 18.50
N LEU C 1133 -49.08 42.95 18.37
CA LEU C 1133 -48.04 43.67 19.07
C LEU C 1133 -48.31 43.70 20.57
N GLY C 1134 -47.26 43.50 21.35
CA GLY C 1134 -47.38 43.46 22.78
C GLY C 1134 -47.70 42.10 23.34
N SER C 1135 -48.04 41.14 22.49
CA SER C 1135 -48.19 39.76 22.89
C SER C 1135 -46.81 39.15 22.97
N VAL C 1136 -46.48 38.56 24.12
CA VAL C 1136 -45.11 38.39 24.52
C VAL C 1136 -45.04 37.32 25.61
N SER C 1137 -43.83 36.85 25.89
CA SER C 1137 -43.65 35.84 26.90
C SER C 1137 -43.78 36.42 28.30
N GLU C 1138 -44.43 35.68 29.19
CA GLU C 1138 -44.81 36.17 30.52
C GLU C 1138 -43.74 35.90 31.56
N ASN C 1139 -42.49 35.87 31.12
CA ASN C 1139 -41.31 35.96 31.94
C ASN C 1139 -40.44 37.15 31.56
N PHE C 1140 -40.18 37.32 30.26
CA PHE C 1140 -39.61 38.54 29.73
C PHE C 1140 -40.50 39.75 29.95
N GLN C 1141 -41.82 39.52 30.01
CA GLN C 1141 -42.75 40.58 30.40
C GLN C 1141 -42.45 41.07 31.81
N ASP C 1142 -42.11 40.14 32.71
CA ASP C 1142 -41.85 40.50 34.08
C ASP C 1142 -40.56 41.27 34.25
N LYS C 1143 -39.61 41.12 33.34
CA LYS C 1143 -38.37 41.89 33.40
C LYS C 1143 -38.51 43.25 32.76
N LEU C 1144 -39.25 43.33 31.66
CA LEU C 1144 -39.45 44.61 30.99
C LEU C 1144 -40.30 45.56 31.82
N GLU C 1145 -41.24 45.00 32.59
CA GLU C 1145 -41.94 45.80 33.59
C GLU C 1145 -40.99 46.21 34.71
N SER C 1146 -40.27 45.25 35.28
CA SER C 1146 -39.46 45.53 36.45
C SER C 1146 -38.18 46.29 36.14
N PHE C 1147 -37.81 46.43 34.88
CA PHE C 1147 -36.66 47.27 34.57
C PHE C 1147 -36.99 48.74 34.76
N LEU C 1148 -38.08 49.20 34.15
CA LEU C 1148 -38.45 50.62 34.16
C LEU C 1148 -38.87 51.13 35.52
N ASP C 1149 -39.09 50.24 36.48
CA ASP C 1149 -39.40 50.65 37.85
C ASP C 1149 -38.17 51.10 38.61
N LYS C 1150 -36.98 50.95 38.04
CA LYS C 1150 -35.74 51.30 38.73
C LYS C 1150 -34.86 52.18 37.86
N ASN C 1151 -35.43 53.23 37.28
CA ASN C 1151 -34.66 54.12 36.43
C ASN C 1151 -34.94 55.57 36.77
N SER C 1152 -33.88 56.37 36.79
CA SER C 1152 -33.97 57.81 36.86
C SER C 1152 -33.29 58.34 35.61
N LYS C 1153 -34.03 58.30 34.49
CA LYS C 1153 -33.49 58.59 33.16
C LYS C 1153 -34.54 59.22 32.26
N GLY C 1160 -33.66 61.85 25.52
CA GLY C 1160 -35.01 62.22 25.92
C GLY C 1160 -36.05 61.22 25.45
N VAL C 1161 -36.17 60.12 26.18
CA VAL C 1161 -37.06 59.03 25.84
C VAL C 1161 -38.02 58.82 27.01
N ASN C 1162 -39.31 58.84 26.72
CA ASN C 1162 -40.28 58.56 27.77
C ASN C 1162 -40.42 57.05 27.96
N GLU C 1163 -40.99 56.68 29.09
CA GLU C 1163 -41.08 55.27 29.45
C GLU C 1163 -42.19 54.54 28.71
N LYS C 1164 -43.04 55.26 28.00
CA LYS C 1164 -44.08 54.62 27.19
C LYS C 1164 -43.64 54.38 25.76
N LYS C 1165 -42.74 55.20 25.23
CA LYS C 1165 -42.17 54.93 23.92
C LYS C 1165 -41.01 53.95 23.98
N PHE C 1166 -40.71 53.42 25.16
CA PHE C 1166 -39.73 52.35 25.28
C PHE C 1166 -40.39 50.99 25.40
N ARG C 1167 -41.65 50.94 25.83
CA ARG C 1167 -42.38 49.68 25.86
C ARG C 1167 -42.61 49.14 24.46
N ALA C 1168 -42.94 50.03 23.53
CA ALA C 1168 -43.27 49.59 22.19
C ALA C 1168 -42.05 49.18 21.39
N LEU C 1169 -40.87 49.70 21.73
CA LEU C 1169 -39.67 49.25 21.04
C LEU C 1169 -39.34 47.83 21.42
N MET C 1170 -39.25 47.55 22.71
CA MET C 1170 -38.87 46.24 23.21
C MET C 1170 -39.91 45.17 22.92
N GLN C 1171 -41.14 45.56 22.64
CA GLN C 1171 -42.16 44.61 22.23
C GLN C 1171 -42.20 44.42 20.74
N LEU C 1172 -41.86 45.46 19.97
CA LEU C 1172 -41.66 45.24 18.55
C LEU C 1172 -40.42 44.41 18.31
N LYS C 1173 -39.41 44.58 19.16
CA LYS C 1173 -38.20 43.78 19.05
C LYS C 1173 -38.45 42.33 19.39
N TYR C 1174 -39.38 42.04 20.29
CA TYR C 1174 -39.82 40.66 20.46
C TYR C 1174 -40.55 40.18 19.22
N MET C 1175 -41.26 41.07 18.55
CA MET C 1175 -42.06 40.66 17.41
C MET C 1175 -41.19 40.38 16.21
N ARG C 1176 -40.10 41.13 16.06
CA ARG C 1176 -39.19 40.93 14.95
C ARG C 1176 -38.20 39.81 15.20
N SER C 1177 -37.96 39.46 16.46
CA SER C 1177 -37.03 38.39 16.81
C SER C 1177 -37.76 37.09 17.10
N LEU C 1178 -38.90 36.87 16.46
CA LEU C 1178 -39.54 35.59 16.60
C LEU C 1178 -38.85 34.57 15.74
N ILE C 1179 -39.32 33.33 15.84
CA ILE C 1179 -38.84 32.31 14.93
C ILE C 1179 -39.46 32.57 13.56
N ASN C 1180 -38.67 32.40 12.51
CA ASN C 1180 -39.18 32.51 11.14
C ASN C 1180 -39.69 31.14 10.74
N PRO C 1181 -40.99 30.96 10.57
CA PRO C 1181 -41.55 29.60 10.45
C PRO C 1181 -41.13 28.91 9.18
N GLY C 1182 -41.14 27.57 9.24
CA GLY C 1182 -40.37 26.81 8.29
C GLY C 1182 -38.92 26.73 8.69
N GLU C 1183 -38.63 26.76 9.98
CA GLU C 1183 -37.28 26.71 10.50
C GLU C 1183 -36.97 25.27 10.87
N ALA C 1184 -35.74 24.84 10.59
CA ALA C 1184 -35.35 23.49 10.95
C ALA C 1184 -34.97 23.48 12.42
N VAL C 1185 -35.96 23.33 13.28
CA VAL C 1185 -35.70 23.26 14.71
C VAL C 1185 -35.57 21.80 15.12
N GLY C 1186 -35.56 20.90 14.15
CA GLY C 1186 -35.31 19.51 14.45
C GLY C 1186 -33.84 19.24 14.34
N ILE C 1187 -33.21 19.85 13.33
CA ILE C 1187 -31.77 19.69 13.16
C ILE C 1187 -31.03 20.39 14.28
N ILE C 1188 -31.45 21.61 14.60
CA ILE C 1188 -30.73 22.40 15.60
C ILE C 1188 -30.95 21.87 17.01
N ALA C 1189 -32.06 21.17 17.24
CA ALA C 1189 -32.23 20.47 18.49
C ALA C 1189 -31.27 19.31 18.66
N SER C 1190 -30.76 18.76 17.56
CA SER C 1190 -29.74 17.73 17.59
C SER C 1190 -28.33 18.30 17.53
N GLN C 1191 -28.09 19.30 16.68
CA GLN C 1191 -26.77 19.88 16.52
C GLN C 1191 -26.47 20.95 17.55
N SER C 1192 -27.25 21.02 18.61
CA SER C 1192 -26.87 21.64 19.86
C SER C 1192 -26.60 20.59 20.93
N VAL C 1193 -26.75 19.31 20.59
CA VAL C 1193 -26.58 18.21 21.50
C VAL C 1193 -25.45 17.33 21.01
N GLY C 1194 -25.53 16.90 19.75
CA GLY C 1194 -24.47 16.13 19.15
C GLY C 1194 -23.21 16.89 18.83
N GLU C 1195 -23.28 18.22 18.72
CA GLU C 1195 -22.06 18.98 18.53
C GLU C 1195 -21.25 19.17 19.82
N PRO C 1196 -21.77 19.72 20.93
CA PRO C 1196 -20.88 19.94 22.07
C PRO C 1196 -20.61 18.69 22.90
N SER C 1197 -21.21 17.56 22.55
CA SER C 1197 -20.88 16.29 23.18
C SER C 1197 -19.62 15.66 22.64
N THR C 1198 -18.91 16.35 21.74
CA THR C 1198 -17.57 15.97 21.34
C THR C 1198 -16.51 16.58 22.25
N GLN C 1199 -16.88 16.98 23.46
CA GLN C 1199 -15.96 17.77 24.27
C GLN C 1199 -16.03 17.37 25.74
N MET C 1200 -16.55 16.17 26.06
CA MET C 1200 -16.88 15.85 27.44
C MET C 1200 -16.51 14.44 27.90
N THR C 1201 -15.74 13.66 27.14
CA THR C 1201 -15.46 12.29 27.52
C THR C 1201 -14.23 12.15 28.43
N LEU C 1202 -13.78 13.25 29.03
CA LEU C 1202 -12.57 13.26 29.83
C LEU C 1202 -12.81 12.70 31.24
N ASN C 1203 -11.83 12.92 32.13
CA ASN C 1203 -11.83 12.32 33.45
C ASN C 1203 -12.67 13.14 34.43
N THR C 1204 -13.11 12.48 35.50
CA THR C 1204 -13.98 13.07 36.50
C THR C 1204 -13.27 14.20 37.26
N PHE C 1205 -13.97 15.32 37.41
CA PHE C 1205 -13.54 16.45 38.21
C PHE C 1205 -13.43 16.05 39.69
N ASN C 1214 -19.86 7.82 41.51
CA ASN C 1214 -21.06 8.23 42.24
C ASN C 1214 -22.19 8.48 41.25
N VAL C 1215 -21.92 9.33 40.26
CA VAL C 1215 -22.88 9.71 39.24
C VAL C 1215 -22.39 9.16 37.91
N THR C 1216 -23.29 8.58 37.12
CA THR C 1216 -22.96 8.29 35.74
C THR C 1216 -22.80 9.60 34.98
N LEU C 1217 -21.66 9.78 34.33
CA LEU C 1217 -21.28 11.09 33.78
C LEU C 1217 -21.17 11.05 32.27
N GLY C 1218 -21.37 12.23 31.67
CA GLY C 1218 -21.03 12.49 30.29
C GLY C 1218 -21.86 11.72 29.29
N ILE C 1219 -21.17 11.17 28.29
CA ILE C 1219 -21.85 10.47 27.20
C ILE C 1219 -22.56 9.19 27.62
N PRO C 1220 -21.95 8.25 28.40
CA PRO C 1220 -22.73 7.06 28.79
C PRO C 1220 -23.87 7.36 29.73
N ARG C 1221 -23.84 8.51 30.41
CA ARG C 1221 -25.05 9.01 31.04
C ARG C 1221 -26.09 9.38 29.99
N LEU C 1222 -25.67 10.14 28.98
CA LEU C 1222 -26.59 10.69 28.00
C LEU C 1222 -27.14 9.62 27.08
N ARG C 1223 -26.45 8.50 26.93
CA ARG C 1223 -26.94 7.40 26.13
C ARG C 1223 -28.08 6.65 26.80
N GLU C 1224 -28.33 6.86 28.08
CA GLU C 1224 -29.43 6.19 28.76
C GLU C 1224 -30.69 7.03 28.81
N ILE C 1225 -30.56 8.34 29.04
CA ILE C 1225 -31.72 9.21 29.04
C ILE C 1225 -32.28 9.33 27.64
N VAL C 1226 -31.45 9.74 26.69
CA VAL C 1226 -31.86 9.99 25.32
C VAL C 1226 -32.07 8.68 24.58
N MET C 1227 -31.00 7.91 24.43
CA MET C 1227 -31.05 6.66 23.70
C MET C 1227 -31.42 5.53 24.65
N THR C 1228 -31.53 4.32 24.10
CA THR C 1228 -31.69 3.03 24.77
C THR C 1228 -33.01 2.84 25.53
N ALA C 1229 -33.78 3.91 25.72
CA ALA C 1229 -35.00 3.97 26.53
C ALA C 1229 -34.80 3.31 27.89
N SER C 1230 -33.75 3.75 28.59
CA SER C 1230 -33.26 3.02 29.75
C SER C 1230 -34.17 3.23 30.95
N ALA C 1231 -34.66 2.12 31.50
CA ALA C 1231 -35.36 2.15 32.77
C ALA C 1231 -34.44 1.80 33.93
N ALA C 1232 -33.44 0.96 33.70
CA ALA C 1232 -32.46 0.62 34.73
C ALA C 1232 -31.23 1.50 34.57
N ILE C 1233 -31.41 2.78 34.92
CA ILE C 1233 -30.28 3.70 35.04
C ILE C 1233 -29.31 3.17 36.09
N LYS C 1234 -28.01 3.25 35.77
CA LYS C 1234 -26.99 2.62 36.58
C LYS C 1234 -26.85 3.27 37.96
N THR C 1235 -27.03 4.58 38.06
CA THR C 1235 -26.96 5.29 39.35
C THR C 1235 -28.29 5.99 39.61
N PRO C 1236 -29.32 5.26 40.06
CA PRO C 1236 -30.61 5.91 40.33
C PRO C 1236 -30.63 6.58 41.70
N GLN C 1237 -30.64 7.91 41.68
CA GLN C 1237 -30.67 8.69 42.91
C GLN C 1237 -32.09 9.11 43.25
N MET C 1238 -32.25 9.71 44.42
CA MET C 1238 -33.52 10.28 44.84
C MET C 1238 -33.19 11.42 45.80
N THR C 1239 -33.19 12.63 45.29
CA THR C 1239 -32.80 13.78 46.08
C THR C 1239 -33.93 14.10 47.05
N LEU C 1240 -33.86 13.52 48.24
CA LEU C 1240 -34.83 13.82 49.28
C LEU C 1240 -34.50 15.18 49.90
N PRO C 1241 -35.43 16.12 49.91
CA PRO C 1241 -35.19 17.38 50.61
C PRO C 1241 -35.67 17.30 52.05
N ILE C 1242 -34.99 18.05 52.91
CA ILE C 1242 -35.35 18.12 54.32
C ILE C 1242 -35.83 19.52 54.64
N TRP C 1243 -36.41 19.67 55.82
CA TRP C 1243 -37.01 20.93 56.22
C TRP C 1243 -35.94 21.92 56.66
N ASN C 1244 -36.37 23.15 56.88
CA ASN C 1244 -35.44 24.18 57.29
C ASN C 1244 -35.34 24.29 58.80
N ASP C 1245 -36.30 23.75 59.54
CA ASP C 1245 -36.25 23.76 60.99
C ASP C 1245 -35.61 22.52 61.59
N VAL C 1246 -35.45 21.44 60.82
CA VAL C 1246 -34.74 20.27 61.30
C VAL C 1246 -33.25 20.57 61.33
N SER C 1247 -32.52 19.89 62.21
CA SER C 1247 -31.09 20.10 62.38
C SER C 1247 -30.32 18.91 61.83
N ASP C 1248 -29.00 19.06 61.77
CA ASP C 1248 -28.13 18.01 61.26
C ASP C 1248 -28.09 16.79 62.17
N GLU C 1249 -28.39 16.98 63.46
CA GLU C 1249 -28.39 15.88 64.42
C GLU C 1249 -29.44 14.84 64.06
N GLN C 1250 -30.69 15.28 63.95
CA GLN C 1250 -31.77 14.38 63.57
C GLN C 1250 -31.72 14.01 62.09
N ALA C 1251 -31.02 14.80 61.28
CA ALA C 1251 -30.90 14.50 59.86
C ALA C 1251 -30.09 13.25 59.64
N ASP C 1252 -28.91 13.19 60.26
CA ASP C 1252 -28.04 12.03 60.10
C ASP C 1252 -28.62 10.82 60.80
N THR C 1253 -29.37 11.02 61.88
CA THR C 1253 -30.07 9.93 62.54
C THR C 1253 -31.18 9.39 61.66
N PHE C 1254 -31.82 10.26 60.89
CA PHE C 1254 -32.81 9.82 59.91
C PHE C 1254 -32.16 9.02 58.78
N CYS C 1255 -30.90 9.31 58.47
CA CYS C 1255 -30.20 8.61 57.40
C CYS C 1255 -30.03 7.14 57.72
N LYS C 1256 -29.57 6.84 58.93
CA LYS C 1256 -29.21 5.48 59.28
C LYS C 1256 -30.42 4.60 59.55
N SER C 1257 -31.62 5.17 59.62
CA SER C 1257 -32.83 4.37 59.73
C SER C 1257 -33.34 3.90 58.38
N ILE C 1258 -32.67 4.28 57.28
CA ILE C 1258 -33.11 3.93 55.96
C ILE C 1258 -32.15 2.97 55.26
N SER C 1259 -30.84 3.17 55.40
CA SER C 1259 -29.84 2.43 54.65
C SER C 1259 -29.88 0.95 54.99
N LYS C 1260 -29.45 0.12 54.04
CA LYS C 1260 -29.49 -1.32 54.22
C LYS C 1260 -28.47 -1.76 55.26
N VAL C 1261 -28.80 -2.82 55.99
CA VAL C 1261 -27.96 -3.32 57.07
C VAL C 1261 -27.79 -4.81 56.83
N LEU C 1262 -26.70 -5.19 56.17
CA LEU C 1262 -26.33 -6.59 56.03
C LEU C 1262 -25.89 -7.17 57.36
N LEU C 1263 -25.91 -8.49 57.46
CA LEU C 1263 -25.45 -9.16 58.67
C LEU C 1263 -23.95 -9.08 58.79
N SER C 1264 -23.25 -8.92 57.66
CA SER C 1264 -21.81 -8.79 57.58
C SER C 1264 -21.28 -7.47 58.06
N GLU C 1265 -22.13 -6.55 58.47
CA GLU C 1265 -21.66 -5.21 58.72
C GLU C 1265 -21.40 -4.95 60.19
N VAL C 1266 -21.71 -5.92 61.06
CA VAL C 1266 -21.55 -5.78 62.49
C VAL C 1266 -20.69 -6.89 63.09
N ILE C 1267 -20.15 -7.78 62.28
CA ILE C 1267 -19.36 -8.89 62.77
C ILE C 1267 -17.88 -8.59 62.55
N ASP C 1268 -17.07 -8.82 63.58
CA ASP C 1268 -15.62 -8.80 63.47
C ASP C 1268 -15.01 -10.15 63.14
N LYS C 1269 -15.47 -11.23 63.77
CA LYS C 1269 -14.95 -12.56 63.52
C LYS C 1269 -16.06 -13.59 63.65
N VAL C 1270 -15.84 -14.74 63.03
CA VAL C 1270 -16.61 -15.95 63.28
C VAL C 1270 -15.61 -17.09 63.47
N ILE C 1271 -15.80 -17.89 64.51
CA ILE C 1271 -14.87 -18.96 64.84
C ILE C 1271 -15.65 -20.26 65.00
N VAL C 1272 -15.32 -21.25 64.18
CA VAL C 1272 -16.06 -22.52 64.15
C VAL C 1272 -15.10 -23.66 64.44
N THR C 1273 -15.47 -24.53 65.36
CA THR C 1273 -14.72 -25.75 65.63
C THR C 1273 -15.45 -26.93 65.01
N GLU C 1274 -14.81 -28.10 65.07
CA GLU C 1274 -15.38 -29.28 64.45
C GLU C 1274 -14.88 -30.54 65.16
N THR C 1275 -15.82 -31.37 65.58
CA THR C 1275 -15.51 -32.66 66.20
C THR C 1275 -16.67 -33.61 65.88
N THR C 1276 -16.79 -34.70 66.63
CA THR C 1276 -17.95 -35.57 66.48
C THR C 1276 -18.44 -36.06 67.84
N ALA C 1287 -21.94 -38.92 64.68
CA ALA C 1287 -22.60 -37.65 64.38
C ALA C 1287 -21.58 -36.52 64.31
N ARG C 1288 -21.31 -36.02 63.11
CA ARG C 1288 -20.33 -34.95 62.91
C ARG C 1288 -20.82 -33.65 63.50
N SER C 1289 -19.93 -32.91 64.14
CA SER C 1289 -20.32 -31.78 64.99
C SER C 1289 -19.54 -30.53 64.65
N TYR C 1290 -20.25 -29.40 64.60
CA TYR C 1290 -19.68 -28.07 64.46
C TYR C 1290 -20.19 -27.22 65.60
N VAL C 1291 -19.48 -26.13 65.88
CA VAL C 1291 -19.89 -25.13 66.87
C VAL C 1291 -19.59 -23.77 66.27
N ILE C 1292 -20.62 -22.98 65.97
CA ILE C 1292 -20.43 -21.68 65.35
C ILE C 1292 -20.48 -20.62 66.43
N HIS C 1293 -19.42 -19.82 66.53
CA HIS C 1293 -19.30 -18.71 67.45
C HIS C 1293 -19.20 -17.43 66.65
N MET C 1294 -19.79 -16.34 67.16
CA MET C 1294 -19.73 -15.07 66.47
C MET C 1294 -19.05 -14.03 67.33
N ARG C 1295 -18.63 -12.96 66.68
CA ARG C 1295 -18.02 -11.82 67.35
C ARG C 1295 -18.61 -10.57 66.74
N PHE C 1296 -19.44 -9.87 67.50
CA PHE C 1296 -19.99 -8.61 67.02
C PHE C 1296 -19.05 -7.51 67.49
N PHE C 1297 -19.40 -6.26 67.23
CA PHE C 1297 -18.64 -5.18 67.83
C PHE C 1297 -19.33 -4.76 69.12
N ASP C 1298 -18.91 -3.63 69.68
CA ASP C 1298 -19.46 -3.19 70.95
C ASP C 1298 -20.86 -2.59 70.77
N ASN C 1299 -21.77 -2.91 71.69
CA ASN C 1299 -23.17 -2.54 71.50
C ASN C 1299 -23.42 -1.05 71.74
N ASN C 1300 -22.45 -0.32 72.28
CA ASN C 1300 -22.50 1.11 72.26
C ASN C 1300 -21.77 1.70 71.06
N GLU C 1301 -21.44 0.87 70.06
CA GLU C 1301 -20.73 1.34 68.88
C GLU C 1301 -21.46 1.06 67.58
N TYR C 1302 -21.86 -0.18 67.31
CA TYR C 1302 -22.57 -0.42 66.05
C TYR C 1302 -23.99 0.10 66.09
N SER C 1303 -24.59 0.25 67.27
CA SER C 1303 -25.93 0.79 67.38
C SER C 1303 -25.99 2.28 67.08
N GLU C 1304 -24.84 2.93 66.96
CA GLU C 1304 -24.84 4.27 66.37
C GLU C 1304 -24.91 4.18 64.86
N GLU C 1305 -23.87 3.63 64.24
CA GLU C 1305 -23.71 3.69 62.80
C GLU C 1305 -24.53 2.66 62.04
N TYR C 1306 -25.38 1.91 62.74
CA TYR C 1306 -26.35 1.07 62.07
C TYR C 1306 -27.73 1.21 62.66
N ASP C 1307 -27.86 1.84 63.83
CA ASP C 1307 -29.12 2.01 64.57
C ASP C 1307 -29.79 0.65 64.80
N VAL C 1308 -28.97 -0.29 65.24
CA VAL C 1308 -29.37 -1.67 65.47
C VAL C 1308 -29.10 -1.99 66.93
N SER C 1309 -30.15 -2.17 67.71
CA SER C 1309 -29.96 -2.70 69.04
C SER C 1309 -29.92 -4.22 68.95
N LYS C 1310 -29.61 -4.87 70.06
CA LYS C 1310 -29.36 -6.32 70.04
C LYS C 1310 -30.64 -7.12 69.80
N GLU C 1311 -31.81 -6.51 69.96
CA GLU C 1311 -33.06 -7.22 69.73
C GLU C 1311 -33.33 -7.45 68.26
N GLU C 1312 -32.79 -6.59 67.39
CA GLU C 1312 -32.88 -6.86 65.96
C GLU C 1312 -31.99 -8.02 65.59
N LEU C 1313 -30.77 -8.04 66.13
CA LEU C 1313 -29.85 -9.16 65.93
C LEU C 1313 -30.37 -10.44 66.56
N GLN C 1314 -31.17 -10.32 67.62
CA GLN C 1314 -31.79 -11.47 68.25
C GLN C 1314 -32.69 -12.23 67.28
N ASN C 1315 -33.44 -11.50 66.46
CA ASN C 1315 -34.43 -12.16 65.63
C ASN C 1315 -33.94 -12.40 64.21
N VAL C 1316 -32.99 -11.61 63.72
CA VAL C 1316 -32.39 -11.87 62.42
C VAL C 1316 -31.62 -13.19 62.45
N ILE C 1317 -30.88 -13.42 63.52
CA ILE C 1317 -30.06 -14.63 63.62
C ILE C 1317 -30.93 -15.85 63.86
N SER C 1318 -31.90 -15.75 64.76
CA SER C 1318 -32.69 -16.92 65.11
C SER C 1318 -33.66 -17.34 64.02
N ASN C 1319 -33.98 -16.47 63.08
CA ASN C 1319 -34.98 -16.79 62.07
C ASN C 1319 -34.47 -16.70 60.64
N GLN C 1320 -33.73 -15.65 60.30
CA GLN C 1320 -33.33 -15.42 58.91
C GLN C 1320 -31.99 -16.07 58.59
N PHE C 1321 -31.03 -15.97 59.51
CA PHE C 1321 -29.69 -16.48 59.28
C PHE C 1321 -29.68 -18.02 59.24
N ILE C 1322 -30.15 -18.65 60.32
CA ILE C 1322 -29.99 -20.09 60.49
C ILE C 1322 -30.87 -20.87 59.52
N HIS C 1323 -32.02 -20.31 59.12
CA HIS C 1323 -32.79 -20.91 58.05
C HIS C 1323 -32.06 -20.83 56.71
N LEU C 1324 -31.26 -19.80 56.51
CA LEU C 1324 -30.38 -19.76 55.36
C LEU C 1324 -29.04 -20.46 55.62
N LEU C 1325 -28.61 -20.55 56.88
CA LEU C 1325 -27.37 -21.25 57.15
C LEU C 1325 -27.55 -22.75 57.00
N GLU C 1326 -28.66 -23.30 57.49
CA GLU C 1326 -28.98 -24.68 57.19
C GLU C 1326 -29.39 -24.88 55.73
N ALA C 1327 -29.71 -23.81 55.01
CA ALA C 1327 -29.96 -23.94 53.59
C ALA C 1327 -28.67 -24.23 52.84
N ALA C 1328 -27.62 -23.46 53.10
CA ALA C 1328 -26.38 -23.56 52.35
C ALA C 1328 -25.48 -24.70 52.80
N ILE C 1329 -26.01 -25.65 53.56
CA ILE C 1329 -25.29 -26.86 53.89
C ILE C 1329 -26.03 -28.02 53.23
N VAL C 1330 -27.36 -27.96 53.25
CA VAL C 1330 -28.16 -28.93 52.52
C VAL C 1330 -28.02 -28.70 51.02
N LYS C 1331 -27.76 -27.46 50.60
CA LYS C 1331 -27.38 -27.16 49.22
C LYS C 1331 -25.97 -27.63 48.90
N GLU C 1332 -25.18 -27.98 49.92
CA GLU C 1332 -23.82 -28.46 49.72
C GLU C 1332 -23.69 -29.96 49.80
N ILE C 1333 -24.38 -30.61 50.76
CA ILE C 1333 -24.33 -32.06 50.87
C ILE C 1333 -24.99 -32.72 49.68
N LYS C 1334 -26.16 -32.21 49.29
CA LYS C 1334 -26.86 -32.75 48.14
C LYS C 1334 -26.16 -32.40 46.82
N LYS C 1335 -25.29 -31.39 46.82
CA LYS C 1335 -24.41 -31.13 45.68
C LYS C 1335 -22.98 -31.56 45.94
N GLN C 1336 -22.76 -32.35 46.99
CA GLN C 1336 -21.52 -33.09 47.14
C GLN C 1336 -21.63 -34.47 46.52
N LYS C 1337 -22.80 -35.08 46.65
CA LYS C 1337 -23.15 -36.29 45.93
C LYS C 1337 -24.30 -35.95 45.01
N ARG C 1338 -24.00 -35.79 43.72
CA ARG C 1338 -25.03 -35.42 42.74
C ARG C 1338 -26.03 -36.54 42.50
N VAL C 1433 -12.15 -17.11 77.24
CA VAL C 1433 -13.57 -16.82 77.37
C VAL C 1433 -14.23 -17.68 78.47
N GLU C 1434 -15.37 -18.30 78.18
CA GLU C 1434 -16.18 -18.94 79.21
C GLU C 1434 -17.07 -20.00 78.57
N ALA C 1435 -17.87 -20.65 79.42
CA ALA C 1435 -18.86 -21.64 78.99
C ALA C 1435 -20.13 -21.33 79.78
N ASN C 1436 -20.95 -20.46 79.22
CA ASN C 1436 -22.14 -19.95 79.89
C ASN C 1436 -23.23 -20.99 79.81
N ASN C 1437 -23.65 -21.50 80.97
CA ASN C 1437 -24.64 -22.56 81.03
C ASN C 1437 -25.41 -22.38 82.34
N ASN C 1438 -26.14 -23.43 82.74
CA ASN C 1438 -27.09 -23.42 83.86
C ASN C 1438 -28.09 -22.27 83.71
N MET C 1439 -28.84 -22.34 82.63
CA MET C 1439 -29.73 -21.26 82.22
C MET C 1439 -31.14 -21.48 82.76
N ASN C 1440 -31.97 -20.47 82.59
CA ASN C 1440 -33.34 -20.49 83.07
C ASN C 1440 -34.22 -21.29 82.10
N LYS C 1441 -35.53 -21.23 82.29
CA LYS C 1441 -36.44 -21.82 81.33
C LYS C 1441 -36.76 -20.84 80.19
N VAL C 1442 -36.55 -19.54 80.41
CA VAL C 1442 -36.87 -18.53 79.42
C VAL C 1442 -35.98 -18.68 78.19
N GLN C 1443 -34.66 -18.68 78.40
CA GLN C 1443 -33.73 -18.90 77.32
C GLN C 1443 -33.75 -20.35 76.85
N ARG C 1444 -34.20 -21.27 77.70
CA ARG C 1444 -34.34 -22.66 77.30
C ARG C 1444 -35.44 -22.84 76.26
N ASP C 1445 -36.60 -22.22 76.50
CA ASP C 1445 -37.72 -22.39 75.59
C ASP C 1445 -37.49 -21.70 74.25
N ARG C 1446 -36.72 -20.61 74.24
CA ARG C 1446 -36.19 -20.09 72.98
C ARG C 1446 -35.29 -21.11 72.31
N GLN C 1447 -34.40 -21.70 73.09
CA GLN C 1447 -33.51 -22.73 72.57
C GLN C 1447 -34.28 -23.99 72.21
N SER C 1448 -35.34 -24.31 72.97
CA SER C 1448 -36.11 -25.50 72.68
C SER C 1448 -36.97 -25.33 71.43
N ALA C 1449 -37.38 -24.10 71.13
CA ALA C 1449 -38.23 -23.87 69.96
C ALA C 1449 -37.44 -24.00 68.67
N ILE C 1450 -36.17 -23.58 68.69
CA ILE C 1450 -35.32 -23.68 67.51
C ILE C 1450 -34.99 -25.14 67.22
N ILE C 1451 -35.01 -25.99 68.26
CA ILE C 1451 -34.93 -27.44 68.06
C ILE C 1451 -36.17 -27.95 67.33
N SER C 1452 -37.29 -27.23 67.43
CA SER C 1452 -38.46 -27.63 66.67
C SER C 1452 -38.55 -26.93 65.31
N HIS C 1453 -38.06 -25.70 65.19
CA HIS C 1453 -38.16 -24.96 63.94
C HIS C 1453 -37.12 -25.42 62.92
N HIS C 1454 -35.84 -25.29 63.26
CA HIS C 1454 -34.81 -26.04 62.58
C HIS C 1454 -34.82 -27.45 63.17
N ARG C 1455 -34.05 -28.37 62.59
CA ARG C 1455 -34.01 -29.72 63.13
C ARG C 1455 -32.60 -30.29 63.23
N PHE C 1456 -31.56 -29.46 63.23
CA PHE C 1456 -30.20 -29.97 63.10
C PHE C 1456 -29.16 -29.32 64.01
N ILE C 1457 -29.49 -28.26 64.75
CA ILE C 1457 -28.43 -27.59 65.50
C ILE C 1457 -28.43 -27.99 66.97
N THR C 1458 -29.62 -28.20 67.57
CA THR C 1458 -29.88 -28.76 68.90
C THR C 1458 -29.34 -27.94 70.07
N LYS C 1459 -28.53 -26.91 69.82
CA LYS C 1459 -28.02 -26.02 70.85
C LYS C 1459 -27.82 -24.64 70.26
N TYR C 1460 -28.25 -23.62 71.00
CA TYR C 1460 -28.19 -22.24 70.58
C TYR C 1460 -28.24 -21.35 71.82
N ASN C 1461 -27.47 -20.27 71.79
CA ASN C 1461 -27.63 -19.21 72.77
C ASN C 1461 -27.13 -17.92 72.16
N PHE C 1462 -27.69 -16.81 72.64
CA PHE C 1462 -27.30 -15.49 72.19
C PHE C 1462 -26.89 -14.68 73.40
N ASP C 1463 -26.08 -13.64 73.17
CA ASP C 1463 -25.72 -12.70 74.22
C ASP C 1463 -26.98 -11.93 74.61
N ASP C 1464 -27.68 -12.44 75.61
CA ASP C 1464 -28.84 -11.76 76.17
C ASP C 1464 -28.46 -10.75 77.26
N GLU C 1465 -27.20 -10.34 77.31
CA GLU C 1465 -26.75 -9.36 78.29
C GLU C 1465 -26.26 -8.07 77.63
N SER C 1466 -25.27 -8.14 76.74
CA SER C 1466 -24.70 -6.91 76.21
C SER C 1466 -24.36 -6.99 74.73
N GLY C 1467 -24.89 -7.99 74.02
CA GLY C 1467 -24.81 -8.08 72.57
C GLY C 1467 -23.40 -8.17 72.02
N LYS C 1468 -22.71 -9.25 72.29
CA LYS C 1468 -21.33 -9.41 71.82
C LYS C 1468 -21.05 -10.75 71.18
N TRP C 1469 -21.77 -11.81 71.54
CA TRP C 1469 -21.48 -13.14 71.03
C TRP C 1469 -22.77 -13.83 70.62
N CYS C 1470 -22.59 -14.94 69.91
CA CYS C 1470 -23.68 -15.84 69.57
C CYS C 1470 -23.07 -17.23 69.48
N GLU C 1471 -23.81 -18.22 69.96
CA GLU C 1471 -23.18 -19.51 70.25
C GLU C 1471 -24.16 -20.62 69.91
N PHE C 1472 -23.82 -21.43 68.92
CA PHE C 1472 -24.71 -22.50 68.50
C PHE C 1472 -23.91 -23.55 67.75
N LYS C 1473 -24.49 -24.75 67.68
CA LYS C 1473 -23.81 -25.93 67.18
C LYS C 1473 -24.41 -26.41 65.87
N LEU C 1474 -23.93 -27.56 65.43
CA LEU C 1474 -24.52 -28.35 64.36
C LEU C 1474 -24.22 -29.81 64.64
N GLU C 1475 -25.15 -30.68 64.21
CA GLU C 1475 -24.95 -32.13 64.29
C GLU C 1475 -25.36 -32.73 62.96
N LEU C 1476 -24.38 -33.16 62.18
CA LEU C 1476 -24.63 -33.91 60.97
C LEU C 1476 -24.69 -35.39 61.34
N ALA C 1477 -24.78 -36.25 60.34
CA ALA C 1477 -24.75 -37.69 60.59
C ALA C 1477 -23.31 -38.17 60.55
N ALA C 1478 -23.13 -39.49 60.52
CA ALA C 1478 -21.83 -40.08 60.25
C ALA C 1478 -21.64 -40.40 58.78
N ASP C 1479 -22.71 -40.39 57.98
CA ASP C 1479 -22.67 -40.63 56.55
C ASP C 1479 -22.03 -39.49 55.79
N THR C 1480 -21.91 -38.32 56.41
CA THR C 1480 -21.30 -37.16 55.76
C THR C 1480 -19.79 -37.25 55.90
N GLU C 1481 -19.11 -36.17 55.53
CA GLU C 1481 -17.66 -36.13 55.54
C GLU C 1481 -17.24 -34.68 55.78
N LYS C 1482 -15.99 -34.37 55.42
CA LYS C 1482 -15.44 -33.03 55.61
C LYS C 1482 -16.20 -31.98 54.84
N LEU C 1483 -16.47 -30.88 55.52
CA LEU C 1483 -17.21 -29.75 54.97
C LEU C 1483 -16.56 -28.47 55.44
N LEU C 1484 -16.14 -27.61 54.51
CA LEU C 1484 -15.72 -26.27 54.89
C LEU C 1484 -16.88 -25.50 55.49
N MET C 1485 -16.61 -24.71 56.51
CA MET C 1485 -17.70 -24.09 57.25
C MET C 1485 -17.60 -22.58 57.29
N VAL C 1486 -16.38 -22.02 57.40
CA VAL C 1486 -16.22 -20.57 57.37
C VAL C 1486 -16.62 -19.96 56.03
N ASN C 1487 -16.40 -20.67 54.93
CA ASN C 1487 -16.82 -20.15 53.63
C ASN C 1487 -18.33 -20.09 53.50
N ILE C 1488 -19.01 -21.12 53.98
CA ILE C 1488 -20.47 -21.16 53.92
C ILE C 1488 -21.06 -20.10 54.84
N VAL C 1489 -20.47 -19.91 56.03
CA VAL C 1489 -20.89 -18.84 56.91
C VAL C 1489 -20.60 -17.47 56.32
N GLU C 1490 -19.50 -17.30 55.58
CA GLU C 1490 -19.27 -16.03 54.90
C GLU C 1490 -20.19 -15.80 53.71
N GLU C 1491 -20.91 -16.83 53.24
CA GLU C 1491 -21.99 -16.58 52.30
C GLU C 1491 -23.19 -15.96 53.01
N ILE C 1492 -23.64 -16.62 54.07
CA ILE C 1492 -24.91 -16.27 54.71
C ILE C 1492 -24.77 -14.98 55.50
N CYS C 1493 -23.57 -14.69 55.98
CA CYS C 1493 -23.36 -13.44 56.70
C CYS C 1493 -23.30 -12.24 55.78
N ARG C 1494 -22.76 -12.38 54.57
CA ARG C 1494 -22.67 -11.25 53.67
C ARG C 1494 -23.91 -11.06 52.79
N LYS C 1495 -24.92 -11.89 52.95
CA LYS C 1495 -26.14 -11.81 52.15
C LYS C 1495 -27.37 -11.44 52.94
N SER C 1496 -27.52 -11.97 54.15
CA SER C 1496 -28.70 -11.69 54.95
C SER C 1496 -28.67 -10.27 55.47
N ILE C 1497 -29.86 -9.73 55.73
CA ILE C 1497 -30.04 -8.34 56.10
C ILE C 1497 -30.65 -8.24 57.48
N ILE C 1498 -30.40 -7.12 58.13
CA ILE C 1498 -31.09 -6.80 59.36
C ILE C 1498 -32.32 -5.96 59.10
N ARG C 1499 -32.15 -4.86 58.36
CA ARG C 1499 -33.24 -3.92 58.13
C ARG C 1499 -32.92 -3.16 56.85
N GLN C 1500 -33.50 -3.59 55.74
CA GLN C 1500 -33.39 -2.89 54.48
C GLN C 1500 -34.77 -2.45 54.03
N ILE C 1501 -34.97 -1.15 53.88
CA ILE C 1501 -36.14 -0.70 53.15
C ILE C 1501 -35.90 -0.94 51.66
N PRO C 1502 -36.81 -1.59 50.95
CA PRO C 1502 -36.45 -2.22 49.67
C PRO C 1502 -36.14 -1.22 48.57
N HIS C 1503 -35.36 -1.72 47.61
CA HIS C 1503 -34.78 -0.98 46.48
C HIS C 1503 -33.95 0.21 46.92
N ILE C 1504 -33.42 0.19 48.14
CA ILE C 1504 -32.73 1.33 48.74
C ILE C 1504 -31.53 0.78 49.52
N ASP C 1505 -30.36 1.35 49.27
CA ASP C 1505 -29.16 0.81 49.90
C ASP C 1505 -28.42 1.80 50.79
N ARG C 1506 -28.38 3.08 50.44
CA ARG C 1506 -27.66 4.03 51.29
C ARG C 1506 -28.30 5.41 51.17
N CYS C 1507 -28.98 5.83 52.24
CA CYS C 1507 -29.54 7.18 52.34
C CYS C 1507 -28.42 8.11 52.80
N VAL C 1508 -27.56 8.47 51.88
CA VAL C 1508 -26.36 9.23 52.20
C VAL C 1508 -26.76 10.68 52.39
N HIS C 1509 -25.89 11.49 52.98
CA HIS C 1509 -26.16 12.90 53.25
C HIS C 1509 -25.05 13.74 52.65
N PRO C 1510 -25.28 14.33 51.49
CA PRO C 1510 -24.26 15.22 50.91
C PRO C 1510 -24.17 16.57 51.60
N GLU C 1511 -23.40 17.45 51.02
CA GLU C 1511 -23.34 18.83 51.48
C GLU C 1511 -24.52 19.62 50.92
N PRO C 1512 -25.17 20.47 51.74
CA PRO C 1512 -26.24 21.32 51.21
C PRO C 1512 -25.74 22.45 50.32
N GLU C 1513 -26.08 22.38 49.03
CA GLU C 1513 -25.60 23.36 48.06
C GLU C 1513 -26.42 24.64 48.15
N ASN C 1514 -25.84 25.68 48.77
CA ASN C 1514 -26.38 27.04 48.83
C ASN C 1514 -27.76 27.11 49.49
N GLY C 1515 -27.94 26.38 50.58
CA GLY C 1515 -29.20 26.33 51.27
C GLY C 1515 -30.08 25.15 50.92
N LYS C 1516 -29.82 24.50 49.77
CA LYS C 1516 -30.58 23.32 49.36
C LYS C 1516 -30.16 22.15 50.26
N ARG C 1517 -30.77 22.10 51.44
CA ARG C 1517 -30.52 21.02 52.37
C ARG C 1517 -31.22 19.78 51.86
N VAL C 1518 -30.47 18.85 51.30
CA VAL C 1518 -31.06 17.67 50.67
C VAL C 1518 -30.33 16.42 51.09
N LEU C 1519 -31.03 15.29 50.97
CA LEU C 1519 -30.46 13.96 51.03
C LEU C 1519 -30.29 13.42 49.62
N VAL C 1520 -29.57 12.30 49.51
CA VAL C 1520 -29.49 11.55 48.26
C VAL C 1520 -29.66 10.09 48.63
N THR C 1521 -30.77 9.49 48.22
CA THR C 1521 -30.97 8.06 48.41
C THR C 1521 -30.55 7.34 47.15
N GLU C 1522 -29.55 6.49 47.27
CA GLU C 1522 -29.01 5.78 46.11
C GLU C 1522 -29.78 4.47 45.98
N GLY C 1523 -30.74 4.47 45.06
CA GLY C 1523 -31.70 3.38 44.96
C GLY C 1523 -33.10 3.93 45.11
N VAL C 1524 -33.95 3.74 44.10
CA VAL C 1524 -35.19 4.48 43.95
C VAL C 1524 -36.37 3.69 44.48
N ASN C 1525 -37.09 4.29 45.44
CA ASN C 1525 -38.43 3.86 45.83
C ASN C 1525 -39.20 5.09 46.27
N PHE C 1526 -40.25 5.44 45.54
CA PHE C 1526 -41.04 6.62 45.87
C PHE C 1526 -42.06 6.38 46.95
N GLN C 1527 -42.71 5.21 46.93
CA GLN C 1527 -43.87 5.01 47.79
C GLN C 1527 -43.47 4.86 49.25
N ALA C 1528 -42.34 4.21 49.51
CA ALA C 1528 -41.84 4.05 50.87
C ALA C 1528 -41.03 5.25 51.34
N MET C 1529 -41.01 6.34 50.58
CA MET C 1529 -40.53 7.62 51.07
C MET C 1529 -41.66 8.55 51.43
N TRP C 1530 -42.91 8.17 51.17
CA TRP C 1530 -44.06 8.94 51.57
C TRP C 1530 -44.55 8.57 52.95
N ASP C 1531 -43.87 7.66 53.62
CA ASP C 1531 -44.18 7.28 54.98
C ASP C 1531 -43.26 7.99 55.97
N GLN C 1532 -42.41 8.88 55.48
CA GLN C 1532 -41.39 9.56 56.28
C GLN C 1532 -41.42 11.07 56.03
N GLU C 1533 -42.61 11.66 56.11
CA GLU C 1533 -42.81 13.06 55.75
C GLU C 1533 -42.43 14.02 56.87
N ALA C 1534 -42.11 13.51 58.06
CA ALA C 1534 -41.79 14.39 59.18
C ALA C 1534 -40.49 15.14 58.94
N PHE C 1535 -39.54 14.49 58.29
CA PHE C 1535 -38.27 15.11 57.96
C PHE C 1535 -38.17 15.50 56.49
N ILE C 1536 -39.05 14.96 55.67
CA ILE C 1536 -38.91 15.05 54.22
C ILE C 1536 -40.08 15.83 53.67
N ASP C 1537 -39.79 16.85 52.87
CA ASP C 1537 -40.79 17.48 52.02
C ASP C 1537 -41.11 16.48 50.93
N VAL C 1538 -42.21 15.74 51.09
CA VAL C 1538 -42.56 14.70 50.12
C VAL C 1538 -43.14 15.26 48.83
N ASP C 1539 -43.30 16.58 48.73
CA ASP C 1539 -43.64 17.25 47.48
C ASP C 1539 -42.43 17.96 46.88
N GLY C 1540 -41.23 17.48 47.18
CA GLY C 1540 -40.02 18.06 46.62
C GLY C 1540 -38.95 17.04 46.30
N ILE C 1541 -39.28 15.75 46.38
CA ILE C 1541 -38.31 14.71 46.08
C ILE C 1541 -38.09 14.64 44.58
N THR C 1542 -36.84 14.48 44.17
CA THR C 1542 -36.45 14.72 42.78
C THR C 1542 -35.50 13.62 42.34
N SER C 1543 -36.01 12.68 41.55
CA SER C 1543 -35.23 11.53 41.13
C SER C 1543 -34.38 11.86 39.91
N ASN C 1544 -33.79 10.83 39.32
CA ASN C 1544 -33.38 10.87 37.94
C ASN C 1544 -33.76 9.61 37.16
N ASP C 1545 -34.31 8.61 37.83
CA ASP C 1545 -34.83 7.44 37.12
C ASP C 1545 -36.09 7.87 36.40
N VAL C 1546 -35.95 8.15 35.11
CA VAL C 1546 -37.00 8.82 34.35
C VAL C 1546 -38.17 7.87 34.10
N ALA C 1547 -37.90 6.60 33.84
CA ALA C 1547 -38.97 5.61 33.69
C ALA C 1547 -39.50 5.11 35.02
N ALA C 1548 -39.09 5.73 36.14
CA ALA C 1548 -39.74 5.56 37.42
C ALA C 1548 -40.56 6.76 37.84
N VAL C 1549 -40.14 7.97 37.45
CA VAL C 1549 -40.98 9.14 37.59
C VAL C 1549 -42.29 8.93 36.84
N LEU C 1550 -42.20 8.41 35.62
CA LEU C 1550 -43.36 8.05 34.82
C LEU C 1550 -44.19 6.96 35.47
N LYS C 1551 -43.58 6.13 36.30
CA LYS C 1551 -44.33 5.08 36.95
C LYS C 1551 -45.24 5.62 38.04
N THR C 1552 -44.92 6.79 38.60
CA THR C 1552 -45.74 7.42 39.63
C THR C 1552 -46.29 8.77 39.21
N TYR C 1553 -45.43 9.70 38.84
CA TYR C 1553 -45.78 11.12 38.75
C TYR C 1553 -46.36 11.54 37.41
N GLY C 1554 -46.57 10.62 36.48
CA GLY C 1554 -47.21 10.99 35.24
C GLY C 1554 -46.24 11.61 34.25
N VAL C 1555 -46.75 11.85 33.05
CA VAL C 1555 -45.89 12.08 31.90
C VAL C 1555 -45.41 13.52 31.78
N GLU C 1556 -46.19 14.51 32.24
CA GLU C 1556 -45.68 15.87 32.22
C GLU C 1556 -44.69 16.14 33.34
N ALA C 1557 -44.55 15.22 34.29
CA ALA C 1557 -43.47 15.22 35.25
C ALA C 1557 -42.27 14.43 34.78
N ALA C 1558 -42.52 13.28 34.15
CA ALA C 1558 -41.45 12.53 33.51
C ALA C 1558 -40.83 13.32 32.37
N ARG C 1559 -41.60 14.21 31.76
CA ARG C 1559 -41.02 15.22 30.87
C ARG C 1559 -40.12 16.18 31.64
N ASN C 1560 -40.48 16.56 32.86
CA ASN C 1560 -39.74 17.60 33.55
C ASN C 1560 -38.41 17.11 34.12
N THR C 1561 -38.25 15.81 34.30
CA THR C 1561 -36.96 15.27 34.70
C THR C 1561 -35.95 15.31 33.56
N ILE C 1562 -36.45 15.15 32.33
CA ILE C 1562 -35.57 15.02 31.17
C ILE C 1562 -34.93 16.35 30.80
N VAL C 1563 -35.67 17.45 30.87
CA VAL C 1563 -35.06 18.76 30.63
C VAL C 1563 -34.09 19.10 31.75
N ASN C 1564 -34.29 18.54 32.93
CA ASN C 1564 -33.35 18.73 34.03
C ASN C 1564 -32.10 17.89 33.83
N GLU C 1565 -32.28 16.57 33.75
CA GLU C 1565 -31.14 15.68 33.84
C GLU C 1565 -30.26 15.67 32.60
N ILE C 1566 -30.78 16.12 31.46
CA ILE C 1566 -29.86 16.37 30.35
C ILE C 1566 -29.04 17.62 30.64
N ASN C 1567 -29.63 18.61 31.29
CA ASN C 1567 -28.88 19.82 31.62
C ASN C 1567 -27.85 19.57 32.71
N ASN C 1568 -28.07 18.58 33.58
CA ASN C 1568 -27.07 18.22 34.57
C ASN C 1568 -25.79 17.67 33.95
N VAL C 1569 -25.90 17.11 32.74
CA VAL C 1569 -24.70 16.69 32.03
C VAL C 1569 -23.91 17.90 31.57
N PHE C 1570 -24.55 18.81 30.84
CA PHE C 1570 -23.82 19.87 30.18
C PHE C 1570 -23.35 20.96 31.15
N SER C 1571 -24.11 21.21 32.22
CA SER C 1571 -23.69 22.21 33.20
C SER C 1571 -22.48 21.74 34.00
N ARG C 1572 -22.30 20.44 34.10
CA ARG C 1572 -21.13 19.86 34.75
C ARG C 1572 -19.86 20.12 33.96
N TYR C 1573 -19.96 20.27 32.64
CA TYR C 1573 -18.80 20.55 31.81
C TYR C 1573 -18.70 22.02 31.45
N ALA C 1574 -19.48 22.87 32.12
CA ALA C 1574 -19.59 24.32 31.85
C ALA C 1574 -19.98 24.62 30.40
N ILE C 1575 -20.79 23.75 29.80
CA ILE C 1575 -21.22 23.90 28.42
C ILE C 1575 -22.70 24.25 28.44
N SER C 1576 -23.07 25.32 27.75
CA SER C 1576 -24.41 25.89 27.81
C SER C 1576 -25.18 25.55 26.54
N VAL C 1577 -26.33 24.90 26.70
CA VAL C 1577 -27.28 24.71 25.62
C VAL C 1577 -28.57 25.44 25.98
N SER C 1578 -29.26 25.96 24.98
CA SER C 1578 -30.53 26.61 25.24
C SER C 1578 -31.58 25.58 25.58
N PHE C 1579 -32.51 25.97 26.46
CA PHE C 1579 -33.51 25.03 26.95
C PHE C 1579 -34.53 24.64 25.89
N ARG C 1580 -34.66 25.42 24.83
CA ARG C 1580 -35.66 25.12 23.82
C ARG C 1580 -35.33 23.84 23.07
N HIS C 1581 -34.02 23.56 22.92
CA HIS C 1581 -33.61 22.28 22.38
C HIS C 1581 -34.02 21.15 23.30
N LEU C 1582 -33.84 21.34 24.60
CA LEU C 1582 -34.11 20.27 25.55
C LEU C 1582 -35.60 20.08 25.76
N ASP C 1583 -36.37 21.16 25.67
CA ASP C 1583 -37.82 21.04 25.62
C ASP C 1583 -38.25 20.28 24.39
N LEU C 1584 -37.64 20.58 23.25
CA LEU C 1584 -38.07 19.99 21.99
C LEU C 1584 -37.72 18.52 21.92
N ILE C 1585 -36.65 18.11 22.59
CA ILE C 1585 -36.30 16.70 22.64
C ILE C 1585 -37.23 15.97 23.59
N ALA C 1586 -37.43 16.51 24.79
CA ALA C 1586 -38.19 15.83 25.82
C ALA C 1586 -39.67 15.70 25.44
N ASP C 1587 -40.21 16.69 24.76
CA ASP C 1587 -41.58 16.58 24.27
C ASP C 1587 -41.66 15.60 23.11
N MET C 1588 -40.61 15.53 22.30
CA MET C 1588 -40.57 14.55 21.22
C MET C 1588 -40.38 13.14 21.75
N MET C 1589 -39.61 12.99 22.82
CA MET C 1589 -39.35 11.65 23.33
C MET C 1589 -40.58 11.09 24.02
N THR C 1590 -41.31 11.92 24.75
CA THR C 1590 -42.52 11.50 25.45
C THR C 1590 -43.76 11.88 24.67
N ARG C 1591 -43.67 11.91 23.34
CA ARG C 1591 -44.78 12.35 22.51
C ARG C 1591 -45.94 11.36 22.53
N GLN C 1592 -45.71 10.11 22.90
CA GLN C 1592 -46.74 9.10 22.86
C GLN C 1592 -47.41 8.89 24.21
N GLY C 1593 -47.06 9.69 25.21
CA GLY C 1593 -47.51 9.43 26.55
C GLY C 1593 -46.65 8.45 27.31
N THR C 1594 -45.87 7.63 26.62
CA THR C 1594 -44.88 6.78 27.24
C THR C 1594 -43.51 7.42 27.11
N TYR C 1595 -42.50 6.74 27.64
CA TYR C 1595 -41.12 7.20 27.56
C TYR C 1595 -40.44 6.45 26.42
N LEU C 1596 -40.30 7.12 25.28
CA LEU C 1596 -39.77 6.51 24.08
C LEU C 1596 -38.51 7.24 23.62
N ALA C 1597 -37.68 6.52 22.87
CA ALA C 1597 -36.31 6.92 22.61
C ALA C 1597 -36.05 6.94 21.10
N PHE C 1598 -34.78 6.99 20.72
CA PHE C 1598 -34.34 7.10 19.34
C PHE C 1598 -33.68 5.78 18.93
N ASN C 1599 -34.49 4.85 18.45
CA ASN C 1599 -33.98 3.56 18.03
C ASN C 1599 -34.95 2.95 17.03
N ARG C 1600 -34.82 1.64 16.80
CA ARG C 1600 -35.88 0.91 16.10
C ARG C 1600 -37.19 0.94 16.86
N GLN C 1601 -37.11 0.91 18.20
CA GLN C 1601 -38.31 0.72 19.00
C GLN C 1601 -39.05 2.03 19.23
N GLY C 1602 -38.33 3.15 19.32
CA GLY C 1602 -39.00 4.43 19.36
C GLY C 1602 -39.60 4.80 18.03
N MET C 1603 -38.98 4.37 16.94
CA MET C 1603 -39.43 4.66 15.58
C MET C 1603 -40.29 3.52 15.04
N GLU C 1604 -40.60 2.53 15.91
CA GLU C 1604 -41.60 1.52 15.60
C GLU C 1604 -42.93 2.14 15.22
N THR C 1605 -43.32 3.17 15.94
CA THR C 1605 -44.51 3.96 15.65
C THR C 1605 -44.06 5.19 14.86
N SER C 1606 -44.30 5.18 13.56
CA SER C 1606 -44.02 6.34 12.71
C SER C 1606 -44.92 6.27 11.49
N THR C 1607 -44.74 7.23 10.58
CA THR C 1607 -45.58 7.36 9.41
C THR C 1607 -44.82 7.17 8.10
N SER C 1608 -43.53 7.49 8.07
CA SER C 1608 -42.73 7.40 6.85
C SER C 1608 -41.74 6.25 6.98
N SER C 1609 -41.91 5.21 6.14
CA SER C 1609 -41.09 4.02 6.23
C SER C 1609 -39.76 4.14 5.52
N PHE C 1610 -39.58 5.13 4.65
CA PHE C 1610 -38.27 5.33 4.04
C PHE C 1610 -37.28 5.84 5.07
N MET C 1611 -37.77 6.60 6.06
CA MET C 1611 -36.93 6.96 7.20
C MET C 1611 -36.63 5.74 8.05
N LYS C 1612 -37.58 4.79 8.12
CA LYS C 1612 -37.33 3.57 8.86
C LYS C 1612 -36.30 2.69 8.16
N MET C 1613 -36.39 2.61 6.83
CA MET C 1613 -35.49 1.74 6.08
C MET C 1613 -34.08 2.29 6.04
N SER C 1614 -33.92 3.59 5.98
CA SER C 1614 -32.58 4.16 5.91
C SER C 1614 -31.89 4.23 7.27
N TYR C 1615 -32.60 3.98 8.37
CA TYR C 1615 -32.01 4.11 9.70
C TYR C 1615 -31.14 2.90 10.03
N GLU C 1616 -31.76 1.72 10.15
CA GLU C 1616 -31.13 0.43 10.38
C GLU C 1616 -32.22 -0.62 10.24
N THR C 1617 -31.80 -1.86 9.95
CA THR C 1617 -32.66 -3.02 9.68
C THR C 1617 -33.70 -2.69 8.61
N THR C 1618 -33.16 -2.48 7.40
CA THR C 1618 -33.92 -1.94 6.28
C THR C 1618 -35.06 -2.87 5.87
N CYS C 1619 -34.73 -4.11 5.51
CA CYS C 1619 -35.74 -5.03 5.02
C CYS C 1619 -36.59 -5.62 6.13
N GLN C 1620 -36.25 -5.35 7.39
CA GLN C 1620 -37.14 -5.69 8.48
C GLN C 1620 -38.39 -4.83 8.46
N PHE C 1621 -38.24 -3.53 8.20
CA PHE C 1621 -39.40 -2.66 8.01
C PHE C 1621 -40.06 -2.94 6.68
N LEU C 1622 -39.25 -3.19 5.65
CA LEU C 1622 -39.76 -3.45 4.31
C LEU C 1622 -40.55 -4.75 4.26
N THR C 1623 -40.25 -5.68 5.18
CA THR C 1623 -41.17 -6.78 5.45
C THR C 1623 -42.54 -6.25 5.84
N LYS C 1624 -42.59 -5.43 6.88
CA LYS C 1624 -43.86 -5.01 7.45
C LYS C 1624 -44.57 -3.96 6.62
N ALA C 1625 -43.83 -3.12 5.89
CA ALA C 1625 -44.47 -2.05 5.14
C ALA C 1625 -45.21 -2.59 3.93
N VAL C 1626 -44.76 -3.70 3.37
CA VAL C 1626 -45.52 -4.36 2.32
C VAL C 1626 -46.61 -5.22 2.93
N LEU C 1627 -46.40 -5.72 4.14
CA LEU C 1627 -47.49 -6.25 4.94
C LEU C 1627 -48.47 -5.17 5.37
N ASP C 1628 -48.09 -3.90 5.30
CA ASP C 1628 -48.94 -2.80 5.70
C ASP C 1628 -49.80 -2.28 4.58
N ASN C 1629 -49.43 -2.57 3.32
CA ASN C 1629 -49.96 -1.90 2.13
C ASN C 1629 -49.87 -0.39 2.30
N GLU C 1630 -48.66 0.07 2.63
CA GLU C 1630 -48.46 1.43 3.13
C GLU C 1630 -48.44 2.41 1.97
N ARG C 1631 -49.51 3.19 1.83
CA ARG C 1631 -49.57 4.27 0.85
C ARG C 1631 -48.76 5.43 1.42
N GLU C 1632 -47.44 5.34 1.25
CA GLU C 1632 -46.53 6.33 1.79
C GLU C 1632 -46.70 7.67 1.09
N GLN C 1633 -46.88 8.72 1.87
CA GLN C 1633 -47.28 10.00 1.32
C GLN C 1633 -46.10 10.91 0.97
N LEU C 1634 -44.88 10.48 1.29
CA LEU C 1634 -43.63 11.16 0.91
C LEU C 1634 -43.60 12.61 1.42
N ASP C 1635 -43.66 12.74 2.74
CA ASP C 1635 -43.66 14.03 3.38
C ASP C 1635 -42.55 14.21 4.40
N SER C 1636 -41.72 13.20 4.64
CA SER C 1636 -40.54 13.30 5.50
C SER C 1636 -39.30 13.50 4.65
N PRO C 1637 -38.31 14.25 5.15
CA PRO C 1637 -37.10 14.48 4.35
C PRO C 1637 -36.27 13.25 4.11
N SER C 1638 -36.41 12.20 4.93
CA SER C 1638 -35.82 10.91 4.61
C SER C 1638 -36.72 10.07 3.72
N ALA C 1639 -37.71 10.68 3.08
CA ALA C 1639 -38.47 10.03 2.01
C ALA C 1639 -38.63 10.90 0.76
N ARG C 1640 -38.67 12.23 0.89
CA ARG C 1640 -38.73 13.09 -0.28
C ARG C 1640 -37.43 13.06 -1.07
N ILE C 1641 -36.32 12.75 -0.42
CA ILE C 1641 -35.05 12.57 -1.11
C ILE C 1641 -35.02 11.26 -1.88
N VAL C 1642 -35.65 10.21 -1.35
CA VAL C 1642 -35.69 8.89 -1.98
C VAL C 1642 -36.31 8.97 -3.36
N VAL C 1643 -37.36 9.77 -3.51
CA VAL C 1643 -37.97 10.03 -4.80
C VAL C 1643 -37.48 11.34 -5.38
N GLY C 1644 -36.56 12.02 -4.69
CA GLY C 1644 -36.00 13.25 -5.21
C GLY C 1644 -36.95 14.42 -5.21
N LYS C 1645 -38.02 14.33 -4.42
CA LYS C 1645 -39.02 15.38 -4.35
C LYS C 1645 -38.43 16.58 -3.62
N LEU C 1646 -39.02 17.74 -3.87
CA LEU C 1646 -38.57 18.95 -3.18
C LEU C 1646 -38.91 18.83 -1.70
N ASN C 1647 -37.92 19.07 -0.84
CA ASN C 1647 -38.10 18.83 0.57
C ASN C 1647 -38.97 19.92 1.20
N ASN C 1648 -39.74 19.54 2.23
CA ASN C 1648 -40.82 20.38 2.73
C ASN C 1648 -40.42 21.28 3.89
N VAL C 1649 -39.16 21.68 3.96
CA VAL C 1649 -38.64 22.43 5.10
C VAL C 1649 -37.89 23.65 4.60
N GLY C 1650 -38.33 24.83 5.01
CA GLY C 1650 -37.62 26.04 4.67
C GLY C 1650 -38.11 26.65 3.38
N THR C 1651 -37.30 26.58 2.32
CA THR C 1651 -37.70 27.07 1.01
C THR C 1651 -38.45 26.02 0.22
N GLY C 1652 -39.07 25.05 0.86
CA GLY C 1652 -39.80 24.05 0.13
C GLY C 1652 -41.07 23.62 0.83
N SER C 1653 -41.46 24.37 1.85
CA SER C 1653 -42.71 24.09 2.54
C SER C 1653 -43.91 24.76 1.88
N PHE C 1654 -43.66 25.66 0.93
CA PHE C 1654 -44.66 26.58 0.41
C PHE C 1654 -44.46 26.76 -1.07
N ASP C 1655 -45.55 26.83 -1.83
CA ASP C 1655 -45.44 27.01 -3.26
C ASP C 1655 -45.37 28.49 -3.62
N VAL C 1656 -44.81 28.76 -4.80
CA VAL C 1656 -44.68 30.11 -5.30
C VAL C 1656 -45.39 30.18 -6.64
N LEU C 1657 -46.33 31.11 -6.77
CA LEU C 1657 -47.25 31.15 -7.89
C LEU C 1657 -47.19 32.51 -8.56
N ALA C 1658 -47.25 32.51 -9.88
CA ALA C 1658 -47.11 33.73 -10.67
C ALA C 1658 -48.47 34.27 -11.04
N LYS C 1659 -48.72 35.54 -10.71
CA LYS C 1659 -49.96 36.21 -11.06
C LYS C 1659 -49.80 36.86 -12.42
N VAL C 1660 -50.34 36.24 -13.46
CA VAL C 1660 -50.26 36.80 -14.80
C VAL C 1660 -51.24 37.96 -14.88
N PRO C 1661 -50.90 39.05 -15.58
CA PRO C 1661 -51.79 40.22 -15.58
C PRO C 1661 -53.03 40.07 -16.45
N ASN C 1662 -53.04 39.14 -17.39
CA ASN C 1662 -54.10 39.05 -18.37
C ASN C 1662 -54.88 37.75 -18.16
N ALA C 1663 -56.13 37.75 -18.61
CA ALA C 1663 -57.02 36.61 -18.47
C ALA C 1663 -56.61 35.47 -19.39
N ARG D 12 36.95 23.04 23.50
CA ARG D 12 35.59 23.56 23.42
C ARG D 12 34.58 22.57 23.98
N THR D 13 33.31 22.78 23.68
CA THR D 13 32.25 21.95 24.24
C THR D 13 32.22 20.57 23.58
N ALA D 14 31.92 20.55 22.29
CA ALA D 14 31.94 19.34 21.48
C ALA D 14 32.29 19.78 20.07
N ASP D 15 32.35 18.83 19.15
CA ASP D 15 32.77 19.23 17.82
C ASP D 15 32.06 18.42 16.73
N PHE D 16 31.76 19.13 15.65
CA PHE D 16 31.71 18.50 14.34
C PHE D 16 33.12 18.13 13.93
N ARG D 17 33.24 17.05 13.17
CA ARG D 17 34.54 16.52 12.79
C ARG D 17 34.67 16.69 11.29
N THR D 18 35.09 17.89 10.88
CA THR D 18 35.05 18.27 9.49
C THR D 18 36.31 17.90 8.73
N LEU D 19 37.26 17.25 9.37
CA LEU D 19 38.36 16.60 8.69
C LEU D 19 38.32 15.09 8.85
N GLU D 20 37.69 14.60 9.91
CA GLU D 20 37.51 13.19 10.14
C GLU D 20 36.36 12.61 9.33
N ARG D 21 35.34 13.40 9.03
CA ARG D 21 34.33 12.94 8.09
C ARG D 21 34.85 12.91 6.66
N GLU D 22 35.62 13.92 6.24
CA GLU D 22 36.14 13.94 4.89
C GLU D 22 37.20 12.87 4.68
N SER D 23 37.94 12.52 5.72
CA SER D 23 38.86 11.39 5.62
C SER D 23 38.14 10.06 5.69
N ARG D 24 36.92 10.02 6.20
CA ARG D 24 36.15 8.79 6.25
C ARG D 24 35.27 8.61 5.03
N PHE D 25 34.76 9.70 4.48
CA PHE D 25 34.00 9.62 3.24
C PHE D 25 34.90 9.20 2.08
N ILE D 26 36.03 9.89 1.92
CA ILE D 26 36.96 9.60 0.84
C ILE D 26 37.60 8.23 1.04
N ASN D 27 38.16 8.00 2.23
CA ASN D 27 38.87 6.77 2.54
C ASN D 27 37.98 5.96 3.48
N PRO D 28 37.32 4.91 3.01
CA PRO D 28 36.47 4.13 3.89
C PRO D 28 37.31 3.34 4.87
N PRO D 29 36.76 2.97 6.01
CA PRO D 29 37.54 2.20 6.99
C PRO D 29 37.83 0.79 6.50
N LYS D 30 39.09 0.52 6.16
CA LYS D 30 39.46 -0.82 5.74
C LYS D 30 39.47 -1.80 6.91
N ASP D 31 39.62 -1.30 8.13
CA ASP D 31 40.02 -2.11 9.26
C ASP D 31 38.89 -2.42 10.23
N LYS D 32 38.25 -1.38 10.79
CA LYS D 32 37.23 -1.60 11.79
C LYS D 32 36.05 -0.69 11.49
N SER D 33 34.84 -1.24 11.64
CA SER D 33 33.62 -0.45 11.53
C SER D 33 33.59 0.66 12.56
N ALA D 34 33.67 1.90 12.10
CA ALA D 34 33.45 3.03 12.99
C ALA D 34 31.99 3.05 13.41
N PHE D 35 31.72 3.85 14.46
CA PHE D 35 30.41 4.08 15.07
C PHE D 35 29.86 2.76 15.59
N PRO D 36 30.43 2.21 16.66
CA PRO D 36 30.13 0.83 17.02
C PRO D 36 28.81 0.63 17.73
N LEU D 37 28.22 1.68 18.31
CA LEU D 37 26.97 1.53 19.04
C LEU D 37 25.81 1.19 18.11
N LEU D 38 25.93 1.60 16.85
CA LEU D 38 24.89 1.35 15.86
C LEU D 38 24.77 -0.13 15.57
N GLN D 39 25.90 -0.83 15.51
CA GLN D 39 25.88 -2.28 15.36
C GLN D 39 25.46 -2.98 16.63
N GLU D 40 25.50 -2.30 17.77
CA GLU D 40 24.98 -2.86 19.00
C GLU D 40 23.49 -2.67 19.15
N ALA D 41 22.92 -1.70 18.46
CA ALA D 41 21.46 -1.51 18.52
C ALA D 41 20.75 -2.64 17.80
N VAL D 42 21.20 -2.96 16.58
CA VAL D 42 20.56 -4.00 15.79
C VAL D 42 20.97 -5.39 16.21
N GLN D 43 21.93 -5.49 17.10
CA GLN D 43 22.55 -6.72 17.56
C GLN D 43 21.62 -7.78 18.14
N PRO D 44 20.53 -7.47 18.86
CA PRO D 44 19.63 -8.56 19.29
C PRO D 44 18.89 -9.24 18.16
N HIS D 45 18.78 -8.64 16.99
CA HIS D 45 18.21 -9.36 15.86
C HIS D 45 19.20 -10.35 15.29
N ILE D 46 20.42 -9.88 15.02
CA ILE D 46 21.47 -10.73 14.47
C ILE D 46 21.84 -11.81 15.48
N GLY D 47 22.04 -11.40 16.73
CA GLY D 47 22.42 -12.32 17.79
C GLY D 47 21.38 -13.38 18.05
N SER D 48 20.11 -13.06 17.88
CA SER D 48 19.09 -14.10 17.99
C SER D 48 19.03 -14.98 16.75
N PHE D 49 19.54 -14.52 15.62
CA PHE D 49 19.54 -15.38 14.46
C PHE D 49 20.83 -16.15 14.32
N ASN D 50 21.91 -15.66 14.93
CA ASN D 50 23.14 -16.45 14.99
C ASN D 50 22.96 -17.68 15.85
N ALA D 51 22.06 -17.63 16.83
CA ALA D 51 21.87 -18.74 17.76
C ALA D 51 20.94 -19.82 17.25
N LEU D 52 20.58 -19.82 15.96
CA LEU D 52 19.82 -20.95 15.45
C LEU D 52 20.73 -22.09 15.06
N THR D 53 21.87 -21.76 14.46
CA THR D 53 22.81 -22.74 13.96
C THR D 53 24.12 -22.78 14.75
N GLU D 54 24.39 -21.77 15.57
CA GLU D 54 25.65 -21.67 16.28
C GLU D 54 25.41 -21.61 17.77
N GLY D 55 26.38 -22.08 18.54
CA GLY D 55 26.32 -22.03 19.97
C GLY D 55 26.54 -23.40 20.56
N PRO D 56 26.38 -23.51 21.88
CA PRO D 56 26.40 -24.84 22.52
C PRO D 56 25.22 -25.68 22.04
N ASP D 57 25.51 -26.94 21.72
CA ASP D 57 24.65 -27.98 21.12
C ASP D 57 24.31 -27.70 19.66
N GLY D 58 24.85 -26.66 19.05
CA GLY D 58 24.60 -26.38 17.66
C GLY D 58 23.50 -25.38 17.39
N GLY D 59 23.29 -24.42 18.26
CA GLY D 59 22.18 -23.51 18.10
C GLY D 59 20.87 -24.16 18.48
N LEU D 60 19.78 -23.47 18.13
CA LEU D 60 18.47 -23.98 18.48
C LEU D 60 18.02 -25.08 17.54
N LEU D 61 18.36 -24.95 16.27
CA LEU D 61 17.79 -25.80 15.24
C LEU D 61 18.26 -27.24 15.38
N ASN D 62 19.57 -27.43 15.56
CA ASN D 62 20.09 -28.76 15.79
C ASN D 62 19.66 -29.31 17.15
N LEU D 63 19.22 -28.44 18.04
CA LEU D 63 18.67 -28.84 19.33
C LEU D 63 17.16 -28.95 19.31
N GLY D 64 16.49 -28.27 18.38
CA GLY D 64 15.04 -28.35 18.33
C GLY D 64 14.53 -29.62 17.71
N VAL D 65 15.28 -30.18 16.76
CA VAL D 65 14.82 -31.33 16.01
C VAL D 65 14.74 -32.61 16.82
N LYS D 66 15.44 -32.67 17.95
CA LYS D 66 15.56 -33.89 18.71
C LYS D 66 14.47 -34.05 19.76
N ASP D 67 13.54 -33.11 19.85
CA ASP D 67 12.34 -33.34 20.67
C ASP D 67 11.36 -34.27 19.97
N ILE D 68 11.52 -34.48 18.68
CA ILE D 68 10.56 -35.23 17.86
C ILE D 68 11.29 -36.21 16.96
N GLY D 69 11.39 -37.46 17.38
CA GLY D 69 12.13 -38.43 16.60
C GLY D 69 11.40 -39.73 16.34
N GLU D 70 10.36 -40.01 17.12
CA GLU D 70 9.68 -41.29 17.06
C GLU D 70 8.34 -41.09 16.36
N LYS D 71 8.28 -41.41 15.07
CA LYS D 71 7.06 -41.30 14.26
C LYS D 71 6.82 -42.67 13.64
N VAL D 72 6.16 -43.51 14.38
CA VAL D 72 6.19 -44.94 14.13
C VAL D 72 4.89 -45.40 13.48
N ILE D 73 5.00 -46.37 12.56
CA ILE D 73 3.87 -46.92 11.84
C ILE D 73 3.89 -48.44 12.00
N PHE D 74 2.92 -49.09 11.36
CA PHE D 74 2.83 -50.55 11.38
C PHE D 74 2.14 -51.05 10.12
N ASP D 75 2.52 -52.25 9.70
CA ASP D 75 1.84 -52.92 8.61
C ASP D 75 0.67 -53.75 9.14
N GLY D 76 0.14 -54.60 8.27
CA GLY D 76 -0.80 -55.62 8.66
C GLY D 76 -0.29 -56.99 8.28
N LYS D 77 0.97 -57.04 7.83
CA LYS D 77 1.44 -58.36 7.42
C LYS D 77 1.90 -59.15 8.65
N PRO D 78 1.59 -60.45 8.69
CA PRO D 78 1.93 -61.26 9.86
C PRO D 78 3.39 -61.71 9.81
N LEU D 79 3.75 -62.53 10.78
CA LEU D 79 5.08 -63.11 10.88
C LEU D 79 5.15 -64.46 10.18
N ASN D 80 4.02 -64.97 9.67
CA ASN D 80 3.86 -66.35 9.18
C ASN D 80 4.29 -67.36 10.24
N SER D 81 3.61 -67.30 11.38
CA SER D 81 3.93 -68.11 12.54
C SER D 81 2.91 -69.25 12.70
N GLU D 82 3.12 -70.05 13.74
CA GLU D 82 2.32 -71.24 14.02
C GLU D 82 1.00 -70.91 14.71
N ASP D 83 0.37 -71.94 15.29
CA ASP D 83 -0.86 -71.80 16.05
C ASP D 83 -0.53 -71.08 17.36
N GLU D 84 -0.44 -69.76 17.29
CA GLU D 84 -0.09 -68.95 18.44
C GLU D 84 -1.05 -67.78 18.54
N ILE D 85 -0.94 -67.04 19.64
CA ILE D 85 -1.85 -65.94 19.96
C ILE D 85 -1.28 -64.62 19.46
N SER D 86 -0.25 -64.67 18.62
CA SER D 86 0.41 -63.47 18.13
C SER D 86 -0.16 -62.97 16.81
N ASN D 87 -0.76 -63.85 16.00
CA ASN D 87 -1.25 -63.45 14.68
C ASN D 87 -2.49 -62.57 14.76
N SER D 88 -3.20 -62.57 15.89
CA SER D 88 -4.27 -61.62 16.11
C SER D 88 -3.84 -60.41 16.93
N GLY D 89 -2.55 -60.32 17.27
CA GLY D 89 -2.08 -59.17 18.03
C GLY D 89 -0.94 -58.41 17.37
N TYR D 90 -0.15 -59.09 16.56
CA TYR D 90 1.01 -58.46 15.96
C TYR D 90 0.64 -57.71 14.70
N LEU D 91 1.31 -56.58 14.49
CA LEU D 91 0.94 -55.66 13.42
C LEU D 91 1.88 -55.79 12.22
N GLY D 92 3.18 -55.58 12.45
CA GLY D 92 4.16 -55.67 11.37
C GLY D 92 5.48 -55.00 11.70
N ASN D 93 6.15 -54.47 10.70
CA ASN D 93 7.38 -53.73 10.92
C ASN D 93 7.05 -52.26 11.17
N LYS D 94 8.08 -51.49 11.53
CA LYS D 94 7.85 -50.19 12.14
C LYS D 94 8.93 -49.21 11.70
N LEU D 95 8.54 -48.20 10.92
CA LEU D 95 9.42 -47.08 10.67
C LEU D 95 9.62 -46.25 11.91
N SER D 96 10.64 -45.40 11.87
CA SER D 96 10.74 -44.28 12.79
C SER D 96 11.48 -43.18 12.03
N VAL D 97 10.72 -42.35 11.34
CA VAL D 97 11.34 -41.27 10.58
C VAL D 97 11.76 -40.20 11.56
N SER D 98 12.84 -39.49 11.23
CA SER D 98 13.42 -38.54 12.16
C SER D 98 14.23 -37.53 11.37
N VAL D 99 14.75 -36.55 12.09
CA VAL D 99 15.82 -35.69 11.61
C VAL D 99 16.85 -35.63 12.72
N GLU D 100 18.10 -35.93 12.40
CA GLU D 100 19.14 -35.78 13.39
C GLU D 100 19.91 -34.48 13.26
N GLN D 101 19.91 -33.84 12.10
CA GLN D 101 20.68 -32.63 11.92
C GLN D 101 20.01 -31.75 10.87
N VAL D 102 20.06 -30.45 11.10
CA VAL D 102 19.54 -29.47 10.16
C VAL D 102 20.55 -28.33 10.08
N SER D 103 20.73 -27.78 8.88
CA SER D 103 21.64 -26.66 8.69
C SER D 103 21.18 -25.83 7.50
N ILE D 104 20.97 -24.54 7.74
CA ILE D 104 20.92 -23.58 6.65
C ILE D 104 22.26 -23.61 5.97
N ALA D 105 22.27 -23.69 4.64
CA ALA D 105 23.56 -23.87 4.00
C ALA D 105 24.32 -22.56 3.94
N LYS D 106 23.97 -21.69 2.98
CA LYS D 106 24.38 -20.31 2.76
C LYS D 106 23.75 -19.94 1.43
N PRO D 107 23.52 -18.67 1.11
CA PRO D 107 23.07 -18.33 -0.25
C PRO D 107 24.19 -18.41 -1.27
N MET D 108 24.00 -19.23 -2.30
CA MET D 108 24.81 -19.31 -3.50
C MET D 108 23.93 -19.06 -4.72
N SER D 109 24.49 -19.29 -5.91
CA SER D 109 23.80 -19.03 -7.18
C SER D 109 23.78 -20.30 -8.02
N ASN D 110 22.66 -21.03 -7.96
CA ASN D 110 22.49 -22.28 -8.68
C ASN D 110 21.86 -22.02 -10.05
N ASP D 111 22.38 -22.72 -11.05
CA ASP D 111 21.68 -22.91 -12.31
C ASP D 111 22.22 -24.18 -12.97
N VAL D 117 29.23 -23.94 -12.48
CA VAL D 117 29.87 -23.03 -11.55
C VAL D 117 28.83 -22.46 -10.58
N GLU D 118 29.21 -22.36 -9.31
CA GLU D 118 28.37 -21.80 -8.26
C GLU D 118 29.07 -20.59 -7.68
N ARG D 119 28.38 -19.46 -7.63
CA ARG D 119 29.01 -18.24 -7.14
C ARG D 119 28.25 -17.70 -5.92
N LYS D 120 28.94 -16.85 -5.17
CA LYS D 120 28.33 -16.19 -4.03
C LYS D 120 27.41 -15.08 -4.50
N VAL D 121 26.28 -14.94 -3.82
CA VAL D 121 25.28 -13.93 -4.15
C VAL D 121 25.25 -12.91 -3.02
N TYR D 122 25.43 -11.67 -3.38
CA TYR D 122 25.38 -10.58 -2.42
C TYR D 122 23.97 -10.02 -2.36
N PRO D 123 23.58 -9.40 -1.24
CA PRO D 123 22.23 -8.82 -1.16
C PRO D 123 22.02 -7.60 -2.03
N SER D 124 23.06 -7.06 -2.65
CA SER D 124 22.87 -6.06 -3.70
C SER D 124 22.21 -6.62 -4.94
N GLU D 125 22.18 -7.94 -5.12
CA GLU D 125 21.64 -8.52 -6.33
C GLU D 125 20.18 -8.92 -6.21
N SER D 126 19.77 -9.56 -5.12
CA SER D 126 18.39 -9.99 -5.02
C SER D 126 17.42 -8.84 -4.76
N ARG D 127 17.93 -7.65 -4.45
CA ARG D 127 17.13 -6.43 -4.57
C ARG D 127 16.79 -6.15 -6.02
N GLN D 128 17.73 -6.39 -6.93
CA GLN D 128 17.53 -6.06 -8.33
C GLN D 128 16.68 -7.10 -9.03
N ARG D 129 16.87 -8.38 -8.70
CA ARG D 129 16.00 -9.42 -9.24
C ARG D 129 14.61 -9.34 -8.64
N LEU D 130 14.48 -8.70 -7.48
CA LEU D 130 13.22 -8.54 -6.75
C LEU D 130 12.60 -9.88 -6.40
N THR D 131 13.45 -10.88 -6.17
CA THR D 131 13.08 -12.14 -5.55
C THR D 131 13.80 -12.21 -4.21
N SER D 132 13.50 -13.24 -3.45
CA SER D 132 14.05 -13.35 -2.11
C SER D 132 15.53 -13.71 -2.16
N TYR D 133 16.19 -13.45 -1.04
CA TYR D 133 17.60 -13.77 -0.84
C TYR D 133 17.72 -15.07 -0.08
N ARG D 134 17.21 -16.12 -0.70
CA ARG D 134 16.98 -17.39 -0.05
C ARG D 134 18.29 -18.10 0.23
N GLY D 135 18.19 -19.19 0.99
CA GLY D 135 19.34 -20.00 1.30
C GLY D 135 18.91 -21.44 1.40
N LYS D 136 19.77 -22.36 0.98
CA LYS D 136 19.34 -23.74 0.81
C LYS D 136 19.23 -24.43 2.15
N LEU D 137 18.08 -25.05 2.41
CA LEU D 137 17.84 -25.74 3.66
C LEU D 137 18.30 -27.20 3.53
N LEU D 138 19.16 -27.63 4.46
CA LEU D 138 19.70 -28.98 4.43
C LEU D 138 19.29 -29.73 5.68
N LEU D 139 18.74 -30.93 5.49
CA LEU D 139 17.88 -31.57 6.47
C LEU D 139 17.95 -33.08 6.28
N LYS D 140 18.75 -33.76 7.08
CA LYS D 140 19.00 -35.17 6.80
C LYS D 140 18.13 -36.08 7.67
N LEU D 141 17.48 -37.03 7.01
CA LEU D 141 16.42 -37.84 7.61
C LEU D 141 17.00 -39.13 8.17
N LYS D 142 16.12 -40.10 8.46
CA LYS D 142 16.46 -41.36 9.10
C LYS D 142 15.30 -42.32 8.88
N TRP D 143 15.59 -43.60 8.72
CA TRP D 143 14.58 -44.58 8.35
C TRP D 143 14.73 -45.82 9.19
N SER D 144 14.85 -45.67 10.49
CA SER D 144 15.20 -46.79 11.35
C SER D 144 14.00 -47.72 11.48
N VAL D 145 14.05 -48.85 10.78
CA VAL D 145 12.97 -49.81 10.76
C VAL D 145 13.31 -50.95 11.72
N ASN D 146 12.29 -51.45 12.42
CA ASN D 146 12.36 -52.64 13.28
C ASN D 146 13.39 -52.50 14.39
N ASN D 147 13.15 -51.48 15.24
CA ASN D 147 14.08 -51.02 16.28
C ASN D 147 15.46 -50.71 15.67
N GLY D 148 15.44 -50.09 14.49
CA GLY D 148 16.67 -49.72 13.81
C GLY D 148 17.46 -50.88 13.27
N GLU D 149 16.81 -51.80 12.54
CA GLU D 149 17.57 -52.85 11.87
C GLU D 149 18.23 -52.34 10.60
N GLU D 150 17.79 -51.19 10.10
CA GLU D 150 18.37 -50.61 8.89
C GLU D 150 18.19 -49.10 8.95
N ASN D 151 19.27 -48.39 8.66
CA ASN D 151 19.30 -46.94 8.79
C ASN D 151 19.64 -46.34 7.44
N LEU D 152 18.93 -45.28 7.07
CA LEU D 152 19.06 -44.66 5.75
C LEU D 152 19.18 -43.17 5.96
N PHE D 153 20.26 -42.57 5.49
CA PHE D 153 20.52 -41.15 5.72
C PHE D 153 20.50 -40.41 4.40
N GLU D 154 19.58 -39.46 4.27
CA GLU D 154 19.33 -38.74 3.00
C GLU D 154 19.27 -37.25 3.24
N VAL D 155 20.37 -36.55 2.97
CA VAL D 155 20.37 -35.09 3.01
C VAL D 155 19.53 -34.59 1.86
N ARG D 156 18.31 -34.16 2.13
CA ARG D 156 17.41 -33.72 1.07
C ARG D 156 17.34 -32.22 0.98
N ASP D 157 17.21 -31.72 -0.24
CA ASP D 157 16.97 -30.31 -0.47
C ASP D 157 15.57 -29.98 -0.01
N CYS D 158 15.41 -28.78 0.53
CA CYS D 158 14.14 -28.38 1.11
C CYS D 158 13.65 -27.02 0.65
N GLY D 159 14.39 -26.35 -0.22
CA GLY D 159 14.00 -25.06 -0.72
C GLY D 159 14.86 -23.95 -0.16
N GLY D 160 14.36 -22.74 -0.31
CA GLY D 160 15.09 -21.59 0.16
C GLY D 160 14.34 -20.78 1.19
N LEU D 161 14.78 -20.83 2.43
CA LEU D 161 14.30 -19.91 3.44
C LEU D 161 15.31 -18.81 3.62
N PRO D 162 14.90 -17.57 3.72
CA PRO D 162 15.86 -16.47 3.54
C PRO D 162 16.77 -16.25 4.73
N VAL D 163 17.66 -15.28 4.55
CA VAL D 163 18.83 -15.10 5.37
C VAL D 163 18.90 -13.65 5.78
N MET D 164 18.99 -13.41 7.08
CA MET D 164 19.08 -12.06 7.60
C MET D 164 20.39 -11.43 7.16
N LEU D 165 20.35 -10.13 6.89
CA LEU D 165 21.56 -9.47 6.43
C LEU D 165 22.52 -9.27 7.60
N GLN D 166 23.81 -9.46 7.30
CA GLN D 166 24.89 -9.61 8.28
C GLN D 166 24.57 -10.63 9.37
N SER D 167 23.97 -11.75 8.96
CA SER D 167 23.90 -12.92 9.83
C SER D 167 25.18 -13.74 9.71
N ASN D 168 25.16 -14.96 10.24
CA ASN D 168 26.18 -15.93 9.88
C ASN D 168 26.10 -16.27 8.40
N ARG D 169 24.89 -16.58 7.94
CA ARG D 169 24.70 -17.08 6.61
C ARG D 169 24.84 -15.99 5.54
N CYS D 170 24.76 -14.72 5.90
CA CYS D 170 24.96 -13.69 4.90
C CYS D 170 26.44 -13.57 4.56
N HIS D 171 26.69 -13.15 3.33
CA HIS D 171 28.03 -13.05 2.78
C HIS D 171 28.69 -11.73 3.09
N LEU D 172 28.06 -10.90 3.93
CA LEU D 172 28.67 -9.68 4.43
C LEU D 172 29.14 -9.87 5.87
N ASN D 173 29.37 -11.12 6.27
CA ASN D 173 29.36 -11.57 7.65
C ASN D 173 30.43 -10.88 8.49
N LYS D 174 31.70 -11.15 8.21
CA LYS D 174 32.78 -10.36 8.79
C LYS D 174 33.34 -9.39 7.76
N MET D 175 32.49 -8.56 7.15
CA MET D 175 32.94 -7.81 5.99
C MET D 175 33.22 -6.37 6.36
N SER D 176 34.42 -5.93 5.98
CA SER D 176 34.97 -4.63 6.30
C SER D 176 34.20 -3.51 5.62
N PRO D 177 34.21 -2.30 6.19
CA PRO D 177 33.54 -1.16 5.55
C PRO D 177 34.14 -0.71 4.24
N TYR D 178 35.42 -0.96 4.01
CA TYR D 178 35.92 -0.76 2.66
C TYR D 178 35.38 -1.85 1.73
N GLU D 179 35.22 -3.07 2.25
CA GLU D 179 34.72 -4.15 1.45
C GLU D 179 33.21 -4.28 1.51
N LEU D 180 32.53 -3.45 2.29
CA LEU D 180 31.09 -3.31 2.15
C LEU D 180 30.71 -2.30 1.08
N VAL D 181 31.58 -1.33 0.80
CA VAL D 181 31.37 -0.44 -0.33
C VAL D 181 31.47 -1.22 -1.63
N GLN D 182 32.43 -2.12 -1.72
CA GLN D 182 32.76 -2.79 -2.97
C GLN D 182 31.89 -4.01 -3.23
N HIS D 183 30.72 -4.10 -2.61
CA HIS D 183 29.69 -5.03 -3.05
C HIS D 183 28.34 -4.36 -3.05
N LYS D 184 28.33 -3.03 -3.22
CA LYS D 184 27.14 -2.20 -3.42
C LYS D 184 26.17 -2.29 -2.24
N GLU D 185 26.70 -2.04 -1.05
CA GLU D 185 25.92 -1.97 0.18
C GLU D 185 26.23 -0.66 0.89
N GLU D 186 25.78 -0.48 2.13
CA GLU D 186 26.15 0.70 2.88
C GLU D 186 27.47 0.49 3.60
N SER D 187 28.29 1.54 3.64
CA SER D 187 29.55 1.49 4.38
C SER D 187 29.34 1.39 5.88
N ASP D 188 28.13 1.70 6.35
CA ASP D 188 27.69 1.43 7.70
C ASP D 188 26.50 0.51 7.62
N GLU D 189 26.64 -0.57 6.86
CA GLU D 189 25.62 -1.59 6.66
C GLU D 189 25.01 -2.05 7.96
N ILE D 190 23.70 -1.97 8.02
CA ILE D 190 22.96 -2.17 9.25
C ILE D 190 22.62 -3.63 9.45
N GLY D 191 22.12 -4.30 8.41
CA GLY D 191 21.70 -5.68 8.54
C GLY D 191 20.41 -5.77 9.32
N GLY D 192 20.07 -7.00 9.68
CA GLY D 192 18.92 -7.25 10.52
C GLY D 192 17.65 -7.52 9.76
N TYR D 193 17.51 -6.99 8.56
CA TYR D 193 16.27 -7.10 7.80
C TYR D 193 16.39 -8.19 6.76
N PHE D 194 15.27 -8.86 6.47
CA PHE D 194 15.24 -9.87 5.43
C PHE D 194 15.12 -9.20 4.07
N ILE D 195 15.04 -10.01 3.01
CA ILE D 195 14.55 -9.58 1.70
C ILE D 195 13.60 -10.64 1.22
N VAL D 196 12.31 -10.29 1.17
CA VAL D 196 11.26 -11.20 0.72
C VAL D 196 10.60 -10.56 -0.49
N ASN D 197 10.88 -11.14 -1.66
CA ASN D 197 10.38 -10.68 -2.96
C ASN D 197 10.79 -9.23 -3.24
N GLY D 198 11.97 -8.86 -2.76
CA GLY D 198 12.47 -7.50 -2.88
C GLY D 198 12.13 -6.57 -1.73
N ILE D 199 11.29 -7.00 -0.80
CA ILE D 199 10.77 -6.16 0.27
C ILE D 199 11.44 -6.54 1.58
N GLU D 200 11.92 -5.53 2.32
CA GLU D 200 12.78 -5.70 3.49
C GLU D 200 11.96 -6.00 4.74
N LYS D 201 11.30 -7.15 4.74
CA LYS D 201 10.36 -7.49 5.79
C LYS D 201 11.10 -8.13 6.96
N LEU D 202 11.37 -7.36 8.00
CA LEU D 202 11.96 -7.89 9.22
C LEU D 202 10.86 -8.44 10.11
N ILE D 203 11.20 -8.86 11.32
CA ILE D 203 10.21 -9.38 12.25
C ILE D 203 10.18 -8.52 13.51
N ARG D 204 9.03 -7.91 13.76
CA ARG D 204 8.77 -7.12 14.95
C ARG D 204 8.95 -7.94 16.22
N MET D 205 9.49 -7.32 17.26
CA MET D 205 9.65 -7.98 18.55
C MET D 205 8.40 -7.82 19.40
N LEU D 206 8.15 -8.82 20.23
CA LEU D 206 6.96 -8.86 21.06
C LEU D 206 7.29 -8.58 22.51
N ILE D 207 6.29 -8.77 23.37
CA ILE D 207 6.44 -8.92 24.82
C ILE D 207 5.65 -10.15 25.22
N VAL D 208 6.31 -11.12 25.82
CA VAL D 208 5.61 -12.25 26.40
C VAL D 208 5.87 -12.26 27.90
N GLN D 209 5.22 -13.18 28.58
CA GLN D 209 5.45 -13.38 30.00
C GLN D 209 6.89 -13.83 30.23
N ARG D 210 7.48 -13.34 31.31
CA ARG D 210 8.79 -13.82 31.73
C ARG D 210 8.71 -15.30 32.07
N ARG D 211 9.54 -16.07 31.39
CA ARG D 211 9.65 -17.50 31.59
C ARG D 211 10.29 -17.79 32.94
N ASN D 212 10.36 -19.08 33.25
CA ASN D 212 11.08 -19.61 34.41
C ASN D 212 10.55 -19.05 35.73
N HIS D 213 9.28 -18.72 35.78
CA HIS D 213 8.74 -18.02 36.94
C HIS D 213 7.25 -18.25 37.05
N PRO D 214 6.76 -18.76 38.17
CA PRO D 214 5.32 -18.93 38.31
C PRO D 214 4.65 -17.64 38.73
N MET D 215 3.87 -17.03 37.84
CA MET D 215 3.10 -15.86 38.21
C MET D 215 1.76 -16.28 38.78
N ALA D 216 1.18 -15.40 39.58
CA ALA D 216 0.04 -15.75 40.40
C ALA D 216 -1.11 -14.79 40.14
N ILE D 217 -1.39 -14.52 38.87
CA ILE D 217 -2.34 -13.48 38.50
C ILE D 217 -3.75 -13.88 38.88
N ILE D 218 -4.54 -12.90 39.29
CA ILE D 218 -5.98 -13.03 39.37
C ILE D 218 -6.57 -12.38 38.14
N ARG D 219 -7.61 -12.99 37.60
CA ARG D 219 -8.20 -12.46 36.39
C ARG D 219 -9.65 -12.93 36.32
N PRO D 220 -10.59 -12.01 36.06
CA PRO D 220 -12.01 -12.40 36.01
C PRO D 220 -12.32 -13.31 34.85
N SER D 221 -11.46 -13.34 33.82
CA SER D 221 -11.61 -14.30 32.74
C SER D 221 -11.44 -15.74 33.22
N PHE D 222 -10.74 -15.96 34.34
CA PHE D 222 -10.69 -17.29 34.92
C PHE D 222 -12.04 -17.71 35.48
N ALA D 223 -12.87 -16.77 35.91
CA ALA D 223 -14.21 -17.10 36.38
C ALA D 223 -15.14 -17.47 35.25
N ASN D 224 -14.77 -17.15 34.01
CA ASN D 224 -15.54 -17.42 32.82
C ASN D 224 -15.34 -18.85 32.30
N ARG D 225 -14.74 -19.73 33.10
CA ARG D 225 -14.40 -21.07 32.64
C ARG D 225 -15.27 -22.15 33.23
N GLY D 226 -16.25 -21.80 34.05
CA GLY D 226 -17.25 -22.78 34.44
C GLY D 226 -17.68 -22.57 35.88
N ALA D 227 -18.62 -23.42 36.28
CA ALA D 227 -19.08 -23.45 37.67
C ALA D 227 -17.99 -24.00 38.55
N SER D 228 -18.01 -23.58 39.82
CA SER D 228 -17.11 -23.90 40.94
C SER D 228 -15.71 -23.31 40.75
N TYR D 229 -15.40 -22.66 39.63
CA TYR D 229 -14.10 -22.04 39.52
C TYR D 229 -14.09 -20.69 40.23
N SER D 230 -12.91 -20.10 40.27
CA SER D 230 -12.70 -18.82 40.89
C SER D 230 -11.87 -17.98 39.94
N HIS D 231 -11.53 -16.78 40.38
CA HIS D 231 -10.60 -15.97 39.63
C HIS D 231 -9.18 -16.04 40.19
N TYR D 232 -8.78 -17.18 40.74
CA TYR D 232 -7.45 -17.38 41.27
C TYR D 232 -6.72 -18.45 40.48
N GLY D 233 -5.45 -18.19 40.15
CA GLY D 233 -4.68 -19.14 39.38
C GLY D 233 -3.20 -18.81 39.38
N ILE D 234 -2.41 -19.80 38.97
CA ILE D 234 -0.96 -19.68 38.88
C ILE D 234 -0.54 -19.92 37.43
N GLN D 235 0.03 -18.92 36.79
CA GLN D 235 0.36 -19.05 35.38
C GLN D 235 1.87 -19.01 35.21
N ILE D 236 2.46 -20.16 34.91
CA ILE D 236 3.88 -20.26 34.64
C ILE D 236 4.07 -20.42 33.13
N ARG D 237 5.14 -19.86 32.61
CA ARG D 237 5.47 -19.98 31.20
C ARG D 237 6.74 -20.81 31.10
N SER D 238 6.57 -22.09 30.77
CA SER D 238 7.69 -23.02 30.68
C SER D 238 8.22 -23.08 29.26
N VAL D 239 9.48 -22.74 29.08
CA VAL D 239 10.13 -22.86 27.80
C VAL D 239 10.92 -24.16 27.78
N ARG D 240 11.41 -24.53 26.62
CA ARG D 240 12.44 -25.54 26.52
C ARG D 240 13.73 -24.86 26.07
N PRO D 241 14.91 -25.48 26.26
CA PRO D 241 16.14 -24.81 25.82
C PRO D 241 16.34 -24.72 24.32
N ASP D 242 15.37 -25.19 23.52
CA ASP D 242 15.30 -24.83 22.12
C ASP D 242 14.38 -23.65 21.88
N GLN D 243 14.05 -22.90 22.95
CA GLN D 243 13.24 -21.69 22.92
C GLN D 243 11.82 -21.96 22.42
N THR D 244 11.17 -22.96 23.00
CA THR D 244 9.75 -23.20 22.76
C THR D 244 9.00 -22.43 23.85
N SER D 245 7.71 -22.70 24.03
CA SER D 245 7.00 -22.26 25.22
C SER D 245 5.88 -23.24 25.50
N GLN D 246 5.52 -23.34 26.78
CA GLN D 246 4.44 -24.23 27.20
C GLN D 246 3.86 -23.67 28.48
N THR D 247 2.75 -22.94 28.37
CA THR D 247 2.17 -22.25 29.51
C THR D 247 1.26 -23.22 30.26
N ASN D 248 1.65 -23.55 31.49
CA ASN D 248 0.82 -24.35 32.37
C ASN D 248 0.19 -23.46 33.41
N VAL D 249 -1.12 -23.59 33.57
CA VAL D 249 -1.93 -22.75 34.44
C VAL D 249 -2.57 -23.67 35.47
N LEU D 250 -2.66 -23.20 36.71
CA LEU D 250 -3.17 -23.97 37.83
C LEU D 250 -4.35 -23.21 38.46
N HIS D 251 -5.57 -23.53 38.03
CA HIS D 251 -6.76 -22.86 38.53
C HIS D 251 -7.13 -23.38 39.91
N TYR D 252 -8.02 -22.65 40.58
CA TYR D 252 -8.48 -22.99 41.93
C TYR D 252 -10.00 -23.11 41.94
N LEU D 253 -10.50 -24.28 42.33
CA LEU D 253 -11.93 -24.46 42.52
C LEU D 253 -12.30 -24.02 43.93
N ASN D 254 -13.55 -23.58 44.09
CA ASN D 254 -14.00 -23.16 45.42
C ASN D 254 -14.25 -24.35 46.33
N ASP D 255 -14.51 -25.51 45.75
CA ASP D 255 -14.84 -26.69 46.53
C ASP D 255 -13.62 -27.43 47.07
N GLY D 256 -12.47 -26.78 47.17
CA GLY D 256 -11.29 -27.35 47.77
C GLY D 256 -10.38 -28.08 46.80
N GLN D 257 -10.93 -28.63 45.74
CA GLN D 257 -10.12 -29.32 44.75
C GLN D 257 -9.37 -28.30 43.91
N VAL D 258 -8.22 -28.69 43.38
CA VAL D 258 -7.42 -27.85 42.51
C VAL D 258 -7.16 -28.62 41.23
N THR D 259 -7.32 -27.97 40.08
CA THR D 259 -7.09 -28.64 38.81
C THR D 259 -5.98 -27.97 38.01
N PHE D 260 -5.41 -28.76 37.12
CA PHE D 260 -4.26 -28.41 36.30
C PHE D 260 -4.68 -28.27 34.85
N ARG D 261 -4.29 -27.17 34.24
CA ARG D 261 -4.71 -26.86 32.88
C ARG D 261 -3.47 -26.82 31.98
N PHE D 262 -3.67 -27.18 30.71
CA PHE D 262 -2.66 -26.98 29.67
C PHE D 262 -3.40 -26.87 28.34
N SER D 263 -2.64 -26.59 27.28
CA SER D 263 -3.22 -26.37 25.95
C SER D 263 -2.36 -27.09 24.91
N TRP D 264 -2.78 -28.29 24.50
CA TRP D 264 -1.87 -29.18 23.77
C TRP D 264 -1.77 -28.84 22.28
N ARG D 265 -2.85 -29.06 21.54
CA ARG D 265 -2.81 -28.92 20.09
C ARG D 265 -3.65 -27.74 19.63
N LYS D 266 -4.95 -27.78 19.89
CA LYS D 266 -5.83 -26.67 19.61
C LYS D 266 -6.82 -26.49 20.74
N ASN D 267 -6.70 -27.26 21.80
CA ASN D 267 -7.76 -27.42 22.77
C ASN D 267 -7.22 -27.05 24.15
N GLU D 268 -8.04 -27.36 25.17
CA GLU D 268 -7.74 -27.03 26.55
C GLU D 268 -8.14 -28.21 27.41
N TYR D 269 -7.26 -28.64 28.29
CA TYR D 269 -7.45 -29.90 28.99
C TYR D 269 -7.34 -29.69 30.49
N LEU D 270 -8.11 -30.47 31.24
CA LEU D 270 -8.32 -30.24 32.66
C LEU D 270 -8.08 -31.54 33.40
N VAL D 271 -7.08 -31.57 34.27
CA VAL D 271 -6.79 -32.73 35.09
C VAL D 271 -6.56 -32.34 36.55
N PRO D 272 -6.98 -33.16 37.50
CA PRO D 272 -6.66 -32.90 38.91
C PRO D 272 -5.18 -33.09 39.17
N VAL D 273 -4.70 -32.42 40.21
CA VAL D 273 -3.28 -32.39 40.50
C VAL D 273 -2.86 -33.61 41.34
N VAL D 274 -3.82 -34.28 41.99
CA VAL D 274 -3.55 -35.59 42.60
C VAL D 274 -3.19 -36.62 41.55
N MET D 275 -3.67 -36.45 40.32
CA MET D 275 -3.22 -37.29 39.23
C MET D 275 -1.76 -37.01 38.91
N ILE D 276 -1.37 -35.73 38.89
CA ILE D 276 -0.02 -35.38 38.50
C ILE D 276 0.98 -35.71 39.59
N LEU D 277 0.72 -35.25 40.82
CA LEU D 277 1.71 -35.36 41.90
C LEU D 277 1.96 -36.81 42.31
N LYS D 278 0.99 -37.68 42.05
CA LYS D 278 1.25 -39.10 42.21
C LYS D 278 2.11 -39.64 41.07
N ALA D 279 2.00 -39.06 39.88
CA ALA D 279 2.59 -39.65 38.69
C ALA D 279 3.99 -39.14 38.36
N LEU D 280 4.41 -38.00 38.91
CA LEU D 280 5.77 -37.54 38.69
C LEU D 280 6.78 -38.48 39.33
N CYS D 281 6.69 -38.67 40.64
CA CYS D 281 7.51 -39.63 41.33
C CYS D 281 6.70 -40.27 42.43
N HIS D 282 7.13 -41.47 42.83
CA HIS D 282 6.38 -42.25 43.80
C HIS D 282 6.49 -41.63 45.19
N THR D 283 5.55 -40.77 45.53
CA THR D 283 5.49 -40.15 46.85
C THR D 283 4.15 -40.47 47.51
N SER D 284 4.18 -40.67 48.82
CA SER D 284 2.97 -40.89 49.57
C SER D 284 2.34 -39.57 49.95
N ASP D 285 1.24 -39.62 50.69
CA ASP D 285 0.44 -38.43 50.91
C ASP D 285 1.13 -37.45 51.85
N ARG D 286 1.91 -37.96 52.79
CA ARG D 286 2.51 -37.08 53.78
C ARG D 286 3.70 -36.34 53.20
N GLU D 287 4.43 -36.96 52.28
CA GLU D 287 5.56 -36.29 51.66
C GLU D 287 5.11 -35.23 50.66
N ILE D 288 3.90 -35.35 50.13
CA ILE D 288 3.27 -34.23 49.43
C ILE D 288 3.02 -33.10 50.42
N PHE D 289 2.44 -33.45 51.56
CA PHE D 289 2.08 -32.50 52.60
C PHE D 289 3.29 -31.78 53.19
N ASP D 290 4.46 -32.39 53.15
CA ASP D 290 5.66 -31.79 53.70
C ASP D 290 6.30 -30.78 52.76
N GLY D 291 6.08 -30.92 51.46
CA GLY D 291 6.45 -29.87 50.54
C GLY D 291 5.52 -28.67 50.59
N ILE D 292 4.39 -28.81 51.27
CA ILE D 292 3.47 -27.71 51.51
C ILE D 292 3.58 -27.22 52.95
N ILE D 293 3.53 -28.12 53.92
CA ILE D 293 3.54 -27.77 55.33
C ILE D 293 4.80 -28.31 56.00
N GLY D 294 5.85 -27.51 56.06
CA GLY D 294 7.03 -27.89 56.82
C GLY D 294 7.01 -27.28 58.20
N ASN D 295 6.93 -25.95 58.25
CA ASN D 295 6.53 -25.26 59.45
C ASN D 295 5.02 -25.16 59.42
N ASP D 296 4.43 -24.49 60.41
CA ASP D 296 3.00 -24.11 60.43
C ASP D 296 2.09 -25.32 60.34
N VAL D 297 2.31 -26.27 61.25
CA VAL D 297 1.59 -27.55 61.20
C VAL D 297 0.11 -27.34 61.56
N LYS D 298 -0.17 -26.31 62.35
CA LYS D 298 -1.52 -26.04 62.82
C LYS D 298 -2.15 -24.85 62.11
N ASP D 299 -1.64 -24.45 60.94
CA ASP D 299 -2.22 -23.35 60.17
C ASP D 299 -3.55 -23.81 59.59
N SER D 300 -4.65 -23.38 60.19
CA SER D 300 -5.95 -23.98 59.96
C SER D 300 -6.69 -23.42 58.76
N PHE D 301 -6.16 -22.39 58.09
CA PHE D 301 -6.62 -22.12 56.74
C PHE D 301 -6.31 -23.31 55.85
N LEU D 302 -5.13 -23.87 56.02
CA LEU D 302 -4.46 -24.61 54.99
C LEU D 302 -4.50 -26.12 55.21
N THR D 303 -4.88 -26.56 56.40
CA THR D 303 -5.14 -27.97 56.64
C THR D 303 -6.53 -28.40 56.18
N ASP D 304 -7.45 -27.45 55.98
CA ASP D 304 -8.79 -27.76 55.54
C ASP D 304 -9.03 -27.43 54.08
N ARG D 305 -8.17 -26.62 53.46
CA ARG D 305 -8.18 -26.55 52.00
C ARG D 305 -7.50 -27.75 51.39
N LEU D 306 -6.84 -28.57 52.19
CA LEU D 306 -5.94 -29.60 51.68
C LEU D 306 -6.49 -31.01 51.83
N GLU D 307 -7.24 -31.33 52.89
CA GLU D 307 -7.77 -32.69 52.94
C GLU D 307 -8.95 -32.85 52.01
N LEU D 308 -9.58 -31.75 51.58
CA LEU D 308 -10.50 -31.86 50.47
C LEU D 308 -9.79 -32.16 49.17
N LEU D 309 -8.51 -31.83 49.07
CA LEU D 309 -7.75 -32.21 47.88
C LEU D 309 -7.39 -33.69 47.89
N LEU D 310 -7.45 -34.35 49.06
CA LEU D 310 -6.96 -35.72 49.25
C LEU D 310 -7.99 -36.72 49.73
N ARG D 311 -8.83 -36.39 50.72
CA ARG D 311 -9.78 -37.37 51.26
C ARG D 311 -10.82 -37.77 50.23
N GLY D 312 -11.17 -36.87 49.33
CA GLY D 312 -12.06 -37.21 48.26
C GLY D 312 -11.45 -37.96 47.12
N PHE D 313 -10.14 -38.23 47.16
CA PHE D 313 -9.50 -38.89 46.03
C PHE D 313 -9.93 -40.35 45.92
N LYS D 314 -10.06 -41.06 47.04
CA LYS D 314 -10.61 -42.40 46.98
C LYS D 314 -12.09 -42.36 46.61
N LYS D 315 -12.77 -41.27 46.97
CA LYS D 315 -14.12 -41.06 46.46
C LYS D 315 -14.10 -40.72 44.98
N ARG D 316 -13.01 -40.13 44.49
CA ARG D 316 -12.93 -39.75 43.08
C ARG D 316 -12.23 -40.82 42.24
N TYR D 317 -10.96 -41.11 42.53
CA TYR D 317 -10.19 -42.11 41.81
C TYR D 317 -9.65 -43.11 42.81
N PRO D 318 -10.36 -44.19 43.09
CA PRO D 318 -9.92 -45.11 44.14
C PRO D 318 -8.80 -46.04 43.73
N HIS D 319 -8.78 -46.45 42.45
CA HIS D 319 -7.89 -47.51 41.99
C HIS D 319 -6.57 -46.98 41.46
N LEU D 320 -6.08 -45.86 41.97
CA LEU D 320 -4.77 -45.35 41.61
C LEU D 320 -3.91 -45.40 42.86
N GLN D 321 -3.35 -46.58 43.13
CA GLN D 321 -2.55 -46.77 44.34
C GLN D 321 -1.08 -46.49 44.10
N ASN D 322 -0.47 -47.22 43.17
CA ASN D 322 0.94 -47.07 42.85
C ASN D 322 1.15 -46.18 41.63
N ARG D 323 2.39 -45.73 41.47
CA ARG D 323 2.74 -44.87 40.36
C ARG D 323 2.66 -45.59 39.03
N THR D 324 2.82 -46.90 39.02
CA THR D 324 2.75 -47.67 37.79
C THR D 324 1.34 -47.90 37.30
N GLN D 325 0.32 -47.33 37.95
CA GLN D 325 -1.05 -47.44 37.48
C GLN D 325 -1.70 -46.09 37.22
N VAL D 326 -1.23 -45.02 37.86
CA VAL D 326 -1.66 -43.69 37.44
C VAL D 326 -1.12 -43.39 36.03
N LEU D 327 0.07 -43.88 35.72
CA LEU D 327 0.60 -43.76 34.37
C LEU D 327 -0.12 -44.69 33.42
N GLN D 328 -0.57 -45.85 33.91
CA GLN D 328 -1.44 -46.72 33.15
C GLN D 328 -2.88 -46.24 33.09
N TYR D 329 -3.19 -45.11 33.72
CA TYR D 329 -4.50 -44.48 33.63
C TYR D 329 -4.46 -43.15 32.90
N LEU D 330 -3.35 -42.42 33.01
CA LEU D 330 -3.25 -41.13 32.36
C LEU D 330 -3.12 -41.26 30.86
N GLY D 331 -2.47 -42.32 30.38
CA GLY D 331 -2.30 -42.48 28.94
C GLY D 331 -3.61 -42.78 28.24
N ASP D 332 -4.47 -43.58 28.87
CA ASP D 332 -5.74 -43.96 28.27
C ASP D 332 -6.65 -42.76 28.08
N LYS D 333 -6.56 -41.78 28.96
CA LYS D 333 -7.26 -40.52 28.75
C LYS D 333 -6.59 -39.66 27.69
N PHE D 334 -5.35 -39.95 27.31
CA PHE D 334 -4.61 -39.06 26.43
C PHE D 334 -3.93 -39.78 25.28
N ARG D 335 -4.31 -41.02 24.98
CA ARG D 335 -3.62 -41.78 23.95
C ARG D 335 -3.92 -41.22 22.57
N VAL D 336 -5.15 -40.76 22.37
CA VAL D 336 -5.61 -40.37 21.05
C VAL D 336 -4.99 -39.04 20.64
N VAL D 337 -5.13 -38.01 21.46
CA VAL D 337 -4.78 -36.66 21.05
C VAL D 337 -3.27 -36.45 21.06
N PHE D 338 -2.50 -37.38 21.58
CA PHE D 338 -1.06 -37.37 21.40
C PHE D 338 -0.60 -38.24 20.25
N GLN D 339 -1.54 -38.89 19.54
CA GLN D 339 -1.29 -39.67 18.34
C GLN D 339 -0.32 -40.82 18.62
N ALA D 340 -0.72 -41.66 19.55
CA ALA D 340 0.11 -42.79 19.94
C ALA D 340 -0.14 -43.97 19.02
N SER D 341 0.94 -44.62 18.64
CA SER D 341 0.85 -45.86 17.88
C SER D 341 0.27 -46.95 18.77
N PRO D 342 -0.42 -47.94 18.19
CA PRO D 342 -1.14 -48.93 19.00
C PRO D 342 -0.28 -49.98 19.68
N ASP D 343 1.05 -49.83 19.68
CA ASP D 343 1.90 -50.77 20.37
C ASP D 343 2.20 -50.37 21.81
N GLN D 344 2.30 -49.07 22.07
CA GLN D 344 2.87 -48.57 23.30
C GLN D 344 1.91 -48.76 24.48
N SER D 345 2.49 -48.95 25.66
CA SER D 345 1.67 -48.97 26.85
C SER D 345 1.23 -47.55 27.18
N ASP D 346 0.16 -47.44 27.96
CA ASP D 346 -0.30 -46.11 28.33
C ASP D 346 0.65 -45.39 29.26
N LEU D 347 1.51 -46.12 29.97
CA LEU D 347 2.51 -45.43 30.77
C LEU D 347 3.58 -44.84 29.88
N GLU D 348 3.89 -45.50 28.77
CA GLU D 348 4.73 -44.89 27.76
C GLU D 348 4.04 -43.70 27.11
N VAL D 349 2.72 -43.77 26.98
CA VAL D 349 1.96 -42.59 26.61
C VAL D 349 1.98 -41.58 27.75
N GLY D 350 1.83 -42.08 28.98
CA GLY D 350 1.81 -41.19 30.13
C GLY D 350 3.15 -40.55 30.40
N GLN D 351 4.25 -41.25 30.11
CA GLN D 351 5.56 -40.65 30.30
C GLN D 351 5.84 -39.58 29.26
N GLU D 352 5.25 -39.69 28.06
CA GLU D 352 5.38 -38.63 27.07
C GLU D 352 4.66 -37.37 27.54
N VAL D 353 3.43 -37.52 28.04
CA VAL D 353 2.64 -36.40 28.53
C VAL D 353 3.37 -35.68 29.65
N LEU D 354 3.94 -36.43 30.58
CA LEU D 354 4.71 -35.84 31.66
C LEU D 354 6.08 -35.35 31.22
N ASP D 355 6.48 -35.59 29.99
CA ASP D 355 7.73 -35.06 29.47
C ASP D 355 7.52 -34.04 28.37
N ARG D 356 6.33 -33.94 27.81
CA ARG D 356 6.12 -32.98 26.76
C ARG D 356 5.38 -31.75 27.26
N ILE D 357 4.68 -31.84 28.39
CA ILE D 357 3.84 -30.74 28.84
C ILE D 357 4.34 -30.10 30.11
N VAL D 358 4.39 -30.88 31.19
CA VAL D 358 4.50 -30.31 32.52
C VAL D 358 5.94 -29.81 32.73
N LEU D 359 6.07 -28.48 32.73
CA LEU D 359 7.24 -27.74 33.20
C LEU D 359 8.51 -28.12 32.43
N VAL D 360 8.48 -27.77 31.15
CA VAL D 360 9.40 -28.30 30.17
C VAL D 360 10.75 -27.60 30.17
N HIS D 361 11.02 -26.75 31.16
CA HIS D 361 12.37 -26.31 31.43
C HIS D 361 13.00 -27.10 32.58
N LEU D 362 12.35 -28.18 33.00
CA LEU D 362 12.90 -29.07 34.01
C LEU D 362 13.33 -30.41 33.40
N GLY D 363 13.32 -30.51 32.08
CA GLY D 363 13.88 -31.67 31.41
C GLY D 363 13.05 -32.93 31.52
N LYS D 364 13.43 -33.94 30.76
CA LYS D 364 12.80 -35.24 30.87
C LYS D 364 13.44 -36.01 32.02
N ASP D 365 12.59 -36.70 32.79
CA ASP D 365 12.98 -37.43 34.00
C ASP D 365 13.69 -36.52 35.01
N GLY D 366 13.20 -35.29 35.11
CA GLY D 366 13.61 -34.39 36.16
C GLY D 366 12.51 -34.35 37.20
N SER D 367 11.94 -35.53 37.50
CA SER D 367 10.71 -35.65 38.27
C SER D 367 10.83 -35.10 39.68
N GLN D 368 12.02 -35.08 40.24
CA GLN D 368 12.23 -34.48 41.55
C GLN D 368 12.45 -32.98 41.48
N ASP D 369 12.36 -32.39 40.30
CA ASP D 369 12.22 -30.94 40.19
C ASP D 369 10.83 -30.52 39.75
N LYS D 370 10.14 -31.37 38.99
CA LYS D 370 8.74 -31.14 38.70
C LYS D 370 7.86 -31.39 39.92
N PHE D 371 8.32 -32.17 40.87
CA PHE D 371 7.60 -32.37 42.12
C PHE D 371 7.93 -31.31 43.16
N ARG D 372 9.08 -30.67 43.04
CA ARG D 372 9.42 -29.54 43.90
C ARG D 372 8.99 -28.21 43.32
N MET D 373 8.31 -28.20 42.17
CA MET D 373 7.79 -26.96 41.62
C MET D 373 6.29 -27.03 41.39
N LEU D 374 5.69 -28.20 41.45
CA LEU D 374 4.25 -28.31 41.56
C LEU D 374 3.79 -28.43 43.00
N LEU D 375 4.69 -28.24 43.95
CA LEU D 375 4.28 -27.94 45.30
C LEU D 375 4.65 -26.54 45.73
N PHE D 376 5.61 -25.92 45.08
CA PHE D 376 5.80 -24.50 45.29
C PHE D 376 4.68 -23.68 44.69
N MET D 377 4.09 -24.15 43.60
CA MET D 377 3.01 -23.38 42.98
C MET D 377 1.72 -23.46 43.76
N ILE D 378 1.45 -24.59 44.42
CA ILE D 378 0.26 -24.66 45.28
C ILE D 378 0.43 -23.74 46.49
N ARG D 379 1.63 -23.67 47.04
CA ARG D 379 1.86 -22.67 48.07
C ARG D 379 2.08 -21.27 47.53
N LYS D 380 1.96 -21.08 46.24
CA LYS D 380 1.69 -19.76 45.71
C LYS D 380 0.20 -19.57 45.42
N LEU D 381 -0.52 -20.65 45.13
CA LEU D 381 -1.97 -20.57 44.92
C LEU D 381 -2.73 -20.43 46.23
N TYR D 382 -2.59 -21.43 47.12
CA TYR D 382 -3.25 -21.41 48.42
C TYR D 382 -2.82 -20.25 49.30
N SER D 383 -1.66 -19.68 49.05
CA SER D 383 -1.26 -18.46 49.72
C SER D 383 -1.69 -17.21 48.98
N LEU D 384 -2.67 -17.32 48.10
CA LEU D 384 -3.21 -16.14 47.44
C LEU D 384 -4.73 -16.19 47.50
N VAL D 385 -5.29 -17.38 47.69
CA VAL D 385 -6.69 -17.48 48.10
C VAL D 385 -6.84 -17.32 49.60
N ALA D 386 -5.74 -17.18 50.32
CA ALA D 386 -5.74 -16.70 51.69
C ALA D 386 -5.44 -15.21 51.78
N GLY D 387 -5.07 -14.58 50.67
CA GLY D 387 -4.86 -13.16 50.66
C GLY D 387 -3.52 -12.69 51.18
N GLU D 388 -2.64 -13.61 51.59
CA GLU D 388 -1.35 -13.24 52.14
C GLU D 388 -0.29 -13.00 51.07
N CYS D 389 -0.69 -12.81 49.82
CA CYS D 389 0.25 -12.50 48.75
C CYS D 389 -0.44 -11.65 47.71
N SER D 390 0.28 -10.69 47.19
CA SER D 390 -0.35 -9.81 46.22
C SER D 390 -0.41 -10.46 44.85
N PRO D 391 -1.44 -10.18 44.07
CA PRO D 391 -1.42 -10.59 42.67
C PRO D 391 -0.33 -9.84 41.92
N ASP D 392 0.28 -10.53 40.98
CA ASP D 392 1.34 -9.95 40.17
C ASP D 392 0.70 -9.24 38.99
N ASN D 393 1.25 -8.11 38.63
CA ASN D 393 0.81 -7.44 37.42
C ASN D 393 1.45 -8.13 36.23
N PRO D 394 0.67 -8.62 35.26
CA PRO D 394 1.28 -9.16 34.04
C PRO D 394 1.73 -8.08 33.07
N ASP D 395 1.83 -6.84 33.53
CA ASP D 395 2.16 -5.71 32.68
C ASP D 395 3.31 -4.88 33.20
N ALA D 396 3.71 -5.05 34.46
CA ALA D 396 4.62 -4.07 35.06
C ALA D 396 6.08 -4.43 34.90
N THR D 397 6.52 -4.84 33.70
CA THR D 397 7.90 -4.90 33.21
C THR D 397 8.82 -5.85 33.99
N GLN D 398 8.44 -6.22 35.22
CA GLN D 398 9.19 -7.18 36.00
C GLN D 398 8.65 -8.58 35.81
N HIS D 399 7.50 -8.72 35.20
CA HIS D 399 6.94 -10.04 34.95
C HIS D 399 6.81 -10.32 33.45
N GLN D 400 7.70 -9.74 32.65
CA GLN D 400 7.58 -9.94 31.21
C GLN D 400 8.94 -9.73 30.54
N GLU D 401 9.09 -10.40 29.40
CA GLU D 401 10.34 -10.42 28.64
C GLU D 401 10.02 -10.17 27.18
N VAL D 402 11.06 -10.19 26.34
CA VAL D 402 10.92 -9.88 24.93
C VAL D 402 11.06 -11.18 24.15
N LEU D 403 10.36 -11.26 23.02
CA LEU D 403 10.49 -12.39 22.12
C LEU D 403 11.20 -11.89 20.86
N LEU D 404 12.40 -12.40 20.63
CA LEU D 404 13.29 -11.86 19.61
C LEU D 404 12.86 -12.27 18.21
N GLY D 405 13.64 -11.83 17.22
CA GLY D 405 13.41 -12.15 15.83
C GLY D 405 13.87 -13.53 15.43
N GLY D 406 15.10 -13.89 15.81
CA GLY D 406 15.60 -15.20 15.45
C GLY D 406 14.95 -16.33 16.20
N PHE D 407 14.59 -16.11 17.46
CA PHE D 407 13.98 -17.17 18.28
C PHE D 407 12.63 -17.60 17.72
N LEU D 408 11.76 -16.64 17.41
CA LEU D 408 10.48 -16.92 16.78
C LEU D 408 10.65 -17.56 15.42
N TYR D 409 11.72 -17.19 14.70
CA TYR D 409 12.02 -17.80 13.41
C TYR D 409 12.33 -19.28 13.55
N GLY D 410 12.90 -19.68 14.68
CA GLY D 410 13.13 -21.06 14.96
C GLY D 410 11.96 -21.69 15.68
N MET D 411 11.11 -20.88 16.31
CA MET D 411 9.89 -21.41 16.90
C MET D 411 8.97 -21.98 15.83
N ILE D 412 8.86 -21.29 14.70
CA ILE D 412 7.97 -21.77 13.66
C ILE D 412 8.64 -22.87 12.84
N LEU D 413 9.95 -22.78 12.63
CA LEU D 413 10.61 -23.66 11.68
C LEU D 413 10.77 -25.05 12.25
N LYS D 414 10.80 -25.16 13.59
CA LYS D 414 10.71 -26.48 14.21
C LYS D 414 9.34 -27.09 13.96
N GLU D 415 8.29 -26.28 14.05
CA GLU D 415 6.96 -26.80 13.82
C GLU D 415 6.70 -27.10 12.36
N LYS D 416 7.38 -26.40 11.43
CA LYS D 416 7.18 -26.68 10.01
C LYS D 416 7.70 -28.07 9.64
N ILE D 417 8.86 -28.45 10.16
CA ILE D 417 9.36 -29.77 9.83
C ILE D 417 8.64 -30.84 10.61
N ASP D 418 7.93 -30.49 11.67
CA ASP D 418 7.07 -31.44 12.36
C ASP D 418 5.78 -31.68 11.61
N GLU D 419 5.31 -30.69 10.85
CA GLU D 419 4.30 -30.96 9.84
C GLU D 419 4.88 -31.89 8.78
N TYR D 420 6.11 -31.61 8.38
CA TYR D 420 6.77 -32.31 7.28
C TYR D 420 7.20 -33.72 7.65
N LEU D 421 7.52 -33.98 8.91
CA LEU D 421 7.76 -35.34 9.34
C LEU D 421 6.48 -36.13 9.54
N GLN D 422 5.31 -35.49 9.48
CA GLN D 422 4.06 -36.22 9.50
C GLN D 422 3.41 -36.29 8.13
N ASN D 423 3.87 -35.50 7.17
CA ASN D 423 3.39 -35.63 5.80
C ASN D 423 3.79 -36.97 5.22
N ILE D 424 5.03 -37.39 5.49
CA ILE D 424 5.53 -38.68 5.02
C ILE D 424 4.76 -39.81 5.68
N ILE D 425 4.44 -39.64 6.96
CA ILE D 425 3.61 -40.62 7.66
C ILE D 425 2.19 -40.58 7.13
N ALA D 426 1.72 -39.41 6.71
CA ALA D 426 0.47 -39.32 5.98
C ALA D 426 0.62 -39.73 4.53
N GLN D 427 1.85 -39.92 4.05
CA GLN D 427 2.09 -40.42 2.72
C GLN D 427 2.28 -41.92 2.68
N VAL D 428 2.92 -42.48 3.71
CA VAL D 428 3.01 -43.94 3.86
C VAL D 428 1.62 -44.54 4.03
N ARG D 429 0.75 -43.85 4.78
CA ARG D 429 -0.57 -44.35 5.08
C ARG D 429 -1.45 -44.44 3.83
N MET D 430 -1.11 -43.70 2.78
CA MET D 430 -1.81 -43.82 1.50
C MET D 430 -1.47 -45.10 0.75
N ASP D 431 -0.50 -45.88 1.21
CA ASP D 431 -0.21 -47.18 0.64
C ASP D 431 -0.38 -48.34 1.59
N ILE D 432 -0.64 -48.08 2.87
CA ILE D 432 -0.85 -49.19 3.79
C ILE D 432 -2.25 -49.77 3.65
N ASN D 433 -3.18 -48.99 3.11
CA ASN D 433 -4.53 -49.48 2.86
C ASN D 433 -4.75 -49.81 1.40
N ARG D 434 -4.01 -49.16 0.51
CA ARG D 434 -3.88 -49.58 -0.88
C ARG D 434 -2.75 -50.58 -0.97
N GLY D 435 -2.26 -50.87 -2.17
CA GLY D 435 -1.26 -51.91 -2.30
C GLY D 435 -0.07 -51.58 -3.17
N MET D 436 0.42 -50.34 -3.14
CA MET D 436 1.45 -49.89 -4.09
C MET D 436 2.76 -50.65 -3.90
N ALA D 437 3.39 -50.50 -2.74
CA ALA D 437 4.56 -51.30 -2.41
C ALA D 437 4.73 -51.32 -0.90
N ILE D 438 4.99 -52.50 -0.36
CA ILE D 438 5.19 -52.59 1.07
C ILE D 438 6.56 -53.25 1.29
N ASN D 439 7.61 -52.44 1.24
CA ASN D 439 8.99 -52.88 1.51
C ASN D 439 9.75 -51.62 1.89
N PHE D 440 10.03 -51.46 3.18
CA PHE D 440 10.53 -50.17 3.63
C PHE D 440 12.04 -50.07 3.56
N LYS D 441 12.74 -51.20 3.58
CA LYS D 441 14.17 -51.22 3.37
C LYS D 441 14.54 -51.06 1.91
N ASP D 442 13.56 -51.11 1.01
CA ASP D 442 13.78 -50.79 -0.39
C ASP D 442 14.14 -49.31 -0.51
N LYS D 443 15.33 -49.04 -1.05
CA LYS D 443 15.86 -47.68 -1.07
C LYS D 443 15.09 -46.77 -2.00
N ARG D 444 14.70 -47.25 -3.17
CA ARG D 444 13.91 -46.43 -4.08
C ARG D 444 12.44 -46.40 -3.73
N TYR D 445 12.01 -47.21 -2.76
CA TYR D 445 10.67 -47.01 -2.21
C TYR D 445 10.61 -45.76 -1.35
N MET D 446 11.70 -45.43 -0.67
CA MET D 446 11.76 -44.19 0.09
C MET D 446 11.70 -42.98 -0.82
N SER D 447 12.38 -43.04 -1.95
CA SER D 447 12.29 -41.99 -2.95
C SER D 447 10.99 -42.07 -3.76
N ARG D 448 10.26 -43.18 -3.69
CA ARG D 448 8.90 -43.16 -4.20
C ARG D 448 8.01 -42.33 -3.30
N VAL D 449 8.21 -42.45 -1.99
CA VAL D 449 7.35 -41.76 -1.04
C VAL D 449 7.66 -40.26 -0.99
N LEU D 450 8.93 -39.90 -0.94
CA LEU D 450 9.29 -38.52 -0.65
C LEU D 450 9.33 -37.61 -1.86
N MET D 451 8.80 -38.03 -3.00
CA MET D 451 8.57 -37.10 -4.08
C MET D 451 7.14 -36.58 -4.11
N ARG D 452 6.25 -37.19 -3.34
CA ARG D 452 4.87 -36.75 -3.27
C ARG D 452 4.62 -35.96 -1.98
N VAL D 453 5.64 -35.82 -1.15
CA VAL D 453 5.60 -34.95 0.02
C VAL D 453 6.20 -33.61 -0.36
N ASN D 454 5.45 -32.53 -0.12
CA ASN D 454 5.93 -31.20 -0.46
C ASN D 454 7.06 -30.81 0.50
N GLU D 455 8.30 -31.07 0.10
CA GLU D 455 9.42 -30.75 0.94
C GLU D 455 9.91 -29.33 0.76
N ASN D 456 9.11 -28.45 0.15
CA ASN D 456 9.52 -27.06 0.02
C ASN D 456 9.10 -26.31 1.28
N ILE D 457 9.86 -26.56 2.35
CA ILE D 457 9.63 -25.90 3.62
C ILE D 457 10.05 -24.44 3.55
N GLY D 458 11.13 -24.16 2.82
CA GLY D 458 11.67 -22.81 2.75
C GLY D 458 10.73 -21.77 2.17
N SER D 459 9.78 -22.20 1.33
CA SER D 459 8.72 -21.30 0.85
C SER D 459 7.51 -21.26 1.78
N LYS D 460 7.32 -22.26 2.63
CA LYS D 460 6.37 -22.08 3.72
C LYS D 460 6.90 -21.11 4.75
N MET D 461 8.22 -20.99 4.87
CA MET D 461 8.84 -19.98 5.71
C MET D 461 9.01 -18.66 5.02
N GLN D 462 8.55 -18.54 3.77
CA GLN D 462 8.40 -17.25 3.14
C GLN D 462 6.94 -16.81 3.07
N TYR D 463 6.02 -17.78 3.10
CA TYR D 463 4.61 -17.49 3.37
C TYR D 463 4.45 -16.76 4.69
N PHE D 464 5.15 -17.22 5.73
CA PHE D 464 5.17 -16.52 7.00
C PHE D 464 5.94 -15.20 6.94
N LEU D 465 6.84 -15.03 5.99
CA LEU D 465 7.61 -13.80 5.94
C LEU D 465 7.09 -12.81 4.92
N SER D 466 6.02 -13.14 4.21
CA SER D 466 5.39 -12.16 3.33
C SER D 466 3.99 -11.83 3.80
N THR D 467 3.18 -12.85 4.05
CA THR D 467 1.86 -12.64 4.59
C THR D 467 1.89 -12.23 6.06
N GLY D 468 2.91 -12.67 6.79
CA GLY D 468 2.97 -12.50 8.23
C GLY D 468 2.09 -13.43 9.01
N ASN D 469 1.25 -14.22 8.36
CA ASN D 469 0.20 -14.96 9.02
C ASN D 469 0.76 -16.26 9.56
N LEU D 470 0.94 -16.31 10.87
CA LEU D 470 1.29 -17.55 11.55
C LEU D 470 0.22 -18.60 11.36
N VAL D 471 0.59 -19.75 10.83
CA VAL D 471 -0.25 -20.94 10.83
C VAL D 471 0.55 -22.09 11.41
N SER D 472 0.01 -22.70 12.46
CA SER D 472 0.70 -23.79 13.16
C SER D 472 -0.33 -24.57 13.95
N GLN D 473 -0.52 -25.84 13.60
CA GLN D 473 -1.64 -26.58 14.15
C GLN D 473 -1.42 -26.98 15.60
N SER D 474 -0.17 -27.15 16.02
CA SER D 474 0.12 -27.31 17.44
C SER D 474 -0.15 -26.03 18.20
N GLY D 475 -0.02 -24.89 17.54
CA GLY D 475 -0.33 -23.63 18.15
C GLY D 475 0.84 -23.14 18.95
N LEU D 476 1.39 -22.00 18.57
CA LEU D 476 2.37 -21.38 19.45
C LEU D 476 1.64 -20.77 20.62
N ASP D 477 2.38 -20.51 21.70
CA ASP D 477 1.74 -20.00 22.90
C ASP D 477 1.41 -18.51 22.80
N LEU D 478 1.75 -17.87 21.68
CA LEU D 478 1.33 -16.53 21.36
C LEU D 478 -0.18 -16.50 21.14
N GLN D 479 -0.77 -15.31 21.29
CA GLN D 479 -2.23 -15.21 21.32
C GLN D 479 -2.82 -14.73 20.00
N GLN D 480 -2.01 -14.24 19.06
CA GLN D 480 -2.53 -13.87 17.75
C GLN D 480 -1.85 -14.71 16.69
N VAL D 481 -2.47 -14.78 15.51
CA VAL D 481 -1.96 -15.61 14.44
C VAL D 481 -1.50 -14.76 13.27
N SER D 482 -1.23 -13.49 13.51
CA SER D 482 -0.83 -12.59 12.44
C SER D 482 -0.03 -11.45 13.03
N GLY D 483 0.31 -10.49 12.18
CA GLY D 483 0.89 -9.24 12.62
C GLY D 483 2.25 -9.33 13.25
N TYR D 484 3.05 -10.32 12.84
CA TYR D 484 4.40 -10.51 13.38
C TYR D 484 5.45 -9.76 12.59
N THR D 485 5.20 -9.47 11.32
CA THR D 485 6.14 -8.83 10.44
C THR D 485 5.79 -7.37 10.22
N VAL D 486 6.74 -6.66 9.62
CA VAL D 486 6.52 -5.29 9.16
C VAL D 486 7.07 -5.18 7.74
N VAL D 487 7.12 -3.97 7.21
CA VAL D 487 7.84 -3.64 6.00
C VAL D 487 8.73 -2.45 6.34
N ALA D 488 10.03 -2.61 6.13
CA ALA D 488 10.96 -1.53 6.48
C ALA D 488 10.78 -0.35 5.55
N GLU D 489 10.95 0.84 6.10
CA GLU D 489 10.76 2.08 5.37
C GLU D 489 12.08 2.81 5.24
N LYS D 490 12.30 3.38 4.07
CA LYS D 490 13.53 4.08 3.79
C LYS D 490 13.22 5.51 3.39
N ILE D 491 12.42 6.18 4.21
CA ILE D 491 12.22 7.61 4.04
C ILE D 491 13.34 8.42 4.67
N ASN D 492 13.97 7.89 5.71
CA ASN D 492 15.19 8.40 6.31
C ASN D 492 15.85 7.25 7.04
N PHE D 493 16.81 7.56 7.90
CA PHE D 493 17.39 6.52 8.73
C PHE D 493 16.69 6.38 10.07
N TYR D 494 16.19 7.48 10.63
CA TYR D 494 15.60 7.47 11.96
C TYR D 494 14.36 6.60 12.01
N ARG D 495 13.65 6.48 10.89
CA ARG D 495 12.58 5.50 10.77
C ARG D 495 13.14 4.10 10.63
N PHE D 496 14.27 3.98 9.94
CA PHE D 496 14.81 2.66 9.63
C PHE D 496 15.38 2.00 10.87
N ILE D 497 16.12 2.75 11.68
CA ILE D 497 16.73 2.18 12.89
C ILE D 497 15.66 1.92 13.94
N SER D 498 14.56 2.68 13.91
CA SER D 498 13.51 2.53 14.90
C SER D 498 12.67 1.27 14.71
N HIS D 499 12.77 0.62 13.56
CA HIS D 499 12.10 -0.67 13.44
C HIS D 499 12.83 -1.75 14.21
N PHE D 500 14.10 -1.53 14.55
CA PHE D 500 14.88 -2.52 15.29
C PHE D 500 14.82 -2.30 16.79
N ARG D 501 14.58 -1.06 17.23
CA ARG D 501 14.30 -0.78 18.62
C ARG D 501 12.83 -0.88 18.94
N MET D 502 12.05 -1.51 18.07
CA MET D 502 10.61 -1.61 18.22
C MET D 502 10.26 -2.78 19.11
N VAL D 503 9.31 -2.58 20.01
CA VAL D 503 8.80 -3.65 20.85
C VAL D 503 7.29 -3.47 20.97
N HIS D 504 6.55 -4.56 20.89
CA HIS D 504 5.11 -4.49 20.74
C HIS D 504 4.46 -5.40 21.76
N ARG D 505 3.64 -4.82 22.63
CA ARG D 505 3.02 -5.56 23.72
C ARG D 505 2.05 -6.63 23.21
N GLY D 506 1.39 -6.37 22.09
CA GLY D 506 0.50 -7.35 21.54
C GLY D 506 -0.54 -6.72 20.66
N SER D 507 -1.15 -7.54 19.83
CA SER D 507 -2.26 -7.11 18.99
C SER D 507 -3.62 -7.43 19.61
N PHE D 508 -3.64 -8.27 20.63
CA PHE D 508 -4.88 -8.52 21.36
C PHE D 508 -5.31 -7.30 22.16
N PHE D 509 -4.34 -6.48 22.56
CA PHE D 509 -4.62 -5.28 23.33
C PHE D 509 -4.99 -4.07 22.48
N ALA D 510 -4.86 -4.17 21.16
CA ALA D 510 -5.46 -3.18 20.26
C ALA D 510 -6.92 -3.50 19.97
N GLN D 511 -7.39 -4.68 20.39
CA GLN D 511 -8.81 -4.99 20.35
C GLN D 511 -9.52 -4.40 21.56
N LEU D 512 -8.82 -4.28 22.69
CA LEU D 512 -9.38 -3.67 23.89
C LEU D 512 -9.21 -2.16 23.86
N LYS D 513 -9.96 -1.48 24.72
CA LYS D 513 -9.86 -0.04 24.88
C LYS D 513 -9.36 0.38 26.25
N THR D 514 -9.15 -0.58 27.16
CA THR D 514 -8.67 -0.31 28.50
C THR D 514 -7.25 0.24 28.44
N THR D 515 -6.97 1.25 29.25
CA THR D 515 -5.66 1.90 29.21
C THR D 515 -4.85 1.66 30.48
N THR D 516 -5.21 0.65 31.28
CA THR D 516 -4.25 0.18 32.26
C THR D 516 -3.06 -0.46 31.57
N VAL D 517 -3.30 -1.17 30.48
CA VAL D 517 -2.25 -1.80 29.71
C VAL D 517 -1.47 -0.82 28.85
N ARG D 518 -1.98 0.38 28.63
CA ARG D 518 -1.29 1.43 27.89
C ARG D 518 -0.54 2.37 28.80
N LYS D 519 -0.64 2.17 30.12
CA LYS D 519 -0.18 3.16 31.08
C LYS D 519 1.34 3.15 31.16
N LEU D 520 1.93 4.33 31.25
CA LEU D 520 3.37 4.41 31.44
C LEU D 520 3.71 4.08 32.89
N LEU D 521 4.74 3.27 33.05
CA LEU D 521 5.07 2.61 34.29
C LEU D 521 6.38 3.08 34.87
N PRO D 522 6.58 2.88 36.17
CA PRO D 522 7.90 3.15 36.75
C PRO D 522 8.86 2.00 36.58
N GLU D 523 8.33 0.78 36.46
CA GLU D 523 9.18 -0.41 36.44
C GLU D 523 9.97 -0.53 35.16
N SER D 524 9.59 0.22 34.13
CA SER D 524 10.31 0.28 32.87
C SER D 524 11.37 1.36 32.87
N TRP D 525 11.83 1.80 34.04
CA TRP D 525 12.82 2.85 34.14
C TRP D 525 14.14 2.37 33.55
N GLY D 526 14.59 3.01 32.47
CA GLY D 526 15.83 2.69 31.81
C GLY D 526 15.69 1.65 30.71
N PHE D 527 14.72 0.75 30.81
CA PHE D 527 14.53 -0.27 29.78
C PHE D 527 13.77 0.31 28.59
N LEU D 528 12.51 0.67 28.81
CA LEU D 528 11.71 1.27 27.77
C LEU D 528 11.89 2.78 27.81
N CYS D 529 11.32 3.46 26.82
CA CYS D 529 11.47 4.89 26.78
C CYS D 529 10.12 5.56 26.99
N PRO D 530 10.05 6.57 27.85
CA PRO D 530 8.80 7.30 28.00
C PRO D 530 8.47 8.16 26.78
N VAL D 531 9.50 8.81 26.22
CA VAL D 531 9.29 9.82 25.20
C VAL D 531 8.96 9.17 23.87
N HIS D 532 9.57 8.03 23.58
CA HIS D 532 9.58 7.50 22.21
C HIS D 532 8.44 6.50 22.06
N THR D 533 7.23 7.02 22.10
CA THR D 533 6.05 6.26 21.71
C THR D 533 5.03 7.23 21.13
N PRO D 534 4.55 6.98 19.92
CA PRO D 534 4.08 8.06 19.05
C PRO D 534 2.62 8.43 19.31
N ASP D 535 2.24 9.54 18.70
CA ASP D 535 0.87 10.04 18.81
C ASP D 535 -0.06 9.25 17.91
N GLY D 536 -1.13 8.71 18.49
CA GLY D 536 -2.12 7.97 17.75
C GLY D 536 -2.51 6.71 18.47
N SER D 537 -3.32 5.89 17.79
CA SER D 537 -3.78 4.61 18.33
C SER D 537 -2.66 3.60 18.58
N PRO D 538 -1.53 3.57 17.82
CA PRO D 538 -0.36 2.88 18.38
C PRO D 538 0.43 3.76 19.34
N CYS D 539 -0.21 4.12 20.44
CA CYS D 539 0.45 4.61 21.64
C CYS D 539 0.15 3.63 22.75
N GLY D 540 1.17 3.26 23.51
CA GLY D 540 1.00 2.27 24.55
C GLY D 540 1.12 0.84 24.10
N LEU D 541 1.14 0.60 22.78
CA LEU D 541 1.44 -0.72 22.24
C LEU D 541 2.55 -0.64 21.21
N LEU D 542 3.16 0.53 21.08
CA LEU D 542 4.31 0.75 20.20
C LEU D 542 5.40 1.45 20.97
N ASN D 543 5.68 0.91 22.16
CA ASN D 543 6.81 1.37 22.93
C ASN D 543 8.13 0.92 22.28
N HIS D 544 9.23 1.43 22.82
CA HIS D 544 10.55 1.22 22.23
C HIS D 544 11.56 1.03 23.33
N PHE D 545 12.69 0.42 22.97
CA PHE D 545 13.77 0.24 23.94
C PHE D 545 14.57 1.53 24.03
N ALA D 546 15.67 1.47 24.74
CA ALA D 546 16.39 2.68 25.09
C ALA D 546 17.78 2.70 24.47
N HIS D 547 18.54 3.73 24.86
CA HIS D 547 19.85 4.00 24.31
C HIS D 547 20.87 2.93 24.68
N LYS D 548 20.81 2.42 25.91
CA LYS D 548 21.69 1.35 26.38
C LYS D 548 20.82 0.34 27.11
N CYS D 549 20.29 -0.64 26.38
CA CYS D 549 19.52 -1.72 26.99
C CYS D 549 19.56 -2.91 26.03
N ARG D 550 20.41 -3.87 26.33
CA ARG D 550 20.60 -5.02 25.48
C ARG D 550 19.66 -6.12 25.94
N ILE D 551 19.72 -7.26 25.27
CA ILE D 551 18.98 -8.45 25.69
C ILE D 551 19.92 -9.62 25.61
N SER D 552 19.99 -10.40 26.68
CA SER D 552 20.81 -11.60 26.68
C SER D 552 20.20 -12.67 25.81
N THR D 553 20.99 -13.18 24.88
CA THR D 553 20.53 -14.08 23.84
C THR D 553 20.78 -15.55 24.15
N GLN D 554 21.98 -15.91 24.58
CA GLN D 554 22.27 -17.26 25.01
C GLN D 554 22.40 -17.31 26.53
N GLN D 555 21.98 -18.43 27.11
CA GLN D 555 22.00 -18.53 28.55
C GLN D 555 23.40 -18.79 29.07
N SER D 556 23.58 -18.59 30.36
CA SER D 556 24.88 -18.72 31.00
C SER D 556 24.96 -20.04 31.75
N ASP D 557 26.10 -20.28 32.39
CA ASP D 557 26.24 -21.47 33.22
C ASP D 557 25.40 -21.35 34.49
N VAL D 558 24.74 -22.45 34.81
CA VAL D 558 24.02 -22.62 36.07
C VAL D 558 24.57 -23.86 36.75
N SER D 559 25.86 -24.14 36.52
CA SER D 559 26.49 -25.30 37.14
C SER D 559 27.37 -24.93 38.32
N ARG D 560 28.13 -23.86 38.21
CA ARG D 560 28.97 -23.43 39.30
C ARG D 560 28.13 -22.78 40.41
N ILE D 561 26.97 -22.23 40.06
CA ILE D 561 26.14 -21.52 41.03
C ILE D 561 25.58 -22.41 42.14
N PRO D 562 25.00 -23.60 41.87
CA PRO D 562 24.62 -24.48 42.99
C PRO D 562 25.78 -24.95 43.84
N SER D 563 26.97 -24.96 43.29
CA SER D 563 28.16 -25.21 44.08
C SER D 563 28.64 -23.97 44.83
N ILE D 564 27.95 -22.84 44.69
CA ILE D 564 28.25 -21.63 45.44
C ILE D 564 27.17 -21.31 46.45
N LEU D 565 25.91 -21.49 46.08
CA LEU D 565 24.83 -21.25 47.02
C LEU D 565 24.81 -22.30 48.12
N TYR D 566 25.13 -23.56 47.78
CA TYR D 566 25.37 -24.56 48.81
C TYR D 566 26.56 -24.22 49.67
N SER D 567 27.58 -23.59 49.10
CA SER D 567 28.71 -23.13 49.88
C SER D 567 28.34 -21.92 50.73
N LEU D 568 27.31 -21.19 50.35
CA LEU D 568 26.68 -20.22 51.22
C LEU D 568 25.55 -20.93 51.97
N GLY D 569 24.68 -20.18 52.62
CA GLY D 569 23.80 -20.80 53.60
C GLY D 569 22.67 -21.72 53.14
N VAL D 570 22.66 -22.13 51.88
CA VAL D 570 21.48 -22.78 51.34
C VAL D 570 21.44 -24.24 51.77
N ALA D 571 20.47 -24.57 52.61
CA ALA D 571 20.17 -25.96 52.86
C ALA D 571 19.62 -26.60 51.58
N PRO D 572 19.98 -27.83 51.29
CA PRO D 572 19.54 -28.42 50.03
C PRO D 572 18.06 -28.75 50.06
N ALA D 573 17.47 -28.75 48.88
CA ALA D 573 16.02 -28.90 48.71
C ALA D 573 15.57 -30.34 48.78
N SER D 574 16.45 -31.29 49.09
CA SER D 574 16.05 -32.67 49.29
C SER D 574 15.98 -33.07 50.75
N HIS D 575 16.69 -32.36 51.62
CA HIS D 575 16.75 -32.72 53.03
C HIS D 575 15.88 -31.85 53.88
N THR D 576 15.39 -30.74 53.32
CA THR D 576 14.96 -29.61 54.15
C THR D 576 13.62 -29.86 54.82
N PHE D 577 12.58 -30.17 54.03
CA PHE D 577 11.20 -30.36 54.49
C PHE D 577 10.70 -29.13 55.26
N ALA D 578 10.65 -28.02 54.54
CA ALA D 578 10.19 -26.75 55.10
C ALA D 578 9.67 -25.90 53.97
N ALA D 579 8.46 -25.36 54.10
CA ALA D 579 7.86 -24.55 53.05
C ALA D 579 7.23 -23.31 53.67
N GLY D 580 6.73 -22.44 52.79
CA GLY D 580 5.95 -21.31 53.22
C GLY D 580 6.53 -19.99 52.80
N PRO D 581 5.72 -18.93 52.86
CA PRO D 581 6.26 -17.57 52.66
C PRO D 581 7.13 -17.09 53.80
N SER D 582 7.11 -17.80 54.94
CA SER D 582 7.96 -17.42 56.07
C SER D 582 9.43 -17.62 55.74
N LEU D 583 9.74 -18.52 54.83
CA LEU D 583 11.07 -18.66 54.28
C LEU D 583 11.13 -17.94 52.93
N CYS D 584 12.27 -18.04 52.27
CA CYS D 584 12.36 -17.76 50.84
C CYS D 584 13.09 -18.91 50.17
N CYS D 585 12.49 -19.44 49.10
CA CYS D 585 13.10 -20.53 48.35
C CYS D 585 14.05 -19.92 47.32
N VAL D 586 15.17 -20.58 47.10
CA VAL D 586 16.10 -20.11 46.10
C VAL D 586 15.87 -20.85 44.79
N GLN D 587 15.83 -20.10 43.69
CA GLN D 587 15.59 -20.67 42.38
C GLN D 587 16.60 -20.16 41.37
N ILE D 588 16.91 -21.02 40.41
CA ILE D 588 17.73 -20.68 39.27
C ILE D 588 17.00 -21.13 38.01
N ASP D 589 16.53 -20.15 37.22
CA ASP D 589 15.87 -20.37 35.93
C ASP D 589 14.70 -21.34 36.06
N GLY D 590 13.90 -21.18 37.10
CA GLY D 590 12.81 -22.11 37.28
C GLY D 590 13.20 -23.44 37.85
N LYS D 591 14.29 -23.51 38.62
CA LYS D 591 14.66 -24.71 39.34
C LYS D 591 14.95 -24.36 40.79
N ILE D 592 14.11 -24.85 41.68
CA ILE D 592 14.31 -24.63 43.11
C ILE D 592 15.46 -25.48 43.61
N ILE D 593 16.40 -24.86 44.31
CA ILE D 593 17.59 -25.57 44.77
C ILE D 593 17.83 -25.36 46.26
N GLY D 594 16.80 -25.03 47.03
CA GLY D 594 16.93 -24.97 48.48
C GLY D 594 15.98 -23.99 49.14
N TRP D 595 15.95 -24.05 50.47
CA TRP D 595 15.11 -23.20 51.30
C TRP D 595 15.99 -22.50 52.32
N VAL D 596 15.99 -21.18 52.33
CA VAL D 596 16.70 -20.44 53.36
C VAL D 596 15.72 -19.54 54.11
N SER D 597 16.18 -19.00 55.23
CA SER D 597 15.42 -17.94 55.87
C SER D 597 15.75 -16.60 55.23
N HIS D 598 14.96 -15.58 55.56
CA HIS D 598 15.06 -14.29 54.87
C HIS D 598 16.37 -13.59 55.19
N GLU D 599 16.83 -13.69 56.42
CA GLU D 599 18.07 -13.01 56.79
C GLU D 599 19.25 -13.68 56.12
N GLN D 600 19.16 -14.99 55.90
CA GLN D 600 20.22 -15.68 55.19
C GLN D 600 20.21 -15.31 53.73
N GLY D 601 19.05 -15.41 53.08
CA GLY D 601 18.91 -15.11 51.67
C GLY D 601 19.15 -13.66 51.31
N LYS D 602 18.99 -12.75 52.27
CA LYS D 602 19.28 -11.35 51.98
C LYS D 602 20.77 -11.13 51.82
N ILE D 603 21.58 -11.77 52.66
CA ILE D 603 23.01 -11.55 52.58
C ILE D 603 23.63 -12.36 51.45
N ILE D 604 23.01 -13.48 51.06
CA ILE D 604 23.44 -14.24 49.90
C ILE D 604 23.37 -13.37 48.64
N ALA D 605 22.22 -12.76 48.41
CA ALA D 605 22.05 -11.84 47.30
C ALA D 605 22.88 -10.58 47.44
N ASP D 606 23.28 -10.23 48.66
CA ASP D 606 24.25 -9.16 48.81
C ASP D 606 25.64 -9.63 48.44
N THR D 607 26.02 -10.85 48.85
CA THR D 607 27.37 -11.33 48.58
C THR D 607 27.55 -11.84 47.17
N LEU D 608 26.49 -12.37 46.54
CA LEU D 608 26.61 -12.75 45.13
C LEU D 608 26.88 -11.55 44.26
N ARG D 609 26.28 -10.40 44.59
CA ARG D 609 26.55 -9.19 43.85
C ARG D 609 27.98 -8.69 44.08
N TYR D 610 28.60 -9.07 45.17
CA TYR D 610 30.03 -8.82 45.28
C TYR D 610 30.81 -9.72 44.33
N TRP D 611 30.31 -10.93 44.07
CA TRP D 611 31.02 -11.83 43.17
C TRP D 611 30.53 -11.76 41.74
N LYS D 612 29.32 -11.26 41.52
CA LYS D 612 28.77 -11.24 40.16
C LYS D 612 29.49 -10.21 39.30
N VAL D 613 29.73 -9.01 39.86
CA VAL D 613 30.45 -7.99 39.11
C VAL D 613 31.94 -8.26 39.05
N GLU D 614 32.42 -9.26 39.78
CA GLU D 614 33.84 -9.51 39.96
C GLU D 614 34.25 -10.75 39.18
N GLY D 615 35.39 -10.68 38.50
CA GLY D 615 35.84 -11.83 37.75
C GLY D 615 36.58 -12.87 38.56
N LYS D 616 36.55 -12.77 39.89
CA LYS D 616 37.40 -13.61 40.71
C LYS D 616 36.75 -14.97 40.97
N THR D 617 35.48 -14.99 41.25
CA THR D 617 34.80 -16.27 41.21
C THR D 617 34.48 -16.62 39.77
N PRO D 618 34.80 -17.82 39.31
CA PRO D 618 34.71 -18.10 37.87
C PRO D 618 33.29 -18.21 37.35
N GLY D 619 32.39 -18.81 38.10
CA GLY D 619 31.13 -19.22 37.51
C GLY D 619 30.00 -18.25 37.51
N LEU D 620 30.17 -17.08 38.12
CA LEU D 620 29.16 -16.03 38.03
C LEU D 620 29.50 -15.09 36.88
N PRO D 621 28.75 -15.11 35.79
CA PRO D 621 28.94 -14.11 34.74
C PRO D 621 28.40 -12.77 35.21
N ILE D 622 28.76 -11.72 34.46
CA ILE D 622 28.39 -10.38 34.89
C ILE D 622 26.92 -10.10 34.64
N ASP D 623 26.26 -10.88 33.78
CA ASP D 623 24.89 -10.62 33.35
C ASP D 623 23.90 -11.61 33.94
N LEU D 624 24.13 -12.03 35.16
CA LEU D 624 23.11 -12.71 35.94
C LEU D 624 22.24 -11.66 36.62
N GLU D 625 21.00 -12.02 36.93
CA GLU D 625 20.19 -11.18 37.80
C GLU D 625 19.82 -11.98 39.04
N ILE D 626 19.94 -11.33 40.19
CA ILE D 626 19.72 -11.95 41.49
C ILE D 626 18.46 -11.32 42.06
N GLY D 627 17.30 -11.86 41.73
CA GLY D 627 16.10 -11.19 42.18
C GLY D 627 15.73 -11.60 43.58
N TYR D 628 15.92 -10.70 44.55
CA TYR D 628 15.53 -10.98 45.93
C TYR D 628 14.28 -10.20 46.26
N VAL D 629 13.23 -10.91 46.64
CA VAL D 629 11.95 -10.35 47.03
C VAL D 629 11.90 -10.36 48.55
N PRO D 630 12.13 -9.22 49.20
CA PRO D 630 12.20 -9.19 50.66
C PRO D 630 10.83 -9.48 51.26
N PRO D 631 10.77 -10.03 52.47
CA PRO D 631 9.48 -10.40 53.05
C PRO D 631 8.66 -9.17 53.39
N SER D 632 7.37 -9.26 53.08
CA SER D 632 6.42 -8.20 53.42
C SER D 632 5.04 -8.83 53.50
N THR D 633 4.12 -8.07 54.09
CA THR D 633 2.75 -8.51 54.33
C THR D 633 1.90 -8.17 53.13
N ARG D 634 1.18 -9.17 52.60
CA ARG D 634 0.25 -9.03 51.49
C ARG D 634 0.94 -8.48 50.24
N GLY D 635 2.21 -8.83 50.07
CA GLY D 635 3.00 -8.29 48.99
C GLY D 635 3.30 -9.38 47.98
N GLN D 636 4.36 -9.15 47.21
CA GLN D 636 4.85 -10.19 46.32
C GLN D 636 5.37 -11.34 47.15
N TYR D 637 5.22 -12.56 46.63
CA TYR D 637 5.66 -13.75 47.33
C TYR D 637 7.17 -13.68 47.53
N PRO D 638 7.65 -13.82 48.74
CA PRO D 638 9.08 -13.68 48.96
C PRO D 638 9.82 -14.93 48.51
N GLY D 639 10.80 -14.72 47.63
CA GLY D 639 11.68 -15.80 47.22
C GLY D 639 12.93 -15.17 46.64
N LEU D 640 14.05 -15.84 46.86
CA LEU D 640 15.29 -15.39 46.23
C LEU D 640 15.40 -16.05 44.87
N TYR D 641 15.44 -15.22 43.82
CA TYR D 641 15.32 -15.76 42.48
C TYR D 641 16.53 -15.37 41.66
N LEU D 642 17.01 -16.31 40.86
CA LEU D 642 18.09 -16.03 39.93
C LEU D 642 17.62 -16.40 38.53
N PHE D 643 17.86 -15.51 37.59
CA PHE D 643 17.56 -15.80 36.19
C PHE D 643 18.83 -15.70 35.39
N GLY D 644 19.10 -16.76 34.63
CA GLY D 644 20.20 -16.81 33.71
C GLY D 644 19.80 -17.54 32.45
N GLY D 645 18.60 -17.27 31.94
CA GLY D 645 18.11 -17.88 30.73
C GLY D 645 18.24 -16.98 29.52
N HIS D 646 17.52 -17.34 28.47
CA HIS D 646 17.47 -16.54 27.25
C HIS D 646 16.51 -15.37 27.42
N SER D 647 16.78 -14.31 26.66
CA SER D 647 15.80 -13.27 26.30
C SER D 647 15.26 -12.53 27.53
N ARG D 648 16.15 -11.74 28.15
CA ARG D 648 15.85 -10.96 29.34
C ARG D 648 16.40 -9.55 29.18
N MET D 649 15.62 -8.54 29.51
CA MET D 649 16.10 -7.17 29.41
C MET D 649 17.12 -6.87 30.50
N LEU D 650 18.20 -6.21 30.10
CA LEU D 650 19.29 -5.88 31.00
C LEU D 650 19.82 -4.51 30.60
N ARG D 651 20.52 -3.85 31.52
CA ARG D 651 21.05 -2.52 31.22
C ARG D 651 22.26 -2.27 32.11
N PRO D 652 23.17 -1.39 31.70
CA PRO D 652 24.36 -1.14 32.51
C PRO D 652 24.14 -0.10 33.61
N VAL D 653 24.42 -0.50 34.84
CA VAL D 653 24.46 0.41 35.98
C VAL D 653 25.87 0.40 36.55
N ARG D 654 26.15 1.33 37.45
CA ARG D 654 27.46 1.44 38.09
C ARG D 654 27.34 1.06 39.56
N TYR D 655 27.94 -0.06 39.94
CA TYR D 655 27.88 -0.55 41.32
C TYR D 655 28.82 0.27 42.19
N LEU D 656 28.31 0.74 43.34
CA LEU D 656 28.97 1.82 44.07
C LEU D 656 30.20 1.39 44.87
N PRO D 657 30.25 0.23 45.53
CA PRO D 657 31.56 -0.34 45.81
C PRO D 657 32.10 -0.94 44.53
N LEU D 658 33.44 -0.96 44.44
CA LEU D 658 34.23 -1.58 43.36
C LEU D 658 34.16 -0.83 42.02
N ASP D 659 33.25 0.15 41.89
CA ASP D 659 33.09 0.98 40.68
C ASP D 659 32.90 0.19 39.39
N LYS D 660 32.26 -0.98 39.49
CA LYS D 660 32.18 -1.89 38.37
C LYS D 660 30.80 -1.81 37.72
N GLU D 661 30.78 -2.01 36.41
CA GLU D 661 29.54 -2.07 35.65
C GLU D 661 28.71 -3.30 36.03
N ASP D 662 27.67 -3.10 36.80
CA ASP D 662 26.77 -4.20 37.09
C ASP D 662 25.74 -4.29 35.95
N ILE D 663 25.11 -5.45 35.84
CA ILE D 663 24.11 -5.71 34.83
C ILE D 663 22.83 -6.14 35.54
N VAL D 664 21.76 -5.39 35.32
CA VAL D 664 20.59 -5.38 36.18
C VAL D 664 19.35 -5.56 35.32
N GLY D 665 18.53 -6.55 35.65
CA GLY D 665 17.26 -6.71 34.99
C GLY D 665 16.12 -6.10 35.80
N PRO D 666 14.88 -6.24 35.32
CA PRO D 666 13.75 -5.58 36.01
C PRO D 666 13.40 -6.17 37.35
N PHE D 667 13.44 -7.50 37.42
CA PHE D 667 12.99 -8.23 38.60
C PHE D 667 13.88 -7.94 39.79
N GLU D 668 15.13 -7.54 39.54
CA GLU D 668 15.93 -6.90 40.55
C GLU D 668 15.51 -5.45 40.75
N GLN D 669 15.33 -4.72 39.64
CA GLN D 669 15.26 -3.26 39.65
C GLN D 669 14.09 -2.72 40.45
N VAL D 670 13.04 -3.52 40.62
CA VAL D 670 11.93 -3.15 41.49
C VAL D 670 12.37 -3.02 42.94
N TYR D 671 13.28 -3.88 43.38
CA TYR D 671 13.68 -3.91 44.78
C TYR D 671 15.06 -3.34 45.02
N MET D 672 15.48 -2.36 44.25
CA MET D 672 16.80 -1.78 44.39
C MET D 672 16.71 -0.34 44.88
N ASN D 673 17.84 0.35 44.91
CA ASN D 673 17.86 1.78 45.20
C ASN D 673 18.91 2.38 44.27
N ILE D 674 18.51 2.66 43.05
CA ILE D 674 19.43 2.97 41.96
C ILE D 674 19.47 4.48 41.82
N ALA D 675 20.54 5.11 42.31
CA ALA D 675 20.65 6.56 42.23
C ALA D 675 20.82 7.00 40.78
N VAL D 676 20.44 8.24 40.51
CA VAL D 676 20.46 8.73 39.14
C VAL D 676 21.73 9.52 38.91
N THR D 677 21.90 10.56 39.66
CA THR D 677 23.17 11.25 39.63
C THR D 677 24.05 10.73 40.74
N PRO D 678 25.38 10.86 40.62
CA PRO D 678 26.22 10.66 41.79
C PRO D 678 25.98 11.69 42.88
N GLN D 679 25.44 12.86 42.57
CA GLN D 679 25.11 13.83 43.60
C GLN D 679 23.98 13.36 44.50
N GLU D 680 23.18 12.38 44.08
CA GLU D 680 22.09 11.85 44.88
C GLU D 680 22.43 10.48 45.45
N ILE D 681 23.69 10.31 45.86
CA ILE D 681 24.11 9.14 46.65
C ILE D 681 23.89 9.54 48.10
N GLN D 682 22.70 9.23 48.60
CA GLN D 682 22.48 9.39 50.02
C GLN D 682 23.15 8.23 50.74
N ASN D 683 23.43 8.44 52.02
CA ASN D 683 24.16 7.44 52.79
C ASN D 683 23.26 6.24 53.09
N ASN D 684 23.79 5.04 52.84
CA ASN D 684 23.24 3.76 53.30
C ASN D 684 21.88 3.46 52.66
N VAL D 685 21.61 3.99 51.47
CA VAL D 685 20.49 3.54 50.66
C VAL D 685 20.93 3.10 49.27
N HIS D 686 21.74 3.89 48.58
CA HIS D 686 22.05 3.64 47.19
C HIS D 686 23.31 2.81 47.06
N THR D 687 23.20 1.70 46.34
CA THR D 687 24.34 0.86 46.00
C THR D 687 24.64 0.89 44.52
N HIS D 688 23.93 1.70 43.76
CA HIS D 688 24.03 1.76 42.32
C HIS D 688 23.89 3.21 41.89
N VAL D 689 24.36 3.52 40.68
CA VAL D 689 24.23 4.87 40.15
C VAL D 689 24.28 4.76 38.64
N GLU D 690 23.63 5.71 37.96
CA GLU D 690 23.60 5.71 36.51
C GLU D 690 24.89 6.33 35.99
N PHE D 691 25.37 5.83 34.85
CA PHE D 691 26.56 6.39 34.24
C PHE D 691 26.30 7.81 33.77
N THR D 692 25.17 8.02 33.14
CA THR D 692 24.67 9.26 32.60
C THR D 692 23.17 9.08 32.57
N PRO D 693 22.35 10.04 33.03
CA PRO D 693 20.91 9.77 33.15
C PRO D 693 20.17 9.65 31.83
N THR D 694 20.86 9.81 30.70
CA THR D 694 20.31 9.66 29.36
C THR D 694 20.08 8.22 28.96
N ASN D 695 20.39 7.24 29.82
CA ASN D 695 20.20 5.84 29.44
C ASN D 695 18.73 5.45 29.41
N ILE D 696 17.85 6.26 30.02
CA ILE D 696 16.43 5.94 30.03
C ILE D 696 15.75 6.23 28.70
N LEU D 697 16.41 6.98 27.83
CA LEU D 697 15.81 7.47 26.59
C LEU D 697 16.19 6.57 25.41
N SER D 698 15.41 6.69 24.34
CA SER D 698 15.68 5.94 23.12
C SER D 698 16.82 6.58 22.35
N ILE D 699 17.03 6.13 21.12
CA ILE D 699 18.08 6.72 20.30
C ILE D 699 17.59 8.04 19.71
N LEU D 700 16.43 8.03 19.08
CA LEU D 700 15.89 9.22 18.45
C LEU D 700 15.46 10.25 19.47
N ALA D 701 14.87 9.82 20.59
CA ALA D 701 14.43 10.76 21.61
C ALA D 701 15.60 11.42 22.32
N ASN D 702 16.78 10.82 22.30
CA ASN D 702 17.96 11.44 22.89
C ASN D 702 18.65 12.36 21.91
N LEU D 703 18.23 12.37 20.65
CA LEU D 703 18.75 13.29 19.66
C LEU D 703 18.06 14.63 19.66
N THR D 704 16.88 14.72 20.25
CA THR D 704 16.14 15.96 20.36
C THR D 704 16.93 16.95 21.22
N PRO D 705 17.34 18.10 20.69
CA PRO D 705 18.18 19.01 21.46
C PRO D 705 17.42 19.65 22.59
N PHE D 706 18.01 19.61 23.78
CA PHE D 706 17.41 20.07 25.02
C PHE D 706 16.04 19.45 25.23
N SER D 707 15.98 18.12 25.15
CA SER D 707 14.68 17.46 25.13
C SER D 707 13.98 17.40 26.48
N ASP D 708 14.41 18.18 27.47
CA ASP D 708 13.70 18.34 28.72
C ASP D 708 12.94 19.64 28.81
N PHE D 709 13.37 20.69 28.10
CA PHE D 709 12.73 21.99 28.25
C PHE D 709 11.39 22.08 27.50
N ASN D 710 11.01 21.05 26.75
CA ASN D 710 9.79 21.10 25.97
C ASN D 710 8.68 20.42 26.74
N GLN D 711 7.47 20.57 26.24
CA GLN D 711 6.35 19.84 26.79
C GLN D 711 6.51 18.37 26.43
N SER D 712 6.14 17.50 27.34
CA SER D 712 6.35 16.10 27.04
C SER D 712 5.35 15.51 26.05
N PRO D 713 4.11 16.01 25.92
CA PRO D 713 3.38 15.73 24.69
C PRO D 713 3.96 16.36 23.43
N ARG D 714 4.90 17.29 23.53
CA ARG D 714 5.57 17.78 22.34
C ARG D 714 6.77 16.95 21.95
N ASN D 715 7.28 16.12 22.85
CA ASN D 715 8.44 15.31 22.54
C ASN D 715 8.08 13.89 22.16
N MET D 716 6.89 13.42 22.52
CA MET D 716 6.37 12.21 21.92
C MET D 716 6.03 12.43 20.46
N TYR D 717 5.73 13.67 20.10
CA TYR D 717 5.28 13.95 18.75
C TYR D 717 6.45 14.17 17.82
N GLN D 718 7.54 14.73 18.33
CA GLN D 718 8.78 14.78 17.58
C GLN D 718 9.32 13.40 17.25
N CYS D 719 9.08 12.42 18.12
CA CYS D 719 9.57 11.07 17.88
C CYS D 719 8.85 10.40 16.72
N GLN D 720 7.73 10.96 16.27
CA GLN D 720 7.17 10.53 15.00
C GLN D 720 7.26 11.59 13.91
N MET D 721 7.37 12.87 14.24
CA MET D 721 7.60 13.88 13.22
C MET D 721 9.07 14.09 12.93
N GLY D 722 9.90 13.10 13.24
CA GLY D 722 11.27 13.06 12.81
C GLY D 722 11.50 11.78 12.08
N LYS D 723 10.49 10.89 12.13
CA LYS D 723 10.50 9.69 11.32
C LYS D 723 10.09 9.95 9.88
N GLN D 724 9.00 10.69 9.69
CA GLN D 724 8.46 10.93 8.36
C GLN D 724 8.95 12.25 7.80
N THR D 725 10.22 12.52 8.00
CA THR D 725 10.90 13.56 7.26
C THR D 725 11.63 12.95 6.08
N MET D 726 12.18 13.80 5.21
CA MET D 726 12.90 13.35 4.04
C MET D 726 14.33 13.88 4.10
N GLY D 727 15.27 12.96 4.34
CA GLY D 727 16.66 13.31 4.54
C GLY D 727 17.60 12.65 3.56
N THR D 728 18.34 11.67 4.04
CA THR D 728 19.17 10.83 3.20
C THR D 728 19.03 9.39 3.68
N PRO D 729 18.31 8.54 2.97
CA PRO D 729 18.04 7.18 3.46
C PRO D 729 19.07 6.15 3.05
N GLY D 730 20.27 6.59 2.67
CA GLY D 730 21.31 5.68 2.26
C GLY D 730 21.76 6.00 0.85
N VAL D 731 23.05 6.26 0.66
CA VAL D 731 23.52 6.85 -0.59
C VAL D 731 23.72 5.77 -1.64
N ALA D 732 23.45 4.51 -1.29
CA ALA D 732 23.49 3.42 -2.24
C ALA D 732 22.19 3.32 -3.04
N LEU D 733 21.76 4.45 -3.60
CA LEU D 733 20.47 4.51 -4.28
C LEU D 733 20.54 3.81 -5.63
N CYS D 734 21.64 3.99 -6.35
CA CYS D 734 21.76 3.61 -7.74
C CYS D 734 21.99 2.13 -7.95
N HIS D 735 21.78 1.30 -6.94
CA HIS D 735 21.80 -0.15 -7.12
C HIS D 735 20.63 -0.81 -6.38
N ARG D 736 19.55 -0.07 -6.12
CA ARG D 736 18.43 -0.58 -5.35
C ARG D 736 17.12 -0.37 -6.09
N SER D 737 16.11 -1.14 -5.69
CA SER D 737 14.80 -1.15 -6.34
C SER D 737 13.73 -1.05 -5.24
N ASP D 738 13.13 0.12 -5.08
CA ASP D 738 12.22 0.38 -3.97
C ASP D 738 10.91 0.99 -4.47
N ASN D 739 9.85 0.74 -3.70
CA ASN D 739 8.55 1.34 -4.01
C ASN D 739 8.56 2.84 -3.76
N LYS D 740 9.25 3.30 -2.73
CA LYS D 740 9.36 4.74 -2.52
C LYS D 740 10.69 5.07 -1.88
N LEU D 741 11.29 6.16 -2.33
CA LEU D 741 12.51 6.68 -1.76
C LEU D 741 12.46 8.18 -1.81
N TYR D 742 12.72 8.80 -0.69
CA TYR D 742 12.82 10.24 -0.64
C TYR D 742 14.28 10.60 -0.53
N ARG D 743 14.59 11.88 -0.67
CA ARG D 743 15.96 12.38 -0.68
C ARG D 743 15.95 13.88 -0.58
N LEU D 744 16.88 14.44 0.18
CA LEU D 744 17.05 15.88 0.26
C LEU D 744 18.39 16.22 -0.36
N GLN D 745 18.46 17.34 -1.07
CA GLN D 745 19.62 17.57 -1.94
C GLN D 745 20.85 17.99 -1.16
N THR D 746 20.82 19.19 -0.60
CA THR D 746 21.96 19.71 0.16
C THR D 746 21.48 19.91 1.59
N GLY D 747 21.63 18.86 2.39
CA GLY D 747 21.34 18.94 3.80
C GLY D 747 22.57 19.31 4.59
N GLN D 748 22.36 19.90 5.75
CA GLN D 748 23.47 20.19 6.64
C GLN D 748 23.31 19.33 7.88
N THR D 749 24.16 19.56 8.86
CA THR D 749 24.12 18.83 10.11
C THR D 749 23.72 19.82 11.21
N PRO D 750 23.20 19.36 12.35
CA PRO D 750 22.81 20.33 13.39
C PRO D 750 24.00 20.92 14.12
N ILE D 751 24.02 22.25 14.23
CA ILE D 751 24.98 22.89 15.11
C ILE D 751 24.68 22.54 16.56
N VAL D 752 23.41 22.48 16.92
CA VAL D 752 22.99 22.19 18.28
C VAL D 752 22.54 20.74 18.32
N LYS D 753 23.28 19.92 19.06
CA LYS D 753 23.04 18.48 19.02
C LYS D 753 23.53 17.87 20.32
N ALA D 754 23.44 16.56 20.40
CA ALA D 754 23.93 15.82 21.55
C ALA D 754 25.35 15.34 21.26
N ASN D 755 25.88 14.50 22.13
CA ASN D 755 27.08 13.74 21.84
C ASN D 755 26.80 12.26 21.79
N LEU D 756 25.54 11.86 21.95
CA LEU D 756 25.11 10.55 21.54
C LEU D 756 24.53 10.57 20.14
N TYR D 757 24.92 11.57 19.36
CA TYR D 757 24.67 11.76 17.93
C TYR D 757 25.80 11.19 17.10
N ASP D 758 27.01 11.70 17.34
CA ASP D 758 28.19 11.25 16.61
C ASP D 758 28.50 9.79 16.88
N ASP D 759 28.20 9.31 18.08
CA ASP D 759 28.50 7.92 18.41
C ASP D 759 27.55 6.94 17.75
N TYR D 760 26.40 7.39 17.27
CA TYR D 760 25.67 6.64 16.28
C TYR D 760 26.03 7.04 14.86
N GLY D 761 26.61 8.22 14.69
CA GLY D 761 27.03 8.68 13.38
C GLY D 761 25.89 8.91 12.42
N MET D 762 25.05 9.89 12.72
CA MET D 762 23.99 10.29 11.81
C MET D 762 24.46 11.35 10.82
N ASP D 763 25.76 11.61 10.75
CA ASP D 763 26.30 12.36 9.63
C ASP D 763 26.39 11.50 8.38
N ASN D 764 26.30 10.20 8.53
CA ASN D 764 26.14 9.31 7.40
C ASN D 764 24.69 9.24 6.93
N PHE D 765 23.78 9.90 7.64
CA PHE D 765 22.39 10.04 7.19
C PHE D 765 21.87 11.41 7.58
N PRO D 766 22.24 12.45 6.85
CA PRO D 766 21.74 13.79 7.19
C PRO D 766 20.25 13.90 6.92
N ASN D 767 19.56 14.66 7.76
CA ASN D 767 18.12 14.75 7.65
C ASN D 767 17.70 16.12 8.19
N GLY D 768 17.64 17.09 7.30
CA GLY D 768 17.24 18.43 7.67
C GLY D 768 18.35 19.43 7.47
N PHE D 769 18.02 20.69 7.75
CA PHE D 769 18.82 21.80 7.28
C PHE D 769 18.71 22.94 8.25
N ASN D 770 19.51 23.97 8.01
CA ASN D 770 19.64 25.10 8.93
C ASN D 770 18.96 26.33 8.36
N ALA D 771 18.04 26.90 9.13
CA ALA D 771 17.21 28.02 8.72
C ALA D 771 17.44 29.19 9.65
N VAL D 772 17.65 30.38 9.09
CA VAL D 772 17.75 31.59 9.90
C VAL D 772 16.34 32.00 10.27
N VAL D 773 15.99 31.93 11.56
CA VAL D 773 14.61 32.00 12.00
C VAL D 773 14.41 33.24 12.86
N ALA D 774 13.56 34.14 12.37
CA ALA D 774 13.12 35.29 13.15
C ALA D 774 11.75 34.96 13.75
N VAL D 775 11.69 34.86 15.07
CA VAL D 775 10.42 34.62 15.75
C VAL D 775 9.65 35.93 15.71
N ILE D 776 8.71 36.04 14.78
CA ILE D 776 8.04 37.30 14.53
C ILE D 776 6.69 37.00 13.90
N SER D 777 5.68 37.78 14.27
CA SER D 777 4.43 37.89 13.53
C SER D 777 4.57 39.16 12.71
N TYR D 778 4.70 38.99 11.39
CA TYR D 778 4.98 40.10 10.49
C TYR D 778 4.03 40.09 9.31
N THR D 779 3.70 38.90 8.85
CA THR D 779 2.93 38.78 7.62
C THR D 779 1.44 38.87 7.88
N GLY D 780 0.95 38.15 8.88
CA GLY D 780 -0.45 37.85 8.98
C GLY D 780 -0.85 36.62 8.22
N TYR D 781 0.06 36.03 7.47
CA TYR D 781 -0.17 34.82 6.72
C TYR D 781 0.28 33.60 7.49
N ASP D 782 0.66 33.77 8.74
CA ASP D 782 1.26 32.70 9.51
C ASP D 782 0.56 32.59 10.86
N MET D 783 -0.63 32.02 10.85
CA MET D 783 -1.40 31.79 12.05
C MET D 783 -2.11 30.46 11.88
N ASP D 784 -2.59 29.91 12.99
CA ASP D 784 -2.89 28.50 13.17
C ASP D 784 -1.69 27.68 12.77
N ASP D 785 -0.50 28.01 13.29
CA ASP D 785 0.75 27.25 13.25
C ASP D 785 1.44 27.31 11.90
N ALA D 786 0.83 27.97 10.91
CA ALA D 786 1.39 28.13 9.57
C ALA D 786 2.67 28.95 9.57
N MET D 787 3.56 28.75 8.59
CA MET D 787 4.81 29.49 8.55
C MET D 787 5.16 29.90 7.13
N ILE D 788 6.13 30.79 7.05
CA ILE D 788 6.40 31.59 5.87
C ILE D 788 7.84 31.31 5.44
N ILE D 789 8.01 30.55 4.36
CA ILE D 789 9.34 30.33 3.80
C ILE D 789 9.84 31.64 3.19
N ASN D 790 11.15 31.72 2.98
CA ASN D 790 11.62 32.79 2.15
C ASN D 790 11.54 32.36 0.69
N LYS D 791 11.37 33.34 -0.21
CA LYS D 791 11.36 33.03 -1.64
C LYS D 791 12.76 32.70 -2.12
N SER D 792 13.67 33.67 -2.03
CA SER D 792 15.01 33.54 -2.54
C SER D 792 15.86 32.55 -1.76
N ALA D 793 15.39 32.07 -0.62
CA ALA D 793 15.99 30.87 -0.05
C ALA D 793 15.63 29.63 -0.86
N ASP D 794 14.35 29.49 -1.20
CA ASP D 794 13.93 28.29 -1.91
C ASP D 794 14.31 28.34 -3.37
N GLU D 795 14.44 29.53 -3.94
CA GLU D 795 15.01 29.70 -5.27
C GLU D 795 16.51 29.46 -5.29
N ARG D 796 17.16 29.50 -4.13
CA ARG D 796 18.52 29.01 -3.99
C ARG D 796 18.54 27.59 -3.49
N GLY D 797 17.38 26.95 -3.41
CA GLY D 797 17.32 25.57 -2.98
C GLY D 797 17.27 25.55 -1.48
N PHE D 798 16.21 25.00 -0.91
CA PHE D 798 16.05 25.10 0.53
C PHE D 798 15.21 23.89 0.91
N GLY D 799 15.87 22.79 1.19
CA GLY D 799 15.12 21.55 1.25
C GLY D 799 14.64 21.14 -0.12
N TYR D 800 15.48 21.30 -1.14
CA TYR D 800 15.13 20.93 -2.50
C TYR D 800 15.06 19.42 -2.60
N GLY D 801 13.89 18.87 -2.38
CA GLY D 801 13.76 17.42 -2.31
C GLY D 801 13.49 16.80 -3.66
N THR D 802 13.69 15.49 -3.72
CA THR D 802 13.26 14.72 -4.88
C THR D 802 12.51 13.50 -4.39
N MET D 803 12.24 12.56 -5.29
CA MET D 803 11.56 11.34 -4.89
C MET D 803 11.90 10.30 -5.95
N TYR D 804 11.66 9.04 -5.62
CA TYR D 804 11.89 7.95 -6.54
C TYR D 804 10.78 6.93 -6.35
N LYS D 805 10.66 6.06 -7.36
CA LYS D 805 9.69 4.98 -7.42
C LYS D 805 10.06 4.13 -8.62
N THR D 806 9.98 2.81 -8.47
CA THR D 806 10.27 1.91 -9.57
C THR D 806 9.02 1.12 -9.93
N GLU D 807 9.04 0.55 -11.14
CA GLU D 807 7.85 -0.07 -11.70
C GLU D 807 8.23 -1.35 -12.43
N LYS D 808 7.58 -2.45 -12.07
CA LYS D 808 7.77 -3.72 -12.74
C LYS D 808 7.01 -3.71 -14.06
N VAL D 809 7.66 -4.18 -15.12
CA VAL D 809 7.04 -4.27 -16.44
C VAL D 809 7.07 -5.75 -16.82
N ASP D 810 5.99 -6.47 -16.55
CA ASP D 810 6.02 -7.92 -16.62
C ASP D 810 5.06 -8.43 -17.69
N LEU D 811 5.62 -9.06 -18.72
CA LEU D 811 4.81 -9.82 -19.67
C LEU D 811 4.58 -11.25 -19.20
N ALA D 812 5.48 -11.78 -18.39
CA ALA D 812 5.37 -13.14 -17.89
C ALA D 812 4.34 -13.29 -16.79
N LEU D 813 3.82 -12.17 -16.27
CA LEU D 813 2.70 -12.24 -15.33
C LEU D 813 1.46 -12.77 -16.03
N ASN D 814 1.32 -12.48 -17.32
CA ASN D 814 0.25 -13.06 -18.11
C ASN D 814 0.65 -14.41 -18.70
N ARG D 815 1.94 -14.62 -18.93
CA ARG D 815 2.40 -15.81 -19.65
C ARG D 815 2.30 -17.04 -18.77
N ASN D 816 1.72 -18.10 -19.34
CA ASN D 816 1.57 -19.39 -18.67
C ASN D 816 2.87 -20.18 -18.81
N ARG D 817 2.90 -21.40 -18.26
CA ARG D 817 4.11 -22.21 -18.24
C ARG D 817 4.50 -22.66 -19.65
N GLY D 818 3.63 -23.42 -20.29
CA GLY D 818 3.82 -23.86 -21.66
C GLY D 818 3.44 -22.82 -22.70
N ASP D 819 3.01 -21.64 -22.26
CA ASP D 819 2.81 -20.52 -23.17
C ASP D 819 4.13 -20.16 -23.82
N PRO D 820 4.19 -20.09 -25.15
CA PRO D 820 5.40 -19.61 -25.81
C PRO D 820 5.64 -18.14 -25.56
N ILE D 821 6.87 -17.72 -25.85
CA ILE D 821 7.29 -16.35 -25.59
C ILE D 821 6.66 -15.45 -26.65
N THR D 822 5.50 -14.87 -26.31
CA THR D 822 4.64 -14.30 -27.33
C THR D 822 5.06 -12.90 -27.73
N GLN D 823 5.02 -11.96 -26.79
CA GLN D 823 5.21 -10.56 -27.10
C GLN D 823 6.57 -10.08 -26.60
N HIS D 824 7.11 -9.08 -27.30
CA HIS D 824 8.52 -8.76 -27.21
C HIS D 824 8.72 -7.26 -27.20
N PHE D 825 9.65 -6.80 -26.37
CA PHE D 825 9.90 -5.37 -26.26
C PHE D 825 10.64 -4.85 -27.49
N GLY D 826 10.28 -3.66 -27.90
CA GLY D 826 10.63 -3.15 -29.21
C GLY D 826 9.41 -2.99 -30.08
N PHE D 827 9.62 -2.31 -31.20
CA PHE D 827 8.54 -2.13 -32.16
C PHE D 827 8.42 -3.35 -33.06
N GLY D 828 7.70 -3.20 -34.16
CA GLY D 828 7.62 -4.27 -35.14
C GLY D 828 7.54 -3.76 -36.55
N ASN D 829 6.62 -4.33 -37.33
CA ASN D 829 6.33 -3.88 -38.66
C ASN D 829 4.82 -3.75 -38.82
N ASP D 830 4.39 -3.49 -40.06
CA ASP D 830 3.02 -3.12 -40.41
C ASP D 830 2.54 -1.91 -39.62
N GLU D 831 3.46 -0.97 -39.37
CA GLU D 831 3.17 0.20 -38.56
C GLU D 831 4.26 1.24 -38.81
N TRP D 832 3.90 2.49 -38.51
CA TRP D 832 4.85 3.58 -38.28
C TRP D 832 4.17 4.70 -37.49
N PRO D 833 3.93 4.57 -36.16
CA PRO D 833 3.53 5.76 -35.40
C PRO D 833 4.74 6.55 -34.94
N LYS D 834 4.87 7.78 -35.41
CA LYS D 834 6.02 8.59 -35.06
C LYS D 834 5.84 9.19 -33.67
N GLU D 835 6.91 9.85 -33.20
CA GLU D 835 7.08 10.55 -31.93
C GLU D 835 7.21 9.58 -30.75
N TRP D 836 6.96 8.28 -30.99
CA TRP D 836 7.42 7.27 -30.04
C TRP D 836 8.92 7.13 -30.12
N LEU D 837 9.49 7.43 -31.29
CA LEU D 837 10.95 7.43 -31.46
C LEU D 837 11.59 8.61 -30.76
N GLU D 838 10.77 9.58 -30.35
CA GLU D 838 11.31 10.74 -29.64
C GLU D 838 11.26 10.52 -28.13
N LYS D 839 10.49 9.55 -27.66
CA LYS D 839 10.51 9.15 -26.26
C LYS D 839 11.26 7.86 -26.00
N LEU D 840 11.33 6.96 -26.97
CA LEU D 840 11.84 5.63 -26.74
C LEU D 840 13.07 5.37 -27.59
N ASP D 841 13.79 4.31 -27.25
CA ASP D 841 14.93 3.85 -28.04
C ASP D 841 14.51 2.60 -28.80
N GLU D 842 15.42 2.11 -29.65
CA GLU D 842 15.12 1.10 -30.66
C GLU D 842 14.69 -0.24 -30.08
N ASP D 843 15.05 -0.52 -28.84
CA ASP D 843 14.59 -1.72 -28.17
C ASP D 843 13.23 -1.54 -27.54
N GLY D 844 12.59 -0.40 -27.74
CA GLY D 844 11.35 -0.12 -27.06
C GLY D 844 11.51 0.14 -25.59
N LEU D 845 12.67 0.61 -25.15
CA LEU D 845 12.88 1.01 -23.78
C LEU D 845 13.36 2.44 -23.81
N PRO D 846 12.91 3.33 -22.94
CA PRO D 846 13.12 4.77 -23.17
C PRO D 846 14.54 5.19 -22.88
N TYR D 847 14.94 6.31 -23.47
CA TYR D 847 16.18 6.99 -23.11
C TYR D 847 16.14 7.32 -21.63
N ILE D 848 17.24 7.16 -20.92
CA ILE D 848 17.25 7.51 -19.51
C ILE D 848 17.39 9.03 -19.40
N GLY D 849 16.54 9.65 -18.60
CA GLY D 849 16.51 11.08 -18.47
C GLY D 849 15.58 11.81 -19.42
N THR D 850 14.54 11.14 -19.92
CA THR D 850 13.61 11.76 -20.84
C THR D 850 12.30 12.07 -20.13
N TYR D 851 11.89 13.34 -20.19
CA TYR D 851 10.74 13.88 -19.48
C TYR D 851 9.44 13.23 -19.93
N VAL D 852 8.84 12.38 -19.12
CA VAL D 852 7.57 11.74 -19.48
C VAL D 852 6.44 12.43 -18.72
N GLU D 853 5.22 12.15 -19.16
CA GLU D 853 3.99 12.62 -18.52
C GLU D 853 2.98 11.50 -18.63
N GLU D 854 1.73 11.81 -18.30
CA GLU D 854 0.64 10.92 -18.61
C GLU D 854 0.25 11.08 -20.07
N GLY D 855 -0.08 9.97 -20.72
CA GLY D 855 -0.33 9.96 -22.14
C GLY D 855 0.88 9.61 -22.99
N ASP D 856 2.07 9.39 -22.37
CA ASP D 856 3.33 9.21 -23.08
C ASP D 856 3.78 7.75 -23.05
N PRO D 857 4.43 7.28 -24.11
CA PRO D 857 4.80 5.85 -24.17
C PRO D 857 5.98 5.57 -23.26
N ILE D 858 5.93 4.42 -22.59
CA ILE D 858 6.97 4.13 -21.60
C ILE D 858 7.76 2.91 -22.05
N CYS D 859 7.14 2.03 -22.84
CA CYS D 859 7.83 0.90 -23.44
C CYS D 859 7.00 0.41 -24.62
N ALA D 860 7.67 -0.08 -25.64
CA ALA D 860 7.02 -0.57 -26.84
C ALA D 860 7.14 -2.09 -26.85
N TYR D 861 6.03 -2.79 -26.63
CA TYR D 861 6.05 -4.23 -26.81
C TYR D 861 5.15 -4.58 -27.97
N PHE D 862 5.76 -5.05 -29.04
CA PHE D 862 5.08 -5.49 -30.25
C PHE D 862 4.79 -6.97 -30.14
N ASP D 863 3.52 -7.34 -30.03
CA ASP D 863 3.18 -8.75 -29.95
C ASP D 863 3.22 -9.35 -31.35
N ASP D 864 2.86 -10.62 -31.44
CA ASP D 864 2.72 -11.29 -32.73
C ASP D 864 1.37 -11.97 -32.89
N THR D 865 0.46 -11.79 -31.95
CA THR D 865 -0.91 -12.28 -32.08
C THR D 865 -1.88 -11.21 -32.54
N LEU D 866 -1.46 -9.95 -32.55
CA LEU D 866 -2.28 -8.86 -33.07
C LEU D 866 -1.53 -7.95 -34.03
N ASN D 867 -0.21 -8.12 -34.17
CA ASN D 867 0.62 -7.47 -35.20
C ASN D 867 0.59 -5.95 -35.06
N LYS D 868 0.63 -5.47 -33.82
CA LYS D 868 0.66 -4.03 -33.59
C LYS D 868 1.34 -3.74 -32.25
N THR D 869 2.18 -2.71 -32.25
CA THR D 869 2.82 -2.23 -31.03
C THR D 869 1.78 -1.55 -30.14
N LYS D 870 1.39 -2.21 -29.07
CA LYS D 870 0.47 -1.66 -28.08
C LYS D 870 1.31 -1.20 -26.89
N ILE D 871 1.75 0.06 -26.94
CA ILE D 871 2.58 0.59 -25.86
C ILE D 871 1.76 0.76 -24.60
N LYS D 872 2.41 0.67 -23.46
CA LYS D 872 1.80 1.10 -22.23
C LYS D 872 2.34 2.47 -21.83
N THR D 873 1.72 3.05 -20.82
CA THR D 873 1.80 4.48 -20.58
C THR D 873 2.08 4.72 -19.11
N TYR D 874 2.87 5.78 -18.83
CA TYR D 874 3.15 6.25 -17.49
C TYR D 874 1.88 6.53 -16.70
N HIS D 875 1.62 5.71 -15.70
CA HIS D 875 0.32 5.63 -15.03
C HIS D 875 0.26 6.52 -13.79
N SER D 876 0.63 7.79 -13.96
CA SER D 876 0.53 8.78 -12.89
C SER D 876 0.41 10.14 -13.53
N SER D 877 0.35 11.19 -12.70
CA SER D 877 0.01 12.52 -13.18
C SER D 877 1.08 13.55 -12.86
N GLU D 878 2.29 13.11 -12.58
CA GLU D 878 3.30 14.06 -12.17
C GLU D 878 4.44 14.10 -13.16
N PRO D 879 5.08 15.24 -13.33
CA PRO D 879 6.19 15.34 -14.29
C PRO D 879 7.41 14.57 -13.83
N ALA D 880 7.62 13.41 -14.43
CA ALA D 880 8.67 12.50 -14.03
C ALA D 880 9.80 12.52 -15.03
N TYR D 881 10.76 11.63 -14.82
CA TYR D 881 11.81 11.36 -15.78
C TYR D 881 11.99 9.84 -15.77
N ILE D 882 13.07 9.37 -16.36
CA ILE D 882 13.54 8.02 -16.13
C ILE D 882 14.93 8.11 -15.55
N GLU D 883 15.14 7.53 -14.38
CA GLU D 883 16.43 7.62 -13.73
C GLU D 883 17.40 6.58 -14.29
N GLU D 884 17.06 5.30 -14.15
CA GLU D 884 17.80 4.20 -14.76
C GLU D 884 16.84 3.07 -15.10
N VAL D 885 17.18 2.33 -16.15
CA VAL D 885 16.43 1.16 -16.60
C VAL D 885 17.29 -0.07 -16.36
N ASN D 886 16.67 -1.16 -15.94
CA ASN D 886 17.40 -2.41 -15.73
C ASN D 886 16.75 -3.52 -16.52
N LEU D 887 17.54 -4.20 -17.34
CA LEU D 887 17.04 -5.24 -18.23
C LEU D 887 17.20 -6.56 -17.50
N ILE D 888 16.10 -7.07 -16.98
CA ILE D 888 16.14 -8.16 -16.01
C ILE D 888 16.03 -9.50 -16.73
N GLY D 889 16.97 -10.40 -16.46
CA GLY D 889 16.97 -11.72 -17.05
C GLY D 889 15.97 -12.65 -16.40
N ASP D 890 16.15 -13.94 -16.65
CA ASP D 890 15.23 -14.96 -16.16
C ASP D 890 16.00 -16.08 -15.51
N GLU D 891 15.28 -16.90 -14.73
CA GLU D 891 15.87 -17.82 -13.77
C GLU D 891 15.91 -19.26 -14.26
N SER D 892 14.77 -19.82 -14.67
CA SER D 892 14.65 -21.25 -14.97
C SER D 892 15.37 -21.65 -16.25
N ASN D 893 15.79 -20.69 -17.05
CA ASN D 893 16.56 -20.88 -18.27
C ASN D 893 17.84 -20.07 -18.20
N LYS D 894 18.53 -19.96 -19.32
CA LYS D 894 19.70 -19.12 -19.44
C LYS D 894 19.65 -18.17 -20.63
N PHE D 895 18.62 -18.27 -21.47
CA PHE D 895 18.77 -17.89 -22.87
C PHE D 895 17.59 -17.17 -23.51
N GLN D 896 16.41 -17.17 -22.90
CA GLN D 896 15.27 -16.58 -23.59
C GLN D 896 15.24 -15.07 -23.39
N GLU D 897 14.46 -14.41 -24.25
CA GLU D 897 14.36 -12.96 -24.22
C GLU D 897 13.68 -12.49 -22.94
N LEU D 898 13.91 -11.22 -22.61
CA LEU D 898 13.40 -10.68 -21.37
C LEU D 898 11.90 -10.45 -21.46
N GLN D 899 11.21 -10.76 -20.37
CA GLN D 899 9.83 -10.35 -20.16
C GLN D 899 9.67 -9.67 -18.80
N THR D 900 10.72 -9.01 -18.34
CA THR D 900 10.65 -8.25 -17.10
C THR D 900 11.65 -7.10 -17.18
N VAL D 901 11.16 -5.88 -17.06
CA VAL D 901 12.00 -4.69 -17.04
C VAL D 901 11.66 -3.96 -15.74
N SER D 902 12.66 -3.35 -15.13
CA SER D 902 12.42 -2.38 -14.07
C SER D 902 12.86 -1.02 -14.56
N ILE D 903 12.09 0.00 -14.22
CA ILE D 903 12.33 1.36 -14.68
C ILE D 903 12.18 2.31 -13.49
N LYS D 904 13.17 3.17 -13.29
CA LYS D 904 13.23 4.02 -12.11
C LYS D 904 12.93 5.45 -12.51
N TYR D 905 12.05 6.09 -11.76
CA TYR D 905 11.54 7.41 -12.09
C TYR D 905 12.13 8.45 -11.16
N ARG D 906 12.34 9.65 -11.68
CA ARG D 906 12.80 10.76 -10.84
C ARG D 906 11.73 11.85 -10.84
N ILE D 907 10.85 11.81 -9.83
CA ILE D 907 9.90 12.89 -9.59
C ILE D 907 10.63 13.96 -8.81
N ARG D 908 10.74 15.17 -9.36
CA ARG D 908 11.29 16.26 -8.59
C ARG D 908 10.19 16.91 -7.77
N ARG D 909 10.55 17.37 -6.55
CA ARG D 909 9.57 17.93 -5.61
C ARG D 909 10.22 19.11 -4.87
N THR D 910 10.08 20.31 -5.43
CA THR D 910 10.50 21.51 -4.74
C THR D 910 9.57 21.77 -3.55
N PRO D 911 9.96 22.63 -2.62
CA PRO D 911 9.02 23.02 -1.57
C PRO D 911 7.97 24.02 -2.04
N GLN D 912 6.84 23.53 -2.57
CA GLN D 912 5.75 24.42 -2.87
C GLN D 912 4.96 24.75 -1.61
N ILE D 913 3.97 25.63 -1.78
CA ILE D 913 3.16 26.09 -0.66
C ILE D 913 2.25 24.97 -0.19
N GLY D 914 2.30 24.68 1.11
CA GLY D 914 1.63 23.54 1.71
C GLY D 914 2.58 22.48 2.20
N ASP D 915 3.83 22.48 1.74
CA ASP D 915 4.76 21.42 2.07
C ASP D 915 5.24 21.58 3.51
N LYS D 916 4.95 20.59 4.34
CA LYS D 916 5.04 20.74 5.79
C LYS D 916 6.48 20.77 6.27
N PHE D 917 6.70 21.58 7.30
CA PHE D 917 7.97 21.64 7.99
C PHE D 917 7.78 21.15 9.41
N SER D 918 8.90 21.13 10.14
CA SER D 918 8.98 20.80 11.56
C SER D 918 10.40 21.09 11.99
N SER D 919 10.57 21.63 13.18
CA SER D 919 11.88 21.60 13.82
C SER D 919 11.95 20.34 14.67
N ARG D 920 13.02 20.21 15.44
CA ARG D 920 13.19 19.00 16.24
C ARG D 920 12.43 19.02 17.56
N HIS D 921 11.40 19.86 17.71
CA HIS D 921 10.75 19.98 19.00
C HIS D 921 9.26 19.68 18.96
N GLY D 922 8.63 19.71 17.80
CA GLY D 922 7.21 19.45 17.68
C GLY D 922 6.49 20.62 17.05
N GLN D 923 7.26 21.58 16.54
CA GLN D 923 6.71 22.79 15.97
C GLN D 923 6.43 22.66 14.49
N LYS D 924 5.57 21.72 14.11
CA LYS D 924 5.25 21.55 12.70
C LYS D 924 4.30 22.65 12.25
N GLY D 925 4.23 22.85 10.94
CA GLY D 925 3.41 23.90 10.39
C GLY D 925 3.69 24.14 8.91
N VAL D 926 2.63 24.32 8.13
CA VAL D 926 2.78 24.22 6.68
C VAL D 926 3.40 25.49 6.13
N CYS D 927 3.94 25.36 4.93
CA CYS D 927 4.58 26.45 4.21
C CYS D 927 3.47 27.30 3.61
N SER D 928 3.13 28.40 4.28
CA SER D 928 1.91 29.13 3.95
C SER D 928 2.08 30.02 2.72
N ARG D 929 3.17 30.75 2.62
CA ARG D 929 3.32 31.72 1.56
C ARG D 929 4.78 31.98 1.26
N LYS D 930 5.18 31.77 0.01
CA LYS D 930 6.55 32.05 -0.40
C LYS D 930 6.69 33.56 -0.55
N TRP D 931 6.98 34.19 0.58
CA TRP D 931 7.07 35.63 0.63
C TRP D 931 8.31 36.09 -0.11
N PRO D 932 8.23 37.12 -0.95
CA PRO D 932 9.43 37.59 -1.64
C PRO D 932 10.42 38.18 -0.65
N THR D 933 11.71 37.93 -0.89
CA THR D 933 12.71 38.22 0.12
C THR D 933 12.93 39.72 0.28
N ILE D 934 12.43 40.51 -0.66
CA ILE D 934 12.69 41.94 -0.63
C ILE D 934 11.80 42.59 0.42
N ASP D 935 10.68 41.94 0.74
CA ASP D 935 9.67 42.46 1.65
C ASP D 935 9.63 41.71 2.97
N MET D 936 10.58 40.80 3.18
CA MET D 936 10.89 40.20 4.47
C MET D 936 11.63 41.21 5.32
N PRO D 937 11.69 41.03 6.64
CA PRO D 937 12.45 42.01 7.45
C PRO D 937 13.93 41.88 7.19
N PHE D 938 14.62 43.01 7.11
CA PHE D 938 16.06 43.01 6.94
C PHE D 938 16.72 43.58 8.17
N SER D 939 17.71 42.86 8.69
CA SER D 939 18.33 43.11 9.98
C SER D 939 19.38 44.23 9.93
N GLU D 940 20.22 44.29 10.96
CA GLU D 940 21.25 45.33 11.03
C GLU D 940 22.28 45.19 9.93
N THR D 941 22.64 43.95 9.61
CA THR D 941 23.72 43.69 8.66
C THR D 941 23.20 43.37 7.26
N GLY D 942 22.02 42.75 7.17
CA GLY D 942 21.47 42.32 5.91
C GLY D 942 21.02 40.88 5.97
N ILE D 943 20.80 40.42 7.19
CA ILE D 943 20.62 39.00 7.46
C ILE D 943 19.12 38.73 7.44
N GLN D 944 18.64 38.23 6.31
CA GLN D 944 17.20 38.14 6.24
C GLN D 944 16.74 36.74 6.57
N PRO D 945 15.62 36.61 7.30
CA PRO D 945 15.21 35.30 7.78
C PRO D 945 14.74 34.41 6.65
N ASP D 946 14.79 33.13 6.91
CA ASP D 946 14.43 32.16 5.89
C ASP D 946 13.10 31.52 6.14
N ILE D 947 12.77 31.25 7.39
CA ILE D 947 11.42 30.84 7.76
C ILE D 947 10.97 31.77 8.87
N ILE D 948 9.89 32.49 8.65
CA ILE D 948 9.24 33.25 9.71
C ILE D 948 8.26 32.33 10.42
N ILE D 949 8.44 32.20 11.74
CA ILE D 949 7.60 31.33 12.56
C ILE D 949 6.80 32.19 13.51
N ASN D 950 5.70 31.63 14.00
CA ASN D 950 4.65 32.37 14.68
C ASN D 950 4.92 32.41 16.19
N PRO D 951 5.04 33.59 16.80
CA PRO D 951 5.15 33.64 18.27
C PRO D 951 3.88 33.28 18.96
N HIS D 952 2.75 33.27 18.27
CA HIS D 952 1.49 32.83 18.86
C HIS D 952 1.32 31.35 18.63
N ALA D 953 2.42 30.63 18.56
CA ALA D 953 2.41 29.18 18.53
C ALA D 953 3.23 28.59 19.65
N PHE D 954 3.91 29.39 20.44
CA PHE D 954 4.64 28.93 21.62
C PHE D 954 3.86 28.80 22.94
N PRO D 955 3.06 29.77 23.41
CA PRO D 955 2.59 29.68 24.80
C PRO D 955 1.54 28.63 25.09
N SER D 956 0.95 28.00 24.08
CA SER D 956 0.12 26.83 24.33
C SER D 956 0.84 25.55 24.00
N ARG D 957 2.12 25.64 23.65
CA ARG D 957 2.93 24.52 23.20
C ARG D 957 4.08 24.16 24.14
N MET D 958 4.65 25.16 24.81
CA MET D 958 5.72 25.01 25.83
C MET D 958 7.00 24.43 25.26
N THR D 959 7.29 24.71 23.99
CA THR D 959 8.48 24.17 23.34
C THR D 959 9.60 25.18 23.49
N ILE D 960 10.15 25.22 24.70
CA ILE D 960 11.18 26.21 25.05
C ILE D 960 12.58 25.70 24.73
N GLY D 961 12.72 24.40 24.46
CA GLY D 961 13.96 23.91 23.86
C GLY D 961 14.25 24.51 22.50
N MET D 962 13.23 25.00 21.80
CA MET D 962 13.43 25.81 20.62
C MET D 962 13.78 27.24 20.96
N PHE D 963 13.28 27.76 22.08
CA PHE D 963 13.66 29.10 22.52
C PHE D 963 15.13 29.22 22.89
N VAL D 964 15.81 28.12 23.18
CA VAL D 964 17.22 28.19 23.51
C VAL D 964 18.12 27.70 22.37
N GLU D 965 17.64 26.77 21.55
CA GLU D 965 18.41 26.31 20.41
C GLU D 965 18.63 27.43 19.42
N SER D 966 17.67 28.36 19.34
CA SER D 966 17.81 29.49 18.44
C SER D 966 18.89 30.45 18.91
N LEU D 967 19.05 30.59 20.24
CA LEU D 967 20.15 31.42 20.72
C LEU D 967 21.42 30.60 20.89
N ALA D 968 21.30 29.28 20.98
CA ALA D 968 22.49 28.44 20.93
C ALA D 968 23.02 28.30 19.52
N GLY D 969 22.12 28.26 18.54
CA GLY D 969 22.52 28.04 17.16
C GLY D 969 23.36 29.16 16.61
N LYS D 970 22.99 30.40 16.92
CA LYS D 970 23.81 31.54 16.54
C LYS D 970 25.08 31.61 17.37
N ALA D 971 25.07 31.02 18.56
CA ALA D 971 26.27 30.92 19.38
C ALA D 971 27.26 29.89 18.85
N GLY D 972 26.79 28.89 18.13
CA GLY D 972 27.73 27.98 17.50
C GLY D 972 28.14 28.50 16.15
N ALA D 973 27.25 29.25 15.51
CA ALA D 973 27.48 29.68 14.15
C ALA D 973 28.53 30.78 14.08
N LEU D 974 28.51 31.70 15.04
CA LEU D 974 29.48 32.78 15.02
C LEU D 974 30.85 32.31 15.49
N HIS D 975 30.90 31.56 16.58
CA HIS D 975 32.16 31.22 17.21
C HIS D 975 32.81 30.03 16.56
N GLY D 976 32.03 29.15 15.98
CA GLY D 976 32.60 28.03 15.27
C GLY D 976 32.75 26.83 16.16
N ILE D 977 31.84 26.67 17.10
CA ILE D 977 31.78 25.44 17.87
C ILE D 977 30.43 24.82 17.54
N ALA D 978 30.10 23.71 18.16
CA ALA D 978 28.80 23.11 17.92
C ALA D 978 28.28 22.56 19.24
N GLN D 979 27.45 23.35 19.92
CA GLN D 979 27.22 23.16 21.34
C GLN D 979 26.43 21.89 21.64
N ASP D 980 26.81 21.25 22.75
CA ASP D 980 26.11 20.07 23.22
C ASP D 980 24.75 20.45 23.75
N SER D 981 23.76 19.64 23.41
CA SER D 981 22.41 19.81 23.92
C SER D 981 21.88 18.46 24.38
N THR D 982 22.72 17.74 25.11
CA THR D 982 22.26 16.58 25.82
C THR D 982 21.30 17.03 26.92
N PRO D 983 20.21 16.29 27.15
CA PRO D 983 19.36 16.62 28.31
C PRO D 983 20.10 16.41 29.63
N TRP D 984 19.80 17.30 30.58
CA TRP D 984 20.37 17.38 31.92
C TRP D 984 21.86 17.62 31.91
N ILE D 985 22.29 18.68 31.24
CA ILE D 985 23.63 19.20 31.44
C ILE D 985 23.59 20.51 32.21
N PHE D 986 22.50 21.26 32.10
CA PHE D 986 22.34 22.56 32.72
C PHE D 986 21.49 22.40 33.97
N ASN D 987 22.04 22.73 35.11
CA ASN D 987 21.25 22.69 36.33
C ASN D 987 20.48 24.00 36.44
N GLU D 988 19.58 24.06 37.43
CA GLU D 988 18.78 25.26 37.65
C GLU D 988 19.63 26.44 38.11
N ASP D 989 20.81 26.17 38.68
CA ASP D 989 21.76 27.24 38.97
C ASP D 989 22.57 27.64 37.75
N ASP D 990 22.47 26.89 36.65
CA ASP D 990 23.27 27.11 35.45
C ASP D 990 22.34 27.23 34.25
N THR D 991 21.45 28.22 34.31
CA THR D 991 20.61 28.70 33.23
C THR D 991 21.32 28.77 31.89
N PRO D 992 20.81 28.08 30.86
CA PRO D 992 21.46 28.12 29.55
C PRO D 992 21.38 29.47 28.89
N ALA D 993 20.32 30.24 29.14
CA ALA D 993 20.28 31.61 28.67
C ALA D 993 21.31 32.50 29.36
N ASP D 994 21.80 32.10 30.52
CA ASP D 994 23.00 32.69 31.09
C ASP D 994 24.26 32.01 30.59
N TYR D 995 24.16 30.76 30.13
CA TYR D 995 25.33 30.10 29.57
C TYR D 995 25.60 30.55 28.14
N PHE D 996 24.59 30.51 27.28
CA PHE D 996 24.74 31.00 25.91
C PHE D 996 24.71 32.51 25.83
N GLY D 997 24.66 33.21 26.96
CA GLY D 997 24.64 34.65 26.96
C GLY D 997 26.01 35.24 27.15
N GLU D 998 26.92 34.53 27.82
CA GLU D 998 28.28 35.02 27.87
C GLU D 998 28.94 34.93 26.50
N GLN D 999 28.54 33.94 25.70
CA GLN D 999 29.06 33.80 24.34
C GLN D 999 28.63 34.96 23.45
N LEU D 1000 27.33 35.26 23.44
CA LEU D 1000 26.81 36.34 22.59
C LEU D 1000 27.15 37.72 23.13
N ALA D 1001 27.41 37.85 24.42
CA ALA D 1001 27.90 39.14 24.91
C ALA D 1001 29.30 39.40 24.37
N LYS D 1002 30.17 38.41 24.44
CA LYS D 1002 31.52 38.55 23.92
C LYS D 1002 31.54 38.59 22.40
N ALA D 1003 30.50 38.06 21.75
CA ALA D 1003 30.42 38.13 20.30
C ALA D 1003 30.17 39.55 19.83
N GLY D 1004 29.15 40.19 20.39
CA GLY D 1004 28.81 41.54 19.97
C GLY D 1004 27.32 41.70 19.79
N TYR D 1005 26.61 40.58 19.71
CA TYR D 1005 25.16 40.68 19.61
C TYR D 1005 24.55 40.86 21.00
N ASN D 1006 23.24 41.02 21.02
CA ASN D 1006 22.55 41.36 22.25
C ASN D 1006 22.49 40.14 23.15
N TYR D 1007 22.59 40.38 24.46
CA TYR D 1007 22.73 39.32 25.46
C TYR D 1007 21.53 38.38 25.47
N HIS D 1008 20.35 38.87 25.10
CA HIS D 1008 19.13 38.11 25.25
C HIS D 1008 18.73 37.39 23.98
N GLY D 1009 19.60 37.36 22.99
CA GLY D 1009 19.30 36.71 21.73
C GLY D 1009 18.56 37.57 20.74
N ASN D 1010 18.19 38.79 21.11
CA ASN D 1010 17.43 39.65 20.23
C ASN D 1010 18.34 40.31 19.20
N GLU D 1011 17.75 40.67 18.06
CA GLU D 1011 18.48 41.44 17.06
C GLU D 1011 17.55 42.50 16.52
N PRO D 1012 18.00 43.74 16.42
CA PRO D 1012 17.12 44.79 15.93
C PRO D 1012 16.94 44.74 14.43
N MET D 1013 15.81 44.21 13.97
CA MET D 1013 15.52 44.19 12.55
C MET D 1013 14.90 45.50 12.12
N TYR D 1014 14.77 45.69 10.80
CA TYR D 1014 13.96 46.77 10.28
C TYR D 1014 12.79 46.16 9.51
N SER D 1015 12.00 47.00 8.84
CA SER D 1015 10.81 46.58 8.11
C SER D 1015 11.05 46.56 6.61
N GLY D 1016 10.68 45.45 5.97
CA GLY D 1016 10.96 45.28 4.57
C GLY D 1016 9.88 45.81 3.65
N ALA D 1017 8.73 46.19 4.21
CA ALA D 1017 7.63 46.72 3.43
C ALA D 1017 7.49 48.23 3.53
N THR D 1018 7.98 48.84 4.60
CA THR D 1018 7.86 50.28 4.80
C THR D 1018 9.18 51.01 4.75
N GLY D 1019 10.20 50.47 5.43
CA GLY D 1019 11.52 51.07 5.45
C GLY D 1019 11.92 51.59 6.81
N GLU D 1020 10.95 51.91 7.67
CA GLU D 1020 11.23 52.35 9.02
C GLU D 1020 11.67 51.17 9.87
N GLU D 1021 12.23 51.47 11.04
CA GLU D 1021 12.58 50.40 11.95
C GLU D 1021 11.36 49.92 12.71
N LEU D 1022 11.38 48.63 13.04
CA LEU D 1022 10.40 48.08 13.95
C LEU D 1022 10.61 48.62 15.35
N ARG D 1023 9.58 48.46 16.17
CA ARG D 1023 9.62 48.91 17.55
C ARG D 1023 10.44 47.95 18.42
N ALA D 1024 10.12 46.67 18.36
CA ALA D 1024 10.75 45.69 19.22
C ALA D 1024 12.13 45.29 18.66
N ASP D 1025 12.83 44.50 19.45
CA ASP D 1025 14.04 43.82 19.00
C ASP D 1025 13.69 42.38 18.69
N ILE D 1026 14.09 41.91 17.52
CA ILE D 1026 13.56 40.68 16.96
C ILE D 1026 14.46 39.52 17.36
N TYR D 1027 13.80 38.45 17.82
CA TYR D 1027 14.53 37.24 18.25
C TYR D 1027 14.87 36.48 16.98
N VAL D 1028 16.17 36.47 16.67
CA VAL D 1028 16.69 35.86 15.45
C VAL D 1028 17.68 34.79 15.85
N GLY D 1029 17.66 33.65 15.16
CA GLY D 1029 18.67 32.64 15.40
C GLY D 1029 18.82 31.74 14.20
N VAL D 1030 19.40 30.57 14.44
CA VAL D 1030 19.48 29.50 13.45
C VAL D 1030 19.04 28.22 14.13
N VAL D 1031 17.97 27.60 13.62
CA VAL D 1031 17.36 26.42 14.21
C VAL D 1031 17.60 25.32 13.21
N TYR D 1032 17.13 24.10 13.48
CA TYR D 1032 17.28 22.96 12.57
C TYR D 1032 15.89 22.45 12.19
N TYR D 1033 15.54 22.57 10.91
CA TYR D 1033 14.22 22.17 10.42
C TYR D 1033 14.25 20.89 9.61
N GLN D 1034 13.11 20.21 9.60
CA GLN D 1034 12.97 18.90 8.99
C GLN D 1034 11.80 18.94 8.02
N ARG D 1035 12.09 18.85 6.73
CA ARG D 1035 11.04 18.90 5.72
C ARG D 1035 10.36 17.54 5.63
N LEU D 1036 9.05 17.51 5.84
CA LEU D 1036 8.41 16.23 6.14
C LEU D 1036 8.17 15.42 4.87
N ARG D 1037 7.69 14.19 5.06
CA ARG D 1037 7.37 13.31 3.95
C ARG D 1037 6.12 13.76 3.23
N HIS D 1038 4.97 13.68 3.89
CA HIS D 1038 3.70 13.88 3.22
C HIS D 1038 3.46 15.36 2.95
N MET D 1039 3.12 15.65 1.70
CA MET D 1039 2.99 17.00 1.17
C MET D 1039 1.59 17.19 0.61
N VAL D 1040 1.27 18.42 0.20
CA VAL D 1040 -0.03 18.73 -0.37
C VAL D 1040 -0.05 18.55 -1.87
N ASN D 1041 1.11 18.23 -2.46
CA ASN D 1041 1.26 18.06 -3.90
C ASN D 1041 0.78 16.68 -4.38
N ASP D 1042 0.12 15.92 -3.50
CA ASP D 1042 -0.63 14.74 -3.90
C ASP D 1042 -1.95 14.64 -3.13
N LYS D 1043 -2.57 15.78 -2.82
CA LYS D 1043 -3.77 15.80 -2.00
C LYS D 1043 -4.98 16.41 -2.70
N PHE D 1044 -4.83 17.58 -3.32
CA PHE D 1044 -5.98 18.28 -3.89
C PHE D 1044 -6.41 17.66 -5.21
N GLN D 1045 -7.64 17.97 -5.59
CA GLN D 1045 -8.20 17.47 -6.85
C GLN D 1045 -9.34 18.39 -7.25
N VAL D 1046 -9.89 18.16 -8.45
CA VAL D 1046 -11.00 18.95 -8.97
C VAL D 1046 -11.84 18.02 -9.84
N ARG D 1047 -13.15 18.21 -9.82
CA ARG D 1047 -14.02 17.44 -10.69
C ARG D 1047 -15.22 18.29 -11.04
N SER D 1048 -15.47 18.46 -12.33
CA SER D 1048 -16.69 19.09 -12.80
C SER D 1048 -17.67 18.08 -13.36
N THR D 1049 -17.19 17.19 -14.22
CA THR D 1049 -18.05 16.21 -14.86
C THR D 1049 -17.22 15.00 -15.25
N GLY D 1050 -17.90 13.89 -15.48
CA GLY D 1050 -17.22 12.71 -15.97
C GLY D 1050 -17.93 11.39 -15.69
N PRO D 1051 -17.15 10.41 -15.25
CA PRO D 1051 -17.59 9.00 -15.34
C PRO D 1051 -18.69 8.61 -14.38
N VAL D 1052 -19.89 8.44 -14.90
CA VAL D 1052 -20.98 7.89 -14.10
C VAL D 1052 -20.78 6.38 -13.94
N ASN D 1053 -21.57 5.78 -13.07
CA ASN D 1053 -21.57 4.34 -12.92
C ASN D 1053 -22.81 3.78 -13.63
N SER D 1054 -22.98 2.46 -13.60
CA SER D 1054 -24.10 1.78 -14.23
C SER D 1054 -25.26 1.57 -13.28
N LEU D 1055 -24.96 1.03 -12.09
CA LEU D 1055 -25.98 0.72 -11.11
C LEU D 1055 -26.63 1.97 -10.53
N THR D 1056 -25.92 3.09 -10.56
CA THR D 1056 -26.32 4.31 -9.88
C THR D 1056 -26.49 5.49 -10.80
N MET D 1057 -25.83 5.49 -11.97
CA MET D 1057 -25.60 6.68 -12.78
C MET D 1057 -24.98 7.80 -11.95
N GLN D 1058 -24.04 7.43 -11.09
CA GLN D 1058 -23.41 8.40 -10.23
C GLN D 1058 -21.90 8.41 -10.44
N PRO D 1059 -21.23 9.55 -10.19
CA PRO D 1059 -19.79 9.67 -10.43
C PRO D 1059 -18.86 8.71 -9.69
N VAL D 1060 -17.57 8.82 -9.99
CA VAL D 1060 -16.60 7.78 -9.69
C VAL D 1060 -15.62 8.29 -8.64
N LYS D 1061 -15.11 7.37 -7.83
CA LYS D 1061 -14.05 7.61 -6.86
C LYS D 1061 -12.69 7.49 -7.56
N GLY D 1062 -11.66 8.11 -6.96
CA GLY D 1062 -10.30 7.85 -7.36
C GLY D 1062 -9.49 9.06 -7.75
N ARG D 1063 -8.43 9.32 -6.99
CA ARG D 1063 -7.59 10.49 -7.21
C ARG D 1063 -6.80 10.40 -8.51
N LYS D 1064 -6.51 9.18 -8.96
CA LYS D 1064 -5.95 8.94 -10.28
C LYS D 1064 -7.04 8.65 -11.32
N ARG D 1065 -8.32 8.88 -10.96
CA ARG D 1065 -9.45 8.50 -11.80
C ARG D 1065 -10.56 9.54 -11.83
N HIS D 1066 -10.24 10.81 -11.61
CA HIS D 1066 -11.21 11.92 -11.47
C HIS D 1066 -12.21 11.63 -10.35
N GLY D 1067 -11.67 11.66 -9.12
CA GLY D 1067 -12.48 11.29 -7.96
C GLY D 1067 -13.59 12.30 -7.69
N GLY D 1068 -14.76 11.76 -7.37
CA GLY D 1068 -15.92 12.58 -7.08
C GLY D 1068 -16.03 12.86 -5.59
N ILE D 1069 -16.33 14.11 -5.27
CA ILE D 1069 -16.52 14.49 -3.88
C ILE D 1069 -17.80 13.84 -3.37
N ARG D 1070 -17.76 13.35 -2.14
CA ARG D 1070 -18.92 12.72 -1.52
C ARG D 1070 -19.61 13.72 -0.60
N VAL D 1071 -20.89 13.97 -0.89
CA VAL D 1071 -21.78 14.68 0.03
C VAL D 1071 -22.53 13.60 0.82
N GLY D 1072 -22.22 13.48 2.11
CA GLY D 1072 -22.61 12.35 2.90
C GLY D 1072 -23.74 12.62 3.86
N GLU D 1073 -23.79 11.79 4.91
CA GLU D 1073 -24.97 11.68 5.79
C GLU D 1073 -25.17 12.94 6.61
N MET D 1074 -24.15 13.33 7.37
CA MET D 1074 -24.17 14.58 8.12
C MET D 1074 -23.89 15.79 7.24
N GLU D 1075 -23.60 15.58 5.95
CA GLU D 1075 -23.68 16.66 4.99
C GLU D 1075 -25.10 16.85 4.49
N ARG D 1076 -25.87 15.77 4.42
CA ARG D 1076 -27.28 15.87 4.07
C ARG D 1076 -28.05 16.63 5.13
N ASP D 1077 -27.72 16.38 6.40
CA ASP D 1077 -28.47 16.93 7.53
C ASP D 1077 -27.82 18.18 8.09
N ALA D 1078 -27.26 19.01 7.23
CA ALA D 1078 -26.85 20.35 7.63
C ALA D 1078 -27.44 21.33 6.64
N LEU D 1079 -27.61 20.89 5.40
CA LEU D 1079 -28.36 21.67 4.44
C LEU D 1079 -29.83 21.78 4.84
N ILE D 1080 -30.38 20.71 5.43
CA ILE D 1080 -31.71 20.82 6.02
C ILE D 1080 -31.67 21.80 7.18
N GLY D 1081 -30.61 21.77 7.97
CA GLY D 1081 -30.52 22.62 9.13
C GLY D 1081 -30.34 24.10 8.82
N HIS D 1082 -29.75 24.41 7.68
CA HIS D 1082 -29.78 25.80 7.24
C HIS D 1082 -31.17 26.21 6.78
N GLY D 1083 -32.04 25.24 6.49
CA GLY D 1083 -33.35 25.52 5.94
C GLY D 1083 -33.41 25.52 4.44
N THR D 1084 -32.26 25.60 3.78
CA THR D 1084 -32.21 25.56 2.33
C THR D 1084 -32.62 24.19 1.78
N SER D 1085 -33.46 24.22 0.76
CA SER D 1085 -33.89 23.01 0.06
C SER D 1085 -33.79 23.20 -1.44
N PHE D 1086 -32.92 24.09 -1.89
CA PHE D 1086 -32.44 24.08 -3.27
C PHE D 1086 -30.92 24.00 -3.34
N LEU D 1087 -30.23 24.14 -2.21
CA LEU D 1087 -28.87 23.67 -2.06
C LEU D 1087 -28.82 22.21 -1.65
N LEU D 1088 -29.98 21.60 -1.44
CA LEU D 1088 -30.07 20.16 -1.30
C LEU D 1088 -30.71 19.50 -2.49
N GLN D 1089 -31.63 20.16 -3.18
CA GLN D 1089 -32.16 19.63 -4.41
C GLN D 1089 -31.16 19.75 -5.54
N ASP D 1090 -30.17 20.64 -5.40
CA ASP D 1090 -29.03 20.68 -6.30
C ASP D 1090 -28.18 19.43 -6.16
N ARG D 1091 -27.90 19.03 -4.93
CA ARG D 1091 -26.82 18.09 -4.66
C ARG D 1091 -27.25 16.65 -4.50
N LEU D 1092 -28.52 16.35 -4.73
CA LEU D 1092 -28.95 14.96 -4.70
C LEU D 1092 -29.77 14.57 -5.91
N LEU D 1093 -30.28 15.52 -6.69
CA LEU D 1093 -30.83 15.19 -8.00
C LEU D 1093 -30.15 15.96 -9.13
N ASN D 1094 -30.09 17.29 -9.05
CA ASN D 1094 -29.68 18.11 -10.19
C ASN D 1094 -28.20 17.98 -10.53
N SER D 1095 -27.39 17.39 -9.68
CA SER D 1095 -25.99 17.22 -10.03
C SER D 1095 -25.45 15.87 -9.61
N SER D 1096 -26.33 14.90 -9.36
CA SER D 1096 -25.86 13.52 -9.31
C SER D 1096 -26.50 12.66 -10.39
N ASP D 1097 -27.81 12.46 -10.37
CA ASP D 1097 -28.47 11.54 -11.29
C ASP D 1097 -29.80 12.12 -11.77
N TYR D 1098 -29.76 13.34 -12.30
CA TYR D 1098 -30.94 14.01 -12.84
C TYR D 1098 -31.45 13.25 -14.05
N THR D 1099 -32.49 12.45 -13.84
CA THR D 1099 -33.02 11.56 -14.86
C THR D 1099 -34.50 11.85 -15.05
N GLN D 1100 -34.91 11.96 -16.31
CA GLN D 1100 -36.31 12.15 -16.67
C GLN D 1100 -36.81 10.86 -17.31
N ALA D 1101 -37.31 9.95 -16.50
CA ALA D 1101 -37.83 8.69 -17.00
C ALA D 1101 -39.29 8.85 -17.39
N SER D 1102 -39.92 7.73 -17.75
CA SER D 1102 -41.30 7.71 -18.19
C SER D 1102 -42.09 6.78 -17.28
N VAL D 1103 -43.28 7.23 -16.87
CA VAL D 1103 -44.11 6.51 -15.92
C VAL D 1103 -45.46 6.24 -16.56
N CYS D 1104 -45.86 4.97 -16.57
CA CYS D 1104 -47.22 4.63 -16.96
C CYS D 1104 -48.20 5.07 -15.87
N ARG D 1105 -49.24 5.77 -16.28
CA ARG D 1105 -50.17 6.40 -15.35
C ARG D 1105 -51.41 5.54 -15.09
N GLU D 1106 -51.31 4.23 -15.35
CA GLU D 1106 -52.33 3.31 -14.85
C GLU D 1106 -51.75 2.27 -13.91
N CYS D 1107 -50.68 1.59 -14.32
CA CYS D 1107 -50.11 0.53 -13.50
C CYS D 1107 -49.08 1.03 -12.51
N GLY D 1108 -48.52 2.23 -12.74
CA GLY D 1108 -47.57 2.80 -11.82
C GLY D 1108 -46.23 2.11 -11.82
N SER D 1109 -45.46 2.26 -12.89
CA SER D 1109 -44.11 1.74 -12.95
C SER D 1109 -43.23 2.69 -13.74
N ILE D 1110 -41.92 2.41 -13.71
CA ILE D 1110 -40.91 3.23 -14.37
C ILE D 1110 -40.10 2.38 -15.34
N LEU D 1111 -39.70 1.18 -14.93
CA LEU D 1111 -38.93 0.29 -15.78
C LEU D 1111 -39.73 -0.19 -16.98
N THR D 1112 -40.98 -0.58 -16.77
CA THR D 1112 -41.77 -1.26 -17.79
C THR D 1112 -42.36 -0.31 -18.82
N THR D 1113 -42.07 0.98 -18.74
CA THR D 1113 -42.32 1.83 -19.90
C THR D 1113 -41.23 1.60 -20.93
N GLN D 1114 -41.53 1.96 -22.18
CA GLN D 1114 -40.71 1.55 -23.31
C GLN D 1114 -41.02 2.37 -24.56
N GLN D 1115 -39.99 2.89 -25.22
CA GLN D 1115 -40.17 3.51 -26.52
C GLN D 1115 -40.52 2.44 -27.54
N SER D 1116 -41.59 2.67 -28.29
CA SER D 1116 -42.08 1.66 -29.22
C SER D 1116 -41.18 1.55 -30.44
N VAL D 1117 -40.85 0.33 -30.82
CA VAL D 1117 -40.13 0.05 -32.05
C VAL D 1117 -41.15 0.19 -33.17
N PRO D 1118 -41.07 1.23 -34.00
CA PRO D 1118 -42.17 1.52 -34.91
C PRO D 1118 -42.17 0.60 -36.12
N ARG D 1119 -43.33 0.55 -36.76
CA ARG D 1119 -43.41 0.15 -38.16
C ARG D 1119 -42.58 1.13 -38.98
N ILE D 1120 -42.06 0.67 -40.13
CA ILE D 1120 -41.05 1.37 -40.91
C ILE D 1120 -41.48 2.72 -41.46
N GLY D 1121 -42.77 3.03 -41.38
CA GLY D 1121 -43.25 4.37 -41.64
C GLY D 1121 -43.92 4.99 -40.43
N SER D 1122 -43.94 4.28 -39.32
CA SER D 1122 -44.59 4.76 -38.10
C SER D 1122 -43.60 5.49 -37.20
N ILE D 1123 -44.14 6.08 -36.14
CA ILE D 1123 -43.41 7.00 -35.27
C ILE D 1123 -43.27 6.36 -33.90
N SER D 1124 -42.06 6.36 -33.37
CA SER D 1124 -41.72 5.67 -32.13
C SER D 1124 -42.37 6.38 -30.95
N THR D 1125 -43.48 5.83 -30.46
CA THR D 1125 -44.16 6.37 -29.29
C THR D 1125 -43.68 5.63 -28.04
N VAL D 1126 -44.33 5.88 -26.91
CA VAL D 1126 -43.96 5.28 -25.63
C VAL D 1126 -45.11 4.39 -25.17
N CYS D 1127 -44.82 3.11 -24.97
CA CYS D 1127 -45.82 2.13 -24.58
C CYS D 1127 -45.32 1.31 -23.41
N CYS D 1128 -46.21 0.97 -22.49
CA CYS D 1128 -45.84 0.23 -21.29
C CYS D 1128 -45.90 -1.27 -21.54
N ARG D 1129 -45.59 -2.07 -20.51
CA ARG D 1129 -45.56 -3.51 -20.65
C ARG D 1129 -46.73 -4.21 -19.96
N ARG D 1130 -46.96 -3.99 -18.67
CA ARG D 1130 -47.99 -4.80 -18.01
C ARG D 1130 -49.39 -4.29 -18.25
N CYS D 1131 -49.56 -3.03 -18.64
CA CYS D 1131 -50.85 -2.61 -19.19
C CYS D 1131 -51.05 -3.16 -20.60
N SER D 1132 -49.98 -3.57 -21.27
CA SER D 1132 -50.07 -4.09 -22.63
C SER D 1132 -50.34 -5.58 -22.61
N MET D 1133 -51.45 -5.98 -23.21
CA MET D 1133 -51.76 -7.37 -23.49
C MET D 1133 -51.64 -7.57 -25.00
N ARG D 1134 -51.28 -8.78 -25.43
CA ARG D 1134 -51.09 -9.04 -26.84
C ARG D 1134 -52.42 -9.05 -27.59
N PHE D 1135 -52.34 -8.98 -28.92
CA PHE D 1135 -53.52 -8.87 -29.76
C PHE D 1135 -54.34 -10.14 -29.79
N GLU D 1136 -53.76 -11.28 -29.37
CA GLU D 1136 -54.42 -12.58 -29.45
C GLU D 1136 -55.70 -12.62 -28.62
N ASP D 1137 -55.73 -11.93 -27.49
CA ASP D 1137 -56.93 -11.84 -26.67
C ASP D 1137 -57.85 -10.79 -27.27
N ALA D 1138 -58.66 -11.22 -28.23
CA ALA D 1138 -59.58 -10.32 -28.93
C ALA D 1138 -60.92 -11.02 -29.19
N LYS D 1139 -61.46 -11.66 -28.17
CA LYS D 1139 -62.75 -12.35 -28.29
C LYS D 1139 -63.90 -11.34 -28.40
N LYS D 1140 -65.08 -11.88 -28.71
CA LYS D 1140 -66.28 -11.06 -28.87
C LYS D 1140 -67.47 -11.66 -28.12
N GLY D 1148 -73.26 -4.15 -30.21
CA GLY D 1148 -72.13 -4.20 -31.10
C GLY D 1148 -71.92 -5.59 -31.68
N GLU D 1149 -71.22 -5.65 -32.81
CA GLU D 1149 -70.93 -6.93 -33.45
C GLU D 1149 -69.45 -7.15 -33.77
N LYS D 1150 -68.58 -6.18 -33.55
CA LYS D 1150 -67.15 -6.41 -33.73
C LYS D 1150 -66.34 -5.60 -32.73
N ILE D 1151 -65.04 -5.86 -32.72
CA ILE D 1151 -64.10 -5.37 -31.73
C ILE D 1151 -63.00 -4.53 -32.37
N PHE D 1152 -63.36 -3.79 -33.43
CA PHE D 1152 -62.42 -3.00 -34.21
C PHE D 1152 -61.72 -1.95 -33.37
N ILE D 1153 -60.49 -1.61 -33.77
CA ILE D 1153 -59.65 -0.69 -33.02
C ILE D 1153 -59.46 0.57 -33.85
N ASP D 1154 -59.41 1.71 -33.17
CA ASP D 1154 -59.19 3.00 -33.82
C ASP D 1154 -57.72 3.40 -33.88
N ASP D 1155 -56.82 2.41 -33.97
CA ASP D 1155 -55.37 2.59 -34.12
C ASP D 1155 -54.79 3.40 -32.94
N SER D 1156 -55.01 2.89 -31.74
CA SER D 1156 -54.52 3.57 -30.54
C SER D 1156 -53.55 2.73 -29.74
N GLN D 1157 -53.95 1.55 -29.29
CA GLN D 1157 -53.11 0.72 -28.44
C GLN D 1157 -52.26 -0.25 -29.24
N ILE D 1158 -52.35 -0.22 -30.56
CA ILE D 1158 -51.69 -1.21 -31.41
C ILE D 1158 -50.25 -0.79 -31.60
N TRP D 1159 -49.33 -1.48 -30.93
CA TRP D 1159 -47.91 -1.21 -31.08
C TRP D 1159 -47.18 -2.53 -31.12
N GLU D 1160 -45.98 -2.50 -31.66
CA GLU D 1160 -45.15 -3.69 -31.77
C GLU D 1160 -43.77 -3.37 -31.25
N ASP D 1161 -43.03 -4.43 -30.93
CA ASP D 1161 -41.66 -4.33 -30.47
C ASP D 1161 -40.72 -4.68 -31.61
N GLY D 1162 -39.43 -4.83 -31.29
CA GLY D 1162 -38.50 -5.38 -32.26
C GLY D 1162 -38.73 -6.86 -32.50
N GLN D 1163 -39.32 -7.56 -31.54
CA GLN D 1163 -39.73 -8.94 -31.76
C GLN D 1163 -40.91 -9.02 -32.73
N GLY D 1164 -41.77 -8.02 -32.71
CA GLY D 1164 -42.86 -7.92 -33.66
C GLY D 1164 -44.22 -8.27 -33.11
N ASN D 1165 -44.34 -8.49 -31.81
CA ASN D 1165 -45.61 -8.91 -31.24
C ASN D 1165 -46.58 -7.75 -31.19
N LYS D 1166 -47.76 -7.95 -31.76
CA LYS D 1166 -48.83 -6.97 -31.66
C LYS D 1166 -49.38 -6.96 -30.24
N PHE D 1167 -49.21 -5.85 -29.55
CA PHE D 1167 -49.77 -5.67 -28.22
C PHE D 1167 -50.90 -4.66 -28.29
N VAL D 1168 -51.86 -4.82 -27.39
CA VAL D 1168 -52.98 -3.90 -27.22
C VAL D 1168 -52.97 -3.48 -25.75
N GLY D 1169 -52.46 -2.29 -25.49
CA GLY D 1169 -52.42 -1.73 -24.15
C GLY D 1169 -51.10 -1.01 -23.93
N GLY D 1170 -51.04 -0.22 -22.87
CA GLY D 1170 -49.80 0.35 -22.39
C GLY D 1170 -49.54 1.82 -22.67
N ASN D 1171 -50.54 2.59 -23.04
CA ASN D 1171 -50.31 3.99 -23.37
C ASN D 1171 -50.45 4.85 -22.11
N GLU D 1172 -50.57 6.17 -22.31
CA GLU D 1172 -50.81 7.19 -21.28
C GLU D 1172 -49.65 7.25 -20.27
N THR D 1173 -48.52 7.72 -20.77
CA THR D 1173 -47.35 8.00 -19.96
C THR D 1173 -47.05 9.49 -19.92
N THR D 1174 -45.96 9.85 -19.25
CA THR D 1174 -45.55 11.24 -19.04
C THR D 1174 -44.07 11.28 -18.72
N THR D 1175 -43.56 12.48 -18.43
CA THR D 1175 -42.16 12.68 -18.05
C THR D 1175 -42.08 13.20 -16.63
N VAL D 1176 -41.36 12.47 -15.78
CA VAL D 1176 -41.14 12.79 -14.38
C VAL D 1176 -39.67 13.17 -14.22
N ALA D 1177 -39.23 13.42 -12.99
CA ALA D 1177 -37.81 13.61 -12.70
C ALA D 1177 -37.48 12.82 -11.44
N ILE D 1178 -36.76 11.73 -11.58
CA ILE D 1178 -36.42 10.86 -10.46
C ILE D 1178 -34.90 10.79 -10.37
N PRO D 1179 -34.35 10.42 -9.22
CA PRO D 1179 -32.99 9.92 -9.21
C PRO D 1179 -32.94 8.53 -9.83
N PHE D 1180 -31.81 8.23 -10.49
CA PHE D 1180 -31.69 6.95 -11.19
C PHE D 1180 -31.65 5.79 -10.21
N VAL D 1181 -31.20 6.04 -8.98
CA VAL D 1181 -31.05 4.96 -8.02
C VAL D 1181 -32.40 4.43 -7.58
N LEU D 1182 -33.43 5.28 -7.65
CA LEU D 1182 -34.80 4.85 -7.44
C LEU D 1182 -35.21 3.79 -8.46
N LYS D 1183 -34.81 4.00 -9.72
CA LYS D 1183 -35.05 3.01 -10.76
C LYS D 1183 -34.28 1.72 -10.48
N TYR D 1184 -33.09 1.84 -9.90
CA TYR D 1184 -32.32 0.66 -9.53
C TYR D 1184 -32.95 -0.07 -8.36
N LEU D 1185 -33.47 0.67 -7.39
CA LEU D 1185 -34.12 0.04 -6.25
C LEU D 1185 -35.41 -0.66 -6.68
N ASP D 1186 -36.10 -0.06 -7.66
CA ASP D 1186 -37.36 -0.61 -8.14
C ASP D 1186 -37.14 -1.97 -8.79
N SER D 1187 -36.01 -2.13 -9.48
CA SER D 1187 -35.63 -3.46 -9.95
C SER D 1187 -35.28 -4.36 -8.79
N GLU D 1188 -34.54 -3.84 -7.82
CA GLU D 1188 -34.15 -4.66 -6.68
C GLU D 1188 -35.31 -4.88 -5.72
N LEU D 1189 -36.33 -4.04 -5.77
CA LEU D 1189 -37.57 -4.38 -5.08
C LEU D 1189 -38.37 -5.40 -5.88
N SER D 1190 -38.24 -5.36 -7.21
CA SER D 1190 -38.89 -6.38 -8.02
C SER D 1190 -38.22 -7.74 -7.85
N ALA D 1191 -36.92 -7.75 -7.55
CA ALA D 1191 -36.21 -9.00 -7.30
C ALA D 1191 -36.72 -9.69 -6.06
N MET D 1192 -37.15 -8.92 -5.07
CA MET D 1192 -37.81 -9.52 -3.92
C MET D 1192 -39.23 -9.93 -4.23
N GLY D 1193 -39.82 -9.37 -5.28
CA GLY D 1193 -41.23 -9.54 -5.55
C GLY D 1193 -42.10 -8.43 -5.03
N ILE D 1194 -41.58 -7.20 -4.93
CA ILE D 1194 -42.28 -6.08 -4.34
C ILE D 1194 -42.35 -4.94 -5.34
N ARG D 1195 -43.56 -4.55 -5.72
CA ARG D 1195 -43.74 -3.48 -6.67
C ARG D 1195 -43.64 -2.12 -6.00
N LEU D 1196 -43.64 -1.08 -6.81
CA LEU D 1196 -43.81 0.29 -6.34
C LEU D 1196 -44.89 0.92 -7.22
N ARG D 1197 -46.14 0.72 -6.84
CA ARG D 1197 -47.27 1.28 -7.57
C ARG D 1197 -47.34 2.76 -7.25
N TYR D 1198 -46.76 3.59 -8.13
CA TYR D 1198 -46.69 5.01 -7.84
C TYR D 1198 -48.04 5.69 -8.08
N ASN D 1199 -48.06 6.98 -7.79
CA ASN D 1199 -49.14 7.87 -8.18
C ASN D 1199 -48.52 9.09 -8.83
N VAL D 1200 -49.07 9.49 -9.96
CA VAL D 1200 -48.58 10.65 -10.72
C VAL D 1200 -49.76 11.58 -10.95
N GLU D 1201 -49.67 12.80 -10.40
CA GLU D 1201 -50.89 13.55 -10.13
C GLU D 1201 -51.62 14.27 -11.27
N PRO D 1202 -50.96 14.84 -12.31
CA PRO D 1202 -51.77 15.36 -13.42
C PRO D 1202 -52.47 14.23 -14.15
N LYS D 1203 -53.78 14.14 -13.93
CA LYS D 1203 -54.61 13.12 -14.53
C LYS D 1203 -55.94 13.74 -14.93
N GLU E 30 3.95 73.78 2.47
CA GLU E 30 4.64 73.54 1.21
C GLU E 30 6.07 73.10 1.48
N TRP E 31 6.54 72.15 0.68
CA TRP E 31 7.88 71.59 0.84
C TRP E 31 8.55 71.59 -0.53
N ASN E 32 9.47 72.52 -0.74
CA ASN E 32 10.16 72.61 -2.01
C ASN E 32 11.13 71.45 -2.16
N VAL E 33 11.32 70.99 -3.41
CA VAL E 33 12.29 69.93 -3.67
C VAL E 33 13.69 70.50 -3.84
N GLU E 34 13.82 71.82 -3.89
CA GLU E 34 15.13 72.46 -3.92
C GLU E 34 15.59 72.86 -2.54
N LYS E 35 14.76 72.65 -1.53
CA LYS E 35 15.19 72.58 -0.14
C LYS E 35 15.71 71.19 0.19
N PHE E 36 15.23 70.19 -0.54
CA PHE E 36 15.69 68.81 -0.37
C PHE E 36 17.14 68.67 -0.78
N LYS E 37 17.57 69.44 -1.78
CA LYS E 37 18.96 69.41 -2.20
C LYS E 37 19.87 70.02 -1.15
N LYS E 38 19.38 71.01 -0.40
CA LYS E 38 20.18 71.56 0.67
C LYS E 38 20.15 70.71 1.93
N ASP E 39 19.31 69.69 1.98
CA ASP E 39 19.31 68.73 3.07
C ASP E 39 19.45 67.32 2.50
N PHE E 40 20.46 67.10 1.69
CA PHE E 40 20.78 65.76 1.23
C PHE E 40 22.28 65.68 0.99
N GLU E 41 22.99 65.01 1.89
CA GLU E 41 24.42 64.83 1.78
C GLU E 41 24.73 63.35 1.62
N VAL E 42 25.91 63.06 1.06
CA VAL E 42 26.37 61.69 0.87
C VAL E 42 27.79 61.59 1.39
N ASN E 43 28.02 60.71 2.35
CA ASN E 43 29.35 60.40 2.83
C ASN E 43 29.71 59.02 2.33
N ILE E 44 30.51 58.95 1.27
CA ILE E 44 31.06 57.67 0.84
C ILE E 44 32.23 57.35 1.75
N SER E 45 32.12 56.28 2.51
CA SER E 45 33.17 55.93 3.47
C SER E 45 34.23 55.08 2.79
N SER E 46 33.86 53.88 2.35
CA SER E 46 34.80 52.89 1.86
C SER E 46 34.26 52.31 0.56
N LEU E 47 34.89 52.67 -0.55
CA LEU E 47 34.42 52.29 -1.87
C LEU E 47 35.41 51.29 -2.47
N ASP E 48 34.97 50.05 -2.61
CA ASP E 48 35.77 48.98 -3.19
C ASP E 48 35.00 48.42 -4.38
N ALA E 49 35.70 47.65 -5.22
CA ALA E 49 35.11 47.03 -6.39
C ALA E 49 34.26 45.80 -6.08
N ARG E 50 34.00 45.51 -4.81
CA ARG E 50 32.97 44.52 -4.49
C ARG E 50 31.97 45.06 -3.48
N GLU E 51 32.40 45.92 -2.57
CA GLU E 51 31.44 46.56 -1.69
C GLU E 51 31.69 48.06 -1.64
N ALA E 52 30.63 48.80 -1.37
CA ALA E 52 30.70 50.23 -1.13
C ALA E 52 29.84 50.56 0.07
N ASN E 53 30.41 51.33 1.00
CA ASN E 53 29.74 51.72 2.23
C ASN E 53 29.58 53.23 2.20
N PHE E 54 28.38 53.69 1.91
CA PHE E 54 28.14 55.12 1.73
C PHE E 54 26.92 55.57 2.52
N ASP E 55 26.89 56.86 2.80
CA ASP E 55 25.88 57.44 3.67
C ASP E 55 24.90 58.28 2.87
N LEU E 56 23.67 58.36 3.35
CA LEU E 56 22.62 59.21 2.80
C LEU E 56 22.04 60.05 3.92
N ILE E 57 22.38 61.33 3.94
CA ILE E 57 21.98 62.23 5.00
C ILE E 57 20.64 62.86 4.61
N ASN E 58 19.66 62.76 5.51
CA ASN E 58 18.38 63.47 5.45
C ASN E 58 17.60 63.13 4.19
N ILE E 59 17.18 61.88 4.12
CA ILE E 59 16.29 61.40 3.08
C ILE E 59 15.31 60.50 3.79
N ASP E 60 14.19 60.19 3.14
CA ASP E 60 13.12 59.50 3.84
C ASP E 60 13.30 57.98 3.74
N THR E 61 12.74 57.28 4.75
CA THR E 61 12.65 55.82 4.87
C THR E 61 11.73 55.23 3.88
N SER E 62 11.06 56.01 3.04
CA SER E 62 10.35 55.48 1.90
C SER E 62 10.97 55.87 0.57
N ILE E 63 11.83 56.89 0.53
CA ILE E 63 12.65 57.12 -0.64
C ILE E 63 13.89 56.23 -0.61
N ALA E 64 14.58 56.20 0.54
CA ALA E 64 15.75 55.35 0.67
C ALA E 64 15.41 53.86 0.71
N ASN E 65 14.19 53.51 1.08
CA ASN E 65 13.76 52.13 0.88
C ASN E 65 13.62 51.83 -0.60
N ALA E 66 13.09 52.78 -1.37
CA ALA E 66 12.84 52.56 -2.79
C ALA E 66 14.11 52.36 -3.60
N PHE E 67 15.20 53.03 -3.22
CA PHE E 67 16.50 52.71 -3.77
C PHE E 67 16.90 51.29 -3.44
N ARG E 68 16.78 50.94 -2.16
CA ARG E 68 17.05 49.58 -1.72
C ARG E 68 16.01 48.61 -2.29
N ARG E 69 14.84 49.11 -2.67
CA ARG E 69 13.84 48.24 -3.26
C ARG E 69 14.19 47.92 -4.70
N ILE E 70 14.96 48.77 -5.37
CA ILE E 70 15.36 48.46 -6.74
C ILE E 70 16.58 47.55 -6.76
N MET E 71 17.58 47.86 -5.93
CA MET E 71 18.90 47.25 -6.03
C MET E 71 18.91 45.76 -5.73
N ILE E 72 17.92 45.25 -5.03
CA ILE E 72 17.78 43.80 -4.97
C ILE E 72 17.12 43.29 -6.24
N SER E 73 15.98 43.85 -6.61
CA SER E 73 15.13 43.21 -7.61
C SER E 73 15.25 43.81 -9.00
N GLU E 74 14.92 45.08 -9.17
CA GLU E 74 14.65 45.62 -10.50
C GLU E 74 15.90 45.92 -11.31
N VAL E 75 17.08 45.70 -10.76
CA VAL E 75 18.30 45.97 -11.53
C VAL E 75 18.50 44.77 -12.45
N PRO E 76 18.85 44.98 -13.72
CA PRO E 76 19.04 43.84 -14.63
C PRO E 76 20.38 43.16 -14.42
N SER E 77 20.36 41.83 -14.41
CA SER E 77 21.60 41.07 -14.26
C SER E 77 21.48 39.74 -15.01
N VAL E 78 22.60 39.30 -15.58
CA VAL E 78 22.65 38.20 -16.55
C VAL E 78 22.88 36.89 -15.81
N ALA E 79 22.10 35.88 -16.14
CA ALA E 79 22.34 34.52 -15.69
C ALA E 79 21.72 33.58 -16.72
N ALA E 80 21.56 32.32 -16.36
CA ALA E 80 21.17 31.29 -17.31
C ALA E 80 19.93 30.59 -16.82
N GLU E 81 18.87 30.63 -17.62
CA GLU E 81 17.69 29.85 -17.32
C GLU E 81 17.76 28.48 -17.97
N TYR E 82 18.43 28.36 -19.11
CA TYR E 82 18.27 27.22 -20.00
C TYR E 82 19.56 26.43 -20.06
N VAL E 83 19.47 25.15 -19.70
CA VAL E 83 20.61 24.25 -19.65
C VAL E 83 20.27 23.10 -20.59
N TYR E 84 20.88 23.09 -21.78
CA TYR E 84 20.66 22.04 -22.77
C TYR E 84 21.67 20.94 -22.53
N PHE E 85 21.26 19.88 -21.85
CA PHE E 85 22.13 18.73 -21.72
C PHE E 85 22.25 18.00 -23.03
N PHE E 86 23.47 17.70 -23.42
CA PHE E 86 23.71 16.63 -24.36
C PHE E 86 24.01 15.35 -23.61
N ASN E 87 25.08 15.35 -22.83
CA ASN E 87 25.50 14.12 -22.20
C ASN E 87 25.87 14.42 -20.76
N ASN E 88 25.33 13.59 -19.87
CA ASN E 88 25.72 13.60 -18.46
C ASN E 88 25.28 12.28 -17.89
N THR E 89 26.23 11.47 -17.45
CA THR E 89 25.92 10.20 -16.82
C THR E 89 26.28 10.22 -15.34
N SER E 90 26.79 11.34 -14.83
CA SER E 90 27.45 11.40 -13.53
C SER E 90 26.44 11.35 -12.40
N VAL E 91 26.92 11.59 -11.18
CA VAL E 91 26.12 11.35 -10.00
C VAL E 91 25.16 12.50 -9.76
N ILE E 92 25.67 13.72 -9.85
CA ILE E 92 24.85 14.92 -9.79
C ILE E 92 23.92 14.92 -10.98
N GLN E 93 22.62 14.82 -10.73
CA GLN E 93 21.67 14.57 -11.80
C GLN E 93 21.38 15.80 -12.64
N ASP E 94 20.32 15.71 -13.42
CA ASP E 94 20.05 16.66 -14.48
C ASP E 94 19.68 18.04 -13.96
N GLU E 95 18.51 18.13 -13.35
CA GLU E 95 17.92 19.38 -12.89
C GLU E 95 18.70 20.03 -11.77
N VAL E 96 19.56 19.26 -11.10
CA VAL E 96 20.38 19.76 -10.02
C VAL E 96 21.58 20.53 -10.54
N LEU E 97 22.28 19.96 -11.50
CA LEU E 97 23.38 20.70 -12.10
C LEU E 97 22.86 21.75 -13.06
N ALA E 98 21.65 21.55 -13.57
CA ALA E 98 20.99 22.65 -14.28
C ALA E 98 20.70 23.80 -13.32
N HIS E 99 20.37 23.48 -12.08
CA HIS E 99 20.15 24.51 -11.08
C HIS E 99 21.44 25.24 -10.76
N ARG E 100 22.52 24.53 -10.53
CA ARG E 100 23.70 25.18 -9.98
C ARG E 100 24.55 25.88 -11.02
N ILE E 101 24.28 25.66 -12.30
CA ILE E 101 24.84 26.58 -13.29
C ILE E 101 24.13 27.92 -13.21
N GLY E 102 22.82 27.90 -13.00
CA GLY E 102 22.05 29.13 -12.96
C GLY E 102 22.39 30.03 -11.80
N LEU E 103 22.92 29.46 -10.74
CA LEU E 103 23.31 30.26 -9.58
C LEU E 103 24.68 30.88 -9.73
N VAL E 104 25.38 30.67 -10.84
CA VAL E 104 26.71 31.23 -11.00
C VAL E 104 26.59 32.66 -11.50
N PRO E 105 27.17 33.64 -10.81
CA PRO E 105 27.22 34.99 -11.37
C PRO E 105 28.18 35.10 -12.53
N LEU E 106 27.65 35.17 -13.74
CA LEU E 106 28.48 35.24 -14.93
C LEU E 106 28.87 36.68 -15.13
N LYS E 107 30.18 36.96 -15.18
CA LYS E 107 30.65 38.34 -15.27
C LYS E 107 30.36 38.85 -16.68
N VAL E 108 29.10 39.25 -16.85
CA VAL E 108 28.58 39.76 -18.12
C VAL E 108 27.98 41.11 -17.79
N ASP E 109 28.54 42.16 -18.37
CA ASP E 109 27.97 43.48 -18.16
C ASP E 109 26.63 43.58 -18.88
N PRO E 110 25.56 44.00 -18.20
CA PRO E 110 24.36 44.39 -18.92
C PRO E 110 24.57 45.69 -19.67
N ASP E 111 23.57 46.04 -20.48
CA ASP E 111 23.56 47.03 -21.55
C ASP E 111 24.47 46.65 -22.71
N MET E 112 25.03 45.44 -22.70
CA MET E 112 25.64 44.85 -23.87
C MET E 112 24.85 43.65 -24.35
N LEU E 113 23.75 43.32 -23.68
CA LEU E 113 22.71 42.49 -24.22
C LEU E 113 21.42 43.30 -24.21
N THR E 114 20.45 42.84 -24.98
CA THR E 114 19.12 43.43 -24.95
C THR E 114 18.17 42.42 -24.33
N TRP E 115 16.89 42.77 -24.28
CA TRP E 115 15.91 41.93 -23.63
C TRP E 115 15.36 40.89 -24.57
N VAL E 116 15.17 39.67 -24.03
CA VAL E 116 14.50 38.64 -24.79
C VAL E 116 13.01 39.00 -24.91
N ASP E 117 12.37 38.46 -25.94
CA ASP E 117 10.94 38.63 -26.14
C ASP E 117 10.39 37.22 -26.33
N SER E 118 10.14 36.54 -25.23
CA SER E 118 9.87 35.10 -25.24
C SER E 118 8.40 34.77 -25.48
N ASN E 119 7.68 35.63 -26.17
CA ASN E 119 6.30 35.37 -26.56
C ASN E 119 6.20 34.59 -27.86
N LEU E 120 7.34 34.27 -28.48
CA LEU E 120 7.41 33.55 -29.73
C LEU E 120 8.41 32.42 -29.56
N PRO E 121 8.25 31.31 -30.32
CA PRO E 121 9.11 30.13 -30.07
C PRO E 121 10.58 30.30 -30.42
N ASP E 122 11.33 29.20 -30.29
CA ASP E 122 12.79 29.21 -30.20
C ASP E 122 13.49 29.77 -31.43
N ASP E 123 12.79 29.78 -32.58
CA ASP E 123 13.41 30.10 -33.86
C ASP E 123 13.92 31.53 -33.93
N GLU E 124 13.30 32.45 -33.21
CA GLU E 124 13.81 33.80 -33.06
C GLU E 124 13.74 34.29 -31.62
N LYS E 125 13.47 33.39 -30.67
CA LYS E 125 13.41 33.79 -29.27
C LYS E 125 14.79 34.11 -28.75
N PHE E 126 15.74 33.20 -28.94
CA PHE E 126 17.13 33.43 -28.57
C PHE E 126 17.88 33.91 -29.81
N THR E 127 18.45 35.08 -29.74
CA THR E 127 19.19 35.65 -30.85
C THR E 127 20.68 35.51 -30.60
N ASP E 128 21.46 36.18 -31.43
CA ASP E 128 22.86 36.42 -31.16
C ASP E 128 23.07 37.69 -30.36
N GLU E 129 21.99 38.34 -29.93
CA GLU E 129 22.07 39.64 -29.31
C GLU E 129 21.48 39.67 -27.90
N ASN E 130 20.61 38.72 -27.56
CA ASN E 130 20.06 38.58 -26.22
C ASN E 130 20.81 37.55 -25.39
N THR E 131 21.24 36.48 -26.02
CA THR E 131 21.75 35.30 -25.35
C THR E 131 23.25 35.22 -25.50
N ILE E 132 23.94 34.94 -24.40
CA ILE E 132 25.34 34.51 -24.44
C ILE E 132 25.37 33.02 -24.19
N VAL E 133 26.12 32.29 -25.02
CA VAL E 133 26.02 30.83 -25.09
C VAL E 133 27.28 30.20 -24.53
N LEU E 134 27.09 29.26 -23.60
CA LEU E 134 28.16 28.60 -22.88
C LEU E 134 28.09 27.09 -23.07
N SER E 135 29.25 26.44 -22.98
CA SER E 135 29.34 25.00 -23.12
C SER E 135 30.28 24.42 -22.07
N LEU E 136 29.97 23.21 -21.65
CA LEU E 136 30.78 22.48 -20.67
C LEU E 136 31.11 21.11 -21.23
N ASN E 137 32.40 20.79 -21.27
CA ASN E 137 32.89 19.49 -21.77
C ASN E 137 33.98 19.00 -20.81
N VAL E 138 33.63 18.05 -19.96
CA VAL E 138 34.54 17.53 -18.94
C VAL E 138 34.40 16.01 -18.91
N LYS E 139 35.52 15.30 -19.10
CA LYS E 139 35.57 13.84 -19.06
C LYS E 139 36.58 13.41 -18.02
N CYS E 140 36.19 12.47 -17.16
CA CYS E 140 37.05 11.98 -16.10
C CYS E 140 37.55 10.59 -16.46
N THR E 141 38.84 10.35 -16.24
CA THR E 141 39.47 9.08 -16.56
C THR E 141 40.21 8.56 -15.34
N ARG E 142 40.62 7.29 -15.43
CA ARG E 142 41.46 6.67 -14.41
C ARG E 142 42.92 7.04 -14.67
N ASN E 143 43.50 7.83 -13.77
CA ASN E 143 44.90 8.22 -13.88
C ASN E 143 45.72 7.30 -12.99
N PRO E 144 46.71 6.59 -13.52
CA PRO E 144 47.54 5.73 -12.66
C PRO E 144 48.57 6.54 -11.87
N ASP E 145 48.50 6.44 -10.55
CA ASP E 145 49.46 7.08 -9.67
C ASP E 145 49.56 6.29 -8.37
N ALA E 146 50.71 6.43 -7.71
CA ALA E 146 51.19 5.65 -6.58
C ALA E 146 50.93 6.38 -5.27
N PRO E 147 50.61 5.64 -4.18
CA PRO E 147 50.43 6.22 -2.84
C PRO E 147 51.67 6.93 -2.31
N SER E 150 44.10 5.51 1.45
CA SER E 150 44.23 6.96 1.51
C SER E 150 44.99 7.49 0.28
N THR E 151 44.25 7.99 -0.71
CA THR E 151 44.86 8.57 -1.89
C THR E 151 44.01 9.75 -2.34
N ASP E 152 44.68 10.85 -2.66
CA ASP E 152 44.06 12.10 -3.10
C ASP E 152 43.29 11.90 -4.41
N PRO E 153 42.16 12.59 -4.59
CA PRO E 153 41.38 12.43 -5.82
C PRO E 153 41.80 13.32 -6.99
N LYS E 154 42.64 14.33 -6.78
CA LYS E 154 43.10 15.14 -7.89
C LYS E 154 44.22 14.47 -8.67
N GLU E 155 45.04 13.66 -8.01
CA GLU E 155 46.10 12.94 -8.68
C GLU E 155 45.68 11.56 -9.15
N LEU E 156 44.65 11.00 -8.53
CA LEU E 156 44.17 9.68 -8.94
C LEU E 156 43.32 9.74 -10.20
N TYR E 157 42.81 10.92 -10.57
CA TYR E 157 41.95 11.04 -11.75
C TYR E 157 42.30 12.30 -12.53
N ASN E 158 42.06 12.25 -13.84
CA ASN E 158 42.21 13.41 -14.71
C ASN E 158 40.85 14.07 -14.86
N ASN E 159 40.76 15.35 -14.46
CA ASN E 159 39.54 16.16 -14.47
C ASN E 159 38.42 15.51 -13.67
N ALA E 160 38.64 15.44 -12.36
CA ALA E 160 37.66 14.85 -11.48
C ALA E 160 36.63 15.85 -10.96
N HIS E 161 37.02 17.11 -10.78
CA HIS E 161 36.19 18.11 -10.12
C HIS E 161 35.78 19.17 -11.13
N VAL E 162 34.48 19.23 -11.44
CA VAL E 162 34.00 20.17 -12.45
C VAL E 162 34.01 21.56 -11.85
N TYR E 163 35.07 22.30 -12.10
CA TYR E 163 35.12 23.67 -11.63
C TYR E 163 34.34 24.57 -12.57
N ALA E 164 33.78 25.65 -12.04
CA ALA E 164 33.03 26.56 -12.88
C ALA E 164 33.89 27.61 -13.53
N ARG E 165 35.19 27.36 -13.70
CA ARG E 165 35.96 28.06 -14.71
C ARG E 165 36.04 27.26 -15.99
N ASP E 166 35.35 26.14 -16.06
CA ASP E 166 35.29 25.33 -17.27
C ASP E 166 34.16 25.75 -18.20
N LEU E 167 33.49 26.86 -17.91
CA LEU E 167 32.42 27.35 -18.77
C LEU E 167 33.01 28.19 -19.87
N LYS E 168 32.86 27.74 -21.12
CA LYS E 168 33.49 28.36 -22.26
C LYS E 168 32.46 29.16 -23.05
N PHE E 169 32.75 30.43 -23.25
CA PHE E 169 31.94 31.29 -24.10
C PHE E 169 32.07 30.88 -25.56
N GLU E 170 30.97 30.46 -26.17
CA GLU E 170 30.91 30.26 -27.61
C GLU E 170 30.49 31.58 -28.22
N PRO E 171 31.33 32.25 -29.00
CA PRO E 171 30.87 33.47 -29.65
C PRO E 171 29.89 33.17 -30.77
N GLN E 172 28.61 33.38 -30.52
CA GLN E 172 27.59 33.17 -31.53
C GLN E 172 27.35 34.45 -32.28
N GLY E 173 27.15 34.33 -33.59
CA GLY E 173 26.82 35.48 -34.41
C GLY E 173 27.95 36.47 -34.46
N ARG E 174 27.62 37.74 -34.23
CA ARG E 174 28.56 38.84 -34.32
C ARG E 174 29.16 39.21 -32.98
N GLN E 175 29.16 38.29 -32.02
CA GLN E 175 29.70 38.57 -30.70
C GLN E 175 31.21 38.38 -30.65
N SER E 176 31.92 38.94 -31.62
CA SER E 176 33.37 38.86 -31.62
C SER E 176 34.05 40.15 -32.05
N THR E 177 33.37 41.03 -32.78
CA THR E 177 33.95 42.30 -33.15
C THR E 177 33.92 43.31 -32.02
N THR E 178 33.20 43.02 -30.94
CA THR E 178 33.09 43.97 -29.84
C THR E 178 33.36 43.35 -28.48
N PHE E 179 33.65 42.06 -28.41
CA PHE E 179 34.02 41.39 -27.17
C PHE E 179 35.52 41.15 -27.10
N ALA E 180 36.28 42.04 -27.72
CA ALA E 180 37.73 41.98 -27.74
C ALA E 180 38.36 42.54 -26.49
N ASP E 181 37.56 43.15 -25.61
CA ASP E 181 38.07 43.57 -24.32
C ASP E 181 37.12 43.18 -23.20
N CYS E 182 35.97 42.58 -23.52
CA CYS E 182 35.06 42.02 -22.52
C CYS E 182 34.64 40.60 -22.86
N PRO E 183 35.57 39.64 -22.79
CA PRO E 183 35.17 38.25 -23.02
C PRO E 183 34.42 37.72 -21.82
N VAL E 184 33.58 36.72 -22.07
CA VAL E 184 32.78 36.18 -20.98
C VAL E 184 33.67 35.29 -20.11
N VAL E 185 33.85 35.71 -18.87
CA VAL E 185 34.50 34.93 -17.83
C VAL E 185 33.47 34.84 -16.71
N PRO E 186 33.37 33.75 -15.98
CA PRO E 186 32.55 33.77 -14.77
C PRO E 186 33.24 34.57 -13.68
N ALA E 187 32.42 35.28 -12.89
CA ALA E 187 32.97 36.24 -11.92
C ALA E 187 33.61 35.54 -10.74
N ASP E 188 33.16 34.34 -10.40
CA ASP E 188 33.78 33.54 -9.34
C ASP E 188 34.17 32.20 -9.92
N PRO E 189 35.42 32.04 -10.38
CA PRO E 189 35.75 30.92 -11.27
C PRO E 189 35.91 29.60 -10.57
N ASP E 190 36.22 29.57 -9.28
CA ASP E 190 36.59 28.34 -8.60
C ASP E 190 35.40 27.61 -8.01
N ILE E 191 34.21 27.79 -8.56
CA ILE E 191 33.03 27.12 -8.03
C ILE E 191 33.04 25.67 -8.49
N LEU E 192 33.03 24.76 -7.54
CA LEU E 192 32.80 23.36 -7.87
C LEU E 192 31.38 23.17 -8.35
N LEU E 193 31.22 22.48 -9.45
CA LEU E 193 29.90 22.15 -9.95
C LEU E 193 29.58 20.67 -9.80
N ALA E 194 30.55 19.80 -10.06
CA ALA E 194 30.32 18.38 -9.95
C ALA E 194 31.65 17.69 -9.72
N LYS E 195 31.57 16.49 -9.15
CA LYS E 195 32.73 15.63 -8.98
C LYS E 195 32.51 14.38 -9.79
N LEU E 196 33.51 14.01 -10.57
CA LEU E 196 33.38 12.94 -11.52
C LEU E 196 34.37 11.82 -11.25
N ARG E 197 33.99 10.65 -11.71
CA ARG E 197 34.67 9.39 -11.57
C ARG E 197 34.95 8.88 -12.99
N PRO E 198 35.80 7.87 -13.23
CA PRO E 198 36.14 7.55 -14.62
C PRO E 198 34.99 6.86 -15.34
N GLY E 199 34.75 7.29 -16.57
CA GLY E 199 33.60 6.85 -17.33
C GLY E 199 32.60 7.97 -17.48
N GLN E 200 32.41 8.74 -16.42
CA GLN E 200 31.44 9.81 -16.42
C GLN E 200 31.93 10.98 -17.25
N GLU E 201 31.00 11.66 -17.92
CA GLU E 201 31.31 12.93 -18.56
C GLU E 201 30.13 13.87 -18.43
N ILE E 202 30.38 15.16 -18.69
CA ILE E 202 29.32 16.17 -18.73
C ILE E 202 29.46 16.95 -20.04
N SER E 203 28.44 16.87 -20.88
CA SER E 203 28.40 17.67 -22.10
C SER E 203 27.05 18.36 -22.12
N LEU E 204 27.07 19.69 -21.99
CA LEU E 204 25.85 20.46 -22.02
C LEU E 204 26.10 21.78 -22.74
N LYS E 205 25.02 22.50 -22.96
CA LYS E 205 25.04 23.79 -23.62
C LYS E 205 24.20 24.74 -22.79
N ALA E 206 24.77 25.88 -22.44
CA ALA E 206 24.13 26.84 -21.54
C ALA E 206 23.85 28.14 -22.28
N HIS E 207 22.76 28.80 -21.91
CA HIS E 207 22.29 30.02 -22.58
C HIS E 207 22.07 31.11 -21.54
N CYS E 208 22.79 32.21 -21.67
CA CYS E 208 22.57 33.33 -20.76
C CYS E 208 21.29 34.05 -21.10
N ILE E 209 20.57 34.49 -20.08
CA ILE E 209 19.35 35.25 -20.23
C ILE E 209 19.47 36.52 -19.38
N LEU E 210 18.95 37.62 -19.88
CA LEU E 210 19.07 38.88 -19.15
C LEU E 210 17.83 39.04 -18.28
N GLY E 211 18.04 39.11 -16.97
CA GLY E 211 16.92 39.03 -16.03
C GLY E 211 17.03 39.96 -14.86
N ILE E 212 15.98 39.96 -14.03
CA ILE E 212 15.90 40.78 -12.83
C ILE E 212 15.44 39.93 -11.66
N GLY E 213 15.75 40.42 -10.46
CA GLY E 213 15.61 39.63 -9.27
C GLY E 213 14.23 39.63 -8.63
N GLY E 214 13.18 39.70 -9.44
CA GLY E 214 11.86 39.45 -8.91
C GLY E 214 11.41 38.09 -9.37
N ASP E 215 11.79 37.74 -10.60
CA ASP E 215 11.47 36.45 -11.19
C ASP E 215 12.19 35.35 -10.45
N HIS E 216 13.51 35.35 -10.53
CA HIS E 216 14.33 34.34 -9.89
C HIS E 216 15.40 35.03 -9.06
N ALA E 217 15.88 34.34 -8.03
CA ALA E 217 16.89 34.93 -7.16
C ALA E 217 18.21 35.08 -7.87
N LYS E 218 18.47 34.22 -8.84
CA LYS E 218 19.76 34.12 -9.50
C LYS E 218 20.12 35.33 -10.32
N PHE E 219 19.19 36.25 -10.56
CA PHE E 219 19.51 37.49 -11.24
C PHE E 219 19.76 38.62 -10.26
N SER E 220 20.00 38.31 -9.00
CA SER E 220 20.33 39.34 -8.02
C SER E 220 21.67 39.97 -8.38
N PRO E 221 21.75 41.26 -8.53
CA PRO E 221 23.03 41.90 -8.85
C PRO E 221 23.87 42.23 -7.63
N VAL E 222 23.65 41.56 -6.51
CA VAL E 222 24.21 42.01 -5.24
C VAL E 222 24.43 40.82 -4.30
N SER E 223 25.42 40.94 -3.41
CA SER E 223 25.47 40.06 -2.24
C SER E 223 24.34 40.41 -1.28
N THR E 224 24.36 41.64 -0.77
CA THR E 224 23.27 42.20 0.01
C THR E 224 23.40 43.71 -0.01
N ALA E 225 22.40 44.40 -0.57
CA ALA E 225 22.37 45.86 -0.56
C ALA E 225 21.44 46.35 0.53
N SER E 226 21.87 46.18 1.76
CA SER E 226 21.06 46.64 2.87
C SER E 226 21.69 47.88 3.47
N TYR E 227 20.87 48.66 4.15
CA TYR E 227 21.34 49.78 4.96
C TYR E 227 21.14 49.45 6.42
N ARG E 228 21.68 50.31 7.25
CA ARG E 228 21.33 50.40 8.65
C ARG E 228 21.24 51.88 8.98
N LEU E 229 20.80 52.20 10.18
CA LEU E 229 20.53 53.58 10.50
C LEU E 229 21.36 54.00 11.70
N LEU E 230 21.99 55.17 11.61
CA LEU E 230 22.89 55.80 12.55
C LEU E 230 22.33 55.88 13.96
N PRO E 231 22.89 55.13 14.91
CA PRO E 231 22.42 55.23 16.29
C PRO E 231 22.91 56.53 16.91
N GLN E 232 22.24 56.91 17.99
CA GLN E 232 22.62 58.10 18.73
C GLN E 232 22.55 57.77 20.21
N ILE E 233 23.68 57.88 20.89
CA ILE E 233 23.81 57.53 22.29
C ILE E 233 23.89 58.84 23.07
N ASN E 234 22.90 59.07 23.93
CA ASN E 234 22.86 60.28 24.75
C ASN E 234 23.09 59.89 26.20
N ILE E 235 24.18 60.38 26.77
CA ILE E 235 24.36 60.27 28.20
C ILE E 235 23.38 61.22 28.88
N LEU E 236 22.83 60.79 30.02
CA LEU E 236 21.95 61.66 30.78
C LEU E 236 22.61 62.16 32.05
N GLN E 237 22.94 61.28 32.94
CA GLN E 237 23.75 61.76 34.05
C GLN E 237 25.22 61.56 33.73
N PRO E 238 26.07 62.51 34.14
CA PRO E 238 27.51 62.34 33.94
C PRO E 238 28.05 61.15 34.71
N ILE E 239 28.82 60.32 34.02
CA ILE E 239 29.17 58.99 34.51
C ILE E 239 30.66 58.90 34.77
N LYS E 240 31.24 59.98 35.29
CA LYS E 240 32.69 60.12 35.45
C LYS E 240 33.28 59.05 36.35
N GLY E 241 34.53 58.70 36.07
CA GLY E 241 35.31 57.86 36.97
C GLY E 241 35.11 56.37 36.71
N GLU E 242 34.77 55.63 37.77
CA GLU E 242 34.59 54.19 37.67
C GLU E 242 33.38 53.83 36.81
N SER E 243 32.35 54.67 36.84
CA SER E 243 31.23 54.50 35.93
C SER E 243 31.59 54.81 34.49
N ALA E 244 32.75 55.43 34.23
CA ALA E 244 33.19 55.67 32.87
C ALA E 244 34.05 54.54 32.33
N ARG E 245 34.83 53.88 33.20
CA ARG E 245 35.71 52.82 32.73
C ARG E 245 34.96 51.52 32.49
N ARG E 246 33.98 51.20 33.34
CA ARG E 246 33.14 50.05 33.09
C ARG E 246 32.16 50.28 31.95
N PHE E 247 32.02 51.52 31.51
CA PHE E 247 31.13 51.90 30.44
C PHE E 247 31.68 51.58 29.06
N GLN E 248 32.98 51.30 28.95
CA GLN E 248 33.53 50.91 27.67
C GLN E 248 33.06 49.51 27.28
N LYS E 249 33.10 48.58 28.23
CA LYS E 249 32.85 47.16 27.95
C LYS E 249 31.42 46.85 27.60
N CYS E 250 30.50 47.80 27.78
CA CYS E 250 29.15 47.62 27.30
C CYS E 250 29.04 47.88 25.80
N PHE E 251 30.03 48.54 25.21
CA PHE E 251 29.97 48.96 23.83
C PHE E 251 31.16 48.41 23.05
N PRO E 252 31.08 48.37 21.72
CA PRO E 252 32.28 48.20 20.92
C PRO E 252 33.25 49.32 21.15
N PRO E 253 34.56 49.07 21.02
CA PRO E 253 35.54 49.90 21.73
C PRO E 253 35.75 51.30 21.19
N GLY E 254 35.80 51.49 19.88
CA GLY E 254 36.19 52.79 19.37
C GLY E 254 35.09 53.84 19.33
N VAL E 255 34.25 53.89 20.37
CA VAL E 255 33.05 54.71 20.40
C VAL E 255 33.12 55.76 21.51
N ILE E 256 33.44 55.32 22.73
CA ILE E 256 33.39 56.16 23.93
C ILE E 256 34.81 56.62 24.25
N GLY E 257 34.95 57.91 24.59
CA GLY E 257 36.24 58.41 25.00
C GLY E 257 36.26 59.02 26.39
N ILE E 258 36.88 58.33 27.34
CA ILE E 258 36.94 58.80 28.72
C ILE E 258 38.40 59.09 29.06
N ASP E 259 38.63 60.17 29.79
CA ASP E 259 39.99 60.53 30.17
C ASP E 259 40.17 60.62 31.69
N GLU E 260 39.35 61.40 32.35
CA GLU E 260 39.57 61.82 33.74
C GLU E 260 38.20 62.32 34.23
N GLY E 261 38.20 63.05 35.35
CA GLY E 261 37.03 63.81 35.75
C GLY E 261 36.66 64.80 34.66
N SER E 262 37.57 65.71 34.33
CA SER E 262 37.46 66.42 33.07
C SER E 262 37.67 65.45 31.93
N ASP E 263 36.91 65.63 30.85
CA ASP E 263 36.72 64.66 29.77
C ASP E 263 36.27 63.31 30.36
N GLU E 264 35.10 63.38 30.99
CA GLU E 264 34.52 62.25 31.71
C GLU E 264 34.04 61.13 30.80
N ALA E 265 33.46 61.49 29.64
CA ALA E 265 33.04 60.60 28.56
C ALA E 265 32.56 61.48 27.41
N TYR E 266 32.63 60.93 26.21
CA TYR E 266 31.90 61.45 25.06
C TYR E 266 31.73 60.31 24.07
N VAL E 267 31.13 60.62 22.92
CA VAL E 267 30.99 59.67 21.83
C VAL E 267 31.91 60.08 20.69
N LYS E 268 32.82 59.17 20.32
CA LYS E 268 33.70 59.46 19.19
C LYS E 268 32.95 59.30 17.88
N ASP E 269 32.41 58.11 17.63
CA ASP E 269 31.67 57.85 16.41
C ASP E 269 30.71 56.70 16.71
N ALA E 270 29.42 56.99 16.70
CA ALA E 270 28.42 55.95 16.89
C ALA E 270 28.19 55.14 15.63
N ARG E 271 28.71 55.60 14.49
CA ARG E 271 28.72 54.78 13.27
C ARG E 271 29.55 53.53 13.47
N LYS E 272 30.61 53.64 14.27
CA LYS E 272 31.42 52.49 14.68
C LYS E 272 30.62 51.51 15.54
N ASP E 273 29.53 51.97 16.15
CA ASP E 273 28.81 51.21 17.17
C ASP E 273 27.62 50.51 16.52
N THR E 274 27.68 49.19 16.42
CA THR E 274 26.46 48.46 16.12
C THR E 274 25.55 48.49 17.33
N VAL E 275 24.27 48.23 17.09
CA VAL E 275 23.29 48.27 18.16
C VAL E 275 23.43 46.98 18.94
N SER E 276 24.05 47.05 20.12
CA SER E 276 24.23 45.89 20.98
C SER E 276 23.22 45.85 22.10
N ARG E 277 22.97 47.00 22.73
CA ARG E 277 22.16 47.16 23.94
C ARG E 277 22.63 46.20 25.04
N GLU E 278 23.94 46.16 25.24
CA GLU E 278 24.48 45.47 26.39
C GLU E 278 24.35 46.33 27.65
N VAL E 279 24.42 47.65 27.49
CA VAL E 279 24.40 48.56 28.63
C VAL E 279 23.01 48.59 29.25
N LEU E 280 21.98 48.21 28.50
CA LEU E 280 20.65 48.09 29.06
C LEU E 280 20.40 46.73 29.69
N ARG E 281 21.45 45.96 29.94
CA ARG E 281 21.36 44.87 30.90
C ARG E 281 21.76 45.32 32.31
N TYR E 282 22.61 46.34 32.43
CA TYR E 282 23.14 46.75 33.72
C TYR E 282 22.15 47.66 34.41
N GLU E 283 21.97 47.44 35.72
CA GLU E 283 20.97 48.19 36.47
C GLU E 283 21.48 49.57 36.86
N GLU E 284 22.79 49.72 37.05
CA GLU E 284 23.36 51.03 37.36
C GLU E 284 23.30 51.98 36.17
N PHE E 285 23.23 51.47 34.95
CA PHE E 285 23.24 52.30 33.76
C PHE E 285 21.90 52.30 33.02
N ALA E 286 20.89 51.62 33.52
CA ALA E 286 19.61 51.52 32.83
C ALA E 286 18.74 52.77 32.96
N ASP E 287 19.27 53.85 33.52
CA ASP E 287 18.53 55.09 33.62
C ASP E 287 19.41 56.30 33.32
N LYS E 288 20.66 56.08 32.95
CA LYS E 288 21.61 57.16 32.74
C LYS E 288 21.88 57.45 31.27
N VAL E 289 21.26 56.72 30.35
CA VAL E 289 21.64 56.78 28.95
C VAL E 289 20.41 56.61 28.08
N LYS E 290 20.50 57.09 26.84
CA LYS E 290 19.44 56.95 25.85
C LYS E 290 20.02 56.42 24.54
N LEU E 291 19.53 55.27 24.11
CA LEU E 291 19.87 54.72 22.81
C LEU E 291 18.72 54.95 21.86
N GLY E 292 19.05 55.27 20.61
CA GLY E 292 18.03 55.56 19.61
C GLY E 292 18.66 56.03 18.32
N ARG E 293 17.98 55.80 17.20
CA ARG E 293 18.58 56.11 15.92
C ARG E 293 18.45 57.58 15.62
N VAL E 294 19.40 58.09 14.84
CA VAL E 294 19.15 59.30 14.08
C VAL E 294 18.37 58.88 12.86
N ARG E 295 17.14 59.36 12.75
CA ARG E 295 16.21 58.87 11.74
C ARG E 295 16.50 59.32 10.32
N ASN E 296 17.56 60.09 10.08
CA ASN E 296 17.82 60.61 8.75
C ASN E 296 19.30 60.54 8.40
N HIS E 297 19.92 59.39 8.68
CA HIS E 297 21.30 59.15 8.24
C HIS E 297 21.42 57.68 7.85
N PHE E 298 21.21 57.39 6.58
CA PHE E 298 21.19 56.02 6.10
C PHE E 298 22.57 55.56 5.71
N ILE E 299 23.09 54.56 6.42
CA ILE E 299 24.40 53.99 6.12
C ILE E 299 24.14 52.84 5.14
N PHE E 300 24.14 53.15 3.86
CA PHE E 300 24.02 52.11 2.85
C PHE E 300 25.35 51.42 2.67
N ASN E 301 25.40 50.12 2.94
CA ASN E 301 26.57 49.32 2.63
C ASN E 301 26.11 48.27 1.64
N VAL E 302 26.41 48.52 0.37
CA VAL E 302 26.03 47.66 -0.73
C VAL E 302 27.24 46.82 -1.11
N GLU E 303 27.12 45.50 -0.97
CA GLU E 303 28.13 44.59 -1.47
C GLU E 303 27.80 44.24 -2.91
N SER E 304 28.42 43.18 -3.45
CA SER E 304 28.07 42.73 -4.78
C SER E 304 28.37 41.24 -4.88
N ALA E 305 27.56 40.55 -5.69
CA ALA E 305 27.83 39.14 -5.95
C ALA E 305 29.08 38.99 -6.81
N GLY E 306 29.29 39.91 -7.74
CA GLY E 306 30.46 39.87 -8.59
C GLY E 306 30.20 40.34 -10.00
N ALA E 307 28.92 40.47 -10.37
CA ALA E 307 28.58 40.84 -11.75
C ALA E 307 28.93 42.29 -12.02
N MET E 308 28.57 43.19 -11.10
CA MET E 308 28.72 44.61 -11.32
C MET E 308 29.24 45.27 -10.05
N THR E 309 29.84 46.44 -10.22
CA THR E 309 30.33 47.20 -9.08
C THR E 309 29.16 47.74 -8.28
N PRO E 310 29.30 47.82 -6.95
CA PRO E 310 28.19 48.37 -6.15
C PRO E 310 27.96 49.85 -6.38
N GLU E 311 29.00 50.61 -6.66
CA GLU E 311 28.88 52.05 -6.86
C GLU E 311 28.35 52.40 -8.24
N GLU E 312 27.98 51.41 -9.05
CA GLU E 312 27.25 51.67 -10.28
C GLU E 312 25.89 50.99 -10.34
N ILE E 313 25.66 49.90 -9.60
CA ILE E 313 24.29 49.41 -9.50
C ILE E 313 23.45 50.30 -8.60
N PHE E 314 24.07 51.14 -7.78
CA PHE E 314 23.31 52.19 -7.16
C PHE E 314 22.90 53.24 -8.19
N PHE E 315 23.73 53.47 -9.20
CA PHE E 315 23.27 54.26 -10.33
C PHE E 315 22.30 53.52 -11.23
N LYS E 316 22.19 52.20 -11.08
CA LYS E 316 21.07 51.48 -11.65
C LYS E 316 19.92 51.37 -10.68
N SER E 317 19.82 52.30 -9.74
CA SER E 317 18.60 52.49 -8.97
C SER E 317 18.22 53.94 -8.80
N VAL E 318 19.14 54.88 -9.04
CA VAL E 318 18.78 56.29 -9.13
C VAL E 318 18.30 56.62 -10.53
N ARG E 319 18.40 55.68 -11.47
CA ARG E 319 17.89 55.89 -12.81
C ARG E 319 16.91 54.82 -13.25
N ILE E 320 16.57 53.86 -12.39
CA ILE E 320 15.38 53.08 -12.62
C ILE E 320 14.17 53.72 -11.96
N LEU E 321 14.36 54.35 -10.80
CA LEU E 321 13.29 55.11 -10.17
C LEU E 321 12.86 56.28 -11.05
N LYS E 322 13.83 57.01 -11.58
CA LYS E 322 13.58 58.11 -12.50
C LYS E 322 12.94 57.65 -13.78
N ASN E 323 13.13 56.40 -14.18
CA ASN E 323 12.45 55.84 -15.33
C ASN E 323 11.43 54.79 -14.94
N LYS E 324 10.92 54.88 -13.71
CA LYS E 324 9.69 54.22 -13.31
C LYS E 324 8.59 55.24 -13.06
N ALA E 325 8.94 56.52 -12.95
CA ALA E 325 7.99 57.62 -12.91
C ALA E 325 7.56 58.08 -14.29
N GLU E 326 8.48 58.08 -15.25
CA GLU E 326 8.14 58.48 -16.61
C GLU E 326 7.18 57.49 -17.26
N TYR E 327 7.16 56.25 -16.78
CA TYR E 327 6.20 55.29 -17.31
C TYR E 327 4.82 55.51 -16.69
N LEU E 328 4.74 56.25 -15.59
CA LEU E 328 3.43 56.72 -15.15
C LEU E 328 3.10 58.08 -15.76
N LYS E 329 4.05 59.02 -15.72
CA LYS E 329 3.77 60.41 -16.07
C LYS E 329 3.46 60.55 -17.56
N ASN E 330 4.35 60.08 -18.42
CA ASN E 330 4.12 60.15 -19.85
C ASN E 330 3.41 58.87 -20.28
N CYS E 331 2.15 58.79 -19.89
CA CYS E 331 1.29 57.62 -20.06
C CYS E 331 -0.16 58.06 -19.91
N PRO E 332 -1.07 57.61 -20.77
CA PRO E 332 -2.44 58.15 -20.76
C PRO E 332 -3.26 57.60 -19.60
N ILE E 333 -3.85 58.53 -18.84
CA ILE E 333 -4.67 58.17 -17.69
C ILE E 333 -5.97 57.58 -18.22
N THR E 334 -6.09 56.27 -18.11
CA THR E 334 -7.18 55.56 -18.77
C THR E 334 -8.48 55.76 -18.03
N GLN E 335 -9.50 56.19 -18.79
CA GLN E 335 -10.88 56.35 -18.34
C GLN E 335 -11.03 57.31 -17.15
N MET F 1 -27.03 5.32 -30.67
CA MET F 1 -26.16 5.38 -31.84
C MET F 1 -26.78 6.16 -33.01
N MET F 2 -26.57 5.71 -34.25
CA MET F 2 -26.93 6.50 -35.42
C MET F 2 -28.43 6.57 -35.64
N LYS F 3 -29.16 5.48 -35.34
CA LYS F 3 -30.63 5.54 -35.43
C LYS F 3 -31.31 5.86 -34.11
N GLY F 4 -30.66 5.55 -32.97
CA GLY F 4 -31.32 5.71 -31.69
C GLY F 4 -31.25 7.10 -31.10
N SER F 5 -30.33 7.94 -31.57
CA SER F 5 -30.16 9.27 -31.00
C SER F 5 -31.09 10.31 -31.61
N ARG F 6 -31.42 10.17 -32.89
CA ARG F 6 -32.31 11.11 -33.57
C ARG F 6 -33.78 10.82 -33.30
N ARG F 7 -34.09 9.78 -32.51
CA ARG F 7 -35.47 9.53 -32.10
C ARG F 7 -35.93 10.49 -31.02
N THR F 8 -35.02 11.28 -30.44
CA THR F 8 -35.41 12.39 -29.58
C THR F 8 -36.05 13.53 -30.37
N GLY F 9 -35.80 13.58 -31.68
CA GLY F 9 -36.44 14.54 -32.56
C GLY F 9 -37.59 13.94 -33.36
N ASN F 10 -37.70 12.61 -33.33
CA ASN F 10 -38.86 11.94 -33.91
C ASN F 10 -40.12 12.32 -33.14
N ASN F 11 -40.11 12.04 -31.83
CA ASN F 11 -41.25 12.43 -31.00
C ASN F 11 -41.26 13.95 -30.80
N THR F 12 -40.07 14.47 -30.47
CA THR F 12 -39.75 15.90 -30.21
C THR F 12 -40.75 16.58 -29.31
N ALA F 13 -41.18 15.85 -28.29
CA ALA F 13 -42.26 16.22 -27.38
C ALA F 13 -41.67 16.66 -26.05
N THR F 14 -41.39 17.96 -25.95
CA THR F 14 -41.12 18.57 -24.66
C THR F 14 -42.45 18.97 -24.04
N THR F 15 -42.40 19.77 -22.99
CA THR F 15 -43.62 20.40 -22.55
C THR F 15 -43.96 21.62 -23.41
N LEU F 16 -43.02 22.13 -24.18
CA LEU F 16 -43.31 23.18 -25.15
C LEU F 16 -43.78 22.63 -26.48
N ASN F 17 -44.08 21.34 -26.56
CA ASN F 17 -44.68 20.73 -27.73
C ASN F 17 -46.09 20.27 -27.45
N THR F 18 -46.28 19.47 -26.42
CA THR F 18 -47.57 18.87 -26.15
C THR F 18 -48.14 19.38 -24.84
N PRO F 19 -49.45 19.41 -24.71
CA PRO F 19 -50.06 19.46 -23.38
C PRO F 19 -49.94 18.10 -22.72
N VAL F 20 -49.90 18.10 -21.39
CA VAL F 20 -49.60 16.88 -20.65
C VAL F 20 -50.81 15.96 -20.61
N VAL F 21 -51.90 16.42 -20.02
CA VAL F 21 -53.14 15.65 -20.02
C VAL F 21 -54.14 16.32 -20.96
N ILE F 22 -54.83 15.50 -21.73
CA ILE F 22 -55.78 15.95 -22.72
C ILE F 22 -57.09 15.24 -22.40
N HIS F 23 -57.96 15.91 -21.66
CA HIS F 23 -59.21 15.33 -21.22
C HIS F 23 -60.36 16.13 -21.82
N ALA F 24 -61.13 15.48 -22.69
CA ALA F 24 -62.34 16.08 -23.22
C ALA F 24 -63.34 16.25 -22.09
N THR F 25 -63.68 17.49 -21.77
CA THR F 25 -64.52 17.72 -20.59
C THR F 25 -65.98 17.31 -20.85
N GLN F 26 -66.40 17.26 -22.11
CA GLN F 26 -67.78 16.94 -22.45
C GLN F 26 -67.85 16.04 -23.68
N LEU F 27 -69.08 15.80 -24.11
CA LEU F 27 -69.37 14.85 -25.17
C LEU F 27 -69.14 15.50 -26.54
N PRO F 28 -68.87 14.70 -27.57
CA PRO F 28 -68.78 15.24 -28.94
C PRO F 28 -70.16 15.62 -29.46
N GLN F 29 -70.27 16.81 -30.04
CA GLN F 29 -71.53 17.29 -30.64
C GLN F 29 -71.26 17.80 -32.04
N HIS F 30 -72.06 17.35 -33.00
CA HIS F 30 -71.79 17.60 -34.41
C HIS F 30 -72.12 19.02 -34.82
N VAL F 31 -71.38 19.54 -35.78
CA VAL F 31 -71.54 20.91 -36.27
C VAL F 31 -71.83 20.87 -37.77
N SER F 32 -72.88 21.59 -38.17
CA SER F 32 -73.39 21.53 -39.52
C SER F 32 -72.60 22.46 -40.43
N THR F 33 -72.97 22.43 -41.71
CA THR F 33 -72.28 23.22 -42.73
C THR F 33 -72.45 24.72 -42.49
N ASP F 34 -73.63 25.14 -42.01
CA ASP F 34 -73.82 26.54 -41.67
C ASP F 34 -73.04 26.96 -40.43
N GLU F 35 -72.62 26.01 -39.61
CA GLU F 35 -71.87 26.33 -38.40
C GLU F 35 -70.36 26.21 -38.63
N VAL F 36 -69.95 25.20 -39.41
CA VAL F 36 -68.53 25.03 -39.71
C VAL F 36 -68.03 26.20 -40.56
N LEU F 37 -68.78 26.54 -41.61
CA LEU F 37 -68.38 27.61 -42.50
C LEU F 37 -68.49 28.97 -41.83
N GLN F 38 -69.32 29.08 -40.79
CA GLN F 38 -69.31 30.28 -39.97
C GLN F 38 -68.21 30.23 -38.92
N PHE F 39 -67.85 29.03 -38.45
CA PHE F 39 -66.65 28.89 -37.65
C PHE F 39 -65.41 29.20 -38.47
N LEU F 40 -65.33 28.63 -39.68
CA LEU F 40 -64.18 28.88 -40.53
C LEU F 40 -64.15 30.30 -41.07
N GLU F 41 -65.28 31.00 -41.07
CA GLU F 41 -65.25 32.42 -41.37
C GLU F 41 -64.78 33.23 -40.17
N SER F 42 -65.10 32.77 -38.96
CA SER F 42 -64.76 33.52 -37.77
C SER F 42 -63.30 33.32 -37.37
N PHE F 43 -62.89 32.06 -37.22
CA PHE F 43 -61.57 31.76 -36.69
C PHE F 43 -60.46 32.12 -37.66
N ILE F 44 -60.67 31.85 -38.95
CA ILE F 44 -59.63 32.16 -39.92
C ILE F 44 -59.53 33.67 -40.15
N ASP F 45 -60.58 34.43 -39.85
CA ASP F 45 -60.46 35.88 -39.82
C ASP F 45 -59.58 36.34 -38.66
N GLU F 46 -59.46 35.54 -37.60
CA GLU F 46 -58.68 35.94 -36.43
C GLU F 46 -57.19 35.70 -36.62
N LYS F 47 -56.79 34.62 -37.29
CA LYS F 47 -55.39 34.27 -37.44
C LYS F 47 -54.74 34.91 -38.67
N GLU F 48 -55.27 36.03 -39.14
CA GLU F 48 -54.73 36.71 -40.31
C GLU F 48 -54.48 38.19 -40.08
N ASN F 49 -54.64 38.67 -38.85
CA ASN F 49 -54.52 40.10 -38.58
C ASN F 49 -53.06 40.52 -38.59
N THR F 80 -45.18 35.26 -37.84
CA THR F 80 -45.46 34.05 -37.09
C THR F 80 -45.55 32.84 -38.01
N ASN F 81 -45.64 31.66 -37.40
CA ASN F 81 -45.87 30.43 -38.12
C ASN F 81 -47.38 30.21 -38.18
N LEU F 82 -47.80 28.97 -38.46
CA LEU F 82 -49.16 28.47 -38.77
C LEU F 82 -49.53 28.92 -40.18
N SER F 83 -48.54 29.29 -40.99
CA SER F 83 -48.84 29.71 -42.36
C SER F 83 -49.21 28.52 -43.23
N SER F 84 -48.80 27.31 -42.82
CA SER F 84 -49.13 26.13 -43.61
C SER F 84 -50.56 25.67 -43.37
N SER F 85 -51.01 25.69 -42.11
CA SER F 85 -52.30 25.10 -41.79
C SER F 85 -53.45 26.07 -42.03
N ILE F 86 -53.15 27.37 -42.11
CA ILE F 86 -54.17 28.35 -42.54
C ILE F 86 -54.59 28.06 -43.97
N SER F 87 -53.62 27.80 -44.86
CA SER F 87 -53.93 27.46 -46.24
C SER F 87 -54.69 26.14 -46.34
N GLN F 88 -54.37 25.20 -45.46
CA GLN F 88 -55.07 23.91 -45.44
C GLN F 88 -56.53 24.07 -45.03
N LEU F 89 -56.83 25.05 -44.17
CA LEU F 89 -58.21 25.33 -43.82
C LEU F 89 -58.89 26.27 -44.79
N LYS F 90 -58.13 27.02 -45.61
CA LYS F 90 -58.76 27.78 -46.67
C LYS F 90 -59.32 26.86 -47.74
N ARG F 91 -58.67 25.70 -47.96
CA ARG F 91 -59.19 24.74 -48.93
C ARG F 91 -60.48 24.11 -48.43
N ILE F 92 -60.62 23.93 -47.13
CA ILE F 92 -61.87 23.43 -46.58
C ILE F 92 -62.89 24.57 -46.55
N GLN F 93 -62.42 25.81 -46.44
CA GLN F 93 -63.31 26.96 -46.50
C GLN F 93 -63.93 27.09 -47.88
N ARG F 94 -63.09 27.03 -48.92
CA ARG F 94 -63.57 27.12 -50.30
C ARG F 94 -64.35 25.88 -50.70
N ASP F 95 -64.14 24.77 -49.98
CA ASP F 95 -64.89 23.54 -50.21
C ASP F 95 -66.38 23.69 -49.91
N PHE F 96 -66.76 24.61 -49.03
CA PHE F 96 -68.16 24.81 -48.69
C PHE F 96 -68.73 26.10 -49.25
N LYS F 97 -67.98 26.85 -50.04
CA LYS F 97 -68.49 28.08 -50.64
C LYS F 97 -68.20 28.21 -52.12
N GLY F 98 -67.25 27.47 -52.68
CA GLY F 98 -66.88 27.64 -54.07
C GLY F 98 -66.81 26.34 -54.85
N LEU F 99 -65.71 26.15 -55.57
CA LEU F 99 -65.56 25.06 -56.52
C LEU F 99 -64.09 24.85 -56.81
N PRO F 100 -63.56 23.61 -56.71
CA PRO F 100 -62.13 23.30 -56.90
C PRO F 100 -61.57 23.68 -58.27
N MET G 1 -48.43 1.95 73.49
CA MET G 1 -49.26 0.85 73.00
C MET G 1 -49.92 1.22 71.67
N ASP G 2 -50.32 2.48 71.53
CA ASP G 2 -50.95 2.95 70.29
C ASP G 2 -49.88 3.53 69.37
N GLN G 3 -49.00 2.65 68.91
CA GLN G 3 -47.91 3.03 68.04
C GLN G 3 -48.05 2.51 66.61
N GLU G 4 -48.66 1.34 66.41
CA GLU G 4 -49.05 0.94 65.07
C GLU G 4 -50.36 1.59 64.68
N ASN G 5 -51.26 1.77 65.63
CA ASN G 5 -52.59 2.30 65.40
C ASN G 5 -52.59 3.83 65.33
N GLU G 6 -51.45 4.45 65.07
CA GLU G 6 -51.36 5.89 64.88
C GLU G 6 -50.99 6.28 63.47
N ARG G 7 -49.89 5.75 62.93
CA ARG G 7 -49.54 5.99 61.54
C ARG G 7 -50.23 5.02 60.59
N ASN G 8 -51.14 4.21 61.10
CA ASN G 8 -52.15 3.58 60.26
C ASN G 8 -53.41 4.43 60.18
N ILE G 9 -53.55 5.40 61.05
CA ILE G 9 -54.58 6.43 60.91
C ILE G 9 -54.01 7.67 60.23
N SER G 10 -52.75 8.01 60.54
CA SER G 10 -52.10 9.16 59.93
C SER G 10 -51.92 9.01 58.42
N ARG G 11 -51.86 7.77 57.91
CA ARG G 11 -51.96 7.58 56.47
C ARG G 11 -53.40 7.69 56.02
N LEU G 12 -54.32 7.05 56.75
CA LEU G 12 -55.73 7.07 56.39
C LEU G 12 -56.33 8.46 56.56
N TRP G 13 -55.78 9.27 57.45
CA TRP G 13 -56.12 10.68 57.47
C TRP G 13 -55.69 11.37 56.19
N ARG G 14 -54.49 11.06 55.71
CA ARG G 14 -54.05 11.66 54.47
C ARG G 14 -54.69 10.98 53.27
N ALA G 15 -55.05 9.70 53.39
CA ALA G 15 -55.72 9.01 52.29
C ALA G 15 -57.13 9.53 52.09
N PHE G 16 -57.82 9.83 53.19
CA PHE G 16 -59.09 10.53 53.12
C PHE G 16 -58.91 11.92 52.53
N ARG G 17 -57.78 12.56 52.84
CA ARG G 17 -57.59 13.96 52.48
C ARG G 17 -57.33 14.12 50.99
N THR G 18 -56.60 13.20 50.37
CA THR G 18 -56.32 13.32 48.95
C THR G 18 -57.58 13.05 48.12
N VAL G 19 -58.46 12.18 48.61
CA VAL G 19 -59.70 11.89 47.87
C VAL G 19 -60.59 13.13 47.82
N LYS G 20 -60.78 13.80 48.95
CA LYS G 20 -61.51 15.04 48.90
C LYS G 20 -60.72 16.18 48.26
N GLU G 21 -59.42 16.00 48.04
CA GLU G 21 -58.76 16.85 47.08
C GLU G 21 -58.99 16.37 45.65
N MET G 22 -59.12 15.05 45.47
CA MET G 22 -59.34 14.51 44.13
C MET G 22 -60.73 14.85 43.63
N VAL G 23 -61.73 14.76 44.49
CA VAL G 23 -63.09 15.07 44.12
C VAL G 23 -63.27 16.57 43.92
N LYS G 24 -62.57 17.38 44.71
CA LYS G 24 -62.62 18.83 44.52
C LYS G 24 -61.96 19.24 43.21
N ASP G 25 -60.79 18.68 42.91
CA ASP G 25 -60.04 19.14 41.76
C ASP G 25 -60.63 18.67 40.44
N ARG G 26 -61.53 17.69 40.46
CA ARG G 26 -62.37 17.45 39.30
C ARG G 26 -63.28 18.63 39.04
N GLY G 27 -63.99 19.08 40.06
CA GLY G 27 -64.94 20.16 39.90
C GLY G 27 -66.23 19.91 40.65
N TYR G 28 -66.29 18.79 41.37
CA TYR G 28 -67.45 18.47 42.19
C TYR G 28 -67.55 19.41 43.39
N PHE G 29 -68.60 19.23 44.18
CA PHE G 29 -68.86 20.09 45.32
C PHE G 29 -68.45 19.36 46.59
N ILE G 30 -67.19 19.51 46.96
CA ILE G 30 -66.69 19.24 48.30
C ILE G 30 -66.03 20.52 48.79
N THR G 31 -66.39 20.94 50.00
CA THR G 31 -66.14 22.30 50.46
C THR G 31 -64.67 22.51 50.82
N GLN G 32 -64.38 23.66 51.42
CA GLN G 32 -63.01 24.04 51.74
C GLN G 32 -62.45 23.20 52.89
N GLU G 33 -63.14 23.19 54.02
CA GLU G 33 -62.60 22.56 55.22
C GLU G 33 -62.95 21.09 55.34
N GLU G 34 -63.81 20.55 54.48
CA GLU G 34 -63.91 19.10 54.39
C GLU G 34 -62.67 18.48 53.77
N VAL G 35 -61.92 19.25 52.98
CA VAL G 35 -60.56 18.86 52.63
C VAL G 35 -59.67 18.94 53.85
N GLU G 36 -59.60 20.11 54.47
CA GLU G 36 -58.66 20.36 55.56
C GLU G 36 -59.21 19.87 56.89
N LEU G 37 -59.46 18.57 56.95
CA LEU G 37 -59.90 17.93 58.19
C LEU G 37 -58.69 17.56 59.02
N PRO G 38 -58.56 18.04 60.25
CA PRO G 38 -57.41 17.64 61.07
C PRO G 38 -57.50 16.18 61.51
N LEU G 39 -56.32 15.63 61.77
CA LEU G 39 -56.19 14.26 62.29
C LEU G 39 -56.88 14.11 63.63
N GLU G 40 -56.87 15.18 64.43
CA GLU G 40 -57.64 15.23 65.66
C GLU G 40 -59.12 15.06 65.36
N ASP G 41 -59.61 15.82 64.39
CA ASP G 41 -61.02 15.71 64.00
C ASP G 41 -61.30 14.44 63.22
N PHE G 42 -60.30 13.91 62.52
CA PHE G 42 -60.48 12.63 61.85
C PHE G 42 -60.57 11.50 62.87
N LYS G 43 -59.93 11.66 64.01
CA LYS G 43 -60.08 10.70 65.10
C LYS G 43 -61.28 10.98 65.98
N ALA G 44 -61.76 12.22 66.00
CA ALA G 44 -62.89 12.55 66.85
C ALA G 44 -64.22 12.14 66.24
N LYS G 45 -64.27 11.92 64.93
CA LYS G 45 -65.54 11.70 64.25
C LYS G 45 -65.64 10.31 63.65
N TYR G 46 -64.72 9.94 62.77
CA TYR G 46 -64.85 8.67 62.06
C TYR G 46 -64.37 7.49 62.88
N CYS G 47 -63.43 7.70 63.80
CA CYS G 47 -62.94 6.63 64.66
C CYS G 47 -63.97 6.33 65.73
N ASP G 48 -64.10 5.05 66.05
CA ASP G 48 -65.05 4.64 67.07
C ASP G 48 -64.36 4.60 68.43
N SER G 49 -64.99 3.97 69.41
CA SER G 49 -64.53 4.04 70.80
C SER G 49 -63.32 3.16 71.06
N MET G 50 -63.09 2.15 70.22
CA MET G 50 -62.11 1.11 70.52
C MET G 50 -60.67 1.57 70.38
N GLY G 51 -60.42 2.78 69.90
CA GLY G 51 -59.08 3.24 69.59
C GLY G 51 -58.70 3.05 68.14
N ARG G 52 -59.63 2.63 67.30
CA ARG G 52 -59.39 2.32 65.91
C ARG G 52 -60.32 3.14 65.02
N PRO G 53 -60.07 3.24 63.72
CA PRO G 53 -61.04 3.86 62.82
C PRO G 53 -62.01 2.84 62.24
N GLN G 54 -63.05 3.36 61.59
CA GLN G 54 -64.00 2.55 60.85
C GLN G 54 -64.40 3.33 59.60
N ARG G 55 -64.49 2.64 58.47
CA ARG G 55 -64.44 3.30 57.18
C ARG G 55 -65.78 3.39 56.47
N LYS G 56 -66.85 2.83 57.02
CA LYS G 56 -68.17 3.02 56.42
C LYS G 56 -68.63 4.46 56.54
N MET G 57 -68.30 5.10 57.65
CA MET G 57 -68.65 6.49 57.90
C MET G 57 -67.89 7.44 56.99
N MET G 58 -66.78 7.00 56.41
CA MET G 58 -66.00 7.79 55.48
C MET G 58 -66.60 7.81 54.07
N SER G 59 -67.55 6.93 53.77
CA SER G 59 -68.14 6.85 52.44
C SER G 59 -69.26 7.89 52.30
N PHE G 60 -69.37 8.49 51.11
CA PHE G 60 -70.27 9.61 50.95
C PHE G 60 -70.62 9.82 49.49
N GLN G 61 -71.55 10.75 49.28
CA GLN G 61 -71.97 11.18 47.96
C GLN G 61 -71.33 12.53 47.64
N ALA G 62 -70.91 12.71 46.40
CA ALA G 62 -70.41 13.99 45.92
C ALA G 62 -71.21 14.42 44.70
N ASN G 63 -71.53 15.71 44.65
CA ASN G 63 -72.36 16.30 43.63
C ASN G 63 -71.59 17.39 42.91
N PRO G 64 -71.97 17.77 41.70
CA PRO G 64 -71.24 18.83 41.00
C PRO G 64 -71.53 20.19 41.60
N THR G 65 -70.63 21.13 41.31
CA THR G 65 -70.87 22.51 41.69
C THR G 65 -71.84 23.16 40.70
N GLU G 66 -72.06 24.46 40.87
CA GLU G 66 -72.83 25.21 39.90
C GLU G 66 -72.08 25.46 38.61
N GLU G 67 -70.75 25.27 38.59
CA GLU G 67 -69.95 25.59 37.42
C GLU G 67 -69.54 24.34 36.66
N SER G 68 -69.45 23.20 37.33
CA SER G 68 -69.20 21.92 36.67
C SER G 68 -70.47 21.28 36.16
N ILE G 69 -71.59 22.00 36.17
CA ILE G 69 -72.73 21.66 35.35
C ILE G 69 -72.80 22.55 34.11
N SER G 70 -72.47 23.83 34.29
CA SER G 70 -72.49 24.78 33.19
C SER G 70 -71.45 24.46 32.13
N LYS G 71 -70.28 23.98 32.53
CA LYS G 71 -69.24 23.65 31.57
C LYS G 71 -69.31 22.20 31.13
N PHE G 72 -69.72 21.29 32.00
CA PHE G 72 -69.80 19.87 31.70
C PHE G 72 -71.21 19.40 32.04
N PRO G 73 -72.17 19.58 31.13
CA PRO G 73 -73.57 19.24 31.46
C PRO G 73 -73.85 17.76 31.61
N ASP G 74 -72.95 16.89 31.17
CA ASP G 74 -73.09 15.46 31.41
C ASP G 74 -72.32 15.08 32.66
N MET G 75 -72.80 15.59 33.79
CA MET G 75 -72.19 15.31 35.08
C MET G 75 -73.31 15.09 36.09
N GLY G 76 -73.10 14.13 36.96
CA GLY G 76 -74.08 13.79 37.99
C GLY G 76 -73.37 13.54 39.30
N SER G 77 -73.90 12.61 40.09
CA SER G 77 -73.38 12.38 41.43
C SER G 77 -72.05 11.64 41.40
N LEU G 78 -71.59 11.27 42.59
CA LEU G 78 -70.32 10.58 42.76
C LEU G 78 -70.31 9.90 44.11
N TRP G 79 -70.11 8.59 44.13
CA TRP G 79 -70.17 7.81 45.36
C TRP G 79 -68.76 7.37 45.73
N VAL G 80 -68.09 8.19 46.54
CA VAL G 80 -66.76 7.84 47.04
C VAL G 80 -66.90 6.68 48.02
N GLU G 81 -66.27 5.56 47.69
CA GLU G 81 -66.48 4.31 48.38
C GLU G 81 -65.16 3.86 49.01
N PHE G 82 -65.14 3.75 50.34
CA PHE G 82 -64.10 3.00 51.02
C PHE G 82 -64.59 1.60 51.31
N CYS G 83 -63.78 0.82 51.99
CA CYS G 83 -64.13 -0.56 52.26
C CYS G 83 -63.48 -1.01 53.57
N ASP G 84 -64.11 -1.99 54.21
CA ASP G 84 -63.59 -2.56 55.44
C ASP G 84 -62.89 -3.90 55.25
N GLU G 85 -63.25 -4.65 54.21
CA GLU G 85 -62.55 -5.91 54.02
C GLU G 85 -61.18 -5.66 53.38
N PRO G 86 -60.14 -6.32 53.86
CA PRO G 86 -58.84 -6.23 53.16
C PRO G 86 -58.84 -7.00 51.86
N SER G 87 -59.38 -8.21 51.87
CA SER G 87 -59.56 -9.01 50.66
C SER G 87 -60.92 -8.72 50.08
N VAL G 88 -60.96 -8.04 48.94
CA VAL G 88 -62.21 -7.63 48.31
C VAL G 88 -62.76 -8.83 47.55
N GLY G 89 -63.81 -9.44 48.09
CA GLY G 89 -64.44 -10.55 47.42
C GLY G 89 -65.34 -10.08 46.30
N VAL G 90 -65.57 -10.98 45.34
CA VAL G 90 -66.42 -10.68 44.19
C VAL G 90 -67.90 -10.72 44.58
N LYS G 91 -68.26 -11.42 45.66
CA LYS G 91 -69.64 -11.42 46.12
C LYS G 91 -70.01 -10.10 46.80
N THR G 92 -69.05 -9.50 47.51
CA THR G 92 -69.30 -8.21 48.15
C THR G 92 -69.32 -7.08 47.14
N MET G 93 -68.72 -7.26 45.96
CA MET G 93 -68.79 -6.25 44.92
C MET G 93 -70.16 -6.19 44.24
N LYS G 94 -71.01 -7.20 44.45
CA LYS G 94 -72.39 -7.10 44.01
C LYS G 94 -73.11 -6.00 44.75
N THR G 95 -72.77 -5.81 46.03
CA THR G 95 -73.31 -4.68 46.78
C THR G 95 -72.81 -3.36 46.22
N PHE G 96 -71.57 -3.32 45.72
CA PHE G 96 -71.04 -2.10 45.14
C PHE G 96 -71.74 -1.74 43.83
N VAL G 97 -72.06 -2.74 43.02
CA VAL G 97 -72.69 -2.47 41.73
C VAL G 97 -74.16 -2.11 41.92
N ILE G 98 -74.86 -2.82 42.80
CA ILE G 98 -76.28 -2.57 43.03
C ILE G 98 -76.48 -1.21 43.70
N HIS G 99 -75.56 -0.81 44.58
CA HIS G 99 -75.67 0.50 45.21
C HIS G 99 -75.37 1.64 44.22
N ILE G 100 -74.68 1.37 43.13
CA ILE G 100 -74.63 2.32 42.03
C ILE G 100 -75.83 2.15 41.10
N GLN G 101 -76.37 0.94 41.00
CA GLN G 101 -77.62 0.73 40.27
C GLN G 101 -78.78 1.43 40.96
N GLU G 102 -78.87 1.29 42.29
CA GLU G 102 -80.04 1.76 43.03
C GLU G 102 -80.10 3.28 43.04
N LYS G 103 -79.11 3.92 43.65
CA LYS G 103 -79.13 5.37 43.78
C LYS G 103 -78.82 6.06 42.46
N ASN G 104 -78.34 5.31 41.46
CA ASN G 104 -78.17 5.76 40.07
C ASN G 104 -77.20 6.95 40.00
N PHE G 105 -75.96 6.67 40.38
CA PHE G 105 -74.92 7.68 40.38
C PHE G 105 -74.39 7.94 38.97
N GLN G 106 -73.28 8.65 38.88
CA GLN G 106 -72.52 8.77 37.66
C GLN G 106 -71.24 7.94 37.71
N THR G 107 -70.51 8.00 38.81
CA THR G 107 -69.29 7.24 39.01
C THR G 107 -69.20 6.86 40.48
N GLY G 108 -68.64 5.69 40.76
CA GLY G 108 -68.36 5.30 42.13
C GLY G 108 -66.90 4.98 42.33
N ILE G 109 -66.20 5.82 43.07
CA ILE G 109 -64.77 5.65 43.28
C ILE G 109 -64.60 4.63 44.39
N PHE G 110 -64.38 3.38 44.03
CA PHE G 110 -64.03 2.39 45.04
C PHE G 110 -62.61 2.65 45.52
N VAL G 111 -62.39 2.49 46.82
CA VAL G 111 -61.04 2.60 47.37
C VAL G 111 -60.79 1.35 48.21
N TYR G 112 -59.76 0.59 47.84
CA TYR G 112 -59.44 -0.63 48.55
C TYR G 112 -58.26 -0.42 49.49
N GLN G 113 -57.94 -1.47 50.24
CA GLN G 113 -56.90 -1.41 51.25
C GLN G 113 -55.66 -2.20 50.83
N ASN G 114 -55.82 -3.47 50.49
CA ASN G 114 -54.70 -4.32 50.14
C ASN G 114 -54.81 -4.91 48.75
N ASN G 115 -55.92 -5.57 48.44
CA ASN G 115 -56.07 -6.28 47.18
C ASN G 115 -57.55 -6.48 46.85
N ILE G 116 -57.81 -6.73 45.58
CA ILE G 116 -59.13 -7.07 45.07
C ILE G 116 -58.99 -8.39 44.31
N THR G 117 -60.03 -9.24 44.38
CA THR G 117 -60.08 -10.52 43.69
C THR G 117 -59.87 -10.34 42.19
N PRO G 118 -59.03 -11.16 41.55
CA PRO G 118 -58.87 -11.07 40.09
C PRO G 118 -60.13 -11.38 39.30
N SER G 119 -61.08 -12.13 39.88
CA SER G 119 -62.40 -12.30 39.28
C SER G 119 -63.33 -11.15 39.61
N ALA G 120 -62.91 -10.23 40.48
CA ALA G 120 -63.69 -9.03 40.77
C ALA G 120 -63.20 -7.83 39.99
N MET G 121 -62.08 -7.93 39.28
CA MET G 121 -61.61 -6.86 38.43
C MET G 121 -62.20 -6.92 37.03
N LYS G 122 -63.23 -7.74 36.83
CA LYS G 122 -63.94 -7.82 35.56
C LYS G 122 -65.27 -7.10 35.59
N LEU G 123 -65.80 -6.79 36.77
CA LEU G 123 -67.07 -6.10 36.91
C LEU G 123 -66.91 -4.60 36.90
N VAL G 124 -65.72 -4.11 36.56
CA VAL G 124 -65.37 -2.70 36.63
C VAL G 124 -65.90 -1.91 35.42
N PRO G 125 -65.83 -2.36 34.17
CA PRO G 125 -66.61 -1.68 33.13
C PRO G 125 -68.01 -2.24 32.94
N SER G 126 -68.52 -3.05 33.87
CA SER G 126 -69.74 -3.81 33.68
C SER G 126 -71.00 -2.96 33.69
N ILE G 127 -70.92 -1.66 33.96
CA ILE G 127 -72.08 -0.78 33.90
C ILE G 127 -71.76 0.29 32.86
N PRO G 128 -72.41 0.27 31.69
CA PRO G 128 -72.00 1.16 30.59
C PRO G 128 -72.36 2.63 30.80
N PRO G 129 -73.36 3.02 31.64
CA PRO G 129 -73.32 4.42 32.10
C PRO G 129 -72.25 4.68 33.15
N ALA G 130 -72.12 3.79 34.13
CA ALA G 130 -71.34 4.07 35.32
C ALA G 130 -70.07 3.22 35.32
N THR G 131 -68.98 3.80 34.84
CA THR G 131 -67.70 3.13 34.97
C THR G 131 -67.18 3.29 36.40
N ILE G 132 -66.27 2.42 36.77
CA ILE G 132 -65.77 2.31 38.14
C ILE G 132 -64.30 2.69 38.14
N GLU G 133 -63.91 3.57 39.05
CA GLU G 133 -62.51 3.86 39.30
C GLU G 133 -62.10 3.30 40.66
N THR G 134 -60.92 2.71 40.71
CA THR G 134 -60.43 2.08 41.92
C THR G 134 -59.09 2.69 42.30
N PHE G 135 -58.83 2.74 43.60
CA PHE G 135 -57.58 3.29 44.10
C PHE G 135 -57.15 2.56 45.36
N ASN G 136 -55.85 2.41 45.53
CA ASN G 136 -55.31 1.90 46.77
C ASN G 136 -55.24 3.01 47.80
N GLU G 137 -55.30 2.62 49.08
CA GLU G 137 -54.99 3.56 50.15
C GLU G 137 -53.52 3.97 50.11
N ALA G 138 -52.63 3.06 49.69
CA ALA G 138 -51.24 3.40 49.54
C ALA G 138 -50.97 4.21 48.27
N ALA G 139 -51.85 4.12 47.28
CA ALA G 139 -51.71 4.91 46.07
C ALA G 139 -52.20 6.34 46.24
N LEU G 140 -52.65 6.71 47.43
CA LEU G 140 -53.20 8.03 47.67
C LEU G 140 -52.58 8.72 48.87
N VAL G 141 -51.42 8.28 49.34
CA VAL G 141 -50.85 8.84 50.56
C VAL G 141 -50.38 10.27 50.33
N VAL G 142 -49.90 10.59 49.13
CA VAL G 142 -49.55 11.96 48.78
C VAL G 142 -50.28 12.30 47.50
N ASN G 143 -51.01 13.41 47.51
CA ASN G 143 -51.59 13.95 46.29
C ASN G 143 -50.48 14.38 45.35
N ILE G 144 -50.38 13.68 44.22
CA ILE G 144 -49.22 13.80 43.37
C ILE G 144 -49.16 15.12 42.64
N THR G 145 -50.30 15.81 42.47
CA THR G 145 -50.35 17.07 41.76
C THR G 145 -49.76 18.23 42.55
N HIS G 146 -49.33 17.99 43.78
CA HIS G 146 -48.74 19.03 44.61
C HIS G 146 -47.27 19.21 44.34
N HIS G 147 -46.64 18.27 43.65
CA HIS G 147 -45.20 18.28 43.47
C HIS G 147 -44.78 19.37 42.51
N GLU G 148 -43.59 19.94 42.74
CA GLU G 148 -43.12 21.11 41.99
C GLU G 148 -42.86 20.84 40.52
N LEU G 149 -42.83 19.58 40.09
CA LEU G 149 -42.61 19.28 38.68
C LEU G 149 -43.91 19.00 37.95
N VAL G 150 -44.92 18.45 38.62
CA VAL G 150 -46.19 18.13 37.98
C VAL G 150 -46.96 19.42 37.74
N PRO G 151 -47.33 19.75 36.52
CA PRO G 151 -47.94 21.03 36.23
C PRO G 151 -49.46 20.97 36.42
N LYS G 152 -50.08 22.14 36.32
CA LYS G 152 -51.51 22.28 36.60
C LYS G 152 -52.34 21.62 35.51
N HIS G 153 -53.08 20.59 35.88
CA HIS G 153 -53.89 19.82 34.94
C HIS G 153 -55.33 20.31 34.95
N ILE G 154 -55.80 20.80 33.80
CA ILE G 154 -57.15 21.36 33.67
C ILE G 154 -57.81 20.63 32.51
N ARG G 155 -58.82 19.83 32.81
CA ARG G 155 -59.49 19.19 31.68
C ARG G 155 -60.50 20.13 31.06
N LEU G 156 -60.82 19.87 29.79
CA LEU G 156 -61.58 20.78 28.97
C LEU G 156 -62.93 20.19 28.56
N SER G 157 -63.85 21.06 28.15
CA SER G 157 -65.12 20.61 27.62
C SER G 157 -65.11 20.64 26.10
N SER G 158 -66.10 19.96 25.51
CA SER G 158 -66.08 19.67 24.08
C SER G 158 -66.42 20.86 23.21
N ASP G 159 -66.55 22.06 23.78
CA ASP G 159 -66.85 23.23 22.98
C ASP G 159 -65.66 24.16 22.85
N GLU G 160 -64.68 24.06 23.74
CA GLU G 160 -63.38 24.66 23.52
C GLU G 160 -62.36 23.63 23.07
N LYS G 161 -62.68 22.34 23.22
CA LYS G 161 -62.02 21.30 22.43
C LYS G 161 -62.31 21.50 20.95
N ARG G 162 -63.57 21.80 20.63
CA ARG G 162 -63.96 22.10 19.25
C ARG G 162 -63.24 23.32 18.73
N GLU G 163 -63.05 24.33 19.58
CA GLU G 163 -62.24 25.46 19.20
C GLU G 163 -60.75 25.18 19.29
N LEU G 164 -60.36 24.07 19.93
CA LEU G 164 -58.95 23.69 19.96
C LEU G 164 -58.54 23.01 18.66
N LEU G 165 -59.38 22.11 18.15
CA LEU G 165 -59.14 21.49 16.85
C LEU G 165 -59.24 22.50 15.73
N LYS G 166 -60.01 23.56 15.94
CA LYS G 166 -60.19 24.57 14.92
C LYS G 166 -59.06 25.58 14.93
N ARG G 167 -58.38 25.76 16.07
CA ARG G 167 -57.41 26.84 16.16
C ARG G 167 -56.15 26.54 15.36
N TYR G 168 -55.62 25.32 15.49
CA TYR G 168 -54.44 24.93 14.73
C TYR G 168 -54.79 24.08 13.52
N ARG G 169 -56.08 23.89 13.24
CA ARG G 169 -56.60 23.08 12.14
C ARG G 169 -56.08 21.65 12.24
N LEU G 170 -56.55 20.97 13.28
CA LEU G 170 -56.03 19.70 13.73
C LEU G 170 -56.86 18.52 13.26
N LYS G 171 -56.22 17.36 13.23
CA LYS G 171 -56.92 16.09 13.32
C LYS G 171 -57.24 15.83 14.79
N GLU G 172 -58.10 14.84 15.02
CA GLU G 172 -58.46 14.54 16.39
C GLU G 172 -57.46 13.65 17.11
N SER G 173 -56.30 13.40 16.53
CA SER G 173 -55.33 12.51 17.15
C SER G 173 -53.88 12.96 16.99
N GLN G 174 -53.62 14.13 16.42
CA GLN G 174 -52.26 14.62 16.20
C GLN G 174 -51.80 15.54 17.32
N LEU G 175 -52.22 15.29 18.47
CA LEU G 175 -51.78 15.87 19.71
C LEU G 175 -50.87 14.90 20.46
N PRO G 176 -50.00 15.39 21.33
CA PRO G 176 -49.33 14.49 22.27
C PRO G 176 -50.36 13.77 23.12
N ARG G 177 -50.15 12.48 23.31
CA ARG G 177 -51.09 11.62 23.99
C ARG G 177 -50.78 11.57 25.49
N ILE G 178 -51.80 11.28 26.29
CA ILE G 178 -51.56 10.84 27.65
C ILE G 178 -52.04 9.40 27.71
N GLN G 179 -51.55 8.67 28.70
CA GLN G 179 -51.85 7.25 28.72
C GLN G 179 -53.28 6.99 29.21
N ARG G 180 -53.69 5.74 29.03
CA ARG G 180 -54.98 5.30 29.53
C ARG G 180 -54.99 5.26 31.06
N ALA G 181 -54.02 4.56 31.65
CA ALA G 181 -53.94 4.37 33.09
C ALA G 181 -52.75 5.12 33.68
N ASP G 182 -52.49 6.31 33.15
CA ASP G 182 -51.57 7.24 33.79
C ASP G 182 -52.16 7.63 35.14
N PRO G 183 -51.36 7.67 36.21
CA PRO G 183 -51.92 8.05 37.52
C PRO G 183 -52.49 9.47 37.58
N VAL G 184 -51.95 10.40 36.81
CA VAL G 184 -52.57 11.72 36.74
C VAL G 184 -53.91 11.64 36.03
N ALA G 185 -53.96 10.90 34.94
CA ALA G 185 -55.20 10.73 34.20
C ALA G 185 -56.15 9.73 34.84
N LEU G 186 -55.76 9.09 35.95
CA LEU G 186 -56.74 8.46 36.82
C LEU G 186 -57.14 9.36 37.99
N TYR G 187 -56.27 10.29 38.38
CA TYR G 187 -56.62 11.30 39.37
C TYR G 187 -57.70 12.22 38.84
N LEU G 188 -57.53 12.73 37.61
CA LEU G 188 -58.57 13.52 36.99
C LEU G 188 -59.74 12.69 36.50
N GLY G 189 -59.61 11.37 36.45
CA GLY G 189 -60.70 10.52 36.04
C GLY G 189 -61.07 10.62 34.59
N LEU G 190 -60.08 10.67 33.69
CA LEU G 190 -60.34 10.90 32.28
C LEU G 190 -60.89 9.66 31.61
N LYS G 191 -61.99 9.83 30.87
CA LYS G 191 -62.33 8.89 29.82
C LYS G 191 -61.53 9.24 28.57
N ARG G 192 -61.70 8.46 27.51
CA ARG G 192 -60.91 8.67 26.33
C ARG G 192 -61.39 9.89 25.55
N GLY G 193 -60.44 10.51 24.84
CA GLY G 193 -60.71 11.72 24.12
C GLY G 193 -60.67 12.98 24.94
N GLU G 194 -60.69 12.87 26.26
CA GLU G 194 -60.84 14.04 27.12
C GLU G 194 -59.53 14.80 27.15
N VAL G 195 -59.45 15.85 26.33
CA VAL G 195 -58.26 16.67 26.23
C VAL G 195 -58.07 17.46 27.52
N VAL G 196 -56.91 17.30 28.15
CA VAL G 196 -56.56 18.02 29.36
C VAL G 196 -55.51 19.07 29.01
N LYS G 197 -55.74 20.30 29.44
CA LYS G 197 -54.78 21.37 29.26
C LYS G 197 -53.79 21.37 30.43
N ILE G 198 -52.52 21.54 30.10
CA ILE G 198 -51.45 21.51 31.08
C ILE G 198 -50.68 22.82 30.96
N ILE G 199 -50.69 23.60 32.03
CA ILE G 199 -49.96 24.86 32.08
C ILE G 199 -48.66 24.57 32.82
N ARG G 200 -47.56 24.49 32.09
CA ARG G 200 -46.30 24.20 32.76
C ARG G 200 -45.39 25.41 32.69
N LYS G 201 -44.34 25.34 33.50
CA LYS G 201 -43.34 26.40 33.58
C LYS G 201 -42.27 26.15 32.53
N SER G 202 -42.39 26.79 31.38
CA SER G 202 -41.27 26.81 30.46
C SER G 202 -40.18 27.72 31.04
N GLU G 203 -38.94 27.25 30.97
CA GLU G 203 -37.84 27.92 31.65
C GLU G 203 -37.45 29.24 31.00
N THR G 204 -37.97 29.55 29.82
CA THR G 204 -37.65 30.78 29.13
C THR G 204 -38.90 31.63 28.87
N SER G 205 -40.10 31.14 29.22
CA SER G 205 -41.30 31.95 29.13
C SER G 205 -42.13 31.97 30.41
N GLY G 206 -41.78 31.19 31.41
CA GLY G 206 -42.61 31.13 32.60
C GLY G 206 -43.83 30.30 32.32
N ARG G 207 -45.01 30.86 32.58
CA ARG G 207 -46.25 30.14 32.33
C ARG G 207 -46.45 29.91 30.85
N TYR G 208 -46.80 28.69 30.51
CA TYR G 208 -47.00 28.30 29.11
C TYR G 208 -47.96 27.13 29.12
N ALA G 209 -49.07 27.29 28.45
CA ALA G 209 -50.11 26.27 28.47
C ALA G 209 -49.95 25.37 27.26
N SER G 210 -49.80 24.08 27.51
CA SER G 210 -49.87 23.10 26.44
C SER G 210 -51.07 22.19 26.70
N TYR G 211 -51.21 21.20 25.84
CA TYR G 211 -52.38 20.36 25.83
C TYR G 211 -51.93 18.93 25.61
N ARG G 212 -52.86 18.00 25.82
CA ARG G 212 -52.57 16.59 25.71
C ARG G 212 -53.91 15.89 25.59
N ILE G 213 -53.91 14.73 24.94
CA ILE G 213 -55.15 14.02 24.68
C ILE G 213 -55.08 12.72 25.46
N CYS G 214 -56.24 12.10 25.66
CA CYS G 214 -56.30 10.81 26.34
C CYS G 214 -56.95 9.80 25.43
N MET G 215 -56.29 8.67 25.24
CA MET G 215 -56.86 7.60 24.44
C MET G 215 -56.71 6.26 25.14
N PRO H 55 -64.90 12.56 -21.02
CA PRO H 55 -66.23 13.06 -21.40
C PRO H 55 -67.27 13.00 -20.28
N GLU H 56 -67.35 11.88 -19.55
CA GLU H 56 -68.29 11.75 -18.45
C GLU H 56 -67.65 11.46 -17.11
N ASP H 57 -66.52 10.74 -17.07
CA ASP H 57 -65.84 10.46 -15.82
C ASP H 57 -64.74 11.45 -15.51
N PHE H 58 -64.32 12.27 -16.47
CA PHE H 58 -63.57 13.46 -16.10
C PHE H 58 -64.50 14.52 -15.56
N GLN H 59 -65.80 14.41 -15.85
CA GLN H 59 -66.79 15.26 -15.19
C GLN H 59 -66.93 14.89 -13.72
N GLN H 60 -66.84 13.60 -13.39
CA GLN H 60 -66.71 13.15 -12.01
C GLN H 60 -65.27 13.14 -11.54
N HIS H 61 -64.43 13.99 -12.11
CA HIS H 61 -63.05 14.14 -11.66
C HIS H 61 -62.61 15.58 -11.52
N GLU H 62 -63.16 16.52 -12.31
CA GLU H 62 -62.89 17.93 -12.13
C GLU H 62 -63.89 18.57 -11.17
N GLN H 63 -65.10 18.04 -11.11
CA GLN H 63 -66.08 18.49 -10.11
C GLN H 63 -65.58 18.21 -8.70
N ILE H 64 -64.99 17.03 -8.49
CA ILE H 64 -64.53 16.65 -7.17
C ILE H 64 -63.29 17.45 -6.79
N ARG H 65 -62.36 17.60 -7.73
CA ARG H 65 -61.05 18.17 -7.42
C ARG H 65 -61.13 19.67 -7.14
N ARG H 66 -61.77 20.42 -8.03
CA ARG H 66 -61.81 21.87 -7.88
C ARG H 66 -62.74 22.31 -6.75
N LYS H 67 -63.69 21.46 -6.36
CA LYS H 67 -64.42 21.71 -5.12
C LYS H 67 -63.52 21.46 -3.92
N THR H 68 -62.72 20.39 -3.97
CA THR H 68 -61.74 20.11 -2.93
C THR H 68 -60.65 21.17 -2.91
N LEU H 69 -60.29 21.70 -4.08
CA LEU H 69 -59.38 22.85 -4.12
C LEU H 69 -60.05 24.10 -3.59
N LYS H 70 -61.37 24.20 -3.70
CA LYS H 70 -62.09 25.35 -3.18
C LYS H 70 -62.27 25.28 -1.66
N GLU H 71 -62.14 24.08 -1.09
CA GLU H 71 -62.31 23.87 0.35
C GLU H 71 -61.28 24.66 1.15
N LYS H 72 -60.01 24.36 0.91
CA LYS H 72 -58.94 24.68 1.84
C LYS H 72 -58.35 26.05 1.61
N ALA H 73 -59.07 26.92 0.93
CA ALA H 73 -58.63 28.30 0.73
C ALA H 73 -59.08 29.13 1.91
N ILE H 74 -58.23 30.06 2.31
CA ILE H 74 -58.53 30.95 3.41
C ILE H 74 -58.47 32.38 2.89
N PRO H 75 -59.59 33.08 2.79
CA PRO H 75 -59.60 34.39 2.10
C PRO H 75 -58.94 35.51 2.88
N LYS H 76 -58.98 36.71 2.31
CA LYS H 76 -58.22 37.85 2.82
C LYS H 76 -58.73 38.34 4.18
N ASP H 77 -59.99 38.06 4.51
CA ASP H 77 -60.47 38.41 5.84
C ASP H 77 -60.15 37.36 6.88
N GLN H 78 -60.11 36.09 6.49
CA GLN H 78 -59.86 35.01 7.45
C GLN H 78 -58.39 34.67 7.60
N ARG H 79 -57.50 35.30 6.84
CA ARG H 79 -56.10 34.90 6.89
C ARG H 79 -55.43 35.55 8.10
N ALA H 80 -54.76 34.72 8.90
CA ALA H 80 -54.15 35.17 10.15
C ALA H 80 -52.79 34.54 10.37
N THR H 81 -51.99 34.42 9.33
CA THR H 81 -50.58 34.12 9.50
C THR H 81 -49.79 35.42 9.41
N THR H 82 -48.49 35.32 9.37
CA THR H 82 -47.67 36.49 9.65
C THR H 82 -47.62 37.44 8.46
N PRO H 83 -47.60 38.76 8.71
CA PRO H 83 -47.54 39.74 7.62
C PRO H 83 -46.13 40.08 7.20
N TYR H 84 -45.19 39.20 7.53
CA TYR H 84 -43.79 39.36 7.20
C TYR H 84 -43.38 38.39 6.09
N MET H 85 -42.22 38.66 5.51
CA MET H 85 -41.61 37.77 4.54
C MET H 85 -40.56 36.93 5.27
N THR H 86 -40.80 35.64 5.39
CA THR H 86 -40.16 34.82 6.41
C THR H 86 -38.84 34.22 5.96
N LYS H 87 -37.94 35.03 5.38
CA LYS H 87 -36.53 34.78 5.08
C LYS H 87 -36.24 33.57 4.17
N TYR H 88 -37.25 32.76 3.88
CA TYR H 88 -37.20 31.68 2.92
C TYR H 88 -38.06 32.02 1.71
N GLU H 89 -39.16 32.69 1.99
CA GLU H 89 -39.92 33.40 0.98
C GLU H 89 -39.02 34.38 0.25
N ARG H 90 -38.19 35.12 0.99
CA ARG H 90 -37.25 36.02 0.33
C ARG H 90 -36.20 35.26 -0.47
N ALA H 91 -35.86 34.04 -0.07
CA ALA H 91 -34.94 33.26 -0.88
C ALA H 91 -35.60 32.78 -2.16
N ARG H 92 -36.72 32.04 -2.03
CA ARG H 92 -37.32 31.35 -3.18
C ARG H 92 -37.93 32.33 -4.17
N ILE H 93 -38.35 33.52 -3.71
CA ILE H 93 -38.68 34.58 -4.65
C ILE H 93 -37.46 35.00 -5.43
N LEU H 94 -36.38 35.36 -4.73
CA LEU H 94 -35.17 35.80 -5.41
C LEU H 94 -34.48 34.69 -6.18
N GLY H 95 -34.87 33.44 -5.99
CA GLY H 95 -34.45 32.43 -6.92
C GLY H 95 -35.34 32.45 -8.15
N THR H 96 -36.63 32.16 -7.95
CA THR H 96 -37.54 31.91 -9.06
C THR H 96 -37.86 33.19 -9.83
N ARG H 97 -37.83 34.36 -9.20
CA ARG H 97 -37.89 35.59 -9.99
C ARG H 97 -36.63 35.77 -10.81
N ALA H 98 -35.46 35.51 -10.23
CA ALA H 98 -34.25 35.50 -11.02
C ALA H 98 -34.17 34.32 -11.97
N LEU H 99 -34.91 33.25 -11.69
CA LEU H 99 -34.91 32.13 -12.61
C LEU H 99 -35.78 32.41 -13.82
N GLN H 100 -36.78 33.29 -13.69
CA GLN H 100 -37.58 33.69 -14.84
C GLN H 100 -36.83 34.69 -15.71
N ILE H 101 -36.19 35.69 -15.09
CA ILE H 101 -35.50 36.76 -15.81
C ILE H 101 -34.35 36.23 -16.66
N SER H 102 -33.76 35.10 -16.26
CA SER H 102 -32.78 34.44 -17.10
C SER H 102 -33.38 33.93 -18.39
N MET H 103 -34.68 33.59 -18.39
CA MET H 103 -35.35 33.04 -19.55
C MET H 103 -36.16 34.09 -20.31
N ASN H 104 -35.66 35.34 -20.32
CA ASN H 104 -36.26 36.48 -21.04
C ASN H 104 -37.69 36.76 -20.61
N ALA H 105 -37.98 36.58 -19.33
CA ALA H 105 -39.23 37.07 -18.79
C ALA H 105 -39.18 38.60 -18.75
N PRO H 106 -40.35 39.26 -18.83
CA PRO H 106 -40.34 40.72 -18.80
C PRO H 106 -39.91 41.27 -17.46
N VAL H 107 -39.06 42.29 -17.51
CA VAL H 107 -38.36 42.82 -16.36
C VAL H 107 -38.97 44.17 -16.04
N PHE H 108 -39.66 44.25 -14.90
CA PHE H 108 -40.40 45.46 -14.56
C PHE H 108 -39.57 46.42 -13.74
N VAL H 109 -38.35 46.72 -14.21
CA VAL H 109 -37.45 47.65 -13.55
C VAL H 109 -36.47 48.15 -14.60
N ASP H 110 -35.83 49.27 -14.32
CA ASP H 110 -34.85 49.85 -15.24
C ASP H 110 -33.47 49.34 -14.84
N LEU H 111 -33.14 48.15 -15.34
CA LEU H 111 -31.82 47.57 -15.08
C LEU H 111 -30.77 48.36 -15.86
N GLU H 112 -29.69 48.72 -15.17
CA GLU H 112 -28.67 49.60 -15.73
C GLU H 112 -27.34 48.90 -15.62
N GLY H 113 -27.04 48.08 -16.63
CA GLY H 113 -25.78 47.36 -16.67
C GLY H 113 -25.65 46.32 -15.58
N GLU H 114 -26.60 45.39 -15.51
CA GLU H 114 -26.49 44.28 -14.60
C GLU H 114 -26.69 42.98 -15.37
N THR H 115 -25.76 42.06 -15.20
CA THR H 115 -25.78 40.79 -15.91
C THR H 115 -26.32 39.65 -15.07
N ASP H 116 -26.28 39.77 -13.78
CA ASP H 116 -26.74 38.72 -12.90
C ASP H 116 -28.24 38.77 -12.79
N PRO H 117 -28.95 37.66 -13.02
CA PRO H 117 -30.38 37.64 -12.73
C PRO H 117 -30.70 37.87 -11.26
N LEU H 118 -29.78 37.52 -10.36
CA LEU H 118 -30.04 37.70 -8.94
C LEU H 118 -30.06 39.17 -8.55
N ARG H 119 -29.05 39.94 -8.99
CA ARG H 119 -29.03 41.36 -8.68
C ARG H 119 -30.10 42.13 -9.41
N ILE H 120 -30.57 41.64 -10.56
CA ILE H 120 -31.73 42.23 -11.20
C ILE H 120 -32.98 41.97 -10.38
N ALA H 121 -33.14 40.74 -9.87
CA ALA H 121 -34.32 40.41 -9.08
C ALA H 121 -34.33 41.08 -7.72
N MET H 122 -33.18 41.46 -7.19
CA MET H 122 -33.09 42.25 -5.97
C MET H 122 -33.27 43.73 -6.24
N LYS H 123 -33.47 44.11 -7.50
CA LYS H 123 -33.80 45.47 -7.87
C LYS H 123 -35.30 45.64 -8.11
N GLU H 124 -36.00 44.53 -8.33
CA GLU H 124 -37.46 44.53 -8.38
C GLU H 124 -38.09 44.33 -7.00
N LEU H 125 -37.44 43.58 -6.12
CA LEU H 125 -37.98 43.41 -4.78
C LEU H 125 -37.86 44.69 -3.97
N ALA H 126 -36.86 45.50 -4.26
CA ALA H 126 -36.71 46.78 -3.57
C ALA H 126 -37.78 47.79 -3.96
N GLU H 127 -38.52 47.52 -5.04
CA GLU H 127 -39.57 48.41 -5.52
C GLU H 127 -40.92 47.71 -5.58
N LYS H 128 -41.04 46.54 -4.96
CA LYS H 128 -42.29 45.77 -4.82
C LYS H 128 -42.90 45.42 -6.18
N LYS H 129 -42.05 45.09 -7.14
CA LYS H 129 -42.49 44.90 -8.51
C LYS H 129 -42.74 43.44 -8.86
N ILE H 130 -42.32 42.51 -8.02
CA ILE H 130 -42.31 41.10 -8.40
C ILE H 130 -43.71 40.52 -8.40
N PRO H 131 -44.18 39.99 -9.54
CA PRO H 131 -45.53 39.44 -9.66
C PRO H 131 -45.60 37.96 -9.28
N LEU H 132 -45.45 37.69 -8.00
CA LEU H 132 -45.61 36.35 -7.47
C LEU H 132 -46.63 36.36 -6.34
N VAL H 133 -47.22 35.19 -6.10
CA VAL H 133 -48.17 35.01 -5.01
C VAL H 133 -47.72 33.83 -4.18
N ILE H 134 -47.39 34.07 -2.92
CA ILE H 134 -46.86 33.05 -2.04
C ILE H 134 -47.99 32.15 -1.56
N ARG H 135 -47.81 30.85 -1.68
CA ARG H 135 -48.79 29.86 -1.26
C ARG H 135 -48.31 29.26 0.05
N ARG H 136 -48.67 29.90 1.17
CA ARG H 136 -48.29 29.43 2.50
C ARG H 136 -49.21 28.29 2.92
N TYR H 137 -48.70 27.07 2.83
CA TYR H 137 -49.50 25.94 3.28
C TYR H 137 -49.52 25.87 4.79
N LEU H 138 -50.57 25.25 5.30
CA LEU H 138 -50.71 24.86 6.68
C LEU H 138 -50.86 23.34 6.71
N PRO H 139 -50.32 22.67 7.73
CA PRO H 139 -50.12 21.22 7.64
C PRO H 139 -51.38 20.37 7.74
N ASP H 140 -52.55 20.99 7.91
CA ASP H 140 -53.79 20.27 7.61
C ASP H 140 -53.93 20.06 6.11
N GLY H 141 -53.40 20.99 5.31
CA GLY H 141 -53.56 20.99 3.87
C GLY H 141 -53.98 22.35 3.36
N SER H 142 -54.46 23.21 4.26
CA SER H 142 -55.04 24.49 3.88
C SER H 142 -53.94 25.46 3.46
N PHE H 143 -54.36 26.65 3.03
CA PHE H 143 -53.40 27.60 2.52
C PHE H 143 -53.93 29.01 2.63
N GLU H 144 -53.01 29.97 2.57
CA GLU H 144 -53.34 31.39 2.52
C GLU H 144 -52.48 32.03 1.44
N ASP H 145 -53.11 32.80 0.57
CA ASP H 145 -52.43 33.32 -0.61
C ASP H 145 -52.00 34.75 -0.37
N TRP H 146 -50.73 35.01 -0.66
CA TRP H 146 -50.07 36.23 -0.25
C TRP H 146 -49.26 36.78 -1.41
N SER H 147 -49.51 38.02 -1.76
CA SER H 147 -48.74 38.63 -2.83
C SER H 147 -47.50 39.29 -2.26
N VAL H 148 -46.53 39.56 -3.13
CA VAL H 148 -45.27 40.19 -2.72
C VAL H 148 -45.51 41.63 -2.28
N GLU H 149 -46.54 42.27 -2.84
CA GLU H 149 -46.78 43.68 -2.60
C GLU H 149 -47.21 43.94 -1.17
N GLU H 150 -47.95 43.00 -0.58
CA GLU H 150 -48.57 43.21 0.72
C GLU H 150 -47.70 42.74 1.88
N LEU H 151 -46.42 42.47 1.64
CA LEU H 151 -45.51 42.04 2.69
C LEU H 151 -44.39 43.06 2.82
N ILE H 152 -43.61 42.92 3.88
CA ILE H 152 -42.56 43.87 4.22
C ILE H 152 -41.22 43.15 4.18
N VAL H 153 -40.32 43.60 3.31
CA VAL H 153 -39.03 42.96 3.13
C VAL H 153 -38.06 43.52 4.16
N ASP H 154 -37.49 42.64 4.96
CA ASP H 154 -36.59 43.04 6.04
C ASP H 154 -35.17 43.22 5.54
N ASN I 8 -66.66 -13.81 -13.99
CA ASN I 8 -65.25 -13.53 -13.71
C ASN I 8 -64.67 -12.60 -14.76
N GLU I 9 -64.49 -13.14 -15.97
CA GLU I 9 -63.93 -12.41 -17.10
C GLU I 9 -65.00 -11.90 -18.05
N ASN I 10 -66.17 -11.55 -17.54
CA ASN I 10 -67.22 -10.95 -18.34
C ASN I 10 -67.44 -9.47 -18.05
N ARG I 11 -67.16 -9.02 -16.83
CA ARG I 11 -67.24 -7.61 -16.49
C ARG I 11 -65.90 -6.91 -16.58
N GLU I 12 -64.79 -7.65 -16.67
CA GLU I 12 -63.49 -7.05 -16.94
C GLU I 12 -63.31 -6.73 -18.42
N THR I 13 -64.01 -7.45 -19.31
CA THR I 13 -63.99 -7.12 -20.72
C THR I 13 -64.69 -5.80 -21.01
N ALA I 14 -65.61 -5.38 -20.14
CA ALA I 14 -66.26 -4.08 -20.29
C ALA I 14 -65.30 -2.92 -20.05
N ARG I 15 -64.18 -3.16 -19.36
CA ARG I 15 -63.11 -2.17 -19.32
C ARG I 15 -62.48 -1.96 -20.69
N PHE I 16 -62.54 -2.96 -21.57
CA PHE I 16 -61.98 -2.87 -22.91
C PHE I 16 -63.01 -2.50 -23.97
N ILE I 17 -64.26 -2.95 -23.82
CA ILE I 17 -65.29 -2.61 -24.80
C ILE I 17 -65.64 -1.13 -24.71
N LYS I 18 -65.76 -0.60 -23.49
CA LYS I 18 -65.97 0.84 -23.30
C LYS I 18 -64.72 1.65 -23.59
N LYS I 19 -63.57 1.02 -23.77
CA LYS I 19 -62.31 1.73 -23.92
C LYS I 19 -62.18 2.38 -25.29
N HIS I 20 -62.40 1.62 -26.36
CA HIS I 20 -62.12 2.09 -27.70
C HIS I 20 -63.34 2.66 -28.41
N LYS I 21 -64.52 2.13 -28.13
CA LYS I 21 -65.72 2.44 -28.89
C LYS I 21 -66.18 3.87 -28.61
N LYS I 22 -66.13 4.71 -29.64
CA LYS I 22 -66.60 6.08 -29.52
C LYS I 22 -68.12 6.11 -29.39
N GLN I 23 -68.62 7.08 -28.64
CA GLN I 23 -70.05 7.13 -28.34
C GLN I 23 -70.86 7.69 -29.50
N VAL I 24 -70.60 8.94 -29.86
CA VAL I 24 -71.49 9.67 -30.76
C VAL I 24 -71.22 9.25 -32.19
N THR I 25 -72.24 8.73 -32.85
CA THR I 25 -72.11 8.15 -34.18
C THR I 25 -72.08 9.25 -35.24
N ASN I 26 -72.03 8.83 -36.50
CA ASN I 26 -72.15 9.72 -37.65
C ASN I 26 -73.49 9.42 -38.33
N PRO I 27 -74.56 10.12 -37.97
CA PRO I 27 -75.86 9.83 -38.57
C PRO I 27 -75.93 10.30 -40.02
N ILE I 28 -76.71 9.58 -40.81
CA ILE I 28 -76.84 9.86 -42.23
C ILE I 28 -77.77 11.04 -42.46
N ASP I 29 -77.20 12.25 -42.51
CA ASP I 29 -77.97 13.47 -42.41
C ASP I 29 -78.20 14.11 -43.77
N GLU I 30 -79.33 14.85 -43.87
CA GLU I 30 -79.85 15.62 -45.01
C GLU I 30 -79.97 14.83 -46.32
N LYS I 31 -79.92 13.49 -46.24
CA LYS I 31 -80.12 12.57 -47.38
C LYS I 31 -79.19 12.86 -48.55
N ASN I 32 -77.95 13.25 -48.24
CA ASN I 32 -76.94 13.47 -49.26
C ASN I 32 -76.17 12.20 -49.59
N GLY I 33 -76.34 11.15 -48.79
CA GLY I 33 -75.49 9.98 -48.82
C GLY I 33 -74.34 10.06 -47.85
N THR I 34 -73.85 11.27 -47.60
CA THR I 34 -72.83 11.49 -46.58
C THR I 34 -73.46 11.46 -45.19
N SER I 35 -72.69 10.95 -44.24
CA SER I 35 -73.04 11.11 -42.83
C SER I 35 -72.46 12.43 -42.34
N ASN I 36 -72.45 12.65 -41.03
CA ASN I 36 -71.96 13.91 -40.46
C ASN I 36 -70.74 13.59 -39.62
N CYS I 37 -69.60 14.17 -39.99
CA CYS I 37 -68.32 13.79 -39.42
C CYS I 37 -67.53 14.94 -38.82
N ILE I 38 -67.93 16.19 -39.02
CA ILE I 38 -67.28 17.32 -38.37
C ILE I 38 -68.01 17.55 -37.05
N VAL I 39 -67.29 17.43 -35.95
CA VAL I 39 -67.90 17.32 -34.63
C VAL I 39 -67.13 18.19 -33.65
N ARG I 40 -67.86 18.86 -32.76
CA ARG I 40 -67.29 19.74 -31.75
C ARG I 40 -67.16 19.02 -30.42
N VAL I 41 -66.02 19.18 -29.76
CA VAL I 41 -65.86 18.69 -28.40
C VAL I 41 -64.97 19.66 -27.64
N PRO I 42 -65.30 20.00 -26.39
CA PRO I 42 -64.39 20.79 -25.57
C PRO I 42 -63.49 19.92 -24.73
N ILE I 43 -62.27 20.41 -24.51
CA ILE I 43 -61.24 19.63 -23.82
C ILE I 43 -60.62 20.40 -22.67
N ALA I 44 -59.58 19.81 -22.08
CA ALA I 44 -58.73 20.48 -21.09
C ALA I 44 -57.28 20.08 -21.33
N LEU I 45 -56.41 21.07 -21.58
CA LEU I 45 -54.99 20.85 -21.83
C LEU I 45 -54.23 20.66 -20.51
N TYR I 46 -52.91 20.71 -20.59
CA TYR I 46 -52.07 21.01 -19.42
C TYR I 46 -50.81 21.70 -19.95
N VAL I 47 -50.85 23.02 -19.97
CA VAL I 47 -49.89 23.82 -20.72
C VAL I 47 -48.61 23.97 -19.92
N SER I 48 -47.59 24.53 -20.56
CA SER I 48 -46.36 24.91 -19.89
C SER I 48 -46.03 26.30 -20.38
N LEU I 49 -46.56 27.31 -19.69
CA LEU I 49 -46.39 28.69 -20.13
C LEU I 49 -44.94 29.12 -20.03
N ALA I 50 -44.49 29.82 -21.05
CA ALA I 50 -43.14 30.31 -21.10
C ALA I 50 -42.94 31.44 -20.10
N PRO I 51 -41.71 31.69 -19.69
CA PRO I 51 -41.43 32.89 -18.90
C PRO I 51 -41.54 34.16 -19.72
N MET I 52 -41.20 34.06 -21.02
CA MET I 52 -41.24 35.23 -21.89
C MET I 52 -42.65 35.62 -22.27
N TYR I 53 -43.62 34.71 -22.10
CA TYR I 53 -45.03 35.04 -22.30
C TYR I 53 -45.72 35.26 -20.96
N LEU I 54 -45.04 35.89 -20.02
CA LEU I 54 -45.68 36.25 -18.76
C LEU I 54 -46.55 37.48 -18.93
N GLU I 55 -46.08 38.45 -19.74
CA GLU I 55 -46.84 39.67 -19.98
C GLU I 55 -48.10 39.40 -20.80
N ASN I 56 -48.00 38.51 -21.79
CA ASN I 56 -49.12 38.20 -22.69
C ASN I 56 -49.40 36.71 -22.63
N PRO I 57 -50.01 36.22 -21.54
CA PRO I 57 -50.13 34.78 -21.33
C PRO I 57 -51.18 34.10 -22.19
N LEU I 58 -52.06 34.85 -22.84
CA LEU I 58 -52.97 34.21 -23.78
C LEU I 58 -52.29 33.88 -25.09
N GLN I 59 -51.35 34.72 -25.51
CA GLN I 59 -50.62 34.45 -26.75
C GLN I 59 -49.63 33.33 -26.58
N GLY I 60 -49.15 33.10 -25.35
CA GLY I 60 -48.20 32.02 -25.13
C GLY I 60 -48.80 30.64 -25.08
N VAL I 61 -50.05 30.53 -24.61
CA VAL I 61 -50.69 29.23 -24.56
C VAL I 61 -51.08 28.77 -25.97
N MET I 62 -51.60 29.70 -26.77
CA MET I 62 -52.07 29.35 -28.11
C MET I 62 -50.92 29.02 -29.04
N LYS I 63 -49.87 29.84 -29.02
CA LYS I 63 -48.79 29.68 -30.00
C LYS I 63 -47.98 28.42 -29.74
N GLN I 64 -47.87 28.01 -28.48
CA GLN I 64 -46.97 26.93 -28.13
C GLN I 64 -47.65 25.57 -28.07
N HIS I 65 -48.96 25.52 -27.94
CA HIS I 65 -49.64 24.26 -27.72
C HIS I 65 -50.88 24.09 -28.57
N LEU I 66 -51.36 25.15 -29.22
CA LEU I 66 -52.58 25.10 -30.01
C LEU I 66 -52.33 25.33 -31.49
N ASN I 67 -51.35 26.16 -31.85
CA ASN I 67 -51.04 26.33 -33.26
C ASN I 67 -50.38 25.07 -33.82
N PRO I 68 -49.51 24.33 -33.10
CA PRO I 68 -49.17 22.99 -33.61
C PRO I 68 -50.19 21.91 -33.28
N LEU I 69 -51.42 22.26 -32.92
CA LEU I 69 -52.41 21.24 -32.63
C LEU I 69 -53.36 20.97 -33.80
N VAL I 70 -53.61 21.96 -34.65
CA VAL I 70 -54.51 21.77 -35.78
C VAL I 70 -53.81 20.97 -36.87
N MET I 71 -54.62 20.24 -37.64
CA MET I 71 -54.23 19.53 -38.85
C MET I 71 -53.18 18.46 -38.56
N LYS I 72 -53.33 17.81 -37.42
CA LYS I 72 -52.65 16.56 -37.11
C LYS I 72 -53.66 15.62 -36.48
N TYR I 73 -53.51 14.32 -36.74
CA TYR I 73 -54.38 13.36 -36.09
C TYR I 73 -54.04 13.25 -34.62
N ASN I 74 -55.06 13.33 -33.78
CA ASN I 74 -54.89 13.36 -32.34
C ASN I 74 -55.41 12.04 -31.76
N ASN I 75 -54.55 11.34 -31.02
CA ASN I 75 -54.91 10.02 -30.53
C ASN I 75 -55.84 10.05 -29.32
N LYS I 76 -56.17 11.22 -28.77
CA LYS I 76 -57.10 11.27 -27.65
C LYS I 76 -58.55 11.46 -28.11
N VAL I 77 -58.80 12.47 -28.94
CA VAL I 77 -60.13 12.63 -29.50
C VAL I 77 -60.42 11.58 -30.55
N GLY I 78 -59.39 11.00 -31.16
CA GLY I 78 -59.59 10.10 -32.27
C GLY I 78 -59.92 10.80 -33.57
N GLY I 79 -59.37 11.98 -33.80
CA GLY I 79 -59.70 12.75 -34.98
C GLY I 79 -58.63 13.74 -35.35
N VAL I 80 -58.62 14.12 -36.61
CA VAL I 80 -57.77 15.21 -37.08
C VAL I 80 -58.36 16.52 -36.57
N VAL I 81 -57.57 17.28 -35.84
CA VAL I 81 -58.04 18.54 -35.26
C VAL I 81 -58.15 19.57 -36.38
N LEU I 82 -59.38 20.02 -36.64
CA LEU I 82 -59.58 20.99 -37.72
C LEU I 82 -59.27 22.40 -37.23
N GLY I 83 -59.87 22.80 -36.12
CA GLY I 83 -59.66 24.15 -35.65
C GLY I 83 -60.14 24.29 -34.22
N TYR I 84 -59.76 25.42 -33.63
CA TYR I 84 -60.10 25.76 -32.26
C TYR I 84 -60.55 27.21 -32.23
N GLU I 85 -61.07 27.63 -31.07
CA GLU I 85 -61.34 29.02 -30.72
C GLU I 85 -61.72 29.05 -29.25
N GLY I 86 -61.42 30.16 -28.59
CA GLY I 86 -61.89 30.36 -27.23
C GLY I 86 -61.12 29.67 -26.12
N LEU I 87 -59.87 30.10 -25.92
CA LEU I 87 -59.10 29.65 -24.77
C LEU I 87 -59.71 30.18 -23.48
N LYS I 88 -59.69 29.33 -22.44
CA LYS I 88 -60.17 29.74 -21.12
C LYS I 88 -59.17 29.25 -20.09
N ILE I 89 -58.19 30.10 -19.76
CA ILE I 89 -57.24 29.80 -18.71
C ILE I 89 -57.96 29.84 -17.37
N LEU I 90 -57.79 28.79 -16.58
CA LEU I 90 -58.38 28.71 -15.24
C LEU I 90 -57.62 29.58 -14.27
N ASP I 91 -57.86 29.38 -12.99
CA ASP I 91 -57.07 30.07 -11.99
C ASP I 91 -56.69 29.06 -10.92
N ALA I 92 -55.65 29.40 -10.16
CA ALA I 92 -55.27 28.61 -9.01
C ALA I 92 -55.71 29.23 -7.70
N ASP I 93 -56.23 30.45 -7.72
CA ASP I 93 -56.86 31.06 -6.57
C ASP I 93 -58.36 30.97 -6.73
N PRO I 94 -59.04 30.05 -6.05
CA PRO I 94 -60.50 29.95 -6.19
C PRO I 94 -61.24 31.11 -5.54
N LEU I 95 -61.18 32.27 -6.18
CA LEU I 95 -61.85 33.46 -5.69
C LEU I 95 -63.31 33.46 -6.13
N ASP I 99 -63.33 34.91 -15.65
CA ASP I 99 -64.09 35.77 -14.74
C ASP I 99 -63.48 37.15 -14.66
N THR I 100 -62.19 37.20 -14.39
CA THR I 100 -61.47 38.45 -14.22
C THR I 100 -60.13 38.34 -14.96
N SER I 101 -59.31 39.37 -14.83
CA SER I 101 -58.07 39.46 -15.59
C SER I 101 -56.90 38.76 -14.90
N GLU I 102 -56.51 39.24 -13.72
CA GLU I 102 -55.29 38.74 -13.09
C GLU I 102 -55.56 37.42 -12.41
N LYS I 103 -55.58 36.36 -13.22
CA LYS I 103 -55.51 35.03 -12.67
C LYS I 103 -54.05 34.67 -12.41
N LEU I 104 -53.83 33.55 -11.73
CA LEU I 104 -52.51 33.21 -11.28
C LEU I 104 -52.23 31.72 -11.47
N ILE I 105 -51.03 31.42 -11.99
CA ILE I 105 -50.65 30.07 -12.33
C ILE I 105 -49.49 29.66 -11.43
N LYS I 106 -49.17 28.36 -11.46
CA LYS I 106 -48.28 27.75 -10.47
C LYS I 106 -46.95 27.35 -11.10
N ILE I 107 -45.88 28.00 -10.65
CA ILE I 107 -44.54 27.68 -11.10
C ILE I 107 -44.11 26.33 -10.56
N THR I 108 -43.57 25.49 -11.44
CA THR I 108 -42.84 24.30 -11.01
C THR I 108 -41.65 24.72 -10.16
N PRO I 109 -41.38 24.00 -9.06
CA PRO I 109 -40.31 24.44 -8.13
C PRO I 109 -38.91 24.50 -8.72
N ASP I 110 -38.59 23.71 -9.74
CA ASP I 110 -37.25 23.70 -10.31
C ASP I 110 -37.13 24.55 -11.57
N THR I 111 -38.23 24.86 -12.24
CA THR I 111 -38.19 25.58 -13.50
C THR I 111 -38.68 27.00 -13.27
N PRO I 112 -38.48 27.90 -14.23
CA PRO I 112 -39.32 29.10 -14.29
C PRO I 112 -40.58 28.91 -15.11
N PHE I 113 -40.84 27.69 -15.56
CA PHE I 113 -42.02 27.36 -16.34
C PHE I 113 -43.16 27.03 -15.41
N GLY I 114 -44.25 27.79 -15.51
CA GLY I 114 -45.41 27.62 -14.67
C GLY I 114 -46.57 27.01 -15.46
N PHE I 115 -47.14 25.95 -14.90
CA PHE I 115 -48.13 25.17 -15.64
C PHE I 115 -49.51 25.52 -15.11
N THR I 116 -50.53 25.35 -15.96
CA THR I 116 -51.89 25.60 -15.51
C THR I 116 -52.87 24.77 -16.32
N TRP I 117 -54.15 25.02 -16.07
CA TRP I 117 -55.25 24.36 -16.76
C TRP I 117 -55.93 25.33 -17.71
N CYS I 118 -56.38 24.82 -18.85
CA CYS I 118 -57.09 25.63 -19.83
C CYS I 118 -58.26 24.82 -20.35
N HIS I 119 -59.44 25.43 -20.39
CA HIS I 119 -60.50 24.91 -21.24
C HIS I 119 -60.42 25.59 -22.60
N VAL I 120 -60.69 24.81 -23.64
CA VAL I 120 -60.68 25.32 -25.00
C VAL I 120 -61.61 24.41 -25.79
N ASN I 121 -62.05 24.90 -26.95
CA ASN I 121 -63.08 24.23 -27.74
C ASN I 121 -62.49 23.81 -29.08
N LEU I 122 -62.72 22.56 -29.46
CA LEU I 122 -62.16 22.01 -30.68
C LEU I 122 -63.24 21.62 -31.68
N TYR I 123 -62.81 21.49 -32.93
CA TYR I 123 -63.61 20.94 -34.02
C TYR I 123 -62.72 19.95 -34.73
N VAL I 124 -63.17 18.70 -34.84
CA VAL I 124 -62.33 17.67 -35.46
C VAL I 124 -63.09 16.98 -36.58
N TRP I 125 -62.44 16.01 -37.21
CA TRP I 125 -63.06 15.16 -38.20
C TRP I 125 -63.20 13.75 -37.61
N GLN I 126 -64.37 13.14 -37.80
CA GLN I 126 -64.70 11.89 -37.14
C GLN I 126 -64.98 10.79 -38.16
N PRO I 127 -63.97 10.03 -38.56
CA PRO I 127 -64.23 8.82 -39.36
C PRO I 127 -64.46 7.60 -38.48
N GLN I 128 -65.38 6.75 -38.93
CA GLN I 128 -65.72 5.53 -38.20
C GLN I 128 -65.81 4.39 -39.19
N VAL I 129 -66.31 3.25 -38.71
CA VAL I 129 -66.72 2.14 -39.57
C VAL I 129 -68.19 2.34 -39.87
N GLY I 130 -68.68 1.72 -40.93
CA GLY I 130 -70.08 1.87 -41.28
C GLY I 130 -70.48 3.21 -41.83
N ASP I 131 -69.52 4.08 -42.16
CA ASP I 131 -69.80 5.39 -42.72
C ASP I 131 -69.81 5.33 -44.25
N VAL I 132 -70.57 6.24 -44.84
CA VAL I 132 -70.64 6.42 -46.29
C VAL I 132 -70.44 7.90 -46.56
N LEU I 133 -69.43 8.22 -47.38
CA LEU I 133 -69.08 9.61 -47.64
C LEU I 133 -68.99 9.85 -49.15
N GLU I 134 -68.87 11.13 -49.51
CA GLU I 134 -68.79 11.55 -50.92
C GLU I 134 -67.72 12.61 -51.05
N GLY I 135 -66.77 12.38 -51.95
CA GLY I 135 -65.73 13.36 -52.24
C GLY I 135 -65.21 13.16 -53.66
N TYR I 136 -64.45 14.15 -54.13
CA TYR I 136 -63.92 14.10 -55.49
C TYR I 136 -62.85 13.03 -55.62
N ILE I 137 -62.82 12.40 -56.79
CA ILE I 137 -61.72 11.54 -57.21
C ILE I 137 -60.66 12.43 -57.87
N PHE I 138 -59.40 12.26 -57.48
CA PHE I 138 -58.35 12.92 -58.25
C PHE I 138 -58.00 12.09 -59.47
N ILE I 139 -57.44 10.89 -59.27
CA ILE I 139 -57.05 9.97 -60.33
C ILE I 139 -57.30 8.54 -59.85
N GLN I 140 -56.93 7.58 -60.70
CA GLN I 140 -57.32 6.19 -60.51
C GLN I 140 -56.29 5.29 -61.19
N SER I 141 -56.56 3.98 -61.19
CA SER I 141 -55.75 2.99 -61.88
C SER I 141 -56.65 1.80 -62.19
N ALA I 142 -56.05 0.69 -62.61
CA ALA I 142 -56.81 -0.53 -62.87
C ALA I 142 -56.87 -1.45 -61.66
N SER I 143 -56.32 -1.03 -60.53
CA SER I 143 -56.47 -1.78 -59.29
C SER I 143 -56.78 -0.92 -58.08
N HIS I 144 -56.66 0.41 -58.19
CA HIS I 144 -57.03 1.30 -57.09
C HIS I 144 -57.53 2.62 -57.66
N ILE I 145 -58.35 3.30 -56.85
CA ILE I 145 -58.90 4.61 -57.19
C ILE I 145 -58.75 5.50 -55.97
N GLY I 146 -58.03 6.61 -56.12
CA GLY I 146 -57.81 7.55 -55.03
C GLY I 146 -58.72 8.76 -55.09
N LEU I 147 -59.02 9.33 -53.92
CA LEU I 147 -60.03 10.37 -53.80
C LEU I 147 -59.50 11.56 -52.98
N LEU I 148 -60.33 12.60 -52.90
CA LEU I 148 -60.14 13.71 -51.97
C LEU I 148 -61.47 14.07 -51.34
N ILE I 149 -61.43 14.33 -50.03
CA ILE I 149 -62.63 14.62 -49.24
C ILE I 149 -62.44 15.98 -48.60
N HIS I 150 -63.43 16.86 -48.78
CA HIS I 150 -63.51 18.21 -48.19
C HIS I 150 -62.33 19.10 -48.54
N ASP I 151 -61.62 18.77 -49.63
CA ASP I 151 -60.35 19.39 -50.03
C ASP I 151 -59.32 19.35 -48.90
N ALA I 152 -59.39 18.32 -48.05
CA ALA I 152 -58.35 18.09 -47.07
C ALA I 152 -58.01 16.63 -46.84
N PHE I 153 -58.84 15.69 -47.26
CA PHE I 153 -58.81 14.34 -46.73
C PHE I 153 -58.75 13.34 -47.87
N ASN I 154 -57.71 12.52 -47.88
CA ASN I 154 -57.56 11.50 -48.91
C ASN I 154 -58.57 10.38 -48.71
N ALA I 155 -58.73 9.56 -49.75
CA ALA I 155 -59.45 8.31 -49.69
C ALA I 155 -58.96 7.46 -50.86
N SER I 156 -58.92 6.16 -50.66
CA SER I 156 -58.48 5.25 -51.73
C SER I 156 -59.40 4.05 -51.78
N ILE I 157 -59.87 3.72 -52.99
CA ILE I 157 -60.72 2.56 -53.21
C ILE I 157 -59.97 1.63 -54.16
N LYS I 158 -59.74 0.40 -53.72
CA LYS I 158 -58.93 -0.55 -54.46
C LYS I 158 -59.81 -1.67 -55.02
N LYS I 159 -59.27 -2.43 -55.98
CA LYS I 159 -60.04 -3.46 -56.68
C LYS I 159 -60.53 -4.59 -55.76
N ASN I 160 -59.87 -4.81 -54.63
CA ASN I 160 -60.43 -5.71 -53.62
C ASN I 160 -61.64 -5.10 -52.88
N ASN I 161 -62.04 -3.87 -53.24
CA ASN I 161 -63.31 -3.28 -52.83
C ASN I 161 -64.23 -3.04 -54.01
N ILE I 162 -63.80 -3.34 -55.23
CA ILE I 162 -64.45 -2.98 -56.48
C ILE I 162 -64.99 -4.27 -57.13
N PRO I 163 -66.21 -4.26 -57.70
CA PRO I 163 -66.75 -5.46 -58.35
C PRO I 163 -65.98 -5.92 -59.60
N VAL I 164 -66.38 -7.07 -60.13
CA VAL I 164 -65.57 -7.75 -61.14
C VAL I 164 -65.72 -7.10 -62.50
N ASP I 165 -66.97 -6.87 -62.94
CA ASP I 165 -67.26 -6.44 -64.30
C ASP I 165 -66.80 -5.02 -64.62
N TRP I 166 -66.24 -4.29 -63.66
CA TRP I 166 -65.74 -2.94 -63.90
C TRP I 166 -64.33 -3.03 -64.42
N THR I 167 -64.18 -2.97 -65.73
CA THR I 167 -62.89 -3.12 -66.39
C THR I 167 -62.20 -1.76 -66.49
N PHE I 168 -61.22 -1.64 -67.37
CA PHE I 168 -60.33 -0.50 -67.40
C PHE I 168 -59.97 -0.19 -68.85
N VAL I 169 -60.30 1.00 -69.33
CA VAL I 169 -59.74 1.46 -70.59
C VAL I 169 -58.33 1.95 -70.33
N HIS I 170 -57.41 1.55 -71.20
CA HIS I 170 -55.99 1.53 -70.89
C HIS I 170 -55.25 2.55 -71.74
N ASN I 171 -54.39 3.33 -71.08
CA ASN I 171 -53.54 4.34 -71.77
C ASN I 171 -52.35 4.73 -70.88
N LEU I 214 -52.71 8.33 -69.44
CA LEU I 214 -53.58 8.01 -68.32
C LEU I 214 -54.76 7.18 -68.80
N GLY I 215 -54.91 5.98 -68.24
CA GLY I 215 -56.02 5.11 -68.56
C GLY I 215 -57.19 5.39 -67.64
N HIS I 216 -58.38 5.47 -68.22
CA HIS I 216 -59.58 5.82 -67.49
C HIS I 216 -60.34 4.57 -67.07
N TRP I 217 -61.52 4.76 -66.51
CA TRP I 217 -62.29 3.70 -65.91
C TRP I 217 -63.35 3.20 -66.88
N VAL I 218 -63.74 1.94 -66.72
CA VAL I 218 -64.87 1.36 -67.45
C VAL I 218 -65.74 0.65 -66.43
N ASP I 219 -66.92 1.17 -66.20
CA ASP I 219 -67.89 0.55 -65.30
C ASP I 219 -68.76 -0.43 -66.08
N SER I 220 -69.87 -0.87 -65.51
CA SER I 220 -70.84 -1.67 -66.25
C SER I 220 -71.67 -0.85 -67.23
N ASN I 221 -71.56 0.48 -67.19
CA ASN I 221 -72.07 1.35 -68.24
C ASN I 221 -71.00 1.74 -69.25
N GLY I 222 -69.75 1.40 -68.99
CA GLY I 222 -68.68 1.68 -69.95
C GLY I 222 -68.27 3.13 -70.02
N GLU I 223 -68.17 3.81 -68.89
CA GLU I 223 -67.84 5.22 -68.89
C GLU I 223 -66.67 5.48 -67.94
N PRO I 224 -65.75 6.37 -68.31
CA PRO I 224 -64.83 6.95 -67.32
C PRO I 224 -65.60 7.73 -66.26
N ILE I 225 -65.23 7.53 -65.01
CA ILE I 225 -66.04 7.99 -63.89
C ILE I 225 -65.68 9.43 -63.52
N ASP I 226 -66.62 10.08 -62.82
CA ASP I 226 -66.60 11.51 -62.61
C ASP I 226 -65.74 11.82 -61.38
N GLY I 227 -65.79 13.05 -60.89
CA GLY I 227 -65.02 13.41 -59.71
C GLY I 227 -65.64 12.93 -58.42
N LYS I 228 -66.80 13.47 -58.07
CA LYS I 228 -67.44 13.14 -56.79
C LYS I 228 -67.97 11.71 -56.81
N LEU I 229 -67.66 10.95 -55.75
CA LEU I 229 -67.99 9.54 -55.70
C LEU I 229 -68.43 9.14 -54.30
N ARG I 230 -69.54 8.41 -54.24
CA ARG I 230 -70.05 7.82 -53.01
C ARG I 230 -69.25 6.56 -52.68
N PHE I 231 -68.87 6.42 -51.41
CA PHE I 231 -68.02 5.30 -51.00
C PHE I 231 -68.22 5.01 -49.52
N THR I 232 -67.96 3.77 -49.14
CA THR I 232 -68.05 3.30 -47.76
C THR I 232 -66.64 3.18 -47.21
N VAL I 233 -66.42 3.70 -46.01
CA VAL I 233 -65.08 3.82 -45.46
C VAL I 233 -64.72 2.56 -44.68
N ARG I 234 -63.55 1.99 -44.97
CA ARG I 234 -63.03 0.82 -44.27
C ARG I 234 -62.19 1.34 -43.09
N ASN I 235 -61.36 0.50 -42.48
CA ASN I 235 -60.50 0.87 -41.37
C ASN I 235 -59.49 1.94 -41.77
N VAL I 236 -59.38 2.96 -40.93
CA VAL I 236 -58.44 4.06 -41.14
C VAL I 236 -57.10 3.66 -40.56
N HIS I 237 -56.02 3.91 -41.29
CA HIS I 237 -54.69 3.49 -40.87
C HIS I 237 -53.77 4.71 -40.84
N THR I 238 -53.31 5.06 -39.64
CA THR I 238 -52.57 6.29 -39.36
C THR I 238 -51.08 6.00 -39.23
N THR I 239 -50.57 5.17 -40.13
CA THR I 239 -49.17 4.76 -40.04
C THR I 239 -48.24 5.90 -40.40
N GLY I 240 -48.43 6.51 -41.55
CA GLY I 240 -47.64 7.65 -41.92
C GLY I 240 -48.08 8.90 -41.16
N ARG I 241 -47.26 9.96 -41.29
CA ARG I 241 -47.66 11.24 -40.73
C ARG I 241 -48.87 11.79 -41.46
N VAL I 242 -48.92 11.63 -42.79
CA VAL I 242 -50.12 11.94 -43.54
C VAL I 242 -51.18 10.89 -43.22
N VAL I 243 -52.39 11.34 -42.89
CA VAL I 243 -53.43 10.45 -42.40
C VAL I 243 -54.00 9.67 -43.60
N SER I 244 -53.74 8.37 -43.64
CA SER I 244 -54.20 7.52 -44.72
C SER I 244 -55.58 6.93 -44.43
N VAL I 245 -56.40 6.83 -45.48
CA VAL I 245 -57.80 6.43 -45.37
C VAL I 245 -58.05 5.28 -46.34
N ASP I 246 -58.69 4.22 -45.84
CA ASP I 246 -59.12 3.09 -46.67
C ASP I 246 -60.63 3.10 -46.81
N GLY I 247 -61.12 2.55 -47.92
CA GLY I 247 -62.55 2.58 -48.19
C GLY I 247 -63.00 1.44 -49.09
N THR I 248 -64.30 1.14 -49.03
CA THR I 248 -64.95 0.12 -49.84
C THR I 248 -66.06 0.72 -50.69
N LEU I 249 -66.73 -0.12 -51.46
CA LEU I 249 -67.87 0.27 -52.28
C LEU I 249 -69.11 -0.59 -52.07
N ILE I 250 -68.95 -1.90 -51.89
CA ILE I 250 -70.10 -2.78 -51.80
C ILE I 250 -70.75 -2.66 -50.43
N SER I 251 -72.03 -2.98 -50.36
CA SER I 251 -72.79 -2.90 -49.12
C SER I 251 -72.68 -4.19 -48.33
N ASN J 3 -13.64 81.49 22.08
CA ASN J 3 -14.25 81.64 23.40
C ASN J 3 -13.63 80.64 24.37
N THR J 4 -13.71 80.94 25.67
CA THR J 4 -13.04 80.16 26.70
C THR J 4 -14.06 79.64 27.69
N LEU J 5 -14.04 78.33 27.90
CA LEU J 5 -14.91 77.75 28.93
C LEU J 5 -14.29 77.80 30.32
N PHE J 6 -12.98 77.61 30.45
CA PHE J 6 -12.37 77.47 31.75
C PHE J 6 -10.95 78.01 31.71
N ASP J 7 -10.48 78.53 32.84
CA ASP J 7 -9.14 79.11 32.91
C ASP J 7 -8.69 79.12 34.36
N ASP J 8 -7.49 78.60 34.62
CA ASP J 8 -6.94 78.52 35.97
C ASP J 8 -5.43 78.33 35.87
N ILE J 9 -4.77 78.16 37.01
CA ILE J 9 -3.35 77.83 37.09
C ILE J 9 -3.19 76.73 38.12
N PHE J 10 -2.65 75.59 37.71
CA PHE J 10 -2.58 74.43 38.59
C PHE J 10 -1.14 74.20 39.05
N GLN J 11 -1.00 73.31 40.03
CA GLN J 11 0.27 73.05 40.70
C GLN J 11 0.51 71.55 40.72
N VAL J 12 1.50 71.10 39.93
CA VAL J 12 1.74 69.68 39.72
C VAL J 12 2.35 69.07 40.97
N SER J 13 1.84 67.92 41.38
CA SER J 13 2.47 67.15 42.45
C SER J 13 2.96 65.80 41.97
N GLU J 14 2.12 65.03 41.30
CA GLU J 14 2.46 63.69 40.84
C GLU J 14 2.58 63.66 39.32
N VAL J 15 3.70 63.15 38.84
CA VAL J 15 3.86 62.80 37.43
C VAL J 15 4.08 61.30 37.40
N ASP J 16 3.00 60.55 37.19
CA ASP J 16 3.06 59.09 37.19
C ASP J 16 3.60 58.56 35.87
N PRO J 17 4.76 57.88 35.86
CA PRO J 17 5.23 57.28 34.61
C PRO J 17 4.34 56.12 34.18
N GLY J 18 4.17 55.16 35.10
CA GLY J 18 3.18 54.10 35.02
C GLY J 18 3.07 53.30 33.74
N ARG J 19 4.06 52.46 33.44
CA ARG J 19 4.07 51.48 32.36
C ARG J 19 3.96 52.08 30.95
N TYR J 20 4.13 53.39 30.80
CA TYR J 20 4.10 54.00 29.48
C TYR J 20 5.44 54.68 29.22
N ASN J 21 5.74 54.87 27.95
CA ASN J 21 6.96 55.54 27.55
C ASN J 21 6.76 57.00 27.20
N LYS J 22 5.54 57.40 26.88
CA LYS J 22 5.26 58.73 26.36
C LYS J 22 4.19 59.48 27.13
N VAL J 23 3.33 58.79 27.87
CA VAL J 23 2.15 59.39 28.47
C VAL J 23 2.26 59.27 29.98
N CYS J 24 2.19 60.40 30.66
CA CYS J 24 2.26 60.47 32.12
C CYS J 24 0.99 61.10 32.67
N ARG J 25 0.28 60.36 33.52
CA ARG J 25 -0.93 60.83 34.17
C ARG J 25 -0.55 61.88 35.21
N ILE J 26 -0.74 63.15 34.87
CA ILE J 26 -0.40 64.24 35.77
C ILE J 26 -1.50 64.37 36.81
N GLU J 27 -1.13 64.72 38.03
CA GLU J 27 -2.11 65.15 39.01
C GLU J 27 -1.68 66.50 39.58
N ALA J 28 -2.68 67.35 39.81
CA ALA J 28 -2.42 68.71 40.25
C ALA J 28 -3.65 69.23 40.96
N ALA J 29 -3.49 70.38 41.61
CA ALA J 29 -4.58 71.17 42.14
C ALA J 29 -4.21 72.63 41.96
N SER J 30 -5.16 73.52 42.19
CA SER J 30 -4.90 74.91 41.86
C SER J 30 -4.16 75.63 42.98
N THR J 31 -3.85 76.89 42.70
CA THR J 31 -3.39 77.84 43.70
C THR J 31 -4.45 78.87 44.04
N THR J 32 -5.29 79.24 43.06
CA THR J 32 -6.35 80.21 43.32
C THR J 32 -7.49 79.57 44.09
N GLN J 33 -8.19 78.63 43.47
CA GLN J 33 -9.19 77.86 44.18
C GLN J 33 -8.52 76.69 44.88
N ASP J 34 -9.29 76.01 45.71
CA ASP J 34 -8.76 74.91 46.49
C ASP J 34 -9.52 73.60 46.30
N GLN J 35 -10.77 73.64 45.86
CA GLN J 35 -11.53 72.43 45.62
C GLN J 35 -11.47 71.97 44.18
N CYS J 36 -10.43 72.35 43.44
CA CYS J 36 -10.35 71.97 42.04
C CYS J 36 -9.00 71.34 41.71
N LYS J 37 -9.06 70.30 40.89
CA LYS J 37 -7.89 69.48 40.57
C LYS J 37 -7.76 69.20 39.08
N LEU J 38 -6.95 68.21 38.76
CA LEU J 38 -6.74 67.78 37.39
C LEU J 38 -6.24 66.35 37.44
N THR J 39 -6.68 65.53 36.51
CA THR J 39 -6.13 64.19 36.37
C THR J 39 -5.93 63.98 34.86
N LEU J 40 -4.81 64.45 34.32
CA LEU J 40 -4.67 64.57 32.88
C LEU J 40 -3.52 63.73 32.36
N ASP J 41 -3.77 62.99 31.28
CA ASP J 41 -2.73 62.36 30.47
C ASP J 41 -2.16 63.38 29.51
N ILE J 42 -0.85 63.58 29.51
CA ILE J 42 -0.24 64.39 28.47
C ILE J 42 0.90 63.60 27.85
N ASN J 43 1.15 63.87 26.58
CA ASN J 43 2.31 63.29 25.90
C ASN J 43 3.55 63.98 26.44
N VAL J 44 4.19 63.35 27.43
CA VAL J 44 5.33 63.98 28.08
C VAL J 44 6.57 63.96 27.20
N GLU J 45 6.55 63.19 26.12
CA GLU J 45 7.57 63.29 25.09
C GLU J 45 7.51 64.63 24.39
N LEU J 46 6.31 65.10 24.06
CA LEU J 46 6.19 66.40 23.40
C LEU J 46 6.25 67.56 24.37
N PHE J 47 5.88 67.35 25.61
CA PHE J 47 5.73 68.45 26.57
C PHE J 47 6.15 67.94 27.93
N PRO J 48 7.40 68.17 28.33
CA PRO J 48 7.89 67.61 29.59
C PRO J 48 7.29 68.31 30.80
N VAL J 49 6.74 67.50 31.71
CA VAL J 49 6.12 67.98 32.94
C VAL J 49 6.74 67.22 34.10
N ALA J 50 7.44 67.94 34.96
CA ALA J 50 7.98 67.36 36.18
C ALA J 50 7.08 67.74 37.35
N ALA J 51 7.45 67.31 38.56
CA ALA J 51 6.67 67.68 39.72
C ALA J 51 7.01 69.10 40.14
N GLN J 52 6.10 69.68 40.94
CA GLN J 52 6.22 71.01 41.54
C GLN J 52 6.36 72.10 40.47
N ASP J 53 5.38 72.14 39.57
CA ASP J 53 5.38 73.14 38.50
C ASP J 53 4.07 73.91 38.46
N SER J 54 3.94 74.80 37.49
CA SER J 54 2.75 75.63 37.34
C SER J 54 2.19 75.45 35.94
N LEU J 55 0.97 74.95 35.86
CA LEU J 55 0.33 74.79 34.56
C LEU J 55 -0.64 75.95 34.33
N THR J 56 -1.21 76.00 33.14
CA THR J 56 -2.30 76.93 32.85
C THR J 56 -3.29 76.14 32.00
N VAL J 57 -4.20 75.42 32.65
CA VAL J 57 -5.11 74.53 31.94
C VAL J 57 -6.31 75.37 31.54
N THR J 58 -6.34 75.81 30.28
CA THR J 58 -7.41 76.62 29.73
C THR J 58 -8.17 75.79 28.71
N ILE J 59 -9.46 75.55 28.97
CA ILE J 59 -10.31 74.84 28.03
C ILE J 59 -11.10 75.86 27.23
N ALA J 60 -10.89 75.86 25.92
CA ALA J 60 -11.59 76.74 25.00
C ALA J 60 -12.61 75.93 24.22
N SER J 61 -13.44 76.64 23.46
CA SER J 61 -14.47 75.99 22.66
C SER J 61 -14.16 75.98 21.18
N SER J 62 -13.37 76.93 20.69
CA SER J 62 -12.85 76.90 19.33
C SER J 62 -11.61 77.78 19.31
N LEU J 63 -11.21 78.20 18.12
CA LEU J 63 -10.15 79.17 17.95
C LEU J 63 -10.76 80.49 17.51
N ASN J 64 -9.92 81.49 17.37
CA ASN J 64 -10.39 82.81 17.00
C ASN J 64 -9.36 83.54 16.15
N ALA J 75 -18.08 79.10 12.84
CA ALA J 75 -17.85 77.71 12.49
C ALA J 75 -16.96 77.60 11.26
N THR J 76 -15.97 76.72 11.32
CA THR J 76 -15.16 76.37 10.17
C THR J 76 -15.35 74.89 9.85
N ARG J 77 -15.35 74.58 8.55
CA ARG J 77 -15.75 73.25 8.10
C ARG J 77 -14.62 72.24 8.30
N SER J 78 -13.48 72.47 7.66
CA SER J 78 -12.45 71.46 7.54
C SER J 78 -11.25 71.81 8.41
N TRP J 79 -10.73 70.82 9.13
CA TRP J 79 -9.45 70.99 9.79
C TRP J 79 -8.38 70.79 8.73
N ARG J 80 -7.66 71.84 8.42
CA ARG J 80 -6.49 71.67 7.61
C ARG J 80 -5.25 72.09 8.38
N PRO J 81 -4.13 71.43 8.15
CA PRO J 81 -2.86 71.83 8.76
C PRO J 81 -2.46 73.24 8.36
N PRO J 82 -1.68 73.95 9.18
CA PRO J 82 -1.62 75.40 9.07
C PRO J 82 -0.88 75.91 7.84
N GLN J 83 -1.44 76.95 7.24
CA GLN J 83 -0.78 77.70 6.18
C GLN J 83 0.09 78.79 6.80
N ALA J 84 0.66 79.63 5.96
CA ALA J 84 1.60 80.66 6.40
C ALA J 84 0.88 81.98 6.48
N GLY J 85 0.47 82.36 7.69
CA GLY J 85 -0.01 83.71 7.90
C GLY J 85 -1.28 83.86 8.72
N ASP J 86 -1.85 82.76 9.20
CA ASP J 86 -3.07 82.89 9.98
C ASP J 86 -2.76 83.20 11.44
N ARG J 87 -3.82 83.23 12.25
CA ARG J 87 -3.72 83.62 13.65
C ARG J 87 -4.72 82.80 14.43
N SER J 88 -4.26 82.21 15.52
CA SER J 88 -5.06 81.23 16.24
C SER J 88 -5.06 81.54 17.71
N LEU J 89 -6.08 81.03 18.40
CA LEU J 89 -6.08 81.03 19.85
C LEU J 89 -5.08 80.03 20.41
N ALA J 90 -4.70 79.03 19.63
CA ALA J 90 -3.66 78.08 20.02
C ALA J 90 -2.25 78.61 19.77
N ASP J 91 -2.10 79.85 19.31
CA ASP J 91 -0.77 80.37 18.98
C ASP J 91 0.09 80.58 20.22
N ASP J 92 -0.52 81.02 21.31
CA ASP J 92 0.25 81.44 22.47
C ASP J 92 0.38 80.36 23.53
N TYR J 93 -0.40 79.30 23.47
CA TYR J 93 -0.41 78.30 24.53
C TYR J 93 0.25 77.04 23.98
N ASP J 94 1.18 76.47 24.74
CA ASP J 94 2.24 75.63 24.21
C ASP J 94 1.82 74.21 23.86
N TYR J 95 0.63 73.76 24.24
CA TYR J 95 0.25 72.38 24.01
C TYR J 95 -1.27 72.30 23.99
N VAL J 96 -1.83 71.83 22.89
CA VAL J 96 -3.27 71.90 22.66
C VAL J 96 -3.76 70.53 22.23
N MET J 97 -4.81 70.04 22.87
CA MET J 97 -5.41 68.78 22.46
C MET J 97 -6.84 69.02 22.00
N TYR J 98 -7.57 67.93 21.82
CA TYR J 98 -8.97 67.95 21.44
C TYR J 98 -9.66 66.80 22.13
N GLY J 99 -10.89 67.04 22.58
CA GLY J 99 -11.61 65.98 23.26
C GLY J 99 -13.03 66.36 23.59
N THR J 100 -13.75 65.36 24.07
CA THR J 100 -15.15 65.49 24.46
C THR J 100 -15.28 65.18 25.93
N ALA J 101 -16.30 65.74 26.58
CA ALA J 101 -16.66 65.36 27.92
C ALA J 101 -17.65 64.21 27.83
N TYR J 102 -17.25 63.04 28.31
CA TYR J 102 -18.06 61.86 28.10
C TYR J 102 -18.86 61.46 29.32
N LYS J 103 -18.60 62.09 30.48
CA LYS J 103 -19.35 61.79 31.68
C LYS J 103 -19.34 63.01 32.59
N PHE J 104 -20.53 63.41 33.04
CA PHE J 104 -20.68 64.43 34.05
C PHE J 104 -21.07 63.79 35.37
N GLU J 105 -20.48 64.27 36.46
CA GLU J 105 -20.78 63.69 37.75
C GLU J 105 -20.60 64.78 38.80
N GLU J 106 -21.39 64.68 39.86
CA GLU J 106 -21.27 65.59 41.00
C GLU J 106 -21.02 64.78 42.27
N VAL J 107 -20.01 65.19 43.02
CA VAL J 107 -19.70 64.49 44.26
C VAL J 107 -20.64 64.93 45.37
N SER J 108 -20.78 66.25 45.53
CA SER J 108 -21.78 66.83 46.40
C SER J 108 -22.20 68.16 45.78
N LYS J 109 -22.89 68.99 46.55
CA LYS J 109 -23.24 70.30 46.08
C LYS J 109 -21.99 71.18 46.08
N ASP J 110 -21.75 71.86 44.97
CA ASP J 110 -20.53 72.64 44.69
C ASP J 110 -19.27 71.78 44.78
N LEU J 111 -19.39 70.49 44.46
CA LEU J 111 -18.27 69.58 44.23
C LEU J 111 -18.56 68.75 43.00
N ILE J 112 -18.92 69.42 41.93
CA ILE J 112 -19.24 68.75 40.68
C ILE J 112 -17.95 68.39 39.97
N ALA J 113 -17.81 67.12 39.57
CA ALA J 113 -16.57 66.56 39.06
C ALA J 113 -16.80 65.98 37.66
N VAL J 114 -16.44 66.75 36.62
CA VAL J 114 -16.67 66.32 35.24
C VAL J 114 -15.62 65.31 34.82
N TYR J 115 -15.84 64.68 33.69
CA TYR J 115 -14.84 63.84 33.03
C TYR J 115 -14.64 64.31 31.59
N TYR J 116 -13.69 63.67 30.92
CA TYR J 116 -13.30 64.00 29.56
C TYR J 116 -12.55 62.82 28.97
N SER J 117 -12.50 62.78 27.64
CA SER J 117 -11.68 61.80 26.91
C SER J 117 -11.00 62.57 25.79
N PHE J 118 -9.82 63.12 26.08
CA PHE J 118 -9.08 63.90 25.09
C PHE J 118 -8.37 62.98 24.10
N GLY J 119 -9.19 62.39 23.24
CA GLY J 119 -8.73 61.49 22.21
C GLY J 119 -8.42 60.09 22.66
N GLY J 120 -8.66 59.77 23.92
CA GLY J 120 -8.18 58.51 24.48
C GLY J 120 -7.24 58.80 25.62
N LEU J 121 -7.27 60.06 26.05
CA LEU J 121 -6.44 60.58 27.14
C LEU J 121 -7.39 61.19 28.16
N LEU J 122 -7.65 60.46 29.25
CA LEU J 122 -8.72 60.80 30.16
C LEU J 122 -8.37 61.99 31.05
N MET J 123 -9.34 62.89 31.26
CA MET J 123 -9.19 64.03 32.15
C MET J 123 -10.36 64.03 33.13
N ARG J 124 -10.10 64.58 34.33
CA ARG J 124 -11.10 64.69 35.39
C ARG J 124 -10.93 66.05 36.07
N LEU J 125 -11.76 67.02 35.71
CA LEU J 125 -11.88 68.18 36.56
C LEU J 125 -12.85 67.92 37.69
N GLU J 126 -12.88 68.86 38.63
CA GLU J 126 -13.71 68.81 39.82
C GLU J 126 -13.82 70.25 40.32
N GLY J 127 -15.00 70.64 40.78
CA GLY J 127 -15.13 71.99 41.27
C GLY J 127 -16.58 72.37 41.51
N ASN J 128 -16.82 73.66 41.50
CA ASN J 128 -18.08 74.24 41.94
C ASN J 128 -18.72 75.22 40.96
N TYR J 129 -17.94 76.06 40.31
CA TYR J 129 -18.51 77.06 39.40
C TYR J 129 -18.36 76.67 37.93
N ARG J 130 -17.65 75.60 37.63
CA ARG J 130 -17.51 75.11 36.26
C ARG J 130 -18.77 74.45 35.74
N ASN J 131 -19.76 74.22 36.61
CA ASN J 131 -21.10 73.82 36.19
C ASN J 131 -21.76 74.88 35.32
N LEU J 132 -21.33 76.14 35.45
CA LEU J 132 -21.84 77.21 34.60
C LEU J 132 -21.44 77.00 33.15
N ASN J 133 -20.17 76.70 32.89
CA ASN J 133 -19.65 76.80 31.54
C ASN J 133 -18.75 75.62 31.17
N ASN J 134 -19.23 74.39 31.37
CA ASN J 134 -18.60 73.22 30.75
C ASN J 134 -19.70 72.24 30.33
N LEU J 135 -20.14 72.37 29.09
CA LEU J 135 -21.08 71.44 28.52
C LEU J 135 -20.33 70.24 27.96
N LYS J 136 -21.06 69.16 27.70
CA LYS J 136 -20.43 67.99 27.09
C LYS J 136 -20.53 68.09 25.57
N GLN J 137 -19.90 69.14 25.05
CA GLN J 137 -19.82 69.37 23.62
C GLN J 137 -18.74 68.49 23.03
N GLU J 138 -18.99 68.06 21.79
CA GLU J 138 -18.09 67.19 21.08
C GLU J 138 -16.89 67.94 20.52
N ASN J 139 -16.84 69.25 20.69
CA ASN J 139 -15.69 70.09 20.35
C ASN J 139 -15.37 70.93 21.58
N ALA J 140 -14.38 70.48 22.35
CA ALA J 140 -13.89 71.22 23.50
C ALA J 140 -12.40 70.98 23.62
N TYR J 141 -11.60 72.02 23.47
CA TYR J 141 -10.16 71.83 23.40
C TYR J 141 -9.54 71.64 24.77
N LEU J 142 -8.22 71.74 24.82
CA LEU J 142 -7.47 71.81 26.05
C LEU J 142 -6.25 72.64 25.70
N LEU J 143 -5.78 73.46 26.64
CA LEU J 143 -4.60 74.26 26.34
C LEU J 143 -3.72 74.37 27.58
N ILE J 144 -2.43 74.57 27.35
CA ILE J 144 -1.45 74.88 28.40
C ILE J 144 -0.54 75.97 27.90
N ARG J 145 -0.44 77.06 28.64
CA ARG J 145 0.63 78.02 28.45
C ARG J 145 1.64 77.77 29.56
N ARG J 146 2.93 77.95 29.23
CA ARG J 146 4.06 77.83 30.18
C ARG J 146 4.16 76.50 30.91
N SER K 2 0.42 -40.22 62.78
CA SER K 2 0.26 -38.95 63.47
C SER K 2 -1.02 -38.27 63.01
N VAL K 3 -1.42 -37.23 63.72
CA VAL K 3 -2.67 -36.52 63.47
C VAL K 3 -2.35 -35.06 63.20
N VAL K 4 -2.72 -34.57 62.03
CA VAL K 4 -2.49 -33.18 61.66
C VAL K 4 -3.84 -32.53 61.41
N GLY K 5 -4.32 -31.75 62.38
CA GLY K 5 -5.62 -31.13 62.24
C GLY K 5 -6.71 -32.18 62.26
N SER K 6 -7.55 -32.15 61.24
CA SER K 6 -8.54 -33.20 61.09
C SER K 6 -7.96 -34.48 60.52
N LEU K 7 -6.74 -34.45 60.00
CA LEU K 7 -6.21 -35.52 59.18
C LEU K 7 -5.47 -36.53 60.04
N ILE K 8 -5.51 -37.80 59.61
CA ILE K 8 -4.77 -38.87 60.27
C ILE K 8 -3.97 -39.61 59.20
N PHE K 9 -2.69 -39.24 59.07
CA PHE K 9 -1.76 -39.92 58.19
C PHE K 9 -1.23 -41.17 58.85
N CYS K 10 -0.49 -41.97 58.08
CA CYS K 10 0.13 -43.17 58.62
C CYS K 10 1.58 -42.88 59.04
N LEU K 11 2.08 -43.72 59.93
CA LEU K 11 3.43 -43.59 60.44
C LEU K 11 4.42 -44.39 59.61
N ASP K 12 3.99 -45.51 59.05
CA ASP K 12 4.89 -46.37 58.30
C ASP K 12 5.06 -45.90 56.87
N CYS K 13 3.96 -45.58 56.19
CA CYS K 13 4.01 -45.33 54.76
C CYS K 13 3.77 -43.89 54.39
N GLY K 14 2.99 -43.14 55.16
CA GLY K 14 2.69 -41.77 54.81
C GLY K 14 1.40 -41.57 54.05
N ASP K 15 0.62 -42.63 53.88
CA ASP K 15 -0.69 -42.52 53.26
C ASP K 15 -1.64 -41.80 54.19
N LEU K 16 -2.65 -41.15 53.61
CA LEU K 16 -3.72 -40.53 54.36
C LEU K 16 -4.86 -41.52 54.51
N LEU K 17 -5.20 -41.85 55.75
CA LEU K 17 -6.09 -42.97 56.02
C LEU K 17 -7.55 -42.65 55.79
N GLU K 18 -8.41 -43.53 56.29
CA GLU K 18 -9.84 -43.49 56.15
C GLU K 18 -10.42 -42.50 57.16
N ASN K 19 -11.68 -42.14 56.98
CA ASN K 19 -12.42 -41.36 57.98
C ASN K 19 -12.57 -42.17 59.25
N PRO K 20 -12.11 -41.68 60.40
CA PRO K 20 -12.19 -42.48 61.63
C PRO K 20 -13.59 -42.65 62.18
N ASN K 21 -14.59 -41.94 61.66
CA ASN K 21 -15.97 -42.15 62.07
C ASN K 21 -16.81 -42.90 61.04
N ALA K 22 -16.42 -42.86 59.77
CA ALA K 22 -17.15 -43.58 58.72
C ALA K 22 -16.79 -45.06 58.67
N VAL K 23 -15.76 -45.48 59.40
CA VAL K 23 -15.51 -46.90 59.54
C VAL K 23 -16.57 -47.54 60.41
N LEU K 24 -16.65 -48.86 60.33
CA LEU K 24 -17.43 -49.60 61.30
C LEU K 24 -16.55 -49.88 62.52
N GLY K 25 -17.04 -50.71 63.43
CA GLY K 25 -16.52 -50.81 64.78
C GLY K 25 -15.08 -51.24 64.96
N SER K 26 -14.24 -50.27 65.35
CA SER K 26 -12.85 -50.46 65.77
C SER K 26 -12.00 -51.12 64.66
N ASN K 27 -11.88 -50.41 63.54
CA ASN K 27 -11.14 -50.91 62.38
C ASN K 27 -10.75 -49.73 61.49
N VAL K 28 -9.51 -49.28 61.59
CA VAL K 28 -8.96 -48.38 60.58
C VAL K 28 -7.64 -48.97 60.09
N GLU K 29 -7.38 -48.77 58.81
CA GLU K 29 -6.14 -49.26 58.23
C GLU K 29 -5.84 -48.47 56.98
N CYS K 30 -4.57 -48.50 56.59
CA CYS K 30 -4.14 -48.00 55.30
C CYS K 30 -4.38 -49.05 54.24
N SER K 31 -4.44 -48.59 52.99
CA SER K 31 -4.60 -49.49 51.86
C SER K 31 -3.27 -49.93 51.27
N GLN K 32 -2.28 -49.04 51.22
CA GLN K 32 -0.93 -49.43 50.84
C GLN K 32 -0.31 -50.29 51.93
N CYS K 33 -0.04 -49.69 53.09
CA CYS K 33 0.49 -50.45 54.21
C CYS K 33 -0.65 -51.23 54.83
N LYS K 34 -0.48 -52.53 54.99
CA LYS K 34 -1.49 -53.27 55.73
C LYS K 34 -1.35 -52.91 57.19
N ALA K 35 -2.09 -51.91 57.61
CA ALA K 35 -1.91 -51.30 58.90
C ALA K 35 -2.53 -52.18 59.99
N ILE K 36 -2.08 -51.95 61.22
CA ILE K 36 -2.37 -52.85 62.33
C ILE K 36 -3.16 -52.02 63.34
N TYR K 37 -4.08 -51.20 62.83
CA TYR K 37 -4.81 -50.28 63.71
C TYR K 37 -6.30 -50.56 63.91
N PRO K 38 -6.77 -51.76 64.36
CA PRO K 38 -8.22 -51.92 64.53
C PRO K 38 -8.69 -51.44 65.91
N LYS K 39 -8.43 -50.17 66.20
CA LYS K 39 -8.68 -49.64 67.52
C LYS K 39 -9.70 -48.52 67.55
N SER K 40 -9.75 -47.69 66.51
CA SER K 40 -10.51 -46.43 66.47
C SER K 40 -10.24 -45.60 67.72
N GLN K 41 -8.95 -45.46 68.03
CA GLN K 41 -8.56 -44.81 69.27
C GLN K 41 -8.76 -43.30 69.19
N PHE K 42 -8.65 -42.75 67.99
CA PHE K 42 -8.82 -41.32 67.78
C PHE K 42 -10.07 -41.11 66.94
N SER K 43 -11.19 -40.79 67.59
CA SER K 43 -12.43 -40.43 66.92
C SER K 43 -12.78 -38.96 67.06
N ASN K 44 -12.21 -38.26 68.04
CA ASN K 44 -12.56 -36.88 68.32
C ASN K 44 -11.35 -36.00 68.07
N LEU K 45 -11.36 -35.31 66.94
CA LEU K 45 -10.27 -34.43 66.56
C LEU K 45 -10.87 -33.04 66.36
N LYS K 46 -10.29 -32.05 67.01
CA LYS K 46 -10.83 -30.70 66.96
C LYS K 46 -9.94 -29.78 66.13
N VAL K 47 -10.57 -28.90 65.37
CA VAL K 47 -9.91 -27.85 64.63
C VAL K 47 -10.55 -26.52 65.03
N VAL K 48 -9.94 -25.42 64.59
CA VAL K 48 -10.46 -24.11 64.90
C VAL K 48 -10.14 -23.11 63.80
N THR K 49 -11.17 -22.52 63.19
CA THR K 49 -11.04 -21.73 61.98
C THR K 49 -11.52 -20.30 62.22
N THR K 50 -10.59 -19.42 62.58
CA THR K 50 -10.87 -17.99 62.61
C THR K 50 -10.90 -17.46 61.19
N THR K 51 -11.94 -16.70 60.85
CA THR K 51 -12.08 -16.17 59.50
C THR K 51 -11.07 -15.06 59.25
N ALA K 52 -11.03 -14.61 57.99
CA ALA K 52 -10.12 -13.54 57.61
C ALA K 52 -10.54 -12.23 58.26
N ASP K 53 -9.58 -11.32 58.39
CA ASP K 53 -9.89 -10.05 59.04
C ASP K 53 -10.70 -9.13 58.14
N ASP K 54 -10.44 -9.17 56.83
CA ASP K 54 -11.04 -8.22 55.90
C ASP K 54 -12.16 -8.84 55.08
N ALA K 55 -12.58 -10.06 55.39
CA ALA K 55 -13.62 -10.70 54.59
C ALA K 55 -15.02 -10.18 54.89
N PHE K 56 -15.16 -9.22 55.81
CA PHE K 56 -16.43 -8.55 56.05
C PHE K 56 -16.22 -7.06 55.83
N PRO K 57 -16.37 -6.57 54.60
CA PRO K 57 -16.29 -5.12 54.38
C PRO K 57 -17.47 -4.38 54.99
N SER K 58 -17.22 -3.68 56.08
CA SER K 58 -18.24 -2.93 56.78
C SER K 58 -17.82 -1.47 56.87
N SER K 59 -18.78 -0.63 57.22
CA SER K 59 -18.50 0.79 57.39
C SER K 59 -17.83 1.08 58.72
N LEU K 60 -17.73 0.08 59.59
CA LEU K 60 -17.21 0.24 60.93
C LEU K 60 -15.82 -0.33 61.11
N ARG K 61 -15.46 -1.34 60.33
CA ARG K 61 -14.16 -1.98 60.44
C ARG K 61 -13.04 -1.05 60.02
N ALA K 62 -13.27 -0.24 58.99
CA ALA K 62 -12.27 0.70 58.52
C ALA K 62 -12.02 1.83 59.51
N LYS K 63 -12.92 2.06 60.45
CA LYS K 63 -12.63 2.97 61.55
C LYS K 63 -11.94 2.27 62.72
N LYS K 64 -11.91 0.94 62.70
CA LYS K 64 -11.05 0.19 63.61
C LYS K 64 -9.66 -0.04 63.02
N SER K 65 -9.37 0.58 61.88
CA SER K 65 -8.05 0.59 61.30
C SER K 65 -7.25 1.73 61.91
N VAL K 66 -5.95 1.49 62.11
CA VAL K 66 -5.09 2.49 62.73
C VAL K 66 -4.77 3.66 61.83
N VAL K 67 -5.02 3.55 60.53
CA VAL K 67 -4.89 4.67 59.63
C VAL K 67 -6.29 5.21 59.35
N LYS K 68 -6.35 6.48 58.95
CA LYS K 68 -7.64 7.15 58.75
C LYS K 68 -8.20 6.77 57.38
N THR K 69 -9.46 6.33 57.37
CA THR K 69 -10.06 5.71 56.20
C THR K 69 -11.29 6.44 55.69
N SER K 70 -11.43 7.73 56.03
CA SER K 70 -12.58 8.51 55.56
C SER K 70 -12.21 9.97 55.49
N LEU K 71 -12.41 10.59 54.33
CA LEU K 71 -12.31 12.02 54.19
C LEU K 71 -13.53 12.70 54.80
N LYS K 72 -13.31 13.85 55.41
CA LYS K 72 -14.38 14.55 56.09
C LYS K 72 -15.25 15.30 55.08
N LYS K 73 -16.29 15.96 55.58
CA LYS K 73 -17.29 16.56 54.71
C LYS K 73 -16.74 17.83 54.05
N ASN K 74 -16.26 18.78 54.86
CA ASN K 74 -15.77 20.06 54.36
C ASN K 74 -14.29 20.28 54.68
N GLU K 75 -13.51 19.19 54.72
CA GLU K 75 -12.11 19.33 55.10
C GLU K 75 -11.16 18.81 54.04
N LEU K 76 -11.39 19.21 52.79
CA LEU K 76 -10.42 19.02 51.71
C LEU K 76 -10.53 20.27 50.84
N LYS K 77 -9.71 21.26 51.15
CA LYS K 77 -9.69 22.51 50.39
C LYS K 77 -8.49 22.46 49.44
N ASP K 78 -8.77 22.32 48.14
CA ASP K 78 -7.71 22.28 47.15
C ASP K 78 -7.10 23.67 47.00
N GLY K 79 -5.80 23.76 47.25
CA GLY K 79 -5.07 25.00 47.17
C GLY K 79 -4.62 25.40 45.77
N ALA K 80 -4.89 24.57 44.77
CA ALA K 80 -4.51 24.87 43.40
C ALA K 80 -5.39 25.99 42.89
N THR K 81 -4.93 27.24 43.06
CA THR K 81 -5.78 28.41 42.87
C THR K 81 -4.96 29.51 42.22
N ILE K 82 -5.38 29.94 41.05
CA ILE K 82 -4.72 31.02 40.33
C ILE K 82 -5.68 32.21 40.32
N LYS K 83 -5.11 33.42 40.23
CA LYS K 83 -5.92 34.64 40.21
C LYS K 83 -6.52 34.87 38.82
N GLU K 84 -7.64 34.19 38.58
CA GLU K 84 -8.39 34.38 37.35
C GLU K 84 -9.50 35.41 37.56
N LYS K 85 -9.49 36.44 36.72
CA LYS K 85 -10.54 37.46 36.77
C LYS K 85 -11.89 36.86 36.42
N CYS K 86 -12.85 37.00 37.32
CA CYS K 86 -14.15 36.35 37.20
C CYS K 86 -15.17 37.35 36.64
N PRO K 87 -15.77 37.08 35.49
CA PRO K 87 -16.71 38.05 34.91
C PRO K 87 -18.14 37.84 35.38
N GLN K 88 -18.34 37.15 36.50
CA GLN K 88 -19.67 36.92 37.03
C GLN K 88 -19.93 37.58 38.37
N CYS K 89 -18.92 37.70 39.23
CA CYS K 89 -19.09 38.39 40.50
C CYS K 89 -17.94 39.31 40.87
N GLY K 90 -16.86 39.36 40.09
CA GLY K 90 -15.71 40.17 40.43
C GLY K 90 -14.66 39.46 41.25
N ASN K 91 -14.67 38.13 41.29
CA ASN K 91 -13.74 37.35 42.10
C ASN K 91 -12.38 37.29 41.40
N GLU K 92 -11.34 37.02 42.20
CA GLU K 92 -10.00 36.81 41.69
C GLU K 92 -9.52 35.38 41.91
N GLU K 93 -9.56 34.89 43.14
CA GLU K 93 -9.10 33.54 43.41
C GLU K 93 -10.10 32.53 42.88
N MET K 94 -9.61 31.58 42.08
CA MET K 94 -10.46 30.59 41.43
C MET K 94 -9.61 29.39 41.08
N ASN K 95 -10.11 28.20 41.39
CA ASN K 95 -9.36 26.97 41.16
C ASN K 95 -9.39 26.62 39.68
N TYR K 96 -8.67 25.56 39.31
CA TYR K 96 -8.70 25.04 37.96
C TYR K 96 -8.65 23.53 38.00
N HIS K 97 -8.95 22.93 36.86
CA HIS K 97 -8.88 21.48 36.68
C HIS K 97 -8.49 21.26 35.22
N THR K 98 -7.18 21.31 34.95
CA THR K 98 -6.72 21.33 33.56
C THR K 98 -6.50 19.91 33.06
N LEU K 99 -6.91 19.66 31.82
CA LEU K 99 -6.74 18.35 31.21
C LEU K 99 -6.28 18.51 29.77
N GLN K 100 -5.52 17.52 29.30
CA GLN K 100 -5.16 17.40 27.89
C GLN K 100 -6.28 16.65 27.17
N LEU K 101 -6.74 17.22 26.06
CA LEU K 101 -7.84 16.64 25.30
C LEU K 101 -7.42 16.20 23.91
N ARG K 102 -6.91 17.10 23.08
CA ARG K 102 -6.72 16.82 21.67
C ARG K 102 -5.37 16.14 21.45
N SER K 103 -4.96 16.04 20.19
CA SER K 103 -3.65 15.52 19.83
C SER K 103 -2.58 16.57 20.10
N ALA K 104 -1.34 16.27 19.70
CA ALA K 104 -0.23 17.18 19.97
C ALA K 104 -0.14 18.30 18.94
N ASP K 105 -1.26 18.99 18.71
CA ASP K 105 -1.32 20.30 18.07
C ASP K 105 -2.09 21.25 18.97
N GLU K 106 -2.20 20.91 20.25
CA GLU K 106 -3.12 21.54 21.19
C GLU K 106 -2.62 21.29 22.60
N GLY K 107 -2.70 22.32 23.44
CA GLY K 107 -2.16 22.28 24.79
C GLY K 107 -3.11 21.68 25.79
N ALA K 108 -3.02 22.19 27.02
CA ALA K 108 -3.93 21.79 28.10
C ALA K 108 -5.12 22.73 28.08
N THR K 109 -6.30 22.18 27.78
CA THR K 109 -7.53 22.98 27.79
C THR K 109 -7.91 23.33 29.21
N VAL K 110 -7.97 24.63 29.50
CA VAL K 110 -8.02 25.11 30.87
C VAL K 110 -9.46 25.24 31.32
N PHE K 111 -9.88 24.37 32.24
CA PHE K 111 -11.14 24.51 32.94
C PHE K 111 -11.01 25.54 34.06
N TYR K 112 -12.14 25.87 34.68
CA TYR K 112 -12.16 26.70 35.88
C TYR K 112 -13.33 26.27 36.75
N THR K 113 -13.29 26.68 38.02
CA THR K 113 -14.36 26.52 39.01
C THR K 113 -14.11 27.41 40.21
N CYS K 114 -15.07 28.27 40.57
CA CYS K 114 -14.92 29.17 41.70
C CYS K 114 -15.62 28.61 42.93
N THR K 115 -15.54 29.36 44.03
CA THR K 115 -16.12 28.98 45.31
C THR K 115 -17.21 29.93 45.78
N SER K 116 -17.03 31.24 45.60
CA SER K 116 -18.02 32.21 46.06
C SER K 116 -19.25 32.18 45.17
N CYS K 117 -19.07 32.50 43.88
CA CYS K 117 -20.21 32.56 42.96
C CYS K 117 -20.73 31.17 42.65
N GLY K 118 -19.84 30.24 42.36
CA GLY K 118 -20.24 28.90 41.99
C GLY K 118 -20.42 28.68 40.51
N TYR K 119 -20.13 29.69 39.68
CA TYR K 119 -20.19 29.53 38.24
C TYR K 119 -18.79 29.48 37.67
N LYS K 120 -18.66 28.71 36.59
CA LYS K 120 -17.39 28.30 36.00
C LYS K 120 -16.81 29.39 35.11
N PHE K 121 -15.82 29.01 34.30
CA PHE K 121 -15.15 29.86 33.33
C PHE K 121 -14.35 28.90 32.45
N ARG K 122 -13.96 29.35 31.26
CA ARG K 122 -13.26 28.42 30.37
C ARG K 122 -12.37 29.17 29.41
N THR K 123 -11.11 28.73 29.34
CA THR K 123 -10.17 29.10 28.28
C THR K 123 -9.79 27.84 27.52
N ASN K 124 -10.00 27.85 26.20
CA ASN K 124 -9.82 26.64 25.41
C ASN K 124 -8.34 26.30 25.23
N ASN K 125 -7.51 27.29 24.92
CA ASN K 125 -6.07 27.06 24.77
C ASN K 125 -5.26 28.11 25.50
N MET L 1 25.68 15.77 -0.84
CA MET L 1 25.88 16.42 -2.12
C MET L 1 26.67 17.68 -1.88
N ILE L 2 27.08 18.34 -2.95
CA ILE L 2 28.20 19.27 -2.90
C ILE L 2 27.83 20.58 -2.20
N VAL L 3 28.84 21.40 -1.98
CA VAL L 3 28.70 22.73 -1.37
C VAL L 3 27.72 23.57 -2.16
N PRO L 4 26.79 24.27 -1.51
CA PRO L 4 25.87 25.14 -2.25
C PRO L 4 26.61 26.35 -2.78
N VAL L 5 26.08 26.91 -3.87
CA VAL L 5 26.81 27.92 -4.60
C VAL L 5 26.63 29.29 -3.97
N ARG L 6 25.41 29.62 -3.57
CA ARG L 6 25.12 30.89 -2.93
C ARG L 6 24.54 30.64 -1.55
N CYS L 7 24.68 31.63 -0.68
CA CYS L 7 24.11 31.53 0.65
C CYS L 7 22.59 31.57 0.60
N PHE L 8 21.95 30.86 1.51
CA PHE L 8 20.50 30.73 1.41
C PHE L 8 19.77 31.96 1.92
N SER L 9 20.48 32.92 2.50
CA SER L 9 19.84 34.15 2.94
C SER L 9 20.35 35.36 2.19
N CYS L 10 21.66 35.61 2.21
CA CYS L 10 22.14 36.91 1.77
C CYS L 10 22.19 36.98 0.24
N GLY L 11 23.04 36.16 -0.37
CA GLY L 11 23.22 36.25 -1.80
C GLY L 11 24.67 36.41 -2.18
N LYS L 12 25.57 35.94 -1.32
CA LYS L 12 26.99 35.91 -1.61
C LYS L 12 27.37 34.49 -2.03
N VAL L 13 28.38 34.39 -2.90
CA VAL L 13 28.73 33.15 -3.58
C VAL L 13 29.61 32.31 -2.66
N VAL L 14 29.21 31.07 -2.44
CA VAL L 14 29.75 30.26 -1.35
C VAL L 14 30.58 29.08 -1.85
N GLY L 15 30.27 28.52 -3.01
CA GLY L 15 30.80 27.23 -3.43
C GLY L 15 32.27 27.20 -3.76
N ASP L 16 32.89 28.37 -4.02
CA ASP L 16 34.32 28.37 -4.31
C ASP L 16 35.19 28.39 -3.07
N LYS L 17 34.61 28.18 -1.90
CA LYS L 17 35.32 28.32 -0.63
C LYS L 17 35.07 27.13 0.26
N TRP L 18 34.96 25.93 -0.33
CA TRP L 18 34.81 24.70 0.44
C TRP L 18 36.06 23.83 0.40
N GLU L 19 36.57 23.53 -0.78
CA GLU L 19 37.87 22.88 -0.84
C GLU L 19 39.00 23.87 -0.61
N SER L 20 38.73 25.16 -0.72
CA SER L 20 39.66 26.16 -0.23
C SER L 20 39.53 26.39 1.26
N TYR L 21 38.58 25.73 1.91
CA TYR L 21 38.37 25.80 3.35
C TYR L 21 39.00 24.65 4.11
N LEU L 22 38.98 23.44 3.55
CA LEU L 22 39.67 22.34 4.21
C LEU L 22 41.19 22.51 4.17
N ASN L 23 41.70 23.34 3.27
CA ASN L 23 43.11 23.73 3.23
C ASN L 23 43.42 24.90 4.15
N LEU L 24 42.58 25.15 5.15
CA LEU L 24 43.00 25.87 6.34
C LEU L 24 42.81 25.02 7.58
N LEU L 25 42.39 23.78 7.41
CA LEU L 25 42.16 22.89 8.55
C LEU L 25 43.08 21.69 8.55
N GLN L 26 43.16 20.98 7.42
CA GLN L 26 44.02 19.81 7.33
C GLN L 26 45.48 20.20 7.37
N GLU L 27 45.80 21.43 6.99
CA GLU L 27 47.18 21.89 6.89
C GLU L 27 47.57 22.82 8.03
N ASP L 28 46.91 23.97 8.17
CA ASP L 28 47.35 24.98 9.10
C ASP L 28 46.85 24.74 10.52
N GLU L 29 45.99 23.75 10.73
CA GLU L 29 45.41 23.38 12.03
C GLU L 29 44.69 24.57 12.69
N LEU L 30 43.99 25.35 11.88
CA LEU L 30 43.28 26.50 12.41
C LEU L 30 42.01 26.07 13.10
N ASP L 31 41.47 26.97 13.91
CA ASP L 31 40.13 26.83 14.44
C ASP L 31 39.15 27.41 13.44
N GLU L 32 37.90 26.95 13.51
CA GLU L 32 36.89 27.37 12.54
C GLU L 32 36.57 28.85 12.68
N GLY L 33 36.77 29.41 13.87
CA GLY L 33 36.54 30.82 14.10
C GLY L 33 37.50 31.73 13.35
N THR L 34 38.67 31.22 12.98
CA THR L 34 39.57 31.95 12.09
C THR L 34 39.50 31.42 10.66
N ALA L 35 39.24 30.11 10.51
CA ALA L 35 39.26 29.48 9.20
C ALA L 35 38.11 29.98 8.32
N LEU L 36 36.92 30.09 8.90
CA LEU L 36 35.83 30.74 8.18
C LEU L 36 36.10 32.23 8.03
N SER L 37 36.78 32.82 9.00
CA SER L 37 36.95 34.26 9.00
C SER L 37 38.01 34.72 8.02
N ARG L 38 39.04 33.91 7.81
CA ARG L 38 40.13 34.32 6.92
C ARG L 38 39.72 34.24 5.46
N LEU L 39 38.72 33.41 5.14
CA LEU L 39 38.21 33.33 3.78
C LEU L 39 37.50 34.61 3.37
N GLY L 40 36.57 35.07 4.21
CA GLY L 40 35.78 36.24 3.87
C GLY L 40 34.35 36.15 4.34
N LEU L 41 34.00 35.04 4.96
CA LEU L 41 32.66 34.86 5.49
C LEU L 41 32.53 35.66 6.78
N LYS L 42 31.67 36.68 6.79
CA LYS L 42 31.53 37.47 8.00
C LYS L 42 30.08 37.78 8.37
N ARG L 43 29.12 37.13 7.72
CA ARG L 43 27.74 37.14 8.17
C ARG L 43 27.36 35.72 8.49
N TYR L 44 26.69 35.51 9.62
CA TYR L 44 26.53 34.14 10.09
C TYR L 44 25.55 33.33 9.27
N CYS L 45 24.75 33.97 8.41
CA CYS L 45 23.95 33.20 7.47
C CYS L 45 24.85 32.50 6.47
N CYS L 46 25.86 33.20 5.98
CA CYS L 46 26.90 32.61 5.13
C CYS L 46 28.13 32.22 5.93
N ARG L 47 27.93 31.74 7.14
CA ARG L 47 29.03 31.28 7.98
C ARG L 47 28.54 30.12 8.83
N ARG L 48 27.34 29.62 8.57
CA ARG L 48 26.86 28.33 9.05
C ARG L 48 26.63 27.40 7.89
N MET L 49 27.35 27.63 6.82
CA MET L 49 27.18 26.92 5.57
C MET L 49 28.47 26.26 5.10
N ILE L 50 29.59 26.93 5.24
CA ILE L 50 30.88 26.30 5.01
C ILE L 50 31.32 25.52 6.25
N LEU L 51 30.99 26.03 7.43
CA LEU L 51 31.20 25.32 8.69
C LEU L 51 30.48 23.98 8.70
N THR L 52 29.21 23.99 8.34
CA THR L 52 28.30 22.94 8.74
C THR L 52 28.19 21.82 7.72
N HIS L 53 28.71 22.05 6.51
CA HIS L 53 28.33 21.32 5.31
C HIS L 53 28.77 19.87 5.36
N VAL L 54 27.85 18.97 5.01
CA VAL L 54 28.09 17.54 5.22
C VAL L 54 28.98 16.96 4.12
N ASP L 55 28.71 17.33 2.87
CA ASP L 55 29.48 16.92 1.68
C ASP L 55 29.48 15.41 1.51
N LEU L 56 28.29 14.85 1.24
CA LEU L 56 28.08 13.39 1.09
C LEU L 56 28.29 13.01 -0.37
N ILE L 57 28.89 13.88 -1.18
CA ILE L 57 29.08 13.49 -2.57
C ILE L 57 30.12 12.38 -2.65
N GLU L 58 31.04 12.35 -1.69
CA GLU L 58 32.15 11.42 -1.66
C GLU L 58 31.64 10.02 -1.40
N LYS L 59 30.59 9.91 -0.60
CA LYS L 59 30.05 8.59 -0.36
C LYS L 59 29.20 8.12 -1.53
N PHE L 60 28.83 9.00 -2.45
CA PHE L 60 28.20 8.59 -3.71
C PHE L 60 29.21 8.14 -4.76
N LEU L 61 30.37 8.81 -4.84
CA LEU L 61 31.33 8.56 -5.91
C LEU L 61 32.02 7.21 -5.77
N ARG L 62 31.94 6.58 -4.61
CA ARG L 62 32.39 5.22 -4.42
C ARG L 62 31.48 4.20 -5.10
N TYR L 63 30.28 4.61 -5.48
CA TYR L 63 29.31 3.74 -6.14
C TYR L 63 29.24 4.19 -7.59
N ASN L 64 30.18 3.70 -8.40
CA ASN L 64 30.21 4.03 -9.82
C ASN L 64 30.13 2.74 -10.63
N PRO L 65 29.13 2.57 -11.49
CA PRO L 65 29.11 1.42 -12.38
C PRO L 65 29.76 1.65 -13.73
N LEU L 66 30.33 2.84 -13.98
CA LEU L 66 31.09 3.13 -15.20
C LEU L 66 32.56 2.81 -15.04
N GLU L 67 32.90 1.86 -14.19
CA GLU L 67 34.29 1.50 -13.96
C GLU L 67 34.32 0.04 -13.58
N LYS L 68 35.32 -0.67 -14.08
CA LYS L 68 35.60 -2.01 -13.59
C LYS L 68 35.96 -1.97 -12.12
N ARG L 69 35.18 -2.72 -11.32
CA ARG L 69 35.31 -2.84 -9.86
C ARG L 69 35.23 -1.50 -9.13
N GLU M 40 4.32 54.40 -33.08
CA GLU M 40 3.19 55.04 -32.41
C GLU M 40 2.37 54.02 -31.62
N GLU M 41 2.54 54.01 -30.30
CA GLU M 41 1.80 53.08 -29.46
C GLU M 41 1.64 53.62 -28.05
N PRO M 42 0.42 53.92 -27.61
CA PRO M 42 0.19 54.22 -26.20
C PRO M 42 -0.07 52.97 -25.37
N ASP M 43 0.58 52.90 -24.21
CA ASP M 43 0.36 51.81 -23.26
C ASP M 43 -0.64 52.28 -22.21
N ARG M 44 -1.91 52.15 -22.55
CA ARG M 44 -2.99 52.74 -21.78
C ARG M 44 -3.44 51.85 -20.63
N GLU M 45 -2.55 51.00 -20.13
CA GLU M 45 -2.90 50.08 -19.06
C GLU M 45 -2.10 50.31 -17.79
N LYS M 46 -1.17 51.26 -17.78
CA LYS M 46 -0.42 51.54 -16.55
C LYS M 46 -1.25 52.40 -15.61
N ILE M 47 -1.46 53.66 -15.98
CA ILE M 47 -2.13 54.62 -15.09
C ILE M 47 -3.63 54.46 -15.32
N LYS M 48 -4.19 53.43 -14.70
CA LYS M 48 -5.57 53.03 -14.91
C LYS M 48 -6.40 53.72 -13.84
N LEU M 49 -7.32 54.60 -14.25
CA LEU M 49 -8.12 55.35 -13.29
C LEU M 49 -9.50 54.74 -13.18
N LEU M 50 -9.74 54.04 -12.06
CA LEU M 50 -11.08 53.59 -11.71
C LEU M 50 -12.01 54.79 -11.56
N THR M 51 -13.26 54.62 -11.94
CA THR M 51 -14.20 55.73 -11.88
C THR M 51 -15.32 55.58 -10.85
N GLN M 52 -15.59 54.37 -10.35
CA GLN M 52 -16.74 54.25 -9.46
C GLN M 52 -16.43 54.71 -8.04
N ALA M 53 -15.22 55.14 -7.76
CA ALA M 53 -14.88 55.79 -6.51
C ALA M 53 -14.29 57.16 -6.77
N THR M 54 -14.73 57.80 -7.85
CA THR M 54 -14.15 59.06 -8.30
C THR M 54 -15.18 60.16 -8.18
N SER M 55 -14.77 61.30 -7.61
CA SER M 55 -15.60 62.49 -7.62
C SER M 55 -15.80 63.00 -9.04
N GLU M 56 -16.92 63.70 -9.25
CA GLU M 56 -17.17 64.29 -10.56
C GLU M 56 -16.18 65.41 -10.86
N ASP M 57 -15.78 66.17 -9.86
CA ASP M 57 -14.90 67.31 -10.09
C ASP M 57 -13.44 66.91 -10.26
N GLY M 58 -13.09 65.66 -9.95
CA GLY M 58 -11.72 65.20 -10.08
C GLY M 58 -10.84 65.48 -8.90
N THR M 59 -11.37 66.12 -7.86
CA THR M 59 -10.61 66.35 -6.63
C THR M 59 -10.57 65.13 -5.74
N SER M 60 -11.23 64.03 -6.12
CA SER M 60 -11.11 62.76 -5.41
C SER M 60 -11.06 61.66 -6.47
N ALA M 61 -9.86 61.32 -6.92
CA ALA M 61 -9.67 60.34 -7.97
C ALA M 61 -9.32 58.97 -7.41
N SER M 62 -9.32 57.98 -8.29
CA SER M 62 -9.17 56.58 -7.90
C SER M 62 -8.38 55.85 -8.98
N PHE M 63 -7.22 55.32 -8.63
CA PHE M 63 -6.38 54.64 -9.60
C PHE M 63 -6.50 53.14 -9.41
N GLN M 64 -5.74 52.40 -10.22
CA GLN M 64 -5.39 51.01 -9.95
C GLN M 64 -4.15 50.74 -10.80
N ILE M 65 -2.98 50.77 -10.19
CA ILE M 65 -1.75 50.75 -10.96
C ILE M 65 -1.23 49.33 -10.98
N VAL M 66 -1.03 48.79 -12.16
CA VAL M 66 -0.40 47.49 -12.30
C VAL M 66 1.07 47.69 -12.64
N GLU M 67 1.84 46.61 -12.54
CA GLU M 67 3.31 46.62 -12.47
C GLU M 67 3.80 47.52 -11.33
N GLU M 68 3.12 47.40 -10.18
CA GLU M 68 3.53 48.09 -8.98
C GLU M 68 3.24 47.24 -7.76
N ASP M 69 3.89 47.63 -6.66
CA ASP M 69 3.79 47.11 -5.31
C ASP M 69 4.33 48.21 -4.41
N HIS M 70 4.76 47.86 -3.19
CA HIS M 70 5.30 48.83 -2.23
C HIS M 70 6.54 49.60 -2.68
N THR M 71 7.07 49.32 -3.87
CA THR M 71 8.24 49.97 -4.44
C THR M 71 8.04 51.47 -4.62
N LEU M 72 7.16 51.84 -5.54
CA LEU M 72 6.85 53.25 -5.76
C LEU M 72 5.54 53.61 -5.06
N GLY M 73 4.94 52.65 -4.37
CA GLY M 73 3.74 52.94 -3.61
C GLY M 73 3.99 53.89 -2.47
N ASN M 74 5.08 53.65 -1.73
CA ASN M 74 5.41 54.52 -0.63
C ASN M 74 6.41 55.60 -1.02
N ALA M 75 7.10 55.43 -2.14
CA ALA M 75 7.98 56.48 -2.60
C ALA M 75 7.21 57.65 -3.18
N LEU M 76 6.01 57.40 -3.69
CA LEU M 76 5.19 58.47 -4.23
C LEU M 76 4.29 59.07 -3.17
N ARG M 77 3.81 58.22 -2.26
CA ARG M 77 2.94 58.65 -1.18
C ARG M 77 3.63 59.64 -0.26
N TYR M 78 4.94 59.51 -0.08
CA TYR M 78 5.70 60.52 0.64
C TYR M 78 5.71 61.85 -0.11
N VAL M 79 5.86 61.79 -1.42
CA VAL M 79 6.06 63.01 -2.20
C VAL M 79 4.73 63.72 -2.48
N ILE M 80 3.63 62.98 -2.59
CA ILE M 80 2.31 63.59 -2.74
C ILE M 80 1.94 64.38 -1.49
N MET M 81 2.17 63.79 -0.32
CA MET M 81 1.79 64.41 0.94
C MET M 81 2.63 65.63 1.30
N LYS M 82 3.68 65.93 0.55
CA LYS M 82 4.37 67.20 0.71
C LYS M 82 3.70 68.34 -0.02
N ASN M 83 2.82 68.04 -0.97
CA ASN M 83 2.06 69.07 -1.66
C ASN M 83 0.98 69.57 -0.70
N PRO M 84 0.99 70.85 -0.30
CA PRO M 84 0.04 71.33 0.71
C PRO M 84 -1.40 71.31 0.25
N ASP M 85 -1.66 71.23 -1.05
CA ASP M 85 -3.03 71.13 -1.50
C ASP M 85 -3.62 69.75 -1.28
N VAL M 86 -2.81 68.72 -1.12
CA VAL M 86 -3.34 67.36 -1.03
C VAL M 86 -3.90 67.15 0.37
N GLU M 87 -5.13 66.67 0.44
CA GLU M 87 -5.82 66.41 1.69
C GLU M 87 -5.76 64.95 2.10
N PHE M 88 -5.65 64.04 1.14
CA PHE M 88 -5.67 62.61 1.41
C PHE M 88 -4.78 61.92 0.40
N CYS M 89 -3.89 61.06 0.89
CA CYS M 89 -3.07 60.22 0.01
C CYS M 89 -2.61 59.00 0.79
N GLY M 90 -3.23 57.87 0.52
CA GLY M 90 -2.68 56.61 0.97
C GLY M 90 -2.45 55.74 -0.24
N TYR M 91 -1.56 54.76 -0.15
CA TYR M 91 -1.44 53.75 -1.17
C TYR M 91 -1.82 52.41 -0.56
N SER M 92 -2.50 51.59 -1.34
CA SER M 92 -2.99 50.32 -0.82
C SER M 92 -2.60 49.21 -1.75
N ILE M 93 -2.70 48.00 -1.22
CA ILE M 93 -2.60 46.79 -2.04
C ILE M 93 -3.74 45.87 -1.63
N PRO M 94 -4.57 45.44 -2.57
CA PRO M 94 -5.68 44.54 -2.23
C PRO M 94 -5.23 43.16 -1.88
N HIS M 95 -4.16 42.69 -2.50
CA HIS M 95 -3.67 41.34 -2.37
C HIS M 95 -2.27 41.38 -2.94
N PRO M 96 -1.25 40.91 -2.21
CA PRO M 96 0.14 41.16 -2.66
C PRO M 96 0.57 40.30 -3.82
N SER M 97 -0.23 39.32 -4.24
CA SER M 97 0.22 38.31 -5.20
C SER M 97 0.46 38.92 -6.58
N GLU M 98 -0.56 39.56 -7.14
CA GLU M 98 -0.40 40.20 -8.42
C GLU M 98 0.10 41.63 -8.23
N ASN M 99 0.25 42.35 -9.33
CA ASN M 99 0.78 43.70 -9.31
C ASN M 99 -0.39 44.67 -9.22
N LEU M 100 -0.64 45.21 -8.04
CA LEU M 100 -1.75 46.12 -7.82
C LEU M 100 -1.31 47.23 -6.89
N LEU M 101 -1.71 48.45 -7.18
CA LEU M 101 -1.40 49.54 -6.28
C LEU M 101 -2.51 50.58 -6.39
N ASN M 102 -3.55 50.41 -5.60
CA ASN M 102 -4.63 51.38 -5.56
C ASN M 102 -4.16 52.53 -4.68
N ILE M 103 -3.94 53.71 -5.26
CA ILE M 103 -3.66 54.89 -4.45
C ILE M 103 -4.81 55.85 -4.67
N ARG M 104 -4.95 56.82 -3.77
CA ARG M 104 -6.15 57.67 -3.78
C ARG M 104 -5.79 59.07 -3.30
N ILE M 105 -5.73 60.00 -4.21
CA ILE M 105 -5.46 61.38 -3.86
C ILE M 105 -6.77 62.10 -3.66
N GLN M 106 -6.89 62.87 -2.59
CA GLN M 106 -7.98 63.82 -2.46
C GLN M 106 -7.41 65.15 -2.03
N THR M 107 -7.96 66.23 -2.55
CA THR M 107 -7.42 67.56 -2.33
C THR M 107 -8.44 68.43 -1.62
N TYR M 108 -8.05 69.68 -1.37
CA TYR M 108 -8.95 70.68 -0.79
C TYR M 108 -9.73 71.40 -1.87
N GLY M 109 -9.03 72.09 -2.77
CA GLY M 109 -9.69 72.84 -3.80
C GLY M 109 -8.73 73.22 -4.89
N GLU M 110 -9.29 73.71 -5.99
CA GLU M 110 -8.68 74.31 -7.19
C GLU M 110 -7.64 73.43 -7.86
N THR M 111 -7.56 72.15 -7.52
CA THR M 111 -6.64 71.22 -8.18
C THR M 111 -7.25 69.84 -8.14
N THR M 112 -7.42 69.25 -9.31
CA THR M 112 -7.89 67.88 -9.38
C THR M 112 -6.81 66.94 -8.87
N ALA M 113 -7.24 65.75 -8.45
CA ALA M 113 -6.32 64.80 -7.85
C ALA M 113 -5.32 64.26 -8.85
N VAL M 114 -5.70 64.23 -10.13
CA VAL M 114 -4.75 63.82 -11.16
C VAL M 114 -3.76 64.95 -11.41
N ASP M 115 -4.18 66.20 -11.27
CA ASP M 115 -3.21 67.29 -11.35
C ASP M 115 -2.31 67.39 -10.13
N ALA M 116 -2.64 66.71 -9.03
CA ALA M 116 -1.74 66.58 -7.90
C ALA M 116 -0.90 65.30 -7.97
N LEU M 117 -1.36 64.31 -8.72
CA LEU M 117 -0.53 63.16 -9.05
C LEU M 117 0.70 63.60 -9.82
N GLN M 118 0.47 64.34 -10.91
CA GLN M 118 1.53 64.71 -11.83
C GLN M 118 2.42 65.82 -11.31
N LYS M 119 2.09 66.44 -10.18
CA LYS M 119 3.13 67.20 -9.50
C LYS M 119 4.03 66.27 -8.71
N GLY M 120 3.46 65.21 -8.13
CA GLY M 120 4.26 64.28 -7.34
C GLY M 120 5.22 63.49 -8.19
N LEU M 121 4.76 63.01 -9.35
CA LEU M 121 5.65 62.33 -10.28
C LEU M 121 6.61 63.28 -10.97
N LYS M 122 6.33 64.58 -10.95
CA LYS M 122 7.37 65.53 -11.34
C LYS M 122 8.40 65.70 -10.23
N ASP M 123 7.95 65.63 -8.98
CA ASP M 123 8.84 65.77 -7.84
C ASP M 123 9.33 64.43 -7.31
N LEU M 124 8.98 63.34 -7.98
CA LEU M 124 9.67 62.07 -7.76
C LEU M 124 10.82 61.90 -8.74
N MET M 125 10.75 62.57 -9.90
CA MET M 125 11.85 62.57 -10.84
C MET M 125 12.95 63.55 -10.42
N ASP M 126 12.56 64.73 -9.94
CA ASP M 126 13.54 65.75 -9.61
C ASP M 126 14.35 65.39 -8.38
N LEU M 127 13.83 64.48 -7.55
CA LEU M 127 14.63 63.89 -6.49
C LEU M 127 15.81 63.12 -7.06
N CYS M 128 15.57 62.31 -8.10
CA CYS M 128 16.64 61.57 -8.74
C CYS M 128 17.61 62.47 -9.49
N ASP M 129 17.19 63.69 -9.83
CA ASP M 129 18.17 64.69 -10.28
C ASP M 129 19.10 65.09 -9.16
N VAL M 130 18.60 65.12 -7.92
CA VAL M 130 19.41 65.58 -6.80
C VAL M 130 20.33 64.46 -6.33
N VAL M 131 19.82 63.23 -6.28
CA VAL M 131 20.57 62.12 -5.69
C VAL M 131 21.74 61.73 -6.57
N GLU M 132 21.56 61.75 -7.90
CA GLU M 132 22.64 61.35 -8.79
C GLU M 132 23.76 62.38 -8.80
N SER M 133 23.44 63.65 -8.93
CA SER M 133 24.49 64.67 -8.90
C SER M 133 24.90 65.08 -7.49
N LYS M 134 24.54 64.31 -6.47
CA LYS M 134 25.22 64.37 -5.18
C LYS M 134 25.85 63.03 -4.85
N PHE M 135 25.72 62.04 -5.72
CA PHE M 135 26.46 60.80 -5.59
C PHE M 135 27.45 60.60 -6.72
N THR M 136 27.27 61.27 -7.86
CA THR M 136 28.35 61.37 -8.82
C THR M 136 29.42 62.34 -8.31
N GLU M 137 29.01 63.39 -7.60
CA GLU M 137 29.98 64.36 -7.09
C GLU M 137 30.80 63.84 -5.92
N LYS M 138 30.56 62.63 -5.43
CA LYS M 138 31.38 62.09 -4.35
C LYS M 138 32.21 60.89 -4.76
N ILE M 139 31.78 60.11 -5.75
CA ILE M 139 32.67 59.13 -6.36
C ILE M 139 33.84 59.84 -7.03
N LYS M 140 33.55 60.91 -7.75
CA LYS M 140 34.58 61.68 -8.44
C LYS M 140 35.41 62.56 -7.52
N SER M 141 35.15 62.55 -6.21
CA SER M 141 35.80 63.49 -5.31
C SER M 141 36.86 62.85 -4.43
N MET M 142 37.13 61.56 -4.57
CA MET M 142 38.17 60.93 -3.78
C MET M 142 39.50 61.00 -4.53
N THR N 26 28.17 4.04 -30.94
CA THR N 26 27.69 2.67 -31.15
C THR N 26 26.82 2.26 -29.97
N LEU N 27 25.63 1.73 -30.29
CA LEU N 27 24.61 1.49 -29.28
C LEU N 27 25.01 0.32 -28.39
N LYS N 28 25.09 0.56 -27.08
CA LYS N 28 25.58 -0.41 -26.11
C LYS N 28 24.79 -0.28 -24.81
N TYR N 29 25.32 -0.89 -23.75
CA TYR N 29 24.72 -0.96 -22.43
C TYR N 29 25.83 -0.85 -21.40
N ILE N 30 25.55 -1.26 -20.16
CA ILE N 30 26.56 -1.44 -19.12
C ILE N 30 26.19 -2.73 -18.40
N CYS N 31 27.21 -3.52 -18.03
CA CYS N 31 26.98 -4.67 -17.15
C CYS N 31 26.90 -4.20 -15.71
N ALA N 32 26.08 -4.91 -14.93
CA ALA N 32 25.88 -4.54 -13.53
C ALA N 32 27.11 -4.86 -12.70
N GLU N 33 27.64 -6.06 -12.83
CA GLU N 33 28.71 -6.50 -11.96
C GLU N 33 30.08 -5.99 -12.43
N CYS N 34 30.40 -6.20 -13.71
CA CYS N 34 31.75 -5.99 -14.18
C CYS N 34 31.90 -4.79 -15.10
N SER N 35 30.84 -4.02 -15.31
CA SER N 35 30.84 -2.79 -16.13
C SER N 35 31.25 -3.04 -17.58
N SER N 36 30.96 -4.22 -18.12
CA SER N 36 31.26 -4.51 -19.52
C SER N 36 30.14 -3.96 -20.38
N LYS N 37 30.46 -3.04 -21.28
CA LYS N 37 29.47 -2.40 -22.14
C LYS N 37 29.00 -3.38 -23.20
N LEU N 38 28.07 -4.23 -22.81
CA LEU N 38 27.45 -5.15 -23.74
C LEU N 38 26.60 -4.36 -24.74
N SER N 39 26.42 -4.93 -25.94
CA SER N 39 25.50 -4.40 -26.92
C SER N 39 24.61 -5.55 -27.38
N LEU N 40 23.32 -5.46 -27.06
CA LEU N 40 22.41 -6.59 -27.16
C LEU N 40 21.64 -6.49 -28.47
N SER N 41 21.58 -7.59 -29.20
CA SER N 41 20.63 -7.72 -30.28
C SER N 41 19.46 -8.60 -29.83
N ARG N 42 18.40 -8.59 -30.61
CA ARG N 42 17.26 -9.41 -30.24
C ARG N 42 17.53 -10.86 -30.60
N THR N 43 16.76 -11.74 -29.96
CA THR N 43 17.03 -13.17 -29.88
C THR N 43 18.50 -13.39 -29.48
N ASP N 44 18.83 -12.82 -28.33
CA ASP N 44 20.05 -13.12 -27.62
C ASP N 44 19.70 -13.59 -26.22
N ALA N 45 20.63 -14.30 -25.60
CA ALA N 45 20.51 -14.63 -24.20
C ALA N 45 20.64 -13.37 -23.36
N VAL N 46 19.83 -13.27 -22.31
CA VAL N 46 19.98 -12.15 -21.36
C VAL N 46 20.97 -12.65 -20.30
N ARG N 47 22.24 -12.55 -20.65
CA ARG N 47 23.37 -12.70 -19.75
C ARG N 47 24.38 -11.67 -20.19
N CYS N 48 25.41 -11.44 -19.40
CA CYS N 48 26.51 -10.64 -19.92
C CYS N 48 27.60 -11.55 -20.44
N LYS N 49 28.40 -11.00 -21.35
CA LYS N 49 29.33 -11.83 -22.12
C LYS N 49 30.56 -12.21 -21.33
N ASP N 50 30.97 -11.39 -20.37
CA ASP N 50 32.13 -11.69 -19.56
C ASP N 50 31.79 -12.38 -18.25
N CYS N 51 30.75 -11.93 -17.57
CA CYS N 51 30.21 -12.64 -16.42
C CYS N 51 28.77 -13.00 -16.72
N GLY N 52 28.38 -14.23 -16.43
CA GLY N 52 27.05 -14.66 -16.77
C GLY N 52 26.01 -14.10 -15.83
N HIS N 53 25.80 -12.79 -15.90
CA HIS N 53 25.10 -12.04 -14.88
C HIS N 53 23.83 -11.49 -15.51
N ARG N 54 22.71 -12.04 -15.12
CA ARG N 54 21.40 -11.83 -15.72
C ARG N 54 20.78 -10.49 -15.40
N ILE N 55 21.51 -9.56 -14.80
CA ILE N 55 21.00 -8.23 -14.49
C ILE N 55 21.90 -7.23 -15.19
N LEU N 56 21.30 -6.36 -15.98
CA LEU N 56 22.08 -5.52 -16.87
C LEU N 56 21.31 -4.23 -17.10
N LEU N 57 22.01 -3.10 -16.97
CA LEU N 57 21.39 -1.79 -16.94
C LEU N 57 21.72 -1.02 -18.20
N LYS N 58 20.71 -0.38 -18.77
CA LYS N 58 20.88 0.40 -19.98
C LYS N 58 21.61 1.69 -19.66
N ALA N 59 22.40 2.17 -20.61
CA ALA N 59 23.11 3.43 -20.45
C ALA N 59 22.42 4.52 -21.25
N ARG N 60 23.05 5.68 -21.32
CA ARG N 60 22.51 6.77 -22.11
C ARG N 60 23.31 6.95 -23.40
N THR N 61 22.63 7.47 -24.40
CA THR N 61 23.22 7.90 -25.63
C THR N 61 23.47 9.39 -25.54
N LYS N 62 23.80 10.02 -26.65
CA LYS N 62 23.78 11.47 -26.73
C LYS N 62 22.43 11.91 -27.28
N ARG N 63 21.63 12.57 -26.44
CA ARG N 63 20.33 13.10 -26.83
C ARG N 63 20.26 14.51 -26.24
N LEU N 64 19.41 15.36 -26.79
CA LEU N 64 19.33 16.75 -26.35
C LEU N 64 18.12 16.94 -25.46
N VAL N 65 18.36 17.34 -24.21
CA VAL N 65 17.31 17.67 -23.26
C VAL N 65 17.66 19.00 -22.59
N GLN N 66 16.64 19.80 -22.33
CA GLN N 66 16.77 21.12 -21.75
C GLN N 66 16.10 21.18 -20.39
N PHE N 67 16.44 22.22 -19.62
CA PHE N 67 15.87 22.42 -18.31
C PHE N 67 15.77 23.91 -17.99
N GLU N 68 15.02 24.18 -16.94
CA GLU N 68 14.91 25.52 -16.37
C GLU N 68 16.01 25.69 -15.32
N ALA N 69 15.85 26.70 -14.47
CA ALA N 69 16.59 26.88 -13.23
C ALA N 69 15.77 27.83 -12.36
N ARG N 70 16.16 27.96 -11.10
CA ARG N 70 15.33 28.69 -10.12
C ARG N 70 15.89 30.01 -9.62
N PHE O 23 18.36 -55.18 44.87
CA PHE O 23 18.75 -53.86 44.40
C PHE O 23 20.17 -53.85 43.84
N SER O 24 20.85 -52.71 44.00
CA SER O 24 22.25 -52.48 43.61
C SER O 24 22.47 -52.77 42.13
N ILE O 25 21.76 -52.01 41.29
CA ILE O 25 21.77 -52.30 39.87
C ILE O 25 23.05 -51.78 39.20
N PRO O 26 23.49 -50.52 39.33
CA PRO O 26 24.78 -50.15 38.72
C PRO O 26 25.95 -50.55 39.60
N ASP O 27 27.14 -50.20 39.14
CA ASP O 27 28.39 -50.76 39.65
C ASP O 27 28.77 -50.17 41.00
N GLY O 28 29.88 -50.66 41.53
CA GLY O 28 30.44 -50.16 42.77
C GLY O 28 29.83 -50.77 44.01
N PHE O 29 28.54 -51.08 43.94
CA PHE O 29 27.68 -51.21 45.12
C PHE O 29 28.00 -52.49 45.88
N LYS O 30 28.90 -52.39 46.84
CA LYS O 30 29.10 -53.42 47.84
C LYS O 30 28.43 -53.00 49.12
N LYS O 31 27.70 -53.92 49.74
CA LYS O 31 27.23 -53.69 51.09
C LYS O 31 28.42 -53.61 52.04
N CYS O 32 28.52 -52.50 52.76
CA CYS O 32 29.66 -52.30 53.63
C CYS O 32 29.53 -53.16 54.87
N LYS O 33 30.60 -53.87 55.21
CA LYS O 33 30.62 -54.70 56.41
C LYS O 33 31.47 -54.14 57.52
N HIS O 34 32.36 -53.20 57.23
CA HIS O 34 33.28 -52.68 58.26
C HIS O 34 32.69 -51.45 58.95
N LEU O 35 31.44 -51.56 59.39
CA LEU O 35 30.79 -50.46 60.07
C LEU O 35 31.35 -50.37 61.48
N LYS O 36 31.92 -49.21 61.80
CA LYS O 36 32.68 -49.02 63.03
C LYS O 36 31.76 -49.08 64.24
N ASN O 37 32.32 -49.52 65.36
CA ASN O 37 31.53 -49.65 66.58
C ASN O 37 31.30 -48.25 67.12
N PHE O 38 30.19 -47.64 66.69
CA PHE O 38 29.88 -46.27 67.05
C PHE O 38 29.46 -46.20 68.53
N PRO O 39 30.12 -45.38 69.34
CA PRO O 39 29.91 -45.37 70.80
C PRO O 39 28.69 -44.54 71.21
N LEU O 40 27.52 -44.98 70.77
CA LEU O 40 26.28 -44.34 71.17
C LEU O 40 25.97 -44.77 72.59
N ASN O 41 26.23 -43.90 73.57
CA ASN O 41 26.01 -44.29 74.96
C ASN O 41 24.53 -44.21 75.32
N GLY O 42 23.98 -43.00 75.34
CA GLY O 42 22.61 -42.79 75.76
C GLY O 42 22.34 -43.20 77.19
N ASP O 43 23.30 -42.94 78.07
CA ASP O 43 23.20 -43.40 79.45
C ASP O 43 22.27 -42.50 80.26
N ASN O 44 21.82 -43.05 81.40
CA ASN O 44 20.97 -42.38 82.38
C ASN O 44 19.66 -41.83 81.79
N LYS O 49 28.79 -38.76 81.73
CA LYS O 49 27.37 -38.73 82.08
C LYS O 49 26.51 -39.24 80.92
N GLN O 50 26.28 -38.35 79.95
CA GLN O 50 25.46 -38.67 78.79
C GLN O 50 26.24 -38.26 77.54
N GLN O 51 25.59 -38.32 76.37
CA GLN O 51 26.20 -37.90 75.13
C GLN O 51 25.21 -37.06 74.34
N GLN O 52 25.68 -35.94 73.81
CA GLN O 52 24.84 -35.08 73.00
C GLN O 52 25.16 -35.27 71.53
N VAL O 53 24.13 -35.62 70.76
CA VAL O 53 24.30 -35.94 69.34
C VAL O 53 24.25 -34.65 68.55
N TRP O 54 25.22 -34.44 67.68
CA TRP O 54 25.22 -33.24 66.84
C TRP O 54 25.08 -33.59 65.36
N LEU O 55 24.66 -32.60 64.58
CA LEU O 55 24.49 -32.72 63.14
C LEU O 55 25.05 -31.45 62.47
N ILE O 56 26.28 -31.11 62.80
CA ILE O 56 26.89 -29.92 62.22
C ILE O 56 27.16 -30.12 60.73
N LYS O 57 27.14 -29.01 60.00
CA LYS O 57 26.97 -29.03 58.55
C LYS O 57 28.12 -28.25 57.93
N PHE O 58 28.82 -28.87 56.99
CA PHE O 58 30.05 -28.30 56.47
C PHE O 58 29.95 -28.03 54.99
N PRO O 59 30.65 -27.01 54.50
CA PRO O 59 30.66 -26.76 53.05
C PRO O 59 31.68 -27.62 52.33
N SER O 60 31.87 -27.36 51.03
CA SER O 60 32.85 -28.13 50.26
C SER O 60 34.28 -27.72 50.60
N ASN O 61 34.48 -26.42 50.89
CA ASN O 61 35.83 -25.85 51.01
C ASN O 61 36.41 -26.00 52.41
N VAL O 62 35.96 -26.98 53.18
CA VAL O 62 36.57 -27.28 54.47
C VAL O 62 36.80 -28.79 54.50
N ASP O 63 37.83 -29.20 55.25
CA ASP O 63 38.17 -30.60 55.35
C ASP O 63 38.10 -31.04 56.80
N ILE O 64 37.62 -32.27 57.01
CA ILE O 64 37.39 -32.77 58.36
C ILE O 64 38.67 -33.30 59.00
N SER O 65 39.62 -33.80 58.21
CA SER O 65 40.89 -34.23 58.75
C SER O 65 41.82 -33.09 59.10
N LYS O 66 41.49 -31.86 58.71
CA LYS O 66 42.40 -30.73 58.84
C LYS O 66 42.11 -29.85 60.05
N LEU O 67 40.85 -29.47 60.26
CA LEU O 67 40.50 -28.54 61.32
C LEU O 67 40.69 -29.19 62.70
N LYS O 68 41.08 -28.37 63.66
CA LYS O 68 41.40 -28.87 65.00
C LYS O 68 40.60 -28.16 66.08
N SER O 69 40.47 -26.84 65.98
CA SER O 69 39.72 -26.05 66.94
C SER O 69 38.42 -25.58 66.31
N LEU O 70 37.36 -25.54 67.12
CA LEU O 70 36.02 -25.22 66.64
C LEU O 70 35.40 -24.17 67.56
N PRO O 71 35.40 -22.90 67.15
CA PRO O 71 34.73 -21.86 67.95
C PRO O 71 33.22 -21.87 67.73
N VAL O 72 32.48 -22.26 68.77
CA VAL O 72 31.03 -22.36 68.70
C VAL O 72 30.46 -21.55 69.86
N ASP O 73 29.18 -21.21 69.74
CA ASP O 73 28.47 -20.49 70.78
C ASP O 73 26.99 -20.74 70.57
N PHE O 74 26.18 -20.40 71.58
CA PHE O 74 24.74 -20.33 71.38
C PHE O 74 24.38 -19.21 70.41
N GLU O 75 25.19 -18.15 70.37
CA GLU O 75 25.05 -17.11 69.36
C GLU O 75 25.71 -17.54 68.06
N SER O 76 25.91 -16.58 67.16
CA SER O 76 26.56 -16.84 65.89
C SER O 76 27.73 -15.91 65.65
N SER O 77 28.47 -15.57 66.71
CA SER O 77 29.69 -14.79 66.60
C SER O 77 30.81 -15.76 66.28
N THR O 78 30.78 -16.26 65.06
CA THR O 78 31.53 -17.45 64.67
C THR O 78 32.39 -17.15 63.45
N THR O 79 33.11 -16.04 63.51
CA THR O 79 34.07 -15.67 62.48
C THR O 79 35.23 -16.67 62.54
N MET O 80 35.19 -17.67 61.67
CA MET O 80 36.22 -18.71 61.62
C MET O 80 36.96 -18.59 60.29
N THR O 81 38.26 -18.31 60.37
CA THR O 81 39.08 -18.06 59.20
C THR O 81 39.98 -19.27 58.94
N ILE O 82 39.82 -19.88 57.77
CA ILE O 82 40.65 -21.00 57.33
C ILE O 82 41.21 -20.60 55.98
N ASP O 83 42.37 -19.93 55.98
CA ASP O 83 43.13 -19.51 54.78
C ASP O 83 42.28 -18.63 53.86
N LYS O 84 41.92 -17.45 54.39
CA LYS O 84 41.16 -16.42 53.67
C LYS O 84 39.79 -16.93 53.23
N HIS O 85 39.11 -17.67 54.11
CA HIS O 85 37.74 -18.12 53.85
C HIS O 85 36.96 -18.04 55.16
N ASP O 86 36.38 -16.86 55.42
CA ASP O 86 35.66 -16.64 56.66
C ASP O 86 34.33 -17.37 56.63
N TYR O 87 34.05 -18.11 57.69
CA TYR O 87 32.89 -18.98 57.75
C TYR O 87 31.95 -18.47 58.84
N LYS O 88 30.85 -19.20 59.06
CA LYS O 88 29.85 -18.75 60.02
C LYS O 88 29.07 -19.95 60.53
N ILE O 89 28.99 -20.09 61.85
CA ILE O 89 28.23 -21.15 62.49
C ILE O 89 26.97 -20.55 63.10
N MET O 90 25.83 -21.07 62.70
CA MET O 90 24.52 -20.62 63.18
C MET O 90 23.86 -21.75 63.95
N ASP O 91 23.23 -21.41 65.07
CA ASP O 91 22.57 -22.40 65.92
C ASP O 91 21.09 -22.46 65.56
N ASP O 92 20.61 -23.64 65.18
CA ASP O 92 19.20 -23.91 65.01
C ASP O 92 18.85 -25.28 65.56
N THR O 93 17.82 -25.34 66.40
CA THR O 93 17.50 -26.57 67.11
C THR O 93 16.13 -27.12 66.75
N ASP O 94 15.06 -26.35 66.96
CA ASP O 94 13.72 -26.84 66.67
C ASP O 94 13.29 -26.57 65.24
N ASN O 106 13.24 -33.09 60.84
CA ASN O 106 13.10 -34.47 61.30
C ASN O 106 13.99 -35.40 60.49
N MET O 107 15.15 -35.73 61.03
CA MET O 107 16.16 -36.53 60.35
C MET O 107 16.52 -37.73 61.22
N THR O 108 16.37 -38.92 60.68
CA THR O 108 16.54 -40.15 61.45
C THR O 108 18.02 -40.45 61.67
N LEU O 109 18.33 -40.98 62.86
CA LEU O 109 19.68 -41.40 63.20
C LEU O 109 19.81 -42.91 63.12
N LEU O 110 20.92 -43.39 62.57
CA LEU O 110 21.13 -44.81 62.35
C LEU O 110 22.47 -45.26 62.93
N VAL O 111 22.50 -46.47 63.48
CA VAL O 111 23.73 -47.07 64.01
C VAL O 111 23.83 -48.49 63.45
N PRO O 112 25.04 -49.05 63.34
CA PRO O 112 25.17 -50.44 62.92
C PRO O 112 24.64 -51.41 63.97
N SER O 113 24.20 -52.58 63.51
CA SER O 113 23.59 -53.51 64.45
C SER O 113 24.63 -54.23 65.30
N GLU O 114 25.45 -55.12 64.72
CA GLU O 114 26.65 -55.53 65.44
C GLU O 114 27.91 -55.33 64.63
N SER O 115 28.04 -56.11 63.56
CA SER O 115 29.08 -55.93 62.56
C SER O 115 28.53 -56.04 61.16
N LYS O 116 27.53 -56.88 60.96
CA LYS O 116 26.65 -56.76 59.81
C LYS O 116 25.97 -55.42 59.94
N GLU O 117 25.81 -54.74 58.81
CA GLU O 117 25.52 -53.31 58.81
C GLU O 117 24.14 -52.99 59.40
N SER O 118 23.05 -53.36 58.69
CA SER O 118 21.66 -53.38 59.14
C SER O 118 21.06 -52.04 59.53
N LEU O 119 21.92 -51.00 59.69
CA LEU O 119 21.61 -49.61 60.06
C LEU O 119 20.46 -49.46 61.05
N LYS O 120 20.57 -50.13 62.19
CA LYS O 120 19.54 -50.04 63.23
C LYS O 120 19.37 -48.62 63.74
N ILE O 121 18.19 -48.33 64.28
CA ILE O 121 17.74 -46.96 64.52
C ILE O 121 17.90 -46.68 66.00
N ALA O 122 18.44 -45.51 66.33
CA ALA O 122 18.63 -45.13 67.72
C ALA O 122 17.28 -44.87 68.39
N SER O 123 17.18 -45.28 69.66
CA SER O 123 15.99 -45.09 70.47
C SER O 123 16.37 -45.36 71.92
N THR O 124 15.38 -45.24 72.81
CA THR O 124 15.52 -45.64 74.21
C THR O 124 14.62 -46.81 74.54
N ALA O 125 13.31 -46.68 74.31
CA ALA O 125 12.36 -47.75 74.58
C ALA O 125 11.15 -47.65 73.65
N PRO O 130 12.92 -44.36 67.78
CA PRO O 130 12.94 -42.99 67.30
C PRO O 130 13.76 -42.09 68.22
N LEU O 131 14.86 -41.56 67.71
CA LEU O 131 15.71 -40.67 68.48
C LEU O 131 16.01 -39.43 67.65
N GLN O 132 16.29 -38.34 68.34
CA GLN O 132 16.48 -37.05 67.71
C GLN O 132 17.86 -36.50 68.00
N PHE O 133 18.32 -35.63 67.10
CA PHE O 133 19.53 -34.87 67.31
C PHE O 133 19.33 -33.87 68.42
N ASP O 134 20.44 -33.41 68.99
CA ASP O 134 20.40 -32.54 70.16
C ASP O 134 20.73 -31.10 69.83
N LYS O 135 21.86 -30.84 69.18
CA LYS O 135 22.17 -29.50 68.73
C LYS O 135 22.69 -29.59 67.30
N VAL O 136 22.14 -28.73 66.44
CA VAL O 136 22.46 -28.72 65.01
C VAL O 136 23.00 -27.35 64.65
N PHE O 137 24.15 -27.32 64.00
CA PHE O 137 24.75 -26.08 63.55
C PHE O 137 24.87 -26.13 62.03
N SER O 138 25.54 -25.13 61.46
CA SER O 138 25.73 -25.07 60.01
C SER O 138 26.88 -24.13 59.71
N VAL O 139 27.80 -24.57 58.85
CA VAL O 139 28.90 -23.74 58.39
C VAL O 139 28.63 -23.33 56.95
N SER O 140 28.85 -22.06 56.64
CA SER O 140 28.66 -21.55 55.29
C SER O 140 29.61 -20.40 55.05
N GLU O 141 30.01 -20.23 53.80
CA GLU O 141 30.98 -19.20 53.45
C GLU O 141 30.35 -17.82 53.55
N THR O 142 31.07 -16.90 54.17
CA THR O 142 30.72 -15.49 54.13
C THR O 142 31.66 -14.75 53.21
N ALA O 143 31.29 -13.53 52.89
CA ALA O 143 32.15 -12.67 52.10
C ALA O 143 31.90 -11.23 52.53
N LYS O 144 32.92 -10.59 53.06
CA LYS O 144 32.78 -9.21 53.55
C LYS O 144 32.77 -8.27 52.36
N ILE O 145 31.58 -7.78 52.02
CA ILE O 145 31.45 -6.77 50.96
C ILE O 145 31.98 -5.43 51.48
N PRO O 146 32.63 -4.61 50.67
CA PRO O 146 33.25 -3.40 51.18
C PRO O 146 32.21 -2.31 51.41
N ALA O 147 32.67 -1.21 51.97
CA ALA O 147 31.79 -0.09 52.26
C ALA O 147 31.73 0.85 51.06
N ILE O 148 30.55 1.40 50.83
CA ILE O 148 30.38 2.40 49.78
C ILE O 148 31.15 3.65 50.17
N ASP O 149 32.05 4.09 49.31
CA ASP O 149 32.97 5.17 49.66
C ASP O 149 32.34 6.49 49.25
N TYR O 150 31.46 7.00 50.11
CA TYR O 150 30.68 8.20 49.84
C TYR O 150 31.54 9.45 49.75
N SER O 151 32.74 9.43 50.32
CA SER O 151 33.59 10.60 50.37
C SER O 151 34.23 10.92 49.03
N LYS O 152 34.22 9.99 48.09
CA LYS O 152 35.00 10.15 46.88
C LYS O 152 34.15 9.85 45.64
N VAL O 153 33.21 8.91 45.77
CA VAL O 153 32.46 8.43 44.61
C VAL O 153 31.42 9.44 44.14
N ARG O 154 31.13 10.47 44.94
CA ARG O 154 30.21 11.52 44.53
C ARG O 154 30.98 12.82 44.36
N VAL O 155 30.68 13.53 43.28
CA VAL O 155 31.34 14.79 42.97
C VAL O 155 30.23 15.82 42.91
N PRO O 156 30.41 17.03 43.46
CA PRO O 156 29.46 18.10 43.16
C PRO O 156 29.50 18.42 41.67
N ARG O 157 28.36 18.86 41.15
CA ARG O 157 28.17 18.93 39.70
C ARG O 157 29.09 19.97 39.07
N LYS O 158 29.98 19.48 38.22
CA LYS O 158 30.88 20.35 37.48
C LYS O 158 30.07 21.08 36.42
N ASP O 159 30.29 22.39 36.30
CA ASP O 159 29.48 23.24 35.45
C ASP O 159 29.66 22.89 33.96
N VAL O 160 28.78 23.44 33.15
CA VAL O 160 28.93 23.38 31.70
C VAL O 160 30.12 24.27 31.39
N PRO O 161 31.18 23.73 30.76
CA PRO O 161 32.47 24.43 30.74
C PRO O 161 32.44 25.68 29.87
N LYS O 162 32.76 26.81 30.48
CA LYS O 162 32.86 28.08 29.78
C LYS O 162 34.04 28.00 28.82
N VAL O 163 33.72 27.89 27.53
CA VAL O 163 34.74 27.71 26.51
C VAL O 163 35.58 28.98 26.41
N GLU O 164 36.89 28.80 26.41
CA GLU O 164 37.85 29.88 26.58
C GLU O 164 38.33 30.40 25.23
N GLY O 165 38.58 31.71 25.16
CA GLY O 165 39.23 32.27 24.00
C GLY O 165 38.28 32.67 22.89
N LEU O 166 37.22 33.38 23.23
CA LEU O 166 36.23 33.83 22.26
C LEU O 166 36.33 35.34 22.11
N LYS O 167 36.07 35.82 20.90
CA LYS O 167 36.35 37.20 20.53
C LYS O 167 35.09 37.86 19.99
N LEU O 168 35.21 39.15 19.69
CA LEU O 168 34.12 39.89 19.07
C LEU O 168 34.00 39.47 17.62
N GLU O 169 32.81 39.03 17.23
CA GLU O 169 32.59 38.40 15.93
C GLU O 169 31.48 39.07 15.13
N HIS O 170 31.14 40.30 15.47
CA HIS O 170 30.32 41.14 14.60
C HIS O 170 30.71 42.57 14.83
N PHE O 171 30.82 43.33 13.76
CA PHE O 171 31.32 44.70 13.84
C PHE O 171 30.47 45.59 12.93
N ALA O 172 30.87 46.84 12.82
CA ALA O 172 30.15 47.79 12.01
C ALA O 172 30.33 47.49 10.52
N THR O 173 29.28 47.76 9.75
CA THR O 173 29.31 47.48 8.33
C THR O 173 30.22 48.48 7.64
N GLY O 174 31.50 48.13 7.54
CA GLY O 174 32.50 49.02 6.98
C GLY O 174 33.56 49.35 7.99
N TYR O 175 33.62 48.55 9.06
CA TYR O 175 34.65 48.69 10.10
C TYR O 175 34.93 47.27 10.62
N ASP O 176 35.92 46.60 10.05
CA ASP O 176 36.06 45.16 10.32
C ASP O 176 36.81 44.87 11.63
N ALA O 177 38.11 45.13 11.67
CA ALA O 177 38.91 44.63 12.78
C ALA O 177 39.94 45.67 13.21
N GLU O 178 39.51 46.92 13.35
CA GLU O 178 40.39 47.97 13.86
C GLU O 178 40.28 48.13 15.37
N ASP O 179 39.57 47.24 16.04
CA ASP O 179 39.27 47.38 17.46
C ASP O 179 40.17 46.45 18.27
N PHE O 180 41.10 47.05 19.02
CA PHE O 180 41.98 46.33 19.93
C PHE O 180 42.21 47.14 21.20
N SER P 48 -37.90 -10.87 -74.99
CA SER P 48 -37.79 -9.71 -74.10
C SER P 48 -38.82 -8.64 -74.44
N ALA P 49 -39.52 -8.82 -75.56
CA ALA P 49 -40.54 -7.86 -75.96
C ALA P 49 -41.79 -8.03 -75.10
N ALA P 50 -42.43 -9.19 -75.19
CA ALA P 50 -43.55 -9.54 -74.33
C ALA P 50 -43.24 -10.74 -73.44
N MET P 51 -42.04 -11.32 -73.57
CA MET P 51 -41.60 -12.36 -72.65
C MET P 51 -41.48 -11.81 -71.23
N TYR P 52 -40.81 -10.68 -71.09
CA TYR P 52 -40.59 -10.06 -69.78
C TYR P 52 -41.85 -9.40 -69.22
N SER P 53 -42.92 -9.28 -70.02
CA SER P 53 -44.20 -8.82 -69.47
C SER P 53 -44.91 -9.94 -68.72
N ARG P 54 -44.99 -11.14 -69.30
CA ARG P 54 -45.54 -12.29 -68.60
C ARG P 54 -44.57 -12.84 -67.57
N PHE P 55 -43.28 -12.52 -67.69
CA PHE P 55 -42.32 -12.89 -66.66
C PHE P 55 -42.62 -12.16 -65.35
N VAL P 56 -42.96 -10.87 -65.45
CA VAL P 56 -43.31 -10.10 -64.26
C VAL P 56 -44.80 -10.11 -64.00
N LYS P 57 -45.60 -10.64 -64.94
CA LYS P 57 -46.99 -10.94 -64.63
C LYS P 57 -47.12 -12.22 -63.81
N SER P 58 -46.09 -13.06 -63.82
CA SER P 58 -46.00 -14.17 -62.87
C SER P 58 -45.51 -13.70 -61.51
N ALA P 59 -44.69 -12.64 -61.46
CA ALA P 59 -44.40 -11.98 -60.20
C ALA P 59 -45.54 -11.08 -59.75
N LEU P 60 -46.45 -10.74 -60.67
CA LEU P 60 -47.72 -10.10 -60.28
C LEU P 60 -48.62 -11.06 -59.54
N ASP P 61 -48.47 -12.37 -59.77
CA ASP P 61 -49.34 -13.40 -59.20
C ASP P 61 -49.05 -13.69 -57.72
N ASP P 62 -48.25 -12.87 -57.04
CA ASP P 62 -47.81 -13.17 -55.68
C ASP P 62 -48.84 -12.75 -54.63
N LEU P 63 -50.07 -12.44 -55.03
CA LEU P 63 -51.16 -12.23 -54.08
C LEU P 63 -51.91 -13.53 -53.79
N ASP P 64 -52.17 -14.32 -54.83
CA ASP P 64 -52.80 -15.64 -54.68
C ASP P 64 -51.80 -16.79 -54.74
N LYS P 65 -50.51 -16.50 -54.82
CA LYS P 65 -49.49 -17.55 -54.72
C LYS P 65 -48.58 -17.39 -53.53
N ASN P 66 -48.19 -16.16 -53.18
CA ASN P 66 -47.53 -15.80 -51.91
C ASN P 66 -46.20 -16.55 -51.71
N ASP P 67 -45.26 -16.30 -52.62
CA ASP P 67 -43.96 -16.97 -52.54
C ASP P 67 -42.79 -16.00 -52.60
N SER P 68 -43.00 -14.86 -53.28
CA SER P 68 -42.01 -13.78 -53.44
C SER P 68 -40.69 -14.28 -54.03
N THR P 69 -40.80 -15.06 -55.11
CA THR P 69 -39.61 -15.63 -55.73
C THR P 69 -38.87 -14.58 -56.56
N GLN P 70 -39.55 -14.02 -57.56
CA GLN P 70 -38.92 -13.12 -58.52
C GLN P 70 -38.96 -11.66 -58.08
N ILE P 71 -39.28 -11.40 -56.81
CA ILE P 71 -39.34 -10.02 -56.32
C ILE P 71 -37.95 -9.44 -56.18
N GLY P 72 -37.05 -10.18 -55.55
CA GLY P 72 -35.72 -9.68 -55.27
C GLY P 72 -34.67 -9.92 -56.34
N ILE P 73 -35.03 -9.73 -57.61
CA ILE P 73 -34.03 -9.86 -58.67
C ILE P 73 -33.97 -8.59 -59.51
N ILE P 74 -35.07 -8.23 -60.19
CA ILE P 74 -35.03 -7.12 -61.13
C ILE P 74 -35.08 -5.79 -60.38
N ALA P 75 -35.86 -5.73 -59.29
CA ALA P 75 -35.86 -4.53 -58.45
C ALA P 75 -34.52 -4.36 -57.74
N ASN P 76 -33.80 -5.46 -57.49
CA ASN P 76 -32.42 -5.34 -57.05
C ASN P 76 -31.51 -5.02 -58.22
N GLN P 77 -31.86 -5.49 -59.43
CA GLN P 77 -31.09 -5.13 -60.62
C GLN P 77 -31.29 -3.67 -60.99
N VAL P 78 -32.41 -3.06 -60.60
CA VAL P 78 -32.59 -1.63 -60.75
C VAL P 78 -32.12 -0.87 -59.50
N ALA P 79 -31.74 -1.60 -58.43
CA ALA P 79 -31.04 -1.02 -57.29
C ALA P 79 -29.54 -0.87 -57.53
N LEU P 80 -29.07 -1.20 -58.74
CA LEU P 80 -27.71 -0.90 -59.16
C LEU P 80 -27.49 0.61 -59.23
N PRO P 81 -26.23 1.07 -59.08
CA PRO P 81 -25.95 2.51 -59.22
C PRO P 81 -26.11 2.99 -60.66
N SER P 82 -26.16 4.32 -60.79
CA SER P 82 -26.58 4.93 -62.06
C SER P 82 -25.51 4.82 -63.14
N LYS P 83 -24.24 4.71 -62.76
CA LYS P 83 -23.15 4.63 -63.74
C LYS P 83 -22.84 3.19 -64.15
N ASN P 84 -23.72 2.24 -63.86
CA ASN P 84 -23.48 0.83 -64.15
C ASN P 84 -24.19 0.45 -65.44
N PRO P 85 -23.48 -0.06 -66.44
CA PRO P 85 -24.12 -0.51 -67.69
C PRO P 85 -24.75 -1.90 -67.66
N GLU P 86 -24.99 -2.48 -66.48
CA GLU P 86 -25.67 -3.76 -66.38
C GLU P 86 -27.17 -3.63 -66.18
N ARG P 87 -27.68 -2.42 -65.98
CA ARG P 87 -29.00 -2.23 -65.41
C ARG P 87 -30.05 -2.10 -66.52
N ILE P 88 -31.25 -1.63 -66.17
CA ILE P 88 -32.42 -1.68 -67.03
C ILE P 88 -32.25 -0.75 -68.24
N ASN P 89 -32.85 -1.16 -69.35
CA ASN P 89 -32.93 -0.36 -70.57
C ASN P 89 -34.24 0.44 -70.57
N ASP P 90 -34.62 0.98 -71.73
CA ASP P 90 -35.89 1.69 -71.86
C ASP P 90 -37.01 0.84 -72.42
N LYS P 91 -36.70 -0.33 -73.00
CA LYS P 91 -37.76 -1.16 -73.57
C LYS P 91 -38.47 -1.97 -72.49
N ASN P 92 -37.72 -2.50 -71.52
CA ASN P 92 -38.31 -3.16 -70.36
C ASN P 92 -38.70 -2.18 -69.27
N LEU P 93 -38.56 -0.88 -69.55
CA LEU P 93 -39.03 0.16 -68.65
C LEU P 93 -40.53 0.43 -68.81
N ASN P 94 -41.11 0.09 -69.96
CA ASN P 94 -42.50 0.46 -70.27
C ASN P 94 -43.52 -0.51 -69.68
N ILE P 95 -43.54 -1.75 -70.15
CA ILE P 95 -44.65 -2.66 -69.85
C ILE P 95 -44.53 -3.20 -68.42
N LEU P 96 -43.30 -3.28 -67.89
CA LEU P 96 -43.09 -3.60 -66.48
C LEU P 96 -43.78 -2.61 -65.57
N LEU P 97 -43.64 -1.32 -65.87
CA LEU P 97 -44.26 -0.32 -65.00
C LEU P 97 -45.73 -0.12 -65.32
N ASP P 98 -46.20 -0.59 -66.49
CA ASP P 98 -47.65 -0.70 -66.70
C ASP P 98 -48.26 -1.76 -65.81
N ILE P 99 -47.49 -2.77 -65.43
CA ILE P 99 -47.95 -3.69 -64.39
C ILE P 99 -47.92 -3.00 -63.04
N LEU P 100 -47.01 -2.05 -62.86
CA LEU P 100 -46.94 -1.34 -61.58
C LEU P 100 -47.97 -0.23 -61.48
N SER P 101 -48.24 0.48 -62.58
CA SER P 101 -49.18 1.59 -62.52
C SER P 101 -50.62 1.11 -62.45
N SER P 102 -50.95 0.06 -63.22
CA SER P 102 -52.31 -0.45 -63.26
C SER P 102 -52.59 -1.49 -62.18
N ASN P 103 -51.58 -1.96 -61.45
CA ASN P 103 -51.82 -2.94 -60.40
C ASN P 103 -50.97 -2.61 -59.18
N ILE P 104 -51.65 -2.50 -58.03
CA ILE P 104 -50.97 -2.43 -56.74
C ILE P 104 -51.53 -3.43 -55.73
N ASN P 105 -52.74 -3.95 -55.93
CA ASN P 105 -53.36 -4.88 -54.98
C ASN P 105 -52.65 -6.23 -54.96
N ARG P 106 -52.13 -6.66 -56.12
CA ARG P 106 -51.48 -7.95 -56.24
C ARG P 106 -49.99 -7.87 -55.90
N ILE P 107 -49.57 -6.78 -55.26
CA ILE P 107 -48.23 -6.60 -54.73
C ILE P 107 -48.22 -6.32 -53.24
N GLU P 108 -49.10 -5.43 -52.77
CA GLU P 108 -48.92 -4.68 -51.54
C GLU P 108 -49.01 -5.57 -50.29
N SER P 109 -47.95 -5.53 -49.48
CA SER P 109 -47.81 -6.25 -48.23
C SER P 109 -46.70 -5.55 -47.44
N SER P 110 -46.16 -6.23 -46.43
CA SER P 110 -44.82 -5.88 -45.97
C SER P 110 -43.76 -6.32 -46.97
N ARG P 111 -44.04 -7.38 -47.73
CA ARG P 111 -43.18 -7.74 -48.87
C ARG P 111 -43.32 -6.74 -50.00
N GLY P 112 -44.48 -6.08 -50.10
CA GLY P 112 -44.72 -5.10 -51.16
C GLY P 112 -43.95 -3.80 -51.03
N THR P 113 -43.23 -3.61 -49.93
CA THR P 113 -42.37 -2.44 -49.79
C THR P 113 -41.18 -2.50 -50.73
N PHE P 114 -40.72 -3.73 -51.05
CA PHE P 114 -39.42 -3.93 -51.69
C PHE P 114 -39.37 -3.43 -53.13
N LEU P 115 -40.39 -3.74 -53.93
CA LEU P 115 -40.38 -3.28 -55.32
C LEU P 115 -40.91 -1.86 -55.47
N ILE P 116 -41.20 -1.18 -54.37
CA ILE P 116 -41.58 0.23 -54.39
C ILE P 116 -40.44 1.12 -53.92
N GLN P 117 -39.61 0.61 -52.99
CA GLN P 117 -38.44 1.35 -52.50
C GLN P 117 -37.44 1.63 -53.63
N SER P 118 -37.09 0.61 -54.40
CA SER P 118 -36.03 0.75 -55.41
C SER P 118 -36.47 1.55 -56.63
N ILE P 119 -37.76 1.81 -56.79
CA ILE P 119 -38.25 2.59 -57.93
C ILE P 119 -38.37 4.07 -57.58
N ILE P 120 -38.78 4.36 -56.34
CA ILE P 120 -38.82 5.75 -55.87
C ILE P 120 -37.40 6.30 -55.73
N ASN P 121 -36.50 5.50 -55.14
CA ASN P 121 -35.12 5.91 -54.90
C ASN P 121 -34.23 5.75 -56.14
N PHE P 122 -34.81 5.54 -57.32
CA PHE P 122 -34.07 5.51 -58.57
C PHE P 122 -33.51 6.90 -58.83
N GLU P 123 -32.20 7.05 -58.62
CA GLU P 123 -31.55 8.32 -58.82
C GLU P 123 -31.49 8.67 -60.30
N LYS P 124 -31.45 9.98 -60.57
CA LYS P 124 -31.49 10.56 -61.92
C LYS P 124 -32.74 10.10 -62.67
N TRP P 125 -33.89 10.23 -62.01
CA TRP P 125 -35.14 9.70 -62.56
C TRP P 125 -35.73 10.58 -63.66
N TRP P 126 -35.17 11.78 -63.87
CA TRP P 126 -35.51 12.61 -65.01
C TRP P 126 -34.68 12.25 -66.23
N GLU P 127 -33.74 11.32 -66.11
CA GLU P 127 -32.98 10.79 -67.24
C GLU P 127 -33.68 9.60 -67.89
N LEU P 128 -34.98 9.48 -67.71
CA LEU P 128 -35.85 8.56 -68.42
C LEU P 128 -36.35 9.20 -69.69
N PRO P 129 -36.70 8.41 -70.72
CA PRO P 129 -37.22 8.99 -71.96
C PRO P 129 -38.56 9.67 -71.75
N PRO P 130 -38.84 10.75 -72.48
CA PRO P 130 -40.09 11.51 -72.26
C PRO P 130 -41.36 10.74 -72.62
N HIS P 131 -41.24 9.67 -73.40
CA HIS P 131 -42.34 8.75 -73.63
C HIS P 131 -42.46 7.70 -72.52
N THR P 132 -41.61 7.79 -71.49
CA THR P 132 -41.77 7.00 -70.28
C THR P 132 -41.68 7.88 -69.03
N LEU P 133 -41.23 9.13 -69.17
CA LEU P 133 -41.44 10.11 -68.12
C LEU P 133 -42.92 10.42 -67.94
N SER P 134 -43.72 10.32 -69.00
CA SER P 134 -45.17 10.33 -68.86
C SER P 134 -45.65 9.11 -68.07
N LYS P 135 -44.94 7.99 -68.20
CA LYS P 135 -45.37 6.76 -67.54
C LYS P 135 -44.84 6.67 -66.11
N TYR P 136 -43.59 7.10 -65.88
CA TYR P 136 -43.01 7.01 -64.54
C TYR P 136 -43.67 7.97 -63.58
N ILE P 137 -44.04 9.16 -64.06
CA ILE P 137 -44.84 10.07 -63.25
C ILE P 137 -46.23 9.46 -63.01
N TYR P 138 -46.78 8.74 -64.01
CA TYR P 138 -48.07 8.08 -63.88
C TYR P 138 -48.07 6.96 -62.82
N PHE P 139 -46.90 6.46 -62.43
CA PHE P 139 -46.77 5.65 -61.23
C PHE P 139 -46.63 6.50 -59.97
N ILE P 140 -46.00 7.67 -60.06
CA ILE P 140 -45.87 8.54 -58.89
C ILE P 140 -47.11 9.43 -58.73
N LYS P 141 -47.85 9.68 -59.82
CA LYS P 141 -49.19 10.26 -59.73
C LYS P 141 -50.08 9.43 -58.82
N ILE P 142 -50.23 8.14 -59.14
CA ILE P 142 -51.07 7.24 -58.35
C ILE P 142 -50.45 6.90 -57.01
N LEU P 143 -49.18 7.26 -56.79
CA LEU P 143 -48.54 7.03 -55.50
C LEU P 143 -49.14 7.95 -54.43
N CYS P 144 -49.63 9.12 -54.85
CA CYS P 144 -50.48 9.92 -53.97
C CYS P 144 -51.78 9.20 -53.66
N SER P 145 -52.27 8.41 -54.60
CA SER P 145 -53.61 7.84 -54.53
C SER P 145 -53.64 6.37 -54.13
N SER P 146 -52.50 5.68 -54.13
CA SER P 146 -52.48 4.27 -53.78
C SER P 146 -52.62 4.11 -52.28
N ILE P 147 -51.60 4.53 -51.55
CA ILE P 147 -51.61 4.61 -50.10
C ILE P 147 -51.19 6.02 -49.74
N PRO P 148 -52.02 6.79 -49.05
CA PRO P 148 -51.61 8.15 -48.64
C PRO P 148 -50.58 8.17 -47.52
N LYS P 149 -49.44 7.51 -47.75
CA LYS P 149 -48.26 7.52 -46.89
C LYS P 149 -46.96 7.74 -47.67
N TRP P 150 -46.85 7.23 -48.90
CA TRP P 150 -45.61 7.15 -49.67
C TRP P 150 -45.19 8.49 -50.28
N TRP P 151 -46.03 9.53 -50.14
CA TRP P 151 -45.64 10.87 -50.55
C TRP P 151 -44.52 11.42 -49.68
N GLN P 152 -44.36 10.86 -48.47
CA GLN P 152 -43.18 11.08 -47.65
C GLN P 152 -41.90 10.75 -48.39
N ASP P 153 -41.89 9.64 -49.14
CA ASP P 153 -40.63 9.09 -49.63
C ASP P 153 -40.13 9.81 -50.89
N VAL P 154 -41.03 10.33 -51.72
CA VAL P 154 -40.59 11.09 -52.89
C VAL P 154 -40.06 12.45 -52.49
N SER P 155 -40.71 13.09 -51.51
CA SER P 155 -40.27 14.39 -51.01
C SER P 155 -38.93 14.33 -50.30
N MET P 156 -38.46 13.13 -49.93
CA MET P 156 -37.07 12.96 -49.52
C MET P 156 -36.13 13.28 -50.67
N ILE P 157 -36.53 12.93 -51.89
CA ILE P 157 -35.64 13.04 -53.04
C ILE P 157 -35.87 14.34 -53.82
N LEU P 158 -37.07 14.94 -53.71
CA LEU P 158 -37.36 16.19 -54.41
C LEU P 158 -36.50 17.34 -53.89
N VAL P 159 -36.28 17.38 -52.57
CA VAL P 159 -35.50 18.45 -51.96
C VAL P 159 -34.02 18.10 -51.92
N SER P 160 -33.67 16.81 -51.96
CA SER P 160 -32.28 16.42 -52.15
C SER P 160 -31.80 16.65 -53.58
N CYS P 161 -32.71 16.84 -54.53
CA CYS P 161 -32.37 17.28 -55.86
C CYS P 161 -32.47 18.79 -56.02
N PHE P 162 -32.77 19.53 -54.95
CA PHE P 162 -32.70 20.98 -55.01
C PHE P 162 -31.27 21.47 -55.08
N ILE P 163 -30.31 20.64 -54.66
CA ILE P 163 -28.89 20.90 -54.92
C ILE P 163 -28.62 20.95 -56.42
N LEU P 164 -29.29 20.09 -57.18
CA LEU P 164 -29.13 20.07 -58.63
C LEU P 164 -29.91 21.23 -59.25
N PRO P 165 -29.37 21.84 -60.33
CA PRO P 165 -29.93 23.10 -60.84
C PRO P 165 -31.25 22.96 -61.59
N ILE P 166 -31.73 24.10 -62.12
CA ILE P 166 -32.96 24.12 -62.90
C ILE P 166 -32.73 23.48 -64.26
N LYS P 167 -31.53 23.66 -64.82
CA LYS P 167 -31.15 23.04 -66.08
C LYS P 167 -31.00 21.53 -66.00
N GLN P 168 -30.96 20.96 -64.79
CA GLN P 168 -30.90 19.52 -64.58
C GLN P 168 -32.25 18.94 -64.17
N THR P 169 -32.96 19.61 -63.27
CA THR P 169 -34.13 19.06 -62.56
C THR P 169 -35.34 19.98 -62.70
N VAL P 170 -35.67 20.35 -63.94
CA VAL P 170 -36.81 21.26 -64.16
C VAL P 170 -38.15 20.57 -63.90
N CYS P 171 -38.19 19.24 -63.93
CA CYS P 171 -39.46 18.53 -63.85
C CYS P 171 -40.06 18.50 -62.45
N HIS P 172 -39.26 18.76 -61.42
CA HIS P 172 -39.76 18.71 -60.04
C HIS P 172 -40.69 19.86 -59.74
N HIS P 173 -40.53 20.99 -60.43
CA HIS P 173 -41.41 22.14 -60.22
C HIS P 173 -42.81 21.86 -60.75
N ASP P 174 -42.93 21.05 -61.80
CA ASP P 174 -44.25 20.65 -62.27
C ASP P 174 -44.92 19.64 -61.34
N MET P 175 -44.13 18.86 -60.60
CA MET P 175 -44.71 17.89 -59.68
C MET P 175 -45.28 18.57 -58.44
N LEU P 176 -44.71 19.71 -58.05
CA LEU P 176 -45.11 20.37 -56.81
C LEU P 176 -46.49 21.01 -56.94
N LYS P 177 -46.68 21.86 -57.95
CA LYS P 177 -47.94 22.61 -58.07
C LYS P 177 -49.10 21.71 -58.46
N TYR P 178 -48.83 20.58 -59.11
CA TYR P 178 -49.86 19.65 -59.54
C TYR P 178 -50.23 18.63 -58.47
N PHE P 179 -49.52 18.63 -57.33
CA PHE P 179 -49.87 17.72 -56.24
C PHE P 179 -49.90 18.32 -54.84
N LEU P 180 -49.31 19.49 -54.59
CA LEU P 180 -49.49 20.12 -53.29
C LEU P 180 -50.88 20.72 -53.14
N ARG P 181 -51.55 21.01 -54.25
CA ARG P 181 -52.98 21.32 -54.20
C ARG P 181 -53.78 20.08 -53.79
N MET P 182 -53.31 18.90 -54.17
CA MET P 182 -54.00 17.66 -53.84
C MET P 182 -53.88 17.32 -52.36
N ILE P 183 -52.69 17.48 -51.77
CA ILE P 183 -52.42 17.00 -50.42
C ILE P 183 -52.21 18.18 -49.48
N PRO P 184 -53.23 18.61 -48.72
CA PRO P 184 -52.99 19.62 -47.70
C PRO P 184 -52.23 19.09 -46.51
N SER P 185 -52.57 17.87 -46.06
CA SER P 185 -52.06 17.34 -44.80
C SER P 185 -50.67 16.75 -44.93
N SER P 186 -49.75 17.49 -45.54
CA SER P 186 -48.34 17.10 -45.56
C SER P 186 -47.41 18.31 -45.50
N MET P 187 -47.93 19.53 -45.34
CA MET P 187 -47.12 20.74 -45.48
C MET P 187 -46.12 20.96 -44.36
N GLY P 188 -46.18 20.16 -43.29
CA GLY P 188 -45.22 20.27 -42.20
C GLY P 188 -43.84 19.88 -42.63
N PHE P 189 -43.64 18.60 -42.96
CA PHE P 189 -42.33 18.14 -43.39
C PHE P 189 -41.96 18.61 -44.78
N ILE P 190 -42.88 19.20 -45.53
CA ILE P 190 -42.51 19.99 -46.69
C ILE P 190 -41.72 21.22 -46.27
N ASP P 191 -42.20 21.92 -45.23
CA ASP P 191 -41.58 23.17 -44.81
C ASP P 191 -40.29 22.92 -44.04
N THR P 192 -40.13 21.75 -43.42
CA THR P 192 -38.99 21.50 -42.56
C THR P 192 -37.89 20.66 -43.21
N TYR P 193 -38.14 20.08 -44.39
CA TYR P 193 -37.06 19.34 -45.06
C TYR P 193 -36.10 20.23 -45.82
N LEU P 194 -36.32 21.54 -45.83
CA LEU P 194 -35.28 22.46 -46.23
C LEU P 194 -34.24 22.66 -45.14
N ALA P 195 -34.48 22.12 -43.94
CA ALA P 195 -33.50 22.07 -42.88
C ALA P 195 -32.93 20.67 -42.64
N LYS P 196 -33.66 19.62 -43.00
CA LYS P 196 -33.11 18.27 -42.87
C LYS P 196 -32.28 17.87 -44.08
N PHE P 197 -32.71 18.27 -45.28
CA PHE P 197 -31.88 18.15 -46.48
C PHE P 197 -31.09 19.42 -46.75
N PHE P 198 -30.74 20.16 -45.71
CA PHE P 198 -30.02 21.41 -45.86
C PHE P 198 -28.57 21.14 -46.25
N PRO P 199 -28.00 21.90 -47.19
CA PRO P 199 -26.60 21.70 -47.58
C PRO P 199 -25.62 22.00 -46.47
N ASN P 200 -24.50 21.29 -46.48
CA ASN P 200 -23.48 21.43 -45.46
C ASN P 200 -22.85 22.82 -45.52
N LYS P 201 -22.36 23.28 -44.37
CA LYS P 201 -21.86 24.64 -44.23
C LYS P 201 -20.56 24.87 -45.01
N ASN P 202 -19.79 23.81 -45.26
CA ASN P 202 -18.53 23.90 -45.99
C ASN P 202 -18.64 23.33 -47.41
N ASP P 203 -19.78 23.55 -48.04
CA ASP P 203 -19.96 23.08 -49.41
C ASP P 203 -19.27 24.02 -50.40
N THR P 204 -19.17 23.54 -51.63
CA THR P 204 -18.74 24.37 -52.75
C THR P 204 -19.93 25.19 -53.26
N ARG P 205 -19.71 25.96 -54.32
CA ARG P 205 -20.79 26.75 -54.88
C ARG P 205 -21.82 25.91 -55.61
N ARG P 206 -21.43 24.73 -56.10
CA ARG P 206 -22.33 23.91 -56.91
C ARG P 206 -23.45 23.30 -56.07
N LYS P 207 -23.24 23.14 -54.77
CA LYS P 207 -24.31 22.74 -53.88
C LYS P 207 -25.04 23.92 -53.26
N LEU P 208 -24.64 25.15 -53.60
CA LEU P 208 -25.20 26.33 -52.96
C LEU P 208 -25.80 27.32 -53.93
N VAL P 209 -25.23 27.48 -55.13
CA VAL P 209 -25.80 28.43 -56.08
C VAL P 209 -27.09 27.90 -56.67
N ASN P 210 -27.34 26.60 -56.60
CA ASN P 210 -28.54 26.00 -57.16
C ASN P 210 -29.55 25.59 -56.11
N TYR P 211 -29.14 25.45 -54.85
CA TYR P 211 -30.11 25.24 -53.79
C TYR P 211 -30.91 26.51 -53.53
N THR P 212 -30.27 27.67 -53.70
CA THR P 212 -30.96 28.94 -53.56
C THR P 212 -31.90 29.19 -54.74
N SER P 213 -31.64 28.58 -55.89
CA SER P 213 -32.51 28.75 -57.05
C SER P 213 -33.79 27.94 -56.95
N ASN P 214 -33.77 26.83 -56.21
CA ASN P 214 -35.00 26.09 -55.98
C ASN P 214 -35.89 26.76 -54.94
N LEU P 215 -35.33 27.67 -54.14
CA LEU P 215 -36.09 28.34 -53.09
C LEU P 215 -36.77 29.60 -53.60
N LEU P 216 -36.18 30.28 -54.56
CA LEU P 216 -36.67 31.57 -55.03
C LEU P 216 -37.68 31.46 -56.16
N LYS P 217 -37.46 30.53 -57.09
CA LYS P 217 -38.43 30.32 -58.16
C LYS P 217 -39.74 29.73 -57.66
N LEU P 218 -39.70 29.00 -56.54
CA LEU P 218 -40.78 28.12 -56.15
C LEU P 218 -41.95 28.83 -55.48
N ARG P 219 -41.68 29.92 -54.74
CA ARG P 219 -42.77 30.60 -54.04
C ARG P 219 -43.66 31.38 -55.00
N GLY P 220 -43.15 31.72 -56.19
CA GLY P 220 -43.98 32.32 -57.22
C GLY P 220 -45.10 31.41 -57.72
N TYR P 221 -44.99 30.10 -57.48
CA TYR P 221 -46.06 29.16 -57.77
C TYR P 221 -46.45 28.32 -56.58
N CYS P 222 -45.81 28.51 -55.42
CA CYS P 222 -46.26 27.93 -54.16
C CYS P 222 -46.42 29.10 -53.18
N SER P 223 -47.53 29.81 -53.29
CA SER P 223 -47.74 31.05 -52.56
C SER P 223 -48.59 30.87 -51.32
N GLU P 224 -48.67 29.65 -50.79
CA GLU P 224 -49.45 29.39 -49.59
C GLU P 224 -48.73 28.52 -48.57
N LEU P 225 -47.44 28.23 -48.76
CA LEU P 225 -46.71 27.47 -47.76
C LEU P 225 -46.28 28.36 -46.61
N GLY P 226 -45.68 29.52 -46.92
CA GLY P 226 -45.61 30.57 -45.93
C GLY P 226 -44.29 31.21 -45.53
N PHE P 227 -44.22 31.62 -44.25
CA PHE P 227 -43.20 32.56 -43.77
C PHE P 227 -41.80 31.99 -43.81
N GLN P 228 -41.65 30.69 -43.54
CA GLN P 228 -40.36 30.04 -43.33
C GLN P 228 -39.49 30.03 -44.60
N ILE P 229 -40.13 30.20 -45.76
CA ILE P 229 -39.44 30.14 -47.06
C ILE P 229 -38.39 31.24 -47.18
N TRP P 230 -38.74 32.47 -46.83
CA TRP P 230 -37.78 33.57 -46.92
C TRP P 230 -36.77 33.53 -45.79
N SER P 231 -37.13 32.91 -44.66
CA SER P 231 -36.37 33.12 -43.43
C SER P 231 -35.09 32.29 -43.42
N LEU P 232 -35.11 31.13 -44.08
CA LEU P 232 -33.98 30.20 -44.02
C LEU P 232 -32.76 30.74 -44.76
N LEU P 233 -32.94 31.73 -45.62
CA LEU P 233 -31.81 32.50 -46.13
C LEU P 233 -31.20 33.35 -45.03
N ILE P 234 -32.00 34.26 -44.46
CA ILE P 234 -31.55 35.24 -43.48
C ILE P 234 -31.06 34.55 -42.20
N GLU P 235 -31.63 33.39 -41.87
CA GLU P 235 -31.07 32.55 -40.82
C GLU P 235 -29.65 32.09 -41.14
N LYS P 236 -29.41 31.62 -42.35
CA LYS P 236 -28.15 30.94 -42.64
C LYS P 236 -27.40 31.56 -43.81
N ILE P 237 -27.32 32.89 -43.69
CA ILE P 237 -26.48 33.86 -44.44
C ILE P 237 -25.47 34.33 -43.37
N ILE P 238 -25.97 34.39 -42.12
CA ILE P 238 -25.21 34.78 -40.93
C ILE P 238 -24.25 33.69 -40.48
N SER P 239 -24.48 32.42 -40.87
CA SER P 239 -23.47 31.38 -40.67
C SER P 239 -22.22 31.65 -41.51
N ILE P 240 -22.36 32.36 -42.62
CA ILE P 240 -21.23 32.74 -43.45
C ILE P 240 -20.81 34.19 -43.20
N ASP P 241 -21.76 35.05 -42.83
CA ASP P 241 -21.50 36.47 -42.60
C ASP P 241 -20.51 36.69 -41.46
N VAL P 242 -20.74 36.05 -40.31
CA VAL P 242 -19.84 36.26 -39.18
C VAL P 242 -18.51 35.56 -39.42
N GLU P 243 -18.45 34.58 -40.32
CA GLU P 243 -17.21 33.92 -40.67
C GLU P 243 -16.42 34.65 -41.74
N LEU P 244 -16.71 35.92 -42.01
CA LEU P 244 -15.94 36.64 -43.01
C LEU P 244 -15.38 37.95 -42.43
N GLN P 245 -16.14 38.63 -41.58
CA GLN P 245 -15.62 39.85 -41.00
C GLN P 245 -14.61 39.58 -39.89
N ASN P 246 -14.61 38.36 -39.33
CA ASN P 246 -13.46 37.91 -38.54
C ASN P 246 -12.30 37.42 -39.40
N GLU P 247 -12.49 37.35 -40.72
CA GLU P 247 -11.43 37.01 -41.65
C GLU P 247 -11.13 38.20 -42.57
N LEU P 248 -11.77 39.34 -42.32
CA LEU P 248 -11.46 40.58 -43.05
C LEU P 248 -10.08 41.15 -42.72
N ILE P 325 -9.32 29.69 -48.58
CA ILE P 325 -9.49 31.03 -48.03
C ILE P 325 -10.70 31.71 -48.66
N LYS P 326 -10.70 31.83 -49.99
CA LYS P 326 -11.72 32.55 -50.73
C LYS P 326 -12.88 31.65 -51.15
N GLU P 327 -13.09 30.54 -50.43
CA GLU P 327 -14.30 29.74 -50.62
C GLU P 327 -15.54 30.50 -50.18
N LEU P 328 -15.42 31.24 -49.07
CA LEU P 328 -16.59 31.80 -48.41
C LEU P 328 -17.07 33.07 -49.10
N SER P 329 -16.19 33.80 -49.77
CA SER P 329 -16.55 35.12 -50.29
C SER P 329 -17.46 35.00 -51.50
N THR P 330 -17.19 34.04 -52.39
CA THR P 330 -18.04 33.83 -53.54
C THR P 330 -19.36 33.14 -53.19
N LYS P 331 -19.45 32.56 -51.99
CA LYS P 331 -20.75 32.16 -51.45
C LYS P 331 -21.60 33.38 -51.13
N LEU P 332 -20.94 34.48 -50.76
CA LEU P 332 -21.59 35.75 -50.42
C LEU P 332 -21.66 36.69 -51.61
N ASP P 333 -20.72 36.57 -52.56
CA ASP P 333 -20.72 37.39 -53.75
C ASP P 333 -21.84 37.02 -54.70
N SER P 334 -21.76 35.80 -55.26
CA SER P 334 -22.52 35.45 -56.44
C SER P 334 -23.73 34.56 -56.15
N ILE P 335 -23.79 33.92 -54.99
CA ILE P 335 -24.94 33.12 -54.61
C ILE P 335 -25.99 33.96 -53.90
N LEU P 336 -25.56 34.90 -53.06
CA LEU P 336 -26.44 35.93 -52.53
C LEU P 336 -26.86 36.94 -53.61
N THR P 337 -26.11 37.00 -54.73
CA THR P 337 -26.54 37.79 -55.88
C THR P 337 -27.89 37.32 -56.40
N LEU P 338 -28.12 36.00 -56.39
CA LEU P 338 -29.42 35.46 -56.74
C LEU P 338 -30.51 35.85 -55.75
N VAL P 339 -30.14 36.03 -54.48
CA VAL P 339 -31.12 36.43 -53.46
C VAL P 339 -31.57 37.86 -53.71
N SER P 340 -30.63 38.76 -53.99
CA SER P 340 -30.98 40.15 -54.27
C SER P 340 -31.59 40.34 -55.65
N THR P 341 -31.36 39.41 -56.58
CA THR P 341 -31.95 39.52 -57.92
C THR P 341 -33.41 39.11 -57.90
N HIS P 342 -33.74 38.02 -57.21
CA HIS P 342 -35.10 37.53 -57.18
C HIS P 342 -36.02 38.46 -56.40
N VAL P 343 -35.55 38.99 -55.28
CA VAL P 343 -36.39 39.90 -54.50
C VAL P 343 -36.51 41.25 -55.20
N GLU P 344 -35.56 41.59 -56.08
CA GLU P 344 -35.73 42.75 -56.94
C GLU P 344 -36.83 42.53 -57.96
N GLU P 345 -37.00 41.28 -58.41
CA GLU P 345 -38.06 40.92 -59.33
C GLU P 345 -39.40 40.67 -58.64
N GLN P 346 -39.41 40.59 -57.30
CA GLN P 346 -40.68 40.53 -56.58
C GLN P 346 -41.24 41.90 -56.27
N VAL P 347 -40.41 42.94 -56.28
CA VAL P 347 -40.90 44.32 -56.23
C VAL P 347 -40.96 44.87 -57.64
N THR P 348 -42.18 45.03 -58.14
CA THR P 348 -42.42 45.50 -59.49
C THR P 348 -43.66 46.39 -59.43
N PRO P 349 -43.81 47.35 -60.36
CA PRO P 349 -44.97 48.26 -60.29
C PRO P 349 -46.36 47.63 -60.49
N GLU P 350 -46.49 46.31 -60.64
CA GLU P 350 -47.79 45.68 -60.60
C GLU P 350 -48.02 44.79 -59.38
N SER P 351 -46.96 44.28 -58.74
CA SER P 351 -47.13 43.54 -57.51
C SER P 351 -47.36 44.46 -56.32
N LEU P 352 -47.05 45.74 -56.45
CA LEU P 352 -47.39 46.73 -55.44
C LEU P 352 -48.80 47.28 -55.62
N GLU P 353 -49.35 47.18 -56.83
CA GLU P 353 -50.67 47.69 -57.15
C GLU P 353 -51.77 46.66 -56.96
N SER P 354 -51.53 45.42 -57.39
CA SER P 354 -52.52 44.36 -57.19
C SER P 354 -51.94 43.05 -56.65
N GLY P 355 -50.65 42.77 -56.82
CA GLY P 355 -50.09 41.51 -56.38
C GLY P 355 -49.70 41.54 -54.92
N GLU P 356 -48.52 41.00 -54.61
CA GLU P 356 -48.03 40.94 -53.23
C GLU P 356 -46.59 41.43 -53.16
N GLY P 357 -46.27 42.51 -53.86
CA GLY P 357 -44.98 43.15 -53.67
C GLY P 357 -44.84 43.82 -52.32
N VAL P 358 -45.95 44.21 -51.71
CA VAL P 358 -45.95 44.63 -50.31
C VAL P 358 -45.93 43.42 -49.40
N GLY P 359 -46.45 42.26 -49.85
CA GLY P 359 -46.38 41.06 -49.04
C GLY P 359 -44.97 40.53 -48.84
N VAL P 360 -44.13 40.66 -49.88
CA VAL P 360 -42.72 40.35 -49.72
C VAL P 360 -42.04 41.41 -48.86
N PHE P 361 -42.50 42.66 -48.94
CA PHE P 361 -42.08 43.68 -47.99
C PHE P 361 -42.56 43.38 -46.58
N ASN P 362 -43.72 42.73 -46.44
CA ASN P 362 -44.19 42.35 -45.12
C ASN P 362 -43.32 41.27 -44.50
N THR P 363 -42.98 40.24 -45.27
CA THR P 363 -42.26 39.10 -44.71
C THR P 363 -40.79 39.41 -44.52
N LEU P 364 -40.30 40.52 -45.07
CA LEU P 364 -38.94 40.94 -44.78
C LEU P 364 -38.90 41.97 -43.67
N THR P 365 -39.98 42.74 -43.50
CA THR P 365 -40.04 43.70 -42.40
C THR P 365 -40.12 42.97 -41.06
N THR P 366 -40.91 41.90 -40.99
CA THR P 366 -41.03 41.10 -39.78
C THR P 366 -39.88 40.13 -39.59
N LEU P 367 -38.88 40.14 -40.48
CA LEU P 367 -37.73 39.26 -40.39
C LEU P 367 -36.44 40.00 -40.13
N PHE P 368 -36.32 41.24 -40.62
CA PHE P 368 -35.15 42.07 -40.34
C PHE P 368 -35.05 42.41 -38.86
N LYS P 369 -36.18 42.50 -38.17
CA LYS P 369 -36.16 42.82 -36.75
C LYS P 369 -35.77 41.63 -35.88
N THR P 370 -35.67 40.42 -36.43
CA THR P 370 -35.46 39.22 -35.63
C THR P 370 -34.03 38.72 -35.69
N HIS P 371 -33.51 38.44 -36.87
CA HIS P 371 -32.31 37.62 -36.98
C HIS P 371 -31.03 38.40 -37.23
N VAL P 372 -31.11 39.66 -37.64
CA VAL P 372 -29.91 40.36 -38.09
C VAL P 372 -29.64 41.62 -37.27
N LEU P 373 -30.70 42.25 -36.77
CA LEU P 373 -30.49 43.47 -35.98
C LEU P 373 -29.93 43.21 -34.58
N PRO P 374 -30.39 42.25 -33.78
CA PRO P 374 -29.74 42.05 -32.47
C PRO P 374 -28.35 41.43 -32.52
N THR P 375 -27.92 40.87 -33.65
CA THR P 375 -26.62 40.22 -33.74
C THR P 375 -25.52 41.23 -34.00
N TYR P 376 -24.42 41.12 -33.24
CA TYR P 376 -23.38 42.13 -33.21
C TYR P 376 -22.48 42.07 -34.44
N TYR P 377 -22.09 43.26 -34.92
CA TYR P 377 -21.04 43.47 -35.93
C TYR P 377 -21.36 42.73 -37.22
N THR P 378 -22.47 43.14 -37.83
CA THR P 378 -23.16 42.35 -38.85
C THR P 378 -23.26 43.21 -40.11
N ARG P 379 -22.27 43.08 -41.00
CA ARG P 379 -22.26 43.77 -42.28
C ARG P 379 -22.74 42.82 -43.38
N SER P 380 -22.83 43.35 -44.60
CA SER P 380 -23.01 42.63 -45.88
C SER P 380 -24.37 41.95 -46.06
N ILE P 381 -25.26 41.96 -45.07
CA ILE P 381 -26.49 41.21 -45.11
C ILE P 381 -27.73 42.13 -45.09
N GLN P 382 -27.66 43.25 -44.38
CA GLN P 382 -28.74 44.24 -44.34
C GLN P 382 -28.95 44.97 -45.66
N TYR P 383 -28.08 44.75 -46.66
CA TYR P 383 -28.28 45.31 -47.99
C TYR P 383 -29.47 44.69 -48.70
N ILE P 384 -29.87 43.49 -48.30
CA ILE P 384 -31.03 42.82 -48.91
C ILE P 384 -32.32 43.56 -48.55
N MET P 385 -32.43 44.03 -47.30
CA MET P 385 -33.48 44.98 -46.95
C MET P 385 -33.24 46.33 -47.60
N PHE P 386 -31.99 46.76 -47.70
CA PHE P 386 -31.66 48.09 -48.21
C PHE P 386 -31.90 48.23 -49.72
N HIS P 387 -31.82 47.13 -50.47
CA HIS P 387 -32.00 47.22 -51.92
C HIS P 387 -33.46 47.23 -52.33
N VAL P 388 -34.34 46.64 -51.53
CA VAL P 388 -35.75 46.49 -51.91
C VAL P 388 -36.51 47.79 -51.71
N SER P 389 -36.55 48.27 -50.46
CA SER P 389 -37.37 49.44 -50.12
C SER P 389 -36.57 50.72 -50.34
N GLN P 390 -36.30 50.99 -51.61
CA GLN P 390 -35.70 52.24 -52.02
C GLN P 390 -36.34 52.76 -53.30
N GLN P 391 -37.37 52.07 -53.82
CA GLN P 391 -37.91 52.40 -55.14
C GLN P 391 -38.86 53.58 -55.08
N GLN P 392 -39.99 53.41 -54.40
CA GLN P 392 -41.11 54.34 -54.50
C GLN P 392 -41.45 54.90 -53.12
N LEU P 393 -42.48 55.76 -53.12
CA LEU P 393 -42.87 56.49 -51.92
C LEU P 393 -43.62 55.60 -50.92
N GLU P 394 -44.09 54.43 -51.35
CA GLU P 394 -44.97 53.62 -50.52
C GLU P 394 -44.20 52.75 -49.52
N LEU P 395 -43.15 52.06 -49.98
CA LEU P 395 -42.45 51.10 -49.12
C LEU P 395 -41.65 51.81 -48.04
N MET P 396 -41.06 52.96 -48.36
CA MET P 396 -40.20 53.64 -47.41
C MET P 396 -41.01 54.42 -46.38
N ASP P 397 -42.22 54.85 -46.73
CA ASP P 397 -43.11 55.49 -45.78
C ASP P 397 -43.90 54.49 -44.95
N SER P 398 -43.54 53.21 -45.00
CA SER P 398 -44.04 52.21 -44.07
C SER P 398 -42.92 51.44 -43.42
N PHE P 399 -41.68 51.65 -43.84
CA PHE P 399 -40.52 50.98 -43.25
C PHE P 399 -39.80 51.82 -42.22
N LEU P 400 -39.77 53.15 -42.39
CA LEU P 400 -39.13 54.01 -41.41
C LEU P 400 -40.09 54.53 -40.36
N VAL P 401 -41.39 54.66 -40.69
CA VAL P 401 -42.38 54.93 -39.65
C VAL P 401 -42.59 53.69 -38.78
N THR P 402 -42.32 52.50 -39.32
CA THR P 402 -42.17 51.32 -38.48
C THR P 402 -40.93 51.43 -37.61
N LEU P 403 -39.86 52.01 -38.15
CA LEU P 403 -38.62 52.19 -37.39
C LEU P 403 -38.75 53.28 -36.33
N ILE P 404 -39.67 54.23 -36.53
CA ILE P 404 -40.01 55.18 -35.48
C ILE P 404 -40.66 54.46 -34.30
N ASP P 405 -41.51 53.46 -34.59
CA ASP P 405 -42.04 52.60 -33.54
C ASP P 405 -40.98 51.70 -32.91
N ILE P 406 -39.84 51.50 -33.58
CA ILE P 406 -38.76 50.69 -33.04
C ILE P 406 -37.79 51.52 -32.21
N SER P 407 -37.23 52.57 -32.80
CA SER P 407 -36.09 53.29 -32.23
C SER P 407 -36.49 54.50 -31.40
N PHE P 408 -37.77 54.68 -31.09
CA PHE P 408 -38.19 55.80 -30.27
C PHE P 408 -39.26 55.45 -29.25
N ALA P 409 -39.59 54.17 -29.07
CA ALA P 409 -40.68 53.80 -28.19
C ALA P 409 -40.19 53.64 -26.76
N VAL P 410 -40.99 54.14 -25.81
CA VAL P 410 -40.67 54.00 -24.39
C VAL P 410 -40.81 52.54 -23.96
N ASN P 411 -41.79 51.83 -24.52
CA ASN P 411 -42.07 50.46 -24.13
C ASN P 411 -40.97 49.49 -24.57
N GLU P 412 -40.18 49.88 -25.58
CA GLU P 412 -39.05 49.06 -26.01
C GLU P 412 -37.96 49.09 -24.94
N ALA P 413 -37.05 48.12 -25.03
CA ALA P 413 -35.90 48.10 -24.14
C ALA P 413 -34.96 49.22 -24.50
N ALA P 414 -34.53 49.98 -23.48
CA ALA P 414 -33.64 51.12 -23.67
C ALA P 414 -32.23 50.73 -24.09
N GLU P 415 -31.89 49.44 -24.01
CA GLU P 415 -30.64 48.92 -24.54
C GLU P 415 -30.83 48.20 -25.87
N LYS P 416 -32.06 48.09 -26.37
CA LYS P 416 -32.32 47.63 -27.73
C LYS P 416 -32.65 48.78 -28.67
N LYS P 417 -32.20 49.99 -28.33
CA LYS P 417 -32.51 51.17 -29.11
C LYS P 417 -31.29 51.95 -29.58
N ILE P 418 -30.11 51.68 -29.01
CA ILE P 418 -28.90 52.41 -29.42
C ILE P 418 -28.51 52.01 -30.84
N LYS P 419 -28.65 50.73 -31.16
CA LYS P 419 -28.22 50.26 -32.47
C LYS P 419 -29.17 50.69 -33.58
N SER P 420 -30.48 50.73 -33.30
CA SER P 420 -31.44 51.18 -34.32
C SER P 420 -31.36 52.67 -34.55
N LEU P 421 -31.02 53.45 -33.51
CA LEU P 421 -30.71 54.87 -33.71
C LEU P 421 -29.37 55.08 -34.37
N GLN P 422 -28.52 54.06 -34.37
CA GLN P 422 -27.30 54.06 -35.16
C GLN P 422 -27.54 53.46 -36.54
N TYR P 423 -28.46 52.50 -36.64
CA TYR P 423 -28.84 51.96 -37.94
C TYR P 423 -29.59 52.98 -38.77
N LEU P 424 -30.46 53.77 -38.14
CA LEU P 424 -31.21 54.82 -38.84
C LEU P 424 -30.29 55.91 -39.33
N GLY P 425 -29.21 56.18 -38.59
CA GLY P 425 -28.32 57.27 -38.94
C GLY P 425 -27.54 57.03 -40.22
N SER P 426 -27.22 55.79 -40.52
CA SER P 426 -26.44 55.49 -41.71
C SER P 426 -27.29 55.01 -42.88
N TYR P 427 -28.59 54.79 -42.66
CA TYR P 427 -29.50 54.56 -43.78
C TYR P 427 -29.71 55.83 -44.58
N ILE P 428 -29.88 56.95 -43.87
CA ILE P 428 -30.30 58.19 -44.49
C ILE P 428 -29.16 58.77 -45.34
N ALA P 429 -27.93 58.68 -44.84
CA ALA P 429 -26.78 59.26 -45.53
C ALA P 429 -26.02 58.23 -46.36
N ARG P 430 -26.64 57.08 -46.68
CA ARG P 430 -26.04 56.15 -47.64
C ARG P 430 -27.05 55.60 -48.64
N ALA P 431 -28.21 56.24 -48.79
CA ALA P 431 -29.24 55.84 -49.73
C ALA P 431 -29.49 56.96 -50.72
N LYS P 432 -29.48 56.61 -52.02
CA LYS P 432 -29.56 57.63 -53.06
C LYS P 432 -30.99 57.95 -53.48
N LYS P 433 -31.88 56.96 -53.54
CA LYS P 433 -33.24 57.20 -54.00
C LYS P 433 -34.16 57.46 -52.80
N LEU P 434 -33.93 58.60 -52.16
CA LEU P 434 -34.85 59.23 -51.23
C LEU P 434 -34.96 60.70 -51.58
N SER P 435 -36.17 61.25 -51.44
CA SER P 435 -36.41 62.62 -51.84
C SER P 435 -35.82 63.60 -50.83
N ARG P 436 -35.53 64.80 -51.32
CA ARG P 436 -34.95 65.84 -50.47
C ARG P 436 -35.96 66.36 -49.46
N THR P 437 -37.25 66.27 -49.77
CA THR P 437 -38.29 66.57 -48.79
C THR P 437 -38.51 65.42 -47.82
N GLN P 438 -37.95 64.23 -48.10
CA GLN P 438 -38.03 63.10 -47.19
C GLN P 438 -36.90 63.08 -46.18
N ILE P 439 -35.80 63.80 -46.44
CA ILE P 439 -34.71 63.90 -45.48
C ILE P 439 -35.06 64.94 -44.42
N ILE P 440 -35.81 65.98 -44.79
CA ILE P 440 -36.34 66.91 -43.81
C ILE P 440 -37.39 66.25 -42.93
N PHE P 441 -38.05 65.19 -43.44
CA PHE P 441 -38.99 64.41 -42.64
C PHE P 441 -38.30 63.72 -41.47
N VAL P 442 -37.03 63.34 -41.64
CA VAL P 442 -36.23 62.89 -40.51
C VAL P 442 -36.01 64.03 -39.53
N ALA P 443 -35.52 65.16 -40.03
CA ALA P 443 -35.32 66.35 -39.21
C ALA P 443 -36.61 67.04 -38.82
N SER P 444 -37.77 66.58 -39.31
CA SER P 444 -39.06 66.99 -38.77
C SER P 444 -39.41 66.27 -37.49
N TYR P 445 -38.67 65.21 -37.16
CA TYR P 445 -38.92 64.39 -35.99
C TYR P 445 -37.67 64.15 -35.14
N LEU P 446 -36.50 63.97 -35.76
CA LEU P 446 -35.29 63.76 -34.99
C LEU P 446 -34.84 65.05 -34.32
N THR P 447 -34.92 66.18 -35.03
CA THR P 447 -34.67 67.46 -34.38
C THR P 447 -35.84 67.84 -33.47
N SER P 448 -37.05 67.40 -33.82
CA SER P 448 -38.20 67.58 -32.94
C SER P 448 -38.12 66.68 -31.72
N TRP P 449 -37.34 65.60 -31.79
CA TRP P 449 -36.99 64.86 -30.59
C TRP P 449 -36.10 65.68 -29.68
N LEU P 450 -35.30 66.59 -30.23
CA LEU P 450 -34.52 67.53 -29.45
C LEU P 450 -35.31 68.77 -29.08
N ASN P 451 -36.55 68.90 -29.54
CA ASN P 451 -37.50 69.85 -28.97
C ASN P 451 -38.22 69.29 -27.75
N ARG P 452 -37.89 68.06 -27.35
CA ARG P 452 -38.50 67.40 -26.20
C ARG P 452 -37.51 67.19 -25.07
N TYR P 453 -36.24 66.92 -25.38
CA TYR P 453 -35.22 66.83 -24.34
C TYR P 453 -34.86 68.21 -23.79
N VAL P 454 -35.08 69.27 -24.57
CA VAL P 454 -34.75 70.62 -24.13
C VAL P 454 -35.71 71.07 -23.03
N ILE P 455 -36.96 70.62 -23.06
CA ILE P 455 -37.92 70.97 -22.03
C ILE P 455 -37.79 70.03 -20.84
N GLU P 456 -37.78 68.72 -21.11
CA GLU P 456 -38.00 67.71 -20.09
C GLU P 456 -36.75 67.47 -19.24
N ARG P 457 -35.68 66.99 -19.85
CA ARG P 457 -34.54 66.43 -19.10
C ARG P 457 -33.27 67.23 -19.28
N GLU P 458 -33.35 68.55 -19.18
CA GLU P 458 -32.18 69.40 -18.99
C GLU P 458 -31.97 69.77 -17.54
N GLU P 459 -32.58 69.03 -16.61
CA GLU P 459 -32.65 69.42 -15.21
C GLU P 459 -32.12 68.38 -14.25
N GLU P 460 -31.62 67.25 -14.74
CA GLU P 460 -31.03 66.24 -13.88
C GLU P 460 -29.51 66.36 -13.78
N VAL P 461 -28.91 67.30 -14.50
CA VAL P 461 -27.47 67.48 -14.47
C VAL P 461 -27.04 68.22 -13.20
N ASP P 462 -27.83 69.18 -12.74
CA ASP P 462 -27.54 69.83 -11.46
C ASP P 462 -27.80 68.89 -10.29
N GLN P 463 -28.68 67.91 -10.47
CA GLN P 463 -28.73 66.77 -9.55
C GLN P 463 -27.42 65.99 -9.67
N ARG P 464 -26.92 65.48 -8.53
CA ARG P 464 -25.58 64.93 -8.50
C ARG P 464 -25.52 63.61 -9.25
N GLY P 465 -25.21 63.70 -10.54
CA GLY P 465 -25.13 62.54 -11.39
C GLY P 465 -24.40 62.84 -12.68
N GLY P 466 -23.54 61.92 -13.09
CA GLY P 466 -22.78 62.08 -14.31
C GLY P 466 -23.61 61.79 -15.54
N MET P 467 -22.91 61.77 -16.68
CA MET P 467 -23.59 61.60 -17.95
C MET P 467 -23.67 60.15 -18.40
N GLU P 468 -23.39 59.19 -17.51
CA GLU P 468 -23.47 57.79 -17.90
C GLU P 468 -24.91 57.33 -18.10
N ARG P 469 -25.87 58.03 -17.52
CA ARG P 469 -27.27 57.70 -17.70
C ARG P 469 -27.81 58.12 -19.06
N PHE P 470 -27.09 58.98 -19.79
CA PHE P 470 -27.57 59.56 -21.03
C PHE P 470 -26.86 58.98 -22.23
N LYS P 471 -26.55 57.68 -22.19
CA LYS P 471 -26.00 56.99 -23.34
C LYS P 471 -27.06 56.67 -24.38
N HIS P 472 -28.35 56.75 -24.02
CA HIS P 472 -29.39 56.75 -25.03
C HIS P 472 -29.42 58.08 -25.75
N PHE P 473 -29.18 59.17 -25.04
CA PHE P 473 -29.32 60.50 -25.61
C PHE P 473 -28.20 60.81 -26.59
N TYR P 474 -26.97 60.44 -26.26
CA TYR P 474 -25.88 60.65 -27.21
C TYR P 474 -25.82 59.61 -28.30
N ALA P 475 -26.65 58.56 -28.23
CA ALA P 475 -26.72 57.60 -29.32
C ALA P 475 -27.35 58.23 -30.56
N ALA P 476 -28.51 58.87 -30.40
CA ALA P 476 -29.18 59.51 -31.53
C ALA P 476 -28.52 60.82 -31.91
N PHE P 477 -27.89 61.52 -30.95
CA PHE P 477 -27.25 62.79 -31.24
C PHE P 477 -26.03 62.62 -32.12
N GLN P 478 -25.41 61.43 -32.10
CA GLN P 478 -24.38 61.11 -33.07
C GLN P 478 -24.95 61.06 -34.48
N ALA P 479 -26.12 60.44 -34.63
CA ALA P 479 -26.69 60.19 -35.95
C ALA P 479 -27.15 61.49 -36.61
N LEU P 480 -27.59 62.47 -35.82
CA LEU P 480 -27.93 63.77 -36.39
C LEU P 480 -26.70 64.52 -36.86
N CYS P 481 -25.59 64.40 -36.13
CA CYS P 481 -24.32 64.92 -36.63
C CYS P 481 -23.71 64.02 -37.68
N TYR P 482 -24.18 62.78 -37.81
CA TYR P 482 -23.72 61.91 -38.89
C TYR P 482 -24.38 62.27 -40.21
N ILE P 483 -25.57 62.86 -40.16
CA ILE P 483 -26.16 63.47 -41.35
C ILE P 483 -25.42 64.75 -41.72
N PHE P 484 -25.14 65.58 -40.71
CA PHE P 484 -24.51 66.88 -40.90
C PHE P 484 -23.09 66.76 -41.43
N CYS P 485 -22.40 65.66 -41.14
CA CYS P 485 -21.08 65.43 -41.71
C CYS P 485 -21.14 64.96 -43.15
N PHE P 486 -22.30 64.54 -43.63
CA PHE P 486 -22.46 64.12 -45.02
C PHE P 486 -23.36 65.04 -45.83
N ARG P 487 -24.57 65.32 -45.37
CA ARG P 487 -25.52 66.11 -46.16
C ARG P 487 -25.31 67.58 -45.85
N HIS P 488 -24.59 68.26 -46.74
CA HIS P 488 -24.30 69.68 -46.63
C HIS P 488 -24.71 70.49 -47.85
N ASN P 489 -24.55 69.95 -49.06
CA ASN P 489 -24.86 70.68 -50.28
C ASN P 489 -26.26 70.39 -50.82
N ILE P 490 -27.15 69.89 -49.98
CA ILE P 490 -28.48 69.51 -50.42
C ILE P 490 -29.50 70.60 -50.13
N PHE P 491 -29.42 71.24 -48.97
CA PHE P 491 -30.53 72.04 -48.45
C PHE P 491 -30.31 73.54 -48.60
N ARG P 492 -29.56 73.95 -49.61
CA ARG P 492 -29.51 75.35 -50.01
C ARG P 492 -30.84 75.77 -50.63
N ASP P 493 -31.09 77.07 -50.60
CA ASP P 493 -32.07 77.70 -51.47
C ASP P 493 -31.36 78.73 -52.34
N THR P 494 -32.13 79.48 -53.12
CA THR P 494 -31.57 80.61 -53.84
C THR P 494 -31.32 81.79 -52.92
N ASP P 495 -32.08 81.90 -51.83
CA ASP P 495 -32.08 83.07 -50.96
C ASP P 495 -31.09 82.94 -49.80
N GLY P 496 -30.19 81.96 -49.86
CA GLY P 496 -29.12 81.89 -48.88
C GLY P 496 -29.52 81.41 -47.50
N ASN P 497 -30.53 80.56 -47.39
CA ASN P 497 -30.99 80.05 -46.11
C ASN P 497 -30.81 78.53 -46.06
N TRP P 498 -31.28 77.94 -44.98
CA TRP P 498 -31.20 76.49 -44.78
C TRP P 498 -32.53 76.00 -44.21
N GLU P 499 -32.73 74.69 -44.29
CA GLU P 499 -34.01 74.09 -43.90
C GLU P 499 -34.12 74.06 -42.38
N CYS P 500 -35.01 74.90 -41.85
CA CYS P 500 -35.25 75.07 -40.41
C CYS P 500 -33.98 75.47 -39.67
N GLU P 501 -33.19 76.35 -40.29
CA GLU P 501 -31.97 76.95 -39.72
C GLU P 501 -30.95 75.88 -39.34
N LEU P 502 -30.46 75.16 -40.35
CA LEU P 502 -29.50 74.08 -40.13
C LEU P 502 -28.19 74.60 -39.55
N ASP P 503 -27.79 75.82 -39.89
CA ASP P 503 -26.60 76.46 -39.34
C ASP P 503 -26.88 77.19 -38.03
N LYS P 504 -27.94 76.81 -37.32
CA LYS P 504 -28.21 77.35 -35.99
C LYS P 504 -28.66 76.27 -35.00
N PHE P 505 -29.04 75.08 -35.48
CA PHE P 505 -29.52 74.03 -34.58
C PHE P 505 -28.36 73.32 -33.88
N PHE P 506 -27.27 73.06 -34.60
CA PHE P 506 -26.09 72.44 -34.02
C PHE P 506 -25.25 73.41 -33.21
N GLN P 507 -25.58 74.70 -33.24
CA GLN P 507 -24.95 75.63 -32.32
C GLN P 507 -25.58 75.54 -30.93
N ARG P 508 -26.90 75.33 -30.87
CA ARG P 508 -27.60 75.43 -29.59
C ARG P 508 -27.42 74.18 -28.74
N MET P 509 -27.44 73.00 -29.36
CA MET P 509 -27.41 71.75 -28.61
C MET P 509 -26.00 71.25 -28.30
N VAL P 510 -24.97 72.08 -28.53
CA VAL P 510 -23.59 71.72 -28.23
C VAL P 510 -23.06 72.63 -27.13
N ILE P 511 -23.48 73.89 -27.12
CA ILE P 511 -22.99 74.85 -26.14
C ILE P 511 -23.81 74.80 -24.86
N SER P 512 -24.69 73.81 -24.75
CA SER P 512 -25.51 73.62 -23.56
C SER P 512 -24.67 73.06 -22.41
N LYS P 513 -25.34 72.77 -21.29
CA LYS P 513 -24.67 72.32 -20.08
C LYS P 513 -24.49 70.81 -20.04
N PHE P 514 -24.35 70.17 -21.20
CA PHE P 514 -24.16 68.74 -21.29
C PHE P 514 -22.77 68.35 -21.77
N ASN P 515 -22.04 69.28 -22.38
CA ASN P 515 -20.72 69.14 -22.97
C ASN P 515 -20.66 67.94 -23.91
N PRO P 516 -21.31 67.97 -25.08
CA PRO P 516 -21.29 66.80 -25.98
C PRO P 516 -19.98 66.59 -26.70
N LEU P 517 -19.00 67.50 -26.55
CA LEU P 517 -17.74 67.38 -27.26
C LEU P 517 -16.89 66.23 -26.74
N LYS P 518 -17.02 65.91 -25.45
CA LYS P 518 -16.31 64.78 -24.86
C LYS P 518 -17.04 63.47 -25.11
N PHE P 519 -18.36 63.48 -25.02
CA PHE P 519 -19.16 62.28 -25.22
C PHE P 519 -19.53 62.05 -26.68
N CYS P 520 -18.98 62.82 -27.60
CA CYS P 520 -18.88 62.41 -28.99
C CYS P 520 -17.43 62.04 -29.29
N ASN P 521 -17.26 61.21 -30.30
CA ASN P 521 -15.95 60.69 -30.65
C ASN P 521 -15.10 61.79 -31.26
N GLU P 522 -13.78 61.60 -31.24
CA GLU P 522 -12.89 62.61 -31.80
C GLU P 522 -12.98 62.66 -33.32
N ASN P 523 -13.09 61.50 -33.97
CA ASN P 523 -13.15 61.44 -35.43
C ASN P 523 -14.44 62.06 -35.95
N VAL P 524 -15.55 61.87 -35.23
CA VAL P 524 -16.82 62.47 -35.63
C VAL P 524 -16.90 63.92 -35.21
N MET P 525 -15.94 64.41 -34.42
CA MET P 525 -15.83 65.81 -34.10
C MET P 525 -14.66 66.47 -34.83
N LEU P 526 -13.71 65.68 -35.34
CA LEU P 526 -12.77 66.18 -36.35
C LEU P 526 -13.50 66.62 -37.60
N MET P 527 -14.57 65.91 -37.96
CA MET P 527 -15.34 66.16 -39.16
C MET P 527 -16.51 67.11 -38.92
N PHE P 528 -16.97 67.23 -37.68
CA PHE P 528 -17.96 68.23 -37.32
C PHE P 528 -17.35 69.63 -37.23
N ALA P 529 -16.02 69.72 -37.10
CA ALA P 529 -15.31 70.98 -36.95
C ALA P 529 -14.89 71.61 -38.27
N ARG P 530 -14.33 70.82 -39.20
CA ARG P 530 -13.91 71.37 -40.48
C ARG P 530 -15.10 71.80 -41.33
N ILE P 531 -16.23 71.10 -41.18
CA ILE P 531 -17.44 71.46 -41.93
C ILE P 531 -18.07 72.72 -41.35
N ALA P 532 -18.08 72.84 -40.02
CA ALA P 532 -18.64 74.03 -39.38
C ALA P 532 -17.66 75.21 -39.33
N GLN P 533 -16.50 75.10 -39.98
CA GLN P 533 -15.58 76.22 -40.13
C GLN P 533 -15.69 76.87 -41.50
N GLN P 534 -15.89 76.07 -42.55
CA GLN P 534 -15.97 76.62 -43.91
C GLN P 534 -17.29 77.33 -44.15
N GLU P 535 -18.41 76.77 -43.68
CA GLU P 535 -19.72 77.34 -43.91
C GLU P 535 -20.26 78.12 -42.72
N SER P 536 -19.46 78.29 -41.67
CA SER P 536 -19.76 79.12 -40.51
C SER P 536 -21.02 78.67 -39.79
N VAL P 537 -21.00 77.40 -39.36
CA VAL P 537 -22.14 76.83 -38.64
C VAL P 537 -21.90 76.98 -37.15
N ALA P 538 -20.81 76.39 -36.65
CA ALA P 538 -20.48 76.41 -35.24
C ALA P 538 -19.07 76.94 -35.04
N TYR P 539 -18.84 77.54 -33.87
CA TYR P 539 -17.51 78.02 -33.47
C TYR P 539 -17.18 77.52 -32.07
N CYS P 540 -17.33 76.22 -31.87
CA CYS P 540 -17.00 75.56 -30.60
C CYS P 540 -15.55 75.10 -30.56
N PHE P 541 -14.66 75.73 -31.33
CA PHE P 541 -13.29 75.25 -31.49
C PHE P 541 -12.47 75.43 -30.22
N SER P 542 -12.64 76.56 -29.55
CA SER P 542 -11.97 76.79 -28.28
C SER P 542 -12.53 75.93 -27.14
N ILE P 543 -13.72 75.36 -27.33
CA ILE P 543 -14.27 74.40 -26.37
C ILE P 543 -13.90 72.97 -26.73
N ILE P 544 -13.60 72.68 -28.00
CA ILE P 544 -12.94 71.43 -28.37
C ILE P 544 -11.56 71.37 -27.72
N GLU P 545 -10.85 72.51 -27.71
CA GLU P 545 -9.55 72.62 -27.05
C GLU P 545 -9.68 72.45 -25.55
N ASN P 546 -10.84 72.77 -24.98
CA ASN P 546 -11.06 72.70 -23.54
C ASN P 546 -11.71 71.35 -23.18
N ASN P 547 -10.95 70.29 -23.41
CA ASN P 547 -11.35 68.96 -22.97
C ASN P 547 -10.19 68.14 -22.41
N ASN P 548 -9.01 68.74 -22.21
CA ASN P 548 -7.92 68.02 -21.55
C ASN P 548 -8.04 68.10 -20.03
N ASN P 549 -8.44 69.25 -19.49
CA ASN P 549 -8.70 69.42 -18.07
C ASN P 549 -10.16 69.26 -17.73
N GLU P 550 -10.95 68.68 -18.63
CA GLU P 550 -12.37 68.46 -18.36
C GLU P 550 -12.71 66.99 -18.15
N ARG P 551 -12.02 66.09 -18.85
CA ARG P 551 -12.27 64.66 -18.76
C ARG P 551 -11.93 64.11 -17.37
N THR P 581 -18.30 49.23 -18.74
CA THR P 581 -18.13 50.54 -18.16
C THR P 581 -18.03 51.62 -19.23
N ARG P 582 -16.92 51.61 -19.95
CA ARG P 582 -16.60 52.63 -20.93
C ARG P 582 -16.60 52.10 -22.36
N GLN P 583 -16.44 50.78 -22.53
CA GLN P 583 -16.24 50.20 -23.86
C GLN P 583 -17.52 50.23 -24.70
N GLN P 584 -18.68 50.25 -24.05
CA GLN P 584 -19.96 50.29 -24.75
C GLN P 584 -20.32 51.67 -25.28
N PHE P 585 -19.45 52.67 -25.10
CA PHE P 585 -19.71 54.02 -25.55
C PHE P 585 -18.71 54.48 -26.61
N ILE P 586 -17.62 53.73 -26.82
CA ILE P 586 -16.66 54.02 -27.87
C ILE P 586 -16.95 53.22 -29.13
N ASP P 587 -17.34 51.95 -28.99
CA ASP P 587 -17.58 51.11 -30.16
C ASP P 587 -18.83 51.53 -30.92
N LEU P 588 -19.91 51.84 -30.20
CA LEU P 588 -21.14 52.24 -30.87
C LEU P 588 -21.11 53.70 -31.33
N GLN P 589 -20.11 54.47 -30.92
CA GLN P 589 -19.81 55.73 -31.62
C GLN P 589 -18.81 55.55 -32.75
N SER P 590 -18.53 54.30 -33.14
CA SER P 590 -17.71 54.03 -34.30
C SER P 590 -18.24 52.91 -35.17
N TYR P 591 -19.18 52.09 -34.70
CA TYR P 591 -19.81 51.09 -35.54
C TYR P 591 -20.86 51.76 -36.42
N PHE P 592 -20.66 51.67 -37.73
CA PHE P 592 -21.57 52.26 -38.72
C PHE P 592 -22.16 51.14 -39.57
N PRO P 593 -23.48 50.95 -39.59
CA PRO P 593 -24.06 49.75 -40.24
C PRO P 593 -24.01 49.74 -41.76
N TYR P 594 -23.54 50.79 -42.43
CA TYR P 594 -23.51 50.87 -43.88
C TYR P 594 -22.13 51.26 -44.38
N ASP P 595 -21.11 50.53 -43.93
CA ASP P 595 -19.73 50.79 -44.30
C ASP P 595 -19.49 50.54 -45.80
N PRO P 596 -18.52 51.22 -46.41
CA PRO P 596 -18.10 50.90 -47.78
C PRO P 596 -17.56 49.48 -47.86
N LEU P 597 -18.20 48.65 -48.68
CA LEU P 597 -18.10 47.21 -48.56
C LEU P 597 -16.81 46.68 -49.19
N PHE P 598 -16.19 45.72 -48.49
CA PHE P 598 -15.01 45.02 -48.99
C PHE P 598 -15.32 44.19 -50.23
N LEU P 599 -16.55 43.69 -50.33
CA LEU P 599 -16.95 42.91 -51.49
C LEU P 599 -17.02 43.81 -52.72
N LYS P 600 -16.29 43.43 -53.77
CA LYS P 600 -16.29 44.15 -55.03
C LYS P 600 -17.38 43.69 -55.98
N ASN P 601 -17.95 42.51 -55.75
CA ASN P 601 -18.84 41.85 -56.69
C ASN P 601 -20.30 42.22 -56.44
N TYR P 602 -20.70 42.34 -55.18
CA TYR P 602 -22.09 42.67 -54.88
C TYR P 602 -22.41 44.13 -55.21
N LYS P 603 -21.38 44.98 -55.31
CA LYS P 603 -21.57 46.38 -55.66
C LYS P 603 -21.98 46.58 -57.13
N ILE P 604 -21.94 45.51 -57.93
CA ILE P 604 -22.56 45.53 -59.27
C ILE P 604 -24.06 45.77 -59.14
N LEU P 605 -24.73 45.07 -58.23
CA LEU P 605 -26.15 45.30 -57.99
C LEU P 605 -26.42 46.59 -57.24
N MET P 606 -25.41 47.17 -56.60
CA MET P 606 -25.60 48.30 -55.71
C MET P 606 -24.66 49.45 -56.06
N LYS P 607 -24.48 49.71 -57.35
CA LYS P 607 -23.62 50.83 -57.74
C LYS P 607 -24.34 52.17 -57.56
N GLU P 608 -25.62 52.23 -57.93
CA GLU P 608 -26.40 53.46 -57.83
C GLU P 608 -27.08 53.60 -56.48
N TYR P 609 -27.78 52.57 -56.02
CA TYR P 609 -28.59 52.64 -54.81
C TYR P 609 -27.78 52.73 -53.53
N TYR P 610 -26.46 52.63 -53.60
CA TYR P 610 -25.55 52.91 -52.49
C TYR P 610 -24.73 54.13 -52.85
N ILE P 611 -24.59 55.07 -51.90
CA ILE P 611 -23.88 56.32 -52.16
C ILE P 611 -22.39 56.07 -51.99
N GLU P 612 -21.59 56.72 -52.85
CA GLU P 612 -20.13 56.76 -52.72
C GLU P 612 -19.72 57.78 -51.66
N TRP P 613 -18.44 58.14 -51.63
CA TRP P 613 -17.97 59.14 -50.67
C TRP P 613 -18.58 60.50 -50.96
N SER P 614 -18.39 61.01 -52.17
CA SER P 614 -18.89 62.32 -52.55
C SER P 614 -19.35 62.35 -54.00
N LEU Q 16 53.06 -44.33 11.86
CA LEU Q 16 51.75 -44.76 11.40
C LEU Q 16 50.97 -43.54 10.91
N GLY Q 17 50.76 -43.45 9.60
CA GLY Q 17 50.06 -42.32 9.02
C GLY Q 17 48.56 -42.40 9.21
N VAL Q 18 47.87 -41.34 8.75
CA VAL Q 18 46.52 -41.08 9.19
C VAL Q 18 45.47 -41.35 8.10
N GLY Q 19 45.64 -40.81 6.91
CA GLY Q 19 44.50 -40.82 6.02
C GLY Q 19 44.40 -42.10 5.22
N VAL Q 20 43.60 -43.04 5.74
CA VAL Q 20 43.54 -44.41 5.28
C VAL Q 20 42.08 -44.79 5.06
N GLN Q 21 41.78 -46.07 4.94
CA GLN Q 21 40.40 -46.49 5.13
C GLN Q 21 40.35 -47.73 6.01
N GLY Q 22 41.30 -48.63 5.83
CA GLY Q 22 41.20 -49.96 6.34
C GLY Q 22 40.69 -50.96 5.32
N ALA Q 23 40.05 -50.47 4.26
CA ALA Q 23 39.75 -51.29 3.10
C ALA Q 23 40.51 -50.87 1.86
N SER Q 24 41.09 -49.67 1.84
CA SER Q 24 41.81 -49.16 0.68
C SER Q 24 42.64 -47.96 1.10
N LEU Q 25 43.59 -47.59 0.24
CA LEU Q 25 44.51 -46.48 0.48
C LEU Q 25 45.26 -46.07 -0.78
N TYR Q 26 45.17 -44.80 -1.19
CA TYR Q 26 45.50 -44.40 -2.55
C TYR Q 26 46.59 -43.34 -2.59
N CYS Q 27 47.50 -43.47 -3.55
CA CYS Q 27 48.46 -42.43 -3.89
C CYS Q 27 48.65 -42.43 -5.40
N PRO Q 28 47.72 -41.82 -6.13
CA PRO Q 28 47.74 -41.91 -7.60
C PRO Q 28 48.73 -40.97 -8.27
N GLN Q 29 48.60 -40.84 -9.59
CA GLN Q 29 49.59 -40.14 -10.40
C GLN Q 29 49.52 -38.63 -10.18
N GLU Q 30 50.58 -38.10 -9.59
CA GLU Q 30 50.98 -36.70 -9.63
C GLU Q 30 50.08 -35.74 -8.88
N ASN Q 31 49.13 -36.17 -8.07
CA ASN Q 31 48.44 -35.18 -7.26
C ASN Q 31 49.18 -34.91 -5.95
N TYR Q 32 49.13 -35.84 -5.00
CA TYR Q 32 49.59 -35.68 -3.62
C TYR Q 32 49.49 -36.96 -2.83
N THR Q 33 49.74 -36.85 -1.53
CA THR Q 33 49.30 -37.83 -0.54
C THR Q 33 47.83 -37.63 -0.22
N THR Q 34 47.30 -38.49 0.66
CA THR Q 34 46.13 -38.17 1.47
C THR Q 34 46.45 -38.53 2.92
N LYS Q 35 47.27 -37.70 3.60
CA LYS Q 35 47.50 -37.72 5.04
C LYS Q 35 48.42 -36.60 5.48
N LYS Q 36 48.30 -36.18 6.74
CA LYS Q 36 49.35 -35.40 7.42
C LYS Q 36 49.16 -35.56 8.91
N GLN Q 37 50.26 -35.85 9.62
CA GLN Q 37 50.22 -35.86 11.08
C GLN Q 37 50.27 -34.46 11.67
N GLU Q 38 50.98 -33.54 11.02
CA GLU Q 38 51.48 -32.30 11.62
C GLU Q 38 52.29 -32.63 12.87
N LYS Q 39 53.47 -33.19 12.60
CA LYS Q 39 54.49 -33.36 13.63
C LYS Q 39 55.30 -32.07 13.72
N PRO Q 40 55.25 -31.35 14.83
CA PRO Q 40 56.12 -30.16 14.98
C PRO Q 40 57.52 -30.53 15.46
N GLN Q 41 58.34 -31.06 14.55
CA GLN Q 41 59.67 -31.51 14.94
C GLN Q 41 60.78 -30.98 14.03
N TRP Q 42 60.50 -29.94 13.22
CA TRP Q 42 61.48 -29.19 12.42
C TRP Q 42 62.22 -30.07 11.42
N LEU Q 43 61.60 -31.17 11.00
CA LEU Q 43 62.23 -32.20 10.21
C LEU Q 43 61.25 -32.55 9.08
N ARG Q 44 60.88 -31.50 8.30
CA ARG Q 44 59.85 -31.51 7.25
C ARG Q 44 58.50 -31.85 7.90
N PRO Q 45 57.84 -30.87 8.55
CA PRO Q 45 56.78 -31.18 9.53
C PRO Q 45 55.51 -31.81 8.94
N VAL Q 46 55.66 -33.06 8.50
CA VAL Q 46 54.66 -33.71 7.67
C VAL Q 46 54.96 -35.20 7.67
N ASP Q 47 53.99 -36.02 7.30
CA ASP Q 47 54.29 -37.34 6.76
C ASP Q 47 53.67 -37.48 5.37
N ASP Q 48 53.96 -36.49 4.54
CA ASP Q 48 53.62 -36.48 3.13
C ASP Q 48 54.16 -37.74 2.46
N THR Q 49 53.28 -38.49 1.78
CA THR Q 49 53.60 -39.85 1.38
C THR Q 49 54.34 -39.87 0.04
N LEU Q 50 55.05 -38.78 -0.24
CA LEU Q 50 55.98 -38.69 -1.35
C LEU Q 50 57.31 -38.25 -0.76
N ALA Q 51 58.25 -39.19 -0.64
CA ALA Q 51 59.60 -38.81 -0.20
C ALA Q 51 60.30 -38.02 -1.28
N GLU Q 52 61.16 -37.10 -0.86
CA GLU Q 52 61.87 -36.24 -1.80
C GLU Q 52 63.27 -36.75 -2.07
N ASP Q 53 63.70 -36.59 -3.32
CA ASP Q 53 65.07 -36.89 -3.74
C ASP Q 53 65.34 -36.13 -5.04
N ALA Q 54 66.42 -36.50 -5.71
CA ALA Q 54 66.72 -36.02 -7.05
C ALA Q 54 66.16 -37.03 -8.06
N LEU Q 55 66.63 -36.97 -9.30
CA LEU Q 55 66.22 -37.91 -10.33
C LEU Q 55 66.78 -39.30 -10.06
N ASP Q 56 66.19 -40.31 -10.71
CA ASP Q 56 66.75 -41.66 -10.70
C ASP Q 56 66.44 -42.36 -12.03
N LEU Q 57 67.37 -42.25 -12.96
CA LEU Q 57 67.28 -42.89 -14.26
C LEU Q 57 68.04 -44.22 -14.25
N HIS Q 58 67.79 -45.05 -15.26
CA HIS Q 58 68.27 -46.42 -15.29
C HIS Q 58 68.95 -46.75 -16.62
N ILE Q 59 70.18 -47.26 -16.55
CA ILE Q 59 71.00 -47.55 -17.72
C ILE Q 59 71.41 -49.03 -17.68
N VAL Q 60 71.26 -49.72 -18.80
CA VAL Q 60 71.38 -51.18 -18.88
C VAL Q 60 72.83 -51.64 -18.77
N VAL Q 61 73.00 -52.95 -18.60
CA VAL Q 61 74.26 -53.66 -18.85
C VAL Q 61 73.89 -54.85 -19.73
N LYS Q 62 74.10 -54.72 -21.03
CA LYS Q 62 73.54 -55.65 -22.01
C LYS Q 62 74.48 -56.84 -22.19
N SER Q 63 73.91 -58.04 -22.26
CA SER Q 63 74.68 -59.25 -22.40
C SER Q 63 73.88 -60.28 -23.19
N LEU Q 64 74.52 -61.41 -23.45
CA LEU Q 64 73.91 -62.56 -24.12
C LEU Q 64 74.06 -63.77 -23.23
N LEU Q 65 72.93 -64.35 -22.82
CA LEU Q 65 72.95 -65.42 -21.84
C LEU Q 65 72.66 -66.79 -22.45
N CYS Q 66 71.50 -66.99 -23.06
CA CYS Q 66 71.11 -68.30 -23.52
C CYS Q 66 70.04 -68.15 -24.59
N ASP Q 67 69.63 -69.28 -25.16
CA ASP Q 67 68.78 -69.31 -26.34
C ASP Q 67 68.19 -70.73 -26.47
N THR Q 68 67.53 -70.99 -27.58
CA THR Q 68 67.07 -72.34 -27.90
C THR Q 68 68.11 -73.10 -28.72
N ASP Q 170 44.10 -65.44 -34.95
CA ASP Q 170 45.20 -65.98 -34.15
C ASP Q 170 46.26 -64.93 -33.87
N ALA Q 171 46.51 -64.07 -34.85
CA ALA Q 171 47.39 -62.92 -34.65
C ALA Q 171 46.67 -61.78 -33.94
N PHE Q 172 45.39 -61.94 -33.63
CA PHE Q 172 44.60 -60.95 -32.92
C PHE Q 172 44.17 -61.44 -31.54
N PHE Q 173 44.71 -62.57 -31.09
CA PHE Q 173 44.37 -63.15 -29.80
C PHE Q 173 45.63 -63.69 -29.14
N TRP Q 174 45.50 -64.05 -27.87
CA TRP Q 174 46.52 -64.79 -27.14
C TRP Q 174 45.83 -65.54 -26.01
N ASP Q 175 46.45 -66.62 -25.56
CA ASP Q 175 45.65 -67.44 -24.66
C ASP Q 175 46.12 -67.29 -23.23
N PRO Q 176 45.20 -67.12 -22.27
CA PRO Q 176 45.60 -66.88 -20.88
C PRO Q 176 46.09 -68.10 -20.12
N THR Q 177 45.96 -69.31 -20.68
CA THR Q 177 46.33 -70.49 -19.91
C THR Q 177 47.83 -70.74 -19.87
N VAL Q 178 48.61 -70.00 -20.64
CA VAL Q 178 50.06 -69.98 -20.47
C VAL Q 178 50.39 -69.01 -19.34
N ALA Q 179 51.43 -69.33 -18.56
CA ALA Q 179 51.94 -68.43 -17.55
C ALA Q 179 53.36 -67.95 -17.87
N ASN Q 180 54.31 -68.87 -17.94
CA ASN Q 180 55.69 -68.58 -18.28
C ASN Q 180 56.32 -69.84 -18.83
N ARG Q 181 57.55 -69.70 -19.32
CA ARG Q 181 58.30 -70.86 -19.78
C ARG Q 181 59.76 -70.76 -19.34
N LEU Q 182 60.01 -70.11 -18.20
CA LEU Q 182 61.35 -70.07 -17.63
C LEU Q 182 61.26 -69.72 -16.15
N ASP Q 183 62.17 -70.30 -15.37
CA ASP Q 183 62.38 -69.87 -13.99
C ASP Q 183 63.81 -70.21 -13.60
N SER Q 184 64.37 -69.36 -12.73
CA SER Q 184 65.77 -69.43 -12.34
C SER Q 184 65.93 -68.65 -11.04
N GLN Q 185 66.34 -69.33 -9.97
CA GLN Q 185 66.52 -68.71 -8.67
C GLN Q 185 67.53 -69.56 -7.91
N TYR Q 186 68.28 -68.90 -7.00
CA TYR Q 186 69.26 -69.56 -6.17
C TYR Q 186 68.63 -70.67 -5.35
N ILE Q 187 69.28 -71.84 -5.35
CA ILE Q 187 68.64 -73.07 -4.88
C ILE Q 187 69.66 -73.84 -4.05
N GLN Q 188 69.17 -74.78 -3.24
CA GLN Q 188 69.99 -75.56 -2.33
C GLN Q 188 69.47 -76.99 -2.30
N THR Q 189 70.32 -77.97 -2.62
CA THR Q 189 69.89 -79.35 -2.75
C THR Q 189 70.27 -80.17 -1.52
N ALA Q 190 69.95 -81.47 -1.58
CA ALA Q 190 70.12 -82.35 -0.43
C ALA Q 190 71.59 -82.64 -0.13
N SER Q 191 72.44 -82.60 -1.15
CA SER Q 191 73.87 -82.67 -0.92
C SER Q 191 74.45 -81.34 -0.45
N ASP Q 192 73.67 -80.25 -0.55
CA ASP Q 192 74.10 -78.95 -0.06
C ASP Q 192 73.57 -78.66 1.34
N LEU Q 193 72.65 -79.48 1.85
CA LEU Q 193 72.13 -79.27 3.20
C LEU Q 193 73.10 -79.77 4.25
N ARG Q 194 73.50 -81.03 4.17
CA ARG Q 194 74.40 -81.61 5.15
C ARG Q 194 75.79 -81.02 5.02
N ASN Q 195 76.19 -80.66 3.81
CA ASN Q 195 77.46 -80.01 3.57
C ASN Q 195 77.37 -78.53 3.97
N TYR Q 196 78.53 -77.90 4.12
CA TYR Q 196 78.59 -76.46 4.31
C TYR Q 196 78.23 -75.69 3.04
N ARG Q 197 78.30 -76.36 1.88
CA ARG Q 197 78.13 -75.69 0.59
C ARG Q 197 76.71 -75.17 0.42
N ASP Q 198 76.61 -73.86 0.19
CA ASP Q 198 75.32 -73.20 0.08
C ASP Q 198 75.37 -72.15 -1.01
N GLY Q 199 74.31 -72.09 -1.80
CA GLY Q 199 74.18 -71.10 -2.86
C GLY Q 199 74.52 -71.73 -4.19
N THR Q 200 73.49 -72.19 -4.90
CA THR Q 200 73.62 -72.74 -6.23
C THR Q 200 72.58 -72.09 -7.12
N GLU Q 201 73.03 -71.65 -8.29
CA GLU Q 201 72.26 -70.78 -9.17
C GLU Q 201 71.96 -71.54 -10.45
N ILE Q 202 70.68 -71.77 -10.72
CA ILE Q 202 70.26 -72.60 -11.84
C ILE Q 202 69.55 -71.75 -12.86
N ILE Q 203 69.21 -72.37 -13.99
CA ILE Q 203 68.37 -71.77 -15.03
C ILE Q 203 67.68 -72.90 -15.79
N ALA Q 204 66.38 -72.75 -16.00
CA ALA Q 204 65.58 -73.79 -16.65
C ALA Q 204 64.52 -73.15 -17.51
N TYR Q 205 64.39 -73.61 -18.76
CA TYR Q 205 63.41 -73.05 -19.68
C TYR Q 205 62.99 -74.11 -20.68
N ALA Q 206 61.88 -73.84 -21.37
CA ALA Q 206 61.34 -74.75 -22.37
C ALA Q 206 61.81 -74.30 -23.75
N SER Q 207 62.21 -75.27 -24.57
CA SER Q 207 62.71 -75.01 -25.91
C SER Q 207 62.53 -76.27 -26.74
N GLY Q 208 63.25 -76.36 -27.85
CA GLY Q 208 63.17 -77.52 -28.70
C GLY Q 208 62.32 -77.25 -29.92
N LYS Q 209 61.74 -78.31 -30.48
CA LYS Q 209 60.89 -78.17 -31.66
C LYS Q 209 59.46 -77.80 -31.26
N THR Q 210 58.80 -78.71 -30.55
CA THR Q 210 57.43 -78.50 -30.11
C THR Q 210 57.35 -77.88 -28.72
N GLY Q 211 58.49 -77.48 -28.16
CA GLY Q 211 58.51 -76.98 -26.80
C GLY Q 211 58.29 -78.03 -25.75
N SER Q 212 58.37 -79.31 -26.12
CA SER Q 212 58.08 -80.40 -25.22
C SER Q 212 59.31 -80.95 -24.54
N VAL Q 213 60.42 -80.21 -24.55
CA VAL Q 213 61.61 -80.58 -23.81
C VAL Q 213 61.99 -79.43 -22.89
N LEU Q 214 62.51 -79.78 -21.71
CA LEU Q 214 62.90 -78.83 -20.68
C LEU Q 214 64.38 -78.97 -20.39
N ASN Q 215 65.09 -77.84 -20.34
CA ASN Q 215 66.49 -77.90 -19.95
C ASN Q 215 66.83 -76.98 -18.78
N LEU Q 219 73.85 -70.86 -15.68
CA LEU Q 219 74.04 -71.43 -14.35
C LEU Q 219 74.83 -70.50 -13.44
N THR Q 220 76.14 -70.40 -13.68
CA THR Q 220 77.05 -69.80 -12.72
C THR Q 220 77.37 -68.35 -13.04
N ARG Q 221 77.02 -67.47 -12.12
CA ARG Q 221 77.49 -66.09 -12.17
C ARG Q 221 78.97 -66.05 -11.86
N GLN Q 222 79.75 -65.37 -12.71
CA GLN Q 222 81.13 -65.09 -12.38
C GLN Q 222 81.32 -63.63 -11.98
N ASN Q 223 81.01 -62.71 -12.88
CA ASN Q 223 80.79 -61.30 -12.56
C ASN Q 223 79.42 -60.83 -13.01
N THR Q 224 78.96 -61.33 -14.14
CA THR Q 224 77.57 -61.31 -14.56
C THR Q 224 77.09 -62.76 -14.56
N LEU Q 225 75.79 -62.96 -14.75
CA LEU Q 225 75.28 -64.32 -14.84
C LEU Q 225 75.60 -64.87 -16.21
N HIS Q 226 76.28 -66.02 -16.25
CA HIS Q 226 76.55 -66.73 -17.48
C HIS Q 226 76.17 -68.19 -17.28
N LEU Q 227 75.94 -68.89 -18.39
CA LEU Q 227 75.91 -70.34 -18.34
C LEU Q 227 77.27 -70.87 -17.92
N ASN Q 228 77.26 -71.98 -17.19
CA ASN Q 228 78.48 -72.58 -16.67
C ASN Q 228 79.36 -73.13 -17.78
N ARG Q 229 80.64 -73.33 -17.45
CA ARG Q 229 81.61 -73.80 -18.43
C ARG Q 229 81.41 -75.25 -18.80
N HIS Q 230 80.89 -76.05 -17.86
CA HIS Q 230 80.57 -77.44 -18.18
C HIS Q 230 79.32 -77.56 -19.03
N ASN Q 231 78.52 -76.49 -19.12
CA ASN Q 231 77.39 -76.21 -20.02
C ASN Q 231 76.52 -77.40 -20.42
N ASN Q 232 76.14 -78.21 -19.43
CA ASN Q 232 75.34 -79.42 -19.66
C ASN Q 232 73.95 -79.23 -19.06
N VAL Q 233 73.07 -78.61 -19.84
CA VAL Q 233 71.67 -78.52 -19.42
C VAL Q 233 71.00 -79.87 -19.60
N THR Q 234 70.31 -80.33 -18.55
CA THR Q 234 69.68 -81.63 -18.57
C THR Q 234 68.41 -81.51 -19.40
N SER Q 235 68.55 -81.72 -20.70
CA SER Q 235 67.44 -81.59 -21.65
C SER Q 235 66.55 -82.82 -21.55
N ILE Q 236 65.66 -82.80 -20.57
CA ILE Q 236 64.71 -83.89 -20.40
C ILE Q 236 63.60 -83.76 -21.43
N GLU Q 237 63.09 -84.89 -21.91
CA GLU Q 237 62.09 -84.92 -22.96
C GLU Q 237 60.72 -85.25 -22.37
N LEU Q 238 59.68 -84.62 -22.92
CA LEU Q 238 58.31 -84.90 -22.49
C LEU Q 238 57.42 -85.17 -23.69
N HIS Q 239 56.11 -85.32 -23.42
CA HIS Q 239 55.16 -85.74 -24.44
C HIS Q 239 54.12 -84.64 -24.68
N SER Q 240 54.45 -83.41 -24.31
CA SER Q 240 53.51 -82.29 -24.34
C SER Q 240 54.26 -80.97 -24.21
N PRO Q 241 53.79 -79.92 -24.90
CA PRO Q 241 54.42 -78.60 -24.74
C PRO Q 241 54.19 -78.03 -23.36
N ILE Q 242 55.10 -77.16 -22.96
CA ILE Q 242 55.16 -76.63 -21.60
C ILE Q 242 54.46 -75.28 -21.56
N LYS Q 243 53.63 -75.07 -20.56
CA LYS Q 243 52.88 -73.84 -20.39
C LYS Q 243 53.26 -73.07 -19.15
N SER Q 244 53.84 -73.71 -18.16
CA SER Q 244 54.24 -73.05 -16.92
C SER Q 244 55.55 -73.65 -16.48
N ILE Q 245 56.55 -72.81 -16.20
CA ILE Q 245 57.79 -73.25 -15.57
C ILE Q 245 58.04 -72.36 -14.36
N LYS Q 246 58.10 -72.98 -13.19
CA LYS Q 246 58.35 -72.25 -11.95
C LYS Q 246 59.15 -73.14 -11.02
N ILE Q 247 60.04 -72.53 -10.25
CA ILE Q 247 60.55 -73.11 -9.01
C ILE Q 247 59.95 -72.31 -7.86
N PRO Q 248 59.31 -72.96 -6.89
CA PRO Q 248 58.30 -72.26 -6.08
C PRO Q 248 58.84 -71.33 -5.01
N GLY Q 249 60.15 -71.27 -4.81
CA GLY Q 249 60.72 -70.38 -3.83
C GLY Q 249 60.57 -70.91 -2.42
N ALA Q 250 61.23 -70.23 -1.48
CA ALA Q 250 61.35 -70.71 -0.12
C ALA Q 250 60.79 -69.70 0.87
N SER Q 251 59.89 -70.17 1.73
CA SER Q 251 59.50 -69.42 2.91
C SER Q 251 60.66 -69.42 3.89
N GLU Q 252 60.92 -68.27 4.50
CA GLU Q 252 62.13 -68.14 5.32
C GLU Q 252 62.01 -68.79 6.69
N SER Q 253 60.89 -69.43 7.00
CA SER Q 253 60.75 -70.22 8.22
C SER Q 253 61.22 -71.66 8.05
N ILE Q 254 62.04 -71.94 7.04
CA ILE Q 254 62.56 -73.27 6.82
C ILE Q 254 64.10 -73.30 6.75
N GLY Q 255 64.76 -72.16 6.54
CA GLY Q 255 66.20 -72.07 6.55
C GLY Q 255 66.88 -72.44 5.24
N ARG Q 256 66.29 -73.35 4.48
CA ARG Q 256 66.85 -73.86 3.23
C ARG Q 256 66.14 -73.19 2.07
N ARG Q 257 66.46 -73.66 0.86
CA ARG Q 257 65.74 -73.27 -0.34
C ARG Q 257 65.32 -74.54 -1.06
N SER Q 258 64.05 -74.61 -1.48
CA SER Q 258 63.48 -75.86 -1.95
C SER Q 258 64.08 -76.26 -3.30
N ASN Q 259 64.46 -77.53 -3.39
CA ASN Q 259 65.26 -78.05 -4.48
C ASN Q 259 64.42 -78.80 -5.52
N LEU Q 260 63.27 -78.24 -5.89
CA LEU Q 260 62.38 -78.89 -6.83
C LEU Q 260 61.76 -77.86 -7.76
N VAL Q 261 61.18 -78.37 -8.85
CA VAL Q 261 60.65 -77.53 -9.93
C VAL Q 261 59.26 -78.02 -10.27
N GLY Q 262 58.35 -77.08 -10.51
CA GLY Q 262 56.99 -77.37 -10.94
C GLY Q 262 56.77 -76.94 -12.37
N ILE Q 263 56.16 -77.82 -13.17
CA ILE Q 263 55.82 -77.52 -14.55
C ILE Q 263 54.40 -77.96 -14.84
N ILE Q 264 53.81 -77.34 -15.86
CA ILE Q 264 52.46 -77.64 -16.31
C ILE Q 264 52.50 -77.86 -17.81
N THR Q 265 51.99 -79.01 -18.25
CA THR Q 265 51.90 -79.31 -19.66
C THR Q 265 50.45 -79.30 -20.10
N GLU Q 266 50.25 -79.45 -21.41
CA GLU Q 266 48.90 -79.59 -21.95
C GLU Q 266 48.31 -80.95 -21.62
N ASN Q 267 49.14 -81.95 -21.37
CA ASN Q 267 48.69 -83.32 -21.27
C ASN Q 267 48.94 -83.98 -19.92
N SER Q 268 49.70 -83.33 -19.03
CA SER Q 268 50.03 -83.94 -17.76
C SER Q 268 50.41 -82.86 -16.76
N PHE Q 269 50.91 -83.30 -15.62
CA PHE Q 269 51.43 -82.39 -14.60
C PHE Q 269 52.60 -83.10 -13.92
N GLN Q 270 53.82 -82.67 -14.22
CA GLN Q 270 55.03 -83.30 -13.70
C GLN Q 270 55.66 -82.45 -12.61
N ILE Q 271 56.21 -83.12 -11.60
CA ILE Q 271 57.05 -82.49 -10.59
C ILE Q 271 58.39 -83.22 -10.59
N PHE Q 272 59.47 -82.47 -10.70
CA PHE Q 272 60.81 -83.02 -10.57
C PHE Q 272 61.39 -82.58 -9.23
N ARG Q 273 62.67 -82.89 -9.03
CA ARG Q 273 63.37 -82.48 -7.82
C ARG Q 273 64.85 -82.36 -8.13
N ILE Q 274 65.37 -81.14 -8.06
CA ILE Q 274 66.77 -80.84 -8.37
C ILE Q 274 67.64 -81.49 -7.31
N GLU Q 275 68.32 -82.57 -7.67
CA GLU Q 275 69.10 -83.34 -6.71
C GLU Q 275 70.57 -83.30 -7.09
N SER Q 276 71.42 -82.95 -6.11
CA SER Q 276 72.85 -83.23 -6.10
C SER Q 276 73.58 -82.58 -7.29
N VAL Q 277 73.64 -81.25 -7.24
CA VAL Q 277 74.49 -80.53 -8.20
C VAL Q 277 75.95 -80.84 -7.92
N HIS Q 278 76.77 -80.73 -8.96
CA HIS Q 278 78.16 -81.09 -8.89
C HIS Q 278 79.05 -79.87 -9.01
N SER Q 279 80.29 -80.02 -8.54
CA SER Q 279 81.36 -79.09 -8.87
C SER Q 279 82.41 -79.72 -9.77
N ARG Q 280 82.55 -81.03 -9.75
CA ARG Q 280 83.39 -81.75 -10.71
C ARG Q 280 82.69 -81.98 -12.04
N SER Q 281 81.38 -81.77 -12.10
CA SER Q 281 80.61 -81.95 -13.33
C SER Q 281 79.70 -80.79 -13.67
N CYS Q 282 79.28 -79.98 -12.68
CA CYS Q 282 78.27 -78.93 -12.82
C CYS Q 282 76.97 -79.47 -13.41
N ASP Q 283 76.63 -80.69 -13.05
CA ASP Q 283 75.47 -81.37 -13.56
C ASP Q 283 74.27 -81.05 -12.67
N VAL Q 284 73.10 -81.06 -13.28
CA VAL Q 284 71.84 -80.90 -12.56
C VAL Q 284 71.01 -82.14 -12.89
N MET Q 285 71.10 -83.17 -12.06
CA MET Q 285 70.26 -84.34 -12.26
C MET Q 285 69.03 -84.22 -11.37
N VAL Q 286 67.97 -84.90 -11.77
CA VAL Q 286 66.69 -84.76 -11.10
C VAL Q 286 66.16 -86.13 -10.69
N SER Q 287 65.23 -86.11 -9.75
CA SER Q 287 64.28 -87.18 -9.60
C SER Q 287 62.96 -86.67 -10.16
N SER Q 288 61.89 -87.43 -9.96
CA SER Q 288 60.61 -87.03 -10.52
C SER Q 288 59.49 -87.43 -9.58
N SER Q 289 58.36 -86.76 -9.75
CA SER Q 289 57.10 -87.30 -9.25
C SER Q 289 56.44 -88.09 -10.37
N GLU Q 290 55.41 -88.83 -9.99
CA GLU Q 290 54.59 -89.47 -10.99
C GLU Q 290 53.77 -88.41 -11.71
N PRO Q 291 53.85 -88.32 -13.04
CA PRO Q 291 53.08 -87.30 -13.77
C PRO Q 291 51.59 -87.56 -13.74
N LEU Q 292 50.88 -86.82 -12.90
CA LEU Q 292 49.44 -86.99 -12.78
C LEU Q 292 48.75 -86.32 -13.96
N TYR Q 293 48.05 -87.14 -14.74
CA TYR Q 293 47.36 -86.72 -15.94
C TYR Q 293 46.01 -86.12 -15.61
N PHE Q 294 45.12 -86.07 -16.57
CA PHE Q 294 43.79 -85.49 -16.39
C PHE Q 294 42.78 -86.60 -16.21
N VAL Q 295 42.65 -87.08 -14.97
CA VAL Q 295 41.47 -87.85 -14.60
C VAL Q 295 40.23 -86.98 -14.74
N GLU Q 296 40.32 -85.73 -14.27
CA GLU Q 296 39.39 -84.67 -14.62
C GLU Q 296 40.00 -83.91 -15.80
N ILE Q 297 39.33 -83.96 -16.94
CA ILE Q 297 39.94 -83.54 -18.21
C ILE Q 297 39.60 -82.05 -18.35
N ASP Q 298 40.38 -81.23 -17.67
CA ASP Q 298 40.29 -79.78 -17.73
C ASP Q 298 41.67 -79.20 -17.47
N ASP Q 299 42.01 -78.15 -18.21
CA ASP Q 299 43.36 -77.61 -18.26
C ASP Q 299 43.66 -76.89 -16.95
N LEU Q 300 44.59 -77.43 -16.18
CA LEU Q 300 44.97 -76.80 -14.91
C LEU Q 300 45.83 -75.57 -15.19
N GLN Q 301 45.74 -74.59 -14.30
CA GLN Q 301 46.21 -73.25 -14.60
C GLN Q 301 47.41 -72.82 -13.78
N VAL Q 302 47.30 -72.83 -12.44
CA VAL Q 302 48.33 -72.28 -11.56
C VAL Q 302 48.61 -73.28 -10.45
N VAL Q 303 49.89 -73.59 -10.24
CA VAL Q 303 50.37 -74.39 -9.13
C VAL Q 303 51.25 -73.50 -8.25
N ASP Q 304 51.16 -73.70 -6.93
CA ASP Q 304 52.02 -72.97 -6.00
C ASP Q 304 52.23 -73.80 -4.74
N PHE Q 305 53.43 -73.71 -4.17
CA PHE Q 305 53.86 -74.54 -3.06
C PHE Q 305 54.22 -73.73 -1.82
N ALA Q 306 54.89 -72.58 -2.01
CA ALA Q 306 55.25 -71.60 -0.97
C ALA Q 306 56.04 -72.20 0.19
N ALA Q 316 51.24 -80.99 -4.56
CA ALA Q 316 50.68 -80.63 -5.86
C ALA Q 316 49.43 -79.77 -5.68
N ILE Q 317 49.62 -78.60 -5.09
CA ILE Q 317 48.54 -77.67 -4.82
C ILE Q 317 48.29 -76.85 -6.08
N ILE Q 318 47.15 -77.08 -6.74
CA ILE Q 318 46.92 -76.61 -8.09
C ILE Q 318 45.59 -75.86 -8.17
N ASP Q 319 45.30 -75.34 -9.36
CA ASP Q 319 44.04 -74.65 -9.64
C ASP Q 319 43.66 -74.97 -11.08
N ILE Q 320 42.62 -75.78 -11.25
CA ILE Q 320 42.06 -76.14 -12.55
C ILE Q 320 41.10 -75.00 -12.90
N LYS Q 321 40.62 -74.96 -14.15
CA LYS Q 321 39.59 -73.99 -14.53
C LYS Q 321 38.30 -74.29 -13.80
N GLY Q 322 38.00 -73.48 -12.79
CA GLY Q 322 36.76 -73.58 -12.05
C GLY Q 322 36.87 -74.20 -10.67
N ASN Q 323 38.00 -74.83 -10.36
CA ASN Q 323 38.17 -75.52 -9.08
C ASN Q 323 39.64 -75.75 -8.80
N TRP Q 324 39.96 -75.98 -7.53
CA TRP Q 324 41.33 -76.15 -7.08
C TRP Q 324 41.40 -77.41 -6.24
N SER Q 325 42.61 -77.81 -5.87
CA SER Q 325 42.80 -79.00 -5.05
C SER Q 325 44.13 -78.93 -4.32
N ILE Q 326 44.31 -79.86 -3.39
CA ILE Q 326 45.57 -80.04 -2.67
C ILE Q 326 46.11 -81.42 -3.02
N GLY Q 327 47.24 -81.47 -3.71
CA GLY Q 327 47.82 -82.73 -4.11
C GLY Q 327 49.07 -83.07 -3.32
N ARG Q 328 49.42 -84.35 -3.26
CA ARG Q 328 50.51 -84.81 -2.40
C ARG Q 328 51.84 -84.65 -3.13
N ILE Q 329 52.71 -83.82 -2.57
CA ILE Q 329 54.09 -83.74 -3.02
C ILE Q 329 54.81 -84.97 -2.47
N PRO Q 330 55.51 -85.73 -3.30
CA PRO Q 330 56.14 -86.97 -2.81
C PRO Q 330 57.57 -86.74 -2.35
N LYS Q 331 58.00 -87.62 -1.45
CA LYS Q 331 59.42 -87.81 -1.18
C LYS Q 331 59.98 -89.04 -1.85
N ASN Q 332 59.12 -89.89 -2.43
CA ASN Q 332 59.52 -91.14 -3.05
C ASN Q 332 59.37 -91.02 -4.55
N PHE Q 333 60.47 -91.22 -5.28
CA PHE Q 333 60.42 -91.35 -6.72
C PHE Q 333 60.51 -92.81 -7.17
N ASN Q 334 60.84 -93.72 -6.25
CA ASN Q 334 60.84 -95.16 -6.54
C ASN Q 334 59.50 -95.71 -6.08
N ASN Q 335 58.47 -95.38 -6.83
CA ASN Q 335 57.15 -95.89 -6.54
C ASN Q 335 56.87 -97.07 -7.45
N LEU Q 343 49.15 -87.47 -4.89
CA LEU Q 343 47.72 -87.61 -5.13
C LEU Q 343 46.91 -86.55 -4.37
N ILE Q 344 45.67 -86.36 -4.78
CA ILE Q 344 44.84 -85.24 -4.36
C ILE Q 344 44.24 -85.54 -2.98
N ASP Q 345 44.39 -84.60 -2.06
CA ASP Q 345 43.74 -84.71 -0.76
C ASP Q 345 42.24 -84.45 -0.90
N ASN Q 346 41.47 -84.95 0.05
CA ASN Q 346 40.01 -84.90 0.01
C ASN Q 346 39.44 -83.51 0.24
N LEU Q 347 40.25 -82.52 0.61
CA LEU Q 347 39.79 -81.16 0.83
C LEU Q 347 40.13 -80.30 -0.37
N HIS Q 348 39.16 -79.57 -0.87
CA HIS Q 348 39.30 -78.77 -2.09
C HIS Q 348 38.17 -77.75 -2.10
N GLY Q 349 38.01 -77.07 -3.23
CA GLY Q 349 36.84 -76.26 -3.46
C GLY Q 349 36.67 -76.01 -4.94
N THR Q 350 35.57 -75.34 -5.28
CA THR Q 350 35.38 -74.89 -6.65
C THR Q 350 35.10 -73.39 -6.66
N ILE Q 351 35.52 -72.75 -7.74
CA ILE Q 351 35.55 -71.30 -7.82
C ILE Q 351 34.87 -70.84 -9.09
N PHE Q 352 34.10 -71.74 -9.71
CA PHE Q 352 33.67 -71.54 -11.10
C PHE Q 352 32.62 -70.45 -11.17
N ASP Q 353 33.08 -69.25 -11.51
CA ASP Q 353 32.19 -68.12 -11.72
C ASP Q 353 31.43 -68.32 -13.02
N PRO Q 354 30.09 -68.27 -12.99
CA PRO Q 354 29.31 -68.57 -14.21
C PRO Q 354 29.41 -67.50 -15.27
N GLU Q 355 29.84 -66.29 -14.91
CA GLU Q 355 29.95 -65.19 -15.84
C GLU Q 355 31.41 -64.80 -16.08
N GLU Q 356 32.32 -65.76 -15.91
CA GLU Q 356 33.74 -65.55 -16.14
C GLU Q 356 34.07 -66.19 -17.48
N LEU Q 357 34.06 -65.38 -18.54
CA LEU Q 357 34.30 -65.91 -19.87
C LEU Q 357 35.78 -66.18 -20.14
N SER Q 358 36.68 -65.55 -19.41
CA SER Q 358 38.09 -65.72 -19.67
C SER Q 358 38.59 -67.05 -19.10
N SER Q 359 39.88 -67.32 -19.30
CA SER Q 359 40.52 -68.52 -18.80
C SER Q 359 41.71 -68.20 -17.90
N TRP Q 360 41.58 -67.17 -17.07
CA TRP Q 360 42.65 -66.76 -16.18
C TRP Q 360 42.34 -67.13 -14.74
N LYS Q 361 43.30 -67.81 -14.09
CA LYS Q 361 43.24 -68.09 -12.68
C LYS Q 361 44.60 -67.73 -12.07
N ARG Q 362 44.68 -67.77 -10.74
CA ARG Q 362 45.90 -67.53 -9.98
C ARG Q 362 45.63 -67.93 -8.54
N ILE Q 363 46.58 -68.65 -7.92
CA ILE Q 363 46.48 -69.03 -6.51
C ILE Q 363 47.82 -68.84 -5.82
N GLU Q 364 47.75 -68.42 -4.56
CA GLU Q 364 48.90 -68.27 -3.66
C GLU Q 364 48.46 -68.54 -2.24
N TRP Q 365 49.38 -69.08 -1.43
CA TRP Q 365 49.15 -69.17 0.00
C TRP Q 365 49.37 -67.79 0.61
N PHE Q 366 48.60 -67.48 1.64
CA PHE Q 366 48.67 -66.17 2.29
C PHE Q 366 49.35 -66.34 3.65
N SER Q 367 50.65 -66.01 3.68
CA SER Q 367 51.49 -66.00 4.90
C SER Q 367 51.51 -67.36 5.59
N HIS Q 368 51.49 -68.44 4.78
CA HIS Q 368 51.73 -69.83 5.16
C HIS Q 368 50.64 -70.41 6.07
N PHE Q 369 49.65 -69.61 6.46
CA PHE Q 369 48.70 -69.95 7.52
C PHE Q 369 47.49 -70.68 6.94
N GLN Q 370 47.75 -71.49 5.92
CA GLN Q 370 46.80 -72.42 5.31
C GLN Q 370 45.60 -71.70 4.72
N LYS Q 371 45.83 -70.49 4.25
CA LYS Q 371 44.80 -69.64 3.65
C LYS Q 371 45.25 -69.31 2.24
N ILE Q 372 44.50 -69.78 1.26
CA ILE Q 372 44.86 -69.58 -0.15
C ILE Q 372 44.10 -68.39 -0.68
N LEU Q 373 44.76 -67.60 -1.53
CA LEU Q 373 44.14 -66.49 -2.23
C LEU Q 373 43.90 -66.92 -3.68
N VAL Q 374 42.63 -67.02 -4.06
CA VAL Q 374 42.26 -67.59 -5.34
C VAL Q 374 41.72 -66.47 -6.21
N PHE Q 375 42.22 -66.38 -7.44
CA PHE Q 375 42.00 -65.24 -8.30
C PHE Q 375 41.29 -65.66 -9.58
N ASP Q 376 40.85 -64.64 -10.31
CA ASP Q 376 40.60 -64.70 -11.74
C ASP Q 376 40.88 -63.29 -12.26
N ARG Q 377 40.33 -62.96 -13.43
CA ARG Q 377 40.42 -61.59 -13.86
C ARG Q 377 39.46 -60.66 -13.10
N SER Q 378 38.47 -61.21 -12.39
CA SER Q 378 37.41 -60.41 -11.79
C SER Q 378 37.43 -60.33 -10.27
N LYS Q 379 37.71 -61.41 -9.55
CA LYS Q 379 37.58 -61.32 -8.09
C LYS Q 379 38.66 -62.15 -7.42
N MET Q 380 38.86 -61.88 -6.13
CA MET Q 380 39.77 -62.67 -5.30
C MET Q 380 38.97 -63.41 -4.25
N ILE Q 381 39.13 -64.72 -4.20
CA ILE Q 381 38.46 -65.58 -3.24
C ILE Q 381 39.50 -66.05 -2.24
N GLU Q 382 39.30 -65.74 -0.96
CA GLU Q 382 40.19 -66.24 0.07
C GLU Q 382 39.56 -67.44 0.76
N ILE Q 383 40.30 -68.54 0.81
CA ILE Q 383 39.83 -69.79 1.39
C ILE Q 383 40.87 -70.29 2.37
N ASP Q 384 40.51 -70.37 3.64
CA ASP Q 384 41.23 -71.23 4.56
C ASP Q 384 40.76 -72.65 4.29
N PHE Q 385 41.67 -73.50 3.82
CA PHE Q 385 41.30 -74.90 3.67
C PHE Q 385 41.41 -75.66 4.98
N MET Q 386 42.02 -75.06 6.00
CA MET Q 386 42.13 -75.69 7.31
C MET Q 386 40.77 -75.78 7.99
N ASN Q 387 39.96 -74.73 7.87
CA ASN Q 387 38.60 -74.70 8.40
C ASN Q 387 37.60 -74.48 7.27
N ASN Q 388 36.34 -74.23 7.64
CA ASN Q 388 35.31 -73.85 6.68
C ASN Q 388 35.24 -72.32 6.65
N TRP Q 389 36.25 -71.72 6.02
CA TRP Q 389 36.42 -70.28 6.05
C TRP Q 389 36.67 -69.77 4.64
N GLN Q 390 35.66 -69.14 4.05
CA GLN Q 390 35.76 -68.56 2.71
C GLN Q 390 35.19 -67.16 2.74
N THR Q 391 35.89 -66.21 2.13
CA THR Q 391 35.40 -64.85 2.04
C THR Q 391 35.96 -64.18 0.79
N GLU Q 392 35.08 -63.60 -0.02
CA GLU Q 392 35.46 -62.83 -1.20
C GLU Q 392 35.78 -61.39 -0.80
N VAL Q 393 36.88 -60.86 -1.33
CA VAL Q 393 37.38 -59.54 -0.95
C VAL Q 393 37.31 -58.56 -2.12
N VAL Q 394 38.00 -58.86 -3.20
CA VAL Q 394 38.03 -57.99 -4.37
C VAL Q 394 36.76 -58.24 -5.18
N GLN Q 395 36.20 -57.16 -5.72
CA GLN Q 395 35.18 -57.28 -6.77
C GLN Q 395 35.53 -56.25 -7.84
N ALA Q 396 35.95 -56.75 -9.00
CA ALA Q 396 36.56 -55.95 -10.05
C ALA Q 396 35.89 -56.28 -11.38
N LYS Q 397 34.57 -56.10 -11.44
CA LYS Q 397 33.88 -56.24 -12.70
C LYS Q 397 33.56 -54.91 -13.38
N ALA Q 398 33.57 -53.81 -12.65
CA ALA Q 398 32.98 -52.58 -13.19
C ALA Q 398 33.94 -51.79 -14.08
N TRP Q 399 35.06 -51.30 -13.53
CA TRP Q 399 35.96 -50.46 -14.31
C TRP Q 399 37.41 -50.89 -14.27
N SER Q 400 37.73 -52.00 -13.60
CA SER Q 400 39.08 -52.54 -13.62
C SER Q 400 38.96 -54.04 -13.48
N ASN Q 401 39.96 -54.76 -13.97
CA ASN Q 401 39.96 -56.21 -13.88
C ASN Q 401 41.37 -56.69 -13.56
N ILE Q 402 41.44 -57.81 -12.85
CA ILE Q 402 42.71 -58.30 -12.33
C ILE Q 402 43.55 -58.83 -13.46
N ARG Q 403 44.81 -58.42 -13.53
CA ARG Q 403 45.72 -58.88 -14.57
C ARG Q 403 46.79 -59.81 -14.03
N ASP Q 404 47.58 -59.37 -13.07
CA ASP Q 404 48.73 -60.15 -12.64
C ASP Q 404 48.85 -60.02 -11.14
N TYR Q 405 49.45 -61.04 -10.52
CA TYR Q 405 49.57 -61.10 -9.06
C TYR Q 405 50.85 -61.88 -8.74
N LYS Q 406 51.92 -61.14 -8.48
CA LYS Q 406 53.17 -61.76 -8.07
C LYS Q 406 53.30 -61.67 -6.56
N ARG Q 407 53.35 -62.84 -5.92
CA ARG Q 407 53.59 -62.92 -4.48
C ARG Q 407 55.04 -62.58 -4.22
N ILE Q 408 55.26 -61.42 -3.60
CA ILE Q 408 56.59 -61.04 -3.16
C ILE Q 408 57.07 -62.04 -2.12
N ASP Q 409 58.38 -62.34 -2.14
CA ASP Q 409 58.97 -63.31 -1.21
C ASP Q 409 58.78 -62.89 0.25
N ASP Q 410 58.61 -61.60 0.51
CA ASP Q 410 58.11 -61.13 1.79
C ASP Q 410 56.75 -61.74 2.06
N LYS Q 411 56.66 -62.49 3.15
CA LYS Q 411 55.43 -63.20 3.48
C LYS Q 411 54.37 -62.31 4.09
N ASN Q 412 54.70 -61.05 4.41
CA ASN Q 412 53.70 -60.03 4.69
C ASN Q 412 53.40 -59.17 3.47
N GLY Q 413 54.39 -58.42 2.98
CA GLY Q 413 54.16 -57.53 1.87
C GLY Q 413 54.02 -58.26 0.55
N ILE Q 414 52.84 -58.16 -0.07
CA ILE Q 414 52.51 -58.88 -1.30
C ILE Q 414 51.94 -57.87 -2.29
N LEU Q 415 52.09 -58.14 -3.59
CA LEU Q 415 51.66 -57.20 -4.62
C LEU Q 415 50.62 -57.82 -5.56
N LEU Q 416 49.65 -56.99 -5.97
CA LEU Q 416 48.55 -57.32 -6.87
C LEU Q 416 48.45 -56.26 -7.97
N THR Q 417 48.20 -56.69 -9.20
CA THR Q 417 48.09 -55.76 -10.32
C THR Q 417 46.82 -56.04 -11.09
N SER Q 418 45.83 -55.18 -10.91
CA SER Q 418 44.72 -55.05 -11.82
C SER Q 418 45.08 -54.08 -12.93
N ARG Q 419 44.16 -53.88 -13.86
CA ARG Q 419 44.38 -52.81 -14.82
C ARG Q 419 44.06 -51.49 -14.15
N GLU Q 420 44.69 -50.43 -14.66
CA GLU Q 420 44.61 -49.03 -14.22
C GLU Q 420 45.16 -48.74 -12.83
N ILE Q 421 45.60 -49.73 -12.06
CA ILE Q 421 46.07 -49.46 -10.71
C ILE Q 421 47.06 -50.54 -10.28
N ILE Q 422 48.09 -50.12 -9.54
CA ILE Q 422 49.05 -51.00 -8.87
C ILE Q 422 48.65 -51.09 -7.41
N ILE Q 423 48.47 -52.31 -6.89
CA ILE Q 423 48.07 -52.52 -5.51
C ILE Q 423 49.20 -53.24 -4.78
N VAL Q 424 49.52 -52.80 -3.57
CA VAL Q 424 50.64 -53.34 -2.80
C VAL Q 424 50.04 -54.02 -1.58
N GLY Q 425 48.92 -54.72 -1.76
CA GLY Q 425 48.19 -55.34 -0.68
C GLY Q 425 48.94 -56.38 0.14
N ALA Q 426 49.32 -56.00 1.36
CA ALA Q 426 50.20 -56.76 2.22
C ALA Q 426 49.39 -57.68 3.12
N SER Q 427 50.04 -58.22 4.15
CA SER Q 427 49.36 -59.00 5.19
C SER Q 427 49.15 -58.15 6.43
N GLU Q 428 48.00 -58.37 7.07
CA GLU Q 428 47.73 -57.69 8.33
C GLU Q 428 48.60 -58.30 9.42
N SER Q 429 49.04 -57.43 10.34
CA SER Q 429 49.99 -57.84 11.37
C SER Q 429 49.39 -58.83 12.34
N ASN Q 430 48.15 -58.59 12.76
CA ASN Q 430 47.56 -59.40 13.82
C ASN Q 430 46.71 -60.54 13.24
N ASP Q 431 45.69 -60.20 12.46
CA ASP Q 431 44.82 -61.22 11.90
C ASP Q 431 45.26 -61.52 10.48
N PRO Q 432 45.80 -62.71 10.19
CA PRO Q 432 46.31 -63.00 8.83
C PRO Q 432 45.18 -63.27 7.85
N VAL Q 433 44.48 -62.21 7.45
CA VAL Q 433 43.35 -62.39 6.56
C VAL Q 433 43.58 -61.67 5.22
N ARG Q 434 43.61 -60.33 5.22
CA ARG Q 434 44.11 -59.52 4.11
C ARG Q 434 44.31 -58.08 4.52
N ARG Q 435 45.49 -57.53 4.25
CA ARG Q 435 45.73 -56.11 4.35
C ARG Q 435 45.76 -55.50 2.96
N ILE Q 436 45.21 -54.31 2.83
CA ILE Q 436 45.33 -53.51 1.63
C ILE Q 436 45.91 -52.18 2.06
N SER Q 437 46.85 -51.66 1.29
CA SER Q 437 47.71 -50.58 1.76
C SER Q 437 47.86 -49.56 0.64
N TRP Q 438 48.90 -48.72 0.72
CA TRP Q 438 49.16 -47.68 -0.26
C TRP Q 438 49.30 -48.23 -1.66
N LYS Q 439 48.63 -47.58 -2.62
CA LYS Q 439 48.51 -48.12 -3.97
C LYS Q 439 48.54 -46.97 -4.98
N HIS Q 440 49.00 -47.29 -6.20
CA HIS Q 440 49.31 -46.31 -7.23
C HIS Q 440 48.55 -46.64 -8.51
N ASP Q 441 48.05 -45.62 -9.20
CA ASP Q 441 47.35 -45.88 -10.44
C ASP Q 441 48.32 -46.23 -11.56
N LEU Q 442 47.90 -47.19 -12.38
CA LEU Q 442 48.69 -47.70 -13.50
C LEU Q 442 48.24 -46.92 -14.72
N ASP Q 443 49.11 -46.02 -15.16
CA ASP Q 443 48.75 -45.07 -16.22
C ASP Q 443 48.44 -45.69 -17.58
N PRO Q 444 49.12 -46.76 -18.05
CA PRO Q 444 48.65 -47.41 -19.29
C PRO Q 444 47.28 -48.05 -19.17
N ASP Q 445 46.63 -48.18 -20.33
CA ASP Q 445 45.38 -48.93 -20.46
C ASP Q 445 45.58 -49.95 -21.56
N ASP Q 446 45.59 -51.23 -21.17
CA ASP Q 446 45.96 -52.32 -22.05
C ASP Q 446 45.08 -53.51 -21.71
N THR Q 447 45.25 -54.61 -22.43
CA THR Q 447 44.48 -55.83 -22.20
C THR Q 447 45.32 -57.07 -21.97
N THR Q 448 46.64 -56.99 -22.00
CA THR Q 448 47.52 -58.14 -21.81
C THR Q 448 48.63 -57.82 -20.81
N LEU Q 449 48.24 -57.23 -19.68
CA LEU Q 449 49.20 -56.73 -18.72
C LEU Q 449 49.79 -57.85 -17.86
N ARG Q 450 51.07 -57.67 -17.50
CA ARG Q 450 51.80 -58.57 -16.62
C ARG Q 450 52.63 -57.70 -15.68
N ILE Q 451 53.21 -58.33 -14.66
CA ILE Q 451 54.13 -57.63 -13.75
C ILE Q 451 55.11 -58.63 -13.17
N THR Q 452 56.32 -58.16 -12.88
CA THR Q 452 57.23 -58.85 -11.99
C THR Q 452 57.78 -57.86 -10.99
N VAL Q 453 58.05 -58.33 -9.77
CA VAL Q 453 58.40 -57.50 -8.62
C VAL Q 453 59.67 -58.06 -8.01
N GLN Q 454 60.64 -57.19 -7.73
CA GLN Q 454 61.93 -57.63 -7.19
C GLN Q 454 62.26 -56.86 -5.93
N LYS Q 455 62.60 -57.58 -4.86
CA LYS Q 455 62.87 -56.96 -3.58
C LYS Q 455 64.26 -56.34 -3.55
N VAL Q 456 64.37 -55.16 -2.95
CA VAL Q 456 65.64 -54.49 -2.73
C VAL Q 456 65.75 -54.13 -1.25
N LYS Q 457 66.71 -54.73 -0.56
CA LYS Q 457 66.87 -54.55 0.87
C LYS Q 457 68.04 -53.59 1.13
N LYS Q 458 67.77 -52.49 1.79
CA LYS Q 458 68.73 -51.45 2.13
C LYS Q 458 68.78 -51.34 3.65
N PRO Q 459 69.73 -50.59 4.26
CA PRO Q 459 69.74 -50.49 5.73
C PRO Q 459 68.50 -49.83 6.34
N ASP Q 460 68.04 -48.71 5.77
CA ASP Q 460 66.93 -48.00 6.38
C ASP Q 460 65.59 -48.68 6.12
N HIS Q 461 65.43 -49.32 4.97
CA HIS Q 461 64.11 -49.65 4.46
C HIS Q 461 64.21 -50.81 3.49
N ILE Q 462 63.06 -51.21 2.96
CA ILE Q 462 62.96 -52.14 1.85
C ILE Q 462 62.46 -51.32 0.66
N LEU Q 463 62.93 -51.66 -0.54
CA LEU Q 463 62.32 -51.14 -1.76
C LEU Q 463 61.62 -52.27 -2.49
N LEU Q 464 60.65 -51.89 -3.32
CA LEU Q 464 59.90 -52.86 -4.12
C LEU Q 464 59.62 -52.22 -5.47
N VAL Q 465 60.47 -52.50 -6.44
CA VAL Q 465 60.23 -52.04 -7.80
C VAL Q 465 59.16 -52.91 -8.45
N ALA Q 466 58.32 -52.28 -9.28
CA ALA Q 466 57.15 -52.92 -9.88
C ALA Q 466 57.25 -52.81 -11.39
N PHE Q 467 57.63 -53.91 -12.04
CA PHE Q 467 57.92 -53.91 -13.46
C PHE Q 467 56.69 -54.41 -14.21
N VAL Q 468 55.83 -53.52 -14.68
CA VAL Q 468 54.73 -53.90 -15.55
C VAL Q 468 55.22 -53.96 -17.00
N TYR Q 469 55.03 -55.11 -17.63
CA TYR Q 469 55.33 -55.31 -19.03
C TYR Q 469 54.08 -55.85 -19.73
N SER Q 470 54.16 -55.92 -21.06
CA SER Q 470 53.03 -56.36 -21.86
C SER Q 470 53.50 -57.23 -23.00
N MET Q 471 52.61 -58.11 -23.45
CA MET Q 471 52.94 -58.99 -24.57
C MET Q 471 53.05 -58.24 -25.88
N ARG Q 472 52.36 -57.12 -26.02
CA ARG Q 472 52.21 -56.50 -27.33
C ARG Q 472 53.20 -55.37 -27.57
N HIS Q 473 53.44 -54.50 -26.60
CA HIS Q 473 54.41 -53.44 -26.81
C HIS Q 473 55.68 -53.77 -26.05
N LYS Q 474 56.73 -53.01 -26.35
CA LYS Q 474 58.05 -53.32 -25.84
C LYS Q 474 58.40 -52.61 -24.55
N ARG Q 475 57.78 -51.48 -24.26
CA ARG Q 475 58.27 -50.55 -23.25
C ARG Q 475 57.91 -51.05 -21.85
N ILE Q 476 58.41 -50.33 -20.84
CA ILE Q 476 58.43 -50.80 -19.47
C ILE Q 476 58.03 -49.63 -18.57
N TYR Q 477 57.74 -49.92 -17.30
CA TYR Q 477 57.26 -48.94 -16.34
C TYR Q 477 57.55 -49.47 -14.94
N MET Q 478 58.14 -48.63 -14.08
CA MET Q 478 58.67 -49.13 -12.80
C MET Q 478 58.42 -48.16 -11.65
N HIS Q 479 58.20 -48.73 -10.46
CA HIS Q 479 57.81 -48.02 -9.24
C HIS Q 479 58.90 -48.10 -8.17
N VAL Q 480 58.60 -47.44 -7.05
CA VAL Q 480 59.42 -47.43 -5.83
C VAL Q 480 58.44 -47.44 -4.65
N PHE Q 481 58.58 -48.40 -3.75
CA PHE Q 481 57.82 -48.40 -2.51
C PHE Q 481 58.77 -48.62 -1.33
N SER Q 482 58.83 -47.64 -0.44
CA SER Q 482 59.79 -47.67 0.67
C SER Q 482 59.18 -48.35 1.89
N HIS Q 483 59.03 -49.68 1.77
CA HIS Q 483 58.40 -50.50 2.80
C HIS Q 483 59.27 -50.52 4.05
N ARG Q 484 58.93 -49.67 5.00
CA ARG Q 484 59.68 -49.53 6.23
C ARG Q 484 59.08 -50.45 7.28
N LYS Q 485 59.52 -50.27 8.53
CA LYS Q 485 59.38 -51.31 9.55
C LYS Q 485 58.00 -51.30 10.20
N ALA Q 486 57.44 -50.12 10.45
CA ALA Q 486 56.25 -49.97 11.29
C ALA Q 486 54.97 -49.95 10.48
N ASN Q 487 54.93 -50.73 9.38
CA ASN Q 487 53.82 -50.81 8.43
C ASN Q 487 53.51 -49.46 7.78
N LEU Q 488 54.50 -48.58 7.76
CA LEU Q 488 54.41 -47.28 7.12
C LEU Q 488 55.27 -47.32 5.89
N PHE Q 489 54.68 -46.99 4.74
CA PHE Q 489 55.49 -46.86 3.54
C PHE Q 489 54.91 -45.83 2.62
N GLN Q 490 55.67 -45.53 1.58
CA GLN Q 490 55.49 -44.33 0.78
C GLN Q 490 55.65 -44.74 -0.67
N SER Q 491 55.85 -43.73 -1.52
CA SER Q 491 56.38 -43.95 -2.85
C SER Q 491 57.16 -42.71 -3.23
N LEU Q 492 57.86 -42.80 -4.35
CA LEU Q 492 58.67 -41.69 -4.84
C LEU Q 492 58.31 -41.26 -6.25
N GLY Q 493 57.74 -42.15 -7.07
CA GLY Q 493 57.36 -41.79 -8.41
C GLY Q 493 57.26 -42.98 -9.35
N CYS Q 494 57.61 -42.76 -10.62
CA CYS Q 494 57.60 -43.81 -11.63
C CYS Q 494 58.50 -43.39 -12.78
N SER Q 495 59.16 -44.38 -13.41
CA SER Q 495 60.06 -44.12 -14.51
C SER Q 495 59.96 -45.23 -15.55
N THR Q 496 60.64 -45.04 -16.68
CA THR Q 496 60.53 -45.92 -17.83
C THR Q 496 61.79 -45.81 -18.68
N VAL Q 497 62.19 -46.93 -19.31
CA VAL Q 497 63.40 -46.98 -20.13
C VAL Q 497 63.14 -47.66 -21.47
N LEU Q 498 64.21 -47.89 -22.25
CA LEU Q 498 64.15 -48.35 -23.65
C LEU Q 498 64.57 -49.81 -23.80
N GLU Q 499 64.48 -50.31 -25.02
CA GLU Q 499 64.48 -51.74 -25.32
C GLU Q 499 65.24 -52.01 -26.63
N ILE Q 500 64.99 -53.20 -27.19
CA ILE Q 500 65.66 -53.76 -28.37
C ILE Q 500 64.71 -53.79 -29.57
N PRO Q 501 65.14 -53.43 -30.78
CA PRO Q 501 64.22 -53.33 -31.92
C PRO Q 501 63.70 -54.64 -32.51
N GLY Q 502 64.06 -55.82 -31.98
CA GLY Q 502 63.49 -57.04 -32.50
C GLY Q 502 62.81 -57.93 -31.47
N GLY Q 503 61.47 -58.03 -31.53
CA GLY Q 503 60.71 -58.86 -30.60
C GLY Q 503 59.80 -58.02 -29.71
N THR Q 504 59.03 -58.73 -28.86
CA THR Q 504 58.08 -58.16 -27.89
C THR Q 504 58.17 -58.97 -26.60
N PRO Q 505 58.13 -58.34 -25.42
CA PRO Q 505 58.40 -59.06 -24.18
C PRO Q 505 57.26 -59.98 -23.76
N THR Q 506 57.63 -61.12 -23.19
CA THR Q 506 56.66 -62.05 -22.61
C THR Q 506 57.02 -62.53 -21.21
N GLY Q 507 58.27 -62.40 -20.78
CA GLY Q 507 58.63 -62.73 -19.41
C GLY Q 507 59.93 -62.08 -18.98
N ILE Q 508 59.87 -61.35 -17.87
CA ILE Q 508 61.04 -60.72 -17.27
C ILE Q 508 61.33 -61.45 -15.98
N GLU Q 509 62.58 -61.82 -15.77
CA GLU Q 509 62.91 -62.66 -14.64
C GLU Q 509 64.02 -62.01 -13.81
N THR Q 510 63.79 -61.95 -12.50
CA THR Q 510 64.61 -61.20 -11.57
C THR Q 510 65.71 -62.07 -10.96
N ILE Q 511 66.71 -61.39 -10.39
CA ILE Q 511 67.86 -62.04 -9.77
C ILE Q 511 68.01 -61.46 -8.37
N LEU Q 512 67.99 -62.33 -7.36
CA LEU Q 512 68.07 -61.89 -5.96
C LEU Q 512 69.42 -61.27 -5.62
N THR Q 513 70.48 -61.64 -6.35
CA THR Q 513 71.86 -61.17 -6.16
C THR Q 513 72.33 -61.45 -4.72
N LEU Q 514 72.15 -62.71 -4.31
CA LEU Q 514 72.73 -63.34 -3.11
C LEU Q 514 72.18 -62.79 -1.79
N ASP Q 515 71.38 -61.74 -1.83
CA ASP Q 515 71.03 -61.00 -0.63
C ASP Q 515 69.51 -60.96 -0.45
N PHE Q 531 71.17 -42.14 -4.79
CA PHE Q 531 71.65 -43.03 -3.74
C PHE Q 531 71.95 -44.42 -4.31
N GLU Q 532 72.16 -44.45 -5.63
CA GLU Q 532 72.58 -45.59 -6.45
C GLU Q 532 71.78 -46.87 -6.15
N LEU Q 533 70.52 -46.82 -6.53
CA LEU Q 533 69.72 -48.03 -6.59
C LEU Q 533 70.22 -48.93 -7.72
N VAL Q 534 70.42 -50.21 -7.39
CA VAL Q 534 70.84 -51.20 -8.36
C VAL Q 534 69.83 -52.34 -8.37
N VAL Q 535 69.71 -52.98 -9.54
CA VAL Q 535 68.73 -54.04 -9.74
C VAL Q 535 69.17 -54.81 -10.98
N ASP Q 536 68.66 -56.03 -11.13
CA ASP Q 536 69.07 -56.87 -12.24
C ASP Q 536 67.94 -57.81 -12.62
N PHE Q 537 67.82 -58.07 -13.92
CA PHE Q 537 66.71 -58.84 -14.45
C PHE Q 537 67.08 -59.38 -15.82
N LEU Q 538 66.46 -60.51 -16.17
CA LEU Q 538 66.67 -61.14 -17.46
C LEU Q 538 65.32 -61.30 -18.15
N VAL Q 539 65.30 -61.03 -19.45
CA VAL Q 539 64.06 -60.86 -20.20
C VAL Q 539 63.85 -62.06 -21.10
N LYS Q 540 62.60 -62.29 -21.49
CA LYS Q 540 62.25 -63.23 -22.54
C LYS Q 540 61.32 -62.54 -23.51
N LEU Q 541 61.66 -62.58 -24.79
CA LEU Q 541 60.88 -61.89 -25.79
C LEU Q 541 60.04 -62.89 -26.58
N ARG Q 542 58.85 -62.45 -27.00
CA ARG Q 542 58.04 -63.22 -27.93
C ARG Q 542 58.55 -63.01 -29.34
N ASN Q 543 58.63 -64.13 -30.10
CA ASN Q 543 59.18 -64.17 -31.46
C ASN Q 543 60.61 -63.62 -31.51
N SER Q 544 61.37 -63.92 -30.47
CA SER Q 544 62.81 -63.65 -30.40
C SER Q 544 63.37 -64.55 -29.32
N SER Q 545 64.23 -65.48 -29.69
CA SER Q 545 64.68 -66.54 -28.80
C SER Q 545 66.06 -66.27 -28.22
N GLU Q 546 66.35 -65.01 -27.90
CA GLU Q 546 67.63 -64.61 -27.34
C GLU Q 546 67.43 -64.04 -25.94
N VAL Q 547 67.44 -64.92 -24.94
CA VAL Q 547 67.27 -64.53 -23.54
C VAL Q 547 68.51 -63.78 -23.08
N TYR Q 548 68.39 -62.47 -22.93
CA TYR Q 548 69.51 -61.63 -22.55
C TYR Q 548 69.52 -61.41 -21.04
N TYR Q 549 70.30 -60.43 -20.61
CA TYR Q 549 70.46 -60.08 -19.20
C TYR Q 549 70.47 -58.56 -19.11
N TYR Q 550 69.98 -58.03 -17.99
CA TYR Q 550 70.09 -56.61 -17.75
C TYR Q 550 70.42 -56.36 -16.30
N ALA Q 551 71.08 -55.23 -16.05
CA ALA Q 551 71.36 -54.76 -14.70
C ALA Q 551 71.20 -53.25 -14.72
N LEU Q 552 70.01 -52.78 -14.37
CA LEU Q 552 69.75 -51.36 -14.33
C LEU Q 552 70.29 -50.76 -13.03
N SER Q 553 70.94 -49.61 -13.15
CA SER Q 553 71.45 -48.88 -12.01
C SER Q 553 71.29 -47.40 -12.26
N ASN Q 554 71.64 -46.62 -11.24
CA ASN Q 554 71.41 -45.17 -11.28
C ASN Q 554 72.37 -44.49 -12.24
N THR Q 555 73.67 -44.68 -12.04
CA THR Q 555 74.67 -43.97 -12.82
C THR Q 555 74.81 -44.52 -14.24
N VAL Q 569 66.41 -53.57 -39.95
CA VAL Q 569 66.07 -54.93 -39.55
C VAL Q 569 65.56 -55.71 -40.76
N ASP Q 570 66.44 -56.47 -41.41
CA ASP Q 570 66.08 -57.25 -42.59
C ASP Q 570 65.16 -58.39 -42.18
N HIS Q 571 63.88 -58.25 -42.48
CA HIS Q 571 62.89 -59.23 -42.10
C HIS Q 571 62.97 -60.47 -42.99
N PRO Q 572 62.40 -61.60 -42.57
CA PRO Q 572 62.33 -62.76 -43.45
C PRO Q 572 61.42 -62.61 -44.67
N GLU Q 573 60.65 -61.51 -44.77
CA GLU Q 573 59.91 -61.21 -45.99
C GLU Q 573 60.77 -60.53 -47.05
N TRP Q 574 62.09 -60.45 -46.86
CA TRP Q 574 62.95 -59.77 -47.81
C TRP Q 574 63.97 -60.67 -48.49
N ALA Q 575 64.39 -61.76 -47.85
CA ALA Q 575 65.27 -62.71 -48.49
C ALA Q 575 64.53 -63.71 -49.36
N SER Q 576 63.23 -63.86 -49.15
CA SER Q 576 62.40 -64.76 -49.95
C SER Q 576 61.95 -64.14 -51.26
N LEU Q 577 62.11 -62.82 -51.42
CA LEU Q 577 61.69 -62.14 -52.64
C LEU Q 577 62.84 -61.95 -53.63
N PHE Q 578 64.03 -61.62 -53.13
CA PHE Q 578 65.19 -61.37 -53.97
C PHE Q 578 66.20 -62.50 -53.85
N ASN Q 579 67.24 -62.42 -54.68
CA ASN Q 579 68.44 -63.26 -54.65
C ASN Q 579 68.10 -64.75 -54.82
N ASN Q 580 67.56 -65.06 -55.99
CA ASN Q 580 67.24 -66.44 -56.30
C ASN Q 580 68.51 -67.23 -56.60
N ALA Q 581 68.41 -68.55 -56.43
CA ALA Q 581 69.54 -69.45 -56.60
C ALA Q 581 69.34 -70.42 -57.77
N ASP Q 582 68.60 -69.99 -58.78
CA ASP Q 582 68.48 -70.78 -60.00
C ASP Q 582 69.78 -70.62 -60.79
N GLU Q 583 70.43 -71.74 -61.11
CA GLU Q 583 71.63 -71.70 -61.94
C GLU Q 583 71.31 -71.30 -63.38
N ARG Q 584 70.07 -71.53 -63.82
CA ARG Q 584 69.69 -71.19 -65.19
C ARG Q 584 69.58 -69.68 -65.38
N GLU Q 585 68.80 -69.01 -64.53
CA GLU Q 585 68.67 -67.57 -64.57
C GLU Q 585 69.64 -66.88 -63.61
N LYS Q 586 70.74 -67.55 -63.29
CA LYS Q 586 71.83 -66.90 -62.54
C LYS Q 586 72.50 -65.83 -63.37
N GLU Q 587 72.50 -65.99 -64.69
CA GLU Q 587 73.24 -65.13 -65.59
C GLU Q 587 72.36 -64.39 -66.59
N SER Q 588 71.09 -64.77 -66.74
CA SER Q 588 70.21 -64.09 -67.68
C SER Q 588 69.89 -62.68 -67.22
N ILE Q 589 69.79 -62.49 -65.90
CA ILE Q 589 69.73 -61.14 -65.37
C ILE Q 589 71.10 -60.48 -65.49
N GLY Q 590 72.17 -61.28 -65.42
CA GLY Q 590 73.53 -60.79 -65.44
C GLY Q 590 73.95 -60.11 -66.73
N ALA Q 591 73.26 -60.38 -67.84
CA ALA Q 591 73.50 -59.61 -69.05
C ALA Q 591 72.90 -58.22 -68.95
N LEU Q 592 71.76 -58.10 -68.27
CA LEU Q 592 71.23 -56.77 -67.94
C LEU Q 592 72.12 -56.08 -66.94
N VAL Q 593 72.78 -56.84 -66.07
CA VAL Q 593 73.77 -56.27 -65.17
C VAL Q 593 74.95 -55.73 -65.97
N SER Q 594 75.42 -56.50 -66.94
CA SER Q 594 76.48 -56.02 -67.82
C SER Q 594 75.97 -55.10 -68.91
N GLN Q 595 74.65 -54.96 -69.05
CA GLN Q 595 74.10 -53.96 -69.98
C GLN Q 595 74.47 -52.55 -69.56
N ILE Q 596 74.38 -52.27 -68.26
CA ILE Q 596 74.79 -50.96 -67.79
C ILE Q 596 76.31 -50.90 -67.55
N LYS Q 597 76.97 -52.05 -67.37
CA LYS Q 597 78.43 -52.05 -67.39
C LYS Q 597 78.95 -51.67 -68.77
N LEU Q 598 78.21 -52.05 -69.81
CA LEU Q 598 78.44 -51.50 -71.13
C LEU Q 598 78.09 -50.02 -71.19
N LYS Q 599 76.86 -49.69 -70.78
CA LYS Q 599 76.27 -48.42 -71.20
C LYS Q 599 76.75 -47.25 -70.36
N GLU Q 600 77.18 -47.49 -69.12
CA GLU Q 600 77.75 -46.41 -68.32
C GLU Q 600 79.11 -46.00 -68.86
N ARG Q 601 79.96 -46.97 -69.16
CA ARG Q 601 81.25 -46.65 -69.74
C ARG Q 601 81.14 -46.26 -71.20
N GLU Q 602 80.02 -46.60 -71.84
CA GLU Q 602 79.64 -45.95 -73.09
C GLU Q 602 79.38 -44.47 -72.85
N ARG Q 603 78.75 -44.14 -71.74
CA ARG Q 603 78.40 -42.77 -71.42
C ARG Q 603 79.45 -42.07 -70.55
N ILE Q 604 80.51 -42.77 -70.14
CA ILE Q 604 81.61 -42.06 -69.50
C ILE Q 604 82.44 -41.32 -70.52
N SER Q 605 82.27 -41.65 -71.81
CA SER Q 605 82.98 -41.01 -72.90
C SER Q 605 82.07 -40.16 -73.78
N ARG Q 606 80.79 -40.51 -73.88
CA ARG Q 606 79.87 -39.73 -74.70
C ARG Q 606 79.60 -38.38 -74.06
N VAL Q 607 79.56 -38.35 -72.73
CA VAL Q 607 79.52 -37.08 -72.02
C VAL Q 607 80.88 -36.39 -72.14
N GLN Q 608 81.96 -37.17 -72.14
CA GLN Q 608 83.31 -36.64 -72.25
C GLN Q 608 83.60 -36.05 -73.63
N ASN Q 609 82.76 -36.34 -74.63
CA ASN Q 609 82.78 -35.58 -75.88
C ASN Q 609 82.45 -34.11 -75.64
N LEU Q 610 81.62 -33.83 -74.64
CA LEU Q 610 81.27 -32.45 -74.30
C LEU Q 610 82.24 -31.82 -73.33
N ILE Q 611 82.99 -32.64 -72.58
CA ILE Q 611 83.78 -32.14 -71.44
C ILE Q 611 85.00 -31.38 -71.94
N GLU Q 612 85.65 -31.90 -73.00
CA GLU Q 612 86.84 -31.26 -73.54
C GLU Q 612 86.53 -29.92 -74.22
N HIS Q 613 85.26 -29.66 -74.53
CA HIS Q 613 84.87 -28.42 -75.18
C HIS Q 613 84.39 -27.44 -74.12
N GLU Q 614 85.07 -26.30 -74.02
CA GLU Q 614 84.82 -25.31 -72.98
C GLU Q 614 84.51 -23.99 -73.66
N ASN Q 615 83.22 -23.65 -73.72
CA ASN Q 615 82.70 -22.44 -74.39
C ASN Q 615 83.14 -22.38 -75.85
N SER Q 616 83.00 -23.50 -76.56
CA SER Q 616 83.49 -23.61 -77.93
C SER Q 616 82.55 -22.90 -78.89
N HIS Q 617 82.95 -22.88 -80.17
CA HIS Q 617 82.18 -22.22 -81.21
C HIS Q 617 81.41 -23.19 -82.09
N ASP Q 618 81.67 -24.49 -81.99
CA ASP Q 618 80.79 -25.47 -82.61
C ASP Q 618 79.56 -25.73 -81.74
N GLU Q 619 79.72 -25.63 -80.41
CA GLU Q 619 78.58 -25.65 -79.51
C GLU Q 619 77.91 -24.30 -79.40
N ASP Q 620 78.60 -23.22 -79.76
CA ASP Q 620 77.91 -21.96 -80.01
C ASP Q 620 77.17 -22.03 -81.34
N LYS Q 621 77.69 -22.80 -82.29
CA LYS Q 621 76.96 -23.06 -83.52
C LYS Q 621 75.76 -23.97 -83.26
N TYR Q 622 75.92 -24.95 -82.36
CA TYR Q 622 74.84 -25.91 -82.15
C TYR Q 622 73.67 -25.30 -81.39
N LEU Q 623 73.94 -24.35 -80.48
CA LEU Q 623 72.85 -23.73 -79.74
C LEU Q 623 71.96 -22.88 -80.64
N GLN Q 624 72.55 -22.21 -81.63
CA GLN Q 624 71.76 -21.50 -82.61
C GLN Q 624 71.21 -22.46 -83.66
N ASP Q 625 71.83 -23.63 -83.81
CA ASP Q 625 71.22 -24.72 -84.56
C ASP Q 625 70.07 -25.34 -83.78
N LEU Q 626 70.17 -25.36 -82.45
CA LEU Q 626 69.14 -25.97 -81.62
C LEU Q 626 67.87 -25.13 -81.62
N GLY Q 627 67.97 -23.87 -81.19
CA GLY Q 627 66.84 -22.97 -81.11
C GLY Q 627 66.24 -22.58 -82.45
N TYR Q 628 67.00 -22.76 -83.54
CA TYR Q 628 66.42 -22.70 -84.87
C TYR Q 628 65.36 -23.78 -85.03
N ARG Q 629 65.69 -25.00 -84.62
CA ARG Q 629 64.81 -26.15 -84.79
C ARG Q 629 63.64 -26.14 -83.82
N LEU Q 630 63.72 -25.35 -82.74
CA LEU Q 630 62.56 -25.18 -81.86
C LEU Q 630 61.51 -24.30 -82.51
N SER Q 631 61.94 -23.25 -83.22
CA SER Q 631 60.98 -22.37 -83.87
C SER Q 631 60.34 -23.02 -85.10
N ILE Q 632 60.90 -24.11 -85.61
CA ILE Q 632 60.36 -24.75 -86.80
C ILE Q 632 59.11 -25.55 -86.47
N ALA Q 633 59.26 -26.60 -85.66
CA ALA Q 633 58.18 -27.54 -85.42
C ALA Q 633 57.09 -26.98 -84.51
N THR Q 634 57.40 -25.93 -83.75
CA THR Q 634 56.39 -25.29 -82.92
C THR Q 634 55.39 -24.53 -83.79
N ASN Q 635 55.90 -23.71 -84.71
CA ASN Q 635 55.06 -22.85 -85.54
C ASN Q 635 54.15 -23.64 -86.49
N GLU Q 636 54.50 -24.89 -86.78
CA GLU Q 636 53.58 -25.76 -87.50
C GLU Q 636 52.36 -26.08 -86.66
N LEU Q 637 52.59 -26.59 -85.44
CA LEU Q 637 51.48 -27.05 -84.60
C LEU Q 637 50.66 -25.89 -84.04
N LEU Q 638 51.22 -24.68 -83.98
CA LEU Q 638 50.44 -23.51 -83.60
C LEU Q 638 49.33 -23.22 -84.59
N GLU Q 639 49.58 -23.45 -85.87
CA GLU Q 639 48.52 -23.33 -86.86
C GLU Q 639 47.66 -24.58 -86.91
N SER Q 640 48.22 -25.75 -86.57
CA SER Q 640 47.42 -26.95 -86.41
C SER Q 640 46.47 -26.83 -85.23
N TRP Q 641 46.87 -26.10 -84.19
CA TRP Q 641 45.96 -25.71 -83.13
C TRP Q 641 44.94 -24.67 -83.59
N GLN Q 642 45.29 -23.88 -84.61
CA GLN Q 642 44.40 -22.85 -85.10
C GLN Q 642 43.41 -23.36 -86.12
N LYS Q 643 43.84 -24.31 -86.97
CA LYS Q 643 42.92 -24.94 -87.92
C LYS Q 643 41.94 -25.85 -87.19
N THR Q 644 42.37 -26.50 -86.12
CA THR Q 644 41.53 -27.37 -85.32
C THR Q 644 41.05 -26.65 -84.07
N LYS Q 645 40.68 -25.38 -84.21
CA LYS Q 645 40.27 -24.59 -83.06
C LYS Q 645 38.90 -25.04 -82.55
N ASP Q 646 37.90 -25.04 -83.42
CA ASP Q 646 36.53 -25.37 -83.01
C ASP Q 646 36.40 -26.89 -82.90
N GLU Q 647 36.88 -27.42 -81.79
CA GLU Q 647 36.66 -28.82 -81.44
C GLU Q 647 35.63 -28.98 -80.34
N SER Q 648 35.85 -28.32 -79.19
CA SER Q 648 34.95 -28.30 -78.03
C SER Q 648 34.65 -29.71 -77.52
N ILE Q 649 35.72 -30.43 -77.21
CA ILE Q 649 35.61 -31.82 -76.79
C ILE Q 649 36.82 -32.20 -75.93
N HIS Q 656 50.46 -33.33 -76.61
CA HIS Q 656 49.85 -32.04 -76.36
C HIS Q 656 50.93 -31.03 -76.04
N SER Q 657 51.88 -31.45 -75.21
CA SER Q 657 53.02 -30.61 -74.85
C SER Q 657 54.20 -31.55 -74.55
N LYS Q 658 55.05 -31.75 -75.56
CA LYS Q 658 56.12 -32.74 -75.49
C LYS Q 658 57.51 -32.11 -75.48
N LEU Q 659 57.84 -31.33 -76.52
CA LEU Q 659 59.16 -30.74 -76.76
C LEU Q 659 60.27 -31.79 -76.68
N LYS Q 660 60.01 -32.95 -77.30
CA LYS Q 660 61.00 -34.01 -77.48
C LYS Q 660 60.95 -34.53 -78.92
N ASN Q 661 60.54 -33.67 -79.86
CA ASN Q 661 60.36 -34.11 -81.24
C ASN Q 661 61.69 -34.26 -81.97
N LEU Q 662 62.71 -33.50 -81.55
CA LEU Q 662 64.03 -33.62 -82.16
C LEU Q 662 64.70 -34.92 -81.70
N LEU Q 663 65.59 -35.43 -82.57
CA LEU Q 663 66.28 -36.68 -82.30
C LEU Q 663 67.75 -36.65 -82.67
N GLU Q 664 68.33 -35.46 -82.85
CA GLU Q 664 69.72 -35.30 -83.29
C GLU Q 664 70.72 -35.88 -82.31
N ASN Q 665 70.87 -35.24 -81.15
CA ASN Q 665 71.47 -35.89 -80.00
C ASN Q 665 70.61 -35.58 -78.79
N SER Q 666 70.14 -34.32 -78.72
CA SER Q 666 69.61 -33.66 -77.52
C SER Q 666 70.57 -33.75 -76.33
N ASP Q 667 71.87 -33.98 -76.57
CA ASP Q 667 72.81 -34.25 -75.49
C ASP Q 667 74.21 -33.72 -75.73
N SER Q 668 74.48 -33.06 -76.86
CA SER Q 668 75.84 -32.66 -77.21
C SER Q 668 76.15 -31.22 -76.81
N PHE Q 669 75.38 -30.67 -75.88
CA PHE Q 669 75.58 -29.30 -75.43
C PHE Q 669 75.28 -29.20 -73.95
N ALA Q 670 76.29 -28.89 -73.14
CA ALA Q 670 76.13 -28.67 -71.71
C ALA Q 670 76.71 -27.30 -71.36
N SER Q 671 75.87 -26.27 -71.42
CA SER Q 671 76.23 -24.95 -70.89
C SER Q 671 74.96 -24.39 -70.25
N ILE Q 672 74.87 -24.56 -68.93
CA ILE Q 672 73.66 -24.15 -68.20
C ILE Q 672 73.44 -22.64 -68.19
N PRO Q 673 74.42 -21.75 -67.92
CA PRO Q 673 74.11 -20.31 -67.90
C PRO Q 673 73.73 -19.71 -69.26
N GLU Q 674 74.02 -20.39 -70.37
CA GLU Q 674 73.62 -19.87 -71.66
C GLU Q 674 72.32 -20.50 -72.16
N PHE Q 675 72.00 -21.71 -71.66
CA PHE Q 675 70.79 -22.41 -72.11
C PHE Q 675 69.52 -21.71 -71.64
N SER Q 676 69.58 -20.98 -70.53
CA SER Q 676 68.43 -20.18 -70.10
C SER Q 676 68.22 -19.00 -71.03
N SER Q 677 69.31 -18.37 -71.48
CA SER Q 677 69.23 -17.29 -72.45
C SER Q 677 68.84 -17.79 -73.84
N LEU Q 678 68.96 -19.10 -74.10
CA LEU Q 678 68.32 -19.70 -75.26
C LEU Q 678 66.82 -19.80 -75.06
N LEU Q 679 66.38 -19.96 -73.82
CA LEU Q 679 64.98 -20.17 -73.54
C LEU Q 679 64.24 -18.88 -73.21
N ASP Q 680 64.96 -17.87 -72.69
CA ASP Q 680 64.40 -16.51 -72.65
C ASP Q 680 64.16 -15.99 -74.06
N GLN Q 681 65.09 -16.27 -74.98
CA GLN Q 681 64.91 -15.91 -76.38
C GLN Q 681 63.80 -16.75 -77.00
N PHE Q 682 63.65 -18.00 -76.57
CA PHE Q 682 62.53 -18.82 -77.00
C PHE Q 682 61.19 -18.32 -76.46
N PHE Q 683 61.22 -17.57 -75.35
CA PHE Q 683 60.00 -16.91 -74.89
C PHE Q 683 59.88 -15.51 -75.49
N GLN Q 684 61.01 -14.92 -75.87
CA GLN Q 684 60.98 -13.62 -76.54
C GLN Q 684 60.45 -13.74 -77.96
N TYR Q 685 60.74 -14.87 -78.62
CA TYR Q 685 60.24 -15.12 -79.97
C TYR Q 685 58.74 -15.42 -79.99
N TYR Q 686 58.14 -15.72 -78.85
CA TYR Q 686 56.70 -15.93 -78.75
C TYR Q 686 56.15 -14.96 -77.71
N GLN Q 687 55.86 -13.73 -78.17
CA GLN Q 687 55.25 -12.70 -77.37
C GLN Q 687 53.74 -12.63 -77.57
N ASP Q 688 53.26 -13.08 -78.72
CA ASP Q 688 51.84 -13.02 -79.06
C ASP Q 688 51.09 -14.18 -78.41
N GLN Q 689 49.84 -14.37 -78.80
CA GLN Q 689 49.01 -15.42 -78.23
C GLN Q 689 49.14 -16.69 -79.07
N ASP Q 690 48.24 -17.66 -78.80
CA ASP Q 690 48.13 -19.04 -79.31
C ASP Q 690 49.22 -19.94 -78.72
N VAL Q 691 50.17 -19.36 -78.00
CA VAL Q 691 51.20 -20.10 -77.29
C VAL Q 691 51.51 -19.37 -75.99
N THR Q 692 51.49 -20.11 -74.89
CA THR Q 692 51.94 -19.64 -73.60
C THR Q 692 52.86 -20.69 -73.01
N PHE Q 693 53.49 -20.34 -71.89
CA PHE Q 693 54.54 -21.14 -71.30
C PHE Q 693 54.34 -21.19 -69.79
N ILE Q 694 55.26 -21.85 -69.10
CA ILE Q 694 55.34 -21.74 -67.65
C ILE Q 694 56.67 -21.13 -67.27
N GLY Q 695 56.76 -20.67 -66.04
CA GLY Q 695 58.02 -20.18 -65.52
C GLY Q 695 58.94 -21.31 -65.11
N PHE Q 696 60.21 -20.97 -64.95
CA PHE Q 696 61.21 -21.93 -64.53
C PHE Q 696 61.95 -21.54 -63.26
N GLU Q 697 61.78 -20.31 -62.78
CA GLU Q 697 62.39 -19.91 -61.53
C GLU Q 697 61.44 -19.99 -60.35
N LYS Q 698 60.13 -19.95 -60.60
CA LYS Q 698 59.11 -19.99 -59.56
C LYS Q 698 58.36 -21.30 -59.53
N LEU Q 699 58.82 -22.30 -60.29
CA LEU Q 699 58.19 -23.61 -60.28
C LEU Q 699 59.18 -24.71 -59.94
N LEU Q 700 60.47 -24.37 -59.92
CA LEU Q 700 61.53 -25.38 -59.65
C LEU Q 700 61.67 -25.64 -58.14
N HIS Q 701 60.90 -24.92 -57.31
CA HIS Q 701 61.06 -25.09 -55.87
C HIS Q 701 60.39 -26.35 -55.34
N LEU Q 702 59.69 -27.09 -56.21
CA LEU Q 702 59.01 -28.30 -55.75
C LEU Q 702 60.00 -29.43 -55.49
N PHE Q 703 61.18 -29.38 -56.10
CA PHE Q 703 62.18 -30.40 -55.82
C PHE Q 703 62.85 -30.17 -54.47
N LEU Q 704 63.15 -28.91 -54.14
CA LEU Q 704 64.04 -28.60 -53.02
C LEU Q 704 63.33 -28.02 -51.81
N HIS Q 705 62.09 -27.54 -51.98
CA HIS Q 705 61.30 -26.88 -50.94
C HIS Q 705 62.04 -25.69 -50.33
N GLU Q 706 62.51 -24.80 -51.20
CA GLU Q 706 63.24 -23.61 -50.75
C GLU Q 706 63.08 -22.53 -51.80
N ASP Q 707 63.77 -21.41 -51.60
CA ASP Q 707 63.89 -20.42 -52.65
C ASP Q 707 64.77 -20.95 -53.77
N VAL Q 708 64.26 -20.88 -54.99
CA VAL Q 708 65.08 -21.10 -56.18
C VAL Q 708 65.23 -19.73 -56.84
N PRO Q 709 66.33 -19.03 -56.61
CA PRO Q 709 66.43 -17.64 -57.12
C PRO Q 709 66.64 -17.57 -58.62
N GLY Q 710 67.32 -18.55 -59.20
CA GLY Q 710 67.54 -18.56 -60.64
C GLY Q 710 68.01 -19.92 -61.12
N LEU Q 711 67.92 -20.10 -62.44
CA LEU Q 711 68.40 -21.31 -63.09
C LEU Q 711 69.92 -21.40 -63.08
N ASP Q 712 70.59 -20.27 -62.86
CA ASP Q 712 72.04 -20.26 -62.73
C ASP Q 712 72.53 -20.93 -61.45
N ILE Q 713 71.78 -20.77 -60.36
CA ILE Q 713 72.24 -21.24 -59.05
C ILE Q 713 71.33 -22.31 -58.48
N PHE Q 714 70.38 -22.82 -59.26
CA PHE Q 714 69.84 -24.14 -58.97
C PHE Q 714 70.92 -25.20 -59.12
N TYR Q 715 71.79 -25.02 -60.11
CA TYR Q 715 72.88 -25.96 -60.35
C TYR Q 715 73.92 -25.91 -59.25
N ASN Q 716 74.20 -24.74 -58.68
CA ASN Q 716 75.34 -24.57 -57.80
C ASN Q 716 75.14 -25.25 -56.46
N LYS Q 717 73.89 -25.50 -56.05
CA LYS Q 717 73.62 -26.23 -54.84
C LYS Q 717 73.34 -27.71 -55.07
N LEU Q 718 73.09 -28.12 -56.31
CA LEU Q 718 73.17 -29.53 -56.67
C LEU Q 718 74.55 -29.92 -57.17
N LEU Q 719 75.39 -28.94 -57.54
CA LEU Q 719 76.80 -29.25 -57.76
C LEU Q 719 77.49 -29.57 -56.45
N GLN Q 720 77.15 -28.85 -55.37
CA GLN Q 720 77.70 -29.10 -54.05
C GLN Q 720 76.93 -30.18 -53.29
N CYS Q 721 76.02 -30.89 -53.97
CA CYS Q 721 75.23 -31.93 -53.34
C CYS Q 721 75.79 -33.33 -53.58
N TRP Q 722 76.54 -33.52 -54.65
CA TRP Q 722 77.16 -34.82 -54.92
C TRP Q 722 78.64 -34.65 -55.21
N VAL Q 723 79.33 -33.95 -54.31
CA VAL Q 723 80.78 -33.81 -54.44
C VAL Q 723 81.48 -35.07 -53.97
N LEU Q 724 81.27 -35.44 -52.71
CA LEU Q 724 82.04 -36.51 -52.07
C LEU Q 724 81.54 -37.90 -52.45
N VAL Q 725 80.36 -38.02 -53.05
CA VAL Q 725 79.92 -39.32 -53.53
C VAL Q 725 80.21 -39.56 -55.01
N SER Q 726 80.45 -38.51 -55.78
CA SER Q 726 80.61 -38.77 -57.20
C SER Q 726 82.08 -38.80 -57.57
N PRO Q 727 82.55 -39.85 -58.25
CA PRO Q 727 83.85 -39.76 -58.93
C PRO Q 727 83.75 -38.77 -60.09
N GLN Q 728 84.69 -37.82 -60.09
CA GLN Q 728 84.91 -36.71 -61.05
C GLN Q 728 83.87 -35.59 -60.91
N ALA Q 729 82.80 -35.83 -60.14
CA ALA Q 729 81.95 -34.82 -59.51
C ALA Q 729 81.20 -33.85 -60.42
N GLU Q 730 81.37 -33.94 -61.74
CA GLU Q 730 80.83 -32.93 -62.62
C GLU Q 730 79.91 -33.50 -63.69
N LEU Q 731 80.30 -34.64 -64.29
CA LEU Q 731 79.57 -35.16 -65.44
C LEU Q 731 78.19 -35.67 -65.07
N LEU Q 732 78.02 -36.22 -63.86
CA LEU Q 732 76.72 -36.70 -63.44
C LEU Q 732 75.75 -35.56 -63.15
N THR Q 733 76.27 -34.38 -62.81
CA THR Q 733 75.42 -33.30 -62.32
C THR Q 733 74.89 -32.43 -63.45
N LYS Q 734 75.69 -32.19 -64.48
CA LYS Q 734 75.26 -31.38 -65.62
C LYS Q 734 74.15 -32.06 -66.41
N GLU Q 735 74.15 -33.40 -66.45
CA GLU Q 735 73.25 -34.14 -67.30
C GLU Q 735 71.89 -34.41 -66.66
N ILE Q 736 71.71 -34.06 -65.38
CA ILE Q 736 70.40 -34.17 -64.77
C ILE Q 736 69.65 -32.84 -64.89
N VAL Q 737 70.36 -31.72 -64.89
CA VAL Q 737 69.74 -30.40 -64.92
C VAL Q 737 69.03 -30.16 -66.24
N LYS Q 738 69.68 -30.49 -67.36
CA LYS Q 738 69.01 -30.43 -68.66
C LYS Q 738 67.93 -31.48 -68.78
N ASP Q 739 68.15 -32.66 -68.17
CA ASP Q 739 67.15 -33.72 -68.17
C ASP Q 739 65.88 -33.30 -67.45
N ILE Q 740 66.00 -32.43 -66.44
CA ILE Q 740 64.81 -31.84 -65.82
C ILE Q 740 64.10 -30.92 -66.80
N ILE Q 741 64.85 -30.03 -67.46
CA ILE Q 741 64.25 -29.04 -68.36
C ILE Q 741 63.63 -29.73 -69.56
N TRP Q 742 64.25 -30.81 -70.06
CA TRP Q 742 63.68 -31.56 -71.16
C TRP Q 742 62.67 -32.60 -70.72
N SER Q 743 62.27 -32.60 -69.44
CA SER Q 743 61.10 -33.34 -69.01
C SER Q 743 60.13 -32.49 -68.20
N LEU Q 744 60.55 -31.32 -67.75
CA LEU Q 744 59.63 -30.24 -67.42
C LEU Q 744 59.42 -29.31 -68.62
N ALA Q 745 59.54 -29.87 -69.83
CA ALA Q 745 59.39 -29.15 -71.09
C ALA Q 745 57.90 -29.04 -71.46
N ARG Q 746 57.17 -28.28 -70.64
CA ARG Q 746 55.78 -27.98 -70.90
C ARG Q 746 55.74 -26.54 -71.39
N LEU Q 747 56.00 -26.36 -72.68
CA LEU Q 747 56.02 -25.04 -73.30
C LEU Q 747 54.94 -24.92 -74.37
N GLU Q 748 54.00 -25.86 -74.42
CA GLU Q 748 53.06 -25.94 -75.51
C GLU Q 748 51.63 -25.84 -75.01
N LYS Q 749 51.35 -24.79 -74.26
CA LYS Q 749 49.98 -24.58 -73.85
C LYS Q 749 49.21 -23.81 -74.92
N PRO Q 750 48.03 -24.27 -75.30
CA PRO Q 750 47.09 -23.40 -76.02
C PRO Q 750 46.67 -22.25 -75.14
N SER Q 751 46.67 -21.05 -75.71
CA SER Q 751 46.54 -19.83 -74.92
C SER Q 751 45.11 -19.64 -74.43
N LEU Q 752 44.87 -18.47 -73.82
CA LEU Q 752 43.68 -18.21 -72.99
C LEU Q 752 42.37 -18.31 -73.77
N PHE Q 753 42.40 -18.15 -75.08
CA PHE Q 753 41.18 -18.25 -75.86
C PHE Q 753 40.71 -19.69 -76.04
N GLU Q 754 41.54 -20.67 -75.70
CA GLU Q 754 41.12 -22.07 -75.76
C GLU Q 754 40.29 -22.52 -74.54
N PRO Q 755 40.64 -22.22 -73.27
CA PRO Q 755 39.72 -22.63 -72.19
C PRO Q 755 38.50 -21.75 -72.03
N ILE Q 756 38.56 -20.47 -72.39
CA ILE Q 756 37.40 -19.57 -72.26
C ILE Q 756 36.27 -20.04 -73.16
N GLN Q 757 36.59 -20.51 -74.37
CA GLN Q 757 35.57 -21.04 -75.24
C GLN Q 757 35.12 -22.45 -74.87
N ASN Q 758 35.86 -23.14 -74.00
CA ASN Q 758 35.59 -24.55 -73.70
C ASN Q 758 34.99 -24.75 -72.31
N GLU Q 759 35.40 -23.94 -71.33
CA GLU Q 759 34.89 -24.09 -69.97
C GLU Q 759 33.41 -23.77 -69.89
N ILE Q 760 32.98 -22.67 -70.53
CA ILE Q 760 31.57 -22.33 -70.51
C ILE Q 760 30.77 -23.25 -71.42
N SER Q 761 31.43 -23.96 -72.33
CA SER Q 761 30.73 -24.82 -73.30
C SER Q 761 30.04 -25.99 -72.62
N ARG Q 762 30.76 -26.70 -71.78
CA ARG Q 762 30.15 -27.79 -71.01
C ARG Q 762 29.17 -27.27 -69.97
N SER Q 763 29.39 -26.07 -69.44
CA SER Q 763 28.42 -25.45 -68.55
C SER Q 763 27.16 -25.02 -69.27
N LEU Q 764 27.24 -24.72 -70.56
CA LEU Q 764 26.02 -24.49 -71.34
C LEU Q 764 25.31 -25.81 -71.62
N SER Q 765 26.02 -26.94 -71.58
CA SER Q 765 25.36 -28.22 -71.68
C SER Q 765 24.60 -28.57 -70.40
N GLY Q 766 24.94 -27.95 -69.28
CA GLY Q 766 24.21 -28.12 -68.05
C GLY Q 766 23.16 -27.05 -67.85
N PRO Q 767 22.03 -27.41 -67.24
CA PRO Q 767 20.92 -26.46 -67.10
C PRO Q 767 21.17 -25.40 -66.04
N TYR Q 768 20.15 -24.56 -65.79
CA TYR Q 768 20.23 -23.47 -64.81
C TYR Q 768 20.33 -23.95 -63.37
N GLN Q 769 20.06 -25.24 -63.11
CA GLN Q 769 20.24 -25.80 -61.79
C GLN Q 769 21.72 -25.83 -61.40
N ASP Q 770 22.61 -25.87 -62.38
CA ASP Q 770 24.03 -26.06 -62.16
C ASP Q 770 24.87 -24.86 -62.62
N ILE Q 771 24.23 -23.80 -63.10
CA ILE Q 771 24.97 -22.60 -63.50
C ILE Q 771 25.48 -21.87 -62.27
N ILE Q 772 24.63 -21.69 -61.27
CA ILE Q 772 25.03 -21.02 -60.04
C ILE Q 772 25.99 -21.90 -59.25
N SER Q 773 25.82 -23.22 -59.36
CA SER Q 773 26.80 -24.15 -58.80
C SER Q 773 28.14 -24.06 -59.51
N SER Q 774 28.15 -23.72 -60.79
CA SER Q 774 29.40 -23.49 -61.54
C SER Q 774 29.74 -22.02 -61.41
N TRP Q 775 30.35 -21.66 -60.29
CA TRP Q 775 30.66 -20.27 -60.01
C TRP Q 775 31.92 -20.22 -59.14
N ASP Q 776 33.00 -19.68 -59.69
CA ASP Q 776 34.15 -19.32 -58.89
C ASP Q 776 34.14 -17.80 -58.68
N MET Q 777 35.12 -17.32 -57.90
CA MET Q 777 35.26 -15.92 -57.47
C MET Q 777 33.99 -15.45 -56.76
N ASP Q 778 33.70 -16.09 -55.63
CA ASP Q 778 32.50 -15.82 -54.87
C ASP Q 778 32.74 -15.25 -53.49
N ASP Q 779 33.76 -15.73 -52.78
CA ASP Q 779 34.18 -15.14 -51.50
C ASP Q 779 35.64 -15.50 -51.22
N MET R 1 50.42 -45.96 -25.61
CA MET R 1 50.70 -46.90 -24.53
C MET R 1 49.85 -46.58 -23.31
N PHE R 2 49.72 -45.30 -23.00
CA PHE R 2 48.99 -44.86 -21.82
C PHE R 2 47.48 -44.89 -22.05
N GLU R 3 46.70 -44.41 -21.09
CA GLU R 3 45.26 -44.33 -21.27
C GLU R 3 44.93 -43.01 -21.96
N VAL R 4 43.95 -43.04 -22.85
CA VAL R 4 43.68 -41.90 -23.70
C VAL R 4 42.34 -41.25 -23.37
N PRO R 5 42.24 -39.92 -23.39
CA PRO R 5 41.02 -39.20 -22.99
C PRO R 5 40.07 -38.92 -24.15
N ILE R 6 39.50 -39.97 -24.72
CA ILE R 6 38.56 -39.83 -25.84
C ILE R 6 37.29 -40.59 -25.50
N THR R 7 36.15 -39.94 -25.67
CA THR R 7 34.86 -40.61 -25.75
C THR R 7 34.71 -41.11 -27.18
N LEU R 8 35.30 -42.26 -27.46
CA LEU R 8 35.29 -42.81 -28.80
C LEU R 8 34.20 -43.86 -28.93
N THR R 9 33.53 -43.90 -30.08
CA THR R 9 32.52 -44.90 -30.35
C THR R 9 32.61 -45.36 -31.79
N ASN R 10 32.40 -46.66 -31.98
CA ASN R 10 32.29 -47.29 -33.29
C ASN R 10 31.26 -48.39 -33.17
N ARG R 11 30.70 -48.77 -34.33
CA ARG R 11 29.60 -49.72 -34.33
C ARG R 11 30.06 -51.10 -33.92
N LYS R 12 31.27 -51.48 -34.31
CA LYS R 12 31.79 -52.80 -33.95
C LYS R 12 32.11 -52.91 -32.47
N PHE R 13 32.41 -51.81 -31.80
CA PHE R 13 32.63 -51.87 -30.37
C PHE R 13 31.32 -51.85 -29.60
N ALA R 14 30.30 -51.19 -30.15
CA ALA R 14 28.98 -51.26 -29.55
C ALA R 14 28.34 -52.62 -29.77
N GLN R 15 28.70 -53.31 -30.85
CA GLN R 15 28.21 -54.66 -31.07
C GLN R 15 28.87 -55.65 -30.12
N ARG R 16 30.20 -55.59 -30.02
CA ARG R 16 30.99 -56.67 -29.44
C ARG R 16 30.83 -56.80 -27.93
N ARG R 17 30.22 -55.83 -27.26
CA ARG R 17 29.80 -56.05 -25.88
C ARG R 17 28.33 -56.41 -25.79
N LYS R 18 27.50 -55.92 -26.71
CA LYS R 18 26.14 -56.44 -26.81
C LYS R 18 26.16 -57.87 -27.31
N LEU R 19 27.12 -58.22 -28.16
CA LEU R 19 27.36 -59.62 -28.48
C LEU R 19 27.96 -60.38 -27.32
N LYS R 20 28.60 -59.67 -26.38
CA LYS R 20 29.21 -60.31 -25.22
C LYS R 20 28.23 -60.48 -24.06
N TYR R 21 27.68 -59.36 -23.56
CA TYR R 21 26.90 -59.39 -22.33
C TYR R 21 25.55 -60.08 -22.50
N GLN R 22 25.04 -60.18 -23.73
CA GLN R 22 23.80 -60.93 -23.95
C GLN R 22 24.00 -62.41 -23.67
N TYR R 23 25.10 -62.97 -24.17
CA TYR R 23 25.44 -64.36 -23.89
C TYR R 23 25.75 -64.57 -22.41
N ILE R 24 26.25 -63.55 -21.73
CA ILE R 24 26.45 -63.62 -20.29
C ILE R 24 25.12 -63.67 -19.56
N ASN R 25 24.12 -62.95 -20.08
CA ASN R 25 22.77 -62.99 -19.47
C ASN R 25 22.14 -64.36 -19.60
N TYR R 26 22.39 -65.05 -20.72
CA TYR R 26 21.81 -66.38 -20.89
C TYR R 26 22.51 -67.38 -19.98
N ILE R 27 23.85 -67.39 -20.00
CA ILE R 27 24.60 -68.41 -19.29
C ILE R 27 24.50 -68.21 -17.78
N SER R 28 24.18 -67.01 -17.33
CA SER R 28 23.84 -66.82 -15.92
C SER R 28 22.42 -67.26 -15.60
N ARG R 29 21.48 -67.01 -16.52
CA ARG R 29 20.13 -67.56 -16.35
C ARG R 29 20.11 -69.05 -16.65
N ARG R 30 21.02 -69.54 -17.48
CA ARG R 30 21.22 -70.98 -17.57
C ARG R 30 21.80 -71.50 -16.27
N PHE R 31 22.64 -70.71 -15.60
CA PHE R 31 23.18 -71.12 -14.31
C PHE R 31 22.13 -71.04 -13.19
N ASP R 32 21.10 -70.22 -13.38
CA ASP R 32 20.08 -70.04 -12.34
C ASP R 32 19.23 -71.28 -12.12
N ARG R 33 19.12 -72.15 -13.13
CA ARG R 33 18.45 -73.43 -12.95
C ARG R 33 19.40 -74.54 -12.55
N ILE R 34 20.70 -74.39 -12.81
CA ILE R 34 21.66 -75.43 -12.46
C ILE R 34 22.11 -75.26 -11.00
N SER R 35 22.23 -74.02 -10.53
CA SER R 35 22.58 -73.78 -9.14
C SER R 35 21.43 -74.06 -8.17
N LYS R 36 20.21 -74.21 -8.68
CA LYS R 36 19.06 -74.47 -7.83
C LYS R 36 18.69 -75.95 -7.76
N LYS R 37 19.03 -76.71 -8.81
CA LYS R 37 18.43 -78.03 -9.01
C LYS R 37 18.99 -79.10 -8.07
N SER R 38 20.19 -78.93 -7.54
CA SER R 38 20.77 -79.93 -6.64
C SER R 38 20.99 -79.37 -5.25
N SER R 121 15.74 -53.01 -22.80
CA SER R 121 16.19 -53.97 -23.80
C SER R 121 17.61 -53.65 -24.27
N ASP R 122 18.55 -53.62 -23.34
CA ASP R 122 19.93 -53.31 -23.67
C ASP R 122 20.88 -54.47 -23.48
N GLU R 123 20.53 -55.45 -22.63
CA GLU R 123 21.29 -56.64 -22.20
C GLU R 123 22.53 -56.32 -21.38
N GLU R 124 22.85 -55.04 -21.19
CA GLU R 124 23.86 -54.59 -20.25
C GLU R 124 23.22 -53.91 -19.05
N ARG R 125 22.21 -53.07 -19.29
CA ARG R 125 21.39 -52.51 -18.22
C ARG R 125 20.70 -53.60 -17.43
N LYS R 126 20.26 -54.65 -18.11
CA LYS R 126 19.71 -55.82 -17.44
C LYS R 126 20.77 -56.55 -16.63
N PHE R 127 22.03 -56.53 -17.10
CA PHE R 127 23.09 -57.25 -16.41
C PHE R 127 23.53 -56.55 -15.13
N TRP R 128 23.63 -55.22 -15.14
CA TRP R 128 24.17 -54.50 -14.00
C TRP R 128 23.20 -54.34 -12.84
N LYS R 129 22.01 -54.93 -12.91
CA LYS R 129 21.05 -54.87 -11.81
C LYS R 129 21.27 -55.99 -10.79
N LYS R 130 22.46 -56.59 -10.78
CA LYS R 130 22.86 -57.58 -9.80
C LYS R 130 24.06 -57.14 -8.98
N TYR R 131 24.90 -56.26 -9.51
CA TYR R 131 26.16 -55.89 -8.89
C TYR R 131 26.23 -54.38 -8.72
N GLU R 132 27.01 -53.96 -7.73
CA GLU R 132 27.14 -52.56 -7.37
C GLU R 132 28.43 -52.01 -7.97
N LYS R 133 28.29 -51.01 -8.81
CA LYS R 133 29.43 -50.23 -9.24
C LYS R 133 29.99 -49.47 -8.05
N PRO R 134 31.32 -49.46 -7.88
CA PRO R 134 31.87 -49.15 -6.55
C PRO R 134 31.74 -47.70 -6.13
N GLU R 135 31.76 -46.75 -7.07
CA GLU R 135 31.44 -45.34 -6.88
C GLU R 135 32.48 -44.59 -6.04
N LYS R 136 33.43 -45.31 -5.47
CA LYS R 136 34.52 -44.77 -4.66
C LYS R 136 35.88 -45.33 -5.03
N SER R 137 35.93 -46.38 -5.84
CA SER R 137 37.14 -47.17 -6.02
C SER R 137 37.04 -47.92 -7.33
N PHE R 138 38.19 -48.40 -7.82
CA PHE R 138 38.17 -49.23 -9.01
C PHE R 138 37.62 -50.60 -8.68
N GLU R 139 37.78 -51.03 -7.44
CA GLU R 139 37.38 -52.32 -6.95
C GLU R 139 36.63 -52.10 -5.65
N ILE R 140 35.39 -52.58 -5.56
CA ILE R 140 34.68 -52.46 -4.30
C ILE R 140 35.25 -53.48 -3.33
N TRP R 141 36.17 -53.02 -2.49
CA TRP R 141 36.81 -53.85 -1.48
C TRP R 141 35.79 -54.21 -0.40
N ARG R 142 35.97 -55.38 0.19
CA ARG R 142 35.10 -55.84 1.27
C ARG R 142 35.98 -56.36 2.38
N THR R 143 35.69 -55.95 3.62
CA THR R 143 36.51 -56.38 4.74
C THR R 143 36.28 -57.86 5.02
N VAL R 144 37.38 -58.57 5.24
CA VAL R 144 37.32 -60.01 5.45
C VAL R 144 37.25 -60.36 6.94
N SER R 145 37.76 -59.48 7.81
CA SER R 145 37.71 -59.67 9.26
C SER R 145 36.34 -59.22 9.78
N SER R 146 35.33 -60.02 9.46
CA SER R 146 33.95 -59.73 9.84
C SER R 146 33.17 -61.03 9.81
N GLN R 147 31.84 -60.93 9.75
CA GLN R 147 30.94 -62.05 9.58
C GLN R 147 30.73 -62.42 8.12
N ASN R 148 31.65 -62.06 7.24
CA ASN R 148 31.57 -62.31 5.81
C ASN R 148 32.04 -63.69 5.41
N LYS R 149 32.05 -64.63 6.36
CA LYS R 149 32.48 -65.99 6.09
C LYS R 149 31.47 -66.73 5.22
N GLN R 150 31.88 -67.90 4.73
CA GLN R 150 31.08 -68.67 3.79
C GLN R 150 31.55 -70.10 3.82
N PRO R 151 30.64 -71.07 3.74
CA PRO R 151 31.08 -72.46 3.51
C PRO R 151 31.70 -72.62 2.14
N ILE R 152 32.63 -73.57 2.03
CA ILE R 152 33.31 -73.83 0.77
C ILE R 152 32.54 -74.91 0.02
N ASN R 153 32.13 -74.59 -1.20
CA ASN R 153 31.47 -75.53 -2.08
C ASN R 153 32.45 -76.60 -2.60
N LYS R 154 32.41 -77.78 -2.00
CA LYS R 154 33.26 -78.88 -2.44
C LYS R 154 32.59 -79.75 -3.49
N GLN R 155 31.51 -79.27 -4.11
CA GLN R 155 30.89 -79.94 -5.25
C GLN R 155 31.44 -79.25 -6.49
N LYS R 156 32.45 -79.86 -7.10
CA LYS R 156 33.20 -79.17 -8.13
C LYS R 156 32.46 -79.15 -9.45
N MET R 157 32.80 -78.17 -10.28
CA MET R 157 32.26 -78.04 -11.63
C MET R 157 33.26 -78.70 -12.59
N THR R 158 33.00 -79.96 -12.92
CA THR R 158 33.89 -80.77 -13.74
C THR R 158 33.60 -80.50 -15.22
N TYR R 159 34.24 -81.29 -16.09
CA TYR R 159 34.04 -81.11 -17.52
C TYR R 159 32.67 -81.59 -17.95
N HIS R 160 32.08 -82.55 -17.22
CA HIS R 160 30.76 -83.08 -17.58
C HIS R 160 29.67 -82.02 -17.43
N ASN R 161 29.63 -81.35 -16.28
CA ASN R 161 28.58 -80.38 -16.01
C ASN R 161 28.76 -79.08 -16.78
N PHE R 162 29.93 -78.86 -17.37
CA PHE R 162 30.22 -77.67 -18.16
C PHE R 162 30.07 -77.89 -19.65
N LYS R 163 30.36 -79.10 -20.15
CA LYS R 163 30.16 -79.39 -21.57
C LYS R 163 28.69 -79.56 -21.93
N LYS R 164 27.82 -79.73 -20.93
CA LYS R 164 26.39 -79.87 -21.15
C LYS R 164 25.62 -78.56 -20.91
N ILE R 165 26.21 -77.60 -20.20
CA ILE R 165 25.51 -76.39 -19.81
C ILE R 165 25.61 -75.30 -20.88
N GLU R 166 26.55 -75.43 -21.82
CA GLU R 166 26.90 -74.33 -22.70
C GLU R 166 26.41 -74.52 -24.12
N LYS R 167 25.93 -75.71 -24.49
CA LYS R 167 25.52 -75.93 -25.86
C LYS R 167 24.18 -75.24 -26.16
N ILE R 168 23.32 -75.10 -25.17
CA ILE R 168 21.99 -74.53 -25.41
C ILE R 168 22.01 -73.01 -25.57
N PRO R 169 22.86 -72.19 -24.91
CA PRO R 169 22.90 -70.79 -25.36
C PRO R 169 23.69 -70.61 -26.63
N LEU R 170 24.76 -71.38 -26.84
CA LEU R 170 25.61 -71.19 -28.01
C LEU R 170 24.92 -71.63 -29.30
N ARG R 171 24.05 -72.65 -29.22
CA ARG R 171 23.21 -72.98 -30.37
C ARG R 171 22.21 -71.86 -30.65
N LYS R 172 21.74 -71.21 -29.58
CA LYS R 172 20.79 -70.12 -29.68
C LYS R 172 21.46 -68.83 -30.15
N MET R 173 22.76 -68.70 -29.92
CA MET R 173 23.49 -67.47 -30.18
C MET R 173 23.87 -67.30 -31.65
N GLU R 174 23.55 -68.26 -32.50
CA GLU R 174 24.00 -68.23 -33.89
C GLU R 174 23.29 -67.18 -34.72
N ILE R 175 22.08 -66.80 -34.36
CA ILE R 175 21.30 -65.86 -35.18
C ILE R 175 21.74 -64.40 -34.98
N PRO R 176 22.14 -63.89 -33.80
CA PRO R 176 22.83 -62.59 -33.82
C PRO R 176 24.21 -62.64 -34.44
N LEU R 177 24.82 -63.83 -34.58
CA LEU R 177 26.10 -63.92 -35.25
C LEU R 177 25.98 -63.67 -36.75
N LEU R 178 24.84 -64.03 -37.34
CA LEU R 178 24.67 -63.70 -38.75
C LEU R 178 24.22 -62.26 -38.96
N HIS R 179 23.90 -61.53 -37.89
CA HIS R 179 23.71 -60.09 -37.99
C HIS R 179 25.03 -59.33 -37.92
N CYS R 180 25.93 -59.74 -37.04
CA CYS R 180 27.19 -59.03 -36.90
C CYS R 180 28.14 -59.37 -38.05
N THR R 181 29.20 -58.59 -38.15
CA THR R 181 30.15 -58.71 -39.25
C THR R 181 30.97 -59.99 -39.12
N LYS R 182 31.76 -60.27 -40.16
CA LYS R 182 32.55 -61.49 -40.21
C LYS R 182 33.70 -61.50 -39.21
N GLU R 183 34.11 -60.35 -38.70
CA GLU R 183 35.12 -60.37 -37.65
C GLU R 183 34.49 -60.66 -36.29
N ASN R 184 33.26 -60.20 -36.07
CA ASN R 184 32.64 -60.35 -34.76
C ASN R 184 32.17 -61.77 -34.51
N LYS R 185 31.88 -62.52 -35.57
CA LYS R 185 31.60 -63.94 -35.39
C LYS R 185 32.85 -64.67 -34.96
N LEU R 186 34.02 -64.24 -35.44
CA LEU R 186 35.28 -64.80 -35.00
C LEU R 186 35.79 -64.11 -33.73
N TYR R 187 35.29 -62.92 -33.41
CA TYR R 187 35.67 -62.27 -32.16
C TYR R 187 35.02 -62.97 -30.97
N PHE R 188 33.71 -63.21 -31.07
CA PHE R 188 32.99 -63.81 -29.95
C PHE R 188 33.35 -65.27 -29.76
N GLN R 189 33.44 -66.02 -30.85
CA GLN R 189 33.65 -67.45 -30.71
C GLN R 189 35.07 -67.81 -30.31
N SER R 190 36.04 -66.94 -30.59
CA SER R 190 37.38 -67.19 -30.08
C SER R 190 37.47 -66.93 -28.58
N ILE R 191 36.89 -65.81 -28.11
CA ILE R 191 36.95 -65.50 -26.68
C ILE R 191 35.98 -66.32 -25.85
N SER R 192 35.15 -67.14 -26.49
CA SER R 192 34.19 -67.99 -25.77
C SER R 192 34.85 -69.21 -25.14
N ARG R 193 36.13 -69.47 -25.41
CA ARG R 193 36.86 -70.60 -24.82
C ARG R 193 38.11 -70.12 -24.08
N GLY R 194 38.11 -68.89 -23.61
CA GLY R 194 39.30 -68.29 -23.05
C GLY R 194 39.76 -67.21 -23.99
N LEU R 195 41.05 -67.19 -24.35
CA LEU R 195 41.60 -66.46 -25.49
C LEU R 195 41.32 -64.96 -25.41
N GLU R 196 41.91 -64.32 -24.40
CA GLU R 196 41.78 -62.88 -24.26
C GLU R 196 42.41 -62.18 -25.46
N PRO R 197 41.75 -61.19 -26.05
CA PRO R 197 42.27 -60.57 -27.27
C PRO R 197 43.48 -59.69 -26.98
N LEU R 198 44.32 -59.56 -28.01
CA LEU R 198 45.52 -58.76 -27.96
C LEU R 198 45.29 -57.35 -28.49
N LYS R 199 44.31 -57.20 -29.38
CA LYS R 199 44.15 -55.99 -30.17
C LYS R 199 43.66 -54.83 -29.31
N THR R 200 44.26 -53.66 -29.52
CA THR R 200 43.88 -52.46 -28.80
C THR R 200 42.61 -51.88 -29.41
N SER R 201 41.66 -51.50 -28.56
CA SER R 201 40.45 -50.86 -29.05
C SER R 201 40.68 -49.44 -29.54
N THR R 202 41.81 -48.84 -29.22
CA THR R 202 42.18 -47.52 -29.72
C THR R 202 43.29 -47.59 -30.75
N SER R 203 43.48 -48.75 -31.39
CA SER R 203 44.51 -48.90 -32.41
C SER R 203 43.98 -48.63 -33.81
N GLU R 204 42.69 -48.41 -33.97
CA GLU R 204 42.08 -48.18 -35.27
C GLU R 204 41.07 -47.04 -35.20
N VAL R 205 41.46 -45.95 -34.56
CA VAL R 205 40.52 -44.84 -34.40
C VAL R 205 40.45 -43.97 -35.66
N ARG R 206 41.61 -43.69 -36.30
CA ARG R 206 41.80 -43.01 -37.59
C ARG R 206 40.93 -41.78 -37.84
N ASN R 207 41.20 -40.66 -37.18
CA ASN R 207 40.39 -39.47 -37.40
C ASN R 207 41.23 -38.22 -37.59
N TYR R 208 42.57 -38.34 -37.61
CA TYR R 208 43.59 -37.29 -37.80
C TYR R 208 43.68 -36.32 -36.62
N ARG R 209 42.71 -36.33 -35.74
CA ARG R 209 42.72 -35.48 -34.57
C ARG R 209 42.69 -36.30 -33.31
N THR R 210 41.82 -37.33 -33.25
CA THR R 210 41.98 -38.39 -32.27
C THR R 210 43.30 -39.11 -32.46
N ARG R 211 43.71 -39.26 -33.72
CA ARG R 211 45.03 -39.74 -34.07
C ARG R 211 46.13 -38.80 -33.57
N HIS R 212 45.82 -37.52 -33.39
CA HIS R 212 46.74 -36.61 -32.72
C HIS R 212 46.47 -36.48 -31.24
N ILE R 213 45.38 -37.04 -30.73
CA ILE R 213 45.22 -37.12 -29.28
C ILE R 213 46.17 -38.17 -28.71
N VAL R 214 46.12 -39.38 -29.26
CA VAL R 214 46.94 -40.50 -28.80
C VAL R 214 48.42 -40.21 -28.98
N THR R 215 48.77 -39.31 -29.90
CA THR R 215 50.16 -38.88 -30.05
C THR R 215 50.61 -38.04 -28.86
N LEU R 216 49.82 -37.05 -28.47
CA LEU R 216 50.29 -36.13 -27.43
C LEU R 216 49.82 -36.51 -26.03
N THR R 217 49.16 -37.64 -25.86
CA THR R 217 48.97 -38.19 -24.52
C THR R 217 49.99 -39.25 -24.17
N ASP R 218 50.68 -39.80 -25.16
CA ASP R 218 51.83 -40.64 -24.91
C ASP R 218 53.14 -39.87 -24.91
N LEU R 219 53.15 -38.63 -25.40
CA LEU R 219 54.30 -37.77 -25.21
C LEU R 219 54.16 -36.90 -23.96
N LEU R 220 52.96 -36.80 -23.42
CA LEU R 220 52.72 -36.02 -22.20
C LEU R 220 53.37 -36.67 -21.00
N HIS R 221 53.07 -37.95 -20.76
CA HIS R 221 53.72 -38.70 -19.69
C HIS R 221 55.20 -38.83 -19.91
N LEU R 222 55.61 -38.97 -21.17
CA LEU R 222 56.97 -39.35 -21.49
C LEU R 222 57.97 -38.23 -21.22
N ASN R 223 57.52 -36.99 -21.02
CA ASN R 223 58.37 -35.97 -20.44
C ASN R 223 58.17 -35.79 -18.94
N VAL R 224 57.01 -36.19 -18.43
CA VAL R 224 56.81 -36.25 -16.99
C VAL R 224 57.70 -37.35 -16.39
N SER R 225 57.62 -38.55 -16.95
CA SER R 225 58.39 -39.68 -16.47
C SER R 225 59.88 -39.56 -16.78
N ARG R 226 60.25 -38.65 -17.68
CA ARG R 226 61.64 -38.27 -17.87
C ARG R 226 61.99 -36.94 -17.21
N HIS R 227 61.02 -36.33 -16.50
CA HIS R 227 61.20 -35.12 -15.69
C HIS R 227 61.69 -33.95 -16.54
N ASN R 228 60.84 -33.54 -17.49
CA ASN R 228 61.07 -32.36 -18.31
C ASN R 228 59.75 -31.59 -18.29
N TRP R 229 59.71 -30.48 -17.57
CA TRP R 229 58.39 -29.88 -17.37
C TRP R 229 58.09 -28.79 -18.38
N SER R 230 59.05 -27.87 -18.60
CA SER R 230 58.84 -26.72 -19.46
C SER R 230 58.66 -27.09 -20.93
N LEU R 231 58.91 -28.34 -21.29
CA LEU R 231 58.48 -28.90 -22.56
C LEU R 231 57.15 -29.63 -22.45
N ALA R 232 56.93 -30.37 -21.37
CA ALA R 232 55.63 -31.02 -21.17
C ALA R 232 54.56 -30.02 -20.79
N TYR R 233 54.95 -28.82 -20.36
CA TYR R 233 53.99 -27.72 -20.24
C TYR R 233 53.37 -27.38 -21.58
N LYS R 234 54.16 -27.44 -22.64
CA LYS R 234 53.66 -27.07 -23.96
C LYS R 234 52.93 -28.22 -24.63
N ILE R 235 53.15 -29.46 -24.20
CA ILE R 235 52.30 -30.54 -24.66
C ILE R 235 50.91 -30.37 -24.08
N PHE R 236 50.84 -30.02 -22.80
CA PHE R 236 49.56 -29.97 -22.12
C PHE R 236 48.77 -28.70 -22.45
N ALA R 237 49.45 -27.62 -22.84
CA ALA R 237 48.76 -26.42 -23.30
C ALA R 237 48.08 -26.64 -24.65
N THR R 238 48.51 -27.65 -25.40
CA THR R 238 47.91 -28.00 -26.67
C THR R 238 47.12 -29.29 -26.60
N LEU R 239 47.00 -29.90 -25.42
CA LEU R 239 46.09 -31.01 -25.28
C LEU R 239 44.72 -30.58 -24.80
N ILE R 240 44.67 -29.54 -23.96
CA ILE R 240 43.41 -29.00 -23.50
C ILE R 240 42.60 -28.36 -24.63
N ARG R 241 43.26 -27.83 -25.63
CA ARG R 241 42.57 -27.08 -26.66
C ARG R 241 42.00 -27.96 -27.75
N ILE R 242 42.37 -29.22 -27.80
CA ILE R 242 41.75 -30.15 -28.74
C ILE R 242 40.37 -30.51 -28.24
N PRO R 243 39.32 -30.38 -29.05
CA PRO R 243 38.00 -30.85 -28.64
C PRO R 243 37.97 -32.37 -28.53
N GLY R 244 37.36 -32.85 -27.45
CA GLY R 244 37.22 -34.27 -27.20
C GLY R 244 37.99 -34.77 -26.00
N VAL R 245 38.91 -33.98 -25.45
CA VAL R 245 39.65 -34.41 -24.28
C VAL R 245 38.76 -34.31 -23.03
N GLN R 246 39.01 -35.20 -22.09
CA GLN R 246 38.10 -35.51 -21.00
C GLN R 246 38.50 -34.77 -19.73
N ILE R 247 37.85 -35.16 -18.62
CA ILE R 247 38.15 -34.60 -17.32
C ILE R 247 39.47 -35.14 -16.78
N LYS R 248 39.86 -36.35 -17.19
CA LYS R 248 40.97 -37.14 -16.67
C LYS R 248 42.31 -36.42 -16.67
N SER R 249 42.83 -36.13 -17.86
CA SER R 249 44.17 -35.60 -17.98
C SER R 249 44.29 -34.15 -17.56
N LEU R 250 43.17 -33.48 -17.32
CA LEU R 250 43.19 -32.06 -16.94
C LEU R 250 43.90 -31.87 -15.61
N TRP R 251 43.47 -32.61 -14.59
CA TRP R 251 43.97 -32.44 -13.24
C TRP R 251 44.92 -33.54 -12.80
N GLY R 252 45.05 -34.60 -13.58
CA GLY R 252 45.91 -35.70 -13.17
C GLY R 252 47.38 -35.32 -13.21
N ILE R 253 47.78 -34.51 -14.19
CA ILE R 253 49.16 -34.11 -14.29
C ILE R 253 49.26 -32.60 -14.12
N GLY R 254 48.32 -32.01 -13.37
CA GLY R 254 48.27 -30.58 -13.13
C GLY R 254 49.42 -29.99 -12.32
N VAL R 255 50.35 -30.86 -11.93
CA VAL R 255 51.61 -30.50 -11.31
C VAL R 255 52.51 -29.64 -12.19
N GLU R 256 52.27 -29.57 -13.50
CA GLU R 256 53.16 -28.83 -14.40
C GLU R 256 53.18 -27.34 -14.12
N ILE R 257 52.08 -26.79 -13.62
CA ILE R 257 52.07 -25.44 -13.07
C ILE R 257 52.67 -25.44 -11.67
N LEU R 258 52.38 -26.49 -10.92
CA LEU R 258 52.85 -26.60 -9.54
C LEU R 258 54.35 -26.83 -9.49
N ASP R 259 54.85 -27.81 -10.24
CA ASP R 259 56.25 -28.18 -10.15
C ASP R 259 57.16 -27.21 -10.91
N ASN R 260 56.60 -26.28 -11.68
CA ASN R 260 57.42 -25.32 -12.39
C ASN R 260 58.02 -24.30 -11.44
N LEU R 261 57.16 -23.47 -10.83
CA LEU R 261 57.48 -22.44 -9.85
C LEU R 261 58.41 -21.32 -10.33
N SER R 262 58.83 -21.34 -11.60
CA SER R 262 59.79 -20.37 -12.07
C SER R 262 59.12 -19.02 -12.30
N ASN R 263 58.17 -18.98 -13.22
CA ASN R 263 57.29 -17.84 -13.46
C ASN R 263 55.86 -18.34 -13.55
N SER R 264 55.56 -19.37 -12.76
CA SER R 264 54.36 -20.19 -12.88
C SER R 264 53.22 -19.58 -12.08
N SER R 265 52.04 -20.19 -12.21
CA SER R 265 50.85 -19.77 -11.50
C SER R 265 50.69 -20.49 -10.16
N SER R 266 51.78 -21.02 -9.60
CA SER R 266 51.89 -21.59 -8.26
C SER R 266 51.05 -22.85 -8.04
N GLY R 267 50.39 -23.35 -9.07
CA GLY R 267 49.71 -24.62 -9.05
C GLY R 267 48.34 -24.63 -8.42
N LEU R 268 48.14 -23.87 -7.35
CA LEU R 268 46.90 -23.96 -6.59
C LEU R 268 45.74 -23.31 -7.32
N ASP R 269 46.03 -22.33 -8.19
CA ASP R 269 45.00 -21.58 -8.89
C ASP R 269 44.22 -22.47 -9.85
N PHE R 270 44.87 -23.52 -10.36
CA PHE R 270 44.20 -24.46 -11.25
C PHE R 270 43.21 -25.33 -10.50
N LEU R 271 43.51 -25.67 -9.26
CA LEU R 271 42.60 -26.55 -8.54
C LEU R 271 41.37 -25.80 -8.08
N GLN R 272 41.52 -24.50 -7.84
CA GLN R 272 40.38 -23.63 -7.59
C GLN R 272 39.45 -23.60 -8.80
N TRP R 273 40.02 -23.53 -9.99
CA TRP R 273 39.25 -23.64 -11.23
C TRP R 273 38.59 -25.01 -11.33
N MET R 274 39.26 -26.05 -10.84
CA MET R 274 38.73 -27.40 -10.93
C MET R 274 37.51 -27.58 -10.02
N CYS R 275 37.66 -27.21 -8.75
CA CYS R 275 36.64 -27.49 -7.76
C CYS R 275 35.42 -26.61 -7.88
N GLN R 276 35.42 -25.60 -8.76
CA GLN R 276 34.22 -24.82 -9.01
C GLN R 276 33.28 -25.54 -9.96
N ILE R 277 33.73 -25.76 -11.20
CA ILE R 277 32.81 -25.94 -12.29
C ILE R 277 32.49 -27.41 -12.59
N TYR R 278 33.34 -28.34 -12.18
CA TYR R 278 33.05 -29.75 -12.36
C TYR R 278 32.46 -30.39 -11.13
N SER R 279 32.36 -29.66 -10.03
CA SER R 279 31.94 -30.21 -8.75
C SER R 279 30.43 -30.10 -8.65
N SER R 280 29.75 -31.24 -8.62
CA SER R 280 28.32 -31.32 -8.51
C SER R 280 27.92 -31.76 -7.11
N LYS R 281 26.62 -31.94 -6.93
CA LYS R 281 26.03 -32.63 -5.80
C LYS R 281 24.99 -33.62 -6.30
N SER R 282 25.25 -34.18 -7.46
CA SER R 282 24.32 -35.09 -8.09
C SER R 282 24.29 -36.43 -7.37
N ARG R 283 23.39 -37.28 -7.79
CA ARG R 283 23.26 -38.62 -7.23
C ARG R 283 23.70 -39.64 -8.26
N PHE R 284 24.32 -40.71 -7.78
CA PHE R 284 24.83 -41.76 -8.65
C PHE R 284 23.68 -42.68 -9.03
N VAL R 285 23.23 -42.59 -10.28
CA VAL R 285 21.99 -43.26 -10.67
C VAL R 285 22.21 -44.75 -10.93
N GLN R 286 23.42 -45.13 -11.33
CA GLN R 286 23.94 -46.51 -11.40
C GLN R 286 23.28 -47.35 -12.48
N ASN R 287 22.19 -46.88 -13.08
CA ASN R 287 21.44 -47.72 -14.01
C ASN R 287 21.84 -47.48 -15.45
N ILE R 288 22.34 -46.29 -15.75
CA ILE R 288 22.96 -46.04 -17.04
C ILE R 288 24.33 -46.71 -17.07
N ASN R 289 24.75 -47.17 -18.25
CA ASN R 289 26.03 -47.83 -18.39
C ASN R 289 27.06 -46.78 -18.78
N TYR R 290 28.08 -46.62 -17.96
CA TYR R 290 28.91 -45.43 -18.00
C TYR R 290 30.03 -45.60 -19.00
N ARG R 291 30.25 -44.56 -19.82
CA ARG R 291 31.34 -44.53 -20.78
C ARG R 291 32.07 -43.20 -20.64
N SER R 292 33.40 -43.27 -20.59
CA SER R 292 34.35 -42.17 -20.67
C SER R 292 34.31 -41.20 -19.49
N ILE R 293 33.50 -41.45 -18.47
CA ILE R 293 33.62 -40.81 -17.16
C ILE R 293 33.64 -41.92 -16.12
N VAL R 294 34.43 -41.75 -15.07
CA VAL R 294 34.59 -42.85 -14.14
C VAL R 294 34.54 -42.36 -12.69
N PRO R 295 33.76 -43.02 -11.84
CA PRO R 295 33.55 -42.55 -10.46
C PRO R 295 34.74 -42.70 -9.51
N PRO R 296 35.74 -43.56 -9.76
CA PRO R 296 36.96 -43.46 -8.90
C PRO R 296 37.65 -42.11 -8.83
N PHE R 297 38.00 -41.46 -9.94
CA PHE R 297 38.77 -40.23 -9.79
C PHE R 297 38.12 -38.98 -10.35
N GLN R 298 37.42 -39.04 -11.46
CA GLN R 298 37.04 -37.81 -12.13
C GLN R 298 35.62 -37.33 -11.88
N THR R 299 34.91 -37.87 -10.89
CA THR R 299 33.60 -37.35 -10.58
C THR R 299 33.65 -36.44 -9.35
N GLY R 300 32.51 -35.82 -9.06
CA GLY R 300 32.35 -34.98 -7.89
C GLY R 300 30.98 -35.06 -7.24
N SER R 301 30.29 -36.19 -7.41
CA SER R 301 28.89 -36.31 -6.99
C SER R 301 28.78 -36.46 -5.48
N ARG R 302 27.56 -36.74 -5.00
CA ARG R 302 27.37 -37.03 -3.59
C ARG R 302 27.85 -38.45 -3.27
N THR R 303 28.22 -38.65 -2.01
CA THR R 303 28.78 -39.89 -1.44
C THR R 303 30.06 -40.34 -2.13
N HIS R 304 30.72 -39.44 -2.86
CA HIS R 304 32.09 -39.59 -3.33
C HIS R 304 32.59 -38.18 -3.51
N THR R 305 33.37 -37.70 -2.55
CA THR R 305 33.96 -36.39 -2.69
C THR R 305 34.95 -36.39 -3.86
N ALA R 306 35.07 -35.23 -4.50
CA ALA R 306 35.83 -35.17 -5.73
C ALA R 306 37.31 -35.31 -5.40
N LYS R 307 37.98 -36.22 -6.10
CA LYS R 307 39.38 -36.51 -5.81
C LYS R 307 40.30 -35.36 -6.16
N PHE R 308 39.82 -34.38 -6.92
CA PHE R 308 40.51 -33.12 -7.13
C PHE R 308 40.11 -32.06 -6.11
N ALA R 309 39.03 -32.28 -5.36
CA ALA R 309 38.59 -31.33 -4.36
C ALA R 309 39.27 -31.57 -3.03
N ILE R 310 39.30 -32.82 -2.57
CA ILE R 310 40.05 -33.13 -1.36
C ILE R 310 41.53 -32.94 -1.58
N THR R 311 42.01 -33.18 -2.80
CA THR R 311 43.36 -32.79 -3.18
C THR R 311 43.55 -31.28 -3.02
N TYR R 312 42.55 -30.50 -3.41
CA TYR R 312 42.59 -29.07 -3.15
C TYR R 312 42.45 -28.74 -1.68
N LEU R 313 41.84 -29.62 -0.90
CA LEU R 313 41.78 -29.39 0.54
C LEU R 313 43.10 -29.71 1.21
N TRP R 314 43.72 -30.85 0.86
CA TRP R 314 44.99 -31.20 1.47
C TRP R 314 46.13 -30.28 1.03
N SER R 315 45.99 -29.61 -0.11
CA SER R 315 47.07 -28.82 -0.69
C SER R 315 47.26 -27.49 -0.01
N SER R 316 46.22 -26.65 -0.02
CA SER R 316 46.32 -25.27 0.42
C SER R 316 46.61 -25.13 1.90
N LEU R 317 46.31 -26.16 2.69
CA LEU R 317 46.73 -26.19 4.08
C LEU R 317 48.22 -26.51 4.20
N ILE R 318 48.75 -27.32 3.29
CA ILE R 318 50.20 -27.48 3.23
C ILE R 318 50.82 -26.21 2.67
N ASN R 319 50.11 -25.54 1.75
CA ASN R 319 50.52 -24.20 1.31
C ASN R 319 50.42 -23.21 2.46
N CYS R 320 49.40 -23.36 3.31
CA CYS R 320 49.35 -22.62 4.56
C CYS R 320 50.51 -22.98 5.47
N GLN R 321 50.81 -24.27 5.56
CA GLN R 321 51.98 -24.74 6.33
C GLN R 321 53.28 -24.23 5.72
N LYS R 322 53.32 -24.10 4.40
CA LYS R 322 54.48 -23.54 3.70
C LYS R 322 54.57 -22.03 3.87
N SER R 323 53.48 -21.35 4.20
CA SER R 323 53.47 -19.90 4.26
C SER R 323 53.99 -19.35 5.57
N MET R 324 54.61 -20.19 6.40
CA MET R 324 55.17 -19.74 7.66
C MET R 324 56.63 -20.19 7.80
N LEU R 345 44.47 -15.84 6.48
CA LEU R 345 44.60 -16.74 5.35
C LEU R 345 44.31 -18.18 5.78
N ILE R 346 44.74 -18.52 6.99
CA ILE R 346 44.50 -19.85 7.54
C ILE R 346 43.01 -20.07 7.73
N ASP R 347 42.30 -19.03 8.13
CA ASP R 347 40.89 -19.08 8.44
C ASP R 347 40.00 -19.09 7.21
N LYS R 348 40.55 -18.82 6.03
CA LYS R 348 39.75 -18.81 4.81
C LYS R 348 39.27 -20.21 4.47
N ILE R 349 40.18 -21.17 4.44
CA ILE R 349 39.80 -22.57 4.25
C ILE R 349 39.07 -23.08 5.48
N SER R 350 39.43 -22.56 6.66
CA SER R 350 38.69 -22.91 7.87
C SER R 350 37.29 -22.34 7.88
N GLU R 351 36.98 -21.42 6.97
CA GLU R 351 35.60 -21.16 6.58
C GLU R 351 35.19 -22.02 5.39
N TRP R 352 36.10 -22.26 4.43
CA TRP R 352 35.73 -22.95 3.21
C TRP R 352 35.53 -24.44 3.41
N VAL R 353 35.93 -24.99 4.56
CA VAL R 353 35.46 -26.32 4.90
C VAL R 353 34.26 -26.19 5.82
N LEU R 354 34.22 -25.10 6.59
CA LEU R 354 33.07 -24.82 7.44
C LEU R 354 31.83 -24.54 6.60
N THR R 355 32.01 -23.99 5.41
CA THR R 355 30.88 -23.64 4.57
C THR R 355 30.15 -24.89 4.02
N PRO R 356 30.81 -25.96 3.56
CA PRO R 356 30.05 -27.17 3.25
C PRO R 356 29.87 -28.07 4.46
N PRO R 357 28.65 -28.47 4.74
CA PRO R 357 28.42 -29.58 5.66
C PRO R 357 28.48 -30.92 4.91
N PHE R 358 29.70 -31.40 4.65
CA PHE R 358 29.84 -32.71 4.03
C PHE R 358 29.50 -33.77 5.07
N MET R 359 28.24 -34.18 5.04
CA MET R 359 27.64 -35.03 6.06
C MET R 359 27.66 -36.49 5.68
N GLU R 360 28.70 -36.92 4.96
CA GLU R 360 28.79 -38.30 4.49
C GLU R 360 30.05 -39.01 4.95
N ASP R 361 31.20 -38.34 4.88
CA ASP R 361 32.50 -38.97 4.94
C ASP R 361 33.17 -38.75 6.29
N ALA R 362 34.41 -39.21 6.39
CA ALA R 362 35.27 -38.88 7.52
C ALA R 362 36.50 -38.09 7.14
N GLU R 363 36.95 -38.17 5.89
CA GLU R 363 38.24 -37.58 5.53
C GLU R 363 38.18 -36.06 5.51
N VAL R 364 37.00 -35.48 5.29
CA VAL R 364 36.94 -34.02 5.31
C VAL R 364 37.00 -33.49 6.74
N TRP R 365 36.67 -34.32 7.73
CA TRP R 365 36.63 -33.80 9.09
C TRP R 365 38.01 -33.66 9.69
N PHE R 366 38.90 -34.62 9.38
CA PHE R 366 40.25 -34.58 9.93
C PHE R 366 41.06 -33.41 9.39
N ILE R 367 40.97 -33.16 8.08
CA ILE R 367 41.62 -31.99 7.52
C ILE R 367 40.95 -30.72 8.04
N TYR R 368 39.65 -30.79 8.33
CA TYR R 368 38.99 -29.68 9.00
C TYR R 368 39.45 -29.59 10.44
N ALA R 369 39.70 -30.73 11.08
CA ALA R 369 40.32 -30.69 12.39
C ALA R 369 41.76 -30.25 12.30
N SER R 370 42.43 -30.54 11.17
CA SER R 370 43.82 -30.15 11.01
C SER R 370 43.99 -28.67 10.73
N CYS R 371 42.91 -27.99 10.32
CA CYS R 371 42.98 -26.54 10.20
C CYS R 371 43.14 -25.88 11.55
N HIS R 372 42.58 -26.47 12.60
CA HIS R 372 42.75 -25.92 13.93
C HIS R 372 44.03 -26.40 14.58
N LEU R 373 44.44 -27.64 14.27
CA LEU R 373 45.64 -28.18 14.88
C LEU R 373 46.88 -27.45 14.35
N LEU R 374 46.88 -27.12 13.06
CA LEU R 374 47.96 -26.34 12.49
C LEU R 374 47.91 -24.90 12.99
N LYS R 375 46.71 -24.40 13.24
CA LYS R 375 46.54 -23.03 13.72
C LYS R 375 47.12 -22.88 15.11
N ALA R 376 46.90 -23.88 15.96
CA ALA R 376 47.20 -23.77 17.37
C ALA R 376 48.68 -23.97 17.69
N ASP R 377 49.56 -24.08 16.70
CA ASP R 377 50.98 -24.19 17.00
C ASP R 377 51.60 -22.81 17.19
N THR R 378 51.46 -21.94 16.19
CA THR R 378 52.07 -20.62 16.26
C THR R 378 51.37 -19.75 17.30
N LEU R 379 50.06 -19.97 17.50
CA LEU R 379 49.37 -19.33 18.61
C LEU R 379 49.81 -19.88 19.95
N SER R 380 50.34 -21.10 20.00
CA SER R 380 51.05 -21.58 21.18
C SER R 380 52.55 -21.32 21.08
N ARG R 381 52.92 -20.09 20.71
CA ARG R 381 54.29 -19.63 20.85
C ARG R 381 54.38 -18.43 21.77
N GLN R 382 53.63 -17.37 21.47
CA GLN R 382 53.38 -16.18 22.30
C GLN R 382 54.60 -15.30 22.55
N PHE R 383 55.77 -15.74 22.09
CA PHE R 383 57.08 -15.19 22.45
C PHE R 383 57.21 -15.07 23.96
N VAL R 384 57.12 -16.23 24.62
CA VAL R 384 57.01 -16.27 26.08
C VAL R 384 58.32 -15.86 26.74
N ASN R 385 59.37 -16.62 26.49
CA ASN R 385 60.65 -16.37 27.14
C ASN R 385 61.80 -16.50 26.14
N ARG R 397 48.60 -10.95 28.14
CA ARG R 397 48.36 -12.29 28.66
C ARG R 397 46.91 -12.45 29.10
N ASP R 398 46.00 -11.86 28.34
CA ASP R 398 44.58 -12.04 28.58
C ASP R 398 43.86 -12.64 27.40
N ILE R 399 44.15 -12.15 26.20
CA ILE R 399 43.48 -12.62 25.00
C ILE R 399 44.04 -13.98 24.57
N LYS R 400 45.36 -14.15 24.67
CA LYS R 400 46.05 -15.28 24.05
C LYS R 400 46.22 -16.47 25.00
N ILE R 401 45.32 -16.63 25.97
CA ILE R 401 45.24 -17.86 26.75
C ILE R 401 43.96 -18.62 26.45
N ASN R 402 42.82 -17.94 26.46
CA ASN R 402 41.57 -18.56 26.07
C ASN R 402 41.35 -18.55 24.57
N GLN R 403 42.33 -18.09 23.80
CA GLN R 403 42.25 -18.08 22.35
C GLN R 403 42.60 -19.43 21.75
N VAL R 404 43.68 -20.04 22.23
CA VAL R 404 44.07 -21.36 21.76
C VAL R 404 43.10 -22.42 22.26
N ILE R 405 42.48 -22.19 23.44
CA ILE R 405 41.60 -23.18 24.05
C ILE R 405 40.31 -23.36 23.26
N LYS R 406 39.99 -22.44 22.35
CA LYS R 406 39.02 -22.74 21.32
C LYS R 406 39.52 -23.90 20.46
N HIS R 407 40.69 -23.70 19.85
CA HIS R 407 41.21 -24.62 18.86
C HIS R 407 41.68 -25.93 19.47
N ILE R 408 42.05 -25.91 20.75
CA ILE R 408 42.24 -27.15 21.49
C ILE R 408 40.92 -27.88 21.62
N HIS R 409 39.83 -27.14 21.87
CA HIS R 409 38.53 -27.77 22.01
C HIS R 409 37.97 -28.22 20.67
N TYR R 410 38.29 -27.50 19.58
CA TYR R 410 37.69 -27.79 18.29
C TYR R 410 38.10 -29.15 17.75
N VAL R 411 39.37 -29.51 17.90
CA VAL R 411 39.86 -30.74 17.28
C VAL R 411 39.28 -31.96 18.00
N ARG R 412 39.08 -31.87 19.32
CA ARG R 412 38.51 -32.95 20.11
C ARG R 412 37.05 -33.21 19.77
N THR R 413 36.38 -32.28 19.11
CA THR R 413 35.04 -32.45 18.60
C THR R 413 35.05 -32.97 17.17
N PHE R 414 35.86 -32.36 16.30
CA PHE R 414 35.86 -32.68 14.88
C PHE R 414 36.44 -34.04 14.61
N LEU R 415 37.41 -34.48 15.41
CA LEU R 415 37.90 -35.85 15.31
C LEU R 415 36.90 -36.84 15.90
N LYS R 416 36.16 -36.40 16.92
CA LYS R 416 35.16 -37.26 17.54
C LYS R 416 34.03 -37.57 16.57
N ILE R 417 33.69 -36.62 15.71
CA ILE R 417 32.66 -36.88 14.71
C ILE R 417 33.28 -37.52 13.47
N CYS R 418 34.60 -37.35 13.26
CA CYS R 418 35.29 -38.10 12.22
C CYS R 418 35.31 -39.59 12.55
N LEU R 419 35.47 -39.93 13.83
CA LEU R 419 35.53 -41.32 14.25
C LEU R 419 34.14 -41.94 14.31
N ASP R 420 33.08 -41.14 14.40
CA ASP R 420 31.72 -41.68 14.35
C ASP R 420 31.40 -42.22 12.98
N LYS R 421 32.08 -41.72 11.94
CA LYS R 421 31.80 -42.10 10.57
C LYS R 421 32.43 -43.46 10.28
N GLY R 422 32.51 -43.81 9.00
CA GLY R 422 32.98 -45.12 8.59
C GLY R 422 34.47 -45.32 8.82
N GLY R 423 34.99 -46.39 8.18
CA GLY R 423 36.36 -46.82 8.37
C GLY R 423 37.39 -45.80 7.95
N PHE R 424 37.99 -45.14 8.94
CA PHE R 424 39.02 -44.14 8.71
C PHE R 424 39.90 -44.15 9.96
N ALA R 425 40.97 -44.92 9.92
CA ALA R 425 41.79 -45.17 11.10
C ALA R 425 42.75 -44.01 11.32
N VAL R 426 42.38 -43.10 12.21
CA VAL R 426 43.24 -42.00 12.63
C VAL R 426 44.11 -42.50 13.78
N PRO R 427 45.23 -41.85 14.08
CA PRO R 427 45.91 -42.15 15.34
C PRO R 427 45.24 -41.49 16.54
N SER R 428 44.16 -42.11 17.04
CA SER R 428 43.37 -41.56 18.11
C SER R 428 44.11 -41.47 19.43
N ARG R 429 45.21 -42.21 19.59
CA ARG R 429 46.07 -42.04 20.75
C ARG R 429 47.00 -40.84 20.56
N LEU R 430 47.55 -40.69 19.36
CA LEU R 430 48.66 -39.77 19.15
C LEU R 430 48.20 -38.32 19.03
N ILE R 431 47.02 -38.09 18.45
CA ILE R 431 46.61 -36.74 18.11
C ILE R 431 46.26 -35.96 19.38
N GLU R 432 45.76 -36.66 20.40
CA GLU R 432 45.51 -36.00 21.68
C GLU R 432 46.81 -35.57 22.34
N ASN R 433 47.87 -36.35 22.16
CA ASN R 433 49.18 -36.01 22.70
C ASN R 433 49.86 -34.90 21.91
N GLN R 434 49.36 -34.59 20.72
CA GLN R 434 49.90 -33.47 19.96
C GLN R 434 49.58 -32.15 20.63
N LEU R 435 48.29 -31.83 20.74
CA LEU R 435 47.84 -30.54 21.24
C LEU R 435 48.00 -30.41 22.74
N LYS R 436 48.17 -31.54 23.44
CA LYS R 436 48.42 -31.50 24.87
C LYS R 436 49.78 -30.87 25.16
N SER R 437 50.72 -30.98 24.22
CA SER R 437 52.01 -30.32 24.36
C SER R 437 51.90 -28.80 24.32
N PHE R 438 50.84 -28.27 23.74
CA PHE R 438 50.67 -26.83 23.71
C PHE R 438 50.07 -26.32 25.01
N GLU R 439 49.34 -27.18 25.72
CA GLU R 439 48.84 -26.83 27.05
C GLU R 439 49.98 -26.62 28.03
N SER R 440 51.08 -27.35 27.86
CA SER R 440 52.27 -27.07 28.65
C SER R 440 52.92 -25.76 28.24
N ARG R 441 52.87 -25.40 26.96
CA ARG R 441 53.36 -24.10 26.53
C ARG R 441 52.43 -22.99 26.97
N LEU R 442 51.14 -23.29 27.12
CA LEU R 442 50.16 -22.30 27.53
C LEU R 442 50.09 -22.18 29.05
N TYR R 443 49.66 -23.26 29.71
CA TYR R 443 49.58 -23.41 31.18
C TYR R 443 48.86 -22.27 31.91
ZN ZN U . -24.40 15.18 -37.13
ZN ZN V . -35.50 -3.88 -24.62
ZN ZN W . -62.67 -26.97 14.02
ZN ZN X . -46.19 -1.53 -15.03
ZN ZN Y . -0.19 -47.49 55.82
ZN ZN Z . -17.15 34.29 40.78
ZN ZN AA . 25.05 34.77 3.66
ZN ZN BA . 29.37 -8.84 -17.11
#